data_2L4C
#
_entry.id   2L4C
#
_entity_poly.entity_id   1
_entity_poly.type   'polypeptide(L)'
_entity_poly.pdbx_seq_one_letter_code
;MHHHHHHMEVEKSSDGPGAAQEPTWLTDVPAAMEFIAATEVAVIGFFQDLEIPAVPILHSMVQKFPGVSFGISTDSEVLT
HYNITGNTICLFRLVDNEQLNLEDEDIESIDATKLSRFIEINSL
;
_entity_poly.pdbx_strand_id   A
#
# COMPACT_ATOMS: atom_id res chain seq x y z
N GLU A 9 8.40 -21.82 10.99
CA GLU A 9 8.20 -23.24 11.37
C GLU A 9 7.60 -24.04 10.22
N VAL A 10 6.92 -23.34 9.31
CA VAL A 10 6.30 -23.97 8.15
C VAL A 10 6.63 -23.22 6.86
N GLU A 11 7.02 -23.97 5.84
CA GLU A 11 7.36 -23.37 4.55
C GLU A 11 6.76 -24.19 3.40
N LYS A 12 6.11 -25.29 3.75
CA LYS A 12 5.50 -26.17 2.76
C LYS A 12 3.99 -25.98 2.72
N SER A 13 3.30 -26.93 2.10
CA SER A 13 1.85 -26.86 1.98
C SER A 13 1.19 -26.77 3.36
N SER A 14 -0.09 -26.38 3.36
CA SER A 14 -0.84 -26.25 4.61
C SER A 14 -0.13 -25.31 5.57
N ASP A 15 -0.25 -24.01 5.32
CA ASP A 15 0.39 -23.00 6.16
C ASP A 15 -0.53 -22.61 7.32
N GLY A 16 -1.82 -22.87 7.15
CA GLY A 16 -2.78 -22.55 8.18
C GLY A 16 -3.83 -21.55 7.71
N PRO A 17 -5.04 -21.57 8.33
CA PRO A 17 -6.12 -20.66 7.94
C PRO A 17 -5.74 -19.20 8.14
N GLY A 18 -5.96 -18.37 7.11
CA GLY A 18 -5.64 -16.97 7.18
C GLY A 18 -4.50 -16.59 6.26
N ALA A 19 -4.85 -16.04 5.10
CA ALA A 19 -3.85 -15.62 4.12
C ALA A 19 -4.49 -14.79 3.01
N ALA A 20 -5.20 -15.47 2.11
CA ALA A 20 -5.88 -14.81 1.01
C ALA A 20 -4.89 -14.11 0.08
N GLN A 21 -4.45 -12.92 0.47
CA GLN A 21 -3.50 -12.15 -0.32
C GLN A 21 -2.87 -11.04 0.50
N GLU A 22 -1.58 -10.79 0.26
CA GLU A 22 -0.86 -9.75 0.98
C GLU A 22 -0.11 -8.83 0.02
N PRO A 23 0.22 -7.61 0.45
CA PRO A 23 0.92 -6.63 -0.38
C PRO A 23 2.34 -7.06 -0.74
N THR A 24 2.77 -6.71 -1.95
CA THR A 24 4.10 -7.08 -2.43
C THR A 24 5.21 -6.46 -1.59
N TRP A 25 6.37 -7.12 -1.59
CA TRP A 25 7.52 -6.65 -0.83
C TRP A 25 8.48 -5.87 -1.72
N LEU A 26 8.30 -4.54 -1.75
CA LEU A 26 9.14 -3.67 -2.55
C LEU A 26 10.33 -3.17 -1.74
N THR A 27 11.26 -4.07 -1.45
CA THR A 27 12.44 -3.73 -0.67
C THR A 27 13.43 -2.88 -1.45
N ASP A 28 13.11 -2.58 -2.70
CA ASP A 28 13.99 -1.77 -3.53
C ASP A 28 13.20 -0.79 -4.40
N VAL A 29 13.80 0.37 -4.64
CA VAL A 29 13.16 1.41 -5.44
C VAL A 29 12.78 0.90 -6.83
N PRO A 30 13.72 0.23 -7.55
CA PRO A 30 13.42 -0.29 -8.89
C PRO A 30 12.27 -1.28 -8.87
N ALA A 31 12.27 -2.18 -7.90
CA ALA A 31 11.22 -3.18 -7.78
C ALA A 31 9.89 -2.50 -7.49
N ALA A 32 9.96 -1.43 -6.72
CA ALA A 32 8.77 -0.67 -6.36
C ALA A 32 8.15 -0.06 -7.61
N MET A 33 8.94 0.78 -8.30
CA MET A 33 8.49 1.44 -9.51
C MET A 33 8.12 0.43 -10.58
N GLU A 34 8.71 -0.76 -10.51
CA GLU A 34 8.43 -1.81 -11.49
C GLU A 34 7.03 -2.37 -11.27
N PHE A 35 6.74 -2.76 -10.04
CA PHE A 35 5.42 -3.29 -9.72
C PHE A 35 4.35 -2.25 -10.00
N ILE A 36 4.73 -0.98 -9.86
CA ILE A 36 3.81 0.12 -10.14
C ILE A 36 3.66 0.30 -11.65
N ALA A 37 4.77 0.10 -12.36
CA ALA A 37 4.78 0.25 -13.81
C ALA A 37 4.11 -0.94 -14.49
N ALA A 38 4.01 -2.05 -13.76
CA ALA A 38 3.40 -3.26 -14.30
C ALA A 38 1.92 -3.32 -13.93
N THR A 39 1.30 -2.15 -13.76
CA THR A 39 -0.11 -2.09 -13.42
C THR A 39 -0.64 -0.66 -13.49
N GLU A 40 -1.93 -0.52 -13.73
CA GLU A 40 -2.56 0.80 -13.83
C GLU A 40 -2.52 1.51 -12.49
N VAL A 41 -3.23 0.98 -11.51
CA VAL A 41 -3.26 1.56 -10.17
C VAL A 41 -2.44 0.73 -9.20
N ALA A 42 -1.67 1.41 -8.34
CA ALA A 42 -0.83 0.73 -7.37
C ALA A 42 -0.81 1.43 -6.02
N VAL A 43 -1.12 0.69 -4.97
CA VAL A 43 -1.11 1.23 -3.62
C VAL A 43 -0.02 0.55 -2.82
N ILE A 44 0.81 1.35 -2.18
CA ILE A 44 1.93 0.81 -1.41
C ILE A 44 2.08 1.48 -0.05
N GLY A 45 2.34 0.64 0.95
CA GLY A 45 2.52 1.14 2.30
C GLY A 45 3.98 1.26 2.70
N PHE A 46 4.54 2.46 2.58
CA PHE A 46 5.93 2.70 2.95
C PHE A 46 6.03 2.93 4.45
N PHE A 47 6.27 1.85 5.18
CA PHE A 47 6.34 1.92 6.64
C PHE A 47 7.75 1.67 7.17
N GLN A 48 8.10 2.40 8.22
CA GLN A 48 9.40 2.22 8.86
C GLN A 48 9.27 1.17 9.95
N ASP A 49 8.03 0.76 10.18
CA ASP A 49 7.69 -0.25 11.18
C ASP A 49 6.44 -1.00 10.75
N LEU A 50 6.55 -2.32 10.61
CA LEU A 50 5.40 -3.13 10.19
C LEU A 50 4.60 -3.62 11.39
N GLU A 51 4.33 -2.71 12.33
CA GLU A 51 3.55 -3.03 13.52
C GLU A 51 2.55 -1.92 13.81
N ILE A 52 2.43 -0.99 12.86
CA ILE A 52 1.51 0.14 12.99
C ILE A 52 0.14 -0.21 12.39
N PRO A 53 -0.92 0.50 12.84
CA PRO A 53 -2.28 0.27 12.35
C PRO A 53 -2.37 0.29 10.82
N ALA A 54 -1.46 1.02 10.20
CA ALA A 54 -1.45 1.15 8.74
C ALA A 54 -1.19 -0.18 8.05
N VAL A 55 -0.30 -1.00 8.62
CA VAL A 55 0.03 -2.28 8.01
C VAL A 55 -1.19 -3.19 7.88
N PRO A 56 -1.90 -3.50 9.00
CA PRO A 56 -3.09 -4.36 8.95
C PRO A 56 -4.16 -3.78 8.04
N ILE A 57 -4.33 -2.46 8.13
CA ILE A 57 -5.31 -1.74 7.32
C ILE A 57 -5.00 -1.88 5.83
N LEU A 58 -3.71 -1.90 5.49
CA LEU A 58 -3.31 -2.05 4.10
C LEU A 58 -3.52 -3.48 3.66
N HIS A 59 -2.98 -4.43 4.42
CA HIS A 59 -3.12 -5.85 4.12
C HIS A 59 -4.61 -6.19 3.99
N SER A 60 -5.45 -5.39 4.63
CA SER A 60 -6.89 -5.59 4.60
C SER A 60 -7.48 -4.97 3.34
N MET A 61 -7.07 -3.75 3.02
CA MET A 61 -7.56 -3.06 1.84
C MET A 61 -7.20 -3.87 0.60
N VAL A 62 -6.13 -4.65 0.72
CA VAL A 62 -5.66 -5.48 -0.38
C VAL A 62 -6.79 -6.34 -0.94
N GLN A 63 -7.54 -6.99 -0.05
CA GLN A 63 -8.64 -7.83 -0.46
C GLN A 63 -9.85 -7.00 -0.84
N LYS A 64 -9.81 -5.71 -0.49
CA LYS A 64 -10.90 -4.80 -0.80
C LYS A 64 -10.66 -4.13 -2.15
N PHE A 65 -9.42 -4.19 -2.61
CA PHE A 65 -9.05 -3.59 -3.88
C PHE A 65 -8.11 -4.50 -4.68
N PRO A 66 -8.58 -5.70 -5.07
CA PRO A 66 -7.79 -6.65 -5.85
C PRO A 66 -7.25 -6.01 -7.12
N GLY A 67 -8.09 -5.22 -7.79
CA GLY A 67 -7.66 -4.56 -9.00
C GLY A 67 -6.45 -3.68 -8.75
N VAL A 68 -6.43 -3.05 -7.59
CA VAL A 68 -5.32 -2.19 -7.19
C VAL A 68 -4.09 -3.04 -6.89
N SER A 69 -2.91 -2.52 -7.22
CA SER A 69 -1.67 -3.25 -6.99
C SER A 69 -1.21 -3.09 -5.56
N PHE A 70 -1.52 -4.10 -4.73
CA PHE A 70 -1.13 -4.08 -3.33
C PHE A 70 0.39 -4.14 -3.18
N GLY A 71 0.93 -3.20 -2.42
CA GLY A 71 2.36 -3.16 -2.20
C GLY A 71 2.71 -2.67 -0.82
N ILE A 72 3.92 -2.96 -0.39
CA ILE A 72 4.39 -2.53 0.92
C ILE A 72 5.92 -2.57 0.98
N SER A 73 6.51 -1.62 1.68
CA SER A 73 7.97 -1.55 1.78
C SER A 73 8.41 -0.98 3.12
N THR A 74 9.66 -1.28 3.48
CA THR A 74 10.25 -0.81 4.72
C THR A 74 11.71 -0.41 4.52
N ASP A 75 12.15 -0.47 3.26
CA ASP A 75 13.52 -0.12 2.93
C ASP A 75 13.73 1.39 2.98
N SER A 76 14.89 1.81 3.47
CA SER A 76 15.21 3.22 3.58
C SER A 76 15.29 3.89 2.21
N GLU A 77 16.06 3.30 1.30
CA GLU A 77 16.22 3.84 -0.04
C GLU A 77 14.88 4.16 -0.68
N VAL A 78 13.92 3.26 -0.51
CA VAL A 78 12.60 3.46 -1.09
C VAL A 78 11.84 4.56 -0.35
N LEU A 79 11.74 4.42 0.97
CA LEU A 79 11.06 5.40 1.80
C LEU A 79 11.72 6.77 1.65
N THR A 80 12.92 6.77 1.07
CA THR A 80 13.66 8.00 0.84
C THR A 80 13.32 8.56 -0.54
N HIS A 81 13.25 7.66 -1.52
CA HIS A 81 12.92 8.05 -2.89
C HIS A 81 11.56 8.71 -2.94
N TYR A 82 10.63 8.20 -2.14
CA TYR A 82 9.28 8.74 -2.09
C TYR A 82 9.16 9.77 -0.98
N ASN A 83 10.29 10.18 -0.43
CA ASN A 83 10.34 11.17 0.64
C ASN A 83 9.47 10.75 1.83
N ILE A 84 9.25 9.45 1.96
CA ILE A 84 8.44 8.91 3.06
C ILE A 84 9.05 9.26 4.41
N THR A 85 8.27 9.94 5.24
CA THR A 85 8.74 10.34 6.57
C THR A 85 7.61 10.24 7.59
N GLY A 86 7.05 9.04 7.73
CA GLY A 86 5.97 8.84 8.69
C GLY A 86 5.09 7.68 8.32
N ASN A 87 5.70 6.56 7.91
CA ASN A 87 4.95 5.38 7.52
C ASN A 87 3.89 5.72 6.49
N THR A 88 4.28 6.55 5.53
CA THR A 88 3.39 7.01 4.48
C THR A 88 2.97 5.90 3.51
N ILE A 89 1.78 6.05 2.93
CA ILE A 89 1.26 5.11 1.95
C ILE A 89 1.05 5.83 0.62
N CYS A 90 1.78 5.41 -0.41
CA CYS A 90 1.68 6.07 -1.70
C CYS A 90 0.90 5.28 -2.73
N LEU A 91 -0.06 5.95 -3.37
CA LEU A 91 -0.86 5.35 -4.42
C LEU A 91 -0.46 5.91 -5.78
N PHE A 92 0.28 5.13 -6.55
CA PHE A 92 0.72 5.56 -7.87
C PHE A 92 -0.20 5.00 -8.95
N ARG A 93 -0.75 5.89 -9.77
CA ARG A 93 -1.66 5.49 -10.83
C ARG A 93 -0.99 5.59 -12.19
N LEU A 94 -0.22 4.56 -12.55
CA LEU A 94 0.51 4.48 -13.82
C LEU A 94 -0.11 5.33 -14.93
N VAL A 95 -1.36 5.03 -15.26
CA VAL A 95 -2.07 5.75 -16.32
C VAL A 95 -1.76 7.25 -16.31
N ASP A 96 -2.25 7.94 -15.30
CA ASP A 96 -2.03 9.38 -15.17
C ASP A 96 -0.72 9.67 -14.45
N ASN A 97 -0.01 8.60 -14.10
CA ASN A 97 1.27 8.71 -13.41
C ASN A 97 1.16 9.56 -12.14
N GLU A 98 0.01 9.46 -11.47
CA GLU A 98 -0.22 10.22 -10.24
C GLU A 98 0.43 9.52 -9.06
N GLN A 99 0.57 10.26 -7.96
CA GLN A 99 1.19 9.72 -6.75
C GLN A 99 0.60 10.39 -5.51
N LEU A 100 -0.36 9.71 -4.89
CA LEU A 100 -1.00 10.23 -3.68
C LEU A 100 -0.21 9.78 -2.44
N ASN A 101 0.34 10.73 -1.71
CA ASN A 101 1.14 10.40 -0.53
C ASN A 101 0.33 10.50 0.76
N LEU A 102 -0.23 9.37 1.19
CA LEU A 102 -0.98 9.30 2.43
C LEU A 102 0.02 9.26 3.58
N GLU A 103 0.58 10.43 3.90
CA GLU A 103 1.61 10.54 4.93
C GLU A 103 1.04 10.52 6.35
N ASP A 104 1.88 10.94 7.30
CA ASP A 104 1.52 10.98 8.72
C ASP A 104 0.19 11.70 8.96
N GLU A 105 -0.05 12.78 8.23
CA GLU A 105 -1.28 13.55 8.37
C GLU A 105 -2.49 12.63 8.18
N ASP A 106 -2.23 11.45 7.62
CA ASP A 106 -3.28 10.47 7.37
C ASP A 106 -2.90 9.09 7.93
N ILE A 107 -1.63 8.90 8.29
CA ILE A 107 -1.15 7.63 8.82
C ILE A 107 -1.26 7.59 10.35
N GLU A 108 -1.14 8.73 11.00
CA GLU A 108 -1.23 8.82 12.45
C GLU A 108 -2.53 8.22 12.96
N SER A 109 -3.61 8.47 12.23
CA SER A 109 -4.92 7.95 12.61
C SER A 109 -5.57 7.21 11.43
N ILE A 110 -4.73 6.51 10.67
CA ILE A 110 -5.20 5.77 9.51
C ILE A 110 -6.18 4.66 9.91
N ASP A 111 -7.19 4.46 9.08
CA ASP A 111 -8.18 3.42 9.32
C ASP A 111 -8.49 2.70 8.01
N ALA A 112 -8.85 1.42 8.10
CA ALA A 112 -9.16 0.65 6.90
C ALA A 112 -10.11 1.44 5.99
N THR A 113 -11.02 2.17 6.62
CA THR A 113 -11.98 2.98 5.89
C THR A 113 -11.25 4.07 5.11
N LYS A 114 -10.35 4.77 5.79
CA LYS A 114 -9.59 5.85 5.18
C LYS A 114 -8.78 5.34 4.00
N LEU A 115 -7.90 4.37 4.24
CA LEU A 115 -7.07 3.81 3.18
C LEU A 115 -7.93 3.42 1.98
N SER A 116 -8.93 2.57 2.23
CA SER A 116 -9.84 2.11 1.19
C SER A 116 -10.54 3.29 0.54
N ARG A 117 -10.74 4.36 1.31
CA ARG A 117 -11.40 5.54 0.81
C ARG A 117 -10.49 6.28 -0.16
N PHE A 118 -9.38 6.80 0.37
CA PHE A 118 -8.41 7.53 -0.45
C PHE A 118 -8.18 6.78 -1.76
N ILE A 119 -8.08 5.46 -1.66
CA ILE A 119 -7.89 4.63 -2.85
C ILE A 119 -9.11 4.75 -3.75
N GLU A 120 -10.28 4.45 -3.19
CA GLU A 120 -11.53 4.53 -3.92
C GLU A 120 -11.68 5.91 -4.55
N ILE A 121 -10.95 6.86 -4.00
CA ILE A 121 -10.99 8.23 -4.46
C ILE A 121 -10.00 8.48 -5.60
N ASN A 122 -8.83 7.86 -5.54
CA ASN A 122 -7.82 8.04 -6.57
C ASN A 122 -7.39 6.73 -7.21
N SER A 123 -8.32 5.77 -7.28
CA SER A 123 -8.03 4.48 -7.89
C SER A 123 -8.20 4.57 -9.41
N LEU A 124 -7.72 5.67 -9.98
CA LEU A 124 -7.83 5.90 -11.41
C LEU A 124 -6.58 5.42 -12.15
N GLU A 9 -26.91 -20.61 10.46
CA GLU A 9 -26.70 -19.16 10.76
C GLU A 9 -25.90 -18.48 9.65
N VAL A 10 -24.65 -18.91 9.47
CA VAL A 10 -23.78 -18.36 8.45
C VAL A 10 -23.63 -16.85 8.63
N GLU A 11 -22.70 -16.45 9.50
CA GLU A 11 -22.47 -15.03 9.77
C GLU A 11 -21.04 -14.81 10.28
N LYS A 12 -20.60 -15.70 11.16
CA LYS A 12 -19.26 -15.60 11.74
C LYS A 12 -18.48 -16.90 11.53
N SER A 13 -18.93 -17.71 10.59
CA SER A 13 -18.29 -18.98 10.29
C SER A 13 -17.42 -18.86 9.04
N SER A 14 -16.97 -17.65 8.73
CA SER A 14 -16.14 -17.41 7.56
C SER A 14 -14.67 -17.34 7.94
N ASP A 15 -14.41 -17.30 9.25
CA ASP A 15 -13.04 -17.23 9.75
C ASP A 15 -12.39 -18.60 9.74
N GLY A 16 -11.53 -18.84 8.74
CA GLY A 16 -10.85 -20.12 8.65
C GLY A 16 -9.48 -19.99 8.01
N PRO A 17 -8.91 -21.10 7.50
CA PRO A 17 -7.58 -21.09 6.86
C PRO A 17 -7.51 -20.09 5.71
N GLY A 18 -8.20 -20.39 4.61
CA GLY A 18 -8.20 -19.51 3.46
C GLY A 18 -6.79 -19.18 2.99
N ALA A 19 -6.52 -17.89 2.79
CA ALA A 19 -5.22 -17.44 2.33
C ALA A 19 -5.10 -15.93 2.44
N ALA A 20 -5.98 -15.22 1.73
CA ALA A 20 -5.99 -13.77 1.73
C ALA A 20 -4.67 -13.20 1.24
N GLN A 21 -4.68 -12.70 0.01
CA GLN A 21 -3.48 -12.12 -0.61
C GLN A 21 -2.91 -11.01 0.26
N GLU A 22 -1.61 -10.78 0.12
CA GLU A 22 -0.92 -9.75 0.88
C GLU A 22 -0.15 -8.80 -0.05
N PRO A 23 0.19 -7.59 0.42
CA PRO A 23 0.91 -6.60 -0.39
C PRO A 23 2.32 -7.05 -0.73
N THR A 24 2.77 -6.70 -1.94
CA THR A 24 4.11 -7.06 -2.42
C THR A 24 5.19 -6.44 -1.54
N TRP A 25 6.36 -7.07 -1.52
CA TRP A 25 7.49 -6.59 -0.74
C TRP A 25 8.46 -5.82 -1.61
N LEU A 26 8.24 -4.51 -1.71
CA LEU A 26 9.12 -3.64 -2.51
C LEU A 26 10.30 -3.17 -1.68
N THR A 27 11.25 -4.07 -1.44
CA THR A 27 12.42 -3.76 -0.64
C THR A 27 13.42 -2.89 -1.41
N ASP A 28 13.13 -2.63 -2.67
CA ASP A 28 14.01 -1.81 -3.50
C ASP A 28 13.24 -0.84 -4.36
N VAL A 29 13.82 0.33 -4.61
CA VAL A 29 13.19 1.36 -5.41
C VAL A 29 12.83 0.84 -6.81
N PRO A 30 13.78 0.19 -7.52
CA PRO A 30 13.52 -0.33 -8.86
C PRO A 30 12.36 -1.32 -8.85
N ALA A 31 12.35 -2.22 -7.86
CA ALA A 31 11.30 -3.22 -7.75
C ALA A 31 9.96 -2.54 -7.50
N ALA A 32 10.01 -1.48 -6.72
CA ALA A 32 8.81 -0.71 -6.40
C ALA A 32 8.21 -0.11 -7.66
N MET A 33 9.02 0.71 -8.33
CA MET A 33 8.60 1.37 -9.56
C MET A 33 8.23 0.36 -10.63
N GLU A 34 8.82 -0.84 -10.55
CA GLU A 34 8.53 -1.88 -11.53
C GLU A 34 7.12 -2.44 -11.33
N PHE A 35 6.81 -2.82 -10.09
CA PHE A 35 5.50 -3.34 -9.78
C PHE A 35 4.44 -2.29 -10.09
N ILE A 36 4.80 -1.02 -9.91
CA ILE A 36 3.89 0.08 -10.19
C ILE A 36 3.74 0.25 -11.69
N ALA A 37 4.85 0.10 -12.41
CA ALA A 37 4.87 0.25 -13.85
C ALA A 37 4.22 -0.95 -14.53
N ALA A 38 4.11 -2.05 -13.80
CA ALA A 38 3.52 -3.27 -14.34
C ALA A 38 2.04 -3.34 -13.98
N THR A 39 1.42 -2.19 -13.76
CA THR A 39 0.01 -2.13 -13.40
C THR A 39 -0.52 -0.70 -13.46
N GLU A 40 -1.82 -0.57 -13.72
CA GLU A 40 -2.46 0.74 -13.81
C GLU A 40 -2.40 1.45 -12.45
N VAL A 41 -3.23 0.99 -11.52
CA VAL A 41 -3.27 1.58 -10.19
C VAL A 41 -2.43 0.76 -9.21
N ALA A 42 -1.64 1.44 -8.38
CA ALA A 42 -0.79 0.77 -7.42
C ALA A 42 -0.75 1.48 -6.08
N VAL A 43 -1.06 0.74 -5.02
CA VAL A 43 -1.05 1.27 -3.67
C VAL A 43 0.02 0.58 -2.86
N ILE A 44 0.84 1.38 -2.18
CA ILE A 44 1.94 0.83 -1.40
C ILE A 44 2.09 1.49 -0.04
N GLY A 45 2.36 0.66 0.96
CA GLY A 45 2.51 1.15 2.31
C GLY A 45 3.98 1.26 2.73
N PHE A 46 4.53 2.46 2.61
CA PHE A 46 5.92 2.71 2.99
C PHE A 46 6.01 2.95 4.48
N PHE A 47 6.21 1.88 5.23
CA PHE A 47 6.26 1.97 6.69
C PHE A 47 7.67 1.72 7.22
N GLN A 48 8.08 2.53 8.20
CA GLN A 48 9.38 2.38 8.83
C GLN A 48 9.27 1.31 9.92
N ASP A 49 8.02 0.88 10.14
CA ASP A 49 7.71 -0.13 11.14
C ASP A 49 6.47 -0.91 10.72
N LEU A 50 6.58 -2.23 10.64
CA LEU A 50 5.44 -3.05 10.23
C LEU A 50 4.66 -3.55 11.44
N GLU A 51 4.38 -2.64 12.36
CA GLU A 51 3.62 -2.96 13.56
C GLU A 51 2.62 -1.86 13.86
N ILE A 52 2.46 -0.94 12.90
CA ILE A 52 1.54 0.17 13.03
C ILE A 52 0.18 -0.16 12.42
N PRO A 53 -0.89 0.53 12.87
CA PRO A 53 -2.25 0.29 12.35
C PRO A 53 -2.32 0.32 10.83
N ALA A 54 -1.43 1.09 10.21
CA ALA A 54 -1.40 1.22 8.76
C ALA A 54 -1.13 -0.11 8.05
N VAL A 55 -0.27 -0.93 8.64
CA VAL A 55 0.08 -2.21 8.02
C VAL A 55 -1.13 -3.13 7.90
N PRO A 56 -1.83 -3.47 9.01
CA PRO A 56 -3.00 -4.34 8.96
C PRO A 56 -4.09 -3.75 8.08
N ILE A 57 -4.21 -2.43 8.12
CA ILE A 57 -5.19 -1.73 7.33
C ILE A 57 -4.90 -1.85 5.84
N LEU A 58 -3.61 -1.85 5.49
CA LEU A 58 -3.22 -2.00 4.09
C LEU A 58 -3.44 -3.44 3.64
N HIS A 59 -2.90 -4.38 4.42
CA HIS A 59 -3.07 -5.80 4.12
C HIS A 59 -4.55 -6.13 4.00
N SER A 60 -5.38 -5.31 4.64
CA SER A 60 -6.83 -5.49 4.61
C SER A 60 -7.41 -4.87 3.36
N MET A 61 -6.97 -3.67 3.02
CA MET A 61 -7.45 -2.98 1.83
C MET A 61 -7.11 -3.79 0.59
N VAL A 62 -6.06 -4.61 0.71
CA VAL A 62 -5.61 -5.46 -0.38
C VAL A 62 -6.76 -6.31 -0.90
N GLN A 63 -7.44 -7.00 0.00
CA GLN A 63 -8.55 -7.85 -0.38
C GLN A 63 -9.77 -7.02 -0.75
N LYS A 64 -9.70 -5.72 -0.47
CA LYS A 64 -10.79 -4.81 -0.76
C LYS A 64 -10.57 -4.15 -2.12
N PHE A 65 -9.33 -4.19 -2.59
CA PHE A 65 -8.96 -3.60 -3.87
C PHE A 65 -8.07 -4.54 -4.67
N PRO A 66 -8.57 -5.73 -5.04
CA PRO A 66 -7.80 -6.70 -5.84
C PRO A 66 -7.25 -6.07 -7.10
N GLY A 67 -8.06 -5.24 -7.75
CA GLY A 67 -7.63 -4.56 -8.96
C GLY A 67 -6.40 -3.72 -8.71
N VAL A 68 -6.41 -3.01 -7.59
CA VAL A 68 -5.29 -2.16 -7.20
C VAL A 68 -4.06 -3.01 -6.91
N SER A 69 -2.88 -2.48 -7.24
CA SER A 69 -1.64 -3.22 -7.01
C SER A 69 -1.18 -3.07 -5.58
N PHE A 70 -1.50 -4.05 -4.76
CA PHE A 70 -1.12 -4.03 -3.35
C PHE A 70 0.39 -4.12 -3.19
N GLY A 71 0.95 -3.17 -2.45
CA GLY A 71 2.37 -3.15 -2.23
C GLY A 71 2.72 -2.64 -0.84
N ILE A 72 3.94 -2.92 -0.41
CA ILE A 72 4.40 -2.48 0.91
C ILE A 72 5.92 -2.45 0.94
N SER A 73 6.47 -1.43 1.58
CA SER A 73 7.92 -1.29 1.66
C SER A 73 8.35 -0.77 3.03
N THR A 74 9.59 -1.08 3.40
CA THR A 74 10.15 -0.66 4.67
C THR A 74 11.61 -0.25 4.53
N ASP A 75 12.16 -0.48 3.33
CA ASP A 75 13.54 -0.16 3.06
C ASP A 75 13.75 1.35 3.08
N SER A 76 14.91 1.78 3.58
CA SER A 76 15.24 3.19 3.65
C SER A 76 15.29 3.83 2.26
N GLU A 77 16.04 3.21 1.37
CA GLU A 77 16.20 3.72 0.00
C GLU A 77 14.87 4.08 -0.62
N VAL A 78 13.91 3.16 -0.52
CA VAL A 78 12.59 3.40 -1.09
C VAL A 78 11.86 4.50 -0.33
N LEU A 79 11.76 4.33 1.00
CA LEU A 79 11.11 5.33 1.84
C LEU A 79 11.77 6.69 1.67
N THR A 80 12.95 6.69 1.08
CA THR A 80 13.69 7.92 0.84
C THR A 80 13.33 8.48 -0.54
N HIS A 81 13.28 7.60 -1.53
CA HIS A 81 12.94 7.99 -2.90
C HIS A 81 11.59 8.66 -2.95
N TYR A 82 10.61 8.08 -2.24
CA TYR A 82 9.26 8.64 -2.21
C TYR A 82 9.13 9.67 -1.09
N ASN A 83 10.27 10.09 -0.55
CA ASN A 83 10.32 11.08 0.51
C ASN A 83 9.43 10.68 1.69
N ILE A 84 9.24 9.37 1.86
CA ILE A 84 8.43 8.85 2.96
C ILE A 84 9.02 9.25 4.31
N THR A 85 8.21 9.92 5.13
CA THR A 85 8.66 10.36 6.44
C THR A 85 7.54 10.27 7.47
N GLY A 86 7.03 9.06 7.68
CA GLY A 86 5.97 8.86 8.65
C GLY A 86 5.08 7.70 8.28
N ASN A 87 5.69 6.58 7.88
CA ASN A 87 4.94 5.39 7.49
C ASN A 87 3.88 5.74 6.46
N THR A 88 4.28 6.57 5.49
CA THR A 88 3.39 7.03 4.44
C THR A 88 2.98 5.91 3.47
N ILE A 89 1.80 6.08 2.87
CA ILE A 89 1.27 5.14 1.89
C ILE A 89 1.07 5.88 0.57
N CYS A 90 1.78 5.45 -0.47
CA CYS A 90 1.68 6.13 -1.77
C CYS A 90 0.91 5.33 -2.80
N LEU A 91 0.00 6.02 -3.48
CA LEU A 91 -0.80 5.43 -4.53
C LEU A 91 -0.37 5.97 -5.90
N PHE A 92 0.34 5.16 -6.67
CA PHE A 92 0.79 5.56 -7.99
C PHE A 92 -0.14 5.01 -9.06
N ARG A 93 -0.72 5.89 -9.85
CA ARG A 93 -1.65 5.49 -10.92
C ARG A 93 -0.97 5.57 -12.28
N LEU A 94 -0.21 4.52 -12.61
CA LEU A 94 0.53 4.42 -13.87
C LEU A 94 -0.08 5.26 -15.00
N VAL A 95 -1.31 4.94 -15.38
CA VAL A 95 -2.00 5.66 -16.47
C VAL A 95 -1.74 7.16 -16.42
N ASP A 96 -2.19 7.81 -15.35
CA ASP A 96 -2.02 9.24 -15.20
C ASP A 96 -0.71 9.56 -14.49
N ASN A 97 0.04 8.50 -14.18
CA ASN A 97 1.33 8.63 -13.50
C ASN A 97 1.20 9.44 -12.21
N GLU A 98 0.00 9.45 -11.63
CA GLU A 98 -0.24 10.18 -10.38
C GLU A 98 0.49 9.53 -9.22
N GLN A 99 0.73 10.31 -8.17
CA GLN A 99 1.40 9.81 -6.99
C GLN A 99 0.82 10.43 -5.73
N LEU A 100 -0.19 9.77 -5.17
CA LEU A 100 -0.83 10.24 -3.96
C LEU A 100 0.02 9.85 -2.76
N ASN A 101 0.12 10.74 -1.77
CA ASN A 101 0.93 10.45 -0.60
C ASN A 101 0.16 10.55 0.70
N LEU A 102 -0.32 9.40 1.17
CA LEU A 102 -1.04 9.32 2.44
C LEU A 102 -0.02 9.28 3.57
N GLU A 103 0.54 10.45 3.89
CA GLU A 103 1.59 10.55 4.91
C GLU A 103 1.04 10.53 6.32
N ASP A 104 1.89 10.92 7.27
CA ASP A 104 1.54 10.94 8.69
C ASP A 104 0.23 11.69 8.93
N GLU A 105 0.00 12.76 8.19
CA GLU A 105 -1.23 13.54 8.33
C GLU A 105 -2.44 12.65 8.15
N ASP A 106 -2.21 11.45 7.62
CA ASP A 106 -3.27 10.49 7.39
C ASP A 106 -2.91 9.11 7.95
N ILE A 107 -1.62 8.92 8.28
CA ILE A 107 -1.14 7.65 8.82
C ILE A 107 -1.23 7.63 10.35
N GLU A 108 -1.25 8.82 10.94
CA GLU A 108 -1.34 8.95 12.39
C GLU A 108 -2.56 8.21 12.92
N SER A 109 -3.72 8.50 12.34
CA SER A 109 -4.96 7.86 12.74
C SER A 109 -5.59 7.12 11.57
N ILE A 110 -4.74 6.50 10.75
CA ILE A 110 -5.21 5.76 9.58
C ILE A 110 -6.16 4.64 9.97
N ASP A 111 -7.16 4.43 9.14
CA ASP A 111 -8.14 3.37 9.36
C ASP A 111 -8.43 2.66 8.05
N ALA A 112 -8.78 1.38 8.11
CA ALA A 112 -9.07 0.61 6.91
C ALA A 112 -10.02 1.38 6.00
N THR A 113 -10.96 2.09 6.62
CA THR A 113 -11.92 2.89 5.88
C THR A 113 -11.21 4.00 5.13
N LYS A 114 -10.33 4.71 5.83
CA LYS A 114 -9.57 5.81 5.24
C LYS A 114 -8.75 5.33 4.05
N LEU A 115 -7.84 4.38 4.30
CA LEU A 115 -7.00 3.85 3.22
C LEU A 115 -7.85 3.46 2.03
N SER A 116 -8.84 2.60 2.28
CA SER A 116 -9.75 2.14 1.24
C SER A 116 -10.47 3.32 0.59
N ARG A 117 -10.67 4.37 1.38
CA ARG A 117 -11.35 5.56 0.89
C ARG A 117 -10.45 6.32 -0.09
N PHE A 118 -9.34 6.84 0.44
CA PHE A 118 -8.37 7.57 -0.39
C PHE A 118 -8.16 6.83 -1.70
N ILE A 119 -8.01 5.52 -1.62
CA ILE A 119 -7.83 4.70 -2.80
C ILE A 119 -9.07 4.80 -3.69
N GLU A 120 -10.22 4.47 -3.11
CA GLU A 120 -11.48 4.53 -3.83
C GLU A 120 -11.67 5.90 -4.46
N ILE A 121 -10.94 6.87 -3.92
CA ILE A 121 -11.01 8.25 -4.39
C ILE A 121 -10.06 8.50 -5.55
N ASN A 122 -8.87 7.92 -5.50
CA ASN A 122 -7.88 8.11 -6.57
C ASN A 122 -7.48 6.80 -7.22
N SER A 123 -8.39 5.82 -7.23
CA SER A 123 -8.11 4.53 -7.84
C SER A 123 -8.35 4.59 -9.34
N LEU A 124 -7.77 5.62 -9.98
CA LEU A 124 -7.91 5.81 -11.41
C LEU A 124 -6.73 5.23 -12.17
N GLU A 9 -14.22 -17.61 -3.20
CA GLU A 9 -14.85 -16.63 -4.11
C GLU A 9 -15.03 -15.28 -3.44
N VAL A 10 -15.80 -15.26 -2.36
CA VAL A 10 -16.06 -14.03 -1.62
C VAL A 10 -15.29 -14.01 -0.30
N GLU A 11 -15.23 -15.16 0.37
CA GLU A 11 -14.54 -15.27 1.65
C GLU A 11 -14.98 -14.18 2.63
N LYS A 12 -16.07 -14.45 3.34
CA LYS A 12 -16.60 -13.49 4.29
C LYS A 12 -16.08 -13.77 5.70
N SER A 13 -16.33 -14.99 6.19
CA SER A 13 -15.87 -15.38 7.52
C SER A 13 -14.52 -16.07 7.46
N SER A 14 -13.70 -15.68 6.48
CA SER A 14 -12.38 -16.26 6.30
C SER A 14 -12.46 -17.77 6.14
N ASP A 15 -12.97 -18.22 5.00
CA ASP A 15 -13.09 -19.65 4.73
C ASP A 15 -11.79 -20.21 4.18
N GLY A 16 -10.75 -19.37 4.16
CA GLY A 16 -9.46 -19.80 3.65
C GLY A 16 -8.47 -20.13 4.76
N PRO A 17 -7.19 -20.35 4.41
CA PRO A 17 -6.16 -20.68 5.40
C PRO A 17 -5.94 -19.57 6.41
N GLY A 18 -6.11 -18.33 5.96
CA GLY A 18 -5.93 -17.18 6.83
C GLY A 18 -4.86 -16.23 6.32
N ALA A 19 -5.03 -15.75 5.10
CA ALA A 19 -4.08 -14.83 4.49
C ALA A 19 -4.66 -14.23 3.22
N ALA A 20 -5.18 -15.11 2.35
CA ALA A 20 -5.77 -14.70 1.09
C ALA A 20 -4.75 -14.05 0.16
N GLN A 21 -4.42 -12.79 0.43
CA GLN A 21 -3.46 -12.07 -0.39
C GLN A 21 -2.82 -10.93 0.40
N GLU A 22 -1.49 -10.84 0.35
CA GLU A 22 -0.76 -9.80 1.06
C GLU A 22 -0.07 -8.86 0.07
N PRO A 23 0.22 -7.62 0.49
CA PRO A 23 0.88 -6.63 -0.36
C PRO A 23 2.29 -7.03 -0.75
N THR A 24 2.67 -6.73 -1.99
CA THR A 24 3.99 -7.06 -2.51
C THR A 24 5.10 -6.46 -1.65
N TRP A 25 6.27 -7.11 -1.66
CA TRP A 25 7.41 -6.65 -0.89
C TRP A 25 8.39 -5.88 -1.78
N LEU A 26 8.24 -4.57 -1.81
CA LEU A 26 9.11 -3.71 -2.61
C LEU A 26 10.33 -3.27 -1.79
N THR A 27 11.24 -4.20 -1.56
CA THR A 27 12.45 -3.92 -0.77
C THR A 27 13.42 -3.00 -1.50
N ASP A 28 13.13 -2.73 -2.77
CA ASP A 28 14.00 -1.85 -3.56
C ASP A 28 13.21 -0.90 -4.43
N VAL A 29 13.77 0.29 -4.64
CA VAL A 29 13.13 1.32 -5.45
C VAL A 29 12.77 0.80 -6.84
N PRO A 30 13.71 0.16 -7.56
CA PRO A 30 13.46 -0.36 -8.90
C PRO A 30 12.29 -1.34 -8.92
N ALA A 31 12.27 -2.26 -7.96
CA ALA A 31 11.21 -3.24 -7.87
C ALA A 31 9.87 -2.56 -7.61
N ALA A 32 9.93 -1.52 -6.80
CA ALA A 32 8.73 -0.75 -6.46
C ALA A 32 8.14 -0.12 -7.73
N MET A 33 8.95 0.70 -8.40
CA MET A 33 8.54 1.38 -9.61
C MET A 33 8.15 0.37 -10.70
N GLU A 34 8.75 -0.82 -10.64
CA GLU A 34 8.45 -1.85 -11.63
C GLU A 34 7.05 -2.41 -11.41
N PHE A 35 6.74 -2.79 -10.17
CA PHE A 35 5.44 -3.32 -9.85
C PHE A 35 4.36 -2.28 -10.16
N ILE A 36 4.71 -1.01 -10.00
CA ILE A 36 3.78 0.07 -10.30
C ILE A 36 3.65 0.25 -11.81
N ALA A 37 4.78 0.11 -12.51
CA ALA A 37 4.82 0.25 -13.96
C ALA A 37 4.15 -0.95 -14.64
N ALA A 38 4.04 -2.05 -13.92
CA ALA A 38 3.44 -3.26 -14.46
C ALA A 38 1.96 -3.36 -14.10
N THR A 39 1.33 -2.21 -13.87
CA THR A 39 -0.07 -2.16 -13.52
C THR A 39 -0.61 -0.73 -13.54
N GLU A 40 -1.90 -0.59 -13.83
CA GLU A 40 -2.54 0.71 -13.88
C GLU A 40 -2.47 1.41 -12.53
N VAL A 41 -3.26 0.93 -11.58
CA VAL A 41 -3.28 1.51 -10.24
C VAL A 41 -2.47 0.66 -9.27
N ALA A 42 -1.70 1.33 -8.42
CA ALA A 42 -0.86 0.63 -7.45
C ALA A 42 -0.84 1.35 -6.10
N VAL A 43 -1.11 0.60 -5.04
CA VAL A 43 -1.10 1.15 -3.70
C VAL A 43 -0.02 0.48 -2.88
N ILE A 44 0.81 1.30 -2.25
CA ILE A 44 1.93 0.77 -1.48
C ILE A 44 2.06 1.44 -0.12
N GLY A 45 2.30 0.62 0.90
CA GLY A 45 2.44 1.12 2.25
C GLY A 45 3.90 1.24 2.66
N PHE A 46 4.44 2.45 2.58
CA PHE A 46 5.83 2.68 2.96
C PHE A 46 5.92 2.91 4.46
N PHE A 47 6.17 1.84 5.20
CA PHE A 47 6.24 1.92 6.65
C PHE A 47 7.65 1.67 7.17
N GLN A 48 8.04 2.44 8.17
CA GLN A 48 9.34 2.29 8.80
C GLN A 48 9.24 1.23 9.89
N ASP A 49 7.99 0.82 10.15
CA ASP A 49 7.69 -0.19 11.14
C ASP A 49 6.44 -0.96 10.73
N LEU A 50 6.55 -2.28 10.61
CA LEU A 50 5.42 -3.11 10.21
C LEU A 50 4.65 -3.61 11.42
N GLU A 51 4.37 -2.70 12.35
CA GLU A 51 3.61 -3.04 13.54
C GLU A 51 2.59 -1.93 13.85
N ILE A 52 2.45 -1.01 12.90
CA ILE A 52 1.52 0.10 13.02
C ILE A 52 0.17 -0.23 12.41
N PRO A 53 -0.91 0.45 12.86
CA PRO A 53 -2.26 0.23 12.34
C PRO A 53 -2.35 0.27 10.82
N ALA A 54 -1.45 1.03 10.20
CA ALA A 54 -1.43 1.17 8.76
C ALA A 54 -1.17 -0.16 8.04
N VAL A 55 -0.28 -0.98 8.61
CA VAL A 55 0.05 -2.25 7.98
C VAL A 55 -1.17 -3.17 7.86
N PRO A 56 -1.86 -3.49 8.99
CA PRO A 56 -3.04 -4.36 8.94
C PRO A 56 -4.13 -3.78 8.05
N ILE A 57 -4.26 -2.45 8.11
CA ILE A 57 -5.24 -1.74 7.32
C ILE A 57 -4.95 -1.88 5.82
N LEU A 58 -3.67 -1.91 5.48
CA LEU A 58 -3.27 -2.05 4.09
C LEU A 58 -3.51 -3.49 3.64
N HIS A 59 -2.98 -4.45 4.40
CA HIS A 59 -3.15 -5.85 4.09
C HIS A 59 -4.64 -6.17 3.96
N SER A 60 -5.47 -5.34 4.61
CA SER A 60 -6.92 -5.52 4.58
C SER A 60 -7.50 -4.88 3.32
N MET A 61 -7.04 -3.67 3.00
CA MET A 61 -7.51 -2.98 1.82
C MET A 61 -7.17 -3.78 0.57
N VAL A 62 -6.12 -4.60 0.69
CA VAL A 62 -5.67 -5.45 -0.40
C VAL A 62 -6.82 -6.28 -0.94
N GLN A 63 -7.54 -6.94 -0.04
CA GLN A 63 -8.66 -7.77 -0.43
C GLN A 63 -9.87 -6.92 -0.83
N LYS A 64 -9.79 -5.63 -0.50
CA LYS A 64 -10.86 -4.70 -0.82
C LYS A 64 -10.62 -4.05 -2.18
N PHE A 65 -9.37 -4.13 -2.63
CA PHE A 65 -8.99 -3.53 -3.91
C PHE A 65 -8.10 -4.48 -4.71
N PRO A 66 -8.61 -5.67 -5.08
CA PRO A 66 -7.86 -6.65 -5.88
C PRO A 66 -7.27 -6.03 -7.14
N GLY A 67 -8.09 -5.24 -7.84
CA GLY A 67 -7.64 -4.58 -9.05
C GLY A 67 -6.40 -3.74 -8.78
N VAL A 68 -6.41 -3.05 -7.64
CA VAL A 68 -5.27 -2.22 -7.25
C VAL A 68 -4.07 -3.10 -6.96
N SER A 69 -2.88 -2.61 -7.29
CA SER A 69 -1.66 -3.37 -7.06
C SER A 69 -1.19 -3.21 -5.62
N PHE A 70 -1.52 -4.18 -4.79
CA PHE A 70 -1.12 -4.15 -3.40
C PHE A 70 0.39 -4.18 -3.26
N GLY A 71 0.92 -3.25 -2.47
CA GLY A 71 2.35 -3.19 -2.27
C GLY A 71 2.70 -2.67 -0.89
N ILE A 72 3.93 -2.95 -0.45
CA ILE A 72 4.38 -2.50 0.85
C ILE A 72 5.92 -2.48 0.89
N SER A 73 6.47 -1.48 1.54
CA SER A 73 7.93 -1.36 1.63
C SER A 73 8.36 -0.79 2.97
N THR A 74 9.58 -1.16 3.38
CA THR A 74 10.14 -0.69 4.64
C THR A 74 11.59 -0.27 4.45
N ASP A 75 12.11 -0.50 3.24
CA ASP A 75 13.48 -0.16 2.92
C ASP A 75 13.68 1.35 2.95
N SER A 76 14.87 1.77 3.37
CA SER A 76 15.21 3.19 3.47
C SER A 76 15.25 3.85 2.09
N GLU A 77 16.01 3.26 1.17
CA GLU A 77 16.14 3.81 -0.18
C GLU A 77 14.77 4.12 -0.79
N VAL A 78 13.83 3.19 -0.63
CA VAL A 78 12.49 3.38 -1.17
C VAL A 78 11.75 4.47 -0.40
N LEU A 79 11.68 4.31 0.92
CA LEU A 79 11.01 5.29 1.77
C LEU A 79 11.65 6.66 1.60
N THR A 80 12.83 6.68 1.01
CA THR A 80 13.55 7.92 0.76
C THR A 80 13.21 8.48 -0.61
N HIS A 81 13.10 7.57 -1.58
CA HIS A 81 12.78 7.95 -2.94
C HIS A 81 11.40 8.60 -3.01
N TYR A 82 10.46 8.07 -2.23
CA TYR A 82 9.11 8.60 -2.19
C TYR A 82 8.99 9.65 -1.09
N ASN A 83 10.13 10.06 -0.54
CA ASN A 83 10.16 11.07 0.51
C ASN A 83 9.32 10.65 1.72
N ILE A 84 9.14 9.35 1.88
CA ILE A 84 8.36 8.81 2.99
C ILE A 84 8.97 9.20 4.33
N THR A 85 8.20 9.90 5.16
CA THR A 85 8.67 10.33 6.47
C THR A 85 7.56 10.22 7.52
N GLY A 86 7.05 9.02 7.71
CA GLY A 86 5.99 8.80 8.68
C GLY A 86 5.08 7.64 8.31
N ASN A 87 5.68 6.52 7.90
CA ASN A 87 4.91 5.35 7.52
C ASN A 87 3.85 5.71 6.49
N THR A 88 4.25 6.54 5.53
CA THR A 88 3.35 7.01 4.48
C THR A 88 2.94 5.90 3.51
N ILE A 89 1.76 6.07 2.91
CA ILE A 89 1.23 5.13 1.92
C ILE A 89 1.02 5.87 0.61
N CYS A 90 1.71 5.43 -0.44
CA CYS A 90 1.60 6.11 -1.73
C CYS A 90 0.82 5.31 -2.76
N LEU A 91 -0.10 5.98 -3.44
CA LEU A 91 -0.91 5.38 -4.49
C LEU A 91 -0.47 5.90 -5.85
N PHE A 92 0.27 5.08 -6.60
CA PHE A 92 0.74 5.47 -7.92
C PHE A 92 -0.18 4.92 -9.00
N ARG A 93 -0.71 5.82 -9.83
CA ARG A 93 -1.61 5.42 -10.90
C ARG A 93 -0.93 5.51 -12.27
N LEU A 94 -0.18 4.46 -12.61
CA LEU A 94 0.57 4.36 -13.86
C LEU A 94 -0.04 5.20 -14.99
N VAL A 95 -1.29 4.91 -15.32
CA VAL A 95 -2.00 5.62 -16.39
C VAL A 95 -1.65 7.11 -16.41
N ASP A 96 -2.12 7.84 -15.42
CA ASP A 96 -1.86 9.27 -15.32
C ASP A 96 -0.55 9.53 -14.59
N ASN A 97 0.14 8.44 -14.22
CA ASN A 97 1.42 8.53 -13.51
C ASN A 97 1.31 9.42 -12.27
N GLU A 98 0.17 9.34 -11.59
CA GLU A 98 -0.06 10.13 -10.39
C GLU A 98 0.58 9.47 -9.18
N GLN A 99 0.84 10.26 -8.15
CA GLN A 99 1.45 9.75 -6.92
C GLN A 99 0.83 10.39 -5.70
N LEU A 100 -0.21 9.75 -5.17
CA LEU A 100 -0.90 10.25 -3.98
C LEU A 100 -0.11 9.84 -2.74
N ASN A 101 0.09 10.77 -1.82
CA ASN A 101 0.85 10.48 -0.60
C ASN A 101 -0.02 10.56 0.65
N LEU A 102 -0.18 9.42 1.30
CA LEU A 102 -0.94 9.33 2.54
C LEU A 102 0.05 9.26 3.70
N GLU A 103 0.61 10.42 4.03
CA GLU A 103 1.64 10.52 5.07
C GLU A 103 1.05 10.50 6.48
N ASP A 104 1.89 10.89 7.44
CA ASP A 104 1.52 10.92 8.86
C ASP A 104 0.19 11.66 9.08
N GLU A 105 -0.04 12.72 8.31
CA GLU A 105 -1.27 13.49 8.44
C GLU A 105 -2.48 12.59 8.25
N ASP A 106 -2.23 11.39 7.72
CA ASP A 106 -3.28 10.41 7.47
C ASP A 106 -2.90 9.03 8.02
N ILE A 107 -1.62 8.84 8.35
CA ILE A 107 -1.12 7.57 8.87
C ILE A 107 -1.22 7.52 10.39
N GLU A 108 -1.09 8.68 11.03
CA GLU A 108 -1.17 8.77 12.48
C GLU A 108 -2.46 8.15 12.99
N SER A 109 -3.56 8.42 12.29
CA SER A 109 -4.86 7.89 12.65
C SER A 109 -5.50 7.17 11.48
N ILE A 110 -4.69 6.45 10.72
CA ILE A 110 -5.16 5.72 9.55
C ILE A 110 -6.13 4.61 9.95
N ASP A 111 -7.15 4.42 9.12
CA ASP A 111 -8.15 3.39 9.35
C ASP A 111 -8.45 2.68 8.03
N ALA A 112 -8.80 1.41 8.09
CA ALA A 112 -9.10 0.65 6.87
C ALA A 112 -10.04 1.45 5.98
N THR A 113 -10.96 2.17 6.62
CA THR A 113 -11.91 3.00 5.89
C THR A 113 -11.19 4.09 5.12
N LYS A 114 -10.28 4.78 5.81
CA LYS A 114 -9.52 5.87 5.20
C LYS A 114 -8.71 5.37 4.00
N LEU A 115 -7.83 4.39 4.25
CA LEU A 115 -6.99 3.85 3.17
C LEU A 115 -7.87 3.47 1.98
N SER A 116 -8.86 2.61 2.23
CA SER A 116 -9.77 2.16 1.18
C SER A 116 -10.49 3.34 0.55
N ARG A 117 -10.67 4.40 1.32
CA ARG A 117 -11.33 5.60 0.84
C ARG A 117 -10.42 6.34 -0.14
N PHE A 118 -9.30 6.84 0.37
CA PHE A 118 -8.34 7.56 -0.46
C PHE A 118 -8.14 6.83 -1.78
N ILE A 119 -8.04 5.51 -1.69
CA ILE A 119 -7.87 4.69 -2.88
C ILE A 119 -9.11 4.80 -3.74
N GLU A 120 -10.27 4.50 -3.15
CA GLU A 120 -11.54 4.58 -3.86
C GLU A 120 -11.72 5.96 -4.46
N ILE A 121 -10.93 6.91 -3.96
CA ILE A 121 -10.99 8.29 -4.41
C ILE A 121 -10.03 8.56 -5.59
N ASN A 122 -8.86 7.93 -5.55
CA ASN A 122 -7.87 8.14 -6.61
C ASN A 122 -7.44 6.83 -7.26
N SER A 123 -8.33 5.84 -7.28
CA SER A 123 -8.03 4.55 -7.90
C SER A 123 -8.23 4.63 -9.40
N LEU A 124 -7.70 5.69 -10.00
CA LEU A 124 -7.82 5.90 -11.44
C LEU A 124 -6.56 5.45 -12.18
N GLU A 9 2.41 -13.21 14.22
CA GLU A 9 3.05 -12.06 13.54
C GLU A 9 3.61 -12.46 12.18
N VAL A 10 2.84 -13.26 11.45
CA VAL A 10 3.25 -13.73 10.13
C VAL A 10 4.56 -14.50 10.20
N GLU A 11 4.46 -15.81 10.45
CA GLU A 11 5.65 -16.66 10.54
C GLU A 11 6.08 -17.14 9.16
N LYS A 12 5.22 -17.92 8.52
CA LYS A 12 5.53 -18.45 7.19
C LYS A 12 4.36 -18.22 6.24
N SER A 13 3.27 -18.97 6.43
CA SER A 13 2.09 -18.85 5.58
C SER A 13 0.83 -19.28 6.32
N SER A 14 -0.30 -19.25 5.61
CA SER A 14 -1.57 -19.65 6.19
C SER A 14 -1.77 -21.16 6.08
N ASP A 15 -1.81 -21.66 4.85
CA ASP A 15 -1.99 -23.08 4.60
C ASP A 15 -3.26 -23.60 5.25
N GLY A 16 -4.39 -23.40 4.58
CA GLY A 16 -5.67 -23.85 5.12
C GLY A 16 -6.86 -23.19 4.44
N PRO A 17 -8.06 -23.30 5.04
CA PRO A 17 -9.28 -22.71 4.48
C PRO A 17 -9.10 -21.23 4.13
N GLY A 18 -8.39 -20.51 5.00
CA GLY A 18 -8.17 -19.09 4.78
C GLY A 18 -6.78 -18.80 4.24
N ALA A 19 -6.55 -17.55 3.85
CA ALA A 19 -5.26 -17.14 3.32
C ALA A 19 -5.18 -15.62 3.24
N ALA A 20 -6.06 -15.03 2.44
CA ALA A 20 -6.11 -13.58 2.26
C ALA A 20 -4.80 -13.05 1.70
N GLN A 21 -4.83 -12.68 0.42
CA GLN A 21 -3.65 -12.14 -0.26
C GLN A 21 -3.02 -10.99 0.55
N GLU A 22 -1.73 -10.77 0.32
CA GLU A 22 -1.01 -9.71 1.02
C GLU A 22 -0.26 -8.81 0.04
N PRO A 23 0.08 -7.57 0.47
CA PRO A 23 0.78 -6.61 -0.39
C PRO A 23 2.19 -7.07 -0.76
N THR A 24 2.60 -6.74 -1.98
CA THR A 24 3.92 -7.12 -2.47
C THR A 24 5.03 -6.49 -1.63
N TRP A 25 6.19 -7.15 -1.62
CA TRP A 25 7.34 -6.67 -0.85
C TRP A 25 8.33 -5.93 -1.75
N LEU A 26 8.21 -4.61 -1.79
CA LEU A 26 9.09 -3.77 -2.60
C LEU A 26 10.26 -3.28 -1.77
N THR A 27 11.17 -4.20 -1.46
CA THR A 27 12.35 -3.89 -0.65
C THR A 27 13.36 -3.04 -1.41
N ASP A 28 13.07 -2.71 -2.66
CA ASP A 28 13.97 -1.91 -3.47
C ASP A 28 13.22 -0.92 -4.35
N VAL A 29 13.84 0.23 -4.58
CA VAL A 29 13.23 1.27 -5.40
C VAL A 29 12.89 0.76 -6.80
N PRO A 30 13.83 0.09 -7.49
CA PRO A 30 13.57 -0.43 -8.84
C PRO A 30 12.41 -1.41 -8.86
N ALA A 31 12.37 -2.28 -7.86
CA ALA A 31 11.30 -3.28 -7.77
C ALA A 31 9.96 -2.59 -7.51
N ALA A 32 10.01 -1.52 -6.73
CA ALA A 32 8.82 -0.76 -6.40
C ALA A 32 8.24 -0.11 -7.65
N MET A 33 9.07 0.68 -8.32
CA MET A 33 8.66 1.37 -9.55
C MET A 33 8.31 0.37 -10.64
N GLU A 34 8.93 -0.81 -10.61
CA GLU A 34 8.67 -1.84 -11.60
C GLU A 34 7.26 -2.40 -11.41
N PHE A 35 6.93 -2.75 -10.17
CA PHE A 35 5.62 -3.29 -9.87
C PHE A 35 4.55 -2.28 -10.25
N ILE A 36 4.81 -1.01 -9.93
CA ILE A 36 3.88 0.06 -10.25
C ILE A 36 3.77 0.21 -11.77
N ALA A 37 4.91 0.09 -12.44
CA ALA A 37 4.96 0.23 -13.89
C ALA A 37 4.35 -0.99 -14.57
N ALA A 38 4.19 -2.06 -13.79
CA ALA A 38 3.61 -3.29 -14.31
C ALA A 38 2.13 -3.39 -14.00
N THR A 39 1.49 -2.24 -13.80
CA THR A 39 0.07 -2.19 -13.49
C THR A 39 -0.46 -0.76 -13.52
N GLU A 40 -1.77 -0.63 -13.75
CA GLU A 40 -2.41 0.68 -13.81
C GLU A 40 -2.35 1.37 -12.44
N VAL A 41 -3.25 0.97 -11.55
CA VAL A 41 -3.29 1.56 -10.21
C VAL A 41 -2.47 0.72 -9.23
N ALA A 42 -1.67 1.39 -8.41
CA ALA A 42 -0.82 0.70 -7.45
C ALA A 42 -0.79 1.40 -6.10
N VAL A 43 -1.11 0.65 -5.05
CA VAL A 43 -1.09 1.19 -3.70
C VAL A 43 -0.01 0.50 -2.89
N ILE A 44 0.84 1.30 -2.27
CA ILE A 44 1.95 0.76 -1.51
C ILE A 44 2.08 1.44 -0.14
N GLY A 45 2.34 0.60 0.87
CA GLY A 45 2.49 1.11 2.22
C GLY A 45 3.95 1.23 2.63
N PHE A 46 4.49 2.44 2.54
CA PHE A 46 5.88 2.69 2.93
C PHE A 46 5.97 2.91 4.43
N PHE A 47 6.17 1.83 5.16
CA PHE A 47 6.22 1.90 6.62
C PHE A 47 7.63 1.67 7.15
N GLN A 48 8.00 2.45 8.16
CA GLN A 48 9.31 2.31 8.79
C GLN A 48 9.21 1.25 9.88
N ASP A 49 7.97 0.83 10.14
CA ASP A 49 7.68 -0.19 11.14
C ASP A 49 6.44 -0.97 10.72
N LEU A 50 6.57 -2.27 10.58
CA LEU A 50 5.45 -3.11 10.18
C LEU A 50 4.66 -3.60 11.38
N GLU A 51 4.40 -2.70 12.32
CA GLU A 51 3.65 -3.02 13.52
C GLU A 51 2.63 -1.92 13.81
N ILE A 52 2.46 -1.02 12.85
CA ILE A 52 1.51 0.08 12.98
C ILE A 52 0.17 -0.27 12.36
N PRO A 53 -0.91 0.41 12.80
CA PRO A 53 -2.27 0.17 12.28
C PRO A 53 -2.34 0.21 10.76
N ALA A 54 -1.44 0.98 10.16
CA ALA A 54 -1.41 1.13 8.71
C ALA A 54 -1.14 -0.18 7.99
N VAL A 55 -0.25 -1.01 8.56
CA VAL A 55 0.10 -2.27 7.94
C VAL A 55 -1.12 -3.20 7.81
N PRO A 56 -1.82 -3.53 8.93
CA PRO A 56 -3.00 -4.40 8.87
C PRO A 56 -4.07 -3.81 7.97
N ILE A 57 -4.24 -2.50 8.07
CA ILE A 57 -5.23 -1.79 7.28
C ILE A 57 -4.93 -1.92 5.79
N LEU A 58 -3.65 -1.93 5.44
CA LEU A 58 -3.25 -2.08 4.04
C LEU A 58 -3.48 -3.51 3.59
N HIS A 59 -2.93 -4.47 4.35
CA HIS A 59 -3.11 -5.88 4.02
C HIS A 59 -4.59 -6.19 3.88
N SER A 60 -5.42 -5.38 4.54
CA SER A 60 -6.87 -5.55 4.50
C SER A 60 -7.44 -4.91 3.24
N MET A 61 -7.01 -3.69 2.94
CA MET A 61 -7.48 -2.99 1.75
C MET A 61 -7.14 -3.80 0.51
N VAL A 62 -6.10 -4.61 0.62
CA VAL A 62 -5.65 -5.46 -0.47
C VAL A 62 -6.80 -6.31 -0.99
N GLN A 63 -7.53 -6.93 -0.08
CA GLN A 63 -8.64 -7.78 -0.42
C GLN A 63 -9.87 -6.94 -0.79
N LYS A 64 -9.77 -5.64 -0.53
CA LYS A 64 -10.86 -4.72 -0.82
C LYS A 64 -10.65 -4.08 -2.19
N PHE A 65 -9.40 -4.13 -2.66
CA PHE A 65 -9.05 -3.56 -3.94
C PHE A 65 -8.13 -4.48 -4.74
N PRO A 66 -8.62 -5.69 -5.10
CA PRO A 66 -7.84 -6.66 -5.88
C PRO A 66 -7.27 -6.03 -7.14
N GLY A 67 -8.09 -5.24 -7.82
CA GLY A 67 -7.66 -4.57 -9.03
C GLY A 67 -6.44 -3.71 -8.78
N VAL A 68 -6.43 -3.05 -7.63
CA VAL A 68 -5.32 -2.19 -7.23
C VAL A 68 -4.10 -3.05 -6.96
N SER A 69 -2.92 -2.53 -7.30
CA SER A 69 -1.68 -3.26 -7.08
C SER A 69 -1.21 -3.12 -5.64
N PHE A 70 -1.51 -4.13 -4.83
CA PHE A 70 -1.11 -4.12 -3.43
C PHE A 70 0.40 -4.16 -3.30
N GLY A 71 0.93 -3.24 -2.50
CA GLY A 71 2.36 -3.18 -2.29
C GLY A 71 2.71 -2.68 -0.92
N ILE A 72 3.93 -2.95 -0.47
CA ILE A 72 4.39 -2.52 0.83
C ILE A 72 5.91 -2.53 0.89
N SER A 73 6.48 -1.54 1.56
CA SER A 73 7.93 -1.44 1.67
C SER A 73 8.37 -0.85 3.00
N THR A 74 9.60 -1.17 3.40
CA THR A 74 10.15 -0.67 4.65
C THR A 74 11.60 -0.24 4.46
N ASP A 75 12.14 -0.54 3.28
CA ASP A 75 13.52 -0.18 2.96
C ASP A 75 13.72 1.32 3.02
N SER A 76 14.88 1.74 3.51
CA SER A 76 15.19 3.16 3.63
C SER A 76 15.28 3.82 2.26
N GLU A 77 16.04 3.20 1.35
CA GLU A 77 16.21 3.73 -0.01
C GLU A 77 14.88 4.06 -0.65
N VAL A 78 13.91 3.16 -0.51
CA VAL A 78 12.60 3.37 -1.09
C VAL A 78 11.84 4.47 -0.34
N LEU A 79 11.74 4.30 0.98
CA LEU A 79 11.06 5.30 1.81
C LEU A 79 11.73 6.66 1.65
N THR A 80 12.92 6.66 1.08
CA THR A 80 13.65 7.90 0.84
C THR A 80 13.33 8.45 -0.54
N HIS A 81 13.24 7.54 -1.52
CA HIS A 81 12.94 7.92 -2.89
C HIS A 81 11.56 8.57 -2.96
N TYR A 82 10.63 8.08 -2.16
CA TYR A 82 9.28 8.62 -2.12
C TYR A 82 9.15 9.67 -1.03
N ASN A 83 10.28 10.08 -0.47
CA ASN A 83 10.30 11.08 0.59
C ASN A 83 9.44 10.68 1.78
N ILE A 84 9.23 9.38 1.94
CA ILE A 84 8.43 8.86 3.04
C ILE A 84 9.02 9.23 4.39
N THR A 85 8.26 9.95 5.20
CA THR A 85 8.73 10.38 6.51
C THR A 85 7.61 10.25 7.55
N GLY A 86 7.05 9.06 7.68
CA GLY A 86 5.98 8.83 8.64
C GLY A 86 5.08 7.67 8.25
N ASN A 87 5.71 6.55 7.85
CA ASN A 87 4.95 5.37 7.46
C ASN A 87 3.89 5.73 6.43
N THR A 88 4.29 6.56 5.47
CA THR A 88 3.39 7.03 4.42
C THR A 88 3.00 5.91 3.44
N ILE A 89 1.80 6.05 2.86
CA ILE A 89 1.28 5.11 1.88
C ILE A 89 1.09 5.84 0.56
N CYS A 90 1.78 5.41 -0.48
CA CYS A 90 1.68 6.08 -1.77
C CYS A 90 0.90 5.28 -2.81
N LEU A 91 -0.02 5.97 -3.48
CA LEU A 91 -0.84 5.37 -4.52
C LEU A 91 -0.41 5.91 -5.89
N PHE A 92 0.32 5.09 -6.64
CA PHE A 92 0.78 5.49 -7.96
C PHE A 92 -0.16 4.95 -9.04
N ARG A 93 -0.74 5.86 -9.83
CA ARG A 93 -1.66 5.46 -10.88
C ARG A 93 -0.99 5.55 -12.26
N LEU A 94 -0.21 4.52 -12.58
CA LEU A 94 0.53 4.44 -13.84
C LEU A 94 -0.10 5.26 -14.98
N VAL A 95 -1.36 4.95 -15.28
CA VAL A 95 -2.08 5.65 -16.34
C VAL A 95 -1.84 7.15 -16.35
N ASP A 96 -2.23 7.82 -15.27
CA ASP A 96 -2.06 9.25 -15.15
C ASP A 96 -0.78 9.60 -14.41
N ASN A 97 0.09 8.61 -14.27
CA ASN A 97 1.38 8.78 -13.60
C ASN A 97 1.25 9.56 -12.30
N GLU A 98 0.08 9.47 -11.67
CA GLU A 98 -0.16 10.18 -10.41
C GLU A 98 0.53 9.47 -9.25
N GLN A 99 0.79 10.22 -8.19
CA GLN A 99 1.45 9.67 -7.02
C GLN A 99 0.89 10.30 -5.74
N LEU A 100 -0.14 9.68 -5.18
CA LEU A 100 -0.76 10.17 -3.96
C LEU A 100 0.11 9.79 -2.77
N ASN A 101 0.21 10.68 -1.78
CA ASN A 101 1.03 10.40 -0.61
C ASN A 101 0.24 10.50 0.69
N LEU A 102 -0.29 9.36 1.12
CA LEU A 102 -1.03 9.29 2.38
C LEU A 102 -0.01 9.25 3.53
N GLU A 103 0.52 10.42 3.87
CA GLU A 103 1.55 10.53 4.89
C GLU A 103 1.00 10.48 6.31
N ASP A 104 1.84 10.88 7.26
CA ASP A 104 1.49 10.88 8.68
C ASP A 104 0.16 11.58 8.96
N GLU A 105 -0.08 12.69 8.27
CA GLU A 105 -1.34 13.43 8.47
C GLU A 105 -2.54 12.50 8.26
N ASP A 106 -2.27 11.35 7.65
CA ASP A 106 -3.31 10.37 7.38
C ASP A 106 -2.91 8.98 7.91
N ILE A 107 -1.64 8.80 8.25
CA ILE A 107 -1.13 7.53 8.76
C ILE A 107 -1.24 7.44 10.28
N GLU A 108 -1.07 8.58 10.95
CA GLU A 108 -1.16 8.63 12.41
C GLU A 108 -2.41 7.95 12.90
N SER A 109 -3.55 8.37 12.36
CA SER A 109 -4.84 7.80 12.73
C SER A 109 -5.47 7.08 11.54
N ILE A 110 -4.64 6.41 10.76
CA ILE A 110 -5.12 5.69 9.58
C ILE A 110 -6.10 4.58 9.96
N ASP A 111 -7.10 4.39 9.12
CA ASP A 111 -8.10 3.36 9.34
C ASP A 111 -8.42 2.66 8.02
N ALA A 112 -8.77 1.38 8.07
CA ALA A 112 -9.09 0.64 6.86
C ALA A 112 -10.05 1.44 5.99
N THR A 113 -10.96 2.16 6.64
CA THR A 113 -11.91 3.00 5.94
C THR A 113 -11.20 4.09 5.16
N LYS A 114 -10.27 4.76 5.83
CA LYS A 114 -9.50 5.84 5.22
C LYS A 114 -8.71 5.34 4.03
N LEU A 115 -7.81 4.38 4.26
CA LEU A 115 -7.00 3.83 3.18
C LEU A 115 -7.88 3.45 2.00
N SER A 116 -8.88 2.61 2.27
CA SER A 116 -9.80 2.16 1.23
C SER A 116 -10.52 3.34 0.59
N ARG A 117 -10.72 4.40 1.36
CA ARG A 117 -11.38 5.59 0.87
C ARG A 117 -10.48 6.32 -0.11
N PHE A 118 -9.36 6.83 0.39
CA PHE A 118 -8.39 7.54 -0.45
C PHE A 118 -8.20 6.79 -1.76
N ILE A 119 -8.07 5.47 -1.67
CA ILE A 119 -7.91 4.66 -2.86
C ILE A 119 -9.15 4.78 -3.72
N GLU A 120 -10.30 4.51 -3.13
CA GLU A 120 -11.57 4.59 -3.85
C GLU A 120 -11.73 5.98 -4.47
N ILE A 121 -10.95 6.92 -3.95
CA ILE A 121 -10.99 8.30 -4.41
C ILE A 121 -10.01 8.54 -5.56
N ASN A 122 -8.86 7.88 -5.53
CA ASN A 122 -7.85 8.05 -6.57
C ASN A 122 -7.42 6.73 -7.20
N SER A 123 -8.34 5.77 -7.26
CA SER A 123 -8.05 4.48 -7.86
C SER A 123 -8.23 4.54 -9.38
N LEU A 124 -7.82 5.66 -9.95
CA LEU A 124 -7.94 5.87 -11.39
C LEU A 124 -6.77 5.25 -12.14
N GLU A 9 2.71 -26.50 -18.20
CA GLU A 9 3.61 -25.37 -17.88
C GLU A 9 3.29 -24.78 -16.51
N VAL A 10 2.01 -24.72 -16.18
CA VAL A 10 1.58 -24.18 -14.88
C VAL A 10 0.39 -24.96 -14.33
N GLU A 11 0.47 -25.31 -13.05
CA GLU A 11 -0.60 -26.06 -12.38
C GLU A 11 -1.48 -25.11 -11.57
N LYS A 12 -2.44 -25.68 -10.85
CA LYS A 12 -3.35 -24.90 -10.03
C LYS A 12 -2.57 -24.12 -8.97
N SER A 13 -2.17 -24.80 -7.90
CA SER A 13 -1.42 -24.18 -6.82
C SER A 13 -2.03 -22.84 -6.41
N SER A 14 -3.27 -22.88 -5.92
CA SER A 14 -3.97 -21.68 -5.50
C SER A 14 -4.82 -21.93 -4.26
N ASP A 15 -5.12 -23.21 -4.01
CA ASP A 15 -5.93 -23.60 -2.86
C ASP A 15 -5.04 -23.91 -1.65
N GLY A 16 -5.68 -24.16 -0.52
CA GLY A 16 -4.94 -24.47 0.70
C GLY A 16 -5.23 -23.49 1.82
N PRO A 17 -4.67 -23.73 3.02
CA PRO A 17 -4.88 -22.87 4.19
C PRO A 17 -4.55 -21.41 3.89
N GLY A 18 -5.55 -20.55 4.02
CA GLY A 18 -5.36 -19.13 3.76
C GLY A 18 -5.36 -18.80 2.27
N ALA A 19 -5.85 -17.61 1.94
CA ALA A 19 -5.91 -17.17 0.55
C ALA A 19 -5.80 -15.65 0.48
N ALA A 20 -6.14 -15.00 1.57
CA ALA A 20 -6.09 -13.55 1.66
C ALA A 20 -4.76 -13.01 1.19
N GLN A 21 -4.71 -12.62 -0.09
CA GLN A 21 -3.50 -12.08 -0.68
C GLN A 21 -2.90 -10.96 0.18
N GLU A 22 -1.58 -10.79 0.07
CA GLU A 22 -0.89 -9.76 0.84
C GLU A 22 -0.14 -8.80 -0.10
N PRO A 23 0.19 -7.59 0.37
CA PRO A 23 0.89 -6.59 -0.44
C PRO A 23 2.29 -7.04 -0.83
N THR A 24 2.72 -6.63 -2.02
CA THR A 24 4.04 -6.99 -2.53
C THR A 24 5.16 -6.45 -1.65
N TRP A 25 6.30 -7.12 -1.69
CA TRP A 25 7.46 -6.72 -0.89
C TRP A 25 8.46 -5.95 -1.74
N LEU A 26 8.28 -4.62 -1.78
CA LEU A 26 9.17 -3.76 -2.57
C LEU A 26 10.36 -3.33 -1.73
N THR A 27 11.32 -4.25 -1.57
CA THR A 27 12.52 -3.98 -0.78
C THR A 27 13.50 -3.07 -1.51
N ASP A 28 13.19 -2.74 -2.76
CA ASP A 28 14.07 -1.87 -3.55
C ASP A 28 13.28 -0.90 -4.41
N VAL A 29 13.85 0.28 -4.64
CA VAL A 29 13.20 1.32 -5.44
C VAL A 29 12.83 0.80 -6.83
N PRO A 30 13.76 0.14 -7.56
CA PRO A 30 13.48 -0.39 -8.89
C PRO A 30 12.32 -1.38 -8.88
N ALA A 31 12.31 -2.28 -7.90
CA ALA A 31 11.25 -3.27 -7.79
C ALA A 31 9.92 -2.59 -7.54
N ALA A 32 9.97 -1.53 -6.73
CA ALA A 32 8.77 -0.76 -6.41
C ALA A 32 8.19 -0.14 -7.68
N MET A 33 9.02 0.64 -8.36
CA MET A 33 8.62 1.31 -9.59
C MET A 33 8.22 0.30 -10.66
N GLU A 34 8.80 -0.90 -10.59
CA GLU A 34 8.49 -1.94 -11.56
C GLU A 34 7.09 -2.47 -11.35
N PHE A 35 6.77 -2.84 -10.11
CA PHE A 35 5.45 -3.35 -9.80
C PHE A 35 4.39 -2.29 -10.10
N ILE A 36 4.77 -1.03 -9.94
CA ILE A 36 3.87 0.07 -10.23
C ILE A 36 3.74 0.27 -11.74
N ALA A 37 4.86 0.12 -12.44
CA ALA A 37 4.90 0.27 -13.89
C ALA A 37 4.24 -0.91 -14.59
N ALA A 38 4.11 -2.02 -13.86
CA ALA A 38 3.50 -3.22 -14.42
C ALA A 38 2.02 -3.30 -14.09
N THR A 39 1.40 -2.13 -13.85
CA THR A 39 -0.01 -2.08 -13.52
C THR A 39 -0.54 -0.64 -13.55
N GLU A 40 -1.84 -0.51 -13.80
CA GLU A 40 -2.48 0.81 -13.85
C GLU A 40 -2.43 1.49 -12.49
N VAL A 41 -3.24 1.00 -11.55
CA VAL A 41 -3.28 1.57 -10.20
C VAL A 41 -2.44 0.73 -9.24
N ALA A 42 -1.67 1.40 -8.39
CA ALA A 42 -0.82 0.71 -7.43
C ALA A 42 -0.78 1.41 -6.09
N VAL A 43 -1.10 0.67 -5.03
CA VAL A 43 -1.07 1.21 -3.68
C VAL A 43 0.00 0.51 -2.88
N ILE A 44 0.84 1.30 -2.22
CA ILE A 44 1.95 0.76 -1.45
C ILE A 44 2.09 1.43 -0.09
N GLY A 45 2.33 0.60 0.92
CA GLY A 45 2.49 1.11 2.28
C GLY A 45 3.95 1.22 2.69
N PHE A 46 4.49 2.43 2.61
CA PHE A 46 5.87 2.67 2.98
C PHE A 46 5.97 2.91 4.49
N PHE A 47 6.24 1.85 5.23
CA PHE A 47 6.31 1.94 6.69
C PHE A 47 7.72 1.70 7.21
N GLN A 48 8.07 2.44 8.27
CA GLN A 48 9.37 2.29 8.91
C GLN A 48 9.23 1.29 10.06
N ASP A 49 8.00 0.80 10.22
CA ASP A 49 7.67 -0.16 11.26
C ASP A 49 6.42 -0.92 10.87
N LEU A 50 6.56 -2.22 10.66
CA LEU A 50 5.42 -3.05 10.26
C LEU A 50 4.63 -3.52 11.47
N GLU A 51 4.40 -2.60 12.40
CA GLU A 51 3.65 -2.90 13.61
C GLU A 51 2.65 -1.80 13.90
N ILE A 52 2.44 -0.93 12.91
CA ILE A 52 1.51 0.18 13.04
C ILE A 52 0.15 -0.16 12.42
N PRO A 53 -0.93 0.51 12.85
CA PRO A 53 -2.28 0.27 12.35
C PRO A 53 -2.36 0.31 10.82
N ALA A 54 -1.45 1.05 10.21
CA ALA A 54 -1.42 1.19 8.75
C ALA A 54 -1.14 -0.13 8.05
N VAL A 55 -0.26 -0.95 8.63
CA VAL A 55 0.09 -2.22 8.01
C VAL A 55 -1.12 -3.15 7.87
N PRO A 56 -1.83 -3.47 8.98
CA PRO A 56 -3.00 -4.34 8.92
C PRO A 56 -4.07 -3.77 8.01
N ILE A 57 -4.26 -2.46 8.10
CA ILE A 57 -5.24 -1.75 7.30
C ILE A 57 -4.94 -1.89 5.81
N LEU A 58 -3.65 -1.87 5.46
CA LEU A 58 -3.25 -2.01 4.07
C LEU A 58 -3.46 -3.45 3.62
N HIS A 59 -2.91 -4.40 4.39
CA HIS A 59 -3.07 -5.81 4.08
C HIS A 59 -4.56 -6.15 3.98
N SER A 60 -5.38 -5.30 4.58
CA SER A 60 -6.82 -5.49 4.57
C SER A 60 -7.43 -4.87 3.30
N MET A 61 -6.99 -3.66 2.97
CA MET A 61 -7.48 -2.98 1.78
C MET A 61 -7.14 -3.80 0.55
N VAL A 62 -6.08 -4.59 0.66
CA VAL A 62 -5.62 -5.45 -0.42
C VAL A 62 -6.76 -6.30 -0.96
N GLN A 63 -7.46 -6.96 -0.04
CA GLN A 63 -8.57 -7.83 -0.42
C GLN A 63 -9.79 -7.00 -0.81
N LYS A 64 -9.73 -5.71 -0.49
CA LYS A 64 -10.82 -4.80 -0.80
C LYS A 64 -10.60 -4.15 -2.16
N PHE A 65 -9.36 -4.21 -2.63
CA PHE A 65 -8.99 -3.63 -3.91
C PHE A 65 -8.10 -4.58 -4.72
N PRO A 66 -8.61 -5.78 -5.06
CA PRO A 66 -7.85 -6.76 -5.84
C PRO A 66 -7.30 -6.14 -7.13
N GLY A 67 -8.10 -5.25 -7.73
CA GLY A 67 -7.68 -4.60 -8.96
C GLY A 67 -6.46 -3.73 -8.73
N VAL A 68 -6.44 -3.05 -7.58
CA VAL A 68 -5.32 -2.20 -7.21
C VAL A 68 -4.08 -3.05 -6.95
N SER A 69 -2.91 -2.52 -7.29
CA SER A 69 -1.67 -3.25 -7.08
C SER A 69 -1.18 -3.09 -5.65
N PHE A 70 -1.51 -4.07 -4.81
CA PHE A 70 -1.11 -4.05 -3.41
C PHE A 70 0.40 -4.13 -3.26
N GLY A 71 0.94 -3.23 -2.46
CA GLY A 71 2.37 -3.21 -2.23
C GLY A 71 2.73 -2.70 -0.85
N ILE A 72 3.94 -2.98 -0.41
CA ILE A 72 4.40 -2.53 0.90
C ILE A 72 5.93 -2.56 0.94
N SER A 73 6.51 -1.64 1.70
CA SER A 73 7.96 -1.55 1.80
C SER A 73 8.40 -0.93 3.12
N THR A 74 9.63 -1.24 3.51
CA THR A 74 10.21 -0.71 4.73
C THR A 74 11.65 -0.29 4.51
N ASP A 75 12.14 -0.52 3.29
CA ASP A 75 13.51 -0.16 2.94
C ASP A 75 13.71 1.35 3.00
N SER A 76 14.89 1.76 3.44
CA SER A 76 15.20 3.19 3.55
C SER A 76 15.26 3.86 2.19
N GLU A 77 16.03 3.29 1.27
CA GLU A 77 16.18 3.85 -0.07
C GLU A 77 14.83 4.13 -0.71
N VAL A 78 13.89 3.20 -0.57
CA VAL A 78 12.56 3.39 -1.13
C VAL A 78 11.80 4.46 -0.36
N LEU A 79 11.74 4.31 0.96
CA LEU A 79 11.06 5.27 1.81
C LEU A 79 11.69 6.65 1.66
N THR A 80 12.87 6.69 1.07
CA THR A 80 13.58 7.95 0.85
C THR A 80 13.23 8.51 -0.52
N HIS A 81 13.18 7.61 -1.51
CA HIS A 81 12.86 8.00 -2.87
C HIS A 81 11.47 8.64 -2.94
N TYR A 82 10.53 8.07 -2.20
CA TYR A 82 9.17 8.60 -2.18
C TYR A 82 9.02 9.64 -1.07
N ASN A 83 10.15 10.07 -0.53
CA ASN A 83 10.17 11.09 0.53
C ASN A 83 9.31 10.67 1.72
N ILE A 84 9.19 9.36 1.93
CA ILE A 84 8.39 8.83 3.03
C ILE A 84 9.02 9.20 4.38
N THR A 85 8.26 9.94 5.19
CA THR A 85 8.74 10.37 6.50
C THR A 85 7.63 10.29 7.54
N GLY A 86 6.99 9.13 7.62
CA GLY A 86 5.91 8.94 8.59
C GLY A 86 5.03 7.75 8.25
N ASN A 87 5.66 6.63 7.88
CA ASN A 87 4.93 5.43 7.52
C ASN A 87 3.86 5.75 6.49
N THR A 88 4.25 6.57 5.51
CA THR A 88 3.36 7.02 4.45
C THR A 88 2.97 5.89 3.50
N ILE A 89 1.80 6.05 2.88
CA ILE A 89 1.28 5.10 1.90
C ILE A 89 1.08 5.82 0.57
N CYS A 90 1.80 5.40 -0.46
CA CYS A 90 1.69 6.06 -1.76
C CYS A 90 0.92 5.26 -2.79
N LEU A 91 0.00 5.95 -3.46
CA LEU A 91 -0.81 5.34 -4.51
C LEU A 91 -0.41 5.90 -5.87
N PHE A 92 0.31 5.11 -6.65
CA PHE A 92 0.74 5.53 -7.98
C PHE A 92 -0.20 4.99 -9.05
N ARG A 93 -0.76 5.89 -9.85
CA ARG A 93 -1.69 5.49 -10.91
C ARG A 93 -1.02 5.60 -12.28
N LEU A 94 -0.23 4.58 -12.61
CA LEU A 94 0.50 4.50 -13.89
C LEU A 94 -0.14 5.35 -15.00
N VAL A 95 -1.38 5.03 -15.33
CA VAL A 95 -2.10 5.74 -16.39
C VAL A 95 -1.83 7.25 -16.38
N ASP A 96 -2.22 7.91 -15.29
CA ASP A 96 -2.02 9.34 -15.17
C ASP A 96 -0.72 9.65 -14.43
N ASN A 97 0.01 8.60 -14.10
CA ASN A 97 1.28 8.74 -13.40
C ASN A 97 1.15 9.56 -12.11
N GLU A 98 -0.02 9.49 -11.49
CA GLU A 98 -0.26 10.23 -10.25
C GLU A 98 0.38 9.53 -9.07
N GLN A 99 0.51 10.24 -7.96
CA GLN A 99 1.11 9.68 -6.75
C GLN A 99 0.53 10.33 -5.51
N LEU A 100 -0.44 9.66 -4.89
CA LEU A 100 -1.08 10.16 -3.69
C LEU A 100 -0.28 9.73 -2.46
N ASN A 101 0.28 10.70 -1.75
CA ASN A 101 1.09 10.39 -0.58
C ASN A 101 0.29 10.49 0.72
N LEU A 102 -0.25 9.36 1.15
CA LEU A 102 -1.01 9.29 2.40
C LEU A 102 -0.01 9.24 3.56
N GLU A 103 0.53 10.40 3.91
CA GLU A 103 1.55 10.50 4.95
C GLU A 103 0.95 10.49 6.36
N ASP A 104 1.79 10.89 7.32
CA ASP A 104 1.42 10.94 8.73
C ASP A 104 0.04 11.57 8.95
N GLU A 105 -0.16 12.74 8.38
CA GLU A 105 -1.44 13.45 8.51
C GLU A 105 -2.63 12.51 8.26
N ASP A 106 -2.34 11.37 7.65
CA ASP A 106 -3.36 10.38 7.35
C ASP A 106 -2.97 8.99 7.88
N ILE A 107 -1.69 8.83 8.26
CA ILE A 107 -1.19 7.55 8.77
C ILE A 107 -1.31 7.46 10.29
N GLU A 108 -1.01 8.56 10.98
CA GLU A 108 -1.08 8.60 12.43
C GLU A 108 -2.42 8.08 12.94
N SER A 109 -3.49 8.39 12.20
CA SER A 109 -4.82 7.93 12.57
C SER A 109 -5.48 7.23 11.38
N ILE A 110 -4.69 6.44 10.66
CA ILE A 110 -5.18 5.71 9.51
C ILE A 110 -6.16 4.62 9.91
N ASP A 111 -7.17 4.42 9.07
CA ASP A 111 -8.17 3.39 9.31
C ASP A 111 -8.48 2.67 8.00
N ALA A 112 -8.81 1.39 8.06
CA ALA A 112 -9.12 0.64 6.86
C ALA A 112 -10.07 1.43 5.97
N THR A 113 -11.00 2.14 6.60
CA THR A 113 -11.95 2.97 5.88
C THR A 113 -11.23 4.06 5.10
N LYS A 114 -10.34 4.76 5.79
CA LYS A 114 -9.57 5.85 5.18
C LYS A 114 -8.77 5.36 3.99
N LEU A 115 -7.88 4.39 4.22
CA LEU A 115 -7.05 3.84 3.14
C LEU A 115 -7.93 3.45 1.96
N SER A 116 -8.92 2.59 2.22
CA SER A 116 -9.84 2.15 1.18
C SER A 116 -10.56 3.32 0.54
N ARG A 117 -10.73 4.39 1.31
CA ARG A 117 -11.40 5.58 0.82
C ARG A 117 -10.49 6.32 -0.16
N PHE A 118 -9.38 6.85 0.35
CA PHE A 118 -8.41 7.57 -0.47
C PHE A 118 -8.17 6.82 -1.77
N ILE A 119 -8.10 5.49 -1.68
CA ILE A 119 -7.91 4.66 -2.86
C ILE A 119 -9.14 4.77 -3.75
N GLU A 120 -10.30 4.48 -3.17
CA GLU A 120 -11.56 4.54 -3.90
C GLU A 120 -11.72 5.92 -4.54
N ILE A 121 -10.96 6.87 -4.02
CA ILE A 121 -11.00 8.25 -4.51
C ILE A 121 -10.00 8.48 -5.63
N ASN A 122 -8.82 7.88 -5.54
CA ASN A 122 -7.79 8.07 -6.57
C ASN A 122 -7.43 6.74 -7.24
N SER A 123 -8.37 5.80 -7.27
CA SER A 123 -8.12 4.51 -7.92
C SER A 123 -8.33 4.63 -9.42
N LEU A 124 -7.74 5.66 -10.01
CA LEU A 124 -7.85 5.91 -11.44
C LEU A 124 -6.61 5.47 -12.18
N GLU A 9 -10.74 -4.92 -17.78
CA GLU A 9 -11.98 -4.34 -18.35
C GLU A 9 -13.20 -5.13 -17.89
N VAL A 10 -13.79 -4.69 -16.77
CA VAL A 10 -14.96 -5.35 -16.21
C VAL A 10 -16.13 -4.38 -16.09
N GLU A 11 -17.35 -4.91 -16.21
CA GLU A 11 -18.55 -4.08 -16.10
C GLU A 11 -19.60 -4.77 -15.24
N LYS A 12 -20.22 -5.82 -15.78
CA LYS A 12 -21.25 -6.55 -15.05
C LYS A 12 -20.66 -7.28 -13.86
N SER A 13 -20.81 -6.67 -12.68
CA SER A 13 -20.30 -7.25 -11.45
C SER A 13 -21.14 -8.44 -11.00
N SER A 14 -20.49 -9.59 -10.82
CA SER A 14 -21.18 -10.80 -10.41
C SER A 14 -21.54 -10.74 -8.93
N ASP A 15 -20.57 -10.38 -8.10
CA ASP A 15 -20.77 -10.29 -6.66
C ASP A 15 -19.92 -9.18 -6.06
N GLY A 16 -18.60 -9.32 -6.18
CA GLY A 16 -17.69 -8.32 -5.65
C GLY A 16 -16.67 -8.90 -4.69
N PRO A 17 -17.10 -9.28 -3.47
CA PRO A 17 -16.20 -9.86 -2.46
C PRO A 17 -15.47 -11.09 -2.97
N GLY A 18 -14.14 -11.07 -2.84
CA GLY A 18 -13.33 -12.20 -3.29
C GLY A 18 -11.94 -11.78 -3.71
N ALA A 19 -10.95 -12.16 -2.89
CA ALA A 19 -9.56 -11.81 -3.18
C ALA A 19 -8.62 -12.58 -2.25
N ALA A 20 -8.51 -12.13 -1.01
CA ALA A 20 -7.67 -12.77 -0.01
C ALA A 20 -6.21 -12.83 -0.47
N GLN A 21 -5.42 -11.86 -0.02
CA GLN A 21 -4.00 -11.80 -0.39
C GLN A 21 -3.27 -10.73 0.43
N GLU A 22 -1.96 -10.63 0.22
CA GLU A 22 -1.16 -9.65 0.95
C GLU A 22 -0.35 -8.76 -0.01
N PRO A 23 0.07 -7.57 0.45
CA PRO A 23 0.84 -6.63 -0.38
C PRO A 23 2.24 -7.14 -0.69
N THR A 24 2.77 -6.72 -1.84
CA THR A 24 4.11 -7.13 -2.27
C THR A 24 5.19 -6.44 -1.45
N TRP A 25 6.35 -7.07 -1.36
CA TRP A 25 7.48 -6.52 -0.62
C TRP A 25 8.46 -5.81 -1.54
N LEU A 26 8.25 -4.52 -1.73
CA LEU A 26 9.11 -3.70 -2.59
C LEU A 26 10.33 -3.21 -1.81
N THR A 27 11.25 -4.13 -1.53
CA THR A 27 12.45 -3.82 -0.76
C THR A 27 13.41 -2.91 -1.54
N ASP A 28 13.11 -2.64 -2.80
CA ASP A 28 13.98 -1.79 -3.61
C ASP A 28 13.17 -0.82 -4.47
N VAL A 29 13.74 0.36 -4.69
CA VAL A 29 13.10 1.38 -5.51
C VAL A 29 12.71 0.84 -6.89
N PRO A 30 13.64 0.18 -7.62
CA PRO A 30 13.34 -0.36 -8.95
C PRO A 30 12.17 -1.35 -8.91
N ALA A 31 12.19 -2.26 -7.95
CA ALA A 31 11.13 -3.25 -7.83
C ALA A 31 9.80 -2.57 -7.54
N ALA A 32 9.88 -1.50 -6.76
CA ALA A 32 8.69 -0.75 -6.40
C ALA A 32 8.06 -0.12 -7.65
N MET A 33 8.86 0.72 -8.33
CA MET A 33 8.41 1.39 -9.54
C MET A 33 8.06 0.39 -10.63
N GLU A 34 8.65 -0.81 -10.56
CA GLU A 34 8.37 -1.84 -11.54
C GLU A 34 6.97 -2.40 -11.34
N PHE A 35 6.67 -2.77 -10.10
CA PHE A 35 5.35 -3.30 -9.78
C PHE A 35 4.29 -2.26 -10.10
N ILE A 36 4.66 -0.99 -9.93
CA ILE A 36 3.75 0.11 -10.24
C ILE A 36 3.60 0.26 -11.75
N ALA A 37 4.72 0.08 -12.45
CA ALA A 37 4.74 0.20 -13.91
C ALA A 37 4.08 -1.01 -14.57
N ALA A 38 3.95 -2.09 -13.81
CA ALA A 38 3.34 -3.31 -14.32
C ALA A 38 1.86 -3.38 -13.97
N THR A 39 1.24 -2.22 -13.78
CA THR A 39 -0.17 -2.15 -13.43
C THR A 39 -0.70 -0.72 -13.50
N GLU A 40 -1.99 -0.58 -13.79
CA GLU A 40 -2.61 0.73 -13.90
C GLU A 40 -2.56 1.47 -12.56
N VAL A 41 -3.23 0.92 -11.56
CA VAL A 41 -3.25 1.52 -10.23
C VAL A 41 -2.42 0.70 -9.25
N ALA A 42 -1.65 1.39 -8.41
CA ALA A 42 -0.80 0.72 -7.44
C ALA A 42 -0.79 1.42 -6.10
N VAL A 43 -1.10 0.68 -5.05
CA VAL A 43 -1.09 1.22 -3.71
C VAL A 43 -0.01 0.55 -2.90
N ILE A 44 0.81 1.36 -2.25
CA ILE A 44 1.93 0.84 -1.49
C ILE A 44 2.08 1.50 -0.13
N GLY A 45 2.36 0.66 0.88
CA GLY A 45 2.52 1.16 2.22
C GLY A 45 3.99 1.28 2.62
N PHE A 46 4.53 2.48 2.50
CA PHE A 46 5.92 2.74 2.88
C PHE A 46 6.01 2.98 4.37
N PHE A 47 6.21 1.90 5.13
CA PHE A 47 6.27 1.99 6.58
C PHE A 47 7.68 1.79 7.12
N GLN A 48 8.02 2.55 8.16
CA GLN A 48 9.31 2.42 8.80
C GLN A 48 9.23 1.37 9.89
N ASP A 49 8.01 0.88 10.09
CA ASP A 49 7.72 -0.14 11.09
C ASP A 49 6.47 -0.92 10.69
N LEU A 50 6.60 -2.24 10.57
CA LEU A 50 5.46 -3.07 10.18
C LEU A 50 4.69 -3.57 11.40
N GLU A 51 4.43 -2.65 12.33
CA GLU A 51 3.69 -2.98 13.54
C GLU A 51 2.69 -1.87 13.84
N ILE A 52 2.50 -0.99 12.87
CA ILE A 52 1.57 0.13 13.01
C ILE A 52 0.21 -0.21 12.40
N PRO A 53 -0.87 0.47 12.85
CA PRO A 53 -2.23 0.25 12.35
C PRO A 53 -2.32 0.28 10.82
N ALA A 54 -1.41 1.03 10.21
CA ALA A 54 -1.40 1.16 8.75
C ALA A 54 -1.13 -0.17 8.05
N VAL A 55 -0.26 -0.99 8.64
CA VAL A 55 0.09 -2.27 8.02
C VAL A 55 -1.13 -3.20 7.90
N PRO A 56 -1.83 -3.50 9.03
CA PRO A 56 -3.02 -4.37 8.98
C PRO A 56 -4.10 -3.79 8.09
N ILE A 57 -4.23 -2.48 8.14
CA ILE A 57 -5.22 -1.76 7.34
C ILE A 57 -4.91 -1.89 5.85
N LEU A 58 -3.63 -1.90 5.50
CA LEU A 58 -3.23 -2.05 4.10
C LEU A 58 -3.46 -3.48 3.65
N HIS A 59 -2.96 -4.43 4.44
CA HIS A 59 -3.14 -5.84 4.14
C HIS A 59 -4.62 -6.14 3.98
N SER A 60 -5.45 -5.34 4.64
CA SER A 60 -6.90 -5.51 4.58
C SER A 60 -7.46 -4.88 3.31
N MET A 61 -7.04 -3.67 3.00
CA MET A 61 -7.50 -2.97 1.81
C MET A 61 -7.14 -3.79 0.58
N VAL A 62 -6.07 -4.59 0.71
CA VAL A 62 -5.61 -5.44 -0.38
C VAL A 62 -6.74 -6.29 -0.93
N GLN A 63 -7.48 -6.93 -0.04
CA GLN A 63 -8.59 -7.78 -0.43
C GLN A 63 -9.80 -6.94 -0.83
N LYS A 64 -9.74 -5.66 -0.51
CA LYS A 64 -10.82 -4.73 -0.81
C LYS A 64 -10.59 -4.08 -2.17
N PHE A 65 -9.34 -4.13 -2.63
CA PHE A 65 -8.96 -3.56 -3.90
C PHE A 65 -8.05 -4.49 -4.70
N PRO A 66 -8.56 -5.68 -5.07
CA PRO A 66 -7.79 -6.66 -5.84
C PRO A 66 -7.20 -6.05 -7.11
N GLY A 67 -8.01 -5.25 -7.79
CA GLY A 67 -7.56 -4.60 -9.00
C GLY A 67 -6.33 -3.75 -8.75
N VAL A 68 -6.34 -3.07 -7.61
CA VAL A 68 -5.22 -2.22 -7.22
C VAL A 68 -3.99 -3.07 -6.92
N SER A 69 -2.81 -2.54 -7.24
CA SER A 69 -1.58 -3.27 -7.01
C SER A 69 -1.11 -3.11 -5.57
N PHE A 70 -1.44 -4.10 -4.75
CA PHE A 70 -1.06 -4.08 -3.34
C PHE A 70 0.46 -4.13 -3.18
N GLY A 71 0.99 -3.17 -2.45
CA GLY A 71 2.42 -3.12 -2.23
C GLY A 71 2.77 -2.62 -0.84
N ILE A 72 3.99 -2.88 -0.42
CA ILE A 72 4.45 -2.46 0.90
C ILE A 72 5.97 -2.50 0.96
N SER A 73 6.56 -1.54 1.65
CA SER A 73 8.01 -1.47 1.76
C SER A 73 8.45 -0.84 3.08
N THR A 74 9.67 -1.18 3.49
CA THR A 74 10.24 -0.66 4.72
C THR A 74 11.69 -0.25 4.52
N ASP A 75 12.17 -0.46 3.30
CA ASP A 75 13.54 -0.11 2.95
C ASP A 75 13.74 1.40 2.95
N SER A 76 14.88 1.83 3.45
CA SER A 76 15.20 3.26 3.53
C SER A 76 15.27 3.89 2.14
N GLU A 77 16.00 3.25 1.23
CA GLU A 77 16.15 3.76 -0.13
C GLU A 77 14.82 4.12 -0.75
N VAL A 78 13.85 3.21 -0.63
CA VAL A 78 12.52 3.44 -1.19
C VAL A 78 11.80 4.55 -0.43
N LEU A 79 11.70 4.39 0.90
CA LEU A 79 11.05 5.38 1.73
C LEU A 79 11.71 6.74 1.56
N THR A 80 12.91 6.73 0.97
CA THR A 80 13.64 7.96 0.72
C THR A 80 13.29 8.52 -0.65
N HIS A 81 13.18 7.62 -1.63
CA HIS A 81 12.86 8.02 -2.99
C HIS A 81 11.49 8.69 -3.03
N TYR A 82 10.56 8.19 -2.22
CA TYR A 82 9.22 8.75 -2.16
C TYR A 82 9.12 9.78 -1.05
N ASN A 83 10.27 10.16 -0.50
CA ASN A 83 10.32 11.16 0.57
C ASN A 83 9.45 10.75 1.76
N ILE A 84 9.23 9.45 1.92
CA ILE A 84 8.43 8.94 3.01
C ILE A 84 9.02 9.29 4.36
N THR A 85 8.23 9.95 5.20
CA THR A 85 8.68 10.35 6.54
C THR A 85 7.55 10.23 7.56
N GLY A 86 7.03 9.01 7.72
CA GLY A 86 5.96 8.79 8.67
C GLY A 86 5.07 7.63 8.27
N ASN A 87 5.68 6.53 7.85
CA ASN A 87 4.94 5.34 7.46
C ASN A 87 3.87 5.70 6.43
N THR A 88 4.26 6.53 5.47
CA THR A 88 3.35 7.00 4.43
C THR A 88 2.94 5.90 3.45
N ILE A 89 1.74 6.04 2.89
CA ILE A 89 1.21 5.11 1.91
C ILE A 89 1.00 5.83 0.58
N CYS A 90 1.75 5.43 -0.44
CA CYS A 90 1.65 6.10 -1.73
C CYS A 90 0.85 5.31 -2.77
N LEU A 91 -0.05 6.00 -3.44
CA LEU A 91 -0.87 5.40 -4.49
C LEU A 91 -0.44 5.93 -5.85
N PHE A 92 0.33 5.11 -6.58
CA PHE A 92 0.80 5.50 -7.90
C PHE A 92 -0.13 4.94 -8.98
N ARG A 93 -0.69 5.83 -9.79
CA ARG A 93 -1.60 5.42 -10.85
C ARG A 93 -0.91 5.51 -12.21
N LEU A 94 -0.18 4.44 -12.56
CA LEU A 94 0.56 4.34 -13.82
C LEU A 94 -0.03 5.18 -14.94
N VAL A 95 -1.30 4.92 -15.29
CA VAL A 95 -1.99 5.63 -16.35
C VAL A 95 -1.61 7.12 -16.37
N ASP A 96 -2.10 7.86 -15.39
CA ASP A 96 -1.82 9.28 -15.32
C ASP A 96 -0.51 9.53 -14.58
N ASN A 97 0.17 8.43 -14.22
CA ASN A 97 1.44 8.47 -13.51
C ASN A 97 1.34 9.35 -12.26
N GLU A 98 0.16 9.37 -11.64
CA GLU A 98 -0.04 10.15 -10.43
C GLU A 98 0.61 9.47 -9.23
N GLN A 99 0.88 10.25 -8.19
CA GLN A 99 1.50 9.71 -6.99
C GLN A 99 0.89 10.33 -5.74
N LEU A 100 -0.16 9.69 -5.22
CA LEU A 100 -0.83 10.17 -4.02
C LEU A 100 0.00 9.81 -2.80
N ASN A 101 0.05 10.69 -1.81
CA ASN A 101 0.83 10.44 -0.61
C ASN A 101 0.00 10.52 0.66
N LEU A 102 -0.24 9.37 1.26
CA LEU A 102 -0.98 9.29 2.51
C LEU A 102 0.02 9.24 3.65
N GLU A 103 0.57 10.40 3.99
CA GLU A 103 1.61 10.50 5.02
C GLU A 103 1.04 10.46 6.43
N ASP A 104 1.88 10.85 7.39
CA ASP A 104 1.51 10.87 8.81
C ASP A 104 0.20 11.60 9.04
N GLU A 105 -0.04 12.67 8.30
CA GLU A 105 -1.28 13.44 8.45
C GLU A 105 -2.49 12.54 8.25
N ASP A 106 -2.25 11.36 7.72
CA ASP A 106 -3.30 10.38 7.47
C ASP A 106 -2.91 8.99 8.00
N ILE A 107 -1.63 8.80 8.32
CA ILE A 107 -1.14 7.53 8.83
C ILE A 107 -1.24 7.45 10.35
N GLU A 108 -1.14 8.61 11.00
CA GLU A 108 -1.22 8.68 12.45
C GLU A 108 -2.52 8.05 12.95
N SER A 109 -3.63 8.43 12.32
CA SER A 109 -4.94 7.90 12.69
C SER A 109 -5.56 7.15 11.51
N ILE A 110 -4.73 6.48 10.74
CA ILE A 110 -5.20 5.72 9.57
C ILE A 110 -6.16 4.61 9.98
N ASP A 111 -7.16 4.40 9.14
CA ASP A 111 -8.15 3.36 9.38
C ASP A 111 -8.45 2.65 8.06
N ALA A 112 -8.79 1.36 8.14
CA ALA A 112 -9.09 0.59 6.94
C ALA A 112 -10.03 1.37 6.04
N THR A 113 -10.98 2.06 6.66
CA THR A 113 -11.94 2.87 5.93
C THR A 113 -11.22 3.98 5.17
N LYS A 114 -10.34 4.69 5.86
CA LYS A 114 -9.58 5.78 5.25
C LYS A 114 -8.76 5.30 4.07
N LEU A 115 -7.88 4.32 4.30
CA LEU A 115 -7.04 3.79 3.24
C LEU A 115 -7.89 3.41 2.04
N SER A 116 -8.88 2.55 2.28
CA SER A 116 -9.78 2.08 1.23
C SER A 116 -10.50 3.27 0.59
N ARG A 117 -10.71 4.32 1.37
CA ARG A 117 -11.38 5.52 0.87
C ARG A 117 -10.48 6.27 -0.09
N PHE A 118 -9.36 6.77 0.44
CA PHE A 118 -8.39 7.50 -0.38
C PHE A 118 -8.18 6.79 -1.70
N ILE A 119 -8.01 5.47 -1.64
CA ILE A 119 -7.84 4.67 -2.84
C ILE A 119 -9.08 4.79 -3.70
N GLU A 120 -10.23 4.47 -3.13
CA GLU A 120 -11.49 4.56 -3.85
C GLU A 120 -11.67 5.96 -4.44
N ILE A 121 -10.91 6.91 -3.91
CA ILE A 121 -10.98 8.29 -4.35
C ILE A 121 -10.01 8.57 -5.52
N ASN A 122 -8.83 7.95 -5.49
CA ASN A 122 -7.85 8.17 -6.55
C ASN A 122 -7.40 6.86 -7.19
N SER A 123 -8.29 5.87 -7.22
CA SER A 123 -7.99 4.59 -7.84
C SER A 123 -8.20 4.66 -9.34
N LEU A 124 -7.65 5.69 -9.96
CA LEU A 124 -7.78 5.90 -11.40
C LEU A 124 -6.55 5.43 -12.15
N GLU A 9 -21.90 -34.73 5.24
CA GLU A 9 -22.98 -34.17 6.10
C GLU A 9 -22.46 -33.00 6.94
N VAL A 10 -21.14 -32.92 7.07
CA VAL A 10 -20.50 -31.86 7.84
C VAL A 10 -19.97 -30.76 6.92
N GLU A 11 -19.64 -29.61 7.49
CA GLU A 11 -19.12 -28.49 6.72
C GLU A 11 -17.93 -27.84 7.42
N LYS A 12 -16.83 -27.72 6.69
CA LYS A 12 -15.62 -27.11 7.22
C LYS A 12 -15.86 -25.64 7.56
N SER A 13 -16.52 -24.93 6.65
CA SER A 13 -16.83 -23.52 6.84
C SER A 13 -15.62 -22.74 7.36
N SER A 14 -14.54 -22.74 6.58
CA SER A 14 -13.32 -22.04 6.96
C SER A 14 -13.17 -20.76 6.16
N ASP A 15 -13.85 -19.70 6.60
CA ASP A 15 -13.78 -18.41 5.92
C ASP A 15 -13.56 -17.28 6.91
N GLY A 16 -12.38 -16.66 6.86
CA GLY A 16 -12.06 -15.58 7.75
C GLY A 16 -10.60 -15.57 8.17
N PRO A 17 -10.26 -16.18 9.32
CA PRO A 17 -8.87 -16.24 9.81
C PRO A 17 -7.94 -16.93 8.81
N GLY A 18 -7.16 -16.14 8.09
CA GLY A 18 -6.24 -16.71 7.12
C GLY A 18 -5.23 -15.69 6.63
N ALA A 19 -5.29 -15.37 5.33
CA ALA A 19 -4.39 -14.41 4.73
C ALA A 19 -4.83 -14.08 3.30
N ALA A 20 -5.13 -15.13 2.55
CA ALA A 20 -5.58 -14.99 1.17
C ALA A 20 -4.52 -14.30 0.30
N GLN A 21 -4.51 -12.97 0.33
CA GLN A 21 -3.54 -12.20 -0.45
C GLN A 21 -2.90 -11.12 0.40
N GLU A 22 -1.61 -10.86 0.15
CA GLU A 22 -0.88 -9.84 0.90
C GLU A 22 -0.15 -8.90 -0.06
N PRO A 23 0.19 -7.68 0.41
CA PRO A 23 0.90 -6.69 -0.41
C PRO A 23 2.32 -7.12 -0.75
N THR A 24 2.76 -6.77 -1.96
CA THR A 24 4.10 -7.12 -2.43
C THR A 24 5.17 -6.49 -1.55
N TRP A 25 6.34 -7.12 -1.53
CA TRP A 25 7.47 -6.63 -0.75
C TRP A 25 8.47 -5.89 -1.62
N LEU A 26 8.24 -4.58 -1.78
CA LEU A 26 9.12 -3.75 -2.60
C LEU A 26 10.33 -3.29 -1.78
N THR A 27 11.23 -4.24 -1.52
CA THR A 27 12.43 -3.97 -0.74
C THR A 27 13.43 -3.09 -1.48
N ASP A 28 13.11 -2.73 -2.73
CA ASP A 28 14.00 -1.89 -3.52
C ASP A 28 13.24 -0.90 -4.38
N VAL A 29 13.83 0.27 -4.59
CA VAL A 29 13.22 1.32 -5.41
C VAL A 29 12.85 0.81 -6.80
N PRO A 30 13.78 0.14 -7.50
CA PRO A 30 13.50 -0.39 -8.84
C PRO A 30 12.34 -1.36 -8.84
N ALA A 31 12.35 -2.30 -7.90
CA ALA A 31 11.27 -3.28 -7.79
C ALA A 31 9.96 -2.59 -7.51
N ALA A 32 10.04 -1.49 -6.78
CA ALA A 32 8.86 -0.72 -6.44
C ALA A 32 8.24 -0.12 -7.70
N MET A 33 9.02 0.72 -8.37
CA MET A 33 8.57 1.37 -9.60
C MET A 33 8.22 0.34 -10.67
N GLU A 34 8.80 -0.85 -10.58
CA GLU A 34 8.51 -1.90 -11.55
C GLU A 34 7.12 -2.48 -11.33
N PHE A 35 6.84 -2.88 -10.10
CA PHE A 35 5.54 -3.43 -9.77
C PHE A 35 4.46 -2.40 -10.07
N ILE A 36 4.81 -1.12 -9.91
CA ILE A 36 3.88 -0.03 -10.19
C ILE A 36 3.74 0.16 -11.70
N ALA A 37 4.86 0.06 -12.42
CA ALA A 37 4.87 0.22 -13.86
C ALA A 37 4.24 -0.97 -14.55
N ALA A 38 4.06 -2.06 -13.81
CA ALA A 38 3.47 -3.27 -14.37
C ALA A 38 1.99 -3.35 -14.04
N THR A 39 1.37 -2.18 -13.85
CA THR A 39 -0.05 -2.13 -13.53
C THR A 39 -0.58 -0.69 -13.55
N GLU A 40 -1.88 -0.55 -13.80
CA GLU A 40 -2.51 0.77 -13.85
C GLU A 40 -2.44 1.46 -12.49
N VAL A 41 -3.29 1.02 -11.56
CA VAL A 41 -3.31 1.61 -10.22
C VAL A 41 -2.49 0.77 -9.26
N ALA A 42 -1.68 1.43 -8.43
CA ALA A 42 -0.83 0.73 -7.47
C ALA A 42 -0.79 1.43 -6.12
N VAL A 43 -1.10 0.69 -5.07
CA VAL A 43 -1.07 1.23 -3.72
C VAL A 43 -0.01 0.52 -2.91
N ILE A 44 0.81 1.30 -2.23
CA ILE A 44 1.92 0.74 -1.46
C ILE A 44 2.06 1.39 -0.09
N GLY A 45 2.36 0.57 0.91
CA GLY A 45 2.52 1.06 2.26
C GLY A 45 3.98 1.19 2.66
N PHE A 46 4.53 2.40 2.56
CA PHE A 46 5.92 2.64 2.93
C PHE A 46 6.01 2.90 4.43
N PHE A 47 6.26 1.83 5.18
CA PHE A 47 6.34 1.92 6.63
C PHE A 47 7.74 1.67 7.16
N GLN A 48 8.13 2.43 8.18
CA GLN A 48 9.42 2.26 8.82
C GLN A 48 9.30 1.20 9.91
N ASP A 49 8.04 0.80 10.16
CA ASP A 49 7.72 -0.21 11.16
C ASP A 49 6.46 -0.96 10.75
N LEU A 50 6.56 -2.28 10.63
CA LEU A 50 5.41 -3.09 10.24
C LEU A 50 4.64 -3.58 11.46
N GLU A 51 4.38 -2.67 12.39
CA GLU A 51 3.63 -2.98 13.60
C GLU A 51 2.61 -1.89 13.86
N ILE A 52 2.45 -1.00 12.89
CA ILE A 52 1.51 0.11 12.99
C ILE A 52 0.15 -0.26 12.41
N PRO A 53 -0.92 0.45 12.82
CA PRO A 53 -2.28 0.20 12.34
C PRO A 53 -2.38 0.22 10.81
N ALA A 54 -1.46 0.92 10.17
CA ALA A 54 -1.45 1.04 8.72
C ALA A 54 -1.17 -0.30 8.02
N VAL A 55 -0.29 -1.11 8.62
CA VAL A 55 0.06 -2.40 8.01
C VAL A 55 -1.17 -3.31 7.89
N PRO A 56 -1.90 -3.58 9.00
CA PRO A 56 -3.09 -4.44 8.96
C PRO A 56 -4.16 -3.86 8.05
N ILE A 57 -4.35 -2.55 8.15
CA ILE A 57 -5.33 -1.84 7.35
C ILE A 57 -5.03 -1.98 5.86
N LEU A 58 -3.74 -2.00 5.52
CA LEU A 58 -3.34 -2.13 4.13
C LEU A 58 -3.56 -3.57 3.67
N HIS A 59 -3.03 -4.52 4.44
CA HIS A 59 -3.20 -5.93 4.13
C HIS A 59 -4.69 -6.25 3.96
N SER A 60 -5.52 -5.47 4.64
CA SER A 60 -6.96 -5.64 4.57
C SER A 60 -7.52 -5.00 3.31
N MET A 61 -7.10 -3.78 3.02
CA MET A 61 -7.56 -3.08 1.83
C MET A 61 -7.19 -3.87 0.59
N VAL A 62 -6.15 -4.68 0.72
CA VAL A 62 -5.67 -5.52 -0.37
C VAL A 62 -6.80 -6.36 -0.93
N GLN A 63 -7.57 -6.98 -0.04
CA GLN A 63 -8.68 -7.83 -0.45
C GLN A 63 -9.90 -6.97 -0.81
N LYS A 64 -9.80 -5.67 -0.53
CA LYS A 64 -10.89 -4.76 -0.84
C LYS A 64 -10.65 -4.09 -2.19
N PHE A 65 -9.40 -4.13 -2.64
CA PHE A 65 -9.03 -3.54 -3.91
C PHE A 65 -8.11 -4.46 -4.71
N PRO A 66 -8.58 -5.65 -5.09
CA PRO A 66 -7.79 -6.61 -5.88
C PRO A 66 -7.21 -5.97 -7.12
N GLY A 67 -8.04 -5.21 -7.84
CA GLY A 67 -7.59 -4.52 -9.03
C GLY A 67 -6.36 -3.67 -8.76
N VAL A 68 -6.38 -2.99 -7.62
CA VAL A 68 -5.29 -2.14 -7.20
C VAL A 68 -4.06 -2.99 -6.90
N SER A 69 -2.88 -2.47 -7.25
CA SER A 69 -1.65 -3.21 -7.01
C SER A 69 -1.18 -3.07 -5.56
N PHE A 70 -1.55 -4.06 -4.74
CA PHE A 70 -1.17 -4.05 -3.34
C PHE A 70 0.33 -4.16 -3.18
N GLY A 71 0.92 -3.23 -2.45
CA GLY A 71 2.34 -3.23 -2.23
C GLY A 71 2.70 -2.73 -0.84
N ILE A 72 3.92 -3.01 -0.42
CA ILE A 72 4.39 -2.57 0.89
C ILE A 72 5.91 -2.62 0.94
N SER A 73 6.51 -1.66 1.64
CA SER A 73 7.96 -1.60 1.74
C SER A 73 8.40 -0.98 3.06
N THR A 74 9.63 -1.29 3.46
CA THR A 74 10.20 -0.77 4.70
C THR A 74 11.65 -0.36 4.49
N ASP A 75 12.15 -0.59 3.29
CA ASP A 75 13.53 -0.24 2.96
C ASP A 75 13.73 1.27 3.02
N SER A 76 14.89 1.69 3.51
CA SER A 76 15.21 3.10 3.64
C SER A 76 15.30 3.78 2.28
N GLU A 77 16.08 3.20 1.37
CA GLU A 77 16.26 3.78 0.04
C GLU A 77 14.91 4.09 -0.62
N VAL A 78 13.95 3.19 -0.46
CA VAL A 78 12.63 3.39 -1.04
C VAL A 78 11.87 4.47 -0.28
N LEU A 79 11.76 4.30 1.03
CA LEU A 79 11.07 5.28 1.87
C LEU A 79 11.73 6.64 1.74
N THR A 80 12.93 6.66 1.18
CA THR A 80 13.66 7.90 0.97
C THR A 80 13.37 8.45 -0.42
N HIS A 81 13.28 7.56 -1.39
CA HIS A 81 13.00 7.95 -2.77
C HIS A 81 11.64 8.62 -2.86
N TYR A 82 10.66 8.06 -2.14
CA TYR A 82 9.31 8.62 -2.15
C TYR A 82 9.16 9.67 -1.05
N ASN A 83 10.29 10.07 -0.48
CA ASN A 83 10.31 11.08 0.57
C ASN A 83 9.44 10.67 1.76
N ILE A 84 9.25 9.37 1.91
CA ILE A 84 8.44 8.84 3.01
C ILE A 84 9.05 9.21 4.36
N THR A 85 8.29 9.93 5.17
CA THR A 85 8.76 10.36 6.49
C THR A 85 7.67 10.22 7.55
N GLY A 86 7.08 9.02 7.64
CA GLY A 86 6.02 8.79 8.61
C GLY A 86 5.13 7.63 8.24
N ASN A 87 5.74 6.50 7.88
CA ASN A 87 4.98 5.32 7.49
C ASN A 87 3.91 5.67 6.46
N THR A 88 4.30 6.48 5.50
CA THR A 88 3.40 6.95 4.44
C THR A 88 2.99 5.83 3.48
N ILE A 89 1.81 6.01 2.88
CA ILE A 89 1.28 5.07 1.90
C ILE A 89 1.09 5.81 0.57
N CYS A 90 1.77 5.35 -0.47
CA CYS A 90 1.69 6.03 -1.76
C CYS A 90 0.90 5.24 -2.80
N LEU A 91 0.02 5.95 -3.51
CA LEU A 91 -0.79 5.36 -4.56
C LEU A 91 -0.37 5.92 -5.92
N PHE A 92 0.33 5.10 -6.70
CA PHE A 92 0.77 5.52 -8.02
C PHE A 92 -0.18 4.99 -9.09
N ARG A 93 -0.75 5.90 -9.88
CA ARG A 93 -1.68 5.51 -10.94
C ARG A 93 -1.01 5.60 -12.31
N LEU A 94 -0.25 4.56 -12.64
CA LEU A 94 0.47 4.45 -13.91
C LEU A 94 -0.16 5.29 -15.02
N VAL A 95 -1.43 5.02 -15.30
CA VAL A 95 -2.16 5.74 -16.34
C VAL A 95 -1.86 7.23 -16.34
N ASP A 96 -2.30 7.92 -15.30
CA ASP A 96 -2.08 9.36 -15.17
C ASP A 96 -0.79 9.65 -14.42
N ASN A 97 0.03 8.61 -14.25
CA ASN A 97 1.31 8.71 -13.57
C ASN A 97 1.22 9.54 -12.29
N GLU A 98 0.06 9.50 -11.65
CA GLU A 98 -0.15 10.24 -10.40
C GLU A 98 0.50 9.53 -9.23
N GLN A 99 0.74 10.27 -8.15
CA GLN A 99 1.35 9.70 -6.96
C GLN A 99 0.81 10.36 -5.70
N LEU A 100 -0.20 9.74 -5.09
CA LEU A 100 -0.80 10.26 -3.88
C LEU A 100 0.04 9.82 -2.69
N ASN A 101 0.18 10.68 -1.69
CA ASN A 101 0.99 10.33 -0.52
C ASN A 101 0.22 10.42 0.78
N LEU A 102 -0.35 9.30 1.21
CA LEU A 102 -1.06 9.23 2.47
C LEU A 102 -0.03 9.18 3.59
N GLU A 103 0.54 10.33 3.91
CA GLU A 103 1.59 10.45 4.91
C GLU A 103 1.07 10.41 6.34
N ASP A 104 1.93 10.80 7.28
CA ASP A 104 1.60 10.81 8.70
C ASP A 104 0.29 11.56 8.97
N GLU A 105 0.04 12.61 8.20
CA GLU A 105 -1.18 13.39 8.35
C GLU A 105 -2.40 12.49 8.24
N ASP A 106 -2.19 11.30 7.67
CA ASP A 106 -3.25 10.33 7.49
C ASP A 106 -2.86 8.95 8.04
N ILE A 107 -1.57 8.77 8.33
CA ILE A 107 -1.08 7.49 8.85
C ILE A 107 -1.15 7.45 10.38
N GLU A 108 -0.99 8.60 11.01
CA GLU A 108 -1.03 8.69 12.48
C GLU A 108 -2.32 8.10 13.02
N SER A 109 -3.42 8.30 12.29
CA SER A 109 -4.71 7.77 12.70
C SER A 109 -5.40 7.08 11.53
N ILE A 110 -4.61 6.37 10.74
CA ILE A 110 -5.13 5.65 9.58
C ILE A 110 -6.11 4.56 9.99
N ASP A 111 -7.15 4.40 9.17
CA ASP A 111 -8.17 3.39 9.39
C ASP A 111 -8.49 2.69 8.09
N ALA A 112 -8.87 1.41 8.16
CA ALA A 112 -9.18 0.67 6.94
C ALA A 112 -10.12 1.47 6.04
N THR A 113 -11.05 2.19 6.67
CA THR A 113 -11.99 3.03 5.95
C THR A 113 -11.25 4.11 5.18
N LYS A 114 -10.32 4.77 5.85
CA LYS A 114 -9.52 5.84 5.24
C LYS A 114 -8.73 5.33 4.05
N LEU A 115 -7.85 4.36 4.28
CA LEU A 115 -7.04 3.79 3.21
C LEU A 115 -7.92 3.43 2.01
N SER A 116 -8.92 2.60 2.27
CA SER A 116 -9.85 2.17 1.23
C SER A 116 -10.54 3.37 0.58
N ARG A 117 -10.74 4.43 1.36
CA ARG A 117 -11.38 5.63 0.87
C ARG A 117 -10.45 6.35 -0.10
N PHE A 118 -9.33 6.85 0.42
CA PHE A 118 -8.36 7.54 -0.40
C PHE A 118 -8.15 6.82 -1.71
N ILE A 119 -8.01 5.50 -1.64
CA ILE A 119 -7.86 4.68 -2.83
C ILE A 119 -9.08 4.84 -3.72
N GLU A 120 -10.25 4.57 -3.14
CA GLU A 120 -11.50 4.68 -3.86
C GLU A 120 -11.64 6.08 -4.46
N ILE A 121 -10.86 7.01 -3.92
CA ILE A 121 -10.89 8.39 -4.38
C ILE A 121 -9.92 8.63 -5.54
N ASN A 122 -8.76 7.98 -5.51
CA ASN A 122 -7.77 8.14 -6.56
C ASN A 122 -7.37 6.82 -7.20
N SER A 123 -8.29 5.87 -7.23
CA SER A 123 -8.02 4.57 -7.84
C SER A 123 -8.22 4.64 -9.36
N LEU A 124 -7.76 5.73 -9.95
CA LEU A 124 -7.89 5.94 -11.39
C LEU A 124 -6.72 5.36 -12.16
N GLU A 9 9.13 -15.50 18.87
CA GLU A 9 9.71 -14.13 18.79
C GLU A 9 8.68 -13.08 19.15
N VAL A 10 7.43 -13.32 18.75
CA VAL A 10 6.35 -12.38 19.03
C VAL A 10 5.09 -13.11 19.52
N GLU A 11 5.28 -14.35 19.97
CA GLU A 11 4.18 -15.16 20.48
C GLU A 11 3.06 -15.29 19.45
N LYS A 12 3.44 -15.58 18.21
CA LYS A 12 2.47 -15.74 17.12
C LYS A 12 1.61 -14.48 16.98
N SER A 13 2.13 -13.50 16.25
CA SER A 13 1.41 -12.25 16.04
C SER A 13 0.07 -12.51 15.34
N SER A 14 -1.01 -12.04 15.95
CA SER A 14 -2.35 -12.21 15.38
C SER A 14 -2.80 -10.97 14.64
N ASP A 15 -2.76 -11.03 13.31
CA ASP A 15 -3.16 -9.90 12.48
C ASP A 15 -4.48 -10.20 11.77
N GLY A 16 -4.90 -11.47 11.81
CA GLY A 16 -6.13 -11.86 11.17
C GLY A 16 -6.31 -13.38 11.12
N PRO A 17 -7.56 -13.86 11.05
CA PRO A 17 -7.84 -15.31 11.00
C PRO A 17 -7.21 -15.98 9.79
N GLY A 18 -7.14 -15.25 8.68
CA GLY A 18 -6.56 -15.80 7.47
C GLY A 18 -5.47 -14.90 6.89
N ALA A 19 -5.50 -14.73 5.57
CA ALA A 19 -4.51 -13.91 4.89
C ALA A 19 -4.88 -13.73 3.43
N ALA A 20 -5.13 -14.86 2.75
CA ALA A 20 -5.49 -14.85 1.34
C ALA A 20 -4.41 -14.22 0.48
N GLN A 21 -4.42 -12.90 0.39
CA GLN A 21 -3.42 -12.17 -0.40
C GLN A 21 -2.81 -11.05 0.41
N GLU A 22 -1.50 -10.83 0.21
CA GLU A 22 -0.78 -9.79 0.93
C GLU A 22 -0.08 -8.83 -0.03
N PRO A 23 0.24 -7.60 0.42
CA PRO A 23 0.91 -6.60 -0.41
C PRO A 23 2.33 -7.01 -0.78
N THR A 24 2.73 -6.66 -2.01
CA THR A 24 4.07 -6.99 -2.50
C THR A 24 5.16 -6.40 -1.61
N TRP A 25 6.29 -7.08 -1.55
CA TRP A 25 7.42 -6.62 -0.76
C TRP A 25 8.43 -5.87 -1.62
N LEU A 26 8.20 -4.59 -1.81
CA LEU A 26 9.07 -3.74 -2.63
C LEU A 26 10.28 -3.28 -1.81
N THR A 27 11.20 -4.21 -1.56
CA THR A 27 12.39 -3.92 -0.78
C THR A 27 13.39 -3.04 -1.55
N ASP A 28 13.07 -2.71 -2.78
CA ASP A 28 13.95 -1.87 -3.59
C ASP A 28 13.18 -0.88 -4.44
N VAL A 29 13.78 0.29 -4.66
CA VAL A 29 13.14 1.34 -5.46
C VAL A 29 12.77 0.83 -6.85
N PRO A 30 13.69 0.17 -7.58
CA PRO A 30 13.41 -0.34 -8.92
C PRO A 30 12.23 -1.32 -8.92
N ALA A 31 12.23 -2.23 -7.96
CA ALA A 31 11.16 -3.22 -7.86
C ALA A 31 9.83 -2.54 -7.56
N ALA A 32 9.91 -1.47 -6.78
CA ALA A 32 8.72 -0.71 -6.42
C ALA A 32 8.12 -0.07 -7.67
N MET A 33 8.92 0.75 -8.33
CA MET A 33 8.49 1.45 -9.54
C MET A 33 8.11 0.46 -10.64
N GLU A 34 8.70 -0.74 -10.59
CA GLU A 34 8.41 -1.76 -11.59
C GLU A 34 7.01 -2.31 -11.38
N PHE A 35 6.70 -2.69 -10.14
CA PHE A 35 5.39 -3.21 -9.82
C PHE A 35 4.33 -2.17 -10.14
N ILE A 36 4.68 -0.90 -9.94
CA ILE A 36 3.76 0.20 -10.25
C ILE A 36 3.63 0.39 -11.75
N ALA A 37 4.75 0.22 -12.46
CA ALA A 37 4.78 0.37 -13.90
C ALA A 37 4.12 -0.82 -14.59
N ALA A 38 3.98 -1.92 -13.85
CA ALA A 38 3.38 -3.13 -14.38
C ALA A 38 1.90 -3.22 -14.01
N THR A 39 1.28 -2.07 -13.80
CA THR A 39 -0.13 -2.02 -13.45
C THR A 39 -0.67 -0.59 -13.52
N GLU A 40 -1.98 -0.47 -13.77
CA GLU A 40 -2.62 0.84 -13.87
C GLU A 40 -2.58 1.56 -12.53
N VAL A 41 -3.26 1.00 -11.53
CA VAL A 41 -3.30 1.59 -10.20
C VAL A 41 -2.48 0.75 -9.22
N ALA A 42 -1.71 1.43 -8.37
CA ALA A 42 -0.86 0.73 -7.41
C ALA A 42 -0.86 1.43 -6.05
N VAL A 43 -1.15 0.67 -5.01
CA VAL A 43 -1.16 1.20 -3.66
C VAL A 43 -0.07 0.52 -2.85
N ILE A 44 0.77 1.32 -2.22
CA ILE A 44 1.90 0.79 -1.46
C ILE A 44 2.04 1.46 -0.10
N GLY A 45 2.34 0.63 0.91
CA GLY A 45 2.51 1.13 2.25
C GLY A 45 3.97 1.25 2.66
N PHE A 46 4.52 2.46 2.56
CA PHE A 46 5.91 2.69 2.92
C PHE A 46 6.02 2.95 4.42
N PHE A 47 6.26 1.89 5.17
CA PHE A 47 6.34 1.98 6.63
C PHE A 47 7.75 1.74 7.15
N GLN A 48 8.08 2.42 8.24
CA GLN A 48 9.38 2.26 8.89
C GLN A 48 9.25 1.23 9.99
N ASP A 49 7.99 0.86 10.27
CA ASP A 49 7.66 -0.12 11.28
C ASP A 49 6.42 -0.89 10.86
N LEU A 50 6.57 -2.20 10.67
CA LEU A 50 5.45 -3.02 10.25
C LEU A 50 4.64 -3.52 11.44
N GLU A 51 4.36 -2.62 12.36
CA GLU A 51 3.59 -2.94 13.55
C GLU A 51 2.57 -1.84 13.83
N ILE A 52 2.42 -0.94 12.85
CA ILE A 52 1.48 0.17 12.97
C ILE A 52 0.13 -0.17 12.33
N PRO A 53 -0.95 0.48 12.78
CA PRO A 53 -2.31 0.25 12.24
C PRO A 53 -2.36 0.26 10.73
N ALA A 54 -1.46 1.01 10.12
CA ALA A 54 -1.42 1.14 8.67
C ALA A 54 -1.12 -0.19 7.97
N VAL A 55 -0.25 -1.00 8.57
CA VAL A 55 0.12 -2.28 7.97
C VAL A 55 -1.10 -3.21 7.84
N PRO A 56 -1.82 -3.51 8.95
CA PRO A 56 -3.01 -4.37 8.89
C PRO A 56 -4.08 -3.79 7.98
N ILE A 57 -4.27 -2.48 8.11
CA ILE A 57 -5.26 -1.77 7.31
C ILE A 57 -4.96 -1.88 5.82
N LEU A 58 -3.68 -1.92 5.47
CA LEU A 58 -3.27 -2.07 4.09
C LEU A 58 -3.52 -3.49 3.64
N HIS A 59 -2.98 -4.45 4.39
CA HIS A 59 -3.17 -5.85 4.08
C HIS A 59 -4.66 -6.15 3.90
N SER A 60 -5.49 -5.35 4.57
CA SER A 60 -6.94 -5.52 4.51
C SER A 60 -7.48 -4.89 3.23
N MET A 61 -7.05 -3.67 2.94
CA MET A 61 -7.49 -2.97 1.74
C MET A 61 -7.13 -3.78 0.51
N VAL A 62 -6.08 -4.60 0.65
CA VAL A 62 -5.62 -5.46 -0.43
C VAL A 62 -6.76 -6.30 -0.99
N GLN A 63 -7.47 -6.97 -0.08
CA GLN A 63 -8.58 -7.83 -0.47
C GLN A 63 -9.80 -6.98 -0.85
N LYS A 64 -9.72 -5.69 -0.54
CA LYS A 64 -10.81 -4.77 -0.84
C LYS A 64 -10.60 -4.11 -2.19
N PHE A 65 -9.36 -4.16 -2.66
CA PHE A 65 -8.99 -3.57 -3.95
C PHE A 65 -8.09 -4.49 -4.75
N PRO A 66 -8.58 -5.69 -5.13
CA PRO A 66 -7.82 -6.65 -5.93
C PRO A 66 -7.26 -6.02 -7.19
N GLY A 67 -8.08 -5.19 -7.83
CA GLY A 67 -7.66 -4.51 -9.04
C GLY A 67 -6.43 -3.66 -8.79
N VAL A 68 -6.42 -3.00 -7.63
CA VAL A 68 -5.29 -2.16 -7.24
C VAL A 68 -4.07 -3.02 -6.95
N SER A 69 -2.89 -2.52 -7.28
CA SER A 69 -1.67 -3.27 -7.05
C SER A 69 -1.20 -3.12 -5.61
N PHE A 70 -1.52 -4.10 -4.78
CA PHE A 70 -1.13 -4.09 -3.38
C PHE A 70 0.39 -4.12 -3.23
N GLY A 71 0.91 -3.20 -2.45
CA GLY A 71 2.34 -3.14 -2.24
C GLY A 71 2.70 -2.65 -0.85
N ILE A 72 3.92 -2.91 -0.44
CA ILE A 72 4.39 -2.51 0.88
C ILE A 72 5.91 -2.55 0.93
N SER A 73 6.51 -1.62 1.67
CA SER A 73 7.96 -1.57 1.76
C SER A 73 8.42 -0.94 3.08
N THR A 74 9.65 -1.25 3.46
CA THR A 74 10.24 -0.73 4.69
C THR A 74 11.69 -0.32 4.48
N ASP A 75 12.17 -0.56 3.26
CA ASP A 75 13.55 -0.22 2.91
C ASP A 75 13.74 1.29 2.93
N SER A 76 14.89 1.72 3.44
CA SER A 76 15.20 3.13 3.53
C SER A 76 15.29 3.78 2.15
N GLU A 77 16.05 3.15 1.25
CA GLU A 77 16.22 3.68 -0.11
C GLU A 77 14.89 4.01 -0.76
N VAL A 78 13.90 3.14 -0.56
CA VAL A 78 12.58 3.37 -1.13
C VAL A 78 11.85 4.47 -0.38
N LEU A 79 11.73 4.31 0.94
CA LEU A 79 11.06 5.31 1.77
C LEU A 79 11.74 6.66 1.61
N THR A 80 12.93 6.65 1.03
CA THR A 80 13.68 7.88 0.80
C THR A 80 13.39 8.42 -0.59
N HIS A 81 13.33 7.52 -1.57
CA HIS A 81 13.05 7.90 -2.94
C HIS A 81 11.68 8.56 -3.05
N TYR A 82 10.74 8.09 -2.23
CA TYR A 82 9.39 8.64 -2.22
C TYR A 82 9.25 9.70 -1.12
N ASN A 83 10.38 10.09 -0.53
CA ASN A 83 10.40 11.09 0.53
C ASN A 83 9.50 10.70 1.71
N ILE A 84 9.31 9.39 1.89
CA ILE A 84 8.48 8.89 2.98
C ILE A 84 9.08 9.24 4.33
N THR A 85 8.31 9.95 5.16
CA THR A 85 8.77 10.35 6.48
C THR A 85 7.66 10.26 7.51
N GLY A 86 7.04 9.09 7.61
CA GLY A 86 5.97 8.89 8.57
C GLY A 86 5.08 7.72 8.22
N ASN A 87 5.70 6.60 7.83
CA ASN A 87 4.95 5.40 7.47
C ASN A 87 3.88 5.75 6.43
N THR A 88 4.27 6.57 5.47
CA THR A 88 3.37 7.03 4.42
C THR A 88 2.97 5.90 3.46
N ILE A 89 1.78 6.06 2.89
CA ILE A 89 1.24 5.09 1.91
C ILE A 89 1.04 5.81 0.58
N CYS A 90 1.77 5.39 -0.44
CA CYS A 90 1.68 6.04 -1.74
C CYS A 90 0.87 5.24 -2.76
N LEU A 91 -0.07 5.93 -3.39
CA LEU A 91 -0.90 5.33 -4.43
C LEU A 91 -0.48 5.88 -5.79
N PHE A 92 0.30 5.08 -6.53
CA PHE A 92 0.77 5.50 -7.85
C PHE A 92 -0.15 4.96 -8.94
N ARG A 93 -0.69 5.87 -9.74
CA ARG A 93 -1.58 5.49 -10.84
C ARG A 93 -0.88 5.65 -12.18
N LEU A 94 -0.28 4.55 -12.64
CA LEU A 94 0.46 4.50 -13.91
C LEU A 94 -0.21 5.32 -15.02
N VAL A 95 -1.49 5.06 -15.27
CA VAL A 95 -2.23 5.77 -16.31
C VAL A 95 -1.91 7.25 -16.34
N ASP A 96 -2.14 7.92 -15.21
CA ASP A 96 -1.89 9.36 -15.11
C ASP A 96 -0.59 9.63 -14.34
N ASN A 97 0.15 8.55 -14.08
CA ASN A 97 1.42 8.64 -13.36
C ASN A 97 1.29 9.49 -12.09
N GLU A 98 0.12 9.41 -11.47
CA GLU A 98 -0.14 10.17 -10.24
C GLU A 98 0.52 9.50 -9.05
N GLN A 99 0.73 10.28 -7.99
CA GLN A 99 1.36 9.76 -6.77
C GLN A 99 0.71 10.36 -5.53
N LEU A 100 -0.30 9.68 -5.01
CA LEU A 100 -1.01 10.13 -3.82
C LEU A 100 -0.23 9.71 -2.58
N ASN A 101 0.27 10.69 -1.82
CA ASN A 101 1.04 10.40 -0.63
C ASN A 101 0.24 10.51 0.65
N LEU A 102 -0.23 9.37 1.14
CA LEU A 102 -0.98 9.30 2.39
C LEU A 102 0.02 9.27 3.54
N GLU A 103 0.58 10.43 3.86
CA GLU A 103 1.61 10.55 4.88
C GLU A 103 1.05 10.52 6.30
N ASP A 104 1.90 10.91 7.25
CA ASP A 104 1.54 10.94 8.67
C ASP A 104 0.22 11.67 8.92
N GLU A 105 -0.02 12.75 8.19
CA GLU A 105 -1.24 13.52 8.35
C GLU A 105 -2.46 12.61 8.16
N ASP A 106 -2.22 11.44 7.59
CA ASP A 106 -3.28 10.46 7.35
C ASP A 106 -2.90 9.08 7.92
N ILE A 107 -1.63 8.90 8.25
CA ILE A 107 -1.14 7.63 8.78
C ILE A 107 -1.24 7.60 10.31
N GLU A 108 -1.14 8.77 10.93
CA GLU A 108 -1.20 8.90 12.39
C GLU A 108 -2.50 8.29 12.91
N SER A 109 -3.58 8.48 12.17
CA SER A 109 -4.89 7.96 12.56
C SER A 109 -5.53 7.21 11.40
N ILE A 110 -4.70 6.52 10.62
CA ILE A 110 -5.17 5.76 9.47
C ILE A 110 -6.13 4.65 9.89
N ASP A 111 -7.16 4.44 9.07
CA ASP A 111 -8.14 3.40 9.33
C ASP A 111 -8.46 2.67 8.03
N ALA A 112 -8.82 1.40 8.11
CA ALA A 112 -9.12 0.62 6.92
C ALA A 112 -10.07 1.39 6.01
N THR A 113 -11.01 2.11 6.62
CA THR A 113 -11.97 2.91 5.88
C THR A 113 -11.25 4.01 5.11
N LYS A 114 -10.36 4.72 5.80
CA LYS A 114 -9.59 5.79 5.19
C LYS A 114 -8.77 5.31 4.01
N LEU A 115 -7.87 4.36 4.25
CA LEU A 115 -7.04 3.81 3.18
C LEU A 115 -7.92 3.41 1.99
N SER A 116 -8.90 2.55 2.25
CA SER A 116 -9.80 2.09 1.21
C SER A 116 -10.53 3.27 0.56
N ARG A 117 -10.72 4.33 1.34
CA ARG A 117 -11.40 5.52 0.84
C ARG A 117 -10.50 6.27 -0.13
N PHE A 118 -9.40 6.81 0.40
CA PHE A 118 -8.43 7.54 -0.41
C PHE A 118 -8.19 6.81 -1.72
N ILE A 119 -8.08 5.48 -1.63
CA ILE A 119 -7.88 4.67 -2.82
C ILE A 119 -9.11 4.76 -3.71
N GLU A 120 -10.27 4.45 -3.14
CA GLU A 120 -11.54 4.50 -3.87
C GLU A 120 -11.71 5.89 -4.50
N ILE A 121 -10.95 6.84 -3.99
CA ILE A 121 -11.01 8.21 -4.46
C ILE A 121 -10.03 8.46 -5.60
N ASN A 122 -8.83 7.88 -5.51
CA ASN A 122 -7.81 8.08 -6.54
C ASN A 122 -7.47 6.76 -7.23
N SER A 123 -8.40 5.82 -7.25
CA SER A 123 -8.17 4.53 -7.90
C SER A 123 -8.40 4.66 -9.40
N LEU A 124 -7.73 5.63 -10.01
CA LEU A 124 -7.85 5.87 -11.44
C LEU A 124 -6.65 5.31 -12.19
N GLU A 9 -0.69 -40.17 1.88
CA GLU A 9 -0.80 -38.71 2.11
C GLU A 9 -1.59 -38.03 0.99
N VAL A 10 -2.34 -37.00 1.35
CA VAL A 10 -3.15 -36.26 0.38
C VAL A 10 -3.42 -34.83 0.85
N GLU A 11 -3.49 -34.66 2.17
CA GLU A 11 -3.75 -33.35 2.75
C GLU A 11 -2.43 -32.65 3.10
N LYS A 12 -2.30 -31.40 2.69
CA LYS A 12 -1.09 -30.62 2.95
C LYS A 12 -1.26 -29.78 4.21
N SER A 13 -0.14 -29.31 4.75
CA SER A 13 -0.16 -28.49 5.95
C SER A 13 0.85 -27.35 5.86
N SER A 14 1.30 -27.07 4.64
CA SER A 14 2.27 -26.01 4.40
C SER A 14 1.57 -24.67 4.16
N ASP A 15 0.51 -24.69 3.36
CA ASP A 15 -0.23 -23.48 3.04
C ASP A 15 -1.70 -23.79 2.80
N GLY A 16 -2.49 -23.76 3.88
CA GLY A 16 -3.90 -24.05 3.77
C GLY A 16 -4.76 -22.81 3.93
N PRO A 17 -6.07 -22.96 4.19
CA PRO A 17 -6.99 -21.83 4.37
C PRO A 17 -6.47 -20.81 5.38
N GLY A 18 -5.86 -19.75 4.87
CA GLY A 18 -5.33 -18.72 5.75
C GLY A 18 -4.26 -17.87 5.07
N ALA A 19 -4.70 -16.94 4.24
CA ALA A 19 -3.78 -16.06 3.52
C ALA A 19 -4.51 -14.82 3.00
N ALA A 20 -5.43 -15.03 2.06
CA ALA A 20 -6.21 -13.95 1.49
C ALA A 20 -5.30 -12.86 0.91
N GLN A 21 -4.37 -13.28 0.06
CA GLN A 21 -3.40 -12.39 -0.60
C GLN A 21 -2.73 -11.43 0.38
N GLU A 22 -1.74 -10.70 -0.12
CA GLU A 22 -1.00 -9.73 0.69
C GLU A 22 -0.19 -8.79 -0.20
N PRO A 23 0.20 -7.61 0.32
CA PRO A 23 0.97 -6.63 -0.46
C PRO A 23 2.39 -7.09 -0.74
N THR A 24 2.83 -6.87 -1.98
CA THR A 24 4.17 -7.26 -2.43
C THR A 24 5.25 -6.56 -1.61
N TRP A 25 6.41 -7.21 -1.50
CA TRP A 25 7.53 -6.66 -0.75
C TRP A 25 8.48 -5.90 -1.69
N LEU A 26 8.33 -4.58 -1.71
CA LEU A 26 9.17 -3.73 -2.55
C LEU A 26 10.38 -3.23 -1.77
N THR A 27 11.29 -4.15 -1.48
CA THR A 27 12.49 -3.83 -0.71
C THR A 27 13.48 -2.96 -1.51
N ASP A 28 13.13 -2.67 -2.75
CA ASP A 28 14.01 -1.85 -3.58
C ASP A 28 13.21 -0.85 -4.42
N VAL A 29 13.81 0.31 -4.66
CA VAL A 29 13.18 1.35 -5.45
C VAL A 29 12.79 0.85 -6.84
N PRO A 30 13.72 0.21 -7.58
CA PRO A 30 13.43 -0.31 -8.92
C PRO A 30 12.28 -1.30 -8.91
N ALA A 31 12.29 -2.21 -7.93
CA ALA A 31 11.25 -3.22 -7.82
C ALA A 31 9.90 -2.55 -7.53
N ALA A 32 9.96 -1.50 -6.74
CA ALA A 32 8.76 -0.75 -6.39
C ALA A 32 8.14 -0.13 -7.64
N MET A 33 8.95 0.67 -8.33
CA MET A 33 8.51 1.34 -9.55
C MET A 33 8.14 0.33 -10.62
N GLU A 34 8.74 -0.85 -10.57
CA GLU A 34 8.47 -1.89 -11.56
C GLU A 34 7.06 -2.44 -11.36
N PHE A 35 6.75 -2.82 -10.12
CA PHE A 35 5.43 -3.35 -9.81
C PHE A 35 4.38 -2.29 -10.10
N ILE A 36 4.74 -1.02 -9.90
CA ILE A 36 3.83 0.08 -10.18
C ILE A 36 3.69 0.26 -11.69
N ALA A 37 4.79 0.05 -12.41
CA ALA A 37 4.80 0.19 -13.85
C ALA A 37 4.10 -1.00 -14.52
N ALA A 38 3.99 -2.11 -13.78
CA ALA A 38 3.36 -3.30 -14.30
C ALA A 38 1.87 -3.34 -13.95
N THR A 39 1.28 -2.15 -13.82
CA THR A 39 -0.13 -2.04 -13.49
C THR A 39 -0.61 -0.59 -13.57
N GLU A 40 -1.91 -0.42 -13.81
CA GLU A 40 -2.51 0.91 -13.91
C GLU A 40 -2.49 1.62 -12.55
N VAL A 41 -3.15 1.02 -11.56
CA VAL A 41 -3.20 1.61 -10.22
C VAL A 41 -2.38 0.78 -9.25
N ALA A 42 -1.63 1.44 -8.38
CA ALA A 42 -0.79 0.74 -7.40
C ALA A 42 -0.77 1.46 -6.06
N VAL A 43 -1.06 0.70 -5.01
CA VAL A 43 -1.04 1.23 -3.66
C VAL A 43 0.02 0.53 -2.85
N ILE A 44 0.85 1.32 -2.19
CA ILE A 44 1.96 0.76 -1.42
C ILE A 44 2.11 1.42 -0.05
N GLY A 45 2.35 0.59 0.95
CA GLY A 45 2.52 1.07 2.31
C GLY A 45 3.98 1.19 2.71
N PHE A 46 4.51 2.40 2.65
CA PHE A 46 5.90 2.66 3.01
C PHE A 46 5.99 2.89 4.51
N PHE A 47 6.28 1.83 5.25
CA PHE A 47 6.36 1.92 6.71
C PHE A 47 7.75 1.65 7.23
N GLN A 48 8.14 2.40 8.26
CA GLN A 48 9.44 2.23 8.90
C GLN A 48 9.29 1.20 10.01
N ASP A 49 8.05 0.75 10.18
CA ASP A 49 7.70 -0.24 11.20
C ASP A 49 6.45 -0.98 10.79
N LEU A 50 6.52 -2.30 10.69
CA LEU A 50 5.36 -3.10 10.30
C LEU A 50 4.56 -3.57 11.51
N GLU A 51 4.32 -2.65 12.43
CA GLU A 51 3.55 -2.96 13.63
C GLU A 51 2.53 -1.85 13.90
N ILE A 52 2.43 -0.94 12.93
CA ILE A 52 1.50 0.18 13.03
C ILE A 52 0.14 -0.17 12.42
N PRO A 53 -0.93 0.52 12.86
CA PRO A 53 -2.29 0.28 12.35
C PRO A 53 -2.37 0.30 10.83
N ALA A 54 -1.45 1.03 10.20
CA ALA A 54 -1.42 1.16 8.75
C ALA A 54 -1.16 -0.17 8.05
N VAL A 55 -0.30 -1.00 8.63
CA VAL A 55 0.04 -2.28 8.03
C VAL A 55 -1.18 -3.20 7.91
N PRO A 56 -1.88 -3.49 9.03
CA PRO A 56 -3.07 -4.35 8.99
C PRO A 56 -4.15 -3.76 8.09
N ILE A 57 -4.27 -2.44 8.12
CA ILE A 57 -5.25 -1.73 7.32
C ILE A 57 -4.95 -1.87 5.84
N LEU A 58 -3.66 -1.90 5.49
CA LEU A 58 -3.25 -2.06 4.11
C LEU A 58 -3.47 -3.50 3.67
N HIS A 59 -2.93 -4.43 4.45
CA HIS A 59 -3.09 -5.86 4.15
C HIS A 59 -4.57 -6.19 4.04
N SER A 60 -5.41 -5.37 4.65
CA SER A 60 -6.85 -5.56 4.61
C SER A 60 -7.45 -4.93 3.36
N MET A 61 -7.00 -3.72 3.04
CA MET A 61 -7.49 -3.02 1.86
C MET A 61 -7.14 -3.83 0.61
N VAL A 62 -6.07 -4.62 0.73
CA VAL A 62 -5.60 -5.46 -0.36
C VAL A 62 -6.74 -6.31 -0.92
N GLN A 63 -7.47 -6.97 -0.03
CA GLN A 63 -8.58 -7.81 -0.44
C GLN A 63 -9.77 -6.95 -0.87
N LYS A 64 -9.72 -5.67 -0.51
CA LYS A 64 -10.80 -4.74 -0.85
C LYS A 64 -10.52 -4.08 -2.19
N PHE A 65 -9.26 -4.16 -2.63
CA PHE A 65 -8.86 -3.57 -3.90
C PHE A 65 -7.93 -4.50 -4.67
N PRO A 66 -8.42 -5.69 -5.06
CA PRO A 66 -7.64 -6.67 -5.83
C PRO A 66 -7.05 -6.04 -7.09
N GLY A 67 -7.88 -5.26 -7.79
CA GLY A 67 -7.44 -4.60 -9.00
C GLY A 67 -6.22 -3.73 -8.74
N VAL A 68 -6.25 -3.02 -7.62
CA VAL A 68 -5.14 -2.15 -7.22
C VAL A 68 -3.91 -3.00 -6.91
N SER A 69 -2.74 -2.51 -7.29
CA SER A 69 -1.51 -3.25 -7.03
C SER A 69 -1.08 -3.07 -5.57
N PHE A 70 -1.42 -4.06 -4.76
CA PHE A 70 -1.08 -4.04 -3.34
C PHE A 70 0.43 -4.18 -3.15
N GLY A 71 1.01 -3.22 -2.44
CA GLY A 71 2.43 -3.24 -2.19
C GLY A 71 2.77 -2.73 -0.80
N ILE A 72 3.99 -3.00 -0.37
CA ILE A 72 4.44 -2.57 0.95
C ILE A 72 5.96 -2.61 1.01
N SER A 73 6.54 -1.63 1.68
CA SER A 73 7.99 -1.55 1.78
C SER A 73 8.44 -0.96 3.11
N THR A 74 9.64 -1.33 3.54
CA THR A 74 10.20 -0.84 4.79
C THR A 74 11.66 -0.44 4.59
N ASP A 75 12.13 -0.55 3.34
CA ASP A 75 13.50 -0.20 3.01
C ASP A 75 13.70 1.31 3.04
N SER A 76 14.85 1.74 3.54
CA SER A 76 15.16 3.16 3.65
C SER A 76 15.24 3.82 2.27
N GLU A 77 16.02 3.21 1.37
CA GLU A 77 16.18 3.74 0.02
C GLU A 77 14.85 4.06 -0.64
N VAL A 78 13.89 3.15 -0.51
CA VAL A 78 12.58 3.35 -1.09
C VAL A 78 11.82 4.44 -0.35
N LEU A 79 11.74 4.30 0.96
CA LEU A 79 11.05 5.28 1.80
C LEU A 79 11.70 6.65 1.63
N THR A 80 12.89 6.66 1.07
CA THR A 80 13.62 7.90 0.82
C THR A 80 13.28 8.45 -0.56
N HIS A 81 13.21 7.56 -1.53
CA HIS A 81 12.89 7.94 -2.90
C HIS A 81 11.50 8.57 -2.97
N TYR A 82 10.58 8.04 -2.18
CA TYR A 82 9.22 8.55 -2.14
C TYR A 82 9.07 9.61 -1.04
N ASN A 83 10.20 10.04 -0.50
CA ASN A 83 10.22 11.05 0.55
C ASN A 83 9.37 10.64 1.75
N ILE A 84 9.16 9.33 1.89
CA ILE A 84 8.36 8.80 3.00
C ILE A 84 8.96 9.21 4.34
N THR A 85 8.20 9.98 5.12
CA THR A 85 8.67 10.45 6.42
C THR A 85 7.57 10.31 7.48
N GLY A 86 7.05 9.11 7.64
CA GLY A 86 6.01 8.87 8.63
C GLY A 86 5.11 7.71 8.28
N ASN A 87 5.73 6.59 7.89
CA ASN A 87 4.98 5.39 7.52
C ASN A 87 3.90 5.74 6.50
N THR A 88 4.29 6.55 5.52
CA THR A 88 3.37 7.00 4.47
C THR A 88 2.96 5.88 3.52
N ILE A 89 1.79 6.05 2.92
CA ILE A 89 1.26 5.11 1.93
C ILE A 89 1.06 5.83 0.62
N CYS A 90 1.76 5.40 -0.43
CA CYS A 90 1.66 6.07 -1.71
C CYS A 90 0.87 5.27 -2.74
N LEU A 91 0.01 5.97 -3.45
CA LEU A 91 -0.81 5.37 -4.50
C LEU A 91 -0.40 5.92 -5.87
N PHE A 92 0.37 5.13 -6.61
CA PHE A 92 0.81 5.57 -7.93
C PHE A 92 -0.12 5.02 -9.00
N ARG A 93 -0.65 5.92 -9.83
CA ARG A 93 -1.58 5.52 -10.89
C ARG A 93 -0.91 5.63 -12.25
N LEU A 94 -0.16 4.57 -12.61
CA LEU A 94 0.56 4.49 -13.88
C LEU A 94 -0.05 5.37 -14.98
N VAL A 95 -1.32 5.12 -15.29
CA VAL A 95 -2.03 5.88 -16.32
C VAL A 95 -1.65 7.35 -16.32
N ASP A 96 -2.19 8.09 -15.37
CA ASP A 96 -1.92 9.52 -15.26
C ASP A 96 -0.58 9.75 -14.53
N ASN A 97 0.09 8.65 -14.23
CA ASN A 97 1.38 8.70 -13.55
C ASN A 97 1.30 9.51 -12.25
N GLU A 98 0.13 9.48 -11.61
CA GLU A 98 -0.07 10.20 -10.36
C GLU A 98 0.63 9.49 -9.21
N GLN A 99 0.85 10.23 -8.13
CA GLN A 99 1.50 9.68 -6.96
C GLN A 99 0.93 10.29 -5.68
N LEU A 100 -0.14 9.70 -5.18
CA LEU A 100 -0.78 10.17 -3.95
C LEU A 100 0.08 9.78 -2.75
N ASN A 101 0.12 10.64 -1.74
CA ASN A 101 0.92 10.36 -0.55
C ASN A 101 0.13 10.49 0.75
N LEU A 102 -0.32 9.36 1.25
CA LEU A 102 -1.04 9.30 2.51
C LEU A 102 -0.02 9.24 3.63
N GLU A 103 0.56 10.41 3.95
CA GLU A 103 1.61 10.50 4.96
C GLU A 103 1.08 10.49 6.38
N ASP A 104 1.96 10.88 7.31
CA ASP A 104 1.63 10.91 8.73
C ASP A 104 0.33 11.66 9.01
N GLU A 105 0.09 12.74 8.27
CA GLU A 105 -1.13 13.53 8.44
C GLU A 105 -2.36 12.64 8.29
N ASP A 106 -2.14 11.45 7.74
CA ASP A 106 -3.22 10.49 7.52
C ASP A 106 -2.85 9.10 8.06
N ILE A 107 -1.57 8.89 8.36
CA ILE A 107 -1.09 7.60 8.88
C ILE A 107 -1.19 7.53 10.40
N GLU A 108 -1.03 8.68 11.07
CA GLU A 108 -1.10 8.73 12.52
C GLU A 108 -2.43 8.17 13.03
N SER A 109 -3.49 8.43 12.26
CA SER A 109 -4.83 7.96 12.62
C SER A 109 -5.48 7.25 11.44
N ILE A 110 -4.68 6.47 10.72
CA ILE A 110 -5.17 5.74 9.55
C ILE A 110 -6.14 4.63 9.95
N ASP A 111 -7.17 4.45 9.13
CA ASP A 111 -8.16 3.42 9.35
C ASP A 111 -8.46 2.71 8.03
N ALA A 112 -8.82 1.44 8.10
CA ALA A 112 -9.12 0.69 6.89
C ALA A 112 -10.07 1.48 6.00
N THR A 113 -10.99 2.21 6.63
CA THR A 113 -11.94 3.03 5.91
C THR A 113 -11.21 4.11 5.13
N LYS A 114 -10.30 4.80 5.80
CA LYS A 114 -9.52 5.88 5.18
C LYS A 114 -8.72 5.37 3.99
N LEU A 115 -7.83 4.40 4.24
CA LEU A 115 -7.02 3.84 3.16
C LEU A 115 -7.89 3.45 1.98
N SER A 116 -8.89 2.62 2.24
CA SER A 116 -9.81 2.17 1.20
C SER A 116 -10.52 3.35 0.55
N ARG A 117 -10.72 4.41 1.33
CA ARG A 117 -11.38 5.62 0.83
C ARG A 117 -10.47 6.35 -0.14
N PHE A 118 -9.36 6.87 0.38
CA PHE A 118 -8.39 7.58 -0.43
C PHE A 118 -8.15 6.84 -1.74
N ILE A 119 -8.02 5.52 -1.65
CA ILE A 119 -7.83 4.71 -2.83
C ILE A 119 -9.06 4.81 -3.73
N GLU A 120 -10.22 4.49 -3.16
CA GLU A 120 -11.47 4.56 -3.89
C GLU A 120 -11.65 5.95 -4.50
N ILE A 121 -10.88 6.90 -4.00
CA ILE A 121 -10.93 8.28 -4.46
C ILE A 121 -9.94 8.53 -5.60
N ASN A 122 -8.76 7.92 -5.53
CA ASN A 122 -7.75 8.10 -6.56
C ASN A 122 -7.32 6.79 -7.20
N SER A 123 -8.23 5.82 -7.25
CA SER A 123 -7.94 4.54 -7.87
C SER A 123 -8.13 4.62 -9.38
N LEU A 124 -7.69 5.74 -9.95
CA LEU A 124 -7.81 5.97 -11.38
C LEU A 124 -6.58 5.47 -12.13
N GLU A 9 -28.71 -0.10 -15.76
CA GLU A 9 -27.31 -0.11 -15.29
C GLU A 9 -27.26 -0.21 -13.77
N VAL A 10 -26.27 -0.93 -13.27
CA VAL A 10 -26.09 -1.10 -11.83
C VAL A 10 -24.65 -1.43 -11.48
N GLU A 11 -24.18 -0.91 -10.35
CA GLU A 11 -22.80 -1.15 -9.92
C GLU A 11 -22.78 -1.74 -8.51
N LYS A 12 -22.52 -3.05 -8.42
CA LYS A 12 -22.46 -3.73 -7.14
C LYS A 12 -21.26 -4.67 -7.08
N SER A 13 -20.46 -4.51 -6.03
CA SER A 13 -19.27 -5.35 -5.85
C SER A 13 -19.66 -6.75 -5.39
N SER A 14 -19.93 -7.64 -6.35
CA SER A 14 -20.30 -9.00 -6.04
C SER A 14 -20.14 -9.90 -7.28
N ASP A 15 -19.10 -9.63 -8.05
CA ASP A 15 -18.82 -10.42 -9.25
C ASP A 15 -18.24 -11.79 -8.89
N GLY A 16 -17.13 -11.78 -8.17
CA GLY A 16 -16.50 -13.03 -7.78
C GLY A 16 -16.53 -13.25 -6.27
N PRO A 17 -16.02 -14.39 -5.79
CA PRO A 17 -16.00 -14.71 -4.35
C PRO A 17 -15.31 -13.63 -3.53
N GLY A 18 -14.05 -13.36 -3.86
CA GLY A 18 -13.29 -12.34 -3.14
C GLY A 18 -11.91 -12.15 -3.71
N ALA A 19 -10.89 -12.42 -2.90
CA ALA A 19 -9.50 -12.28 -3.33
C ALA A 19 -8.55 -12.91 -2.32
N ALA A 20 -8.46 -12.29 -1.14
CA ALA A 20 -7.60 -12.80 -0.08
C ALA A 20 -6.14 -12.86 -0.54
N GLN A 21 -5.36 -11.86 -0.12
CA GLN A 21 -3.95 -11.80 -0.50
C GLN A 21 -3.23 -10.72 0.30
N GLU A 22 -1.90 -10.68 0.16
CA GLU A 22 -1.09 -9.70 0.89
C GLU A 22 -0.36 -8.78 -0.09
N PRO A 23 0.06 -7.59 0.38
CA PRO A 23 0.78 -6.60 -0.44
C PRO A 23 2.19 -7.06 -0.80
N THR A 24 2.64 -6.64 -1.99
CA THR A 24 3.98 -7.01 -2.47
C THR A 24 5.07 -6.37 -1.61
N TRP A 25 6.21 -7.05 -1.53
CA TRP A 25 7.34 -6.56 -0.75
C TRP A 25 8.34 -5.83 -1.63
N LEU A 26 8.16 -4.52 -1.76
CA LEU A 26 9.04 -3.69 -2.58
C LEU A 26 10.25 -3.23 -1.76
N THR A 27 11.15 -4.17 -1.48
CA THR A 27 12.34 -3.87 -0.69
C THR A 27 13.33 -3.01 -1.46
N ASP A 28 13.02 -2.70 -2.71
CA ASP A 28 13.91 -1.88 -3.54
C ASP A 28 13.13 -0.90 -4.40
N VAL A 29 13.73 0.25 -4.64
CA VAL A 29 13.12 1.29 -5.46
C VAL A 29 12.74 0.76 -6.85
N PRO A 30 13.68 0.09 -7.56
CA PRO A 30 13.41 -0.45 -8.89
C PRO A 30 12.22 -1.42 -8.88
N ALA A 31 12.20 -2.31 -7.90
CA ALA A 31 11.12 -3.28 -7.79
C ALA A 31 9.81 -2.58 -7.51
N ALA A 32 9.88 -1.50 -6.76
CA ALA A 32 8.71 -0.71 -6.41
C ALA A 32 8.11 -0.10 -7.68
N MET A 33 8.91 0.71 -8.36
CA MET A 33 8.47 1.37 -9.58
C MET A 33 8.10 0.36 -10.66
N GLU A 34 8.71 -0.82 -10.60
CA GLU A 34 8.42 -1.87 -11.58
C GLU A 34 7.03 -2.42 -11.36
N PHE A 35 6.72 -2.77 -10.11
CA PHE A 35 5.40 -3.31 -9.79
C PHE A 35 4.34 -2.27 -10.11
N ILE A 36 4.69 -1.00 -9.94
CA ILE A 36 3.77 0.09 -10.25
C ILE A 36 3.62 0.22 -11.77
N ALA A 37 4.72 0.02 -12.47
CA ALA A 37 4.72 0.11 -13.93
C ALA A 37 3.98 -1.08 -14.55
N ALA A 38 3.92 -2.18 -13.80
CA ALA A 38 3.25 -3.38 -14.26
C ALA A 38 1.79 -3.40 -13.85
N THR A 39 1.18 -2.22 -13.77
CA THR A 39 -0.21 -2.10 -13.37
C THR A 39 -0.71 -0.67 -13.51
N GLU A 40 -2.01 -0.52 -13.76
CA GLU A 40 -2.62 0.80 -13.92
C GLU A 40 -2.61 1.57 -12.60
N VAL A 41 -3.15 0.95 -11.56
CA VAL A 41 -3.19 1.56 -10.23
C VAL A 41 -2.36 0.75 -9.25
N ALA A 42 -1.63 1.45 -8.38
CA ALA A 42 -0.79 0.78 -7.40
C ALA A 42 -0.79 1.49 -6.05
N VAL A 43 -1.09 0.73 -5.00
CA VAL A 43 -1.10 1.28 -3.66
C VAL A 43 -0.02 0.61 -2.84
N ILE A 44 0.84 1.41 -2.24
CA ILE A 44 1.96 0.89 -1.47
C ILE A 44 2.08 1.52 -0.10
N GLY A 45 2.33 0.68 0.90
CA GLY A 45 2.48 1.15 2.25
C GLY A 45 3.94 1.27 2.67
N PHE A 46 4.47 2.47 2.60
CA PHE A 46 5.87 2.72 2.97
C PHE A 46 5.97 2.93 4.47
N PHE A 47 6.24 1.85 5.20
CA PHE A 47 6.32 1.91 6.65
C PHE A 47 7.73 1.64 7.17
N GLN A 48 8.10 2.35 8.23
CA GLN A 48 9.40 2.17 8.86
C GLN A 48 9.27 1.12 9.95
N ASP A 49 8.02 0.75 10.22
CA ASP A 49 7.69 -0.24 11.23
C ASP A 49 6.44 -1.01 10.80
N LEU A 50 6.57 -2.32 10.63
CA LEU A 50 5.44 -3.14 10.19
C LEU A 50 4.63 -3.64 11.39
N GLU A 51 4.38 -2.74 12.34
CA GLU A 51 3.60 -3.07 13.52
C GLU A 51 2.58 -1.97 13.81
N ILE A 52 2.47 -1.04 12.87
CA ILE A 52 1.53 0.08 12.99
C ILE A 52 0.18 -0.27 12.39
N PRO A 53 -0.89 0.42 12.84
CA PRO A 53 -2.25 0.19 12.35
C PRO A 53 -2.35 0.22 10.82
N ALA A 54 -1.42 0.94 10.19
CA ALA A 54 -1.40 1.08 8.74
C ALA A 54 -1.14 -0.25 8.03
N VAL A 55 -0.24 -1.05 8.58
CA VAL A 55 0.11 -2.33 7.96
C VAL A 55 -1.10 -3.26 7.83
N PRO A 56 -1.82 -3.55 8.94
CA PRO A 56 -3.00 -4.41 8.89
C PRO A 56 -4.08 -3.83 7.99
N ILE A 57 -4.27 -2.52 8.11
CA ILE A 57 -5.26 -1.81 7.31
C ILE A 57 -4.96 -1.95 5.82
N LEU A 58 -3.67 -1.96 5.47
CA LEU A 58 -3.27 -2.11 4.08
C LEU A 58 -3.50 -3.54 3.63
N HIS A 59 -2.99 -4.49 4.42
CA HIS A 59 -3.18 -5.90 4.11
C HIS A 59 -4.66 -6.21 3.96
N SER A 60 -5.49 -5.40 4.61
CA SER A 60 -6.94 -5.56 4.57
C SER A 60 -7.50 -4.95 3.29
N MET A 61 -7.05 -3.73 2.97
CA MET A 61 -7.52 -3.04 1.77
C MET A 61 -7.14 -3.87 0.54
N VAL A 62 -6.09 -4.66 0.68
CA VAL A 62 -5.62 -5.52 -0.40
C VAL A 62 -6.76 -6.36 -0.96
N GLN A 63 -7.51 -6.99 -0.07
CA GLN A 63 -8.63 -7.83 -0.49
C GLN A 63 -9.83 -6.97 -0.89
N LYS A 64 -9.77 -5.70 -0.54
CA LYS A 64 -10.84 -4.76 -0.85
C LYS A 64 -10.58 -4.09 -2.19
N PHE A 65 -9.34 -4.18 -2.65
CA PHE A 65 -8.94 -3.58 -3.92
C PHE A 65 -8.05 -4.52 -4.73
N PRO A 66 -8.57 -5.71 -5.11
CA PRO A 66 -7.82 -6.68 -5.91
C PRO A 66 -7.27 -6.05 -7.18
N GLY A 67 -8.07 -5.19 -7.80
CA GLY A 67 -7.63 -4.52 -9.02
C GLY A 67 -6.41 -3.67 -8.77
N VAL A 68 -6.40 -2.97 -7.64
CA VAL A 68 -5.27 -2.13 -7.25
C VAL A 68 -4.06 -2.99 -6.97
N SER A 69 -2.87 -2.47 -7.30
CA SER A 69 -1.64 -3.21 -7.06
C SER A 69 -1.17 -3.06 -5.62
N PHE A 70 -1.51 -4.03 -4.79
CA PHE A 70 -1.13 -4.03 -3.40
C PHE A 70 0.39 -4.06 -3.26
N GLY A 71 0.91 -3.13 -2.49
CA GLY A 71 2.35 -3.05 -2.28
C GLY A 71 2.69 -2.58 -0.89
N ILE A 72 3.92 -2.84 -0.48
CA ILE A 72 4.37 -2.42 0.84
C ILE A 72 5.89 -2.48 0.92
N SER A 73 6.50 -1.51 1.58
CA SER A 73 7.95 -1.45 1.70
C SER A 73 8.39 -0.92 3.04
N THR A 74 9.64 -1.22 3.40
CA THR A 74 10.22 -0.77 4.66
C THR A 74 11.68 -0.39 4.47
N ASP A 75 12.15 -0.52 3.23
CA ASP A 75 13.53 -0.19 2.89
C ASP A 75 13.74 1.33 2.92
N SER A 76 14.92 1.74 3.35
CA SER A 76 15.24 3.16 3.45
C SER A 76 15.29 3.80 2.07
N GLU A 77 16.04 3.20 1.16
CA GLU A 77 16.17 3.74 -0.20
C GLU A 77 14.82 4.05 -0.82
N VAL A 78 13.85 3.16 -0.61
CA VAL A 78 12.52 3.36 -1.16
C VAL A 78 11.80 4.47 -0.40
N LEU A 79 11.72 4.33 0.92
CA LEU A 79 11.06 5.32 1.76
C LEU A 79 11.72 6.68 1.59
N THR A 80 12.91 6.67 0.99
CA THR A 80 13.64 7.91 0.75
C THR A 80 13.32 8.46 -0.63
N HIS A 81 13.23 7.56 -1.61
CA HIS A 81 12.90 7.94 -2.98
C HIS A 81 11.53 8.60 -3.03
N TYR A 82 10.60 8.07 -2.25
CA TYR A 82 9.25 8.62 -2.21
C TYR A 82 9.12 9.68 -1.12
N ASN A 83 10.27 10.06 -0.55
CA ASN A 83 10.31 11.08 0.49
C ASN A 83 9.43 10.70 1.68
N ILE A 84 9.20 9.40 1.85
CA ILE A 84 8.39 8.90 2.96
C ILE A 84 8.98 9.31 4.30
N THR A 85 8.16 9.96 5.12
CA THR A 85 8.61 10.42 6.44
C THR A 85 7.50 10.30 7.47
N GLY A 86 7.02 9.08 7.69
CA GLY A 86 5.96 8.85 8.66
C GLY A 86 5.07 7.69 8.29
N ASN A 87 5.68 6.58 7.89
CA ASN A 87 4.94 5.39 7.51
C ASN A 87 3.88 5.73 6.47
N THR A 88 4.26 6.59 5.52
CA THR A 88 3.35 7.05 4.48
C THR A 88 2.95 5.93 3.51
N ILE A 89 1.76 6.10 2.93
CA ILE A 89 1.24 5.16 1.94
C ILE A 89 1.00 5.89 0.63
N CYS A 90 1.71 5.50 -0.41
CA CYS A 90 1.58 6.19 -1.69
C CYS A 90 0.82 5.38 -2.73
N LEU A 91 -0.07 6.08 -3.43
CA LEU A 91 -0.88 5.47 -4.49
C LEU A 91 -0.42 5.97 -5.85
N PHE A 92 0.36 5.15 -6.55
CA PHE A 92 0.84 5.52 -7.87
C PHE A 92 -0.10 4.99 -8.95
N ARG A 93 -0.66 5.89 -9.75
CA ARG A 93 -1.58 5.50 -10.82
C ARG A 93 -0.91 5.58 -12.18
N LEU A 94 -0.21 4.50 -12.55
CA LEU A 94 0.53 4.40 -13.82
C LEU A 94 -0.07 5.27 -14.91
N VAL A 95 -1.33 4.99 -15.27
CA VAL A 95 -2.03 5.74 -16.33
C VAL A 95 -1.65 7.22 -16.33
N ASP A 96 -2.20 7.96 -15.36
CA ASP A 96 -1.91 9.39 -15.26
C ASP A 96 -0.59 9.61 -14.54
N ASN A 97 0.08 8.50 -14.21
CA ASN A 97 1.36 8.54 -13.51
C ASN A 97 1.29 9.39 -12.24
N GLU A 98 0.12 9.40 -11.61
CA GLU A 98 -0.07 10.17 -10.39
C GLU A 98 0.59 9.46 -9.22
N GLN A 99 0.74 10.18 -8.11
CA GLN A 99 1.35 9.62 -6.92
C GLN A 99 0.79 10.26 -5.66
N LEU A 100 -0.31 9.70 -5.16
CA LEU A 100 -0.93 10.22 -3.95
C LEU A 100 -0.07 9.87 -2.75
N ASN A 101 -0.06 10.74 -1.73
CA ASN A 101 0.74 10.49 -0.56
C ASN A 101 -0.07 10.57 0.74
N LEU A 102 -0.34 9.42 1.31
CA LEU A 102 -1.06 9.31 2.56
C LEU A 102 -0.04 9.26 3.70
N GLU A 103 0.52 10.42 4.01
CA GLU A 103 1.56 10.53 5.03
C GLU A 103 1.02 10.49 6.45
N ASP A 104 1.88 10.87 7.39
CA ASP A 104 1.57 10.88 8.82
C ASP A 104 0.20 11.51 9.11
N GLU A 105 -0.02 12.70 8.59
CA GLU A 105 -1.30 13.40 8.79
C GLU A 105 -2.49 12.47 8.55
N ASP A 106 -2.23 11.36 7.86
CA ASP A 106 -3.27 10.39 7.54
C ASP A 106 -2.89 8.99 8.05
N ILE A 107 -1.62 8.81 8.41
CA ILE A 107 -1.12 7.52 8.89
C ILE A 107 -1.22 7.40 10.42
N GLU A 108 -0.90 8.49 11.12
CA GLU A 108 -0.95 8.51 12.58
C GLU A 108 -2.29 8.01 13.11
N SER A 109 -3.34 8.23 12.32
CA SER A 109 -4.68 7.80 12.69
C SER A 109 -5.37 7.13 11.51
N ILE A 110 -4.61 6.34 10.75
CA ILE A 110 -5.13 5.65 9.59
C ILE A 110 -6.12 4.56 9.97
N ASP A 111 -7.15 4.39 9.14
CA ASP A 111 -8.16 3.37 9.35
C ASP A 111 -8.47 2.68 8.03
N ALA A 112 -8.81 1.39 8.09
CA ALA A 112 -9.11 0.65 6.88
C ALA A 112 -10.05 1.44 5.98
N THR A 113 -11.01 2.12 6.61
CA THR A 113 -11.95 2.95 5.88
C THR A 113 -11.22 4.04 5.09
N LYS A 114 -10.32 4.73 5.77
CA LYS A 114 -9.54 5.80 5.15
C LYS A 114 -8.76 5.28 3.95
N LEU A 115 -7.83 4.36 4.20
CA LEU A 115 -7.01 3.79 3.14
C LEU A 115 -7.88 3.40 1.94
N SER A 116 -8.86 2.54 2.20
CA SER A 116 -9.77 2.10 1.15
C SER A 116 -10.49 3.27 0.50
N ARG A 117 -10.70 4.33 1.28
CA ARG A 117 -11.37 5.52 0.79
C ARG A 117 -10.46 6.27 -0.18
N PHE A 118 -9.35 6.80 0.35
CA PHE A 118 -8.38 7.52 -0.47
C PHE A 118 -8.16 6.79 -1.79
N ILE A 119 -8.03 5.47 -1.71
CA ILE A 119 -7.86 4.66 -2.90
C ILE A 119 -9.09 4.77 -3.78
N GLU A 120 -10.25 4.46 -3.20
CA GLU A 120 -11.51 4.53 -3.93
C GLU A 120 -11.68 5.92 -4.53
N ILE A 121 -10.92 6.88 -4.01
CA ILE A 121 -10.99 8.26 -4.47
C ILE A 121 -10.03 8.52 -5.62
N ASN A 122 -8.84 7.90 -5.58
CA ASN A 122 -7.85 8.10 -6.64
C ASN A 122 -7.39 6.78 -7.25
N SER A 123 -8.27 5.80 -7.29
CA SER A 123 -7.93 4.50 -7.89
C SER A 123 -8.13 4.55 -9.40
N LEU A 124 -7.67 5.64 -10.01
CA LEU A 124 -7.80 5.83 -11.44
C LEU A 124 -6.56 5.32 -12.19
N GLU A 9 2.71 -22.69 -1.58
CA GLU A 9 2.23 -24.09 -1.53
C GLU A 9 1.66 -24.43 -0.15
N VAL A 10 0.41 -24.90 -0.13
CA VAL A 10 -0.25 -25.25 1.12
C VAL A 10 -1.11 -26.50 0.95
N GLU A 11 -0.98 -27.43 1.90
CA GLU A 11 -1.75 -28.66 1.87
C GLU A 11 -2.88 -28.63 2.89
N LYS A 12 -2.86 -27.63 3.76
CA LYS A 12 -3.88 -27.49 4.78
C LYS A 12 -5.17 -26.91 4.21
N SER A 13 -6.29 -27.22 4.84
CA SER A 13 -7.59 -26.74 4.39
C SER A 13 -7.99 -25.48 5.15
N SER A 14 -8.19 -24.38 4.42
CA SER A 14 -8.59 -23.12 5.04
C SER A 14 -9.51 -22.33 4.12
N ASP A 15 -10.70 -22.01 4.63
CA ASP A 15 -11.68 -21.25 3.86
C ASP A 15 -12.04 -19.95 4.57
N GLY A 16 -11.38 -18.86 4.17
CA GLY A 16 -11.64 -17.57 4.79
C GLY A 16 -10.47 -17.09 5.63
N PRO A 17 -10.49 -17.36 6.96
CA PRO A 17 -9.41 -16.94 7.86
C PRO A 17 -8.06 -17.56 7.47
N GLY A 18 -7.02 -16.73 7.46
CA GLY A 18 -5.70 -17.22 7.10
C GLY A 18 -4.77 -16.11 6.66
N ALA A 19 -4.93 -15.67 5.41
CA ALA A 19 -4.10 -14.61 4.86
C ALA A 19 -4.62 -14.19 3.49
N ALA A 20 -5.01 -15.18 2.69
CA ALA A 20 -5.55 -14.93 1.36
C ALA A 20 -4.54 -14.24 0.46
N GLN A 21 -4.45 -12.92 0.56
CA GLN A 21 -3.51 -12.14 -0.25
C GLN A 21 -2.87 -11.03 0.58
N GLU A 22 -1.59 -10.79 0.32
CA GLU A 22 -0.84 -9.75 1.04
C GLU A 22 -0.15 -8.81 0.06
N PRO A 23 0.19 -7.58 0.50
CA PRO A 23 0.85 -6.59 -0.36
C PRO A 23 2.27 -7.00 -0.72
N THR A 24 2.65 -6.73 -1.97
CA THR A 24 3.98 -7.07 -2.48
C THR A 24 5.07 -6.48 -1.61
N TRP A 25 6.23 -7.15 -1.60
CA TRP A 25 7.37 -6.71 -0.82
C TRP A 25 8.37 -5.95 -1.69
N LEU A 26 8.16 -4.64 -1.83
CA LEU A 26 9.04 -3.80 -2.63
C LEU A 26 10.23 -3.35 -1.80
N THR A 27 11.14 -4.27 -1.54
CA THR A 27 12.33 -3.98 -0.74
C THR A 27 13.34 -3.11 -1.47
N ASP A 28 13.02 -2.74 -2.71
CA ASP A 28 13.93 -1.91 -3.50
C ASP A 28 13.17 -0.93 -4.39
N VAL A 29 13.77 0.24 -4.62
CA VAL A 29 13.17 1.27 -5.45
C VAL A 29 12.82 0.73 -6.84
N PRO A 30 13.76 0.04 -7.53
CA PRO A 30 13.49 -0.50 -8.87
C PRO A 30 12.31 -1.47 -8.86
N ALA A 31 12.30 -2.38 -7.89
CA ALA A 31 11.22 -3.36 -7.79
C ALA A 31 9.91 -2.66 -7.51
N ALA A 32 9.98 -1.57 -6.77
CA ALA A 32 8.80 -0.79 -6.44
C ALA A 32 8.21 -0.16 -7.71
N MET A 33 9.03 0.64 -8.38
CA MET A 33 8.62 1.30 -9.62
C MET A 33 8.25 0.29 -10.69
N GLU A 34 8.81 -0.91 -10.60
CA GLU A 34 8.52 -1.95 -11.57
C GLU A 34 7.12 -2.51 -11.36
N PHE A 35 6.82 -2.90 -10.13
CA PHE A 35 5.50 -3.42 -9.82
C PHE A 35 4.43 -2.39 -10.15
N ILE A 36 4.78 -1.11 -9.96
CA ILE A 36 3.87 -0.02 -10.28
C ILE A 36 3.76 0.16 -11.78
N ALA A 37 4.89 0.05 -12.47
CA ALA A 37 4.94 0.19 -13.92
C ALA A 37 4.31 -1.00 -14.62
N ALA A 38 4.11 -2.08 -13.87
CA ALA A 38 3.51 -3.29 -14.41
C ALA A 38 2.02 -3.36 -14.11
N THR A 39 1.41 -2.20 -13.87
CA THR A 39 -0.01 -2.13 -13.56
C THR A 39 -0.53 -0.69 -13.58
N GLU A 40 -1.81 -0.54 -13.84
CA GLU A 40 -2.44 0.78 -13.89
C GLU A 40 -2.38 1.45 -12.52
N VAL A 41 -3.22 0.99 -11.60
CA VAL A 41 -3.26 1.55 -10.25
C VAL A 41 -2.44 0.70 -9.28
N ALA A 42 -1.65 1.36 -8.44
CA ALA A 42 -0.81 0.66 -7.47
C ALA A 42 -0.76 1.37 -6.14
N VAL A 43 -1.12 0.65 -5.09
CA VAL A 43 -1.10 1.20 -3.74
C VAL A 43 -0.03 0.51 -2.92
N ILE A 44 0.81 1.31 -2.28
CA ILE A 44 1.92 0.77 -1.50
C ILE A 44 2.06 1.44 -0.15
N GLY A 45 2.35 0.62 0.86
CA GLY A 45 2.52 1.12 2.21
C GLY A 45 3.98 1.25 2.60
N PHE A 46 4.52 2.45 2.50
CA PHE A 46 5.91 2.71 2.87
C PHE A 46 6.01 2.94 4.36
N PHE A 47 6.25 1.87 5.10
CA PHE A 47 6.33 1.95 6.55
C PHE A 47 7.74 1.69 7.07
N GLN A 48 8.13 2.44 8.09
CA GLN A 48 9.44 2.28 8.70
C GLN A 48 9.34 1.19 9.76
N ASP A 49 8.09 0.80 10.05
CA ASP A 49 7.79 -0.22 11.03
C ASP A 49 6.54 -0.98 10.62
N LEU A 50 6.60 -2.31 10.60
CA LEU A 50 5.45 -3.12 10.20
C LEU A 50 4.68 -3.61 11.42
N GLU A 51 4.39 -2.69 12.34
CA GLU A 51 3.63 -3.01 13.54
C GLU A 51 2.62 -1.91 13.83
N ILE A 52 2.51 -0.98 12.88
CA ILE A 52 1.59 0.15 13.00
C ILE A 52 0.21 -0.21 12.44
N PRO A 53 -0.84 0.53 12.84
CA PRO A 53 -2.21 0.29 12.37
C PRO A 53 -2.32 0.30 10.85
N ALA A 54 -1.39 1.00 10.21
CA ALA A 54 -1.40 1.11 8.75
C ALA A 54 -1.15 -0.23 8.05
N VAL A 55 -0.25 -1.04 8.61
CA VAL A 55 0.08 -2.33 8.00
C VAL A 55 -1.17 -3.23 7.89
N PRO A 56 -1.88 -3.50 8.99
CA PRO A 56 -3.08 -4.35 8.96
C PRO A 56 -4.14 -3.76 8.04
N ILE A 57 -4.31 -2.45 8.13
CA ILE A 57 -5.28 -1.73 7.33
C ILE A 57 -4.98 -1.87 5.84
N LEU A 58 -3.69 -1.92 5.51
CA LEU A 58 -3.29 -2.08 4.11
C LEU A 58 -3.52 -3.52 3.67
N HIS A 59 -3.00 -4.48 4.45
CA HIS A 59 -3.18 -5.89 4.15
C HIS A 59 -4.67 -6.19 4.00
N SER A 60 -5.49 -5.37 4.64
CA SER A 60 -6.94 -5.52 4.59
C SER A 60 -7.50 -4.90 3.31
N MET A 61 -7.06 -3.69 3.01
CA MET A 61 -7.52 -3.01 1.80
C MET A 61 -7.16 -3.83 0.57
N VAL A 62 -6.11 -4.65 0.71
CA VAL A 62 -5.64 -5.51 -0.36
C VAL A 62 -6.79 -6.35 -0.91
N GLN A 63 -7.54 -6.97 -0.02
CA GLN A 63 -8.67 -7.81 -0.41
C GLN A 63 -9.86 -6.96 -0.78
N LYS A 64 -9.78 -5.66 -0.50
CA LYS A 64 -10.86 -4.74 -0.80
C LYS A 64 -10.63 -4.09 -2.16
N PHE A 65 -9.40 -4.13 -2.63
CA PHE A 65 -9.02 -3.55 -3.91
C PHE A 65 -8.13 -4.47 -4.72
N PRO A 66 -8.63 -5.67 -5.09
CA PRO A 66 -7.88 -6.65 -5.89
C PRO A 66 -7.30 -6.00 -7.15
N GLY A 67 -8.12 -5.20 -7.83
CA GLY A 67 -7.66 -4.53 -9.03
C GLY A 67 -6.44 -3.68 -8.76
N VAL A 68 -6.44 -3.01 -7.63
CA VAL A 68 -5.31 -2.17 -7.22
C VAL A 68 -4.10 -3.03 -6.92
N SER A 69 -2.92 -2.54 -7.28
CA SER A 69 -1.70 -3.29 -7.04
C SER A 69 -1.22 -3.11 -5.61
N PHE A 70 -1.56 -4.08 -4.77
CA PHE A 70 -1.16 -4.05 -3.36
C PHE A 70 0.35 -4.15 -3.22
N GLY A 71 0.91 -3.22 -2.47
CA GLY A 71 2.35 -3.21 -2.25
C GLY A 71 2.71 -2.70 -0.89
N ILE A 72 3.93 -2.97 -0.46
CA ILE A 72 4.41 -2.52 0.85
C ILE A 72 5.93 -2.57 0.89
N SER A 73 6.52 -1.60 1.59
CA SER A 73 7.98 -1.53 1.68
C SER A 73 8.42 -0.94 3.01
N THR A 74 9.64 -1.28 3.41
CA THR A 74 10.22 -0.79 4.65
C THR A 74 11.67 -0.40 4.47
N ASP A 75 12.13 -0.44 3.22
CA ASP A 75 13.51 -0.08 2.90
C ASP A 75 13.69 1.43 2.92
N SER A 76 14.84 1.87 3.43
CA SER A 76 15.15 3.29 3.53
C SER A 76 15.22 3.94 2.15
N GLU A 77 16.01 3.33 1.26
CA GLU A 77 16.18 3.85 -0.10
C GLU A 77 14.84 4.16 -0.75
N VAL A 78 13.88 3.25 -0.59
CA VAL A 78 12.56 3.45 -1.17
C VAL A 78 11.81 4.56 -0.44
N LEU A 79 11.69 4.42 0.88
CA LEU A 79 11.02 5.42 1.69
C LEU A 79 11.67 6.79 1.51
N THR A 80 12.88 6.78 0.94
CA THR A 80 13.60 8.01 0.69
C THR A 80 13.27 8.54 -0.70
N HIS A 81 13.18 7.62 -1.65
CA HIS A 81 12.87 7.97 -3.03
C HIS A 81 11.49 8.61 -3.11
N TYR A 82 10.59 8.17 -2.23
CA TYR A 82 9.24 8.71 -2.19
C TYR A 82 9.11 9.78 -1.11
N ASN A 83 10.25 10.17 -0.54
CA ASN A 83 10.27 11.20 0.51
C ASN A 83 9.42 10.79 1.71
N ILE A 84 9.20 9.49 1.86
CA ILE A 84 8.40 8.96 2.97
C ILE A 84 9.00 9.35 4.32
N THR A 85 8.19 9.98 5.16
CA THR A 85 8.64 10.41 6.48
C THR A 85 7.53 10.27 7.52
N GLY A 86 7.03 9.05 7.68
CA GLY A 86 5.98 8.82 8.66
C GLY A 86 5.09 7.64 8.28
N ASN A 87 5.72 6.54 7.85
CA ASN A 87 4.98 5.34 7.46
C ASN A 87 3.90 5.70 6.45
N THR A 88 4.28 6.51 5.47
CA THR A 88 3.37 6.97 4.42
C THR A 88 2.96 5.87 3.46
N ILE A 89 1.77 6.02 2.88
CA ILE A 89 1.25 5.07 1.89
C ILE A 89 1.05 5.81 0.57
N CYS A 90 1.77 5.40 -0.46
CA CYS A 90 1.68 6.06 -1.75
C CYS A 90 0.91 5.26 -2.80
N LEU A 91 0.00 5.94 -3.48
CA LEU A 91 -0.81 5.33 -4.53
C LEU A 91 -0.39 5.88 -5.89
N PHE A 92 0.33 5.07 -6.66
CA PHE A 92 0.79 5.48 -7.99
C PHE A 92 -0.16 4.96 -9.06
N ARG A 93 -0.71 5.87 -9.86
CA ARG A 93 -1.62 5.49 -10.93
C ARG A 93 -0.94 5.60 -12.29
N LEU A 94 -0.18 4.56 -12.63
CA LEU A 94 0.57 4.49 -13.88
C LEU A 94 -0.03 5.33 -15.00
N VAL A 95 -1.28 5.05 -15.34
CA VAL A 95 -1.98 5.77 -16.41
C VAL A 95 -1.77 7.27 -16.33
N ASP A 96 -2.11 7.88 -15.21
CA ASP A 96 -1.98 9.31 -15.04
C ASP A 96 -0.72 9.67 -14.25
N ASN A 97 0.17 8.67 -14.10
CA ASN A 97 1.43 8.85 -13.40
C ASN A 97 1.26 9.65 -12.10
N GLU A 98 0.09 9.55 -11.49
CA GLU A 98 -0.18 10.25 -10.23
C GLU A 98 0.46 9.55 -9.06
N GLN A 99 0.69 10.30 -7.99
CA GLN A 99 1.28 9.76 -6.78
C GLN A 99 0.65 10.38 -5.54
N LEU A 100 -0.34 9.68 -4.99
CA LEU A 100 -1.04 10.16 -3.81
C LEU A 100 -0.28 9.73 -2.56
N ASN A 101 0.21 10.71 -1.79
CA ASN A 101 0.96 10.42 -0.59
C ASN A 101 0.11 10.51 0.67
N LEU A 102 -0.17 9.36 1.25
CA LEU A 102 -0.94 9.27 2.49
C LEU A 102 0.06 9.21 3.65
N GLU A 103 0.60 10.37 3.99
CA GLU A 103 1.63 10.47 5.03
C GLU A 103 1.05 10.43 6.44
N ASP A 104 1.88 10.83 7.40
CA ASP A 104 1.50 10.83 8.82
C ASP A 104 0.18 11.55 9.07
N GLU A 105 -0.04 12.64 8.36
CA GLU A 105 -1.29 13.40 8.51
C GLU A 105 -2.49 12.48 8.30
N ASP A 106 -2.23 11.32 7.71
CA ASP A 106 -3.26 10.34 7.45
C ASP A 106 -2.88 8.95 7.97
N ILE A 107 -1.60 8.77 8.33
CA ILE A 107 -1.12 7.49 8.83
C ILE A 107 -1.21 7.41 10.35
N GLU A 108 -0.90 8.52 11.02
CA GLU A 108 -0.95 8.57 12.48
C GLU A 108 -2.30 8.09 13.01
N SER A 109 -3.35 8.35 12.24
CA SER A 109 -4.70 7.93 12.61
C SER A 109 -5.39 7.25 11.43
N ILE A 110 -4.63 6.43 10.71
CA ILE A 110 -5.14 5.72 9.56
C ILE A 110 -6.14 4.64 9.97
N ASP A 111 -7.14 4.45 9.12
CA ASP A 111 -8.17 3.44 9.35
C ASP A 111 -8.49 2.74 8.04
N ALA A 112 -8.82 1.45 8.10
CA ALA A 112 -9.14 0.70 6.88
C ALA A 112 -10.08 1.49 6.00
N THR A 113 -11.00 2.22 6.62
CA THR A 113 -11.95 3.05 5.89
C THR A 113 -11.23 4.12 5.10
N LYS A 114 -10.29 4.81 5.76
CA LYS A 114 -9.52 5.87 5.13
C LYS A 114 -8.73 5.34 3.95
N LEU A 115 -7.83 4.40 4.20
CA LEU A 115 -7.02 3.82 3.13
C LEU A 115 -7.90 3.43 1.95
N SER A 116 -8.91 2.60 2.22
CA SER A 116 -9.82 2.14 1.19
C SER A 116 -10.52 3.32 0.53
N ARG A 117 -10.72 4.40 1.30
CA ARG A 117 -11.37 5.59 0.79
C ARG A 117 -10.45 6.31 -0.19
N PHE A 118 -9.34 6.83 0.33
CA PHE A 118 -8.36 7.54 -0.49
C PHE A 118 -8.14 6.79 -1.79
N ILE A 119 -8.05 5.47 -1.70
CA ILE A 119 -7.87 4.64 -2.89
C ILE A 119 -9.10 4.76 -3.77
N GLU A 120 -10.26 4.47 -3.19
CA GLU A 120 -11.52 4.55 -3.92
C GLU A 120 -11.68 5.93 -4.55
N ILE A 121 -10.90 6.88 -4.03
CA ILE A 121 -10.94 8.26 -4.51
C ILE A 121 -9.95 8.49 -5.65
N ASN A 122 -8.78 7.87 -5.57
CA ASN A 122 -7.76 8.04 -6.62
C ASN A 122 -7.39 6.71 -7.29
N SER A 123 -8.33 5.77 -7.31
CA SER A 123 -8.09 4.48 -7.95
C SER A 123 -8.29 4.58 -9.45
N LEU A 124 -7.71 5.61 -10.06
CA LEU A 124 -7.84 5.83 -11.49
C LEU A 124 -6.62 5.28 -12.25
N GLU A 9 4.25 -25.42 6.35
CA GLU A 9 3.19 -24.39 6.22
C GLU A 9 2.11 -24.85 5.24
N VAL A 10 2.51 -25.01 3.98
CA VAL A 10 1.57 -25.45 2.94
C VAL A 10 1.15 -26.90 3.17
N GLU A 11 -0.05 -27.23 2.70
CA GLU A 11 -0.59 -28.59 2.84
C GLU A 11 -0.62 -29.02 4.31
N LYS A 12 -1.67 -28.63 5.01
CA LYS A 12 -1.82 -28.98 6.42
C LYS A 12 -3.29 -28.92 6.84
N SER A 13 -3.71 -29.88 7.66
CA SER A 13 -5.09 -29.93 8.14
C SER A 13 -5.20 -29.30 9.52
N SER A 14 -4.59 -28.13 9.69
CA SER A 14 -4.62 -27.42 10.96
C SER A 14 -4.81 -25.92 10.74
N ASP A 15 -4.04 -25.36 9.81
CA ASP A 15 -4.13 -23.94 9.51
C ASP A 15 -4.94 -23.70 8.25
N GLY A 16 -6.22 -23.37 8.44
CA GLY A 16 -7.10 -23.12 7.32
C GLY A 16 -6.82 -21.78 6.65
N PRO A 17 -7.66 -21.37 5.69
CA PRO A 17 -7.49 -20.10 4.98
C PRO A 17 -7.46 -18.91 5.93
N GLY A 18 -6.27 -18.36 6.16
CA GLY A 18 -6.12 -17.23 7.05
C GLY A 18 -5.08 -16.24 6.55
N ALA A 19 -5.24 -15.77 5.32
CA ALA A 19 -4.31 -14.82 4.73
C ALA A 19 -4.83 -14.33 3.39
N ALA A 20 -5.28 -15.27 2.56
CA ALA A 20 -5.82 -14.96 1.25
C ALA A 20 -4.78 -14.29 0.35
N GLN A 21 -4.63 -12.98 0.51
CA GLN A 21 -3.67 -12.22 -0.29
C GLN A 21 -2.96 -11.17 0.57
N GLU A 22 -1.75 -10.79 0.16
CA GLU A 22 -0.97 -9.80 0.89
C GLU A 22 -0.23 -8.87 -0.08
N PRO A 23 0.17 -7.67 0.40
CA PRO A 23 0.87 -6.69 -0.42
C PRO A 23 2.30 -7.11 -0.78
N THR A 24 2.72 -6.76 -1.99
CA THR A 24 4.06 -7.10 -2.49
C THR A 24 5.15 -6.45 -1.64
N TRP A 25 6.30 -7.12 -1.58
CA TRP A 25 7.44 -6.60 -0.81
C TRP A 25 8.41 -5.84 -1.71
N LEU A 26 8.28 -4.52 -1.72
CA LEU A 26 9.14 -3.67 -2.54
C LEU A 26 10.35 -3.20 -1.71
N THR A 27 11.26 -4.13 -1.43
CA THR A 27 12.45 -3.84 -0.65
C THR A 27 13.45 -3.00 -1.42
N ASP A 28 13.14 -2.71 -2.68
CA ASP A 28 14.04 -1.91 -3.50
C ASP A 28 13.27 -0.90 -4.36
N VAL A 29 13.89 0.26 -4.59
CA VAL A 29 13.28 1.31 -5.38
C VAL A 29 12.89 0.81 -6.77
N PRO A 30 13.82 0.15 -7.51
CA PRO A 30 13.52 -0.37 -8.84
C PRO A 30 12.34 -1.33 -8.83
N ALA A 31 12.35 -2.25 -7.87
CA ALA A 31 11.27 -3.23 -7.76
C ALA A 31 9.96 -2.54 -7.48
N ALA A 32 10.03 -1.46 -6.71
CA ALA A 32 8.85 -0.68 -6.37
C ALA A 32 8.25 -0.06 -7.64
N MET A 33 9.06 0.74 -8.30
CA MET A 33 8.65 1.43 -9.53
C MET A 33 8.27 0.42 -10.61
N GLU A 34 8.84 -0.79 -10.52
CA GLU A 34 8.55 -1.82 -11.52
C GLU A 34 7.16 -2.39 -11.31
N PHE A 35 6.85 -2.79 -10.08
CA PHE A 35 5.53 -3.32 -9.77
C PHE A 35 4.47 -2.28 -10.07
N ILE A 36 4.83 -1.01 -9.90
CA ILE A 36 3.91 0.08 -10.19
C ILE A 36 3.79 0.28 -11.71
N ALA A 37 4.92 0.15 -12.39
CA ALA A 37 4.96 0.32 -13.84
C ALA A 37 4.31 -0.87 -14.55
N ALA A 38 4.18 -1.98 -13.84
CA ALA A 38 3.59 -3.18 -14.40
C ALA A 38 2.10 -3.28 -14.06
N THR A 39 1.48 -2.14 -13.80
CA THR A 39 0.06 -2.11 -13.46
C THR A 39 -0.50 -0.69 -13.48
N GLU A 40 -1.79 -0.57 -13.75
CA GLU A 40 -2.46 0.72 -13.81
C GLU A 40 -2.41 1.42 -12.46
N VAL A 41 -3.26 1.00 -11.53
CA VAL A 41 -3.30 1.59 -10.20
C VAL A 41 -2.48 0.76 -9.23
N ALA A 42 -1.67 1.44 -8.41
CA ALA A 42 -0.81 0.75 -7.44
C ALA A 42 -0.79 1.45 -6.10
N VAL A 43 -1.10 0.71 -5.05
CA VAL A 43 -1.08 1.24 -3.69
C VAL A 43 -0.01 0.56 -2.88
N ILE A 44 0.82 1.35 -2.23
CA ILE A 44 1.93 0.81 -1.45
C ILE A 44 2.06 1.47 -0.09
N GLY A 45 2.31 0.64 0.92
CA GLY A 45 2.47 1.14 2.27
C GLY A 45 3.93 1.24 2.68
N PHE A 46 4.49 2.44 2.55
CA PHE A 46 5.89 2.67 2.92
C PHE A 46 5.98 2.90 4.42
N PHE A 47 6.15 1.82 5.17
CA PHE A 47 6.22 1.89 6.62
C PHE A 47 7.62 1.67 7.16
N GLN A 48 8.00 2.48 8.13
CA GLN A 48 9.30 2.35 8.77
C GLN A 48 9.21 1.28 9.86
N ASP A 49 7.99 0.80 10.06
CA ASP A 49 7.70 -0.22 11.06
C ASP A 49 6.44 -0.99 10.66
N LEU A 50 6.52 -2.31 10.61
CA LEU A 50 5.36 -3.12 10.23
C LEU A 50 4.59 -3.61 11.45
N GLU A 51 4.34 -2.70 12.38
CA GLU A 51 3.58 -3.01 13.59
C GLU A 51 2.56 -1.92 13.86
N ILE A 52 2.48 -0.98 12.93
CA ILE A 52 1.54 0.14 13.03
C ILE A 52 0.19 -0.20 12.42
N PRO A 53 -0.88 0.51 12.83
CA PRO A 53 -2.24 0.27 12.33
C PRO A 53 -2.31 0.30 10.80
N ALA A 54 -1.41 1.06 10.19
CA ALA A 54 -1.39 1.20 8.74
C ALA A 54 -1.13 -0.13 8.02
N VAL A 55 -0.28 -0.97 8.61
CA VAL A 55 0.05 -2.25 7.99
C VAL A 55 -1.19 -3.15 7.86
N PRO A 56 -1.89 -3.46 8.98
CA PRO A 56 -3.09 -4.30 8.92
C PRO A 56 -4.16 -3.70 8.01
N ILE A 57 -4.30 -2.38 8.11
CA ILE A 57 -5.26 -1.65 7.31
C ILE A 57 -4.97 -1.80 5.82
N LEU A 58 -3.69 -1.81 5.46
CA LEU A 58 -3.29 -1.97 4.07
C LEU A 58 -3.52 -3.41 3.64
N HIS A 59 -2.95 -4.35 4.39
CA HIS A 59 -3.12 -5.77 4.10
C HIS A 59 -4.61 -6.10 3.98
N SER A 60 -5.45 -5.27 4.60
CA SER A 60 -6.88 -5.46 4.56
C SER A 60 -7.47 -4.84 3.29
N MET A 61 -7.04 -3.62 2.98
CA MET A 61 -7.52 -2.95 1.78
C MET A 61 -7.16 -3.78 0.55
N VAL A 62 -6.12 -4.59 0.69
CA VAL A 62 -5.66 -5.46 -0.38
C VAL A 62 -6.81 -6.31 -0.93
N GLN A 63 -7.57 -6.92 -0.02
CA GLN A 63 -8.69 -7.76 -0.41
C GLN A 63 -9.89 -6.90 -0.80
N LYS A 64 -9.80 -5.61 -0.50
CA LYS A 64 -10.88 -4.68 -0.81
C LYS A 64 -10.64 -4.03 -2.17
N PHE A 65 -9.39 -4.11 -2.63
CA PHE A 65 -9.01 -3.53 -3.91
C PHE A 65 -8.10 -4.46 -4.71
N PRO A 66 -8.60 -5.67 -5.07
CA PRO A 66 -7.82 -6.64 -5.84
C PRO A 66 -7.24 -6.03 -7.11
N GLY A 67 -8.06 -5.22 -7.79
CA GLY A 67 -7.60 -4.56 -9.00
C GLY A 67 -6.37 -3.71 -8.75
N VAL A 68 -6.39 -3.01 -7.62
CA VAL A 68 -5.28 -2.16 -7.21
C VAL A 68 -4.05 -3.02 -6.92
N SER A 69 -2.87 -2.50 -7.26
CA SER A 69 -1.64 -3.23 -7.04
C SER A 69 -1.17 -3.08 -5.59
N PHE A 70 -1.51 -4.06 -4.77
CA PHE A 70 -1.13 -4.05 -3.37
C PHE A 70 0.39 -4.14 -3.21
N GLY A 71 0.93 -3.19 -2.45
CA GLY A 71 2.36 -3.17 -2.23
C GLY A 71 2.71 -2.66 -0.85
N ILE A 72 3.93 -2.93 -0.42
CA ILE A 72 4.39 -2.49 0.90
C ILE A 72 5.91 -2.49 0.95
N SER A 73 6.48 -1.51 1.63
CA SER A 73 7.93 -1.42 1.73
C SER A 73 8.37 -0.87 3.08
N THR A 74 9.58 -1.22 3.48
CA THR A 74 10.14 -0.76 4.74
C THR A 74 11.61 -0.36 4.58
N ASP A 75 12.14 -0.57 3.38
CA ASP A 75 13.53 -0.22 3.09
C ASP A 75 13.72 1.29 3.12
N SER A 76 14.88 1.71 3.63
CA SER A 76 15.19 3.14 3.73
C SER A 76 15.29 3.78 2.35
N GLU A 77 16.07 3.18 1.46
CA GLU A 77 16.27 3.71 0.11
C GLU A 77 14.94 4.05 -0.55
N VAL A 78 13.97 3.15 -0.44
CA VAL A 78 12.67 3.36 -1.04
C VAL A 78 11.90 4.45 -0.28
N LEU A 79 11.79 4.29 1.03
CA LEU A 79 11.11 5.27 1.86
C LEU A 79 11.76 6.64 1.72
N THR A 80 12.96 6.65 1.15
CA THR A 80 13.70 7.88 0.94
C THR A 80 13.39 8.44 -0.45
N HIS A 81 13.32 7.55 -1.44
CA HIS A 81 13.03 7.95 -2.81
C HIS A 81 11.66 8.61 -2.89
N TYR A 82 10.70 8.06 -2.15
CA TYR A 82 9.35 8.61 -2.14
C TYR A 82 9.20 9.65 -1.04
N ASN A 83 10.34 10.06 -0.47
CA ASN A 83 10.36 11.06 0.59
C ASN A 83 9.48 10.65 1.76
N ILE A 84 9.26 9.34 1.91
CA ILE A 84 8.44 8.82 3.00
C ILE A 84 9.04 9.17 4.35
N THR A 85 8.28 9.90 5.17
CA THR A 85 8.76 10.31 6.49
C THR A 85 7.65 10.18 7.54
N GLY A 86 7.04 9.00 7.61
CA GLY A 86 5.98 8.78 8.57
C GLY A 86 5.08 7.62 8.19
N ASN A 87 5.69 6.50 7.81
CA ASN A 87 4.93 5.31 7.42
C ASN A 87 3.87 5.68 6.38
N THR A 88 4.26 6.53 5.45
CA THR A 88 3.37 7.01 4.39
C THR A 88 2.96 5.92 3.42
N ILE A 89 1.76 6.05 2.86
CA ILE A 89 1.23 5.12 1.87
C ILE A 89 1.03 5.85 0.55
N CYS A 90 1.75 5.44 -0.48
CA CYS A 90 1.65 6.11 -1.77
C CYS A 90 0.88 5.31 -2.81
N LEU A 91 -0.04 5.99 -3.48
CA LEU A 91 -0.84 5.38 -4.52
C LEU A 91 -0.43 5.94 -5.89
N PHE A 92 0.29 5.14 -6.67
CA PHE A 92 0.74 5.56 -7.99
C PHE A 92 -0.19 5.00 -9.06
N ARG A 93 -0.80 5.90 -9.84
CA ARG A 93 -1.71 5.49 -10.91
C ARG A 93 -1.02 5.59 -12.26
N LEU A 94 -0.22 4.56 -12.58
CA LEU A 94 0.53 4.47 -13.84
C LEU A 94 -0.10 5.28 -14.97
N VAL A 95 -1.34 4.96 -15.31
CA VAL A 95 -2.06 5.65 -16.39
C VAL A 95 -1.81 7.15 -16.39
N ASP A 96 -2.17 7.81 -15.30
CA ASP A 96 -2.00 9.25 -15.18
C ASP A 96 -0.71 9.59 -14.43
N ASN A 97 0.04 8.55 -14.08
CA ASN A 97 1.30 8.70 -13.37
C ASN A 97 1.14 9.56 -12.10
N GLU A 98 -0.03 9.47 -11.47
CA GLU A 98 -0.29 10.23 -10.25
C GLU A 98 0.37 9.56 -9.06
N GLN A 99 0.61 10.35 -8.01
CA GLN A 99 1.24 9.85 -6.80
C GLN A 99 0.59 10.47 -5.57
N LEU A 100 -0.36 9.76 -4.98
CA LEU A 100 -1.05 10.22 -3.78
C LEU A 100 -0.29 9.80 -2.54
N ASN A 101 0.24 10.76 -1.80
CA ASN A 101 1.01 10.44 -0.61
C ASN A 101 0.19 10.54 0.67
N LEU A 102 -0.26 9.39 1.15
CA LEU A 102 -1.01 9.32 2.40
C LEU A 102 -0.01 9.27 3.54
N GLU A 103 0.55 10.42 3.87
CA GLU A 103 1.58 10.53 4.91
C GLU A 103 1.02 10.50 6.32
N ASP A 104 1.87 10.89 7.27
CA ASP A 104 1.54 10.92 8.70
C ASP A 104 0.17 11.55 8.96
N GLU A 105 -0.06 12.72 8.39
CA GLU A 105 -1.33 13.43 8.56
C GLU A 105 -2.51 12.50 8.31
N ASP A 106 -2.24 11.36 7.69
CA ASP A 106 -3.27 10.37 7.39
C ASP A 106 -2.89 8.98 7.92
N ILE A 107 -1.63 8.80 8.27
CA ILE A 107 -1.13 7.52 8.77
C ILE A 107 -1.24 7.42 10.29
N GLU A 108 -0.99 8.53 10.98
CA GLU A 108 -1.07 8.56 12.44
C GLU A 108 -2.37 7.94 12.94
N SER A 109 -3.48 8.36 12.36
CA SER A 109 -4.78 7.83 12.74
C SER A 109 -5.45 7.13 11.56
N ILE A 110 -4.65 6.47 10.74
CA ILE A 110 -5.15 5.76 9.58
C ILE A 110 -6.13 4.66 9.97
N ASP A 111 -7.14 4.46 9.13
CA ASP A 111 -8.13 3.43 9.36
C ASP A 111 -8.44 2.73 8.03
N ALA A 112 -8.80 1.44 8.11
CA ALA A 112 -9.10 0.69 6.90
C ALA A 112 -10.07 1.47 6.02
N THR A 113 -10.99 2.19 6.65
CA THR A 113 -11.95 3.00 5.94
C THR A 113 -11.24 4.09 5.15
N LYS A 114 -10.34 4.80 5.81
CA LYS A 114 -9.58 5.88 5.18
C LYS A 114 -8.79 5.37 3.99
N LEU A 115 -7.88 4.43 4.22
CA LEU A 115 -7.06 3.87 3.15
C LEU A 115 -7.94 3.47 1.98
N SER A 116 -8.92 2.61 2.24
CA SER A 116 -9.83 2.15 1.20
C SER A 116 -10.57 3.32 0.56
N ARG A 117 -10.75 4.38 1.33
CA ARG A 117 -11.43 5.58 0.85
C ARG A 117 -10.53 6.33 -0.14
N PHE A 118 -9.43 6.86 0.38
CA PHE A 118 -8.47 7.59 -0.44
C PHE A 118 -8.23 6.85 -1.75
N ILE A 119 -8.11 5.53 -1.66
CA ILE A 119 -7.91 4.71 -2.84
C ILE A 119 -9.14 4.79 -3.73
N GLU A 120 -10.30 4.46 -3.15
CA GLU A 120 -11.56 4.51 -3.88
C GLU A 120 -11.75 5.89 -4.52
N ILE A 121 -11.00 6.86 -4.00
CA ILE A 121 -11.07 8.22 -4.49
C ILE A 121 -10.08 8.49 -5.63
N ASN A 122 -8.88 7.92 -5.53
CA ASN A 122 -7.87 8.12 -6.56
C ASN A 122 -7.49 6.80 -7.25
N SER A 123 -8.40 5.85 -7.27
CA SER A 123 -8.14 4.57 -7.92
C SER A 123 -8.36 4.68 -9.42
N LEU A 124 -7.74 5.70 -10.01
CA LEU A 124 -7.86 5.95 -11.44
C LEU A 124 -6.58 5.57 -12.18
N GLU A 9 -13.81 -11.48 23.23
CA GLU A 9 -12.90 -11.77 24.37
C GLU A 9 -12.37 -13.19 24.30
N VAL A 10 -11.11 -13.35 23.88
CA VAL A 10 -10.49 -14.66 23.77
C VAL A 10 -9.01 -14.61 24.13
N GLU A 11 -8.54 -15.62 24.85
CA GLU A 11 -7.15 -15.69 25.25
C GLU A 11 -6.40 -16.76 24.45
N LYS A 12 -5.09 -16.59 24.35
CA LYS A 12 -4.25 -17.54 23.62
C LYS A 12 -4.70 -17.66 22.15
N SER A 13 -4.06 -16.89 21.28
CA SER A 13 -4.39 -16.90 19.86
C SER A 13 -4.14 -18.28 19.25
N SER A 14 -4.97 -18.65 18.28
CA SER A 14 -4.84 -19.94 17.61
C SER A 14 -3.87 -19.85 16.44
N ASP A 15 -2.59 -20.05 16.72
CA ASP A 15 -1.54 -19.99 15.69
C ASP A 15 -1.48 -18.60 15.06
N GLY A 16 -2.35 -18.35 14.08
CA GLY A 16 -2.37 -17.06 13.42
C GLY A 16 -3.50 -16.93 12.42
N PRO A 17 -3.73 -15.73 11.86
CA PRO A 17 -4.80 -15.49 10.89
C PRO A 17 -4.61 -16.30 9.61
N GLY A 18 -5.50 -16.10 8.64
CA GLY A 18 -5.41 -16.83 7.40
C GLY A 18 -4.30 -16.32 6.51
N ALA A 19 -4.65 -15.85 5.31
CA ALA A 19 -3.66 -15.33 4.37
C ALA A 19 -4.35 -14.64 3.21
N ALA A 20 -4.96 -15.44 2.33
CA ALA A 20 -5.67 -14.92 1.16
C ALA A 20 -4.73 -14.19 0.22
N GLN A 21 -4.43 -12.94 0.53
CA GLN A 21 -3.54 -12.13 -0.29
C GLN A 21 -2.90 -11.01 0.54
N GLU A 22 -1.63 -10.72 0.27
CA GLU A 22 -0.91 -9.68 0.99
C GLU A 22 -0.14 -8.78 0.02
N PRO A 23 0.20 -7.54 0.46
CA PRO A 23 0.93 -6.58 -0.37
C PRO A 23 2.35 -7.04 -0.68
N THR A 24 2.82 -6.71 -1.88
CA THR A 24 4.16 -7.09 -2.33
C THR A 24 5.25 -6.46 -1.45
N TRP A 25 6.41 -7.10 -1.43
CA TRP A 25 7.54 -6.62 -0.65
C TRP A 25 8.54 -5.86 -1.54
N LEU A 26 8.30 -4.56 -1.70
CA LEU A 26 9.16 -3.72 -2.53
C LEU A 26 10.38 -3.25 -1.73
N THR A 27 11.31 -4.17 -1.50
CA THR A 27 12.51 -3.88 -0.73
C THR A 27 13.48 -2.99 -1.50
N ASP A 28 13.14 -2.63 -2.73
CA ASP A 28 14.00 -1.80 -3.55
C ASP A 28 13.21 -0.82 -4.40
N VAL A 29 13.79 0.35 -4.64
CA VAL A 29 13.14 1.38 -5.44
C VAL A 29 12.75 0.86 -6.83
N PRO A 30 13.70 0.23 -7.56
CA PRO A 30 13.40 -0.31 -8.90
C PRO A 30 12.26 -1.31 -8.87
N ALA A 31 12.29 -2.21 -7.89
CA ALA A 31 11.25 -3.22 -7.76
C ALA A 31 9.91 -2.57 -7.49
N ALA A 32 9.96 -1.49 -6.71
CA ALA A 32 8.77 -0.74 -6.36
C ALA A 32 8.16 -0.13 -7.62
N MET A 33 8.94 0.70 -8.30
CA MET A 33 8.51 1.37 -9.52
C MET A 33 8.15 0.35 -10.59
N GLU A 34 8.72 -0.84 -10.50
CA GLU A 34 8.43 -1.88 -11.48
C GLU A 34 7.03 -2.45 -11.28
N PHE A 35 6.74 -2.85 -10.05
CA PHE A 35 5.42 -3.39 -9.73
C PHE A 35 4.36 -2.33 -10.03
N ILE A 36 4.73 -1.07 -9.87
CA ILE A 36 3.83 0.04 -10.16
C ILE A 36 3.68 0.22 -11.67
N ALA A 37 4.79 0.06 -12.38
CA ALA A 37 4.81 0.21 -13.83
C ALA A 37 4.12 -0.97 -14.50
N ALA A 38 4.02 -2.08 -13.78
CA ALA A 38 3.38 -3.28 -14.32
C ALA A 38 1.90 -3.33 -13.94
N THR A 39 1.31 -2.16 -13.76
CA THR A 39 -0.10 -2.07 -13.40
C THR A 39 -0.61 -0.64 -13.49
N GLU A 40 -1.91 -0.49 -13.74
CA GLU A 40 -2.53 0.83 -13.86
C GLU A 40 -2.51 1.55 -12.51
N VAL A 41 -3.17 0.97 -11.51
CA VAL A 41 -3.21 1.56 -10.18
C VAL A 41 -2.39 0.73 -9.21
N ALA A 42 -1.61 1.41 -8.36
CA ALA A 42 -0.77 0.72 -7.39
C ALA A 42 -0.74 1.43 -6.05
N VAL A 43 -1.02 0.68 -4.99
CA VAL A 43 -0.99 1.22 -3.64
C VAL A 43 0.08 0.53 -2.84
N ILE A 44 0.90 1.32 -2.17
CA ILE A 44 2.01 0.78 -1.40
C ILE A 44 2.16 1.43 -0.03
N GLY A 45 2.37 0.58 0.98
CA GLY A 45 2.54 1.08 2.34
C GLY A 45 4.00 1.21 2.73
N PHE A 46 4.52 2.43 2.64
CA PHE A 46 5.92 2.69 3.01
C PHE A 46 6.01 2.93 4.50
N PHE A 47 6.29 1.87 5.25
CA PHE A 47 6.37 1.95 6.70
C PHE A 47 7.78 1.71 7.23
N GLN A 48 8.14 2.45 8.26
CA GLN A 48 9.44 2.29 8.90
C GLN A 48 9.30 1.26 10.01
N ASP A 49 8.08 0.77 10.18
CA ASP A 49 7.73 -0.21 11.19
C ASP A 49 6.48 -0.98 10.77
N LEU A 50 6.59 -2.29 10.66
CA LEU A 50 5.45 -3.11 10.25
C LEU A 50 4.65 -3.60 11.46
N GLU A 51 4.39 -2.68 12.38
CA GLU A 51 3.61 -2.99 13.58
C GLU A 51 2.59 -1.88 13.85
N ILE A 52 2.49 -0.96 12.90
CA ILE A 52 1.56 0.15 13.02
C ILE A 52 0.20 -0.21 12.43
N PRO A 53 -0.87 0.51 12.83
CA PRO A 53 -2.23 0.27 12.35
C PRO A 53 -2.32 0.28 10.83
N ALA A 54 -1.41 0.99 10.19
CA ALA A 54 -1.40 1.12 8.74
C ALA A 54 -1.13 -0.21 8.04
N VAL A 55 -0.24 -1.03 8.61
CA VAL A 55 0.11 -2.31 8.00
C VAL A 55 -1.11 -3.23 7.88
N PRO A 56 -1.81 -3.53 9.00
CA PRO A 56 -3.00 -4.41 8.96
C PRO A 56 -4.09 -3.83 8.08
N ILE A 57 -4.23 -2.51 8.13
CA ILE A 57 -5.23 -1.80 7.34
C ILE A 57 -4.93 -1.93 5.85
N LEU A 58 -3.64 -1.94 5.50
CA LEU A 58 -3.24 -2.08 4.10
C LEU A 58 -3.48 -3.51 3.64
N HIS A 59 -2.96 -4.47 4.40
CA HIS A 59 -3.15 -5.88 4.09
C HIS A 59 -4.64 -6.17 3.91
N SER A 60 -5.46 -5.35 4.58
CA SER A 60 -6.90 -5.50 4.53
C SER A 60 -7.46 -4.87 3.25
N MET A 61 -7.02 -3.65 2.96
CA MET A 61 -7.47 -2.95 1.75
C MET A 61 -7.12 -3.77 0.52
N VAL A 62 -6.09 -4.60 0.66
CA VAL A 62 -5.63 -5.46 -0.43
C VAL A 62 -6.78 -6.30 -0.96
N GLN A 63 -7.53 -6.92 -0.05
CA GLN A 63 -8.65 -7.75 -0.43
C GLN A 63 -9.85 -6.90 -0.81
N LYS A 64 -9.75 -5.61 -0.54
CA LYS A 64 -10.81 -4.67 -0.85
C LYS A 64 -10.58 -4.03 -2.20
N PHE A 65 -9.33 -4.10 -2.67
CA PHE A 65 -8.97 -3.52 -3.95
C PHE A 65 -8.05 -4.47 -4.74
N PRO A 66 -8.56 -5.66 -5.11
CA PRO A 66 -7.80 -6.64 -5.89
C PRO A 66 -7.21 -6.01 -7.15
N GLY A 67 -8.03 -5.19 -7.81
CA GLY A 67 -7.59 -4.52 -9.02
C GLY A 67 -6.36 -3.67 -8.76
N VAL A 68 -6.35 -3.01 -7.61
CA VAL A 68 -5.23 -2.16 -7.20
C VAL A 68 -4.01 -3.03 -6.91
N SER A 69 -2.83 -2.52 -7.24
CA SER A 69 -1.60 -3.26 -7.00
C SER A 69 -1.14 -3.12 -5.55
N PHE A 70 -1.48 -4.12 -4.74
CA PHE A 70 -1.10 -4.11 -3.34
C PHE A 70 0.41 -4.19 -3.18
N GLY A 71 0.96 -3.23 -2.44
CA GLY A 71 2.39 -3.21 -2.21
C GLY A 71 2.74 -2.69 -0.83
N ILE A 72 3.96 -2.97 -0.39
CA ILE A 72 4.41 -2.54 0.91
C ILE A 72 5.94 -2.57 0.97
N SER A 73 6.52 -1.63 1.70
CA SER A 73 7.97 -1.56 1.80
C SER A 73 8.42 -0.95 3.14
N THR A 74 9.66 -1.25 3.51
CA THR A 74 10.23 -0.75 4.75
C THR A 74 11.68 -0.33 4.52
N ASP A 75 12.15 -0.50 3.29
CA ASP A 75 13.51 -0.14 2.93
C ASP A 75 13.72 1.37 3.00
N SER A 76 14.90 1.79 3.43
CA SER A 76 15.22 3.20 3.55
C SER A 76 15.29 3.89 2.19
N GLU A 77 16.05 3.29 1.26
CA GLU A 77 16.21 3.86 -0.07
C GLU A 77 14.86 4.14 -0.71
N VAL A 78 13.92 3.23 -0.55
CA VAL A 78 12.58 3.41 -1.11
C VAL A 78 11.82 4.51 -0.36
N LEU A 79 11.75 4.36 0.96
CA LEU A 79 11.06 5.34 1.80
C LEU A 79 11.70 6.71 1.64
N THR A 80 12.89 6.74 1.06
CA THR A 80 13.61 7.97 0.82
C THR A 80 13.26 8.51 -0.55
N HIS A 81 13.17 7.61 -1.53
CA HIS A 81 12.83 7.98 -2.89
C HIS A 81 11.46 8.65 -2.94
N TYR A 82 10.52 8.12 -2.16
CA TYR A 82 9.17 8.68 -2.12
C TYR A 82 9.05 9.72 -1.00
N ASN A 83 10.20 10.15 -0.48
CA ASN A 83 10.24 11.14 0.59
C ASN A 83 9.38 10.72 1.78
N ILE A 84 9.19 9.41 1.94
CA ILE A 84 8.41 8.88 3.04
C ILE A 84 9.02 9.24 4.39
N THR A 85 8.25 9.95 5.21
CA THR A 85 8.72 10.37 6.53
C THR A 85 7.61 10.25 7.57
N GLY A 86 7.05 9.05 7.70
CA GLY A 86 5.99 8.84 8.66
C GLY A 86 5.09 7.67 8.30
N ASN A 87 5.71 6.56 7.90
CA ASN A 87 4.95 5.37 7.52
C ASN A 87 3.89 5.72 6.49
N THR A 88 4.27 6.54 5.53
CA THR A 88 3.36 7.00 4.48
C THR A 88 2.99 5.89 3.50
N ILE A 89 1.81 6.03 2.90
CA ILE A 89 1.30 5.08 1.92
C ILE A 89 1.10 5.81 0.60
N CYS A 90 1.82 5.41 -0.44
CA CYS A 90 1.72 6.08 -1.73
C CYS A 90 0.94 5.28 -2.76
N LEU A 91 0.02 5.97 -3.44
CA LEU A 91 -0.79 5.37 -4.48
C LEU A 91 -0.38 5.93 -5.84
N PHE A 92 0.34 5.13 -6.61
CA PHE A 92 0.78 5.55 -7.94
C PHE A 92 -0.15 5.01 -9.01
N ARG A 93 -0.71 5.90 -9.82
CA ARG A 93 -1.62 5.51 -10.89
C ARG A 93 -0.95 5.60 -12.26
N LEU A 94 -0.21 4.55 -12.60
CA LEU A 94 0.53 4.46 -13.88
C LEU A 94 -0.09 5.31 -14.98
N VAL A 95 -1.35 5.03 -15.31
CA VAL A 95 -2.06 5.75 -16.36
C VAL A 95 -1.71 7.23 -16.38
N ASP A 96 -2.11 7.95 -15.34
CA ASP A 96 -1.84 9.38 -15.24
C ASP A 96 -0.54 9.64 -14.50
N ASN A 97 0.17 8.57 -14.17
CA ASN A 97 1.44 8.66 -13.48
C ASN A 97 1.32 9.48 -12.19
N GLU A 98 0.14 9.47 -11.58
CA GLU A 98 -0.09 10.21 -10.35
C GLU A 98 0.58 9.52 -9.16
N GLN A 99 0.79 10.27 -8.10
CA GLN A 99 1.41 9.74 -6.90
C GLN A 99 0.85 10.40 -5.65
N LEU A 100 -0.14 9.76 -5.05
CA LEU A 100 -0.76 10.27 -3.84
C LEU A 100 0.04 9.84 -2.62
N ASN A 101 0.29 10.75 -1.69
CA ASN A 101 1.08 10.42 -0.51
C ASN A 101 0.25 10.47 0.78
N LEU A 102 -0.24 9.32 1.19
CA LEU A 102 -1.01 9.21 2.42
C LEU A 102 -0.03 9.18 3.59
N GLU A 103 0.45 10.36 3.97
CA GLU A 103 1.45 10.49 5.03
C GLU A 103 0.81 10.49 6.42
N ASP A 104 1.59 10.95 7.40
CA ASP A 104 1.14 10.99 8.80
C ASP A 104 -0.22 11.65 8.95
N GLU A 105 -0.45 12.73 8.18
CA GLU A 105 -1.73 13.42 8.24
C GLU A 105 -2.88 12.44 8.05
N ASP A 106 -2.54 11.25 7.57
CA ASP A 106 -3.51 10.19 7.33
C ASP A 106 -3.03 8.86 7.92
N ILE A 107 -1.74 8.77 8.28
CA ILE A 107 -1.17 7.55 8.83
C ILE A 107 -1.26 7.51 10.35
N GLU A 108 -1.03 8.66 10.99
CA GLU A 108 -1.09 8.77 12.45
C GLU A 108 -2.35 8.10 12.99
N SER A 109 -3.46 8.34 12.31
CA SER A 109 -4.75 7.76 12.72
C SER A 109 -5.42 7.09 11.53
N ILE A 110 -4.63 6.34 10.77
CA ILE A 110 -5.15 5.63 9.59
C ILE A 110 -6.13 4.54 9.98
N ASP A 111 -7.14 4.36 9.14
CA ASP A 111 -8.15 3.34 9.35
C ASP A 111 -8.45 2.64 8.03
N ALA A 112 -8.80 1.36 8.08
CA ALA A 112 -9.11 0.61 6.86
C ALA A 112 -10.05 1.41 5.98
N THR A 113 -10.95 2.15 6.61
CA THR A 113 -11.89 2.99 5.88
C THR A 113 -11.17 4.08 5.11
N LYS A 114 -10.26 4.76 5.80
CA LYS A 114 -9.49 5.84 5.20
C LYS A 114 -8.68 5.34 4.00
N LEU A 115 -7.83 4.34 4.22
CA LEU A 115 -7.01 3.80 3.14
C LEU A 115 -7.89 3.43 1.96
N SER A 116 -8.90 2.60 2.23
CA SER A 116 -9.82 2.16 1.19
C SER A 116 -10.53 3.34 0.56
N ARG A 117 -10.69 4.41 1.33
CA ARG A 117 -11.35 5.62 0.85
C ARG A 117 -10.44 6.35 -0.13
N PHE A 118 -9.33 6.87 0.39
CA PHE A 118 -8.36 7.59 -0.43
C PHE A 118 -8.13 6.84 -1.74
N ILE A 119 -8.01 5.53 -1.65
CA ILE A 119 -7.83 4.71 -2.83
C ILE A 119 -9.06 4.81 -3.72
N GLU A 120 -10.22 4.52 -3.14
CA GLU A 120 -11.48 4.61 -3.86
C GLU A 120 -11.65 6.00 -4.48
N ILE A 121 -10.90 6.95 -3.95
CA ILE A 121 -10.95 8.32 -4.42
C ILE A 121 -9.97 8.57 -5.57
N ASN A 122 -8.80 7.94 -5.50
CA ASN A 122 -7.80 8.13 -6.55
C ASN A 122 -7.39 6.81 -7.20
N SER A 123 -8.30 5.84 -7.25
CA SER A 123 -8.03 4.56 -7.88
C SER A 123 -8.23 4.66 -9.38
N LEU A 124 -7.67 5.72 -9.97
CA LEU A 124 -7.78 5.97 -11.39
C LEU A 124 -6.52 5.54 -12.14
N GLU A 9 -1.15 -31.77 24.77
CA GLU A 9 -0.60 -30.60 24.05
C GLU A 9 -1.61 -29.46 24.00
N VAL A 10 -1.16 -28.31 23.50
CA VAL A 10 -2.03 -27.14 23.40
C VAL A 10 -1.52 -26.17 22.33
N GLU A 11 -2.46 -25.55 21.61
CA GLU A 11 -2.10 -24.60 20.56
C GLU A 11 -2.95 -23.34 20.67
N LYS A 12 -2.29 -22.19 20.69
CA LYS A 12 -2.98 -20.91 20.79
C LYS A 12 -3.51 -20.47 19.43
N SER A 13 -4.82 -20.26 19.35
CA SER A 13 -5.46 -19.84 18.11
C SER A 13 -6.85 -19.28 18.36
N SER A 14 -7.33 -18.45 17.44
CA SER A 14 -8.65 -17.85 17.55
C SER A 14 -9.27 -17.64 16.18
N ASP A 15 -8.50 -17.92 15.13
CA ASP A 15 -8.96 -17.77 13.76
C ASP A 15 -8.03 -18.49 12.79
N GLY A 16 -8.62 -19.26 11.88
CA GLY A 16 -7.83 -19.99 10.90
C GLY A 16 -7.70 -19.25 9.59
N PRO A 17 -8.66 -19.43 8.66
CA PRO A 17 -8.62 -18.75 7.35
C PRO A 17 -8.57 -17.23 7.49
N GLY A 18 -7.36 -16.69 7.35
CA GLY A 18 -7.18 -15.25 7.45
C GLY A 18 -5.90 -14.76 6.80
N ALA A 19 -5.90 -14.72 5.48
CA ALA A 19 -4.72 -14.28 4.73
C ALA A 19 -5.08 -14.01 3.27
N ALA A 20 -5.35 -15.09 2.53
CA ALA A 20 -5.71 -14.99 1.12
C ALA A 20 -4.60 -14.35 0.30
N GLN A 21 -4.53 -13.02 0.31
CA GLN A 21 -3.53 -12.30 -0.44
C GLN A 21 -2.82 -11.26 0.45
N GLU A 22 -1.64 -10.84 0.03
CA GLU A 22 -0.86 -9.86 0.80
C GLU A 22 -0.11 -8.91 -0.13
N PRO A 23 0.26 -7.71 0.36
CA PRO A 23 0.98 -6.71 -0.44
C PRO A 23 2.41 -7.13 -0.72
N THR A 24 2.88 -6.84 -1.93
CA THR A 24 4.24 -7.19 -2.35
C THR A 24 5.28 -6.47 -1.49
N TRP A 25 6.45 -7.11 -1.36
CA TRP A 25 7.55 -6.53 -0.57
C TRP A 25 8.53 -5.79 -1.47
N LEU A 26 8.27 -4.51 -1.70
CA LEU A 26 9.13 -3.68 -2.53
C LEU A 26 10.34 -3.20 -1.72
N THR A 27 11.26 -4.13 -1.45
CA THR A 27 12.45 -3.83 -0.67
C THR A 27 13.43 -2.94 -1.43
N ASP A 28 13.13 -2.67 -2.70
CA ASP A 28 14.02 -1.83 -3.51
C ASP A 28 13.22 -0.87 -4.39
N VAL A 29 13.80 0.31 -4.61
CA VAL A 29 13.17 1.33 -5.43
C VAL A 29 12.79 0.80 -6.81
N PRO A 30 13.72 0.13 -7.53
CA PRO A 30 13.43 -0.41 -8.85
C PRO A 30 12.25 -1.37 -8.84
N ALA A 31 12.26 -2.29 -7.88
CA ALA A 31 11.18 -3.27 -7.78
C ALA A 31 9.87 -2.57 -7.48
N ALA A 32 9.95 -1.50 -6.72
CA ALA A 32 8.77 -0.72 -6.36
C ALA A 32 8.16 -0.09 -7.61
N MET A 33 8.95 0.72 -8.30
CA MET A 33 8.51 1.39 -9.51
C MET A 33 8.11 0.38 -10.59
N GLU A 34 8.69 -0.82 -10.53
CA GLU A 34 8.38 -1.86 -11.50
C GLU A 34 6.97 -2.39 -11.28
N PHE A 35 6.69 -2.76 -10.03
CA PHE A 35 5.36 -3.27 -9.69
C PHE A 35 4.31 -2.20 -9.98
N ILE A 36 4.70 -0.95 -9.82
CA ILE A 36 3.80 0.17 -10.10
C ILE A 36 3.65 0.34 -11.60
N ALA A 37 4.73 0.10 -12.33
CA ALA A 37 4.72 0.24 -13.78
C ALA A 37 4.00 -0.95 -14.43
N ALA A 38 3.90 -2.04 -13.67
CA ALA A 38 3.24 -3.25 -14.16
C ALA A 38 1.77 -3.25 -13.75
N THR A 39 1.19 -2.07 -13.64
CA THR A 39 -0.22 -1.95 -13.25
C THR A 39 -0.72 -0.52 -13.44
N GLU A 40 -2.02 -0.40 -13.69
CA GLU A 40 -2.66 0.91 -13.90
C GLU A 40 -2.75 1.67 -12.58
N VAL A 41 -3.08 0.96 -11.52
CA VAL A 41 -3.20 1.56 -10.18
C VAL A 41 -2.40 0.74 -9.18
N ALA A 42 -1.58 1.41 -8.38
CA ALA A 42 -0.76 0.74 -7.39
C ALA A 42 -0.77 1.45 -6.05
N VAL A 43 -1.04 0.68 -5.00
CA VAL A 43 -1.05 1.22 -3.65
C VAL A 43 0.03 0.53 -2.83
N ILE A 44 0.86 1.33 -2.19
CA ILE A 44 1.98 0.80 -1.42
C ILE A 44 2.11 1.44 -0.05
N GLY A 45 2.36 0.60 0.95
CA GLY A 45 2.53 1.07 2.30
C GLY A 45 3.99 1.22 2.70
N PHE A 46 4.52 2.42 2.59
CA PHE A 46 5.91 2.70 2.95
C PHE A 46 6.00 2.93 4.45
N PHE A 47 6.20 1.83 5.19
CA PHE A 47 6.26 1.91 6.65
C PHE A 47 7.66 1.69 7.19
N GLN A 48 8.02 2.47 8.21
CA GLN A 48 9.31 2.35 8.87
C GLN A 48 9.19 1.31 9.97
N ASP A 49 7.97 0.80 10.13
CA ASP A 49 7.66 -0.20 11.14
C ASP A 49 6.42 -0.98 10.73
N LEU A 50 6.53 -2.29 10.65
CA LEU A 50 5.40 -3.12 10.24
C LEU A 50 4.62 -3.62 11.45
N GLU A 51 4.33 -2.70 12.38
CA GLU A 51 3.57 -3.02 13.58
C GLU A 51 2.54 -1.92 13.85
N ILE A 52 2.43 -1.00 12.89
CA ILE A 52 1.49 0.11 13.00
C ILE A 52 0.15 -0.24 12.38
N PRO A 53 -0.93 0.45 12.81
CA PRO A 53 -2.29 0.21 12.30
C PRO A 53 -2.37 0.22 10.77
N ALA A 54 -1.46 0.95 10.15
CA ALA A 54 -1.44 1.07 8.70
C ALA A 54 -1.15 -0.26 7.99
N VAL A 55 -0.30 -1.09 8.59
CA VAL A 55 0.05 -2.37 7.99
C VAL A 55 -1.17 -3.30 7.89
N PRO A 56 -1.88 -3.59 9.01
CA PRO A 56 -3.06 -4.46 8.98
C PRO A 56 -4.14 -3.89 8.08
N ILE A 57 -4.28 -2.56 8.12
CA ILE A 57 -5.26 -1.86 7.32
C ILE A 57 -4.95 -2.00 5.83
N LEU A 58 -3.67 -1.99 5.49
CA LEU A 58 -3.27 -2.14 4.10
C LEU A 58 -3.50 -3.57 3.65
N HIS A 59 -2.98 -4.52 4.43
CA HIS A 59 -3.17 -5.94 4.12
C HIS A 59 -4.66 -6.23 3.95
N SER A 60 -5.49 -5.39 4.58
CA SER A 60 -6.93 -5.55 4.51
C SER A 60 -7.48 -4.91 3.24
N MET A 61 -7.03 -3.69 2.94
CA MET A 61 -7.47 -3.00 1.73
C MET A 61 -7.12 -3.83 0.51
N VAL A 62 -6.09 -4.66 0.67
CA VAL A 62 -5.62 -5.53 -0.40
C VAL A 62 -6.77 -6.36 -0.96
N GLN A 63 -7.51 -7.01 -0.07
CA GLN A 63 -8.63 -7.83 -0.47
C GLN A 63 -9.84 -6.97 -0.85
N LYS A 64 -9.74 -5.68 -0.56
CA LYS A 64 -10.81 -4.74 -0.87
C LYS A 64 -10.58 -4.11 -2.23
N PHE A 65 -9.33 -4.16 -2.68
CA PHE A 65 -8.95 -3.59 -3.96
C PHE A 65 -8.05 -4.54 -4.76
N PRO A 66 -8.57 -5.73 -5.14
CA PRO A 66 -7.81 -6.71 -5.93
C PRO A 66 -7.22 -6.09 -7.18
N GLY A 67 -8.01 -5.23 -7.84
CA GLY A 67 -7.55 -4.57 -9.03
C GLY A 67 -6.32 -3.73 -8.77
N VAL A 68 -6.33 -3.03 -7.63
CA VAL A 68 -5.21 -2.19 -7.23
C VAL A 68 -3.98 -3.05 -6.96
N SER A 69 -2.79 -2.51 -7.23
CA SER A 69 -1.57 -3.25 -7.00
C SER A 69 -1.11 -3.11 -5.55
N PHE A 70 -1.47 -4.10 -4.75
CA PHE A 70 -1.10 -4.11 -3.34
C PHE A 70 0.41 -4.21 -3.15
N GLY A 71 0.97 -3.22 -2.48
CA GLY A 71 2.40 -3.20 -2.24
C GLY A 71 2.75 -2.69 -0.85
N ILE A 72 3.97 -2.95 -0.42
CA ILE A 72 4.42 -2.53 0.89
C ILE A 72 5.94 -2.54 0.95
N SER A 73 6.52 -1.57 1.65
CA SER A 73 7.98 -1.49 1.76
C SER A 73 8.40 -0.93 3.12
N THR A 74 9.64 -1.22 3.49
CA THR A 74 10.21 -0.76 4.74
C THR A 74 11.66 -0.36 4.57
N ASP A 75 12.14 -0.44 3.33
CA ASP A 75 13.52 -0.10 3.01
C ASP A 75 13.71 1.41 3.03
N SER A 76 14.87 1.84 3.53
CA SER A 76 15.18 3.27 3.62
C SER A 76 15.26 3.91 2.23
N GLU A 77 16.02 3.28 1.33
CA GLU A 77 16.19 3.80 -0.02
C GLU A 77 14.85 4.12 -0.67
N VAL A 78 13.89 3.21 -0.53
CA VAL A 78 12.58 3.44 -1.11
C VAL A 78 11.83 4.53 -0.37
N LEU A 79 11.74 4.39 0.95
CA LEU A 79 11.05 5.37 1.78
C LEU A 79 11.71 6.73 1.62
N THR A 80 12.91 6.74 1.04
CA THR A 80 13.64 7.98 0.80
C THR A 80 13.32 8.52 -0.59
N HIS A 81 13.25 7.62 -1.56
CA HIS A 81 12.96 7.99 -2.93
C HIS A 81 11.58 8.63 -3.03
N TYR A 82 10.64 8.13 -2.23
CA TYR A 82 9.29 8.67 -2.22
C TYR A 82 9.13 9.72 -1.13
N ASN A 83 10.25 10.11 -0.53
CA ASN A 83 10.25 11.13 0.52
C ASN A 83 9.41 10.71 1.72
N ILE A 84 9.17 9.41 1.84
CA ILE A 84 8.38 8.87 2.94
C ILE A 84 8.99 9.27 4.29
N THR A 85 8.18 9.92 5.12
CA THR A 85 8.63 10.35 6.44
C THR A 85 7.52 10.24 7.48
N GLY A 86 7.03 9.02 7.68
CA GLY A 86 5.97 8.79 8.65
C GLY A 86 5.08 7.63 8.26
N ASN A 87 5.69 6.52 7.86
CA ASN A 87 4.93 5.34 7.47
C ASN A 87 3.87 5.70 6.44
N THR A 88 4.26 6.52 5.48
CA THR A 88 3.37 7.00 4.43
C THR A 88 2.97 5.90 3.45
N ILE A 89 1.77 6.03 2.89
CA ILE A 89 1.25 5.10 1.90
C ILE A 89 1.04 5.83 0.59
N CYS A 90 1.74 5.41 -0.46
CA CYS A 90 1.62 6.10 -1.75
C CYS A 90 0.86 5.29 -2.78
N LEU A 91 -0.09 5.95 -3.43
CA LEU A 91 -0.89 5.34 -4.49
C LEU A 91 -0.47 5.91 -5.83
N PHE A 92 0.29 5.13 -6.59
CA PHE A 92 0.75 5.57 -7.90
C PHE A 92 -0.14 5.01 -9.01
N ARG A 93 -0.76 5.92 -9.77
CA ARG A 93 -1.64 5.53 -10.87
C ARG A 93 -0.92 5.67 -12.19
N LEU A 94 -0.39 4.55 -12.69
CA LEU A 94 0.36 4.50 -13.95
C LEU A 94 -0.30 5.32 -15.06
N VAL A 95 -1.58 5.07 -15.31
CA VAL A 95 -2.31 5.78 -16.36
C VAL A 95 -1.95 7.27 -16.41
N ASP A 96 -2.23 7.97 -15.31
CA ASP A 96 -1.95 9.39 -15.24
C ASP A 96 -0.65 9.66 -14.48
N ASN A 97 0.09 8.60 -14.20
CA ASN A 97 1.36 8.69 -13.48
C ASN A 97 1.23 9.51 -12.20
N GLU A 98 0.06 9.44 -11.57
CA GLU A 98 -0.19 10.18 -10.33
C GLU A 98 0.46 9.48 -9.14
N GLN A 99 0.61 10.22 -8.04
CA GLN A 99 1.21 9.68 -6.83
C GLN A 99 0.63 10.37 -5.60
N LEU A 100 -0.34 9.72 -4.97
CA LEU A 100 -0.97 10.25 -3.77
C LEU A 100 -0.19 9.80 -2.54
N ASN A 101 0.25 10.75 -1.73
CA ASN A 101 1.03 10.42 -0.54
C ASN A 101 0.21 10.52 0.75
N LEU A 102 -0.27 9.37 1.20
CA LEU A 102 -1.02 9.29 2.45
C LEU A 102 -0.02 9.24 3.61
N GLU A 103 0.55 10.39 3.92
CA GLU A 103 1.57 10.50 4.96
C GLU A 103 1.00 10.47 6.38
N ASP A 104 1.86 10.86 7.33
CA ASP A 104 1.52 10.89 8.75
C ASP A 104 0.15 11.52 9.01
N GLU A 105 -0.06 12.71 8.47
CA GLU A 105 -1.33 13.42 8.64
C GLU A 105 -2.52 12.49 8.38
N ASP A 106 -2.26 11.37 7.72
CA ASP A 106 -3.29 10.39 7.41
C ASP A 106 -2.91 8.99 7.93
N ILE A 107 -1.64 8.82 8.29
CA ILE A 107 -1.15 7.54 8.79
C ILE A 107 -1.27 7.43 10.31
N GLU A 108 -0.92 8.53 11.00
CA GLU A 108 -0.99 8.56 12.46
C GLU A 108 -2.34 8.07 12.96
N SER A 109 -3.39 8.34 12.18
CA SER A 109 -4.73 7.93 12.53
C SER A 109 -5.40 7.21 11.37
N ILE A 110 -4.61 6.41 10.65
CA ILE A 110 -5.10 5.67 9.50
C ILE A 110 -6.11 4.59 9.91
N ASP A 111 -7.11 4.39 9.08
CA ASP A 111 -8.12 3.38 9.31
C ASP A 111 -8.45 2.68 8.01
N ALA A 112 -8.81 1.39 8.09
CA ALA A 112 -9.13 0.64 6.88
C ALA A 112 -10.07 1.43 5.99
N THR A 113 -10.99 2.16 6.62
CA THR A 113 -11.94 2.99 5.90
C THR A 113 -11.21 4.07 5.12
N LYS A 114 -10.26 4.74 5.78
CA LYS A 114 -9.50 5.81 5.17
C LYS A 114 -8.69 5.29 3.98
N LEU A 115 -7.82 4.31 4.22
CA LEU A 115 -7.00 3.76 3.15
C LEU A 115 -7.88 3.36 1.96
N SER A 116 -8.88 2.53 2.23
CA SER A 116 -9.80 2.08 1.19
C SER A 116 -10.50 3.26 0.53
N ARG A 117 -10.72 4.32 1.30
CA ARG A 117 -11.38 5.51 0.80
C ARG A 117 -10.47 6.25 -0.16
N PHE A 118 -9.36 6.77 0.36
CA PHE A 118 -8.39 7.50 -0.44
C PHE A 118 -8.14 6.76 -1.75
N ILE A 119 -8.01 5.44 -1.66
CA ILE A 119 -7.81 4.63 -2.85
C ILE A 119 -9.02 4.75 -3.76
N GLU A 120 -10.19 4.44 -3.20
CA GLU A 120 -11.44 4.53 -3.94
C GLU A 120 -11.59 5.91 -4.57
N ILE A 121 -10.88 6.88 -4.00
CA ILE A 121 -10.93 8.26 -4.46
C ILE A 121 -9.95 8.50 -5.61
N ASN A 122 -8.76 7.90 -5.54
CA ASN A 122 -7.76 8.07 -6.58
C ASN A 122 -7.40 6.76 -7.27
N SER A 123 -8.35 5.82 -7.29
CA SER A 123 -8.13 4.54 -7.95
C SER A 123 -8.33 4.67 -9.45
N LEU A 124 -7.74 5.71 -10.02
CA LEU A 124 -7.86 5.98 -11.45
C LEU A 124 -6.59 5.57 -12.19
N GLU A 9 2.42 -31.94 8.95
CA GLU A 9 2.25 -33.41 9.16
C GLU A 9 0.80 -33.76 9.47
N VAL A 10 0.32 -33.27 10.61
CA VAL A 10 -1.05 -33.52 11.02
C VAL A 10 -1.93 -32.29 10.80
N GLU A 11 -1.29 -31.14 10.60
CA GLU A 11 -2.01 -29.90 10.36
C GLU A 11 -1.37 -29.10 9.24
N LYS A 12 -0.15 -28.63 9.49
CA LYS A 12 0.61 -27.84 8.51
C LYS A 12 -0.09 -26.52 8.21
N SER A 13 0.70 -25.48 7.98
CA SER A 13 0.17 -24.14 7.68
C SER A 13 -0.67 -23.61 8.84
N SER A 14 -1.14 -22.38 8.71
CA SER A 14 -1.95 -21.75 9.74
C SER A 14 -3.30 -22.46 9.88
N ASP A 15 -4.16 -22.27 8.90
CA ASP A 15 -5.48 -22.89 8.91
C ASP A 15 -5.91 -23.27 7.50
N GLY A 16 -6.67 -24.36 7.38
CA GLY A 16 -7.14 -24.81 6.09
C GLY A 16 -7.94 -23.75 5.36
N PRO A 17 -9.25 -23.64 5.64
CA PRO A 17 -10.12 -22.66 4.99
C PRO A 17 -9.64 -21.22 5.19
N GLY A 18 -9.31 -20.55 4.10
CA GLY A 18 -8.85 -19.19 4.18
C GLY A 18 -7.55 -18.96 3.41
N ALA A 19 -7.24 -17.71 3.11
CA ALA A 19 -6.04 -17.36 2.38
C ALA A 19 -5.74 -15.87 2.51
N ALA A 20 -6.55 -15.05 1.84
CA ALA A 20 -6.38 -13.61 1.88
C ALA A 20 -5.01 -13.17 1.37
N GLN A 21 -4.98 -12.62 0.17
CA GLN A 21 -3.73 -12.16 -0.44
C GLN A 21 -3.06 -11.10 0.43
N GLU A 22 -1.79 -10.82 0.13
CA GLU A 22 -1.03 -9.83 0.88
C GLU A 22 -0.28 -8.89 -0.08
N PRO A 23 0.08 -7.68 0.39
CA PRO A 23 0.79 -6.68 -0.42
C PRO A 23 2.18 -7.16 -0.84
N THR A 24 2.64 -6.65 -1.98
CA THR A 24 3.95 -7.01 -2.52
C THR A 24 5.08 -6.45 -1.66
N TRP A 25 6.23 -7.11 -1.71
CA TRP A 25 7.40 -6.70 -0.94
C TRP A 25 8.37 -5.91 -1.81
N LEU A 26 8.22 -4.59 -1.81
CA LEU A 26 9.08 -3.71 -2.61
C LEU A 26 10.29 -3.25 -1.79
N THR A 27 11.20 -4.18 -1.53
CA THR A 27 12.39 -3.89 -0.73
C THR A 27 13.39 -3.03 -1.50
N ASP A 28 13.07 -2.72 -2.76
CA ASP A 28 13.96 -1.92 -3.59
C ASP A 28 13.19 -0.92 -4.45
N VAL A 29 13.81 0.24 -4.68
CA VAL A 29 13.21 1.28 -5.49
C VAL A 29 12.82 0.78 -6.88
N PRO A 30 13.74 0.11 -7.60
CA PRO A 30 13.45 -0.41 -8.94
C PRO A 30 12.28 -1.37 -8.93
N ALA A 31 12.26 -2.28 -7.96
CA ALA A 31 11.19 -3.26 -7.85
C ALA A 31 9.88 -2.57 -7.55
N ALA A 32 9.95 -1.48 -6.80
CA ALA A 32 8.77 -0.71 -6.46
C ALA A 32 8.16 -0.10 -7.72
N MET A 33 8.97 0.70 -8.41
CA MET A 33 8.54 1.37 -9.63
C MET A 33 8.15 0.35 -10.70
N GLU A 34 8.72 -0.85 -10.64
CA GLU A 34 8.41 -1.89 -11.60
C GLU A 34 7.02 -2.45 -11.36
N PHE A 35 6.75 -2.83 -10.12
CA PHE A 35 5.44 -3.37 -9.78
C PHE A 35 4.36 -2.34 -10.08
N ILE A 36 4.70 -1.07 -9.93
CA ILE A 36 3.77 0.01 -10.23
C ILE A 36 3.63 0.17 -11.74
N ALA A 37 4.75 0.03 -12.45
CA ALA A 37 4.78 0.17 -13.89
C ALA A 37 4.13 -1.03 -14.57
N ALA A 38 4.00 -2.13 -13.83
CA ALA A 38 3.40 -3.35 -14.36
C ALA A 38 1.92 -3.42 -14.03
N THR A 39 1.29 -2.26 -13.85
CA THR A 39 -0.12 -2.20 -13.52
C THR A 39 -0.65 -0.76 -13.57
N GLU A 40 -1.94 -0.62 -13.80
CA GLU A 40 -2.57 0.70 -13.87
C GLU A 40 -2.50 1.41 -12.52
N VAL A 41 -3.31 0.97 -11.56
CA VAL A 41 -3.33 1.56 -10.24
C VAL A 41 -2.51 0.72 -9.26
N ALA A 42 -1.75 1.39 -8.40
CA ALA A 42 -0.91 0.69 -7.43
C ALA A 42 -0.87 1.40 -6.08
N VAL A 43 -1.15 0.66 -5.02
CA VAL A 43 -1.13 1.19 -3.68
C VAL A 43 -0.05 0.51 -2.87
N ILE A 44 0.79 1.30 -2.24
CA ILE A 44 1.91 0.76 -1.48
C ILE A 44 2.06 1.43 -0.12
N GLY A 45 2.34 0.61 0.89
CA GLY A 45 2.51 1.12 2.23
C GLY A 45 3.96 1.23 2.63
N PHE A 46 4.53 2.43 2.49
CA PHE A 46 5.93 2.68 2.85
C PHE A 46 6.03 2.93 4.35
N PHE A 47 6.22 1.86 5.12
CA PHE A 47 6.30 1.95 6.57
C PHE A 47 7.71 1.73 7.08
N GLN A 48 8.07 2.47 8.12
CA GLN A 48 9.38 2.32 8.75
C GLN A 48 9.27 1.29 9.86
N ASP A 49 8.04 0.86 10.11
CA ASP A 49 7.75 -0.15 11.13
C ASP A 49 6.50 -0.92 10.74
N LEU A 50 6.64 -2.23 10.57
CA LEU A 50 5.51 -3.07 10.19
C LEU A 50 4.74 -3.56 11.41
N GLU A 51 4.50 -2.64 12.34
CA GLU A 51 3.76 -2.96 13.57
C GLU A 51 2.76 -1.86 13.86
N ILE A 52 2.53 -0.98 12.88
CA ILE A 52 1.60 0.12 13.01
C ILE A 52 0.24 -0.22 12.41
N PRO A 53 -0.83 0.48 12.84
CA PRO A 53 -2.19 0.25 12.32
C PRO A 53 -2.26 0.27 10.80
N ALA A 54 -1.39 1.06 10.19
CA ALA A 54 -1.35 1.20 8.75
C ALA A 54 -1.10 -0.12 8.04
N VAL A 55 -0.23 -0.96 8.62
CA VAL A 55 0.10 -2.24 8.00
C VAL A 55 -1.14 -3.14 7.87
N PRO A 56 -1.83 -3.47 8.98
CA PRO A 56 -3.04 -4.32 8.92
C PRO A 56 -4.11 -3.70 8.02
N ILE A 57 -4.25 -2.39 8.12
CA ILE A 57 -5.22 -1.65 7.32
C ILE A 57 -4.92 -1.80 5.84
N LEU A 58 -3.65 -1.84 5.48
CA LEU A 58 -3.24 -2.00 4.09
C LEU A 58 -3.49 -3.43 3.65
N HIS A 59 -2.95 -4.38 4.39
CA HIS A 59 -3.13 -5.80 4.08
C HIS A 59 -4.61 -6.11 3.97
N SER A 60 -5.43 -5.29 4.63
CA SER A 60 -6.88 -5.47 4.62
C SER A 60 -7.48 -4.83 3.37
N MET A 61 -7.02 -3.63 3.04
CA MET A 61 -7.50 -2.93 1.86
C MET A 61 -7.18 -3.74 0.61
N VAL A 62 -6.13 -4.56 0.72
CA VAL A 62 -5.68 -5.41 -0.38
C VAL A 62 -6.84 -6.25 -0.91
N GLN A 63 -7.55 -6.90 0.00
CA GLN A 63 -8.67 -7.74 -0.36
C GLN A 63 -9.88 -6.90 -0.75
N LYS A 64 -9.79 -5.61 -0.46
CA LYS A 64 -10.86 -4.68 -0.78
C LYS A 64 -10.62 -4.03 -2.14
N PHE A 65 -9.37 -4.10 -2.59
CA PHE A 65 -8.99 -3.53 -3.87
C PHE A 65 -8.09 -4.48 -4.67
N PRO A 66 -8.60 -5.67 -5.05
CA PRO A 66 -7.85 -6.66 -5.83
C PRO A 66 -7.27 -6.03 -7.10
N GLY A 67 -8.09 -5.25 -7.79
CA GLY A 67 -7.63 -4.59 -9.01
C GLY A 67 -6.40 -3.74 -8.76
N VAL A 68 -6.42 -3.03 -7.62
CA VAL A 68 -5.29 -2.18 -7.23
C VAL A 68 -4.08 -3.05 -6.95
N SER A 69 -2.90 -2.54 -7.28
CA SER A 69 -1.66 -3.28 -7.04
C SER A 69 -1.20 -3.12 -5.61
N PHE A 70 -1.55 -4.09 -4.77
CA PHE A 70 -1.17 -4.08 -3.38
C PHE A 70 0.35 -4.14 -3.23
N GLY A 71 0.89 -3.22 -2.44
CA GLY A 71 2.32 -3.19 -2.23
C GLY A 71 2.68 -2.69 -0.85
N ILE A 72 3.90 -2.98 -0.43
CA ILE A 72 4.36 -2.55 0.89
C ILE A 72 5.88 -2.58 0.94
N SER A 73 6.48 -1.62 1.63
CA SER A 73 7.94 -1.54 1.72
C SER A 73 8.39 -0.90 3.03
N THR A 74 9.63 -1.19 3.40
CA THR A 74 10.21 -0.65 4.62
C THR A 74 11.66 -0.23 4.39
N ASP A 75 12.14 -0.47 3.17
CA ASP A 75 13.51 -0.13 2.81
C ASP A 75 13.72 1.37 2.89
N SER A 76 14.90 1.78 3.32
CA SER A 76 15.23 3.19 3.45
C SER A 76 15.31 3.87 2.08
N GLU A 77 16.09 3.30 1.18
CA GLU A 77 16.26 3.85 -0.16
C GLU A 77 14.90 4.14 -0.81
N VAL A 78 13.95 3.23 -0.62
CA VAL A 78 12.62 3.41 -1.19
C VAL A 78 11.87 4.51 -0.45
N LEU A 79 11.75 4.35 0.86
CA LEU A 79 11.06 5.33 1.70
C LEU A 79 11.71 6.70 1.54
N THR A 80 12.90 6.72 0.96
CA THR A 80 13.63 7.95 0.72
C THR A 80 13.31 8.48 -0.67
N HIS A 81 13.24 7.58 -1.64
CA HIS A 81 12.94 7.95 -3.01
C HIS A 81 11.56 8.59 -3.09
N TYR A 82 10.63 8.11 -2.27
CA TYR A 82 9.28 8.64 -2.24
C TYR A 82 9.14 9.70 -1.15
N ASN A 83 10.27 10.09 -0.57
CA ASN A 83 10.29 11.11 0.48
C ASN A 83 9.44 10.70 1.67
N ILE A 84 9.23 9.41 1.84
CA ILE A 84 8.44 8.88 2.94
C ILE A 84 9.05 9.25 4.30
N THR A 85 8.25 9.90 5.13
CA THR A 85 8.72 10.32 6.46
C THR A 85 7.60 10.20 7.49
N GLY A 86 7.08 8.99 7.67
CA GLY A 86 6.02 8.76 8.62
C GLY A 86 5.11 7.61 8.25
N ASN A 87 5.71 6.51 7.82
CA ASN A 87 4.96 5.32 7.42
C ASN A 87 3.89 5.69 6.40
N THR A 88 4.29 6.50 5.43
CA THR A 88 3.38 6.97 4.38
C THR A 88 2.96 5.86 3.42
N ILE A 89 1.77 6.01 2.83
CA ILE A 89 1.23 5.07 1.86
C ILE A 89 1.03 5.78 0.54
N CYS A 90 1.76 5.38 -0.49
CA CYS A 90 1.66 6.04 -1.78
C CYS A 90 0.85 5.25 -2.80
N LEU A 91 -0.05 5.96 -3.47
CA LEU A 91 -0.89 5.37 -4.51
C LEU A 91 -0.44 5.87 -5.88
N PHE A 92 0.29 5.05 -6.61
CA PHE A 92 0.78 5.42 -7.93
C PHE A 92 -0.17 4.89 -9.02
N ARG A 93 -0.71 5.79 -9.82
CA ARG A 93 -1.63 5.41 -10.89
C ARG A 93 -0.96 5.51 -12.26
N LEU A 94 -0.19 4.47 -12.60
CA LEU A 94 0.54 4.39 -13.87
C LEU A 94 -0.08 5.24 -14.98
N VAL A 95 -1.32 4.91 -15.35
CA VAL A 95 -2.02 5.62 -16.43
C VAL A 95 -1.74 7.12 -16.42
N ASP A 96 -1.96 7.76 -15.28
CA ASP A 96 -1.74 9.20 -15.16
C ASP A 96 -0.45 9.49 -14.38
N ASN A 97 0.27 8.42 -14.03
CA ASN A 97 1.53 8.53 -13.30
C ASN A 97 1.38 9.40 -12.05
N GLU A 98 0.18 9.39 -11.46
CA GLU A 98 -0.08 10.16 -10.25
C GLU A 98 0.53 9.47 -9.04
N GLN A 99 0.77 10.25 -7.98
CA GLN A 99 1.34 9.71 -6.76
C GLN A 99 0.70 10.34 -5.53
N LEU A 100 -0.30 9.65 -4.98
CA LEU A 100 -1.00 10.12 -3.80
C LEU A 100 -0.23 9.71 -2.55
N ASN A 101 0.33 10.68 -1.85
CA ASN A 101 1.11 10.38 -0.66
C ASN A 101 0.31 10.49 0.63
N LEU A 102 -0.19 9.35 1.10
CA LEU A 102 -0.94 9.30 2.35
C LEU A 102 0.06 9.23 3.50
N GLU A 103 0.61 10.40 3.84
CA GLU A 103 1.63 10.50 4.88
C GLU A 103 1.05 10.48 6.29
N ASP A 104 1.89 10.88 7.25
CA ASP A 104 1.51 10.90 8.66
C ASP A 104 0.19 11.64 8.89
N GLU A 105 -0.03 12.71 8.13
CA GLU A 105 -1.26 13.48 8.27
C GLU A 105 -2.48 12.57 8.09
N ASP A 106 -2.23 11.39 7.55
CA ASP A 106 -3.28 10.40 7.31
C ASP A 106 -2.89 9.02 7.87
N ILE A 107 -1.61 8.84 8.20
CA ILE A 107 -1.12 7.57 8.73
C ILE A 107 -1.23 7.52 10.26
N GLU A 108 -1.15 8.68 10.90
CA GLU A 108 -1.23 8.77 12.35
C GLU A 108 -2.50 8.08 12.87
N SER A 109 -3.64 8.45 12.30
CA SER A 109 -4.91 7.86 12.69
C SER A 109 -5.54 7.13 11.50
N ILE A 110 -4.70 6.47 10.71
CA ILE A 110 -5.15 5.74 9.55
C ILE A 110 -6.11 4.60 9.93
N ASP A 111 -7.05 4.32 9.05
CA ASP A 111 -8.01 3.26 9.27
C ASP A 111 -8.27 2.52 7.96
N ALA A 112 -8.80 1.32 8.05
CA ALA A 112 -9.08 0.55 6.84
C ALA A 112 -10.04 1.31 5.95
N THR A 113 -10.97 2.02 6.57
CA THR A 113 -11.94 2.83 5.84
C THR A 113 -11.24 3.95 5.10
N LYS A 114 -10.35 4.64 5.79
CA LYS A 114 -9.61 5.75 5.20
C LYS A 114 -8.79 5.29 4.00
N LEU A 115 -7.91 4.31 4.22
CA LEU A 115 -7.08 3.79 3.14
C LEU A 115 -7.95 3.41 1.95
N SER A 116 -8.94 2.56 2.21
CA SER A 116 -9.85 2.11 1.17
C SER A 116 -10.58 3.29 0.53
N ARG A 117 -10.77 4.34 1.32
CA ARG A 117 -11.44 5.54 0.84
C ARG A 117 -10.55 6.30 -0.12
N PHE A 118 -9.44 6.83 0.41
CA PHE A 118 -8.47 7.56 -0.40
C PHE A 118 -8.25 6.84 -1.72
N ILE A 119 -8.10 5.53 -1.65
CA ILE A 119 -7.92 4.73 -2.85
C ILE A 119 -9.14 4.84 -3.73
N GLU A 120 -10.30 4.53 -3.15
CA GLU A 120 -11.56 4.60 -3.88
C GLU A 120 -11.75 5.99 -4.47
N ILE A 121 -10.98 6.94 -3.94
CA ILE A 121 -11.04 8.32 -4.38
C ILE A 121 -10.07 8.61 -5.52
N ASN A 122 -8.90 7.96 -5.50
CA ASN A 122 -7.90 8.17 -6.54
C ASN A 122 -7.48 6.86 -7.20
N SER A 123 -8.37 5.89 -7.25
CA SER A 123 -8.07 4.61 -7.88
C SER A 123 -8.29 4.69 -9.39
N LEU A 124 -7.69 5.70 -10.01
CA LEU A 124 -7.82 5.91 -11.45
C LEU A 124 -6.64 5.32 -12.21
N GLU A 9 -5.19 -23.95 11.91
CA GLU A 9 -4.73 -22.56 12.08
C GLU A 9 -3.72 -22.44 13.22
N VAL A 10 -3.81 -23.35 14.18
CA VAL A 10 -2.90 -23.36 15.32
C VAL A 10 -1.58 -24.05 14.96
N GLU A 11 -1.63 -24.91 13.96
CA GLU A 11 -0.45 -25.65 13.51
C GLU A 11 0.58 -24.68 12.91
N LYS A 12 0.11 -23.78 12.05
CA LYS A 12 0.99 -22.81 11.40
C LYS A 12 0.35 -21.43 11.38
N SER A 13 1.00 -20.47 12.03
CA SER A 13 0.47 -19.10 12.09
C SER A 13 1.62 -18.09 12.03
N SER A 14 1.42 -17.03 11.25
CA SER A 14 2.43 -15.99 11.11
C SER A 14 1.83 -14.62 11.37
N ASP A 15 0.60 -14.41 10.90
CA ASP A 15 -0.09 -13.14 11.08
C ASP A 15 -1.34 -13.33 11.94
N GLY A 16 -2.29 -14.09 11.43
CA GLY A 16 -3.52 -14.32 12.16
C GLY A 16 -4.55 -15.08 11.33
N PRO A 17 -5.78 -15.25 11.85
CA PRO A 17 -6.86 -15.95 11.13
C PRO A 17 -7.07 -15.41 9.73
N GLY A 18 -6.81 -16.26 8.73
CA GLY A 18 -6.99 -15.86 7.34
C GLY A 18 -5.75 -15.21 6.76
N ALA A 19 -5.71 -15.11 5.45
CA ALA A 19 -4.58 -14.51 4.75
C ALA A 19 -4.95 -14.15 3.32
N ALA A 20 -5.27 -15.17 2.53
CA ALA A 20 -5.68 -14.97 1.14
C ALA A 20 -4.56 -14.32 0.32
N GLN A 21 -4.47 -12.99 0.41
CA GLN A 21 -3.45 -12.25 -0.34
C GLN A 21 -2.87 -11.13 0.51
N GLU A 22 -1.59 -10.84 0.29
CA GLU A 22 -0.91 -9.78 1.03
C GLU A 22 -0.14 -8.87 0.07
N PRO A 23 0.18 -7.63 0.51
CA PRO A 23 0.91 -6.67 -0.32
C PRO A 23 2.33 -7.11 -0.64
N THR A 24 2.78 -6.81 -1.85
CA THR A 24 4.12 -7.18 -2.31
C THR A 24 5.20 -6.49 -1.48
N TRP A 25 6.37 -7.11 -1.41
CA TRP A 25 7.49 -6.56 -0.66
C TRP A 25 8.45 -5.82 -1.58
N LEU A 26 8.25 -4.52 -1.71
CA LEU A 26 9.10 -3.68 -2.55
C LEU A 26 10.31 -3.18 -1.76
N THR A 27 11.21 -4.10 -1.46
CA THR A 27 12.41 -3.78 -0.69
C THR A 27 13.39 -2.92 -1.47
N ASP A 28 13.07 -2.64 -2.73
CA ASP A 28 13.95 -1.82 -3.57
C ASP A 28 13.15 -0.84 -4.42
N VAL A 29 13.75 0.32 -4.66
CA VAL A 29 13.12 1.36 -5.47
C VAL A 29 12.71 0.84 -6.85
N PRO A 30 13.65 0.18 -7.58
CA PRO A 30 13.34 -0.35 -8.91
C PRO A 30 12.18 -1.33 -8.88
N ALA A 31 12.20 -2.24 -7.92
CA ALA A 31 11.13 -3.22 -7.79
C ALA A 31 9.82 -2.54 -7.50
N ALA A 32 9.90 -1.47 -6.72
CA ALA A 32 8.72 -0.70 -6.37
C ALA A 32 8.08 -0.10 -7.62
N MET A 33 8.86 0.72 -8.32
CA MET A 33 8.41 1.37 -9.55
C MET A 33 8.02 0.35 -10.60
N GLU A 34 8.61 -0.84 -10.53
CA GLU A 34 8.31 -1.90 -11.49
C GLU A 34 6.91 -2.44 -11.27
N PHE A 35 6.62 -2.81 -10.03
CA PHE A 35 5.29 -3.32 -9.69
C PHE A 35 4.24 -2.26 -9.99
N ILE A 36 4.64 -1.00 -9.84
CA ILE A 36 3.74 0.12 -10.13
C ILE A 36 3.58 0.29 -11.64
N ALA A 37 4.67 0.06 -12.36
CA ALA A 37 4.67 0.18 -13.82
C ALA A 37 3.96 -1.00 -14.46
N ALA A 38 3.84 -2.09 -13.72
CA ALA A 38 3.19 -3.30 -14.22
C ALA A 38 1.72 -3.32 -13.85
N THR A 39 1.12 -2.13 -13.75
CA THR A 39 -0.28 -2.01 -13.39
C THR A 39 -0.77 -0.58 -13.52
N GLU A 40 -2.07 -0.42 -13.77
CA GLU A 40 -2.68 0.90 -13.93
C GLU A 40 -2.69 1.65 -12.59
N VAL A 41 -3.12 0.96 -11.54
CA VAL A 41 -3.18 1.55 -10.21
C VAL A 41 -2.34 0.73 -9.23
N ALA A 42 -1.62 1.41 -8.35
CA ALA A 42 -0.77 0.73 -7.37
C ALA A 42 -0.76 1.43 -6.03
N VAL A 43 -1.08 0.67 -4.99
CA VAL A 43 -1.08 1.21 -3.63
C VAL A 43 0.01 0.53 -2.82
N ILE A 44 0.84 1.33 -2.19
CA ILE A 44 1.96 0.80 -1.43
C ILE A 44 2.10 1.46 -0.06
N GLY A 45 2.37 0.62 0.95
CA GLY A 45 2.53 1.12 2.30
C GLY A 45 3.99 1.27 2.69
N PHE A 46 4.53 2.47 2.56
CA PHE A 46 5.92 2.72 2.93
C PHE A 46 6.02 2.98 4.42
N PHE A 47 6.25 1.91 5.18
CA PHE A 47 6.32 2.00 6.63
C PHE A 47 7.72 1.77 7.16
N GLN A 48 8.07 2.48 8.22
CA GLN A 48 9.38 2.33 8.86
C GLN A 48 9.25 1.32 9.99
N ASP A 49 8.01 0.85 10.19
CA ASP A 49 7.69 -0.12 11.22
C ASP A 49 6.43 -0.89 10.84
N LEU A 50 6.55 -2.20 10.64
CA LEU A 50 5.41 -3.01 10.25
C LEU A 50 4.63 -3.51 11.46
N GLU A 51 4.38 -2.59 12.40
CA GLU A 51 3.63 -2.91 13.61
C GLU A 51 2.60 -1.83 13.88
N ILE A 52 2.42 -0.94 12.90
CA ILE A 52 1.47 0.16 13.00
C ILE A 52 0.10 -0.24 12.45
N PRO A 53 -0.96 0.52 12.82
CA PRO A 53 -2.32 0.25 12.33
C PRO A 53 -2.41 0.27 10.81
N ALA A 54 -1.51 1.01 10.18
CA ALA A 54 -1.48 1.14 8.73
C ALA A 54 -1.21 -0.20 8.03
N VAL A 55 -0.33 -1.01 8.61
CA VAL A 55 0.01 -2.29 8.00
C VAL A 55 -1.21 -3.21 7.87
N PRO A 56 -1.92 -3.52 8.98
CA PRO A 56 -3.10 -4.37 8.93
C PRO A 56 -4.18 -3.79 8.03
N ILE A 57 -4.32 -2.47 8.10
CA ILE A 57 -5.30 -1.76 7.30
C ILE A 57 -4.99 -1.89 5.81
N LEU A 58 -3.71 -1.91 5.48
CA LEU A 58 -3.29 -2.07 4.09
C LEU A 58 -3.52 -3.50 3.64
N HIS A 59 -2.98 -4.45 4.41
CA HIS A 59 -3.15 -5.86 4.10
C HIS A 59 -4.64 -6.19 3.98
N SER A 60 -5.47 -5.37 4.62
CA SER A 60 -6.91 -5.55 4.58
C SER A 60 -7.50 -4.92 3.33
N MET A 61 -7.05 -3.72 3.00
CA MET A 61 -7.53 -3.02 1.81
C MET A 61 -7.18 -3.83 0.58
N VAL A 62 -6.12 -4.63 0.69
CA VAL A 62 -5.66 -5.47 -0.40
C VAL A 62 -6.80 -6.33 -0.95
N GLN A 63 -7.51 -7.00 -0.05
CA GLN A 63 -8.61 -7.84 -0.44
C GLN A 63 -9.82 -7.01 -0.84
N LYS A 64 -9.75 -5.71 -0.54
CA LYS A 64 -10.84 -4.79 -0.86
C LYS A 64 -10.59 -4.13 -2.21
N PHE A 65 -9.34 -4.18 -2.65
CA PHE A 65 -8.94 -3.59 -3.92
C PHE A 65 -7.99 -4.51 -4.69
N PRO A 66 -8.46 -5.72 -5.06
CA PRO A 66 -7.64 -6.69 -5.81
C PRO A 66 -7.08 -6.07 -7.09
N GLY A 67 -7.92 -5.29 -7.79
CA GLY A 67 -7.48 -4.64 -8.99
C GLY A 67 -6.27 -3.76 -8.75
N VAL A 68 -6.28 -3.08 -7.61
CA VAL A 68 -5.18 -2.21 -7.21
C VAL A 68 -3.95 -3.05 -6.90
N SER A 69 -2.78 -2.54 -7.26
CA SER A 69 -1.54 -3.27 -7.01
C SER A 69 -1.10 -3.11 -5.56
N PHE A 70 -1.42 -4.12 -4.75
CA PHE A 70 -1.06 -4.11 -3.34
C PHE A 70 0.45 -4.18 -3.16
N GLY A 71 0.99 -3.21 -2.43
CA GLY A 71 2.42 -3.16 -2.20
C GLY A 71 2.75 -2.66 -0.82
N ILE A 72 3.98 -2.93 -0.38
CA ILE A 72 4.43 -2.50 0.94
C ILE A 72 5.95 -2.53 1.01
N SER A 73 6.54 -1.57 1.69
CA SER A 73 7.99 -1.50 1.79
C SER A 73 8.43 -0.88 3.12
N THR A 74 9.66 -1.21 3.50
CA THR A 74 10.24 -0.69 4.74
C THR A 74 11.69 -0.29 4.52
N ASP A 75 12.14 -0.39 3.28
CA ASP A 75 13.50 -0.03 2.91
C ASP A 75 13.70 1.48 2.99
N SER A 76 14.88 1.89 3.43
CA SER A 76 15.20 3.31 3.56
C SER A 76 15.28 3.98 2.19
N GLU A 77 16.06 3.39 1.29
CA GLU A 77 16.23 3.94 -0.05
C GLU A 77 14.89 4.23 -0.71
N VAL A 78 13.93 3.33 -0.53
CA VAL A 78 12.61 3.51 -1.11
C VAL A 78 11.84 4.59 -0.37
N LEU A 79 11.73 4.44 0.95
CA LEU A 79 11.03 5.43 1.77
C LEU A 79 11.68 6.80 1.61
N THR A 80 12.89 6.81 1.05
CA THR A 80 13.62 8.05 0.81
C THR A 80 13.30 8.59 -0.57
N HIS A 81 13.22 7.68 -1.55
CA HIS A 81 12.93 8.06 -2.92
C HIS A 81 11.54 8.69 -3.01
N TYR A 82 10.62 8.21 -2.18
CA TYR A 82 9.27 8.74 -2.14
C TYR A 82 9.12 9.79 -1.04
N ASN A 83 10.25 10.20 -0.47
CA ASN A 83 10.27 11.19 0.60
C ASN A 83 9.38 10.78 1.78
N ILE A 84 9.20 9.48 1.95
CA ILE A 84 8.38 8.95 3.03
C ILE A 84 8.98 9.30 4.39
N THR A 85 8.20 9.98 5.22
CA THR A 85 8.66 10.39 6.55
C THR A 85 7.53 10.27 7.58
N GLY A 86 7.01 9.07 7.73
CA GLY A 86 5.93 8.85 8.69
C GLY A 86 5.05 7.67 8.31
N ASN A 87 5.67 6.57 7.90
CA ASN A 87 4.93 5.38 7.51
C ASN A 87 3.86 5.72 6.47
N THR A 88 4.25 6.55 5.51
CA THR A 88 3.35 7.00 4.46
C THR A 88 2.95 5.88 3.48
N ILE A 89 1.76 6.02 2.91
CA ILE A 89 1.24 5.07 1.93
C ILE A 89 1.04 5.79 0.61
N CYS A 90 1.77 5.39 -0.42
CA CYS A 90 1.68 6.05 -1.71
C CYS A 90 0.88 5.26 -2.75
N LEU A 91 -0.03 5.96 -3.41
CA LEU A 91 -0.87 5.37 -4.46
C LEU A 91 -0.44 5.92 -5.82
N PHE A 92 0.31 5.12 -6.57
CA PHE A 92 0.77 5.53 -7.88
C PHE A 92 -0.15 4.99 -8.97
N ARG A 93 -0.72 5.88 -9.77
CA ARG A 93 -1.63 5.48 -10.85
C ARG A 93 -0.95 5.60 -12.21
N LEU A 94 -0.25 4.53 -12.60
CA LEU A 94 0.49 4.47 -13.87
C LEU A 94 -0.12 5.35 -14.95
N VAL A 95 -1.37 5.09 -15.31
CA VAL A 95 -2.07 5.85 -16.35
C VAL A 95 -1.71 7.33 -16.32
N ASP A 96 -2.22 8.04 -15.33
CA ASP A 96 -1.96 9.46 -15.19
C ASP A 96 -0.63 9.70 -14.47
N ASN A 97 0.07 8.61 -14.16
CA ASN A 97 1.35 8.67 -13.48
C ASN A 97 1.25 9.49 -12.18
N GLU A 98 0.08 9.47 -11.56
CA GLU A 98 -0.14 10.20 -10.32
C GLU A 98 0.54 9.51 -9.16
N GLN A 99 0.79 10.25 -8.09
CA GLN A 99 1.42 9.71 -6.90
C GLN A 99 0.84 10.35 -5.64
N LEU A 100 -0.17 9.70 -5.07
CA LEU A 100 -0.78 10.20 -3.85
C LEU A 100 0.07 9.79 -2.66
N ASN A 101 0.18 10.66 -1.67
CA ASN A 101 0.99 10.35 -0.49
C ASN A 101 0.20 10.43 0.81
N LEU A 102 -0.34 9.29 1.22
CA LEU A 102 -1.08 9.21 2.47
C LEU A 102 -0.07 9.19 3.61
N GLU A 103 0.47 10.36 3.93
CA GLU A 103 1.51 10.48 4.96
C GLU A 103 0.95 10.48 6.37
N ASP A 104 1.79 10.91 7.32
CA ASP A 104 1.43 10.94 8.74
C ASP A 104 0.11 11.66 8.98
N GLU A 105 -0.15 12.71 8.19
CA GLU A 105 -1.38 13.47 8.33
C GLU A 105 -2.59 12.55 8.15
N ASP A 106 -2.33 11.36 7.64
CA ASP A 106 -3.37 10.35 7.41
C ASP A 106 -2.97 8.98 7.97
N ILE A 107 -1.68 8.82 8.31
CA ILE A 107 -1.17 7.55 8.84
C ILE A 107 -1.27 7.52 10.36
N GLU A 108 -1.17 8.68 10.99
CA GLU A 108 -1.25 8.79 12.45
C GLU A 108 -2.50 8.08 12.97
N SER A 109 -3.64 8.38 12.35
CA SER A 109 -4.91 7.78 12.74
C SER A 109 -5.55 7.08 11.55
N ILE A 110 -4.74 6.39 10.76
CA ILE A 110 -5.22 5.68 9.59
C ILE A 110 -6.21 4.58 9.96
N ASP A 111 -7.22 4.41 9.12
CA ASP A 111 -8.23 3.38 9.32
C ASP A 111 -8.51 2.67 8.01
N ALA A 112 -8.88 1.40 8.07
CA ALA A 112 -9.17 0.65 6.84
C ALA A 112 -10.11 1.44 5.94
N THR A 113 -11.01 2.20 6.57
CA THR A 113 -11.95 3.03 5.84
C THR A 113 -11.22 4.12 5.07
N LYS A 114 -10.30 4.80 5.76
CA LYS A 114 -9.53 5.88 5.16
C LYS A 114 -8.72 5.38 3.97
N LEU A 115 -7.88 4.37 4.20
CA LEU A 115 -7.06 3.81 3.13
C LEU A 115 -7.95 3.45 1.94
N SER A 116 -8.94 2.59 2.19
CA SER A 116 -9.87 2.16 1.15
C SER A 116 -10.57 3.36 0.51
N ARG A 117 -10.73 4.42 1.29
CA ARG A 117 -11.36 5.63 0.79
C ARG A 117 -10.45 6.33 -0.20
N PHE A 118 -9.31 6.84 0.30
CA PHE A 118 -8.34 7.53 -0.53
C PHE A 118 -8.15 6.78 -1.85
N ILE A 119 -8.11 5.46 -1.76
CA ILE A 119 -7.97 4.63 -2.95
C ILE A 119 -9.22 4.79 -3.82
N GLU A 120 -10.37 4.53 -3.23
CA GLU A 120 -11.64 4.65 -3.93
C GLU A 120 -11.77 6.05 -4.53
N ILE A 121 -10.96 6.96 -4.02
CA ILE A 121 -10.97 8.34 -4.46
C ILE A 121 -9.96 8.60 -5.59
N ASN A 122 -8.82 7.91 -5.55
CA ASN A 122 -7.79 8.10 -6.57
C ASN A 122 -7.34 6.79 -7.20
N SER A 123 -8.25 5.82 -7.30
CA SER A 123 -7.92 4.53 -7.90
C SER A 123 -8.08 4.62 -9.42
N LEU A 124 -7.62 5.73 -9.98
CA LEU A 124 -7.72 5.96 -11.42
C LEU A 124 -6.43 5.58 -12.14
N GLU A 9 -20.07 -14.60 -14.69
CA GLU A 9 -18.69 -14.48 -15.21
C GLU A 9 -17.68 -14.37 -14.07
N VAL A 10 -18.17 -14.03 -12.89
CA VAL A 10 -17.32 -13.91 -11.70
C VAL A 10 -17.73 -14.91 -10.63
N GLU A 11 -18.43 -15.96 -11.04
CA GLU A 11 -18.89 -16.99 -10.11
C GLU A 11 -19.77 -16.39 -9.01
N LYS A 12 -20.54 -15.38 -9.37
CA LYS A 12 -21.43 -14.70 -8.42
C LYS A 12 -20.65 -14.10 -7.25
N SER A 13 -20.39 -14.92 -6.22
CA SER A 13 -19.65 -14.47 -5.05
C SER A 13 -20.20 -13.15 -4.52
N SER A 14 -21.30 -13.22 -3.78
CA SER A 14 -21.93 -12.02 -3.23
C SER A 14 -21.54 -11.84 -1.76
N ASP A 15 -20.34 -12.29 -1.41
CA ASP A 15 -19.85 -12.18 -0.04
C ASP A 15 -19.36 -10.76 0.25
N GLY A 16 -18.56 -10.21 -0.66
CA GLY A 16 -18.04 -8.87 -0.48
C GLY A 16 -16.71 -8.66 -1.20
N PRO A 17 -15.58 -8.63 -0.47
CA PRO A 17 -14.26 -8.42 -1.07
C PRO A 17 -13.91 -9.52 -2.06
N GLY A 18 -13.71 -10.74 -1.56
CA GLY A 18 -13.37 -11.85 -2.42
C GLY A 18 -12.01 -11.68 -3.07
N ALA A 19 -10.95 -12.00 -2.32
CA ALA A 19 -9.59 -11.88 -2.82
C ALA A 19 -8.62 -12.65 -1.94
N ALA A 20 -8.45 -12.16 -0.72
CA ALA A 20 -7.56 -12.81 0.25
C ALA A 20 -6.12 -12.87 -0.27
N GLN A 21 -5.33 -11.87 0.10
CA GLN A 21 -3.93 -11.81 -0.34
C GLN A 21 -3.19 -10.70 0.41
N GLU A 22 -1.87 -10.72 0.32
CA GLU A 22 -1.05 -9.72 1.00
C GLU A 22 -0.32 -8.82 0.00
N PRO A 23 0.11 -7.62 0.43
CA PRO A 23 0.81 -6.66 -0.43
C PRO A 23 2.21 -7.14 -0.81
N THR A 24 2.71 -6.64 -1.93
CA THR A 24 4.03 -7.01 -2.44
C THR A 24 5.14 -6.43 -1.56
N TRP A 25 6.28 -7.11 -1.54
CA TRP A 25 7.42 -6.67 -0.74
C TRP A 25 8.42 -5.90 -1.62
N LEU A 26 8.18 -4.61 -1.76
CA LEU A 26 9.06 -3.76 -2.57
C LEU A 26 10.27 -3.30 -1.75
N THR A 27 11.17 -4.24 -1.49
CA THR A 27 12.37 -3.96 -0.72
C THR A 27 13.36 -3.05 -1.46
N ASP A 28 13.06 -2.76 -2.72
CA ASP A 28 13.94 -1.91 -3.51
C ASP A 28 13.14 -0.93 -4.39
N VAL A 29 13.71 0.25 -4.59
CA VAL A 29 13.07 1.28 -5.41
C VAL A 29 12.72 0.75 -6.80
N PRO A 30 13.67 0.09 -7.51
CA PRO A 30 13.41 -0.44 -8.85
C PRO A 30 12.23 -1.40 -8.86
N ALA A 31 12.22 -2.31 -7.90
CA ALA A 31 11.15 -3.31 -7.81
C ALA A 31 9.82 -2.61 -7.53
N ALA A 32 9.89 -1.54 -6.75
CA ALA A 32 8.72 -0.76 -6.40
C ALA A 32 8.10 -0.15 -7.66
N MET A 33 8.91 0.67 -8.34
CA MET A 33 8.48 1.35 -9.56
C MET A 33 8.11 0.34 -10.64
N GLU A 34 8.71 -0.85 -10.59
CA GLU A 34 8.42 -1.89 -11.58
C GLU A 34 7.01 -2.44 -11.36
N PHE A 35 6.70 -2.81 -10.13
CA PHE A 35 5.39 -3.33 -9.80
C PHE A 35 4.33 -2.28 -10.12
N ILE A 36 4.69 -1.01 -9.95
CA ILE A 36 3.77 0.08 -10.25
C ILE A 36 3.63 0.26 -11.75
N ALA A 37 4.75 0.07 -12.46
CA ALA A 37 4.78 0.22 -13.90
C ALA A 37 4.09 -0.96 -14.58
N ALA A 38 3.99 -2.08 -13.86
CA ALA A 38 3.36 -3.28 -14.39
C ALA A 38 1.89 -3.35 -14.00
N THR A 39 1.28 -2.18 -13.84
CA THR A 39 -0.13 -2.11 -13.45
C THR A 39 -0.66 -0.69 -13.53
N GLU A 40 -1.95 -0.54 -13.80
CA GLU A 40 -2.58 0.77 -13.90
C GLU A 40 -2.54 1.50 -12.56
N VAL A 41 -3.21 0.93 -11.56
CA VAL A 41 -3.23 1.53 -10.23
C VAL A 41 -2.40 0.71 -9.25
N ALA A 42 -1.69 1.39 -8.36
CA ALA A 42 -0.84 0.71 -7.39
C ALA A 42 -0.84 1.41 -6.04
N VAL A 43 -1.14 0.66 -4.99
CA VAL A 43 -1.14 1.20 -3.65
C VAL A 43 -0.06 0.52 -2.82
N ILE A 44 0.78 1.33 -2.21
CA ILE A 44 1.90 0.81 -1.44
C ILE A 44 2.04 1.47 -0.08
N GLY A 45 2.29 0.65 0.93
CA GLY A 45 2.46 1.14 2.28
C GLY A 45 3.92 1.25 2.67
N PHE A 46 4.47 2.46 2.57
CA PHE A 46 5.87 2.71 2.93
C PHE A 46 5.98 2.94 4.43
N PHE A 47 6.17 1.86 5.17
CA PHE A 47 6.25 1.93 6.62
C PHE A 47 7.65 1.71 7.15
N GLN A 48 8.03 2.47 8.18
CA GLN A 48 9.33 2.32 8.81
C GLN A 48 9.21 1.29 9.93
N ASP A 49 7.99 0.81 10.13
CA ASP A 49 7.68 -0.18 11.15
C ASP A 49 6.43 -0.96 10.75
N LEU A 50 6.58 -2.27 10.54
CA LEU A 50 5.45 -3.09 10.15
C LEU A 50 4.66 -3.60 11.36
N GLU A 51 4.44 -2.69 12.31
CA GLU A 51 3.71 -3.02 13.53
C GLU A 51 2.69 -1.93 13.83
N ILE A 52 2.47 -1.05 12.85
CA ILE A 52 1.53 0.05 13.00
C ILE A 52 0.17 -0.30 12.40
N PRO A 53 -0.90 0.39 12.84
CA PRO A 53 -2.27 0.16 12.34
C PRO A 53 -2.36 0.19 10.82
N ALA A 54 -1.46 0.96 10.21
CA ALA A 54 -1.45 1.11 8.76
C ALA A 54 -1.19 -0.21 8.04
N VAL A 55 -0.31 -1.04 8.60
CA VAL A 55 0.03 -2.32 7.98
C VAL A 55 -1.20 -3.22 7.85
N PRO A 56 -1.91 -3.55 8.95
CA PRO A 56 -3.10 -4.40 8.89
C PRO A 56 -4.15 -3.80 7.95
N ILE A 57 -4.32 -2.49 8.06
CA ILE A 57 -5.28 -1.76 7.24
C ILE A 57 -4.96 -1.91 5.75
N LEU A 58 -3.67 -1.91 5.43
CA LEU A 58 -3.26 -2.07 4.04
C LEU A 58 -3.47 -3.51 3.60
N HIS A 59 -2.95 -4.45 4.39
CA HIS A 59 -3.11 -5.86 4.08
C HIS A 59 -4.59 -6.20 3.93
N SER A 60 -5.43 -5.38 4.56
CA SER A 60 -6.87 -5.57 4.50
C SER A 60 -7.44 -4.94 3.24
N MET A 61 -7.00 -3.72 2.93
CA MET A 61 -7.46 -3.03 1.73
C MET A 61 -7.10 -3.85 0.50
N VAL A 62 -6.05 -4.64 0.64
CA VAL A 62 -5.57 -5.50 -0.43
C VAL A 62 -6.72 -6.35 -1.00
N GLN A 63 -7.48 -6.95 -0.11
CA GLN A 63 -8.60 -7.79 -0.50
C GLN A 63 -9.80 -6.94 -0.89
N LYS A 64 -9.74 -5.65 -0.54
CA LYS A 64 -10.83 -4.72 -0.84
C LYS A 64 -10.59 -4.06 -2.19
N PHE A 65 -9.34 -4.14 -2.66
CA PHE A 65 -8.97 -3.56 -3.94
C PHE A 65 -8.07 -4.49 -4.74
N PRO A 66 -8.57 -5.67 -5.13
CA PRO A 66 -7.81 -6.64 -5.92
C PRO A 66 -7.24 -6.01 -7.19
N GLY A 67 -8.06 -5.23 -7.87
CA GLY A 67 -7.61 -4.57 -9.08
C GLY A 67 -6.41 -3.70 -8.83
N VAL A 68 -6.38 -3.06 -7.66
CA VAL A 68 -5.27 -2.21 -7.27
C VAL A 68 -4.04 -3.07 -6.97
N SER A 69 -2.87 -2.56 -7.32
CA SER A 69 -1.63 -3.29 -7.08
C SER A 69 -1.17 -3.12 -5.64
N PHE A 70 -1.48 -4.11 -4.81
CA PHE A 70 -1.11 -4.09 -3.41
C PHE A 70 0.41 -4.13 -3.26
N GLY A 71 0.94 -3.21 -2.46
CA GLY A 71 2.36 -3.15 -2.24
C GLY A 71 2.70 -2.66 -0.85
N ILE A 72 3.92 -2.93 -0.42
CA ILE A 72 4.37 -2.51 0.90
C ILE A 72 5.90 -2.54 0.95
N SER A 73 6.49 -1.61 1.70
CA SER A 73 7.94 -1.53 1.80
C SER A 73 8.37 -0.88 3.11
N THR A 74 9.62 -1.14 3.50
CA THR A 74 10.18 -0.59 4.71
C THR A 74 11.62 -0.14 4.49
N ASP A 75 12.16 -0.47 3.31
CA ASP A 75 13.52 -0.11 2.95
C ASP A 75 13.70 1.39 2.97
N SER A 76 14.86 1.85 3.45
CA SER A 76 15.16 3.27 3.53
C SER A 76 15.22 3.90 2.14
N GLU A 77 15.99 3.28 1.24
CA GLU A 77 16.13 3.81 -0.11
C GLU A 77 14.78 4.11 -0.75
N VAL A 78 13.83 3.20 -0.58
CA VAL A 78 12.50 3.40 -1.15
C VAL A 78 11.76 4.50 -0.40
N LEU A 79 11.67 4.36 0.91
CA LEU A 79 10.99 5.36 1.74
C LEU A 79 11.65 6.72 1.57
N THR A 80 12.84 6.73 0.99
CA THR A 80 13.56 7.97 0.73
C THR A 80 13.21 8.51 -0.65
N HIS A 81 13.14 7.62 -1.62
CA HIS A 81 12.82 8.00 -2.98
C HIS A 81 11.43 8.64 -3.04
N TYR A 82 10.51 8.13 -2.24
CA TYR A 82 9.16 8.66 -2.19
C TYR A 82 9.02 9.71 -1.09
N ASN A 83 10.16 10.14 -0.55
CA ASN A 83 10.18 11.15 0.50
C ASN A 83 9.32 10.74 1.70
N ILE A 84 9.16 9.43 1.89
CA ILE A 84 8.38 8.90 2.99
C ILE A 84 9.01 9.24 4.34
N THR A 85 8.22 9.91 5.19
CA THR A 85 8.70 10.31 6.51
C THR A 85 7.61 10.17 7.56
N GLY A 86 7.08 8.95 7.71
CA GLY A 86 6.04 8.71 8.69
C GLY A 86 5.13 7.56 8.31
N ASN A 87 5.72 6.46 7.86
CA ASN A 87 4.95 5.28 7.47
C ASN A 87 3.87 5.66 6.47
N THR A 88 4.26 6.51 5.53
CA THR A 88 3.34 7.00 4.50
C THR A 88 2.92 5.90 3.52
N ILE A 89 1.72 6.05 2.96
CA ILE A 89 1.20 5.12 1.98
C ILE A 89 0.98 5.85 0.66
N CYS A 90 1.71 5.44 -0.37
CA CYS A 90 1.61 6.10 -1.67
C CYS A 90 0.83 5.30 -2.70
N LEU A 91 -0.08 5.99 -3.39
CA LEU A 91 -0.88 5.37 -4.44
C LEU A 91 -0.45 5.89 -5.80
N PHE A 92 0.28 5.08 -6.54
CA PHE A 92 0.75 5.47 -7.87
C PHE A 92 -0.17 4.93 -8.95
N ARG A 93 -0.69 5.82 -9.79
CA ARG A 93 -1.60 5.42 -10.87
C ARG A 93 -0.92 5.51 -12.24
N LEU A 94 -0.20 4.45 -12.60
CA LEU A 94 0.54 4.36 -13.86
C LEU A 94 -0.06 5.22 -14.97
N VAL A 95 -1.32 4.94 -15.33
CA VAL A 95 -2.01 5.67 -16.39
C VAL A 95 -1.63 7.15 -16.42
N ASP A 96 -2.06 7.88 -15.39
CA ASP A 96 -1.76 9.30 -15.31
C ASP A 96 -0.44 9.54 -14.57
N ASN A 97 0.23 8.43 -14.23
CA ASN A 97 1.50 8.48 -13.52
C ASN A 97 1.41 9.36 -12.29
N GLU A 98 0.28 9.30 -11.60
CA GLU A 98 0.07 10.10 -10.39
C GLU A 98 0.69 9.41 -9.19
N GLN A 99 0.96 10.19 -8.14
CA GLN A 99 1.54 9.65 -6.94
C GLN A 99 0.92 10.30 -5.70
N LEU A 100 -0.14 9.68 -5.19
CA LEU A 100 -0.82 10.18 -4.01
C LEU A 100 -0.02 9.81 -2.77
N ASN A 101 0.05 10.71 -1.80
CA ASN A 101 0.79 10.45 -0.58
C ASN A 101 -0.09 10.51 0.67
N LEU A 102 -0.20 9.38 1.34
CA LEU A 102 -0.98 9.27 2.56
C LEU A 102 0.00 9.22 3.73
N GLU A 103 0.51 10.39 4.09
CA GLU A 103 1.51 10.51 5.16
C GLU A 103 0.89 10.49 6.55
N ASP A 104 1.68 10.91 7.53
CA ASP A 104 1.26 10.93 8.94
C ASP A 104 -0.09 11.62 9.12
N GLU A 105 -0.31 12.72 8.40
CA GLU A 105 -1.57 13.45 8.50
C GLU A 105 -2.74 12.50 8.29
N ASP A 106 -2.42 11.33 7.74
CA ASP A 106 -3.42 10.30 7.48
C ASP A 106 -2.97 8.93 8.02
N ILE A 107 -1.70 8.82 8.38
CA ILE A 107 -1.15 7.56 8.91
C ILE A 107 -1.25 7.50 10.43
N GLU A 108 -0.96 8.60 11.10
CA GLU A 108 -1.04 8.66 12.56
C GLU A 108 -2.35 8.08 13.08
N SER A 109 -3.43 8.35 12.34
CA SER A 109 -4.74 7.86 12.70
C SER A 109 -5.41 7.19 11.51
N ILE A 110 -4.65 6.36 10.80
CA ILE A 110 -5.15 5.66 9.63
C ILE A 110 -6.13 4.55 10.00
N ASP A 111 -7.13 4.36 9.15
CA ASP A 111 -8.13 3.33 9.35
C ASP A 111 -8.44 2.64 8.02
N ALA A 112 -8.80 1.36 8.07
CA ALA A 112 -9.11 0.63 6.84
C ALA A 112 -10.06 1.43 5.97
N THR A 113 -10.98 2.14 6.61
CA THR A 113 -11.94 2.96 5.90
C THR A 113 -11.21 4.06 5.12
N LYS A 114 -10.30 4.74 5.79
CA LYS A 114 -9.52 5.81 5.18
C LYS A 114 -8.73 5.30 3.99
N LEU A 115 -7.84 4.35 4.22
CA LEU A 115 -7.02 3.79 3.15
C LEU A 115 -7.89 3.43 1.95
N SER A 116 -8.90 2.59 2.21
CA SER A 116 -9.82 2.16 1.16
C SER A 116 -10.51 3.35 0.52
N ARG A 117 -10.70 4.41 1.31
CA ARG A 117 -11.35 5.62 0.83
C ARG A 117 -10.42 6.36 -0.13
N PHE A 118 -9.30 6.85 0.39
CA PHE A 118 -8.32 7.56 -0.43
C PHE A 118 -8.12 6.84 -1.74
N ILE A 119 -7.99 5.52 -1.66
CA ILE A 119 -7.83 4.70 -2.85
C ILE A 119 -9.05 4.84 -3.74
N GLU A 120 -10.21 4.53 -3.17
CA GLU A 120 -11.47 4.63 -3.90
C GLU A 120 -11.62 6.02 -4.50
N ILE A 121 -10.86 6.96 -3.98
CA ILE A 121 -10.89 8.34 -4.43
C ILE A 121 -9.92 8.59 -5.58
N ASN A 122 -8.75 7.95 -5.54
CA ASN A 122 -7.76 8.15 -6.59
C ASN A 122 -7.34 6.82 -7.24
N SER A 123 -8.25 5.86 -7.26
CA SER A 123 -7.97 4.57 -7.88
C SER A 123 -8.21 4.65 -9.38
N LEU A 124 -7.59 5.65 -10.01
CA LEU A 124 -7.74 5.88 -11.44
C LEU A 124 -6.50 5.40 -12.20
N GLU A 9 -10.06 -19.93 -6.78
CA GLU A 9 -11.33 -20.70 -6.66
C GLU A 9 -11.07 -22.07 -6.04
N VAL A 10 -9.83 -22.53 -6.13
CA VAL A 10 -9.46 -23.83 -5.58
C VAL A 10 -8.54 -23.69 -4.38
N GLU A 11 -8.43 -22.45 -3.87
CA GLU A 11 -7.58 -22.19 -2.71
C GLU A 11 -8.38 -22.36 -1.42
N LYS A 12 -9.45 -21.57 -1.29
CA LYS A 12 -10.30 -21.63 -0.11
C LYS A 12 -11.77 -21.80 -0.51
N SER A 13 -11.99 -22.30 -1.73
CA SER A 13 -13.34 -22.51 -2.25
C SER A 13 -14.11 -21.20 -2.30
N SER A 14 -13.40 -20.11 -2.56
CA SER A 14 -14.02 -18.78 -2.63
C SER A 14 -14.60 -18.52 -4.02
N ASP A 15 -15.78 -17.94 -4.06
CA ASP A 15 -16.45 -17.64 -5.33
C ASP A 15 -17.10 -16.26 -5.29
N GLY A 16 -17.49 -15.83 -4.09
CA GLY A 16 -18.13 -14.53 -3.95
C GLY A 16 -17.13 -13.41 -3.73
N PRO A 17 -17.61 -12.20 -3.39
CA PRO A 17 -16.74 -11.04 -3.15
C PRO A 17 -15.63 -11.33 -2.16
N GLY A 18 -14.41 -11.47 -2.67
CA GLY A 18 -13.27 -11.75 -1.82
C GLY A 18 -11.95 -11.66 -2.55
N ALA A 19 -10.87 -12.07 -1.89
CA ALA A 19 -9.54 -12.02 -2.47
C ALA A 19 -8.55 -12.77 -1.59
N ALA A 20 -8.39 -12.28 -0.36
CA ALA A 20 -7.48 -12.90 0.60
C ALA A 20 -6.05 -12.96 0.06
N GLN A 21 -5.27 -11.94 0.40
CA GLN A 21 -3.88 -11.85 -0.05
C GLN A 21 -3.16 -10.71 0.66
N GLU A 22 -1.83 -10.71 0.58
CA GLU A 22 -1.04 -9.66 1.22
C GLU A 22 -0.28 -8.82 0.20
N PRO A 23 0.10 -7.58 0.58
CA PRO A 23 0.83 -6.66 -0.30
C PRO A 23 2.23 -7.16 -0.66
N THR A 24 2.72 -6.75 -1.83
CA THR A 24 4.03 -7.15 -2.31
C THR A 24 5.16 -6.52 -1.48
N TRP A 25 6.33 -7.17 -1.51
CA TRP A 25 7.50 -6.69 -0.77
C TRP A 25 8.45 -5.92 -1.69
N LEU A 26 8.27 -4.61 -1.74
CA LEU A 26 9.13 -3.76 -2.57
C LEU A 26 10.32 -3.26 -1.78
N THR A 27 11.26 -4.16 -1.51
CA THR A 27 12.46 -3.83 -0.74
C THR A 27 13.42 -2.94 -1.50
N ASP A 28 13.13 -2.67 -2.78
CA ASP A 28 13.99 -1.84 -3.61
C ASP A 28 13.19 -0.86 -4.44
N VAL A 29 13.77 0.31 -4.68
CA VAL A 29 13.13 1.35 -5.48
C VAL A 29 12.74 0.83 -6.87
N PRO A 30 13.68 0.19 -7.60
CA PRO A 30 13.39 -0.34 -8.94
C PRO A 30 12.24 -1.33 -8.93
N ALA A 31 12.26 -2.25 -7.96
CA ALA A 31 11.21 -3.25 -7.85
C ALA A 31 9.88 -2.59 -7.55
N ALA A 32 9.93 -1.53 -6.77
CA ALA A 32 8.73 -0.79 -6.40
C ALA A 32 8.12 -0.16 -7.65
N MET A 33 8.90 0.68 -8.32
CA MET A 33 8.48 1.36 -9.53
C MET A 33 8.09 0.36 -10.62
N GLU A 34 8.68 -0.83 -10.55
CA GLU A 34 8.38 -1.87 -11.53
C GLU A 34 6.98 -2.43 -11.32
N PHE A 35 6.69 -2.82 -10.08
CA PHE A 35 5.38 -3.36 -9.76
C PHE A 35 4.31 -2.30 -10.05
N ILE A 36 4.69 -1.04 -9.91
CA ILE A 36 3.78 0.07 -10.19
C ILE A 36 3.63 0.25 -11.69
N ALA A 37 4.74 0.12 -12.41
CA ALA A 37 4.75 0.28 -13.86
C ALA A 37 4.06 -0.90 -14.54
N ALA A 38 3.97 -2.02 -13.83
CA ALA A 38 3.34 -3.22 -14.37
C ALA A 38 1.87 -3.26 -14.04
N THR A 39 1.26 -2.09 -13.87
CA THR A 39 -0.15 -2.00 -13.54
C THR A 39 -0.65 -0.56 -13.60
N GLU A 40 -1.96 -0.41 -13.83
CA GLU A 40 -2.57 0.92 -13.92
C GLU A 40 -2.54 1.62 -12.56
N VAL A 41 -3.22 1.03 -11.57
CA VAL A 41 -3.26 1.60 -10.24
C VAL A 41 -2.44 0.76 -9.27
N ALA A 42 -1.68 1.43 -8.40
CA ALA A 42 -0.84 0.73 -7.44
C ALA A 42 -0.81 1.44 -6.08
N VAL A 43 -1.09 0.68 -5.03
CA VAL A 43 -1.07 1.22 -3.68
C VAL A 43 0.01 0.52 -2.87
N ILE A 44 0.84 1.31 -2.22
CA ILE A 44 1.95 0.77 -1.45
C ILE A 44 2.10 1.43 -0.09
N GLY A 45 2.35 0.60 0.93
CA GLY A 45 2.52 1.11 2.27
C GLY A 45 3.98 1.22 2.68
N PHE A 46 4.52 2.43 2.60
CA PHE A 46 5.91 2.68 2.96
C PHE A 46 6.02 2.94 4.46
N PHE A 47 6.26 1.88 5.21
CA PHE A 47 6.34 1.97 6.67
C PHE A 47 7.75 1.73 7.19
N GLN A 48 8.11 2.49 8.22
CA GLN A 48 9.41 2.34 8.86
C GLN A 48 9.28 1.34 9.99
N ASP A 49 8.05 0.85 10.16
CA ASP A 49 7.72 -0.13 11.19
C ASP A 49 6.47 -0.90 10.78
N LEU A 50 6.58 -2.21 10.67
CA LEU A 50 5.44 -3.02 10.26
C LEU A 50 4.64 -3.53 11.47
N GLU A 51 4.38 -2.62 12.40
CA GLU A 51 3.61 -2.94 13.59
C GLU A 51 2.58 -1.84 13.86
N ILE A 52 2.48 -0.92 12.92
CA ILE A 52 1.54 0.20 13.03
C ILE A 52 0.18 -0.16 12.43
N PRO A 53 -0.89 0.54 12.86
CA PRO A 53 -2.26 0.29 12.36
C PRO A 53 -2.33 0.30 10.83
N ALA A 54 -1.43 1.03 10.20
CA ALA A 54 -1.41 1.15 8.75
C ALA A 54 -1.14 -0.19 8.05
N VAL A 55 -0.27 -1.00 8.64
CA VAL A 55 0.08 -2.29 8.04
C VAL A 55 -1.14 -3.21 7.94
N PRO A 56 -1.84 -3.50 9.06
CA PRO A 56 -3.04 -4.35 9.03
C PRO A 56 -4.12 -3.79 8.13
N ILE A 57 -4.24 -2.47 8.16
CA ILE A 57 -5.24 -1.77 7.36
C ILE A 57 -4.93 -1.92 5.87
N LEU A 58 -3.66 -1.93 5.52
CA LEU A 58 -3.25 -2.09 4.13
C LEU A 58 -3.48 -3.52 3.69
N HIS A 59 -2.98 -4.47 4.49
CA HIS A 59 -3.15 -5.88 4.19
C HIS A 59 -4.63 -6.18 4.02
N SER A 60 -5.46 -5.35 4.64
CA SER A 60 -6.91 -5.52 4.56
C SER A 60 -7.46 -4.90 3.28
N MET A 61 -7.02 -3.68 2.97
CA MET A 61 -7.46 -3.00 1.75
C MET A 61 -7.10 -3.84 0.54
N VAL A 62 -6.06 -4.65 0.70
CA VAL A 62 -5.60 -5.53 -0.37
C VAL A 62 -6.74 -6.38 -0.92
N GLN A 63 -7.49 -7.01 -0.02
CA GLN A 63 -8.60 -7.86 -0.41
C GLN A 63 -9.81 -7.02 -0.79
N LYS A 64 -9.71 -5.72 -0.52
CA LYS A 64 -10.80 -4.79 -0.83
C LYS A 64 -10.56 -4.14 -2.19
N PHE A 65 -9.31 -4.20 -2.65
CA PHE A 65 -8.94 -3.62 -3.93
C PHE A 65 -8.01 -4.55 -4.71
N PRO A 66 -8.49 -5.75 -5.08
CA PRO A 66 -7.70 -6.71 -5.85
C PRO A 66 -7.13 -6.09 -7.12
N GLY A 67 -7.94 -5.28 -7.78
CA GLY A 67 -7.50 -4.61 -9.00
C GLY A 67 -6.29 -3.75 -8.73
N VAL A 68 -6.33 -3.03 -7.62
CA VAL A 68 -5.22 -2.17 -7.21
C VAL A 68 -3.99 -3.03 -6.91
N SER A 69 -2.82 -2.51 -7.26
CA SER A 69 -1.58 -3.24 -7.02
C SER A 69 -1.13 -3.09 -5.57
N PHE A 70 -1.48 -4.06 -4.75
CA PHE A 70 -1.11 -4.05 -3.34
C PHE A 70 0.39 -4.18 -3.17
N GLY A 71 0.96 -3.23 -2.44
CA GLY A 71 2.39 -3.25 -2.21
C GLY A 71 2.75 -2.72 -0.83
N ILE A 72 3.96 -3.01 -0.39
CA ILE A 72 4.42 -2.55 0.91
C ILE A 72 5.94 -2.58 0.97
N SER A 73 6.52 -1.59 1.62
CA SER A 73 7.97 -1.50 1.73
C SER A 73 8.40 -0.91 3.06
N THR A 74 9.65 -1.19 3.43
CA THR A 74 10.21 -0.69 4.69
C THR A 74 11.67 -0.28 4.50
N ASP A 75 12.21 -0.54 3.32
CA ASP A 75 13.58 -0.19 3.01
C ASP A 75 13.77 1.32 3.00
N SER A 76 14.91 1.77 3.51
CA SER A 76 15.22 3.20 3.58
C SER A 76 15.29 3.83 2.19
N GLU A 77 16.03 3.19 1.29
CA GLU A 77 16.20 3.71 -0.07
C GLU A 77 14.85 4.06 -0.70
N VAL A 78 13.89 3.16 -0.59
CA VAL A 78 12.57 3.39 -1.15
C VAL A 78 11.83 4.48 -0.38
N LEU A 79 11.76 4.32 0.94
CA LEU A 79 11.10 5.30 1.78
C LEU A 79 11.75 6.66 1.63
N THR A 80 12.95 6.66 1.03
CA THR A 80 13.67 7.90 0.79
C THR A 80 13.33 8.47 -0.58
N HIS A 81 13.24 7.58 -1.57
CA HIS A 81 12.90 7.98 -2.93
C HIS A 81 11.53 8.64 -2.97
N TYR A 82 10.60 8.11 -2.18
CA TYR A 82 9.25 8.66 -2.12
C TYR A 82 9.13 9.70 -1.01
N ASN A 83 10.28 10.09 -0.45
CA ASN A 83 10.32 11.09 0.60
C ASN A 83 9.48 10.66 1.81
N ILE A 84 9.24 9.37 1.94
CA ILE A 84 8.45 8.83 3.04
C ILE A 84 9.07 9.21 4.38
N THR A 85 8.32 9.96 5.18
CA THR A 85 8.80 10.39 6.50
C THR A 85 7.70 10.27 7.56
N GLY A 86 7.06 9.11 7.60
CA GLY A 86 6.00 8.90 8.58
C GLY A 86 5.11 7.72 8.21
N ASN A 87 5.73 6.59 7.87
CA ASN A 87 4.98 5.39 7.49
C ASN A 87 3.92 5.74 6.46
N THR A 88 4.32 6.57 5.50
CA THR A 88 3.42 7.02 4.44
C THR A 88 3.03 5.91 3.48
N ILE A 89 1.84 6.06 2.88
CA ILE A 89 1.32 5.11 1.90
C ILE A 89 1.11 5.83 0.58
N CYS A 90 1.81 5.41 -0.47
CA CYS A 90 1.69 6.08 -1.75
C CYS A 90 0.90 5.28 -2.79
N LEU A 91 -0.02 5.96 -3.45
CA LEU A 91 -0.84 5.37 -4.49
C LEU A 91 -0.43 5.91 -5.85
N PHE A 92 0.30 5.11 -6.61
CA PHE A 92 0.75 5.53 -7.94
C PHE A 92 -0.18 4.99 -9.01
N ARG A 93 -0.73 5.89 -9.83
CA ARG A 93 -1.64 5.49 -10.90
C ARG A 93 -0.96 5.62 -12.26
N LEU A 94 -0.20 4.58 -12.63
CA LEU A 94 0.54 4.52 -13.89
C LEU A 94 -0.06 5.40 -14.98
N VAL A 95 -1.32 5.14 -15.34
CA VAL A 95 -2.01 5.90 -16.38
C VAL A 95 -1.66 7.39 -16.34
N ASP A 96 -2.19 8.10 -15.36
CA ASP A 96 -1.93 9.52 -15.21
C ASP A 96 -0.62 9.77 -14.47
N ASN A 97 0.05 8.68 -14.11
CA ASN A 97 1.32 8.76 -13.40
C ASN A 97 1.22 9.61 -12.14
N GLU A 98 0.08 9.52 -11.46
CA GLU A 98 -0.14 10.29 -10.24
C GLU A 98 0.48 9.58 -9.05
N GLN A 99 0.75 10.33 -7.99
CA GLN A 99 1.33 9.78 -6.78
C GLN A 99 0.69 10.40 -5.55
N LEU A 100 -0.30 9.70 -4.99
CA LEU A 100 -1.00 10.17 -3.80
C LEU A 100 -0.23 9.75 -2.55
N ASN A 101 0.29 10.72 -1.82
CA ASN A 101 1.07 10.42 -0.63
C ASN A 101 0.24 10.53 0.65
N LEU A 102 -0.19 9.39 1.15
CA LEU A 102 -0.95 9.31 2.40
C LEU A 102 0.05 9.27 3.55
N GLU A 103 0.61 10.43 3.87
CA GLU A 103 1.63 10.56 4.91
C GLU A 103 1.07 10.53 6.32
N ASP A 104 1.92 10.93 7.27
CA ASP A 104 1.58 10.96 8.69
C ASP A 104 0.21 11.58 8.95
N GLU A 105 -0.01 12.77 8.40
CA GLU A 105 -1.27 13.48 8.56
C GLU A 105 -2.46 12.55 8.31
N ASP A 106 -2.20 11.43 7.65
CA ASP A 106 -3.23 10.46 7.33
C ASP A 106 -2.87 9.06 7.86
N ILE A 107 -1.60 8.88 8.24
CA ILE A 107 -1.13 7.59 8.75
C ILE A 107 -1.28 7.49 10.27
N GLU A 108 -1.03 8.60 10.96
CA GLU A 108 -1.14 8.63 12.42
C GLU A 108 -2.46 8.04 12.88
N SER A 109 -3.55 8.44 12.22
CA SER A 109 -4.87 7.95 12.55
C SER A 109 -5.50 7.22 11.37
N ILE A 110 -4.67 6.45 10.65
CA ILE A 110 -5.14 5.71 9.49
C ILE A 110 -6.12 4.62 9.89
N ASP A 111 -7.12 4.40 9.05
CA ASP A 111 -8.11 3.38 9.28
C ASP A 111 -8.43 2.66 7.98
N ALA A 112 -8.78 1.38 8.07
CA ALA A 112 -9.09 0.61 6.87
C ALA A 112 -10.05 1.39 5.97
N THR A 113 -10.98 2.09 6.60
CA THR A 113 -11.93 2.91 5.87
C THR A 113 -11.22 4.00 5.09
N LYS A 114 -10.31 4.69 5.78
CA LYS A 114 -9.55 5.77 5.17
C LYS A 114 -8.75 5.27 3.97
N LEU A 115 -7.84 4.32 4.21
CA LEU A 115 -7.01 3.77 3.13
C LEU A 115 -7.90 3.39 1.94
N SER A 116 -8.88 2.53 2.20
CA SER A 116 -9.80 2.08 1.15
C SER A 116 -10.51 3.27 0.51
N ARG A 117 -10.71 4.33 1.29
CA ARG A 117 -11.38 5.52 0.80
C ARG A 117 -10.47 6.26 -0.17
N PHE A 118 -9.35 6.77 0.35
CA PHE A 118 -8.39 7.50 -0.47
C PHE A 118 -8.17 6.76 -1.79
N ILE A 119 -8.06 5.44 -1.70
CA ILE A 119 -7.89 4.63 -2.90
C ILE A 119 -9.12 4.77 -3.78
N GLU A 120 -10.28 4.48 -3.21
CA GLU A 120 -11.54 4.57 -3.93
C GLU A 120 -11.70 5.96 -4.53
N ILE A 121 -10.92 6.90 -4.00
CA ILE A 121 -10.96 8.28 -4.44
C ILE A 121 -9.98 8.55 -5.59
N ASN A 122 -8.83 7.88 -5.56
CA ASN A 122 -7.82 8.07 -6.60
C ASN A 122 -7.40 6.76 -7.24
N SER A 123 -8.31 5.79 -7.30
CA SER A 123 -8.00 4.50 -7.91
C SER A 123 -8.20 4.58 -9.42
N LEU A 124 -7.72 5.67 -10.01
CA LEU A 124 -7.84 5.89 -11.44
C LEU A 124 -6.65 5.33 -12.20
N GLU A 9 -22.25 -21.02 2.28
CA GLU A 9 -22.61 -21.78 1.07
C GLU A 9 -21.65 -21.45 -0.07
N VAL A 10 -21.20 -20.21 -0.12
CA VAL A 10 -20.28 -19.77 -1.16
C VAL A 10 -18.84 -19.75 -0.65
N GLU A 11 -17.89 -20.01 -1.55
CA GLU A 11 -16.48 -20.03 -1.20
C GLU A 11 -16.21 -21.03 -0.07
N LYS A 12 -16.15 -22.31 -0.43
CA LYS A 12 -15.89 -23.36 0.56
C LYS A 12 -14.46 -23.85 0.47
N SER A 13 -13.91 -23.83 -0.75
CA SER A 13 -12.54 -24.27 -0.98
C SER A 13 -11.65 -23.10 -1.39
N SER A 14 -12.07 -21.89 -1.02
CA SER A 14 -11.32 -20.69 -1.36
C SER A 14 -11.36 -19.68 -0.22
N ASP A 15 -11.27 -20.18 1.01
CA ASP A 15 -11.30 -19.33 2.19
C ASP A 15 -10.42 -19.89 3.30
N GLY A 16 -9.79 -19.00 4.07
CA GLY A 16 -8.93 -19.43 5.15
C GLY A 16 -9.22 -18.69 6.46
N PRO A 17 -8.41 -18.92 7.50
CA PRO A 17 -8.60 -18.26 8.80
C PRO A 17 -8.60 -16.75 8.70
N GLY A 18 -7.53 -16.19 8.13
CA GLY A 18 -7.42 -14.76 7.98
C GLY A 18 -6.11 -14.34 7.33
N ALA A 19 -6.08 -14.41 6.00
CA ALA A 19 -4.88 -14.04 5.26
C ALA A 19 -5.23 -13.72 3.82
N ALA A 20 -5.64 -14.74 3.07
CA ALA A 20 -6.00 -14.59 1.67
C ALA A 20 -4.83 -14.08 0.83
N GLN A 21 -4.61 -12.77 0.87
CA GLN A 21 -3.52 -12.16 0.12
C GLN A 21 -2.85 -11.05 0.93
N GLU A 22 -1.65 -10.65 0.51
CA GLU A 22 -0.92 -9.59 1.19
C GLU A 22 -0.17 -8.71 0.19
N PRO A 23 0.16 -7.46 0.59
CA PRO A 23 0.87 -6.51 -0.28
C PRO A 23 2.26 -7.00 -0.68
N THR A 24 2.67 -6.63 -1.89
CA THR A 24 3.98 -7.02 -2.42
C THR A 24 5.12 -6.48 -1.57
N TRP A 25 6.25 -7.16 -1.63
CA TRP A 25 7.44 -6.77 -0.87
C TRP A 25 8.41 -5.97 -1.74
N LEU A 26 8.26 -4.65 -1.73
CA LEU A 26 9.13 -3.77 -2.51
C LEU A 26 10.32 -3.32 -1.68
N THR A 27 11.29 -4.22 -1.51
CA THR A 27 12.48 -3.92 -0.73
C THR A 27 13.44 -3.00 -1.46
N ASP A 28 13.15 -2.71 -2.73
CA ASP A 28 14.01 -1.84 -3.52
C ASP A 28 13.21 -0.88 -4.39
N VAL A 29 13.77 0.30 -4.62
CA VAL A 29 13.12 1.32 -5.44
C VAL A 29 12.74 0.79 -6.82
N PRO A 30 13.67 0.12 -7.54
CA PRO A 30 13.39 -0.43 -8.88
C PRO A 30 12.21 -1.40 -8.86
N ALA A 31 12.23 -2.32 -7.90
CA ALA A 31 11.16 -3.31 -7.79
C ALA A 31 9.84 -2.62 -7.49
N ALA A 32 9.92 -1.56 -6.72
CA ALA A 32 8.74 -0.78 -6.36
C ALA A 32 8.12 -0.15 -7.61
N MET A 33 8.92 0.67 -8.28
CA MET A 33 8.48 1.35 -9.48
C MET A 33 8.11 0.35 -10.58
N GLU A 34 8.66 -0.85 -10.50
CA GLU A 34 8.37 -1.89 -11.48
C GLU A 34 6.96 -2.43 -11.27
N PHE A 35 6.65 -2.83 -10.05
CA PHE A 35 5.33 -3.35 -9.73
C PHE A 35 4.29 -2.27 -10.01
N ILE A 36 4.69 -1.02 -9.86
CA ILE A 36 3.80 0.10 -10.14
C ILE A 36 3.64 0.29 -11.65
N ALA A 37 4.75 0.11 -12.37
CA ALA A 37 4.75 0.26 -13.81
C ALA A 37 4.05 -0.91 -14.49
N ALA A 38 3.92 -2.01 -13.76
CA ALA A 38 3.28 -3.21 -14.30
C ALA A 38 1.80 -3.25 -13.94
N THR A 39 1.21 -2.07 -13.77
CA THR A 39 -0.20 -1.97 -13.41
C THR A 39 -0.70 -0.53 -13.52
N GLU A 40 -1.99 -0.37 -13.80
CA GLU A 40 -2.60 0.95 -13.92
C GLU A 40 -2.63 1.67 -12.57
N VAL A 41 -3.10 0.96 -11.54
CA VAL A 41 -3.18 1.54 -10.20
C VAL A 41 -2.37 0.70 -9.21
N ALA A 42 -1.59 1.38 -8.37
CA ALA A 42 -0.75 0.68 -7.39
C ALA A 42 -0.74 1.40 -6.05
N VAL A 43 -1.03 0.65 -4.99
CA VAL A 43 -1.02 1.20 -3.65
C VAL A 43 0.05 0.52 -2.82
N ILE A 44 0.89 1.33 -2.20
CA ILE A 44 1.99 0.80 -1.42
C ILE A 44 2.12 1.45 -0.06
N GLY A 45 2.38 0.63 0.96
CA GLY A 45 2.53 1.14 2.31
C GLY A 45 3.99 1.25 2.72
N PHE A 46 4.52 2.46 2.65
CA PHE A 46 5.91 2.72 3.03
C PHE A 46 5.99 2.95 4.53
N PHE A 47 6.27 1.89 5.27
CA PHE A 47 6.34 1.97 6.72
C PHE A 47 7.74 1.73 7.26
N GLN A 48 8.10 2.49 8.29
CA GLN A 48 9.39 2.34 8.93
C GLN A 48 9.26 1.31 10.05
N ASP A 49 8.03 0.84 10.24
CA ASP A 49 7.70 -0.15 11.25
C ASP A 49 6.46 -0.93 10.82
N LEU A 50 6.59 -2.24 10.70
CA LEU A 50 5.47 -3.07 10.29
C LEU A 50 4.68 -3.57 11.49
N GLU A 51 4.38 -2.64 12.39
CA GLU A 51 3.61 -2.95 13.60
C GLU A 51 2.59 -1.85 13.88
N ILE A 52 2.47 -0.93 12.92
CA ILE A 52 1.54 0.19 13.04
C ILE A 52 0.19 -0.15 12.43
N PRO A 53 -0.88 0.54 12.86
CA PRO A 53 -2.24 0.31 12.35
C PRO A 53 -2.32 0.33 10.83
N ALA A 54 -1.41 1.06 10.20
CA ALA A 54 -1.38 1.18 8.75
C ALA A 54 -1.10 -0.15 8.05
N VAL A 55 -0.23 -0.97 8.63
CA VAL A 55 0.12 -2.25 8.04
C VAL A 55 -1.10 -3.18 7.92
N PRO A 56 -1.82 -3.46 9.03
CA PRO A 56 -3.00 -4.33 8.99
C PRO A 56 -4.07 -3.75 8.09
N ILE A 57 -4.22 -2.44 8.13
CA ILE A 57 -5.20 -1.74 7.33
C ILE A 57 -4.89 -1.86 5.84
N LEU A 58 -3.59 -1.87 5.50
CA LEU A 58 -3.19 -2.03 4.11
C LEU A 58 -3.42 -3.45 3.67
N HIS A 59 -2.89 -4.41 4.45
CA HIS A 59 -3.08 -5.83 4.14
C HIS A 59 -4.57 -6.12 3.97
N SER A 60 -5.39 -5.31 4.63
CA SER A 60 -6.84 -5.48 4.57
C SER A 60 -7.39 -4.85 3.30
N MET A 61 -6.96 -3.63 2.99
CA MET A 61 -7.42 -2.94 1.79
C MET A 61 -7.06 -3.77 0.56
N VAL A 62 -6.01 -4.57 0.70
CA VAL A 62 -5.55 -5.43 -0.38
C VAL A 62 -6.68 -6.29 -0.92
N GLN A 63 -7.42 -6.93 0.00
CA GLN A 63 -8.53 -7.78 -0.39
C GLN A 63 -9.75 -6.94 -0.74
N LYS A 64 -9.65 -5.64 -0.49
CA LYS A 64 -10.74 -4.73 -0.79
C LYS A 64 -10.52 -4.08 -2.16
N PHE A 65 -9.27 -4.14 -2.63
CA PHE A 65 -8.92 -3.56 -3.92
C PHE A 65 -8.01 -4.50 -4.71
N PRO A 66 -8.51 -5.71 -5.07
CA PRO A 66 -7.74 -6.67 -5.85
C PRO A 66 -7.17 -6.05 -7.12
N GLY A 67 -7.99 -5.25 -7.80
CA GLY A 67 -7.54 -4.59 -9.01
C GLY A 67 -6.31 -3.74 -8.75
N VAL A 68 -6.32 -3.05 -7.61
CA VAL A 68 -5.21 -2.21 -7.22
C VAL A 68 -3.98 -3.07 -6.93
N SER A 69 -2.80 -2.56 -7.26
CA SER A 69 -1.56 -3.30 -7.02
C SER A 69 -1.09 -3.13 -5.60
N PHE A 70 -1.44 -4.09 -4.76
CA PHE A 70 -1.05 -4.06 -3.35
C PHE A 70 0.47 -4.13 -3.20
N GLY A 71 1.01 -3.22 -2.41
CA GLY A 71 2.44 -3.20 -2.19
C GLY A 71 2.79 -2.68 -0.82
N ILE A 72 4.01 -2.96 -0.37
CA ILE A 72 4.46 -2.51 0.94
C ILE A 72 5.99 -2.54 1.01
N SER A 73 6.56 -1.56 1.70
CA SER A 73 8.01 -1.48 1.81
C SER A 73 8.43 -0.91 3.15
N THR A 74 9.70 -1.17 3.51
CA THR A 74 10.26 -0.70 4.76
C THR A 74 11.71 -0.27 4.58
N ASP A 75 12.21 -0.45 3.36
CA ASP A 75 13.59 -0.09 3.03
C ASP A 75 13.77 1.42 3.03
N SER A 76 14.94 1.87 3.46
CA SER A 76 15.25 3.30 3.52
C SER A 76 15.29 3.92 2.13
N GLU A 77 16.04 3.30 1.22
CA GLU A 77 16.16 3.81 -0.14
C GLU A 77 14.79 4.13 -0.75
N VAL A 78 13.85 3.20 -0.60
CA VAL A 78 12.51 3.40 -1.14
C VAL A 78 11.78 4.50 -0.38
N LEU A 79 11.73 4.36 0.95
CA LEU A 79 11.07 5.35 1.79
C LEU A 79 11.71 6.72 1.61
N THR A 80 12.88 6.73 0.99
CA THR A 80 13.59 7.97 0.72
C THR A 80 13.21 8.51 -0.65
N HIS A 81 13.09 7.60 -1.62
CA HIS A 81 12.74 7.97 -2.97
C HIS A 81 11.36 8.63 -3.00
N TYR A 82 10.44 8.10 -2.20
CA TYR A 82 9.09 8.66 -2.13
C TYR A 82 8.99 9.69 -1.02
N ASN A 83 10.14 10.10 -0.49
CA ASN A 83 10.20 11.10 0.57
C ASN A 83 9.34 10.69 1.77
N ILE A 84 9.19 9.39 1.96
CA ILE A 84 8.39 8.85 3.06
C ILE A 84 9.00 9.24 4.41
N THR A 85 8.22 9.98 5.21
CA THR A 85 8.68 10.42 6.52
C THR A 85 7.56 10.32 7.55
N GLY A 86 7.02 9.12 7.72
CA GLY A 86 5.95 8.91 8.69
C GLY A 86 5.06 7.75 8.32
N ASN A 87 5.68 6.63 7.92
CA ASN A 87 4.95 5.44 7.53
C ASN A 87 3.88 5.78 6.50
N THR A 88 4.28 6.60 5.54
CA THR A 88 3.38 7.07 4.48
C THR A 88 2.98 5.94 3.52
N ILE A 89 1.81 6.11 2.90
CA ILE A 89 1.30 5.17 1.91
C ILE A 89 1.08 5.90 0.59
N CYS A 90 1.78 5.46 -0.45
CA CYS A 90 1.67 6.12 -1.75
C CYS A 90 0.88 5.31 -2.77
N LEU A 91 -0.01 6.00 -3.47
CA LEU A 91 -0.82 5.40 -4.52
C LEU A 91 -0.40 5.94 -5.88
N PHE A 92 0.33 5.12 -6.64
CA PHE A 92 0.79 5.54 -7.96
C PHE A 92 -0.13 4.97 -9.04
N ARG A 93 -0.71 5.87 -9.85
CA ARG A 93 -1.61 5.45 -10.92
C ARG A 93 -0.93 5.57 -12.28
N LEU A 94 -0.24 4.51 -12.68
CA LEU A 94 0.50 4.43 -13.95
C LEU A 94 -0.10 5.35 -15.03
N VAL A 95 -1.35 5.10 -15.37
CA VAL A 95 -2.06 5.88 -16.40
C VAL A 95 -1.64 7.34 -16.40
N ASP A 96 -2.21 8.11 -15.48
CA ASP A 96 -1.90 9.53 -15.37
C ASP A 96 -0.57 9.73 -14.64
N ASN A 97 0.07 8.63 -14.29
CA ASN A 97 1.35 8.66 -13.59
C ASN A 97 1.27 9.49 -12.31
N GLU A 98 0.11 9.46 -11.66
CA GLU A 98 -0.09 10.20 -10.42
C GLU A 98 0.58 9.49 -9.25
N GLN A 99 0.82 10.23 -8.18
CA GLN A 99 1.45 9.67 -6.99
C GLN A 99 0.88 10.32 -5.73
N LEU A 100 -0.17 9.71 -5.19
CA LEU A 100 -0.78 10.21 -3.98
C LEU A 100 0.06 9.83 -2.78
N ASN A 101 0.14 10.71 -1.78
CA ASN A 101 0.95 10.44 -0.60
C ASN A 101 0.15 10.55 0.69
N LEU A 102 -0.31 9.41 1.18
CA LEU A 102 -1.05 9.34 2.43
C LEU A 102 -0.04 9.30 3.59
N GLU A 103 0.50 10.46 3.92
CA GLU A 103 1.53 10.57 4.96
C GLU A 103 0.95 10.57 6.37
N ASP A 104 1.79 10.98 7.32
CA ASP A 104 1.44 11.03 8.74
C ASP A 104 0.07 11.66 8.99
N GLU A 105 -0.16 12.82 8.39
CA GLU A 105 -1.45 13.52 8.54
C GLU A 105 -2.62 12.57 8.30
N ASP A 106 -2.33 11.42 7.69
CA ASP A 106 -3.36 10.43 7.41
C ASP A 106 -2.95 9.04 7.95
N ILE A 107 -1.68 8.89 8.30
CA ILE A 107 -1.17 7.61 8.81
C ILE A 107 -1.29 7.53 10.33
N GLU A 108 -1.15 8.67 11.01
CA GLU A 108 -1.26 8.73 12.46
C GLU A 108 -2.58 8.14 12.93
N SER A 109 -3.65 8.47 12.23
CA SER A 109 -4.98 7.98 12.57
C SER A 109 -5.60 7.22 11.40
N ILE A 110 -4.75 6.52 10.65
CA ILE A 110 -5.21 5.75 9.50
C ILE A 110 -6.18 4.65 9.90
N ASP A 111 -7.18 4.44 9.07
CA ASP A 111 -8.17 3.40 9.31
C ASP A 111 -8.48 2.68 8.01
N ALA A 112 -8.80 1.39 8.09
CA ALA A 112 -9.10 0.62 6.89
C ALA A 112 -10.06 1.38 6.00
N THR A 113 -11.00 2.09 6.62
CA THR A 113 -11.97 2.88 5.88
C THR A 113 -11.27 3.99 5.11
N LYS A 114 -10.36 4.68 5.78
CA LYS A 114 -9.61 5.77 5.16
C LYS A 114 -8.79 5.27 3.97
N LEU A 115 -7.86 4.36 4.23
CA LEU A 115 -7.02 3.81 3.17
C LEU A 115 -7.88 3.40 1.97
N SER A 116 -8.86 2.54 2.24
CA SER A 116 -9.76 2.06 1.20
C SER A 116 -10.50 3.23 0.55
N ARG A 117 -10.73 4.28 1.31
CA ARG A 117 -11.42 5.46 0.81
C ARG A 117 -10.51 6.21 -0.16
N PHE A 118 -9.42 6.76 0.38
CA PHE A 118 -8.46 7.50 -0.43
C PHE A 118 -8.21 6.78 -1.75
N ILE A 119 -8.07 5.45 -1.67
CA ILE A 119 -7.87 4.64 -2.86
C ILE A 119 -9.09 4.74 -3.76
N GLU A 120 -10.25 4.41 -3.19
CA GLU A 120 -11.50 4.47 -3.93
C GLU A 120 -11.68 5.85 -4.54
N ILE A 121 -10.95 6.81 -4.00
CA ILE A 121 -11.02 8.19 -4.47
C ILE A 121 -10.06 8.46 -5.63
N ASN A 122 -8.86 7.88 -5.56
CA ASN A 122 -7.86 8.07 -6.61
C ASN A 122 -7.43 6.76 -7.26
N SER A 123 -8.33 5.79 -7.28
CA SER A 123 -8.04 4.49 -7.90
C SER A 123 -8.24 4.57 -9.41
N LEU A 124 -7.73 5.65 -10.00
CA LEU A 124 -7.86 5.87 -11.43
C LEU A 124 -6.62 5.41 -12.17
N GLU A 9 -14.82 -28.56 -3.19
CA GLU A 9 -14.31 -28.09 -1.88
C GLU A 9 -14.00 -29.27 -0.97
N VAL A 10 -13.07 -30.13 -1.39
CA VAL A 10 -12.69 -31.29 -0.62
C VAL A 10 -11.53 -30.98 0.33
N GLU A 11 -10.60 -30.13 -0.13
CA GLU A 11 -9.46 -29.75 0.67
C GLU A 11 -8.73 -30.97 1.21
N LYS A 12 -7.87 -31.55 0.38
CA LYS A 12 -7.11 -32.74 0.75
C LYS A 12 -5.90 -32.37 1.63
N SER A 13 -5.50 -31.11 1.57
CA SER A 13 -4.36 -30.64 2.35
C SER A 13 -4.54 -29.18 2.75
N SER A 14 -5.02 -28.96 3.97
CA SER A 14 -5.23 -27.61 4.49
C SER A 14 -3.90 -26.97 4.86
N ASP A 15 -3.60 -25.82 4.25
CA ASP A 15 -2.36 -25.10 4.52
C ASP A 15 -2.54 -24.09 5.65
N GLY A 16 -3.79 -23.90 6.07
CA GLY A 16 -4.07 -22.97 7.13
C GLY A 16 -4.79 -21.71 6.64
N PRO A 17 -6.13 -21.64 6.78
CA PRO A 17 -6.90 -20.48 6.33
C PRO A 17 -6.52 -19.21 7.07
N GLY A 18 -6.51 -18.09 6.36
CA GLY A 18 -6.16 -16.82 6.97
C GLY A 18 -4.98 -16.16 6.29
N ALA A 19 -5.14 -15.79 5.02
CA ALA A 19 -4.07 -15.15 4.26
C ALA A 19 -4.62 -14.53 2.98
N ALA A 20 -5.10 -15.39 2.09
CA ALA A 20 -5.66 -14.96 0.81
C ALA A 20 -4.62 -14.24 -0.03
N GLN A 21 -4.42 -12.95 0.23
CA GLN A 21 -3.45 -12.16 -0.52
C GLN A 21 -2.85 -11.07 0.36
N GLU A 22 -1.59 -10.75 0.11
CA GLU A 22 -0.89 -9.72 0.86
C GLU A 22 -0.14 -8.77 -0.07
N PRO A 23 0.18 -7.54 0.39
CA PRO A 23 0.87 -6.53 -0.43
C PRO A 23 2.29 -6.96 -0.79
N THR A 24 2.68 -6.67 -2.03
CA THR A 24 4.01 -7.03 -2.52
C THR A 24 5.12 -6.46 -1.64
N TRP A 25 6.28 -7.11 -1.68
CA TRP A 25 7.43 -6.69 -0.89
C TRP A 25 8.42 -5.90 -1.76
N LEU A 26 8.24 -4.58 -1.80
CA LEU A 26 9.11 -3.71 -2.58
C LEU A 26 10.32 -3.27 -1.74
N THR A 27 11.25 -4.19 -1.52
CA THR A 27 12.44 -3.91 -0.73
C THR A 27 13.44 -3.02 -1.47
N ASP A 28 13.11 -2.64 -2.70
CA ASP A 28 14.00 -1.80 -3.49
C ASP A 28 13.23 -0.81 -4.34
N VAL A 29 13.82 0.36 -4.56
CA VAL A 29 13.20 1.41 -5.38
C VAL A 29 12.84 0.90 -6.77
N PRO A 30 13.78 0.26 -7.49
CA PRO A 30 13.52 -0.26 -8.83
C PRO A 30 12.35 -1.25 -8.84
N ALA A 31 12.34 -2.16 -7.88
CA ALA A 31 11.28 -3.15 -7.78
C ALA A 31 9.94 -2.48 -7.52
N ALA A 32 9.99 -1.42 -6.73
CA ALA A 32 8.80 -0.67 -6.40
C ALA A 32 8.20 -0.04 -7.66
N MET A 33 9.01 0.79 -8.30
CA MET A 33 8.59 1.47 -9.53
C MET A 33 8.25 0.47 -10.63
N GLU A 34 8.84 -0.72 -10.56
CA GLU A 34 8.57 -1.75 -11.56
C GLU A 34 7.17 -2.32 -11.37
N PHE A 35 6.85 -2.71 -10.14
CA PHE A 35 5.54 -3.26 -9.85
C PHE A 35 4.46 -2.23 -10.17
N ILE A 36 4.79 -0.96 -9.96
CA ILE A 36 3.86 0.12 -10.25
C ILE A 36 3.74 0.32 -11.76
N ALA A 37 4.88 0.19 -12.45
CA ALA A 37 4.92 0.34 -13.89
C ALA A 37 4.31 -0.85 -14.59
N ALA A 38 4.17 -1.95 -13.86
CA ALA A 38 3.60 -3.18 -14.41
C ALA A 38 2.12 -3.29 -14.07
N THR A 39 1.47 -2.15 -13.85
CA THR A 39 0.05 -2.14 -13.51
C THR A 39 -0.52 -0.72 -13.53
N GLU A 40 -1.81 -0.61 -13.80
CA GLU A 40 -2.48 0.68 -13.85
C GLU A 40 -2.41 1.37 -12.49
N VAL A 41 -3.28 0.98 -11.58
CA VAL A 41 -3.32 1.57 -10.24
C VAL A 41 -2.50 0.73 -9.27
N ALA A 42 -1.71 1.39 -8.43
CA ALA A 42 -0.86 0.70 -7.47
C ALA A 42 -0.84 1.40 -6.12
N VAL A 43 -1.15 0.64 -5.07
CA VAL A 43 -1.15 1.18 -3.72
C VAL A 43 -0.08 0.50 -2.90
N ILE A 44 0.77 1.29 -2.27
CA ILE A 44 1.88 0.76 -1.51
C ILE A 44 2.02 1.44 -0.15
N GLY A 45 2.27 0.62 0.87
CA GLY A 45 2.43 1.14 2.21
C GLY A 45 3.90 1.26 2.62
N PHE A 46 4.45 2.46 2.50
CA PHE A 46 5.84 2.70 2.86
C PHE A 46 5.94 2.95 4.37
N PHE A 47 6.15 1.86 5.11
CA PHE A 47 6.22 1.94 6.57
C PHE A 47 7.63 1.72 7.09
N GLN A 48 7.99 2.47 8.13
CA GLN A 48 9.30 2.34 8.76
C GLN A 48 9.20 1.28 9.86
N ASP A 49 7.97 0.85 10.11
CA ASP A 49 7.68 -0.16 11.11
C ASP A 49 6.43 -0.95 10.73
N LEU A 50 6.57 -2.26 10.59
CA LEU A 50 5.43 -3.09 10.20
C LEU A 50 4.67 -3.59 11.42
N GLU A 51 4.40 -2.68 12.35
CA GLU A 51 3.66 -3.00 13.56
C GLU A 51 2.64 -1.91 13.85
N ILE A 52 2.44 -1.03 12.88
CA ILE A 52 1.50 0.08 13.02
C ILE A 52 0.16 -0.27 12.39
N PRO A 53 -0.93 0.39 12.85
CA PRO A 53 -2.28 0.15 12.34
C PRO A 53 -2.36 0.19 10.81
N ALA A 54 -1.47 0.97 10.21
CA ALA A 54 -1.45 1.11 8.76
C ALA A 54 -1.16 -0.20 8.04
N VAL A 55 -0.29 -1.02 8.62
CA VAL A 55 0.07 -2.30 8.00
C VAL A 55 -1.15 -3.23 7.87
N PRO A 56 -1.85 -3.55 8.99
CA PRO A 56 -3.03 -4.42 8.94
C PRO A 56 -4.10 -3.83 8.05
N ILE A 57 -4.27 -2.51 8.13
CA ILE A 57 -5.25 -1.82 7.33
C ILE A 57 -4.95 -1.93 5.85
N LEU A 58 -3.66 -1.93 5.49
CA LEU A 58 -3.26 -2.08 4.10
C LEU A 58 -3.51 -3.50 3.65
N HIS A 59 -3.01 -4.46 4.42
CA HIS A 59 -3.21 -5.87 4.10
C HIS A 59 -4.70 -6.16 3.97
N SER A 60 -5.51 -5.33 4.63
CA SER A 60 -6.96 -5.50 4.60
C SER A 60 -7.53 -4.86 3.33
N MET A 61 -7.07 -3.67 3.01
CA MET A 61 -7.54 -2.96 1.82
C MET A 61 -7.18 -3.78 0.57
N VAL A 62 -6.14 -4.58 0.70
CA VAL A 62 -5.68 -5.43 -0.39
C VAL A 62 -6.82 -6.29 -0.93
N GLN A 63 -7.53 -6.95 -0.03
CA GLN A 63 -8.64 -7.80 -0.40
C GLN A 63 -9.86 -6.97 -0.77
N LYS A 64 -9.78 -5.66 -0.50
CA LYS A 64 -10.87 -4.75 -0.80
C LYS A 64 -10.64 -4.08 -2.15
N PHE A 65 -9.40 -4.12 -2.61
CA PHE A 65 -9.04 -3.53 -3.89
C PHE A 65 -8.12 -4.44 -4.70
N PRO A 66 -8.61 -5.65 -5.07
CA PRO A 66 -7.84 -6.61 -5.86
C PRO A 66 -7.27 -5.98 -7.13
N GLY A 67 -8.11 -5.22 -7.83
CA GLY A 67 -7.66 -4.56 -9.04
C GLY A 67 -6.44 -3.70 -8.78
N VAL A 68 -6.44 -3.02 -7.64
CA VAL A 68 -5.32 -2.18 -7.24
C VAL A 68 -4.09 -3.04 -6.95
N SER A 69 -2.92 -2.53 -7.30
CA SER A 69 -1.69 -3.27 -7.07
C SER A 69 -1.22 -3.11 -5.63
N PHE A 70 -1.56 -4.08 -4.80
CA PHE A 70 -1.18 -4.07 -3.40
C PHE A 70 0.34 -4.15 -3.24
N GLY A 71 0.89 -3.24 -2.46
CA GLY A 71 2.32 -3.22 -2.23
C GLY A 71 2.68 -2.70 -0.86
N ILE A 72 3.90 -2.97 -0.43
CA ILE A 72 4.36 -2.53 0.88
C ILE A 72 5.89 -2.54 0.92
N SER A 73 6.47 -1.59 1.63
CA SER A 73 7.92 -1.51 1.73
C SER A 73 8.37 -0.89 3.05
N THR A 74 9.58 -1.22 3.45
CA THR A 74 10.17 -0.70 4.67
C THR A 74 11.61 -0.27 4.44
N ASP A 75 12.09 -0.51 3.23
CA ASP A 75 13.46 -0.15 2.85
C ASP A 75 13.66 1.35 2.94
N SER A 76 14.82 1.76 3.44
CA SER A 76 15.14 3.18 3.57
C SER A 76 15.22 3.87 2.22
N GLU A 77 16.01 3.30 1.32
CA GLU A 77 16.17 3.86 -0.02
C GLU A 77 14.84 4.17 -0.68
N VAL A 78 13.87 3.27 -0.51
CA VAL A 78 12.55 3.47 -1.09
C VAL A 78 11.80 4.57 -0.35
N LEU A 79 11.67 4.40 0.97
CA LEU A 79 10.98 5.37 1.80
C LEU A 79 11.64 6.74 1.67
N THR A 80 12.85 6.75 1.12
CA THR A 80 13.58 7.99 0.91
C THR A 80 13.28 8.56 -0.47
N HIS A 81 13.23 7.66 -1.45
CA HIS A 81 12.95 8.07 -2.83
C HIS A 81 11.57 8.71 -2.92
N TYR A 82 10.63 8.20 -2.14
CA TYR A 82 9.27 8.73 -2.13
C TYR A 82 9.10 9.77 -1.02
N ASN A 83 10.22 10.18 -0.44
CA ASN A 83 10.22 11.20 0.61
C ASN A 83 9.37 10.76 1.80
N ILE A 84 9.16 9.46 1.94
CA ILE A 84 8.37 8.91 3.03
C ILE A 84 8.97 9.26 4.38
N THR A 85 8.19 9.94 5.21
CA THR A 85 8.65 10.34 6.54
C THR A 85 7.53 10.22 7.58
N GLY A 86 7.00 9.00 7.73
CA GLY A 86 5.93 8.77 8.68
C GLY A 86 5.04 7.61 8.30
N ASN A 87 5.65 6.51 7.87
CA ASN A 87 4.90 5.33 7.47
C ASN A 87 3.83 5.69 6.43
N THR A 88 4.22 6.52 5.48
CA THR A 88 3.32 6.99 4.44
C THR A 88 2.91 5.88 3.46
N ILE A 89 1.71 6.01 2.90
CA ILE A 89 1.18 5.07 1.91
C ILE A 89 0.98 5.80 0.59
N CYS A 90 1.71 5.40 -0.44
CA CYS A 90 1.61 6.06 -1.73
C CYS A 90 0.81 5.27 -2.77
N LEU A 91 -0.08 5.97 -3.45
CA LEU A 91 -0.91 5.38 -4.49
C LEU A 91 -0.47 5.90 -5.85
N PHE A 92 0.28 5.09 -6.59
CA PHE A 92 0.74 5.49 -7.91
C PHE A 92 -0.17 4.93 -9.00
N ARG A 93 -0.73 5.83 -9.81
CA ARG A 93 -1.62 5.42 -10.90
C ARG A 93 -0.91 5.57 -12.24
N LEU A 94 -0.27 4.48 -12.67
CA LEU A 94 0.48 4.43 -13.93
C LEU A 94 -0.21 5.20 -15.06
N VAL A 95 -1.49 4.93 -15.26
CA VAL A 95 -2.27 5.59 -16.32
C VAL A 95 -1.93 7.08 -16.40
N ASP A 96 -2.26 7.81 -15.34
CA ASP A 96 -2.00 9.23 -15.30
C ASP A 96 -0.68 9.54 -14.59
N ASN A 97 0.08 8.49 -14.30
CA ASN A 97 1.37 8.62 -13.62
C ASN A 97 1.26 9.45 -12.34
N GLU A 98 0.11 9.36 -11.69
CA GLU A 98 -0.12 10.10 -10.45
C GLU A 98 0.55 9.40 -9.27
N GLN A 99 0.77 10.15 -8.19
CA GLN A 99 1.40 9.61 -7.00
C GLN A 99 0.84 10.26 -5.74
N LEU A 100 -0.20 9.66 -5.18
CA LEU A 100 -0.83 10.18 -3.97
C LEU A 100 0.02 9.79 -2.77
N ASN A 101 0.09 10.66 -1.77
CA ASN A 101 0.90 10.38 -0.58
C ASN A 101 0.09 10.48 0.71
N LEU A 102 -0.33 9.32 1.22
CA LEU A 102 -1.06 9.25 2.47
C LEU A 102 -0.05 9.20 3.60
N GLU A 103 0.50 10.37 3.94
CA GLU A 103 1.53 10.48 4.96
C GLU A 103 0.99 10.43 6.37
N ASP A 104 1.83 10.83 7.32
CA ASP A 104 1.49 10.84 8.75
C ASP A 104 0.17 11.57 9.01
N GLU A 105 -0.08 12.62 8.25
CA GLU A 105 -1.31 13.40 8.42
C GLU A 105 -2.53 12.49 8.25
N ASP A 106 -2.27 11.31 7.70
CA ASP A 106 -3.33 10.33 7.47
C ASP A 106 -2.93 8.95 8.01
N ILE A 107 -1.64 8.77 8.33
CA ILE A 107 -1.14 7.50 8.85
C ILE A 107 -1.23 7.45 10.37
N GLU A 108 -1.06 8.62 11.01
CA GLU A 108 -1.13 8.71 12.46
C GLU A 108 -2.40 8.05 13.00
N SER A 109 -3.53 8.35 12.35
CA SER A 109 -4.82 7.79 12.75
C SER A 109 -5.47 7.07 11.59
N ILE A 110 -4.65 6.41 10.77
CA ILE A 110 -5.15 5.68 9.61
C ILE A 110 -6.12 4.58 10.00
N ASP A 111 -7.14 4.39 9.17
CA ASP A 111 -8.14 3.36 9.39
C ASP A 111 -8.46 2.67 8.08
N ALA A 112 -8.82 1.39 8.13
CA ALA A 112 -9.14 0.64 6.92
C ALA A 112 -10.07 1.44 6.03
N THR A 113 -11.01 2.15 6.64
CA THR A 113 -11.95 2.98 5.91
C THR A 113 -11.22 4.08 5.15
N LYS A 114 -10.31 4.76 5.86
CA LYS A 114 -9.53 5.84 5.27
C LYS A 114 -8.73 5.35 4.07
N LEU A 115 -7.85 4.38 4.29
CA LEU A 115 -7.02 3.84 3.22
C LEU A 115 -7.90 3.47 2.02
N SER A 116 -8.88 2.61 2.27
CA SER A 116 -9.79 2.17 1.23
C SER A 116 -10.51 3.35 0.58
N ARG A 117 -10.71 4.41 1.37
CA ARG A 117 -11.38 5.60 0.87
C ARG A 117 -10.47 6.34 -0.10
N PHE A 118 -9.35 6.84 0.40
CA PHE A 118 -8.38 7.55 -0.42
C PHE A 118 -8.18 6.82 -1.74
N ILE A 119 -8.05 5.51 -1.66
CA ILE A 119 -7.90 4.70 -2.85
C ILE A 119 -9.14 4.85 -3.73
N GLU A 120 -10.29 4.56 -3.15
CA GLU A 120 -11.56 4.67 -3.86
C GLU A 120 -11.72 6.06 -4.45
N ILE A 121 -10.93 6.99 -3.93
CA ILE A 121 -10.98 8.38 -4.38
C ILE A 121 -10.02 8.63 -5.55
N ASN A 122 -8.85 7.99 -5.52
CA ASN A 122 -7.87 8.17 -6.58
C ASN A 122 -7.43 6.86 -7.21
N SER A 123 -8.33 5.88 -7.25
CA SER A 123 -8.03 4.59 -7.85
C SER A 123 -8.22 4.65 -9.37
N LEU A 124 -7.79 5.75 -9.96
CA LEU A 124 -7.91 5.95 -11.40
C LEU A 124 -6.71 5.40 -12.14
N GLU A 9 -8.87 -19.92 15.94
CA GLU A 9 -9.20 -18.51 16.29
C GLU A 9 -10.67 -18.37 16.67
N VAL A 10 -11.05 -17.19 17.14
CA VAL A 10 -12.43 -16.92 17.53
C VAL A 10 -12.83 -15.50 17.19
N GLU A 11 -11.84 -14.62 17.05
CA GLU A 11 -12.08 -13.21 16.72
C GLU A 11 -12.79 -13.10 15.38
N LYS A 12 -12.13 -13.55 14.31
CA LYS A 12 -12.70 -13.49 12.97
C LYS A 12 -13.40 -14.79 12.62
N SER A 13 -14.36 -15.20 13.46
CA SER A 13 -15.10 -16.42 13.24
C SER A 13 -16.13 -16.24 12.13
N SER A 14 -15.69 -16.41 10.89
CA SER A 14 -16.58 -16.25 9.74
C SER A 14 -16.12 -17.14 8.59
N ASP A 15 -15.42 -18.22 8.92
CA ASP A 15 -14.92 -19.16 7.92
C ASP A 15 -14.01 -18.46 6.91
N GLY A 16 -12.81 -18.10 7.35
CA GLY A 16 -11.87 -17.42 6.48
C GLY A 16 -10.59 -18.21 6.27
N PRO A 17 -10.53 -19.05 5.22
CA PRO A 17 -9.34 -19.86 4.92
C PRO A 17 -8.13 -19.02 4.57
N GLY A 18 -6.95 -19.50 4.93
CA GLY A 18 -5.72 -18.78 4.64
C GLY A 18 -5.50 -18.60 3.15
N ALA A 19 -5.78 -17.40 2.64
CA ALA A 19 -5.61 -17.10 1.23
C ALA A 19 -5.52 -15.61 1.00
N ALA A 20 -6.04 -14.84 1.96
CA ALA A 20 -6.04 -13.39 1.88
C ALA A 20 -4.72 -12.86 1.32
N GLN A 21 -4.73 -12.54 0.03
CA GLN A 21 -3.56 -12.01 -0.65
C GLN A 21 -2.92 -10.89 0.15
N GLU A 22 -1.59 -10.86 0.17
CA GLU A 22 -0.84 -9.84 0.90
C GLU A 22 -0.14 -8.89 -0.07
N PRO A 23 0.19 -7.66 0.39
CA PRO A 23 0.86 -6.66 -0.44
C PRO A 23 2.28 -7.06 -0.82
N THR A 24 2.70 -6.68 -2.03
CA THR A 24 4.03 -7.00 -2.53
C THR A 24 5.12 -6.41 -1.65
N TRP A 25 6.30 -7.05 -1.67
CA TRP A 25 7.44 -6.59 -0.89
C TRP A 25 8.42 -5.83 -1.77
N LEU A 26 8.26 -4.51 -1.81
CA LEU A 26 9.12 -3.65 -2.61
C LEU A 26 10.31 -3.16 -1.78
N THR A 27 11.23 -4.07 -1.49
CA THR A 27 12.40 -3.75 -0.69
C THR A 27 13.41 -2.92 -1.47
N ASP A 28 13.08 -2.56 -2.71
CA ASP A 28 13.97 -1.76 -3.53
C ASP A 28 13.20 -0.78 -4.41
N VAL A 29 13.80 0.39 -4.64
CA VAL A 29 13.18 1.43 -5.46
C VAL A 29 12.81 0.91 -6.84
N PRO A 30 13.75 0.24 -7.57
CA PRO A 30 13.46 -0.29 -8.90
C PRO A 30 12.30 -1.28 -8.88
N ALA A 31 12.32 -2.20 -7.91
CA ALA A 31 11.27 -3.20 -7.81
C ALA A 31 9.94 -2.53 -7.53
N ALA A 32 9.99 -1.44 -6.78
CA ALA A 32 8.80 -0.68 -6.45
C ALA A 32 8.19 -0.06 -7.71
N MET A 33 8.99 0.76 -8.38
CA MET A 33 8.57 1.43 -9.59
C MET A 33 8.22 0.41 -10.68
N GLU A 34 8.79 -0.79 -10.58
CA GLU A 34 8.52 -1.83 -11.56
C GLU A 34 7.12 -2.41 -11.35
N PHE A 35 6.84 -2.82 -10.13
CA PHE A 35 5.53 -3.37 -9.80
C PHE A 35 4.44 -2.36 -10.12
N ILE A 36 4.78 -1.07 -9.96
CA ILE A 36 3.85 0.00 -10.27
C ILE A 36 3.72 0.16 -11.79
N ALA A 37 4.86 0.06 -12.48
CA ALA A 37 4.90 0.20 -13.93
C ALA A 37 4.27 -1.01 -14.61
N ALA A 38 4.12 -2.09 -13.85
CA ALA A 38 3.53 -3.31 -14.38
C ALA A 38 2.04 -3.40 -14.06
N THR A 39 1.42 -2.25 -13.85
CA THR A 39 -0.01 -2.19 -13.54
C THR A 39 -0.53 -0.76 -13.56
N GLU A 40 -1.83 -0.62 -13.83
CA GLU A 40 -2.46 0.70 -13.88
C GLU A 40 -2.41 1.38 -12.51
N VAL A 41 -3.26 0.93 -11.59
CA VAL A 41 -3.30 1.50 -10.24
C VAL A 41 -2.48 0.65 -9.28
N ALA A 42 -1.69 1.32 -8.44
CA ALA A 42 -0.85 0.63 -7.47
C ALA A 42 -0.82 1.35 -6.13
N VAL A 43 -1.17 0.63 -5.07
CA VAL A 43 -1.16 1.18 -3.74
C VAL A 43 -0.08 0.51 -2.91
N ILE A 44 0.75 1.32 -2.29
CA ILE A 44 1.87 0.80 -1.52
C ILE A 44 2.01 1.47 -0.16
N GLY A 45 2.28 0.64 0.86
CA GLY A 45 2.44 1.14 2.20
C GLY A 45 3.90 1.26 2.60
N PHE A 46 4.47 2.46 2.47
CA PHE A 46 5.86 2.70 2.83
C PHE A 46 5.96 2.94 4.33
N PHE A 47 6.17 1.86 5.07
CA PHE A 47 6.25 1.93 6.52
C PHE A 47 7.66 1.68 7.04
N GLN A 48 8.05 2.45 8.06
CA GLN A 48 9.36 2.28 8.68
C GLN A 48 9.26 1.22 9.77
N ASP A 49 8.03 0.83 10.05
CA ASP A 49 7.73 -0.17 11.06
C ASP A 49 6.47 -0.95 10.67
N LEU A 50 6.58 -2.26 10.56
CA LEU A 50 5.44 -3.09 10.16
C LEU A 50 4.66 -3.59 11.38
N GLU A 51 4.39 -2.68 12.30
CA GLU A 51 3.63 -3.00 13.50
C GLU A 51 2.62 -1.90 13.80
N ILE A 52 2.46 -1.00 12.85
CA ILE A 52 1.52 0.11 12.98
C ILE A 52 0.15 -0.24 12.42
N PRO A 53 -0.90 0.48 12.84
CA PRO A 53 -2.27 0.24 12.36
C PRO A 53 -2.38 0.27 10.84
N ALA A 54 -1.46 0.98 10.19
CA ALA A 54 -1.45 1.12 8.75
C ALA A 54 -1.20 -0.21 8.04
N VAL A 55 -0.26 -1.00 8.56
CA VAL A 55 0.09 -2.28 7.95
C VAL A 55 -1.14 -3.19 7.80
N PRO A 56 -1.86 -3.51 8.91
CA PRO A 56 -3.04 -4.37 8.85
C PRO A 56 -4.12 -3.78 7.95
N ILE A 57 -4.32 -2.47 8.08
CA ILE A 57 -5.31 -1.76 7.29
C ILE A 57 -5.01 -1.88 5.80
N LEU A 58 -3.73 -1.93 5.45
CA LEU A 58 -3.34 -2.07 4.06
C LEU A 58 -3.57 -3.51 3.60
N HIS A 59 -3.02 -4.46 4.36
CA HIS A 59 -3.21 -5.87 4.04
C HIS A 59 -4.69 -6.18 3.87
N SER A 60 -5.52 -5.38 4.55
CA SER A 60 -6.96 -5.56 4.49
C SER A 60 -7.53 -4.92 3.22
N MET A 61 -7.13 -3.68 2.95
CA MET A 61 -7.60 -2.98 1.76
C MET A 61 -7.24 -3.79 0.52
N VAL A 62 -6.18 -4.59 0.65
CA VAL A 62 -5.73 -5.44 -0.44
C VAL A 62 -6.87 -6.27 -0.99
N GLN A 63 -7.59 -6.93 -0.10
CA GLN A 63 -8.71 -7.76 -0.51
C GLN A 63 -9.91 -6.90 -0.90
N LYS A 64 -9.87 -5.63 -0.50
CA LYS A 64 -10.94 -4.69 -0.79
C LYS A 64 -10.70 -4.03 -2.15
N PHE A 65 -9.47 -4.15 -2.63
CA PHE A 65 -9.09 -3.57 -3.91
C PHE A 65 -8.21 -4.52 -4.71
N PRO A 66 -8.75 -5.70 -5.09
CA PRO A 66 -8.01 -6.69 -5.87
C PRO A 66 -7.41 -6.07 -7.14
N GLY A 67 -8.22 -5.26 -7.82
CA GLY A 67 -7.76 -4.60 -9.03
C GLY A 67 -6.51 -3.77 -8.77
N VAL A 68 -6.52 -3.06 -7.65
CA VAL A 68 -5.38 -2.22 -7.26
C VAL A 68 -4.17 -3.09 -6.97
N SER A 69 -2.99 -2.58 -7.30
CA SER A 69 -1.75 -3.33 -7.08
C SER A 69 -1.26 -3.15 -5.64
N PHE A 70 -1.58 -4.13 -4.80
CA PHE A 70 -1.18 -4.10 -3.40
C PHE A 70 0.34 -4.15 -3.27
N GLY A 71 0.88 -3.21 -2.50
CA GLY A 71 2.31 -3.17 -2.29
C GLY A 71 2.67 -2.65 -0.91
N ILE A 72 3.89 -2.93 -0.48
CA ILE A 72 4.35 -2.49 0.83
C ILE A 72 5.88 -2.52 0.88
N SER A 73 6.47 -1.58 1.61
CA SER A 73 7.92 -1.51 1.70
C SER A 73 8.37 -0.94 3.03
N THR A 74 9.62 -1.22 3.40
CA THR A 74 10.20 -0.73 4.64
C THR A 74 11.64 -0.32 4.43
N ASP A 75 12.13 -0.50 3.20
CA ASP A 75 13.50 -0.14 2.86
C ASP A 75 13.69 1.37 2.88
N SER A 76 14.82 1.81 3.41
CA SER A 76 15.13 3.24 3.52
C SER A 76 15.19 3.89 2.14
N GLU A 77 15.98 3.31 1.24
CA GLU A 77 16.15 3.84 -0.11
C GLU A 77 14.81 4.17 -0.75
N VAL A 78 13.84 3.27 -0.61
CA VAL A 78 12.52 3.49 -1.18
C VAL A 78 11.77 4.58 -0.43
N LEU A 79 11.66 4.41 0.88
CA LEU A 79 10.99 5.39 1.72
C LEU A 79 11.65 6.76 1.58
N THR A 80 12.85 6.76 1.00
CA THR A 80 13.58 7.99 0.77
C THR A 80 13.25 8.55 -0.60
N HIS A 81 13.15 7.66 -1.59
CA HIS A 81 12.84 8.06 -2.95
C HIS A 81 11.49 8.74 -3.01
N TYR A 82 10.53 8.23 -2.24
CA TYR A 82 9.19 8.81 -2.19
C TYR A 82 9.07 9.80 -1.04
N ASN A 83 10.22 10.21 -0.51
CA ASN A 83 10.26 11.18 0.57
C ASN A 83 9.40 10.75 1.76
N ILE A 84 9.18 9.45 1.89
CA ILE A 84 8.38 8.90 2.97
C ILE A 84 8.98 9.25 4.33
N THR A 85 8.21 9.93 5.17
CA THR A 85 8.68 10.33 6.49
C THR A 85 7.58 10.20 7.53
N GLY A 86 7.03 8.99 7.68
CA GLY A 86 5.97 8.76 8.64
C GLY A 86 5.08 7.60 8.26
N ASN A 87 5.70 6.50 7.83
CA ASN A 87 4.94 5.31 7.44
C ASN A 87 3.86 5.68 6.43
N THR A 88 4.24 6.51 5.46
CA THR A 88 3.34 6.98 4.43
C THR A 88 2.92 5.87 3.47
N ILE A 89 1.73 6.05 2.88
CA ILE A 89 1.19 5.11 1.89
C ILE A 89 0.98 5.85 0.58
N CYS A 90 1.69 5.44 -0.46
CA CYS A 90 1.60 6.11 -1.74
C CYS A 90 0.82 5.30 -2.78
N LEU A 91 -0.11 5.98 -3.46
CA LEU A 91 -0.90 5.37 -4.51
C LEU A 91 -0.45 5.87 -5.87
N PHE A 92 0.28 5.05 -6.60
CA PHE A 92 0.76 5.43 -7.92
C PHE A 92 -0.16 4.89 -9.01
N ARG A 93 -0.73 5.79 -9.80
CA ARG A 93 -1.64 5.39 -10.88
C ARG A 93 -0.95 5.49 -12.24
N LEU A 94 -0.19 4.45 -12.57
CA LEU A 94 0.57 4.37 -13.83
C LEU A 94 -0.03 5.22 -14.94
N VAL A 95 -1.28 4.93 -15.30
CA VAL A 95 -1.98 5.66 -16.37
C VAL A 95 -1.67 7.15 -16.35
N ASP A 96 -2.08 7.83 -15.28
CA ASP A 96 -1.85 9.26 -15.16
C ASP A 96 -0.55 9.53 -14.39
N ASN A 97 0.16 8.46 -14.05
CA ASN A 97 1.42 8.55 -13.33
C ASN A 97 1.30 9.45 -12.08
N GLU A 98 0.15 9.38 -11.43
CA GLU A 98 -0.10 10.18 -10.23
C GLU A 98 0.48 9.49 -9.01
N GLN A 99 0.76 10.27 -7.96
CA GLN A 99 1.31 9.73 -6.73
C GLN A 99 0.64 10.36 -5.52
N LEU A 100 -0.37 9.67 -5.00
CA LEU A 100 -1.10 10.14 -3.83
C LEU A 100 -0.37 9.74 -2.55
N ASN A 101 0.18 10.72 -1.85
CA ASN A 101 0.91 10.44 -0.62
C ASN A 101 0.03 10.53 0.61
N LEU A 102 -0.13 9.39 1.27
CA LEU A 102 -0.91 9.31 2.50
C LEU A 102 0.06 9.24 3.67
N GLU A 103 0.63 10.39 4.01
CA GLU A 103 1.65 10.48 5.07
C GLU A 103 1.06 10.45 6.47
N ASP A 104 1.89 10.83 7.43
CA ASP A 104 1.51 10.85 8.84
C ASP A 104 0.19 11.57 9.07
N GLU A 105 -0.03 12.67 8.35
CA GLU A 105 -1.26 13.44 8.49
C GLU A 105 -2.47 12.53 8.26
N ASP A 106 -2.21 11.36 7.71
CA ASP A 106 -3.26 10.38 7.43
C ASP A 106 -2.89 8.99 7.95
N ILE A 107 -1.62 8.80 8.32
CA ILE A 107 -1.14 7.51 8.82
C ILE A 107 -1.25 7.44 10.35
N GLU A 108 -1.04 8.56 11.01
CA GLU A 108 -1.13 8.63 12.47
C GLU A 108 -2.46 8.06 12.96
N SER A 109 -3.54 8.44 12.27
CA SER A 109 -4.87 7.96 12.63
C SER A 109 -5.51 7.25 11.45
N ILE A 110 -4.71 6.46 10.73
CA ILE A 110 -5.19 5.72 9.58
C ILE A 110 -6.18 4.63 9.98
N ASP A 111 -7.18 4.44 9.13
CA ASP A 111 -8.19 3.42 9.36
C ASP A 111 -8.51 2.71 8.04
N ALA A 112 -8.86 1.43 8.11
CA ALA A 112 -9.16 0.68 6.90
C ALA A 112 -10.11 1.48 6.00
N THR A 113 -11.03 2.19 6.64
CA THR A 113 -11.98 3.02 5.90
C THR A 113 -11.25 4.10 5.13
N LYS A 114 -10.36 4.80 5.82
CA LYS A 114 -9.58 5.88 5.21
C LYS A 114 -8.78 5.38 4.02
N LEU A 115 -7.88 4.42 4.28
CA LEU A 115 -7.04 3.87 3.21
C LEU A 115 -7.92 3.48 2.01
N SER A 116 -8.91 2.62 2.26
CA SER A 116 -9.80 2.17 1.21
C SER A 116 -10.53 3.34 0.56
N ARG A 117 -10.74 4.39 1.34
CA ARG A 117 -11.43 5.59 0.84
C ARG A 117 -10.52 6.34 -0.12
N PHE A 118 -9.41 6.86 0.40
CA PHE A 118 -8.44 7.58 -0.42
C PHE A 118 -8.21 6.85 -1.73
N ILE A 119 -8.06 5.54 -1.64
CA ILE A 119 -7.86 4.72 -2.84
C ILE A 119 -9.10 4.82 -3.72
N GLU A 120 -10.25 4.51 -3.14
CA GLU A 120 -11.51 4.56 -3.88
C GLU A 120 -11.70 5.95 -4.49
N ILE A 121 -10.95 6.92 -3.96
CA ILE A 121 -11.02 8.30 -4.42
C ILE A 121 -10.06 8.56 -5.57
N ASN A 122 -8.87 7.94 -5.53
CA ASN A 122 -7.88 8.15 -6.58
C ASN A 122 -7.43 6.83 -7.22
N SER A 123 -8.32 5.85 -7.25
CA SER A 123 -8.01 4.56 -7.86
C SER A 123 -8.21 4.62 -9.36
N LEU A 124 -7.74 5.70 -9.97
CA LEU A 124 -7.86 5.91 -11.40
C LEU A 124 -6.61 5.46 -12.14
N GLU A 9 0.49 -18.97 12.70
CA GLU A 9 -0.19 -18.32 11.56
C GLU A 9 0.81 -17.93 10.47
N VAL A 10 2.01 -17.55 10.90
CA VAL A 10 3.05 -17.15 9.98
C VAL A 10 4.24 -18.11 10.03
N GLU A 11 4.26 -18.96 11.05
CA GLU A 11 5.35 -19.92 11.22
C GLU A 11 4.80 -21.35 11.33
N LYS A 12 5.71 -22.32 11.35
CA LYS A 12 5.35 -23.73 11.45
C LYS A 12 4.51 -24.17 10.25
N SER A 13 3.21 -23.91 10.30
CA SER A 13 2.31 -24.28 9.21
C SER A 13 1.04 -23.43 9.25
N SER A 14 0.10 -23.83 10.10
CA SER A 14 -1.17 -23.11 10.24
C SER A 14 -1.85 -22.92 8.89
N ASP A 15 -2.58 -23.94 8.45
CA ASP A 15 -3.28 -23.88 7.17
C ASP A 15 -4.59 -23.12 7.30
N GLY A 16 -5.65 -23.82 7.71
CA GLY A 16 -6.95 -23.20 7.87
C GLY A 16 -7.58 -22.81 6.54
N PRO A 17 -8.90 -23.05 6.37
CA PRO A 17 -9.61 -22.71 5.14
C PRO A 17 -9.55 -21.23 4.82
N GLY A 18 -8.76 -20.86 3.82
CA GLY A 18 -8.63 -19.47 3.43
C GLY A 18 -7.31 -19.17 2.75
N ALA A 19 -7.02 -17.89 2.56
CA ALA A 19 -5.78 -17.48 1.91
C ALA A 19 -5.54 -15.99 2.12
N ALA A 20 -6.34 -15.18 1.43
CA ALA A 20 -6.21 -13.72 1.53
C ALA A 20 -4.85 -13.23 1.07
N GLN A 21 -4.82 -12.61 -0.11
CA GLN A 21 -3.58 -12.10 -0.68
C GLN A 21 -2.96 -11.03 0.21
N GLU A 22 -1.66 -10.78 0.02
CA GLU A 22 -0.94 -9.78 0.80
C GLU A 22 -0.17 -8.83 -0.11
N PRO A 23 0.19 -7.63 0.38
CA PRO A 23 0.92 -6.64 -0.42
C PRO A 23 2.35 -7.07 -0.74
N THR A 24 2.80 -6.75 -1.95
CA THR A 24 4.13 -7.10 -2.40
C THR A 24 5.21 -6.42 -1.55
N TRP A 25 6.36 -7.06 -1.46
CA TRP A 25 7.48 -6.53 -0.69
C TRP A 25 8.45 -5.77 -1.58
N LEU A 26 8.22 -4.47 -1.74
CA LEU A 26 9.07 -3.62 -2.57
C LEU A 26 10.29 -3.16 -1.77
N THR A 27 11.20 -4.09 -1.49
CA THR A 27 12.40 -3.79 -0.72
C THR A 27 13.38 -2.93 -1.49
N ASP A 28 13.05 -2.61 -2.75
CA ASP A 28 13.93 -1.79 -3.57
C ASP A 28 13.14 -0.81 -4.43
N VAL A 29 13.74 0.35 -4.68
CA VAL A 29 13.11 1.38 -5.49
C VAL A 29 12.74 0.86 -6.88
N PRO A 30 13.69 0.21 -7.59
CA PRO A 30 13.42 -0.32 -8.93
C PRO A 30 12.26 -1.31 -8.92
N ALA A 31 12.25 -2.20 -7.93
CA ALA A 31 11.21 -3.19 -7.81
C ALA A 31 9.86 -2.53 -7.54
N ALA A 32 9.92 -1.44 -6.78
CA ALA A 32 8.73 -0.68 -6.45
C ALA A 32 8.13 -0.07 -7.71
N MET A 33 8.93 0.74 -8.39
CA MET A 33 8.52 1.41 -9.61
C MET A 33 8.14 0.39 -10.69
N GLU A 34 8.74 -0.80 -10.62
CA GLU A 34 8.45 -1.85 -11.60
C GLU A 34 7.06 -2.41 -11.38
N PHE A 35 6.77 -2.79 -10.14
CA PHE A 35 5.46 -3.33 -9.81
C PHE A 35 4.39 -2.31 -10.13
N ILE A 36 4.71 -1.04 -9.94
CA ILE A 36 3.76 0.04 -10.24
C ILE A 36 3.64 0.21 -11.75
N ALA A 37 4.77 0.09 -12.44
CA ALA A 37 4.79 0.24 -13.89
C ALA A 37 4.15 -0.96 -14.58
N ALA A 38 4.04 -2.06 -13.85
CA ALA A 38 3.44 -3.28 -14.38
C ALA A 38 1.95 -3.34 -14.07
N THR A 39 1.34 -2.19 -13.85
CA THR A 39 -0.08 -2.11 -13.54
C THR A 39 -0.59 -0.68 -13.55
N GLU A 40 -1.89 -0.52 -13.80
CA GLU A 40 -2.50 0.80 -13.85
C GLU A 40 -2.46 1.48 -12.47
N VAL A 41 -3.29 1.01 -11.55
CA VAL A 41 -3.33 1.57 -10.20
C VAL A 41 -2.51 0.72 -9.23
N ALA A 42 -1.75 1.37 -8.37
CA ALA A 42 -0.92 0.68 -7.40
C ALA A 42 -0.88 1.38 -6.05
N VAL A 43 -1.15 0.64 -5.00
CA VAL A 43 -1.13 1.19 -3.65
C VAL A 43 -0.04 0.52 -2.85
N ILE A 44 0.77 1.33 -2.19
CA ILE A 44 1.90 0.81 -1.43
C ILE A 44 2.05 1.47 -0.06
N GLY A 45 2.31 0.64 0.95
CA GLY A 45 2.47 1.15 2.29
C GLY A 45 3.93 1.28 2.69
N PHE A 46 4.47 2.48 2.59
CA PHE A 46 5.87 2.74 2.95
C PHE A 46 5.97 2.96 4.45
N PHE A 47 6.18 1.87 5.19
CA PHE A 47 6.26 1.94 6.64
C PHE A 47 7.67 1.70 7.16
N GLN A 48 8.07 2.50 8.14
CA GLN A 48 9.38 2.34 8.77
C GLN A 48 9.28 1.29 9.86
N ASP A 49 8.05 0.83 10.07
CA ASP A 49 7.75 -0.18 11.08
C ASP A 49 6.51 -0.95 10.68
N LEU A 50 6.60 -2.28 10.62
CA LEU A 50 5.46 -3.10 10.23
C LEU A 50 4.70 -3.60 11.44
N GLU A 51 4.39 -2.69 12.37
CA GLU A 51 3.65 -3.02 13.57
C GLU A 51 2.63 -1.92 13.86
N ILE A 52 2.49 -1.01 12.90
CA ILE A 52 1.55 0.11 13.02
C ILE A 52 0.19 -0.24 12.42
N PRO A 53 -0.87 0.45 12.85
CA PRO A 53 -2.23 0.21 12.35
C PRO A 53 -2.33 0.25 10.82
N ALA A 54 -1.41 0.97 10.20
CA ALA A 54 -1.40 1.11 8.75
C ALA A 54 -1.12 -0.22 8.04
N VAL A 55 -0.26 -1.04 8.62
CA VAL A 55 0.09 -2.32 8.00
C VAL A 55 -1.13 -3.24 7.88
N PRO A 56 -1.85 -3.55 8.99
CA PRO A 56 -3.02 -4.41 8.93
C PRO A 56 -4.11 -3.83 8.05
N ILE A 57 -4.27 -2.50 8.13
CA ILE A 57 -5.26 -1.80 7.34
C ILE A 57 -4.96 -1.91 5.85
N LEU A 58 -3.67 -1.90 5.50
CA LEU A 58 -3.28 -2.03 4.10
C LEU A 58 -3.51 -3.46 3.64
N HIS A 59 -2.99 -4.42 4.41
CA HIS A 59 -3.19 -5.84 4.10
C HIS A 59 -4.67 -6.12 3.94
N SER A 60 -5.49 -5.31 4.61
CA SER A 60 -6.94 -5.45 4.55
C SER A 60 -7.49 -4.83 3.27
N MET A 61 -7.05 -3.61 2.96
CA MET A 61 -7.49 -2.92 1.76
C MET A 61 -7.14 -3.76 0.53
N VAL A 62 -6.10 -4.57 0.68
CA VAL A 62 -5.64 -5.44 -0.39
C VAL A 62 -6.78 -6.29 -0.93
N GLN A 63 -7.50 -6.92 -0.02
CA GLN A 63 -8.63 -7.78 -0.38
C GLN A 63 -9.83 -6.94 -0.77
N LYS A 64 -9.75 -5.63 -0.50
CA LYS A 64 -10.83 -4.71 -0.82
C LYS A 64 -10.61 -4.09 -2.19
N PHE A 65 -9.35 -4.14 -2.65
CA PHE A 65 -8.99 -3.58 -3.94
C PHE A 65 -8.09 -4.52 -4.73
N PRO A 66 -8.59 -5.72 -5.08
CA PRO A 66 -7.82 -6.70 -5.86
C PRO A 66 -7.25 -6.08 -7.14
N GLY A 67 -8.06 -5.25 -7.79
CA GLY A 67 -7.60 -4.59 -9.00
C GLY A 67 -6.38 -3.74 -8.74
N VAL A 68 -6.39 -3.04 -7.61
CA VAL A 68 -5.28 -2.20 -7.21
C VAL A 68 -4.05 -3.06 -6.92
N SER A 69 -2.87 -2.56 -7.26
CA SER A 69 -1.64 -3.31 -7.01
C SER A 69 -1.18 -3.14 -5.57
N PHE A 70 -1.49 -4.14 -4.75
CA PHE A 70 -1.11 -4.12 -3.35
C PHE A 70 0.40 -4.17 -3.19
N GLY A 71 0.94 -3.21 -2.43
CA GLY A 71 2.37 -3.17 -2.22
C GLY A 71 2.72 -2.65 -0.84
N ILE A 72 3.94 -2.89 -0.41
CA ILE A 72 4.41 -2.45 0.89
C ILE A 72 5.94 -2.44 0.93
N SER A 73 6.49 -1.44 1.58
CA SER A 73 7.95 -1.32 1.66
C SER A 73 8.39 -0.75 3.01
N THR A 74 9.60 -1.14 3.42
CA THR A 74 10.17 -0.68 4.69
C THR A 74 11.62 -0.27 4.51
N ASP A 75 12.12 -0.39 3.29
CA ASP A 75 13.50 -0.02 2.98
C ASP A 75 13.68 1.49 3.02
N SER A 76 14.86 1.92 3.44
CA SER A 76 15.18 3.33 3.56
C SER A 76 15.24 4.00 2.18
N GLU A 77 16.01 3.40 1.27
CA GLU A 77 16.18 3.94 -0.07
C GLU A 77 14.83 4.25 -0.72
N VAL A 78 13.88 3.32 -0.57
CA VAL A 78 12.56 3.51 -1.14
C VAL A 78 11.79 4.59 -0.39
N LEU A 79 11.71 4.44 0.94
CA LEU A 79 11.02 5.40 1.77
C LEU A 79 11.65 6.79 1.62
N THR A 80 12.84 6.82 1.03
CA THR A 80 13.54 8.07 0.79
C THR A 80 13.21 8.61 -0.59
N HIS A 81 13.16 7.70 -1.56
CA HIS A 81 12.85 8.06 -2.94
C HIS A 81 11.47 8.68 -3.04
N TYR A 82 10.54 8.17 -2.22
CA TYR A 82 9.18 8.68 -2.20
C TYR A 82 9.00 9.73 -1.11
N ASN A 83 10.11 10.19 -0.55
CA ASN A 83 10.10 11.21 0.50
C ASN A 83 9.27 10.77 1.70
N ILE A 84 9.10 9.46 1.86
CA ILE A 84 8.34 8.91 2.97
C ILE A 84 8.95 9.30 4.31
N THR A 85 8.17 9.98 5.14
CA THR A 85 8.64 10.40 6.45
C THR A 85 7.55 10.27 7.51
N GLY A 86 7.04 9.05 7.67
CA GLY A 86 5.99 8.82 8.66
C GLY A 86 5.10 7.66 8.28
N ASN A 87 5.70 6.54 7.88
CA ASN A 87 4.94 5.36 7.49
C ASN A 87 3.87 5.73 6.48
N THR A 88 4.25 6.56 5.52
CA THR A 88 3.35 7.03 4.48
C THR A 88 2.95 5.93 3.50
N ILE A 89 1.75 6.09 2.91
CA ILE A 89 1.22 5.15 1.93
C ILE A 89 1.00 5.89 0.62
N CYS A 90 1.69 5.46 -0.43
CA CYS A 90 1.56 6.14 -1.73
C CYS A 90 0.78 5.32 -2.74
N LEU A 91 -0.14 6.00 -3.43
CA LEU A 91 -0.95 5.38 -4.46
C LEU A 91 -0.50 5.89 -5.83
N PHE A 92 0.24 5.05 -6.55
CA PHE A 92 0.74 5.42 -7.87
C PHE A 92 -0.19 4.89 -8.97
N ARG A 93 -0.74 5.79 -9.77
CA ARG A 93 -1.64 5.41 -10.85
C ARG A 93 -0.95 5.53 -12.21
N LEU A 94 -0.17 4.50 -12.55
CA LEU A 94 0.58 4.43 -13.81
C LEU A 94 -0.03 5.29 -14.92
N VAL A 95 -1.28 5.01 -15.28
CA VAL A 95 -1.98 5.73 -16.33
C VAL A 95 -1.63 7.22 -16.34
N ASP A 96 -1.91 7.89 -15.24
CA ASP A 96 -1.63 9.32 -15.12
C ASP A 96 -0.36 9.56 -14.32
N ASN A 97 0.32 8.48 -13.96
CA ASN A 97 1.56 8.55 -13.20
C ASN A 97 1.38 9.38 -11.91
N GLU A 98 0.16 9.42 -11.41
CA GLU A 98 -0.14 10.16 -10.19
C GLU A 98 0.46 9.47 -8.98
N GLN A 99 0.73 10.24 -7.93
CA GLN A 99 1.29 9.71 -6.71
C GLN A 99 0.62 10.34 -5.49
N LEU A 100 -0.39 9.66 -4.96
CA LEU A 100 -1.12 10.15 -3.81
C LEU A 100 -0.41 9.75 -2.53
N ASN A 101 0.13 10.74 -1.83
CA ASN A 101 0.86 10.47 -0.60
C ASN A 101 -0.03 10.56 0.63
N LEU A 102 -0.15 9.44 1.33
CA LEU A 102 -0.93 9.34 2.55
C LEU A 102 0.05 9.28 3.71
N GLU A 103 0.60 10.43 4.06
CA GLU A 103 1.62 10.53 5.11
C GLU A 103 1.02 10.51 6.51
N ASP A 104 1.85 10.92 7.48
CA ASP A 104 1.45 10.95 8.88
C ASP A 104 0.12 11.68 9.09
N GLU A 105 -0.10 12.72 8.30
CA GLU A 105 -1.35 13.49 8.41
C GLU A 105 -2.55 12.57 8.22
N ASP A 106 -2.28 11.36 7.72
CA ASP A 106 -3.32 10.37 7.49
C ASP A 106 -2.92 8.99 8.04
N ILE A 107 -1.63 8.83 8.37
CA ILE A 107 -1.12 7.56 8.90
C ILE A 107 -1.21 7.51 10.42
N GLU A 108 -1.03 8.66 11.05
CA GLU A 108 -1.09 8.75 12.51
C GLU A 108 -2.40 8.18 13.03
N SER A 109 -3.47 8.37 12.25
CA SER A 109 -4.79 7.87 12.63
C SER A 109 -5.43 7.17 11.45
N ILE A 110 -4.64 6.40 10.71
CA ILE A 110 -5.12 5.67 9.55
C ILE A 110 -6.11 4.58 9.94
N ASP A 111 -7.12 4.40 9.11
CA ASP A 111 -8.13 3.37 9.33
C ASP A 111 -8.45 2.67 8.02
N ALA A 112 -8.80 1.39 8.08
CA ALA A 112 -9.13 0.66 6.87
C ALA A 112 -10.07 1.46 5.99
N THR A 113 -10.97 2.20 6.63
CA THR A 113 -11.91 3.03 5.94
C THR A 113 -11.18 4.13 5.16
N LYS A 114 -10.28 4.82 5.85
CA LYS A 114 -9.51 5.89 5.24
C LYS A 114 -8.71 5.40 4.04
N LEU A 115 -7.83 4.42 4.27
CA LEU A 115 -7.02 3.87 3.19
C LEU A 115 -7.89 3.50 2.00
N SER A 116 -8.89 2.65 2.26
CA SER A 116 -9.81 2.21 1.23
C SER A 116 -10.53 3.40 0.59
N ARG A 117 -10.70 4.46 1.37
CA ARG A 117 -11.36 5.67 0.89
C ARG A 117 -10.45 6.40 -0.09
N PHE A 118 -9.32 6.90 0.41
CA PHE A 118 -8.36 7.60 -0.42
C PHE A 118 -8.18 6.87 -1.75
N ILE A 119 -8.05 5.54 -1.66
CA ILE A 119 -7.91 4.72 -2.85
C ILE A 119 -9.16 4.86 -3.70
N GLU A 120 -10.31 4.56 -3.11
CA GLU A 120 -11.59 4.65 -3.82
C GLU A 120 -11.75 6.05 -4.43
N ILE A 121 -10.96 6.99 -3.93
CA ILE A 121 -11.01 8.36 -4.38
C ILE A 121 -10.06 8.62 -5.55
N ASN A 122 -8.90 7.98 -5.53
CA ASN A 122 -7.91 8.16 -6.60
C ASN A 122 -7.51 6.84 -7.23
N SER A 123 -8.41 5.87 -7.25
CA SER A 123 -8.14 4.57 -7.85
C SER A 123 -8.35 4.64 -9.37
N LEU A 124 -7.79 5.67 -9.98
CA LEU A 124 -7.92 5.86 -11.42
C LEU A 124 -6.72 5.30 -12.16
N GLU A 9 -29.09 -14.76 -6.92
CA GLU A 9 -27.64 -15.02 -6.74
C GLU A 9 -27.28 -16.44 -7.17
N VAL A 10 -28.13 -17.03 -8.01
CA VAL A 10 -27.90 -18.39 -8.49
C VAL A 10 -27.25 -18.37 -9.88
N GLU A 11 -27.06 -17.17 -10.43
CA GLU A 11 -26.44 -17.02 -11.74
C GLU A 11 -25.48 -15.84 -11.76
N LYS A 12 -24.88 -15.56 -10.60
CA LYS A 12 -23.93 -14.47 -10.47
C LYS A 12 -22.73 -14.88 -9.64
N SER A 13 -23.00 -15.33 -8.42
CA SER A 13 -21.95 -15.77 -7.50
C SER A 13 -22.10 -17.24 -7.16
N SER A 14 -20.99 -17.97 -7.15
CA SER A 14 -21.01 -19.40 -6.84
C SER A 14 -20.33 -19.67 -5.51
N ASP A 15 -19.13 -19.11 -5.33
CA ASP A 15 -18.37 -19.29 -4.09
C ASP A 15 -18.05 -17.96 -3.44
N GLY A 16 -18.67 -16.90 -3.94
CA GLY A 16 -18.44 -15.57 -3.40
C GLY A 16 -17.15 -14.95 -3.90
N PRO A 17 -17.22 -14.09 -4.94
CA PRO A 17 -16.04 -13.43 -5.50
C PRO A 17 -15.32 -12.54 -4.48
N GLY A 18 -14.07 -12.85 -4.21
CA GLY A 18 -13.29 -12.08 -3.25
C GLY A 18 -11.90 -11.76 -3.76
N ALA A 19 -10.90 -12.03 -2.92
CA ALA A 19 -9.51 -11.76 -3.28
C ALA A 19 -8.57 -12.54 -2.37
N ALA A 20 -8.47 -12.09 -1.12
CA ALA A 20 -7.61 -12.74 -0.13
C ALA A 20 -6.15 -12.79 -0.59
N GLN A 21 -5.36 -11.82 -0.13
CA GLN A 21 -3.95 -11.75 -0.50
C GLN A 21 -3.23 -10.67 0.30
N GLU A 22 -1.91 -10.65 0.20
CA GLU A 22 -1.11 -9.66 0.92
C GLU A 22 -0.35 -8.75 -0.06
N PRO A 23 0.05 -7.55 0.40
CA PRO A 23 0.78 -6.59 -0.44
C PRO A 23 2.18 -7.07 -0.80
N THR A 24 2.64 -6.67 -1.99
CA THR A 24 3.96 -7.05 -2.47
C THR A 24 5.07 -6.47 -1.60
N TRP A 25 6.22 -7.14 -1.59
CA TRP A 25 7.37 -6.70 -0.82
C TRP A 25 8.37 -5.94 -1.68
N LEU A 26 8.18 -4.63 -1.78
CA LEU A 26 9.06 -3.78 -2.59
C LEU A 26 10.26 -3.32 -1.76
N THR A 27 11.19 -4.24 -1.53
CA THR A 27 12.39 -3.95 -0.74
C THR A 27 13.37 -3.05 -1.48
N ASP A 28 13.03 -2.67 -2.72
CA ASP A 28 13.91 -1.82 -3.51
C ASP A 28 13.12 -0.84 -4.36
N VAL A 29 13.71 0.34 -4.59
CA VAL A 29 13.07 1.38 -5.39
C VAL A 29 12.72 0.85 -6.80
N PRO A 30 13.70 0.24 -7.51
CA PRO A 30 13.44 -0.28 -8.86
C PRO A 30 12.31 -1.29 -8.87
N ALA A 31 12.29 -2.19 -7.90
CA ALA A 31 11.25 -3.20 -7.80
C ALA A 31 9.91 -2.56 -7.54
N ALA A 32 9.93 -1.49 -6.75
CA ALA A 32 8.72 -0.75 -6.42
C ALA A 32 8.13 -0.13 -7.69
N MET A 33 8.94 0.70 -8.34
CA MET A 33 8.53 1.38 -9.57
C MET A 33 8.17 0.38 -10.65
N GLU A 34 8.78 -0.80 -10.61
CA GLU A 34 8.52 -1.84 -11.60
C GLU A 34 7.13 -2.41 -11.39
N PHE A 35 6.81 -2.78 -10.15
CA PHE A 35 5.51 -3.32 -9.84
C PHE A 35 4.42 -2.31 -10.17
N ILE A 36 4.74 -1.03 -9.99
CA ILE A 36 3.80 0.03 -10.30
C ILE A 36 3.67 0.20 -11.81
N ALA A 37 4.80 0.08 -12.50
CA ALA A 37 4.83 0.21 -13.95
C ALA A 37 4.18 -0.99 -14.62
N ALA A 38 4.07 -2.08 -13.90
CA ALA A 38 3.46 -3.30 -14.42
C ALA A 38 1.98 -3.37 -14.10
N THR A 39 1.36 -2.21 -13.91
CA THR A 39 -0.06 -2.15 -13.58
C THR A 39 -0.59 -0.73 -13.58
N GLU A 40 -1.88 -0.57 -13.82
CA GLU A 40 -2.51 0.75 -13.85
C GLU A 40 -2.43 1.41 -12.49
N VAL A 41 -3.31 1.01 -11.57
CA VAL A 41 -3.33 1.58 -10.23
C VAL A 41 -2.49 0.74 -9.28
N ALA A 42 -1.74 1.40 -8.41
CA ALA A 42 -0.88 0.70 -7.46
C ALA A 42 -0.85 1.40 -6.11
N VAL A 43 -1.22 0.67 -5.07
CA VAL A 43 -1.19 1.22 -3.72
C VAL A 43 -0.12 0.54 -2.90
N ILE A 44 0.72 1.33 -2.28
CA ILE A 44 1.84 0.81 -1.52
C ILE A 44 1.99 1.47 -0.16
N GLY A 45 2.26 0.65 0.85
CA GLY A 45 2.43 1.15 2.19
C GLY A 45 3.89 1.26 2.58
N PHE A 46 4.44 2.47 2.47
CA PHE A 46 5.84 2.71 2.83
C PHE A 46 5.95 2.96 4.32
N PHE A 47 6.19 1.88 5.07
CA PHE A 47 6.29 1.96 6.53
C PHE A 47 7.70 1.71 7.03
N GLN A 48 8.08 2.42 8.08
CA GLN A 48 9.38 2.25 8.70
C GLN A 48 9.28 1.18 9.78
N ASP A 49 8.04 0.77 10.05
CA ASP A 49 7.75 -0.25 11.04
C ASP A 49 6.48 -1.02 10.63
N LEU A 50 6.60 -2.34 10.53
CA LEU A 50 5.46 -3.15 10.13
C LEU A 50 4.68 -3.67 11.34
N GLU A 51 4.40 -2.76 12.27
CA GLU A 51 3.64 -3.09 13.47
C GLU A 51 2.63 -1.99 13.76
N ILE A 52 2.49 -1.07 12.81
CA ILE A 52 1.55 0.04 12.94
C ILE A 52 0.19 -0.30 12.34
N PRO A 53 -0.88 0.38 12.81
CA PRO A 53 -2.25 0.14 12.31
C PRO A 53 -2.34 0.18 10.78
N ALA A 54 -1.44 0.91 10.16
CA ALA A 54 -1.42 1.05 8.71
C ALA A 54 -1.15 -0.27 8.00
N VAL A 55 -0.25 -1.08 8.56
CA VAL A 55 0.09 -2.36 7.95
C VAL A 55 -1.13 -3.28 7.81
N PRO A 56 -1.85 -3.58 8.92
CA PRO A 56 -3.04 -4.44 8.86
C PRO A 56 -4.12 -3.85 7.97
N ILE A 57 -4.30 -2.53 8.09
CA ILE A 57 -5.29 -1.81 7.31
C ILE A 57 -5.00 -1.94 5.81
N LEU A 58 -3.71 -1.97 5.46
CA LEU A 58 -3.32 -2.10 4.07
C LEU A 58 -3.54 -3.54 3.61
N HIS A 59 -3.05 -4.49 4.40
CA HIS A 59 -3.21 -5.90 4.09
C HIS A 59 -4.70 -6.21 3.91
N SER A 60 -5.53 -5.40 4.56
CA SER A 60 -6.98 -5.57 4.48
C SER A 60 -7.52 -4.94 3.21
N MET A 61 -7.11 -3.71 2.93
CA MET A 61 -7.55 -3.01 1.73
C MET A 61 -7.19 -3.83 0.50
N VAL A 62 -6.13 -4.63 0.65
CA VAL A 62 -5.66 -5.49 -0.43
C VAL A 62 -6.79 -6.35 -0.98
N GLN A 63 -7.54 -6.98 -0.08
CA GLN A 63 -8.65 -7.83 -0.48
C GLN A 63 -9.86 -6.99 -0.86
N LYS A 64 -9.79 -5.70 -0.55
CA LYS A 64 -10.88 -4.79 -0.85
C LYS A 64 -10.65 -4.12 -2.20
N PHE A 65 -9.41 -4.19 -2.66
CA PHE A 65 -9.05 -3.59 -3.94
C PHE A 65 -8.15 -4.52 -4.76
N PRO A 66 -8.65 -5.72 -5.13
CA PRO A 66 -7.89 -6.69 -5.92
C PRO A 66 -7.32 -6.05 -7.19
N GLY A 67 -8.13 -5.23 -7.85
CA GLY A 67 -7.69 -4.56 -9.05
C GLY A 67 -6.47 -3.70 -8.79
N VAL A 68 -6.48 -3.01 -7.65
CA VAL A 68 -5.37 -2.16 -7.25
C VAL A 68 -4.14 -3.02 -6.96
N SER A 69 -2.96 -2.51 -7.32
CA SER A 69 -1.73 -3.25 -7.09
C SER A 69 -1.26 -3.07 -5.65
N PHE A 70 -1.55 -4.05 -4.82
CA PHE A 70 -1.17 -4.03 -3.41
C PHE A 70 0.35 -4.11 -3.27
N GLY A 71 0.90 -3.19 -2.49
CA GLY A 71 2.33 -3.17 -2.27
C GLY A 71 2.68 -2.67 -0.88
N ILE A 72 3.90 -2.95 -0.45
CA ILE A 72 4.37 -2.53 0.86
C ILE A 72 5.89 -2.56 0.91
N SER A 73 6.48 -1.61 1.61
CA SER A 73 7.93 -1.54 1.72
C SER A 73 8.38 -0.94 3.04
N THR A 74 9.63 -1.23 3.41
CA THR A 74 10.20 -0.73 4.65
C THR A 74 11.65 -0.33 4.44
N ASP A 75 12.12 -0.45 3.21
CA ASP A 75 13.49 -0.10 2.86
C ASP A 75 13.68 1.41 2.89
N SER A 76 14.76 1.86 3.50
CA SER A 76 15.06 3.28 3.61
C SER A 76 15.14 3.94 2.22
N GLU A 77 15.92 3.33 1.33
CA GLU A 77 16.10 3.85 -0.02
C GLU A 77 14.76 4.17 -0.68
N VAL A 78 13.79 3.28 -0.54
CA VAL A 78 12.48 3.48 -1.13
C VAL A 78 11.72 4.58 -0.39
N LEU A 79 11.63 4.44 0.92
CA LEU A 79 10.94 5.42 1.76
C LEU A 79 11.61 6.78 1.61
N THR A 80 12.81 6.78 1.03
CA THR A 80 13.56 8.01 0.81
C THR A 80 13.25 8.56 -0.58
N HIS A 81 13.17 7.66 -1.56
CA HIS A 81 12.88 8.04 -2.94
C HIS A 81 11.52 8.72 -3.02
N TYR A 82 10.56 8.20 -2.25
CA TYR A 82 9.21 8.75 -2.23
C TYR A 82 9.07 9.80 -1.13
N ASN A 83 10.20 10.18 -0.54
CA ASN A 83 10.22 11.18 0.51
C ASN A 83 9.37 10.76 1.71
N ILE A 84 9.15 9.47 1.84
CA ILE A 84 8.35 8.92 2.94
C ILE A 84 8.97 9.27 4.29
N THR A 85 8.20 9.93 5.14
CA THR A 85 8.66 10.34 6.46
C THR A 85 7.55 10.22 7.50
N GLY A 86 7.02 9.02 7.66
CA GLY A 86 5.95 8.80 8.62
C GLY A 86 5.05 7.63 8.24
N ASN A 87 5.68 6.53 7.82
CA ASN A 87 4.93 5.34 7.42
C ASN A 87 3.85 5.70 6.40
N THR A 88 4.23 6.54 5.45
CA THR A 88 3.31 7.01 4.40
C THR A 88 2.88 5.89 3.45
N ILE A 89 1.70 6.05 2.87
CA ILE A 89 1.17 5.10 1.90
C ILE A 89 0.96 5.82 0.56
N CYS A 90 1.70 5.42 -0.46
CA CYS A 90 1.60 6.08 -1.76
C CYS A 90 0.80 5.28 -2.78
N LEU A 91 -0.06 5.99 -3.49
CA LEU A 91 -0.89 5.40 -4.53
C LEU A 91 -0.44 5.91 -5.90
N PHE A 92 0.24 5.07 -6.66
CA PHE A 92 0.71 5.43 -7.99
C PHE A 92 -0.23 4.90 -9.07
N ARG A 93 -0.82 5.81 -9.84
CA ARG A 93 -1.73 5.42 -10.92
C ARG A 93 -1.04 5.52 -12.28
N LEU A 94 -0.26 4.50 -12.61
CA LEU A 94 0.49 4.42 -13.87
C LEU A 94 -0.13 5.27 -14.99
N VAL A 95 -1.38 4.96 -15.33
CA VAL A 95 -2.10 5.68 -16.39
C VAL A 95 -1.79 7.17 -16.39
N ASP A 96 -2.14 7.84 -15.30
CA ASP A 96 -1.89 9.28 -15.19
C ASP A 96 -0.60 9.56 -14.43
N ASN A 97 0.10 8.48 -14.06
CA ASN A 97 1.37 8.59 -13.33
C ASN A 97 1.23 9.47 -12.09
N GLU A 98 0.05 9.45 -11.48
CA GLU A 98 -0.20 10.25 -10.28
C GLU A 98 0.36 9.55 -9.05
N GLN A 99 1.00 10.32 -8.18
CA GLN A 99 1.57 9.76 -6.97
C GLN A 99 0.95 10.40 -5.74
N LEU A 100 -0.10 9.76 -5.22
CA LEU A 100 -0.76 10.27 -4.02
C LEU A 100 0.01 9.84 -2.79
N ASN A 101 0.10 10.72 -1.80
CA ASN A 101 0.83 10.40 -0.58
C ASN A 101 -0.03 10.49 0.67
N LEU A 102 -0.22 9.35 1.30
CA LEU A 102 -0.99 9.26 2.53
C LEU A 102 -0.01 9.22 3.69
N GLU A 103 0.59 10.38 3.98
CA GLU A 103 1.61 10.49 5.02
C GLU A 103 1.03 10.47 6.43
N ASP A 104 1.88 10.87 7.38
CA ASP A 104 1.53 10.90 8.80
C ASP A 104 0.17 11.54 9.05
N GLU A 105 -0.02 12.73 8.49
CA GLU A 105 -1.29 13.45 8.65
C GLU A 105 -2.49 12.54 8.37
N ASP A 106 -2.22 11.39 7.75
CA ASP A 106 -3.26 10.42 7.44
C ASP A 106 -2.89 9.03 7.96
N ILE A 107 -1.62 8.84 8.34
CA ILE A 107 -1.15 7.55 8.84
C ILE A 107 -1.26 7.45 10.36
N GLU A 108 -0.94 8.55 11.05
CA GLU A 108 -1.00 8.58 12.51
C GLU A 108 -2.31 7.99 13.02
N SER A 109 -3.41 8.33 12.35
CA SER A 109 -4.73 7.82 12.74
C SER A 109 -5.40 7.13 11.55
N ILE A 110 -4.62 6.36 10.81
CA ILE A 110 -5.12 5.66 9.64
C ILE A 110 -6.11 4.56 10.02
N ASP A 111 -7.12 4.39 9.20
CA ASP A 111 -8.14 3.37 9.40
C ASP A 111 -8.45 2.68 8.09
N ALA A 112 -8.83 1.40 8.15
CA ALA A 112 -9.14 0.65 6.93
C ALA A 112 -10.08 1.46 6.05
N THR A 113 -11.00 2.17 6.68
CA THR A 113 -11.95 3.01 5.95
C THR A 113 -11.20 4.09 5.18
N LYS A 114 -10.29 4.77 5.87
CA LYS A 114 -9.52 5.85 5.27
C LYS A 114 -8.71 5.34 4.08
N LEU A 115 -7.84 4.36 4.31
CA LEU A 115 -7.02 3.80 3.23
C LEU A 115 -7.90 3.43 2.04
N SER A 116 -8.89 2.59 2.29
CA SER A 116 -9.82 2.15 1.26
C SER A 116 -10.52 3.35 0.62
N ARG A 117 -10.69 4.40 1.40
CA ARG A 117 -11.33 5.61 0.91
C ARG A 117 -10.43 6.33 -0.07
N PHE A 118 -9.30 6.83 0.44
CA PHE A 118 -8.32 7.53 -0.40
C PHE A 118 -8.15 6.79 -1.72
N ILE A 119 -8.02 5.48 -1.63
CA ILE A 119 -7.88 4.65 -2.82
C ILE A 119 -9.12 4.79 -3.68
N GLU A 120 -10.27 4.50 -3.11
CA GLU A 120 -11.54 4.60 -3.80
C GLU A 120 -11.70 5.99 -4.41
N ILE A 121 -10.91 6.93 -3.90
CA ILE A 121 -10.96 8.30 -4.35
C ILE A 121 -10.01 8.56 -5.53
N ASN A 122 -8.83 7.93 -5.50
CA ASN A 122 -7.87 8.12 -6.58
C ASN A 122 -7.44 6.80 -7.23
N SER A 123 -8.34 5.83 -7.23
CA SER A 123 -8.05 4.53 -7.85
C SER A 123 -8.30 4.59 -9.35
N LEU A 124 -7.75 5.62 -9.99
CA LEU A 124 -7.91 5.82 -11.43
C LEU A 124 -6.71 5.28 -12.20
N GLU A 9 -1.94 -16.82 18.16
CA GLU A 9 -0.47 -16.80 17.96
C GLU A 9 0.06 -15.37 18.00
N VAL A 10 -0.59 -14.49 17.25
CA VAL A 10 -0.19 -13.09 17.19
C VAL A 10 -1.07 -12.24 18.09
N GLU A 11 -2.37 -12.49 18.05
CA GLU A 11 -3.33 -11.73 18.87
C GLU A 11 -4.73 -12.33 18.77
N LYS A 12 -5.03 -13.24 19.68
CA LYS A 12 -6.34 -13.90 19.72
C LYS A 12 -6.64 -14.57 18.38
N SER A 13 -6.25 -15.84 18.26
CA SER A 13 -6.48 -16.60 17.03
C SER A 13 -6.38 -18.10 17.29
N SER A 14 -7.50 -18.79 17.14
CA SER A 14 -7.53 -20.24 17.37
C SER A 14 -8.22 -20.96 16.20
N ASP A 15 -8.20 -20.32 15.04
CA ASP A 15 -8.83 -20.88 13.85
C ASP A 15 -7.77 -21.31 12.83
N GLY A 16 -6.74 -20.47 12.68
CA GLY A 16 -5.68 -20.77 11.73
C GLY A 16 -5.01 -19.51 11.20
N PRO A 17 -3.73 -19.60 10.80
CA PRO A 17 -2.99 -18.45 10.26
C PRO A 17 -3.64 -17.89 9.00
N GLY A 18 -4.27 -16.72 9.12
CA GLY A 18 -4.92 -16.11 7.98
C GLY A 18 -4.03 -15.09 7.28
N ALA A 19 -4.42 -14.71 6.07
CA ALA A 19 -3.67 -13.74 5.29
C ALA A 19 -4.49 -13.22 4.12
N ALA A 20 -4.88 -14.13 3.23
CA ALA A 20 -5.67 -13.77 2.07
C ALA A 20 -5.02 -12.65 1.27
N GLN A 21 -4.08 -13.03 0.40
CA GLN A 21 -3.32 -12.09 -0.43
C GLN A 21 -2.77 -10.90 0.36
N GLU A 22 -1.46 -10.79 0.39
CA GLU A 22 -0.79 -9.71 1.11
C GLU A 22 -0.06 -8.78 0.13
N PRO A 23 0.23 -7.54 0.55
CA PRO A 23 0.94 -6.57 -0.30
C PRO A 23 2.36 -6.99 -0.63
N THR A 24 2.75 -6.75 -1.89
CA THR A 24 4.08 -7.12 -2.35
C THR A 24 5.18 -6.48 -1.52
N TRP A 25 6.35 -7.12 -1.51
CA TRP A 25 7.50 -6.62 -0.76
C TRP A 25 8.46 -5.86 -1.68
N LEU A 26 8.29 -4.54 -1.73
CA LEU A 26 9.14 -3.69 -2.55
C LEU A 26 10.36 -3.23 -1.76
N THR A 27 11.25 -4.16 -1.47
CA THR A 27 12.46 -3.88 -0.69
C THR A 27 13.44 -2.99 -1.47
N ASP A 28 13.11 -2.65 -2.70
CA ASP A 28 13.99 -1.81 -3.52
C ASP A 28 13.18 -0.85 -4.39
N VAL A 29 13.76 0.33 -4.62
CA VAL A 29 13.12 1.36 -5.43
C VAL A 29 12.75 0.83 -6.82
N PRO A 30 13.69 0.17 -7.54
CA PRO A 30 13.41 -0.37 -8.87
C PRO A 30 12.24 -1.35 -8.85
N ALA A 31 12.26 -2.27 -7.90
CA ALA A 31 11.20 -3.25 -7.78
C ALA A 31 9.88 -2.57 -7.49
N ALA A 32 9.95 -1.49 -6.74
CA ALA A 32 8.77 -0.72 -6.39
C ALA A 32 8.15 -0.11 -7.64
N MET A 33 8.94 0.70 -8.33
CA MET A 33 8.49 1.35 -9.55
C MET A 33 8.11 0.33 -10.62
N GLU A 34 8.68 -0.87 -10.53
CA GLU A 34 8.37 -1.92 -11.50
C GLU A 34 6.97 -2.46 -11.27
N PHE A 35 6.68 -2.83 -10.03
CA PHE A 35 5.36 -3.34 -9.68
C PHE A 35 4.31 -2.28 -9.96
N ILE A 36 4.71 -1.01 -9.85
CA ILE A 36 3.81 0.10 -10.12
C ILE A 36 3.64 0.28 -11.62
N ALA A 37 4.72 0.06 -12.36
CA ALA A 37 4.71 0.20 -13.80
C ALA A 37 4.01 -0.99 -14.46
N ALA A 38 3.90 -2.08 -13.71
CA ALA A 38 3.25 -3.28 -14.23
C ALA A 38 1.77 -3.31 -13.85
N THR A 39 1.18 -2.13 -13.73
CA THR A 39 -0.23 -2.01 -13.37
C THR A 39 -0.73 -0.58 -13.51
N GLU A 40 -2.02 -0.43 -13.75
CA GLU A 40 -2.64 0.88 -13.91
C GLU A 40 -2.67 1.63 -12.58
N VAL A 41 -3.09 0.94 -11.53
CA VAL A 41 -3.17 1.54 -10.20
C VAL A 41 -2.37 0.69 -9.20
N ALA A 42 -1.59 1.38 -8.37
CA ALA A 42 -0.76 0.69 -7.39
C ALA A 42 -0.74 1.40 -6.05
N VAL A 43 -1.05 0.66 -4.99
CA VAL A 43 -1.04 1.21 -3.65
C VAL A 43 0.03 0.53 -2.83
N ILE A 44 0.86 1.32 -2.20
CA ILE A 44 1.98 0.79 -1.42
C ILE A 44 2.11 1.45 -0.06
N GLY A 45 2.39 0.64 0.95
CA GLY A 45 2.55 1.13 2.30
C GLY A 45 4.01 1.26 2.70
N PHE A 46 4.56 2.46 2.56
CA PHE A 46 5.95 2.71 2.93
C PHE A 46 6.05 2.96 4.43
N PHE A 47 6.29 1.89 5.18
CA PHE A 47 6.37 1.97 6.63
C PHE A 47 7.78 1.71 7.15
N GLN A 48 8.13 2.42 8.22
CA GLN A 48 9.43 2.25 8.85
C GLN A 48 9.30 1.23 9.98
N ASP A 49 8.07 0.75 10.14
CA ASP A 49 7.74 -0.24 11.16
C ASP A 49 6.48 -1.00 10.74
N LEU A 50 6.57 -2.32 10.67
CA LEU A 50 5.43 -3.13 10.27
C LEU A 50 4.64 -3.63 11.47
N GLU A 51 4.36 -2.70 12.38
CA GLU A 51 3.60 -3.01 13.59
C GLU A 51 2.59 -1.90 13.86
N ILE A 52 2.49 -0.97 12.91
CA ILE A 52 1.57 0.15 13.02
C ILE A 52 0.20 -0.20 12.42
N PRO A 53 -0.85 0.51 12.86
CA PRO A 53 -2.22 0.28 12.38
C PRO A 53 -2.32 0.29 10.85
N ALA A 54 -1.39 0.98 10.21
CA ALA A 54 -1.38 1.11 8.76
C ALA A 54 -1.11 -0.22 8.06
N VAL A 55 -0.25 -1.05 8.64
CA VAL A 55 0.10 -2.33 8.04
C VAL A 55 -1.13 -3.24 7.91
N PRO A 56 -1.86 -3.52 9.02
CA PRO A 56 -3.05 -4.37 8.97
C PRO A 56 -4.13 -3.77 8.07
N ILE A 57 -4.28 -2.46 8.15
CA ILE A 57 -5.26 -1.74 7.35
C ILE A 57 -4.96 -1.86 5.85
N LEU A 58 -3.67 -1.88 5.51
CA LEU A 58 -3.27 -2.02 4.12
C LEU A 58 -3.50 -3.45 3.67
N HIS A 59 -3.02 -4.41 4.46
CA HIS A 59 -3.21 -5.82 4.14
C HIS A 59 -4.70 -6.11 3.98
N SER A 60 -5.51 -5.28 4.61
CA SER A 60 -6.96 -5.42 4.56
C SER A 60 -7.51 -4.80 3.27
N MET A 61 -7.06 -3.59 2.96
CA MET A 61 -7.49 -2.90 1.74
C MET A 61 -7.13 -3.75 0.53
N VAL A 62 -6.08 -4.56 0.68
CA VAL A 62 -5.62 -5.44 -0.39
C VAL A 62 -6.77 -6.27 -0.93
N GLN A 63 -7.49 -6.93 -0.03
CA GLN A 63 -8.60 -7.77 -0.42
C GLN A 63 -9.81 -6.92 -0.82
N LYS A 64 -9.74 -5.62 -0.52
CA LYS A 64 -10.81 -4.70 -0.83
C LYS A 64 -10.57 -4.07 -2.20
N PHE A 65 -9.32 -4.16 -2.66
CA PHE A 65 -8.94 -3.60 -3.94
C PHE A 65 -8.02 -4.55 -4.72
N PRO A 66 -8.53 -5.74 -5.09
CA PRO A 66 -7.75 -6.73 -5.86
C PRO A 66 -7.17 -6.12 -7.13
N GLY A 67 -7.97 -5.29 -7.79
CA GLY A 67 -7.52 -4.63 -9.01
C GLY A 67 -6.30 -3.78 -8.74
N VAL A 68 -6.33 -3.07 -7.62
CA VAL A 68 -5.21 -2.21 -7.22
C VAL A 68 -3.99 -3.06 -6.91
N SER A 69 -2.81 -2.56 -7.23
CA SER A 69 -1.58 -3.30 -6.98
C SER A 69 -1.13 -3.12 -5.54
N PHE A 70 -1.48 -4.10 -4.71
CA PHE A 70 -1.10 -4.09 -3.30
C PHE A 70 0.41 -4.16 -3.14
N GLY A 71 0.96 -3.21 -2.40
CA GLY A 71 2.39 -3.19 -2.17
C GLY A 71 2.74 -2.67 -0.80
N ILE A 72 3.96 -2.95 -0.36
CA ILE A 72 4.42 -2.51 0.94
C ILE A 72 5.95 -2.54 0.99
N SER A 73 6.54 -1.57 1.66
CA SER A 73 8.00 -1.51 1.75
C SER A 73 8.46 -0.91 3.08
N THR A 74 9.66 -1.30 3.49
CA THR A 74 10.25 -0.82 4.73
C THR A 74 11.70 -0.44 4.51
N ASP A 75 12.14 -0.49 3.26
CA ASP A 75 13.51 -0.16 2.90
C ASP A 75 13.73 1.35 2.96
N SER A 76 14.89 1.75 3.44
CA SER A 76 15.22 3.17 3.57
C SER A 76 15.29 3.83 2.19
N GLU A 77 16.06 3.26 1.28
CA GLU A 77 16.22 3.80 -0.06
C GLU A 77 14.88 4.15 -0.69
N VAL A 78 13.91 3.25 -0.55
CA VAL A 78 12.59 3.48 -1.11
C VAL A 78 11.85 4.58 -0.35
N LEU A 79 11.74 4.40 0.97
CA LEU A 79 11.06 5.38 1.81
C LEU A 79 11.74 6.74 1.67
N THR A 80 12.94 6.74 1.08
CA THR A 80 13.69 7.97 0.86
C THR A 80 13.35 8.54 -0.52
N HIS A 81 13.24 7.66 -1.50
CA HIS A 81 12.93 8.06 -2.86
C HIS A 81 11.57 8.75 -2.90
N TYR A 82 10.62 8.24 -2.12
CA TYR A 82 9.29 8.82 -2.06
C TYR A 82 9.19 9.82 -0.93
N ASN A 83 10.33 10.20 -0.37
CA ASN A 83 10.39 11.18 0.71
C ASN A 83 9.50 10.74 1.89
N ILE A 84 9.26 9.44 2.00
CA ILE A 84 8.45 8.90 3.08
C ILE A 84 9.05 9.22 4.45
N THR A 85 8.31 9.92 5.28
CA THR A 85 8.77 10.30 6.61
C THR A 85 7.64 10.22 7.63
N GLY A 86 7.00 9.05 7.71
CA GLY A 86 5.91 8.87 8.66
C GLY A 86 5.03 7.69 8.29
N ASN A 87 5.66 6.59 7.89
CA ASN A 87 4.92 5.38 7.51
C ASN A 87 3.86 5.72 6.47
N THR A 88 4.24 6.54 5.51
CA THR A 88 3.36 6.99 4.44
C THR A 88 2.96 5.87 3.48
N ILE A 89 1.76 6.01 2.90
CA ILE A 89 1.25 5.07 1.92
C ILE A 89 1.04 5.79 0.60
N CYS A 90 1.79 5.40 -0.42
CA CYS A 90 1.68 6.07 -1.71
C CYS A 90 0.91 5.27 -2.75
N LEU A 91 -0.02 5.96 -3.41
CA LEU A 91 -0.83 5.36 -4.47
C LEU A 91 -0.41 5.91 -5.82
N PHE A 92 0.33 5.11 -6.58
CA PHE A 92 0.79 5.53 -7.90
C PHE A 92 -0.11 4.96 -8.99
N ARG A 93 -0.69 5.86 -9.79
CA ARG A 93 -1.57 5.45 -10.88
C ARG A 93 -0.85 5.60 -12.22
N LEU A 94 -0.32 4.47 -12.72
CA LEU A 94 0.41 4.42 -13.98
C LEU A 94 -0.23 5.25 -15.08
N VAL A 95 -1.52 5.03 -15.32
CA VAL A 95 -2.26 5.76 -16.36
C VAL A 95 -1.87 7.22 -16.41
N ASP A 96 -2.28 7.97 -15.41
CA ASP A 96 -1.98 9.39 -15.34
C ASP A 96 -0.65 9.64 -14.64
N ASN A 97 0.04 8.55 -14.33
CA ASN A 97 1.34 8.62 -13.65
C ASN A 97 1.27 9.47 -12.40
N GLU A 98 0.14 9.38 -11.68
CA GLU A 98 -0.05 10.14 -10.46
C GLU A 98 0.60 9.44 -9.28
N GLN A 99 0.83 10.18 -8.21
CA GLN A 99 1.45 9.63 -7.00
C GLN A 99 0.89 10.29 -5.75
N LEU A 100 -0.14 9.67 -5.18
CA LEU A 100 -0.77 10.19 -3.97
C LEU A 100 0.09 9.79 -2.77
N ASN A 101 0.16 10.66 -1.77
CA ASN A 101 0.98 10.37 -0.59
C ASN A 101 0.17 10.46 0.71
N LEU A 102 -0.31 9.32 1.16
CA LEU A 102 -1.04 9.24 2.42
C LEU A 102 -0.03 9.20 3.56
N GLU A 103 0.52 10.36 3.88
CA GLU A 103 1.56 10.48 4.91
C GLU A 103 1.00 10.45 6.32
N ASP A 104 1.85 10.85 7.27
CA ASP A 104 1.48 10.88 8.69
C ASP A 104 0.17 11.62 8.93
N GLU A 105 -0.07 12.67 8.16
CA GLU A 105 -1.29 13.45 8.30
C GLU A 105 -2.52 12.55 8.12
N ASP A 106 -2.28 11.36 7.60
CA ASP A 106 -3.32 10.38 7.36
C ASP A 106 -2.94 9.00 7.92
N ILE A 107 -1.66 8.81 8.25
CA ILE A 107 -1.18 7.53 8.78
C ILE A 107 -1.29 7.50 10.30
N GLU A 108 -1.13 8.65 10.94
CA GLU A 108 -1.20 8.75 12.39
C GLU A 108 -2.46 8.09 12.91
N SER A 109 -3.60 8.41 12.30
CA SER A 109 -4.88 7.84 12.69
C SER A 109 -5.53 7.12 11.50
N ILE A 110 -4.70 6.44 10.71
CA ILE A 110 -5.19 5.71 9.55
C ILE A 110 -6.18 4.62 9.94
N ASP A 111 -7.18 4.43 9.09
CA ASP A 111 -8.19 3.41 9.32
C ASP A 111 -8.48 2.69 8.01
N ALA A 112 -8.82 1.41 8.07
CA ALA A 112 -9.11 0.64 6.86
C ALA A 112 -10.06 1.43 5.96
N THR A 113 -10.98 2.16 6.58
CA THR A 113 -11.93 2.97 5.84
C THR A 113 -11.22 4.07 5.07
N LYS A 114 -10.33 4.77 5.76
CA LYS A 114 -9.57 5.86 5.14
C LYS A 114 -8.75 5.35 3.97
N LEU A 115 -7.87 4.38 4.21
CA LEU A 115 -7.03 3.83 3.15
C LEU A 115 -7.90 3.42 1.96
N SER A 116 -8.89 2.58 2.21
CA SER A 116 -9.80 2.12 1.18
C SER A 116 -10.51 3.29 0.52
N ARG A 117 -10.70 4.37 1.28
CA ARG A 117 -11.36 5.55 0.77
C ARG A 117 -10.45 6.30 -0.20
N PHE A 118 -9.34 6.82 0.32
CA PHE A 118 -8.36 7.53 -0.49
C PHE A 118 -8.13 6.78 -1.81
N ILE A 119 -8.02 5.47 -1.71
CA ILE A 119 -7.83 4.63 -2.89
C ILE A 119 -9.06 4.74 -3.78
N GLU A 120 -10.22 4.42 -3.22
CA GLU A 120 -11.47 4.49 -3.96
C GLU A 120 -11.63 5.86 -4.60
N ILE A 121 -10.91 6.83 -4.04
CA ILE A 121 -10.96 8.21 -4.51
C ILE A 121 -9.99 8.44 -5.66
N ASN A 122 -8.80 7.82 -5.59
CA ASN A 122 -7.80 7.99 -6.64
C ASN A 122 -7.37 6.67 -7.26
N SER A 123 -8.27 5.70 -7.30
CA SER A 123 -7.98 4.40 -7.90
C SER A 123 -8.17 4.45 -9.40
N LEU A 124 -7.75 5.58 -10.00
CA LEU A 124 -7.88 5.78 -11.43
C LEU A 124 -6.64 5.27 -12.17
N GLU A 9 7.53 -34.11 14.58
CA GLU A 9 6.89 -33.05 15.39
C GLU A 9 5.42 -32.89 15.03
N VAL A 10 5.16 -32.83 13.72
CA VAL A 10 3.79 -32.68 13.20
C VAL A 10 2.93 -31.79 14.10
N GLU A 11 3.34 -30.54 14.26
CA GLU A 11 2.62 -29.59 15.09
C GLU A 11 1.28 -29.22 14.46
N LYS A 12 1.22 -29.30 13.14
CA LYS A 12 -0.01 -28.97 12.41
C LYS A 12 -1.14 -29.93 12.77
N SER A 13 -2.36 -29.41 12.81
CA SER A 13 -3.52 -30.22 13.14
C SER A 13 -4.73 -29.80 12.31
N SER A 14 -4.74 -28.54 11.88
CA SER A 14 -5.83 -28.01 11.06
C SER A 14 -5.35 -26.85 10.21
N ASP A 15 -5.23 -27.10 8.91
CA ASP A 15 -4.78 -26.07 7.97
C ASP A 15 -5.92 -25.64 7.05
N GLY A 16 -6.42 -24.42 7.26
CA GLY A 16 -7.50 -23.90 6.45
C GLY A 16 -7.21 -22.51 5.92
N PRO A 17 -8.17 -21.89 5.21
CA PRO A 17 -7.99 -20.55 4.65
C PRO A 17 -7.61 -19.52 5.70
N GLY A 18 -6.57 -18.74 5.42
CA GLY A 18 -6.12 -17.72 6.35
C GLY A 18 -4.95 -16.92 5.82
N ALA A 19 -5.14 -16.27 4.68
CA ALA A 19 -4.10 -15.47 4.07
C ALA A 19 -4.65 -14.66 2.91
N ALA A 20 -5.35 -15.34 2.01
CA ALA A 20 -5.95 -14.71 0.85
C ALA A 20 -4.91 -14.06 -0.05
N GLN A 21 -4.49 -12.85 0.30
CA GLN A 21 -3.49 -12.13 -0.48
C GLN A 21 -2.86 -11.01 0.36
N GLU A 22 -1.55 -10.84 0.20
CA GLU A 22 -0.82 -9.80 0.94
C GLU A 22 -0.12 -8.85 -0.02
N PRO A 23 0.20 -7.63 0.43
CA PRO A 23 0.87 -6.63 -0.40
C PRO A 23 2.30 -7.04 -0.79
N THR A 24 2.67 -6.74 -2.03
CA THR A 24 3.99 -7.08 -2.55
C THR A 24 5.10 -6.49 -1.67
N TRP A 25 6.24 -7.17 -1.64
CA TRP A 25 7.39 -6.73 -0.86
C TRP A 25 8.37 -5.95 -1.73
N LEU A 26 8.22 -4.63 -1.76
CA LEU A 26 9.09 -3.76 -2.56
C LEU A 26 10.28 -3.31 -1.73
N THR A 27 11.21 -4.24 -1.48
CA THR A 27 12.40 -3.95 -0.70
C THR A 27 13.42 -3.12 -1.47
N ASP A 28 13.08 -2.75 -2.70
CA ASP A 28 13.99 -1.96 -3.52
C ASP A 28 13.23 -0.96 -4.40
N VAL A 29 13.85 0.18 -4.65
CA VAL A 29 13.24 1.23 -5.47
C VAL A 29 12.87 0.71 -6.85
N PRO A 30 13.79 0.03 -7.57
CA PRO A 30 13.50 -0.50 -8.91
C PRO A 30 12.31 -1.47 -8.88
N ALA A 31 12.31 -2.36 -7.89
CA ALA A 31 11.23 -3.34 -7.78
C ALA A 31 9.91 -2.63 -7.51
N ALA A 32 9.99 -1.56 -6.74
CA ALA A 32 8.81 -0.78 -6.40
C ALA A 32 8.21 -0.16 -7.66
N MET A 33 9.02 0.65 -8.34
CA MET A 33 8.60 1.31 -9.57
C MET A 33 8.23 0.31 -10.65
N GLU A 34 8.79 -0.90 -10.56
CA GLU A 34 8.49 -1.94 -11.53
C GLU A 34 7.09 -2.49 -11.33
N PHE A 35 6.79 -2.89 -10.09
CA PHE A 35 5.46 -3.41 -9.77
C PHE A 35 4.40 -2.35 -10.07
N ILE A 36 4.78 -1.08 -9.90
CA ILE A 36 3.86 0.02 -10.19
C ILE A 36 3.74 0.21 -11.70
N ALA A 37 4.86 0.06 -12.40
CA ALA A 37 4.90 0.21 -13.85
C ALA A 37 4.23 -0.96 -14.54
N ALA A 38 4.09 -2.07 -13.82
CA ALA A 38 3.46 -3.27 -14.39
C ALA A 38 1.98 -3.33 -14.05
N THR A 39 1.38 -2.16 -13.84
CA THR A 39 -0.04 -2.08 -13.51
C THR A 39 -0.53 -0.64 -13.53
N GLU A 40 -1.83 -0.47 -13.78
CA GLU A 40 -2.44 0.84 -13.84
C GLU A 40 -2.38 1.52 -12.48
N VAL A 41 -3.22 1.07 -11.55
CA VAL A 41 -3.25 1.63 -10.20
C VAL A 41 -2.43 0.78 -9.24
N ALA A 42 -1.67 1.44 -8.38
CA ALA A 42 -0.83 0.73 -7.42
C ALA A 42 -0.79 1.44 -6.07
N VAL A 43 -1.11 0.71 -5.01
CA VAL A 43 -1.09 1.25 -3.67
C VAL A 43 -0.01 0.55 -2.86
N ILE A 44 0.82 1.35 -2.20
CA ILE A 44 1.93 0.81 -1.44
C ILE A 44 2.08 1.48 -0.08
N GLY A 45 2.35 0.65 0.94
CA GLY A 45 2.51 1.14 2.29
C GLY A 45 3.98 1.24 2.69
N PHE A 46 4.53 2.44 2.59
CA PHE A 46 5.93 2.68 2.96
C PHE A 46 6.02 2.92 4.46
N PHE A 47 6.25 1.86 5.21
CA PHE A 47 6.33 1.94 6.65
C PHE A 47 7.74 1.69 7.17
N GLN A 48 8.10 2.43 8.22
CA GLN A 48 9.40 2.26 8.86
C GLN A 48 9.27 1.23 9.98
N ASP A 49 8.04 0.77 10.17
CA ASP A 49 7.72 -0.22 11.19
C ASP A 49 6.47 -0.97 10.78
N LEU A 50 6.59 -2.28 10.59
CA LEU A 50 5.44 -3.09 10.19
C LEU A 50 4.65 -3.59 11.40
N GLU A 51 4.43 -2.68 12.35
CA GLU A 51 3.67 -3.00 13.55
C GLU A 51 2.66 -1.90 13.85
N ILE A 52 2.50 -0.99 12.90
CA ILE A 52 1.57 0.13 13.03
C ILE A 52 0.20 -0.21 12.45
N PRO A 53 -0.85 0.49 12.89
CA PRO A 53 -2.22 0.28 12.41
C PRO A 53 -2.33 0.32 10.88
N ALA A 54 -1.42 1.05 10.26
CA ALA A 54 -1.42 1.21 8.81
C ALA A 54 -1.18 -0.12 8.09
N VAL A 55 -0.27 -0.93 8.63
CA VAL A 55 0.07 -2.21 8.00
C VAL A 55 -1.17 -3.11 7.86
N PRO A 56 -1.88 -3.44 8.97
CA PRO A 56 -3.07 -4.29 8.91
C PRO A 56 -4.14 -3.69 8.00
N ILE A 57 -4.29 -2.38 8.09
CA ILE A 57 -5.27 -1.65 7.29
C ILE A 57 -4.96 -1.79 5.80
N LEU A 58 -3.68 -1.83 5.46
CA LEU A 58 -3.26 -1.99 4.07
C LEU A 58 -3.48 -3.43 3.64
N HIS A 59 -2.90 -4.37 4.38
CA HIS A 59 -3.05 -5.78 4.07
C HIS A 59 -4.52 -6.13 3.95
N SER A 60 -5.37 -5.32 4.58
CA SER A 60 -6.81 -5.53 4.54
C SER A 60 -7.41 -4.90 3.28
N MET A 61 -7.00 -3.67 2.98
CA MET A 61 -7.49 -2.97 1.80
C MET A 61 -7.15 -3.78 0.56
N VAL A 62 -6.09 -4.59 0.68
CA VAL A 62 -5.64 -5.44 -0.42
C VAL A 62 -6.79 -6.27 -0.97
N GLN A 63 -7.51 -6.94 -0.08
CA GLN A 63 -8.62 -7.78 -0.49
C GLN A 63 -9.83 -6.93 -0.85
N LYS A 64 -9.74 -5.63 -0.56
CA LYS A 64 -10.83 -4.72 -0.84
C LYS A 64 -10.61 -4.07 -2.21
N PHE A 65 -9.37 -4.11 -2.67
CA PHE A 65 -9.01 -3.53 -3.96
C PHE A 65 -8.10 -4.47 -4.75
N PRO A 66 -8.61 -5.66 -5.13
CA PRO A 66 -7.84 -6.63 -5.92
C PRO A 66 -7.25 -5.99 -7.17
N GLY A 67 -8.06 -5.19 -7.86
CA GLY A 67 -7.59 -4.52 -9.06
C GLY A 67 -6.37 -3.67 -8.79
N VAL A 68 -6.41 -2.96 -7.66
CA VAL A 68 -5.30 -2.12 -7.25
C VAL A 68 -4.08 -2.98 -6.95
N SER A 69 -2.90 -2.47 -7.27
CA SER A 69 -1.66 -3.23 -7.04
C SER A 69 -1.20 -3.06 -5.60
N PHE A 70 -1.52 -4.05 -4.78
CA PHE A 70 -1.14 -4.03 -3.38
C PHE A 70 0.37 -4.12 -3.22
N GLY A 71 0.93 -3.20 -2.45
CA GLY A 71 2.36 -3.18 -2.23
C GLY A 71 2.71 -2.66 -0.85
N ILE A 72 3.92 -2.94 -0.41
CA ILE A 72 4.38 -2.51 0.89
C ILE A 72 5.91 -2.53 0.94
N SER A 73 6.49 -1.57 1.64
CA SER A 73 7.95 -1.49 1.73
C SER A 73 8.40 -0.91 3.06
N THR A 74 9.65 -1.21 3.42
CA THR A 74 10.24 -0.72 4.65
C THR A 74 11.70 -0.34 4.44
N ASP A 75 12.17 -0.48 3.20
CA ASP A 75 13.54 -0.15 2.85
C ASP A 75 13.76 1.35 2.89
N SER A 76 14.96 1.75 3.31
CA SER A 76 15.30 3.16 3.40
C SER A 76 15.35 3.82 2.02
N GLU A 77 16.12 3.24 1.11
CA GLU A 77 16.27 3.78 -0.24
C GLU A 77 14.89 4.07 -0.86
N VAL A 78 13.95 3.16 -0.67
CA VAL A 78 12.61 3.34 -1.22
C VAL A 78 11.88 4.45 -0.47
N LEU A 79 11.78 4.30 0.85
CA LEU A 79 11.11 5.28 1.68
C LEU A 79 11.74 6.65 1.50
N THR A 80 12.94 6.66 0.90
CA THR A 80 13.65 7.90 0.63
C THR A 80 13.29 8.44 -0.75
N HIS A 81 13.19 7.52 -1.72
CA HIS A 81 12.83 7.89 -3.08
C HIS A 81 11.45 8.53 -3.11
N TYR A 82 10.58 8.08 -2.21
CA TYR A 82 9.23 8.62 -2.13
C TYR A 82 9.10 9.65 -1.02
N ASN A 83 10.24 10.08 -0.48
CA ASN A 83 10.27 11.08 0.58
C ASN A 83 9.44 10.63 1.79
N ILE A 84 9.22 9.33 1.90
CA ILE A 84 8.45 8.78 3.02
C ILE A 84 9.08 9.13 4.36
N THR A 85 8.33 9.84 5.20
CA THR A 85 8.82 10.24 6.51
C THR A 85 7.71 10.17 7.55
N GLY A 86 7.08 9.01 7.68
CA GLY A 86 6.00 8.83 8.63
C GLY A 86 5.11 7.66 8.28
N ASN A 87 5.72 6.55 7.87
CA ASN A 87 4.96 5.36 7.50
C ASN A 87 3.90 5.72 6.46
N THR A 88 4.29 6.54 5.51
CA THR A 88 3.41 7.01 4.45
C THR A 88 2.99 5.89 3.48
N ILE A 89 1.80 6.06 2.91
CA ILE A 89 1.27 5.12 1.92
C ILE A 89 1.06 5.84 0.61
N CYS A 90 1.79 5.44 -0.43
CA CYS A 90 1.68 6.12 -1.71
C CYS A 90 0.91 5.32 -2.74
N LEU A 91 -0.02 5.99 -3.41
CA LEU A 91 -0.83 5.39 -4.46
C LEU A 91 -0.41 5.93 -5.82
N PHE A 92 0.34 5.13 -6.58
CA PHE A 92 0.80 5.54 -7.89
C PHE A 92 -0.13 5.00 -8.98
N ARG A 93 -0.67 5.90 -9.80
CA ARG A 93 -1.57 5.50 -10.87
C ARG A 93 -0.88 5.62 -12.24
N LEU A 94 -0.10 4.58 -12.56
CA LEU A 94 0.67 4.51 -13.81
C LEU A 94 0.06 5.36 -14.94
N VAL A 95 -1.18 5.07 -15.29
CA VAL A 95 -1.88 5.79 -16.37
C VAL A 95 -1.57 7.29 -16.34
N ASP A 96 -1.92 7.94 -15.26
CA ASP A 96 -1.69 9.38 -15.13
C ASP A 96 -0.42 9.66 -14.34
N ASN A 97 0.29 8.61 -13.99
CA ASN A 97 1.54 8.71 -13.23
C ASN A 97 1.37 9.53 -11.96
N GLU A 98 0.16 9.52 -11.41
CA GLU A 98 -0.12 10.27 -10.19
C GLU A 98 0.49 9.57 -8.99
N GLN A 99 0.68 10.32 -7.91
CA GLN A 99 1.26 9.77 -6.69
C GLN A 99 0.63 10.40 -5.45
N LEU A 100 -0.36 9.71 -4.89
CA LEU A 100 -1.04 10.19 -3.70
C LEU A 100 -0.29 9.76 -2.45
N ASN A 101 0.28 10.74 -1.75
CA ASN A 101 1.06 10.44 -0.56
C ASN A 101 0.23 10.53 0.72
N LEU A 102 -0.17 9.37 1.22
CA LEU A 102 -0.93 9.30 2.46
C LEU A 102 0.06 9.25 3.62
N GLU A 103 0.64 10.39 3.93
CA GLU A 103 1.66 10.51 4.97
C GLU A 103 1.10 10.48 6.38
N ASP A 104 1.95 10.87 7.33
CA ASP A 104 1.61 10.89 8.75
C ASP A 104 0.25 11.55 9.00
N GLU A 105 0.05 12.73 8.44
CA GLU A 105 -1.21 13.46 8.59
C GLU A 105 -2.41 12.56 8.34
N ASP A 106 -2.15 11.42 7.70
CA ASP A 106 -3.19 10.44 7.39
C ASP A 106 -2.85 9.05 7.91
N ILE A 107 -1.58 8.85 8.30
CA ILE A 107 -1.12 7.55 8.80
C ILE A 107 -1.24 7.44 10.32
N GLU A 108 -1.09 8.58 11.01
CA GLU A 108 -1.18 8.61 12.47
C GLU A 108 -2.43 7.89 12.95
N SER A 109 -3.59 8.36 12.52
CA SER A 109 -4.86 7.76 12.90
C SER A 109 -5.50 7.07 11.70
N ILE A 110 -4.67 6.46 10.85
CA ILE A 110 -5.15 5.78 9.66
C ILE A 110 -6.15 4.68 10.02
N ASP A 111 -7.14 4.51 9.16
CA ASP A 111 -8.16 3.49 9.36
C ASP A 111 -8.46 2.79 8.04
N ALA A 112 -8.82 1.52 8.10
CA ALA A 112 -9.13 0.76 6.90
C ALA A 112 -10.08 1.55 6.00
N THR A 113 -11.00 2.26 6.63
CA THR A 113 -11.96 3.09 5.90
C THR A 113 -11.22 4.16 5.11
N LYS A 114 -10.32 4.86 5.79
CA LYS A 114 -9.54 5.92 5.17
C LYS A 114 -8.74 5.40 3.98
N LEU A 115 -7.85 4.45 4.24
CA LEU A 115 -7.02 3.89 3.16
C LEU A 115 -7.90 3.50 1.97
N SER A 116 -8.90 2.65 2.23
CA SER A 116 -9.81 2.20 1.18
C SER A 116 -10.52 3.38 0.53
N ARG A 117 -10.72 4.44 1.30
CA ARG A 117 -11.38 5.64 0.82
C ARG A 117 -10.47 6.38 -0.16
N PHE A 118 -9.35 6.87 0.36
CA PHE A 118 -8.38 7.59 -0.47
C PHE A 118 -8.15 6.84 -1.78
N ILE A 119 -8.04 5.53 -1.68
CA ILE A 119 -7.86 4.70 -2.87
C ILE A 119 -9.09 4.80 -3.76
N GLU A 120 -10.24 4.49 -3.18
CA GLU A 120 -11.50 4.55 -3.92
C GLU A 120 -11.67 5.93 -4.55
N ILE A 121 -10.92 6.90 -4.02
CA ILE A 121 -10.97 8.26 -4.49
C ILE A 121 -9.99 8.51 -5.63
N ASN A 122 -8.81 7.90 -5.58
CA ASN A 122 -7.80 8.09 -6.61
C ASN A 122 -7.38 6.78 -7.25
N SER A 123 -8.30 5.81 -7.30
CA SER A 123 -8.01 4.52 -7.91
C SER A 123 -8.19 4.62 -9.43
N LEU A 124 -7.68 5.70 -10.00
CA LEU A 124 -7.80 5.94 -11.44
C LEU A 124 -6.54 5.49 -12.17
N GLU A 9 -14.61 -16.21 15.26
CA GLU A 9 -14.61 -17.37 16.20
C GLU A 9 -13.20 -17.73 16.61
N VAL A 10 -12.79 -17.27 17.79
CA VAL A 10 -11.46 -17.55 18.30
C VAL A 10 -11.43 -18.84 19.13
N GLU A 11 -12.57 -19.51 19.19
CA GLU A 11 -12.68 -20.76 19.94
C GLU A 11 -11.77 -21.83 19.36
N LYS A 12 -11.08 -22.55 20.24
CA LYS A 12 -10.17 -23.62 19.84
C LYS A 12 -9.08 -23.09 18.91
N SER A 13 -8.33 -24.01 18.30
CA SER A 13 -7.24 -23.63 17.40
C SER A 13 -7.78 -22.93 16.16
N SER A 14 -9.04 -23.23 15.80
CA SER A 14 -9.68 -22.64 14.63
C SER A 14 -9.03 -23.13 13.34
N ASP A 15 -7.84 -22.61 13.04
CA ASP A 15 -7.11 -22.98 11.83
C ASP A 15 -7.87 -22.60 10.57
N GLY A 16 -7.38 -21.56 9.89
CA GLY A 16 -8.03 -21.10 8.67
C GLY A 16 -7.15 -20.15 7.88
N PRO A 17 -7.62 -19.67 6.71
CA PRO A 17 -6.86 -18.74 5.88
C PRO A 17 -6.47 -17.47 6.63
N GLY A 18 -5.23 -17.43 7.12
CA GLY A 18 -4.76 -16.27 7.85
C GLY A 18 -3.83 -15.40 7.03
N ALA A 19 -4.32 -14.91 5.90
CA ALA A 19 -3.53 -14.06 5.03
C ALA A 19 -4.41 -13.41 3.96
N ALA A 20 -4.91 -14.22 3.03
CA ALA A 20 -5.76 -13.73 1.96
C ALA A 20 -5.09 -12.61 1.18
N GLN A 21 -4.20 -12.99 0.26
CA GLN A 21 -3.45 -12.05 -0.59
C GLN A 21 -2.85 -10.89 0.21
N GLU A 22 -1.53 -10.84 0.24
CA GLU A 22 -0.81 -9.79 0.96
C GLU A 22 -0.10 -8.85 -0.01
N PRO A 23 0.20 -7.61 0.43
CA PRO A 23 0.87 -6.62 -0.43
C PRO A 23 2.30 -7.02 -0.76
N THR A 24 2.71 -6.74 -1.99
CA THR A 24 4.06 -7.08 -2.46
C THR A 24 5.12 -6.47 -1.57
N TRP A 25 6.29 -7.12 -1.52
CA TRP A 25 7.40 -6.65 -0.71
C TRP A 25 8.42 -5.91 -1.56
N LEU A 26 8.19 -4.61 -1.77
CA LEU A 26 9.08 -3.78 -2.57
C LEU A 26 10.25 -3.31 -1.72
N THR A 27 11.19 -4.22 -1.46
CA THR A 27 12.36 -3.91 -0.66
C THR A 27 13.38 -3.06 -1.41
N ASP A 28 13.08 -2.75 -2.67
CA ASP A 28 13.99 -1.94 -3.47
C ASP A 28 13.22 -0.94 -4.34
N VAL A 29 13.84 0.22 -4.56
CA VAL A 29 13.23 1.27 -5.37
C VAL A 29 12.88 0.76 -6.78
N PRO A 30 13.82 0.09 -7.48
CA PRO A 30 13.55 -0.42 -8.83
C PRO A 30 12.39 -1.40 -8.83
N ALA A 31 12.39 -2.32 -7.88
CA ALA A 31 11.32 -3.31 -7.78
C ALA A 31 10.00 -2.63 -7.51
N ALA A 32 10.06 -1.54 -6.76
CA ALA A 32 8.87 -0.77 -6.42
C ALA A 32 8.27 -0.16 -7.70
N MET A 33 9.08 0.66 -8.37
CA MET A 33 8.66 1.32 -9.59
C MET A 33 8.30 0.31 -10.68
N GLU A 34 8.87 -0.89 -10.59
CA GLU A 34 8.58 -1.93 -11.58
C GLU A 34 7.19 -2.50 -11.35
N PHE A 35 6.90 -2.89 -10.12
CA PHE A 35 5.59 -3.42 -9.80
C PHE A 35 4.51 -2.40 -10.10
N ILE A 36 4.85 -1.12 -9.94
CA ILE A 36 3.92 -0.04 -10.23
C ILE A 36 3.79 0.15 -11.74
N ALA A 37 4.92 0.04 -12.44
CA ALA A 37 4.95 0.20 -13.89
C ALA A 37 4.29 -1.00 -14.58
N ALA A 38 4.17 -2.10 -13.85
CA ALA A 38 3.58 -3.32 -14.40
C ALA A 38 2.09 -3.38 -14.09
N THR A 39 1.48 -2.22 -13.88
CA THR A 39 0.06 -2.16 -13.57
C THR A 39 -0.47 -0.72 -13.59
N GLU A 40 -1.76 -0.57 -13.83
CA GLU A 40 -2.40 0.74 -13.87
C GLU A 40 -2.33 1.43 -12.51
N VAL A 41 -3.20 1.00 -11.59
CA VAL A 41 -3.23 1.57 -10.24
C VAL A 41 -2.42 0.73 -9.27
N ALA A 42 -1.64 1.39 -8.43
CA ALA A 42 -0.79 0.69 -7.46
C ALA A 42 -0.76 1.40 -6.12
N VAL A 43 -1.07 0.66 -5.06
CA VAL A 43 -1.04 1.21 -3.71
C VAL A 43 0.03 0.52 -2.91
N ILE A 44 0.85 1.32 -2.23
CA ILE A 44 1.96 0.78 -1.47
C ILE A 44 2.11 1.44 -0.10
N GLY A 45 2.32 0.59 0.91
CA GLY A 45 2.47 1.09 2.27
C GLY A 45 3.93 1.20 2.68
N PHE A 46 4.48 2.41 2.58
CA PHE A 46 5.87 2.66 2.97
C PHE A 46 5.96 2.89 4.47
N PHE A 47 6.19 1.82 5.21
CA PHE A 47 6.27 1.91 6.67
C PHE A 47 7.68 1.65 7.20
N GLN A 48 8.08 2.46 8.18
CA GLN A 48 9.38 2.29 8.80
C GLN A 48 9.27 1.21 9.88
N ASP A 49 8.03 0.78 10.12
CA ASP A 49 7.74 -0.23 11.11
C ASP A 49 6.47 -0.99 10.70
N LEU A 50 6.56 -2.31 10.61
CA LEU A 50 5.41 -3.12 10.22
C LEU A 50 4.63 -3.60 11.44
N GLU A 51 4.44 -2.71 12.40
CA GLU A 51 3.70 -3.02 13.62
C GLU A 51 2.69 -1.91 13.90
N ILE A 52 2.45 -1.08 12.89
CA ILE A 52 1.51 0.03 13.01
C ILE A 52 0.16 -0.32 12.40
N PRO A 53 -0.91 0.38 12.81
CA PRO A 53 -2.27 0.15 12.29
C PRO A 53 -2.34 0.20 10.77
N ALA A 54 -1.43 0.93 10.16
CA ALA A 54 -1.40 1.09 8.71
C ALA A 54 -1.14 -0.24 8.00
N VAL A 55 -0.28 -1.08 8.57
CA VAL A 55 0.06 -2.36 7.95
C VAL A 55 -1.18 -3.26 7.83
N PRO A 56 -1.90 -3.56 8.93
CA PRO A 56 -3.09 -4.40 8.88
C PRO A 56 -4.16 -3.79 7.97
N ILE A 57 -4.31 -2.48 8.09
CA ILE A 57 -5.28 -1.74 7.29
C ILE A 57 -4.98 -1.88 5.80
N LEU A 58 -3.70 -1.91 5.45
CA LEU A 58 -3.30 -2.07 4.07
C LEU A 58 -3.55 -3.50 3.62
N HIS A 59 -3.04 -4.46 4.38
CA HIS A 59 -3.24 -5.86 4.07
C HIS A 59 -4.73 -6.15 3.90
N SER A 60 -5.55 -5.32 4.56
CA SER A 60 -6.99 -5.47 4.48
C SER A 60 -7.54 -4.84 3.21
N MET A 61 -7.08 -3.62 2.90
CA MET A 61 -7.53 -2.93 1.71
C MET A 61 -7.18 -3.76 0.48
N VAL A 62 -6.14 -4.58 0.63
CA VAL A 62 -5.69 -5.46 -0.44
C VAL A 62 -6.84 -6.30 -0.99
N GLN A 63 -7.60 -6.90 -0.09
CA GLN A 63 -8.72 -7.73 -0.47
C GLN A 63 -9.92 -6.87 -0.86
N LYS A 64 -9.83 -5.58 -0.55
CA LYS A 64 -10.90 -4.64 -0.86
C LYS A 64 -10.65 -4.01 -2.23
N PHE A 65 -9.41 -4.10 -2.69
CA PHE A 65 -9.03 -3.53 -3.97
C PHE A 65 -8.13 -4.48 -4.76
N PRO A 66 -8.65 -5.67 -5.13
CA PRO A 66 -7.89 -6.66 -5.91
C PRO A 66 -7.32 -6.05 -7.18
N GLY A 67 -8.12 -5.19 -7.82
CA GLY A 67 -7.68 -4.53 -9.03
C GLY A 67 -6.45 -3.68 -8.78
N VAL A 68 -6.43 -3.02 -7.64
CA VAL A 68 -5.30 -2.18 -7.26
C VAL A 68 -4.07 -3.04 -6.96
N SER A 69 -2.90 -2.54 -7.32
CA SER A 69 -1.67 -3.29 -7.08
C SER A 69 -1.20 -3.13 -5.64
N PHE A 70 -1.53 -4.11 -4.82
CA PHE A 70 -1.14 -4.10 -3.42
C PHE A 70 0.37 -4.17 -3.26
N GLY A 71 0.92 -3.24 -2.51
CA GLY A 71 2.36 -3.21 -2.28
C GLY A 71 2.70 -2.70 -0.89
N ILE A 72 3.93 -2.96 -0.47
CA ILE A 72 4.39 -2.51 0.84
C ILE A 72 5.92 -2.51 0.88
N SER A 73 6.48 -1.54 1.58
CA SER A 73 7.93 -1.42 1.68
C SER A 73 8.35 -0.86 3.03
N THR A 74 9.57 -1.21 3.44
CA THR A 74 10.12 -0.74 4.71
C THR A 74 11.58 -0.33 4.55
N ASP A 75 12.12 -0.54 3.36
CA ASP A 75 13.51 -0.20 3.07
C ASP A 75 13.71 1.31 3.08
N SER A 76 14.87 1.73 3.56
CA SER A 76 15.19 3.15 3.63
C SER A 76 15.26 3.79 2.24
N GLU A 77 16.04 3.17 1.35
CA GLU A 77 16.21 3.68 -0.01
C GLU A 77 14.86 4.00 -0.65
N VAL A 78 13.89 3.10 -0.51
CA VAL A 78 12.57 3.29 -1.09
C VAL A 78 11.83 4.41 -0.34
N LEU A 79 11.74 4.27 0.97
CA LEU A 79 11.07 5.26 1.80
C LEU A 79 11.72 6.63 1.63
N THR A 80 12.91 6.63 1.04
CA THR A 80 13.65 7.86 0.79
C THR A 80 13.31 8.40 -0.60
N HIS A 81 13.23 7.50 -1.56
CA HIS A 81 12.91 7.86 -2.94
C HIS A 81 11.55 8.52 -3.01
N TYR A 82 10.60 8.00 -2.23
CA TYR A 82 9.25 8.55 -2.20
C TYR A 82 9.12 9.60 -1.10
N ASN A 83 10.27 10.01 -0.55
CA ASN A 83 10.30 11.03 0.50
C ASN A 83 9.43 10.63 1.69
N ILE A 84 9.23 9.32 1.87
CA ILE A 84 8.43 8.80 2.97
C ILE A 84 9.03 9.19 4.32
N THR A 85 8.24 9.89 5.13
CA THR A 85 8.70 10.33 6.45
C THR A 85 7.59 10.21 7.49
N GLY A 86 7.06 8.99 7.66
CA GLY A 86 6.00 8.77 8.62
C GLY A 86 5.10 7.62 8.25
N ASN A 87 5.69 6.49 7.86
CA ASN A 87 4.93 5.31 7.48
C ASN A 87 3.87 5.68 6.45
N THR A 88 4.27 6.51 5.49
CA THR A 88 3.37 6.99 4.44
C THR A 88 2.97 5.89 3.46
N ILE A 89 1.79 6.06 2.86
CA ILE A 89 1.27 5.12 1.87
C ILE A 89 1.06 5.86 0.56
N CYS A 90 1.77 5.43 -0.48
CA CYS A 90 1.67 6.11 -1.78
C CYS A 90 0.91 5.30 -2.81
N LEU A 91 0.00 5.99 -3.51
CA LEU A 91 -0.80 5.38 -4.56
C LEU A 91 -0.36 5.91 -5.93
N PHE A 92 0.37 5.08 -6.68
CA PHE A 92 0.83 5.48 -7.99
C PHE A 92 -0.11 4.94 -9.08
N ARG A 93 -0.65 5.85 -9.89
CA ARG A 93 -1.57 5.45 -10.96
C ARG A 93 -0.89 5.56 -12.31
N LEU A 94 -0.12 4.52 -12.67
CA LEU A 94 0.62 4.45 -13.94
C LEU A 94 0.00 5.30 -15.04
N VAL A 95 -1.24 4.99 -15.39
CA VAL A 95 -1.95 5.70 -16.47
C VAL A 95 -1.75 7.22 -16.40
N ASP A 96 -2.12 7.83 -15.28
CA ASP A 96 -1.99 9.27 -15.13
C ASP A 96 -0.73 9.63 -14.34
N ASN A 97 0.13 8.64 -14.17
CA ASN A 97 1.40 8.82 -13.46
C ASN A 97 1.21 9.63 -12.17
N GLU A 98 0.05 9.51 -11.56
CA GLU A 98 -0.24 10.23 -10.32
C GLU A 98 0.44 9.56 -9.13
N GLN A 99 0.65 10.34 -8.08
CA GLN A 99 1.28 9.82 -6.86
C GLN A 99 0.64 10.44 -5.63
N LEU A 100 -0.33 9.73 -5.06
CA LEU A 100 -1.02 10.20 -3.86
C LEU A 100 -0.23 9.79 -2.63
N ASN A 101 0.16 10.76 -1.81
CA ASN A 101 0.94 10.46 -0.62
C ASN A 101 0.12 10.56 0.67
N LEU A 102 -0.24 9.40 1.21
CA LEU A 102 -0.98 9.32 2.46
C LEU A 102 0.02 9.26 3.61
N GLU A 103 0.57 10.42 3.95
CA GLU A 103 1.60 10.51 4.99
C GLU A 103 1.04 10.48 6.40
N ASP A 104 1.90 10.86 7.36
CA ASP A 104 1.56 10.88 8.78
C ASP A 104 0.20 11.51 9.04
N GLU A 105 -0.02 12.71 8.50
CA GLU A 105 -1.28 13.41 8.68
C GLU A 105 -2.48 12.48 8.45
N ASP A 106 -2.23 11.37 7.77
CA ASP A 106 -3.26 10.38 7.47
C ASP A 106 -2.87 8.98 7.97
N ILE A 107 -1.60 8.81 8.33
CA ILE A 107 -1.10 7.52 8.81
C ILE A 107 -1.20 7.40 10.34
N GLU A 108 -0.89 8.49 11.04
CA GLU A 108 -0.96 8.50 12.49
C GLU A 108 -2.28 7.95 13.00
N SER A 109 -3.37 8.32 12.32
CA SER A 109 -4.69 7.86 12.69
C SER A 109 -5.37 7.15 11.52
N ILE A 110 -4.56 6.43 10.74
CA ILE A 110 -5.06 5.70 9.59
C ILE A 110 -6.06 4.63 9.98
N ASP A 111 -7.07 4.42 9.13
CA ASP A 111 -8.08 3.41 9.37
C ASP A 111 -8.42 2.72 8.05
N ALA A 112 -8.77 1.44 8.12
CA ALA A 112 -9.10 0.69 6.91
C ALA A 112 -10.05 1.49 6.04
N THR A 113 -10.99 2.19 6.68
CA THR A 113 -11.94 3.02 5.96
C THR A 113 -11.21 4.11 5.19
N LYS A 114 -10.29 4.78 5.86
CA LYS A 114 -9.51 5.86 5.24
C LYS A 114 -8.71 5.34 4.05
N LEU A 115 -7.81 4.40 4.29
CA LEU A 115 -7.00 3.84 3.21
C LEU A 115 -7.87 3.45 2.02
N SER A 116 -8.87 2.61 2.29
CA SER A 116 -9.80 2.15 1.25
C SER A 116 -10.51 3.34 0.61
N ARG A 117 -10.71 4.40 1.39
CA ARG A 117 -11.36 5.60 0.89
C ARG A 117 -10.47 6.33 -0.10
N PHE A 118 -9.35 6.85 0.42
CA PHE A 118 -8.38 7.56 -0.40
C PHE A 118 -8.16 6.82 -1.71
N ILE A 119 -8.01 5.51 -1.63
CA ILE A 119 -7.82 4.69 -2.81
C ILE A 119 -9.07 4.80 -3.68
N GLU A 120 -10.22 4.49 -3.10
CA GLU A 120 -11.49 4.56 -3.81
C GLU A 120 -11.67 5.94 -4.43
N ILE A 121 -10.93 6.90 -3.92
CA ILE A 121 -10.99 8.28 -4.38
C ILE A 121 -10.05 8.53 -5.55
N ASN A 122 -8.86 7.92 -5.52
CA ASN A 122 -7.88 8.10 -6.59
C ASN A 122 -7.46 6.79 -7.23
N SER A 123 -8.37 5.82 -7.24
CA SER A 123 -8.07 4.52 -7.86
C SER A 123 -8.32 4.60 -9.36
N LEU A 124 -7.72 5.61 -9.99
CA LEU A 124 -7.87 5.82 -11.42
C LEU A 124 -6.67 5.28 -12.19
N GLU A 9 -8.62 -34.80 4.51
CA GLU A 9 -8.98 -33.40 4.90
C GLU A 9 -7.78 -32.69 5.54
N VAL A 10 -7.19 -31.76 4.81
CA VAL A 10 -6.05 -31.00 5.30
C VAL A 10 -6.50 -29.80 6.11
N GLU A 11 -5.54 -29.10 6.72
CA GLU A 11 -5.83 -27.92 7.53
C GLU A 11 -6.80 -28.26 8.66
N LYS A 12 -6.26 -28.57 9.83
CA LYS A 12 -7.06 -28.91 10.99
C LYS A 12 -7.58 -27.66 11.68
N SER A 13 -6.69 -26.94 12.34
CA SER A 13 -7.07 -25.72 13.05
C SER A 13 -6.60 -24.49 12.29
N SER A 14 -7.52 -23.53 12.11
CA SER A 14 -7.20 -22.30 11.40
C SER A 14 -7.57 -21.09 12.25
N ASP A 15 -6.79 -20.02 12.13
CA ASP A 15 -7.04 -18.80 12.89
C ASP A 15 -7.60 -17.69 12.00
N GLY A 16 -8.91 -17.49 12.07
CA GLY A 16 -9.55 -16.47 11.27
C GLY A 16 -9.59 -16.83 9.79
N PRO A 17 -9.78 -15.84 8.90
CA PRO A 17 -9.85 -16.07 7.45
C PRO A 17 -8.62 -16.80 6.92
N GLY A 18 -7.45 -16.42 7.45
CA GLY A 18 -6.21 -17.04 7.01
C GLY A 18 -5.18 -16.03 6.56
N ALA A 19 -5.29 -15.60 5.31
CA ALA A 19 -4.36 -14.63 4.74
C ALA A 19 -4.82 -14.20 3.36
N ALA A 20 -5.20 -15.17 2.55
CA ALA A 20 -5.67 -14.91 1.20
C ALA A 20 -4.60 -14.26 0.33
N GLN A 21 -4.48 -12.94 0.44
CA GLN A 21 -3.49 -12.19 -0.33
C GLN A 21 -2.87 -11.08 0.51
N GLU A 22 -1.59 -10.80 0.25
CA GLU A 22 -0.88 -9.77 0.98
C GLU A 22 -0.13 -8.84 0.02
N PRO A 23 0.20 -7.61 0.44
CA PRO A 23 0.91 -6.64 -0.40
C PRO A 23 2.32 -7.09 -0.74
N THR A 24 2.77 -6.76 -1.96
CA THR A 24 4.10 -7.12 -2.43
C THR A 24 5.19 -6.51 -1.57
N TRP A 25 6.36 -7.16 -1.58
CA TRP A 25 7.51 -6.69 -0.80
C TRP A 25 8.48 -5.91 -1.68
N LEU A 26 8.29 -4.60 -1.74
CA LEU A 26 9.16 -3.73 -2.54
C LEU A 26 10.37 -3.28 -1.73
N THR A 27 11.31 -4.21 -1.53
CA THR A 27 12.51 -3.92 -0.75
C THR A 27 13.48 -3.03 -1.49
N ASP A 28 13.16 -2.69 -2.74
CA ASP A 28 14.03 -1.84 -3.54
C ASP A 28 13.23 -0.86 -4.39
N VAL A 29 13.82 0.32 -4.62
CA VAL A 29 13.17 1.36 -5.42
C VAL A 29 12.80 0.84 -6.81
N PRO A 30 13.74 0.21 -7.54
CA PRO A 30 13.47 -0.32 -8.87
C PRO A 30 12.31 -1.31 -8.87
N ALA A 31 12.31 -2.21 -7.89
CA ALA A 31 11.26 -3.21 -7.79
C ALA A 31 9.93 -2.54 -7.51
N ALA A 32 9.98 -1.48 -6.73
CA ALA A 32 8.78 -0.73 -6.39
C ALA A 32 8.17 -0.12 -7.65
N MET A 33 8.97 0.71 -8.32
CA MET A 33 8.55 1.39 -9.54
C MET A 33 8.19 0.37 -10.63
N GLU A 34 8.79 -0.81 -10.56
CA GLU A 34 8.52 -1.86 -11.55
C GLU A 34 7.13 -2.43 -11.35
N PHE A 35 6.81 -2.77 -10.12
CA PHE A 35 5.49 -3.31 -9.80
C PHE A 35 4.42 -2.29 -10.13
N ILE A 36 4.76 -1.01 -9.93
CA ILE A 36 3.83 0.07 -10.24
C ILE A 36 3.71 0.25 -11.75
N ALA A 37 4.84 0.07 -12.44
CA ALA A 37 4.89 0.21 -13.88
C ALA A 37 4.23 -0.98 -14.56
N ALA A 38 4.10 -2.08 -13.83
CA ALA A 38 3.50 -3.29 -14.36
C ALA A 38 2.01 -3.36 -14.03
N THR A 39 1.41 -2.20 -13.79
CA THR A 39 -0.01 -2.14 -13.47
C THR A 39 -0.53 -0.70 -13.48
N GLU A 40 -1.82 -0.55 -13.74
CA GLU A 40 -2.44 0.77 -13.78
C GLU A 40 -2.39 1.44 -12.41
N VAL A 41 -3.30 1.05 -11.53
CA VAL A 41 -3.36 1.62 -10.19
C VAL A 41 -2.53 0.76 -9.22
N ALA A 42 -1.72 1.42 -8.40
CA ALA A 42 -0.88 0.71 -7.44
C ALA A 42 -0.85 1.40 -6.09
N VAL A 43 -1.17 0.65 -5.04
CA VAL A 43 -1.14 1.18 -3.69
C VAL A 43 -0.05 0.50 -2.88
N ILE A 44 0.77 1.30 -2.25
CA ILE A 44 1.90 0.77 -1.48
C ILE A 44 2.04 1.44 -0.13
N GLY A 45 2.31 0.62 0.89
CA GLY A 45 2.48 1.13 2.24
C GLY A 45 3.94 1.24 2.62
N PHE A 46 4.50 2.45 2.52
CA PHE A 46 5.89 2.69 2.88
C PHE A 46 5.99 2.94 4.38
N PHE A 47 6.24 1.88 5.14
CA PHE A 47 6.33 1.97 6.59
C PHE A 47 7.74 1.72 7.11
N GLN A 48 8.09 2.42 8.18
CA GLN A 48 9.38 2.25 8.81
C GLN A 48 9.26 1.23 9.95
N ASP A 49 8.02 0.81 10.16
CA ASP A 49 7.69 -0.17 11.20
C ASP A 49 6.43 -0.93 10.79
N LEU A 50 6.56 -2.25 10.63
CA LEU A 50 5.43 -3.06 10.23
C LEU A 50 4.64 -3.55 11.44
N GLU A 51 4.38 -2.63 12.36
CA GLU A 51 3.62 -2.93 13.57
C GLU A 51 2.61 -1.83 13.84
N ILE A 52 2.46 -0.93 12.87
CA ILE A 52 1.52 0.18 12.98
C ILE A 52 0.17 -0.18 12.38
N PRO A 53 -0.91 0.52 12.80
CA PRO A 53 -2.27 0.28 12.30
C PRO A 53 -2.35 0.31 10.78
N ALA A 54 -1.45 1.06 10.16
CA ALA A 54 -1.43 1.20 8.71
C ALA A 54 -1.16 -0.13 8.01
N VAL A 55 -0.29 -0.95 8.57
CA VAL A 55 0.05 -2.24 7.97
C VAL A 55 -1.17 -3.14 7.84
N PRO A 56 -1.88 -3.47 8.95
CA PRO A 56 -3.07 -4.33 8.90
C PRO A 56 -4.13 -3.74 8.01
N ILE A 57 -4.28 -2.42 8.08
CA ILE A 57 -5.26 -1.70 7.29
C ILE A 57 -4.95 -1.83 5.80
N LEU A 58 -3.67 -1.86 5.46
CA LEU A 58 -3.27 -2.02 4.07
C LEU A 58 -3.49 -3.46 3.62
N HIS A 59 -2.93 -4.41 4.38
CA HIS A 59 -3.10 -5.82 4.07
C HIS A 59 -4.58 -6.17 3.96
N SER A 60 -5.41 -5.33 4.58
CA SER A 60 -6.86 -5.53 4.55
C SER A 60 -7.46 -4.90 3.31
N MET A 61 -7.03 -3.67 3.00
CA MET A 61 -7.53 -2.98 1.82
C MET A 61 -7.19 -3.79 0.58
N VAL A 62 -6.14 -4.59 0.68
CA VAL A 62 -5.69 -5.44 -0.40
C VAL A 62 -6.84 -6.29 -0.93
N GLN A 63 -7.54 -6.95 -0.02
CA GLN A 63 -8.66 -7.81 -0.39
C GLN A 63 -9.87 -6.97 -0.76
N LYS A 64 -9.78 -5.66 -0.50
CA LYS A 64 -10.87 -4.75 -0.80
C LYS A 64 -10.65 -4.11 -2.15
N PHE A 65 -9.40 -4.15 -2.63
CA PHE A 65 -9.03 -3.58 -3.91
C PHE A 65 -8.12 -4.51 -4.71
N PRO A 66 -8.62 -5.71 -5.07
CA PRO A 66 -7.85 -6.68 -5.86
C PRO A 66 -7.27 -6.05 -7.12
N GLY A 67 -8.09 -5.25 -7.80
CA GLY A 67 -7.63 -4.59 -9.01
C GLY A 67 -6.41 -3.74 -8.75
N VAL A 68 -6.44 -3.02 -7.63
CA VAL A 68 -5.33 -2.18 -7.22
C VAL A 68 -4.10 -3.04 -6.94
N SER A 69 -2.91 -2.51 -7.25
CA SER A 69 -1.68 -3.26 -7.02
C SER A 69 -1.21 -3.11 -5.59
N PHE A 70 -1.52 -4.11 -4.77
CA PHE A 70 -1.13 -4.11 -3.37
C PHE A 70 0.37 -4.19 -3.21
N GLY A 71 0.94 -3.25 -2.46
CA GLY A 71 2.37 -3.23 -2.24
C GLY A 71 2.72 -2.71 -0.87
N ILE A 72 3.93 -3.00 -0.42
CA ILE A 72 4.39 -2.56 0.88
C ILE A 72 5.91 -2.59 0.94
N SER A 73 6.50 -1.62 1.63
CA SER A 73 7.95 -1.56 1.73
C SER A 73 8.39 -0.96 3.07
N THR A 74 9.64 -1.25 3.44
CA THR A 74 10.21 -0.76 4.68
C THR A 74 11.66 -0.33 4.49
N ASP A 75 12.17 -0.51 3.28
CA ASP A 75 13.55 -0.15 2.97
C ASP A 75 13.72 1.37 2.99
N SER A 76 14.86 1.81 3.52
CA SER A 76 15.15 3.25 3.61
C SER A 76 15.23 3.89 2.23
N GLU A 77 16.02 3.29 1.34
CA GLU A 77 16.20 3.84 -0.01
C GLU A 77 14.86 4.15 -0.66
N VAL A 78 13.90 3.23 -0.53
CA VAL A 78 12.59 3.43 -1.11
C VAL A 78 11.83 4.53 -0.37
N LEU A 79 11.71 4.37 0.95
CA LEU A 79 11.02 5.35 1.77
C LEU A 79 11.67 6.72 1.61
N THR A 80 12.87 6.73 1.04
CA THR A 80 13.59 7.97 0.81
C THR A 80 13.27 8.51 -0.58
N HIS A 81 13.18 7.60 -1.55
CA HIS A 81 12.88 7.97 -2.92
C HIS A 81 11.52 8.65 -3.00
N TYR A 82 10.56 8.14 -2.23
CA TYR A 82 9.22 8.71 -2.21
C TYR A 82 9.10 9.74 -1.09
N ASN A 83 10.23 10.14 -0.54
CA ASN A 83 10.26 11.14 0.53
C ASN A 83 9.39 10.72 1.71
N ILE A 84 9.20 9.42 1.86
CA ILE A 84 8.38 8.88 2.96
C ILE A 84 8.99 9.26 4.31
N THR A 85 8.21 9.97 5.12
CA THR A 85 8.67 10.38 6.44
C THR A 85 7.54 10.28 7.48
N GLY A 86 7.01 9.07 7.64
CA GLY A 86 5.94 8.87 8.60
C GLY A 86 5.05 7.69 8.24
N ASN A 87 5.67 6.58 7.84
CA ASN A 87 4.93 5.39 7.47
C ASN A 87 3.86 5.72 6.44
N THR A 88 4.25 6.53 5.47
CA THR A 88 3.34 7.00 4.41
C THR A 88 2.94 5.87 3.46
N ILE A 89 1.75 6.03 2.88
CA ILE A 89 1.22 5.08 1.91
C ILE A 89 1.00 5.79 0.58
N CYS A 90 1.74 5.40 -0.45
CA CYS A 90 1.63 6.06 -1.74
C CYS A 90 0.84 5.25 -2.76
N LEU A 91 -0.10 5.93 -3.40
CA LEU A 91 -0.92 5.34 -4.44
C LEU A 91 -0.48 5.88 -5.81
N PHE A 92 0.27 5.07 -6.54
CA PHE A 92 0.75 5.47 -7.87
C PHE A 92 -0.17 4.94 -8.95
N ARG A 93 -0.75 5.85 -9.74
CA ARG A 93 -1.65 5.46 -10.82
C ARG A 93 -0.95 5.57 -12.17
N LEU A 94 -0.16 4.54 -12.49
CA LEU A 94 0.61 4.46 -13.74
C LEU A 94 0.01 5.30 -14.87
N VAL A 95 -1.23 5.01 -15.23
CA VAL A 95 -1.92 5.71 -16.32
C VAL A 95 -1.62 7.21 -16.31
N ASP A 96 -2.01 7.88 -15.23
CA ASP A 96 -1.78 9.32 -15.12
C ASP A 96 -0.50 9.59 -14.35
N ASN A 97 0.20 8.52 -13.98
CA ASN A 97 1.46 8.63 -13.25
C ASN A 97 1.31 9.49 -11.99
N GLU A 98 0.12 9.44 -11.38
CA GLU A 98 -0.14 10.22 -10.18
C GLU A 98 0.45 9.52 -8.96
N GLN A 99 0.68 10.29 -7.90
CA GLN A 99 1.25 9.74 -6.67
C GLN A 99 0.59 10.37 -5.44
N LEU A 100 -0.37 9.65 -4.87
CA LEU A 100 -1.07 10.13 -3.69
C LEU A 100 -0.31 9.71 -2.44
N ASN A 101 0.33 10.67 -1.78
CA ASN A 101 1.11 10.36 -0.59
C ASN A 101 0.29 10.48 0.69
N LEU A 102 -0.24 9.33 1.14
CA LEU A 102 -1.00 9.28 2.39
C LEU A 102 -0.01 9.24 3.54
N GLU A 103 0.56 10.41 3.85
CA GLU A 103 1.57 10.53 4.89
C GLU A 103 1.00 10.52 6.30
N ASP A 104 1.84 10.92 7.25
CA ASP A 104 1.48 10.99 8.67
C ASP A 104 0.12 11.63 8.91
N GLU A 105 -0.09 12.80 8.32
CA GLU A 105 -1.36 13.51 8.46
C GLU A 105 -2.54 12.58 8.22
N ASP A 106 -2.27 11.44 7.59
CA ASP A 106 -3.30 10.45 7.30
C ASP A 106 -2.92 9.07 7.84
N ILE A 107 -1.65 8.91 8.23
CA ILE A 107 -1.17 7.63 8.75
C ILE A 107 -1.28 7.57 10.28
N GLU A 108 -0.86 8.63 10.95
CA GLU A 108 -0.93 8.70 12.40
C GLU A 108 -2.31 8.31 12.90
N SER A 109 -3.32 8.58 12.09
CA SER A 109 -4.70 8.24 12.44
C SER A 109 -5.37 7.54 11.26
N ILE A 110 -4.65 6.58 10.68
CA ILE A 110 -5.16 5.82 9.54
C ILE A 110 -6.14 4.74 9.97
N ASP A 111 -7.12 4.49 9.11
CA ASP A 111 -8.13 3.46 9.36
C ASP A 111 -8.46 2.76 8.06
N ALA A 112 -8.80 1.48 8.14
CA ALA A 112 -9.13 0.72 6.94
C ALA A 112 -10.08 1.49 6.04
N THR A 113 -11.01 2.21 6.67
CA THR A 113 -11.96 3.03 5.94
C THR A 113 -11.24 4.11 5.14
N LYS A 114 -10.33 4.81 5.81
CA LYS A 114 -9.57 5.88 5.18
C LYS A 114 -8.77 5.36 3.99
N LEU A 115 -7.86 4.41 4.24
CA LEU A 115 -7.05 3.85 3.17
C LEU A 115 -7.93 3.44 1.99
N SER A 116 -8.92 2.60 2.28
CA SER A 116 -9.84 2.13 1.25
C SER A 116 -10.55 3.30 0.58
N ARG A 117 -10.74 4.38 1.33
CA ARG A 117 -11.40 5.57 0.83
C ARG A 117 -10.48 6.30 -0.15
N PHE A 118 -9.38 6.83 0.37
CA PHE A 118 -8.40 7.54 -0.46
C PHE A 118 -8.18 6.79 -1.76
N ILE A 119 -8.05 5.48 -1.66
CA ILE A 119 -7.87 4.64 -2.84
C ILE A 119 -9.10 4.74 -3.73
N GLU A 120 -10.26 4.47 -3.16
CA GLU A 120 -11.52 4.55 -3.88
C GLU A 120 -11.69 5.93 -4.50
N ILE A 121 -10.91 6.88 -3.99
CA ILE A 121 -10.97 8.25 -4.46
C ILE A 121 -9.97 8.51 -5.60
N ASN A 122 -8.80 7.87 -5.53
CA ASN A 122 -7.78 8.05 -6.56
C ASN A 122 -7.44 6.73 -7.27
N SER A 123 -8.39 5.80 -7.28
CA SER A 123 -8.17 4.52 -7.95
C SER A 123 -8.38 4.66 -9.45
N LEU A 124 -7.78 5.71 -10.02
CA LEU A 124 -7.90 5.98 -11.45
C LEU A 124 -6.66 5.51 -12.20
N GLU A 9 -12.72 -15.05 17.79
CA GLU A 9 -13.62 -16.23 17.64
C GLU A 9 -15.09 -15.79 17.69
N VAL A 10 -15.31 -14.48 17.59
CA VAL A 10 -16.66 -13.94 17.62
C VAL A 10 -17.27 -13.91 16.22
N GLU A 11 -18.56 -14.21 16.13
CA GLU A 11 -19.28 -14.22 14.86
C GLU A 11 -18.67 -15.24 13.89
N LYS A 12 -17.63 -14.81 13.18
CA LYS A 12 -16.97 -15.68 12.20
C LYS A 12 -15.86 -16.49 12.86
N SER A 13 -15.11 -17.22 12.05
CA SER A 13 -14.01 -18.03 12.54
C SER A 13 -12.74 -17.20 12.71
N SER A 14 -11.61 -17.88 12.87
CA SER A 14 -10.32 -17.20 13.04
C SER A 14 -9.96 -16.41 11.78
N ASP A 15 -9.80 -17.12 10.67
CA ASP A 15 -9.45 -16.49 9.40
C ASP A 15 -10.02 -17.25 8.22
N GLY A 16 -10.04 -18.58 8.33
CA GLY A 16 -10.58 -19.41 7.26
C GLY A 16 -9.50 -19.91 6.32
N PRO A 17 -9.89 -20.40 5.13
CA PRO A 17 -8.93 -20.91 4.14
C PRO A 17 -7.91 -19.86 3.71
N GLY A 18 -6.68 -20.31 3.47
CA GLY A 18 -5.63 -19.39 3.07
C GLY A 18 -5.77 -18.94 1.64
N ALA A 19 -6.10 -17.66 1.46
CA ALA A 19 -6.26 -17.08 0.12
C ALA A 19 -6.11 -15.58 0.16
N ALA A 20 -6.36 -15.01 1.33
CA ALA A 20 -6.26 -13.56 1.52
C ALA A 20 -4.90 -13.04 1.09
N GLN A 21 -4.81 -12.61 -0.16
CA GLN A 21 -3.58 -12.08 -0.74
C GLN A 21 -2.98 -11.00 0.16
N GLU A 22 -1.66 -10.82 0.03
CA GLU A 22 -0.94 -9.81 0.81
C GLU A 22 -0.19 -8.85 -0.11
N PRO A 23 0.15 -7.64 0.38
CA PRO A 23 0.87 -6.65 -0.42
C PRO A 23 2.28 -7.09 -0.79
N THR A 24 2.70 -6.74 -2.00
CA THR A 24 4.02 -7.10 -2.51
C THR A 24 5.12 -6.52 -1.65
N TRP A 25 6.27 -7.20 -1.62
CA TRP A 25 7.42 -6.76 -0.85
C TRP A 25 8.40 -5.96 -1.71
N LEU A 26 8.22 -4.64 -1.72
CA LEU A 26 9.08 -3.76 -2.50
C LEU A 26 10.29 -3.33 -1.68
N THR A 27 11.26 -4.23 -1.55
CA THR A 27 12.47 -3.97 -0.78
C THR A 27 13.44 -3.08 -1.53
N ASP A 28 13.11 -2.73 -2.76
CA ASP A 28 13.99 -1.89 -3.57
C ASP A 28 13.19 -0.89 -4.41
N VAL A 29 13.78 0.29 -4.63
CA VAL A 29 13.14 1.33 -5.41
C VAL A 29 12.75 0.84 -6.80
N PRO A 30 13.67 0.19 -7.55
CA PRO A 30 13.37 -0.32 -8.89
C PRO A 30 12.21 -1.30 -8.87
N ALA A 31 12.23 -2.23 -7.92
CA ALA A 31 11.17 -3.22 -7.81
C ALA A 31 9.85 -2.54 -7.50
N ALA A 32 9.93 -1.46 -6.74
CA ALA A 32 8.76 -0.70 -6.37
C ALA A 32 8.12 -0.08 -7.61
N MET A 33 8.90 0.74 -8.31
CA MET A 33 8.44 1.41 -9.52
C MET A 33 8.06 0.40 -10.59
N GLU A 34 8.66 -0.78 -10.54
CA GLU A 34 8.36 -1.83 -11.52
C GLU A 34 6.97 -2.38 -11.29
N PHE A 35 6.69 -2.79 -10.06
CA PHE A 35 5.39 -3.33 -9.71
C PHE A 35 4.32 -2.28 -9.97
N ILE A 36 4.70 -1.02 -9.84
CA ILE A 36 3.79 0.09 -10.09
C ILE A 36 3.60 0.26 -11.59
N ALA A 37 4.69 0.07 -12.33
CA ALA A 37 4.66 0.20 -13.78
C ALA A 37 3.94 -0.98 -14.42
N ALA A 38 3.82 -2.05 -13.66
CA ALA A 38 3.16 -3.27 -14.16
C ALA A 38 1.67 -3.25 -13.80
N THR A 39 1.10 -2.05 -13.68
CA THR A 39 -0.31 -1.91 -13.34
C THR A 39 -0.77 -0.47 -13.53
N GLU A 40 -2.07 -0.30 -13.73
CA GLU A 40 -2.67 1.02 -13.91
C GLU A 40 -2.76 1.76 -12.57
N VAL A 41 -3.07 1.01 -11.52
CA VAL A 41 -3.18 1.58 -10.17
C VAL A 41 -2.40 0.73 -9.17
N ALA A 42 -1.58 1.39 -8.36
CA ALA A 42 -0.77 0.69 -7.37
C ALA A 42 -0.76 1.40 -6.03
N VAL A 43 -1.07 0.64 -4.98
CA VAL A 43 -1.06 1.19 -3.63
C VAL A 43 0.01 0.50 -2.80
N ILE A 44 0.85 1.30 -2.17
CA ILE A 44 1.96 0.76 -1.40
C ILE A 44 2.09 1.42 -0.04
N GLY A 45 2.33 0.59 0.98
CA GLY A 45 2.50 1.09 2.33
C GLY A 45 3.96 1.21 2.73
N PHE A 46 4.52 2.41 2.59
CA PHE A 46 5.91 2.66 2.96
C PHE A 46 6.01 2.89 4.46
N PHE A 47 6.18 1.80 5.20
CA PHE A 47 6.26 1.86 6.66
C PHE A 47 7.67 1.61 7.18
N GLN A 48 8.03 2.35 8.23
CA GLN A 48 9.33 2.18 8.87
C GLN A 48 9.19 1.14 9.97
N ASP A 49 7.95 0.77 10.24
CA ASP A 49 7.62 -0.22 11.25
C ASP A 49 6.37 -0.99 10.84
N LEU A 50 6.51 -2.31 10.67
CA LEU A 50 5.37 -3.13 10.26
C LEU A 50 4.58 -3.63 11.46
N GLU A 51 4.32 -2.71 12.40
CA GLU A 51 3.55 -3.04 13.59
C GLU A 51 2.52 -1.94 13.86
N ILE A 52 2.40 -1.02 12.91
CA ILE A 52 1.46 0.09 13.04
C ILE A 52 0.12 -0.25 12.39
N PRO A 53 -0.97 0.42 12.83
CA PRO A 53 -2.32 0.18 12.29
C PRO A 53 -2.36 0.20 10.77
N ALA A 54 -1.49 1.01 10.18
CA ALA A 54 -1.43 1.14 8.73
C ALA A 54 -1.15 -0.18 8.03
N VAL A 55 -0.30 -1.02 8.63
CA VAL A 55 0.04 -2.30 8.03
C VAL A 55 -1.19 -3.21 7.89
N PRO A 56 -1.90 -3.54 9.00
CA PRO A 56 -3.09 -4.39 8.92
C PRO A 56 -4.16 -3.77 8.02
N ILE A 57 -4.31 -2.46 8.14
CA ILE A 57 -5.28 -1.72 7.35
C ILE A 57 -4.98 -1.86 5.86
N LEU A 58 -3.70 -1.91 5.52
CA LEU A 58 -3.29 -2.06 4.13
C LEU A 58 -3.53 -3.49 3.67
N HIS A 59 -2.99 -4.45 4.43
CA HIS A 59 -3.18 -5.87 4.10
C HIS A 59 -4.66 -6.17 3.96
N SER A 60 -5.48 -5.35 4.62
CA SER A 60 -6.93 -5.52 4.58
C SER A 60 -7.51 -4.88 3.33
N MET A 61 -7.05 -3.66 3.02
CA MET A 61 -7.52 -2.96 1.83
C MET A 61 -7.18 -3.77 0.59
N VAL A 62 -6.13 -4.58 0.71
CA VAL A 62 -5.69 -5.43 -0.39
C VAL A 62 -6.83 -6.28 -0.92
N GLN A 63 -7.52 -6.96 -0.01
CA GLN A 63 -8.63 -7.81 -0.37
C GLN A 63 -9.84 -6.98 -0.76
N LYS A 64 -9.76 -5.67 -0.49
CA LYS A 64 -10.84 -4.76 -0.80
C LYS A 64 -10.61 -4.11 -2.16
N PHE A 65 -9.36 -4.15 -2.61
CA PHE A 65 -8.98 -3.58 -3.89
C PHE A 65 -8.07 -4.51 -4.68
N PRO A 66 -8.55 -5.72 -5.03
CA PRO A 66 -7.77 -6.69 -5.79
C PRO A 66 -7.22 -6.08 -7.08
N GLY A 67 -8.05 -5.26 -7.73
CA GLY A 67 -7.61 -4.61 -8.95
C GLY A 67 -6.38 -3.76 -8.71
N VAL A 68 -6.39 -3.04 -7.60
CA VAL A 68 -5.27 -2.18 -7.22
C VAL A 68 -4.05 -3.05 -6.93
N SER A 69 -2.85 -2.53 -7.24
CA SER A 69 -1.63 -3.28 -7.02
C SER A 69 -1.17 -3.13 -5.57
N PHE A 70 -1.54 -4.10 -4.75
CA PHE A 70 -1.16 -4.11 -3.34
C PHE A 70 0.35 -4.16 -3.20
N GLY A 71 0.89 -3.25 -2.40
CA GLY A 71 2.33 -3.20 -2.18
C GLY A 71 2.68 -2.70 -0.81
N ILE A 72 3.90 -2.98 -0.37
CA ILE A 72 4.36 -2.54 0.94
C ILE A 72 5.89 -2.54 0.98
N SER A 73 6.46 -1.57 1.67
CA SER A 73 7.92 -1.47 1.76
C SER A 73 8.36 -0.91 3.09
N THR A 74 9.60 -1.24 3.47
CA THR A 74 10.18 -0.77 4.72
C THR A 74 11.63 -0.38 4.52
N ASP A 75 12.11 -0.54 3.29
CA ASP A 75 13.48 -0.20 2.95
C ASP A 75 13.70 1.31 3.01
N SER A 76 14.87 1.71 3.50
CA SER A 76 15.20 3.13 3.62
C SER A 76 15.28 3.81 2.27
N GLU A 77 16.05 3.22 1.36
CA GLU A 77 16.23 3.77 0.02
C GLU A 77 14.90 4.07 -0.64
N VAL A 78 13.94 3.17 -0.49
CA VAL A 78 12.62 3.36 -1.08
C VAL A 78 11.86 4.47 -0.34
N LEU A 79 11.77 4.33 0.98
CA LEU A 79 11.08 5.31 1.81
C LEU A 79 11.73 6.67 1.65
N THR A 80 12.94 6.68 1.10
CA THR A 80 13.66 7.92 0.87
C THR A 80 13.35 8.47 -0.51
N HIS A 81 13.27 7.57 -1.49
CA HIS A 81 12.99 7.95 -2.87
C HIS A 81 11.62 8.61 -2.95
N TYR A 82 10.67 8.09 -2.18
CA TYR A 82 9.32 8.64 -2.16
C TYR A 82 9.17 9.67 -1.04
N ASN A 83 10.31 10.11 -0.50
CA ASN A 83 10.33 11.11 0.57
C ASN A 83 9.46 10.68 1.75
N ILE A 84 9.23 9.38 1.88
CA ILE A 84 8.41 8.85 2.96
C ILE A 84 8.99 9.25 4.32
N THR A 85 8.20 9.97 5.11
CA THR A 85 8.63 10.43 6.42
C THR A 85 7.51 10.29 7.46
N GLY A 86 7.01 9.08 7.62
CA GLY A 86 5.94 8.84 8.58
C GLY A 86 5.06 7.67 8.20
N ASN A 87 5.68 6.54 7.87
CA ASN A 87 4.94 5.34 7.49
C ASN A 87 3.87 5.69 6.45
N THR A 88 4.28 6.51 5.49
CA THR A 88 3.38 6.97 4.43
C THR A 88 2.98 5.86 3.46
N ILE A 89 1.79 6.01 2.88
CA ILE A 89 1.27 5.07 1.90
C ILE A 89 1.06 5.79 0.58
N CYS A 90 1.78 5.38 -0.45
CA CYS A 90 1.68 6.05 -1.74
C CYS A 90 0.91 5.25 -2.78
N LEU A 91 -0.04 5.92 -3.43
CA LEU A 91 -0.85 5.33 -4.48
C LEU A 91 -0.41 5.89 -5.83
N PHE A 92 0.32 5.10 -6.60
CA PHE A 92 0.79 5.53 -7.90
C PHE A 92 -0.11 4.99 -9.01
N ARG A 93 -0.69 5.90 -9.79
CA ARG A 93 -1.58 5.50 -10.89
C ARG A 93 -0.85 5.66 -12.23
N LEU A 94 -0.32 4.55 -12.74
CA LEU A 94 0.42 4.52 -14.00
C LEU A 94 -0.23 5.36 -15.09
N VAL A 95 -1.53 5.17 -15.31
CA VAL A 95 -2.26 5.91 -16.33
C VAL A 95 -1.86 7.38 -16.36
N ASP A 96 -2.15 8.09 -15.30
CA ASP A 96 -1.83 9.51 -15.21
C ASP A 96 -0.55 9.75 -14.42
N ASN A 97 0.17 8.66 -14.15
CA ASN A 97 1.44 8.74 -13.40
C ASN A 97 1.29 9.56 -12.13
N GLU A 98 0.12 9.48 -11.50
CA GLU A 98 -0.15 10.22 -10.27
C GLU A 98 0.49 9.54 -9.08
N GLN A 99 0.72 10.31 -8.01
CA GLN A 99 1.32 9.78 -6.80
C GLN A 99 0.70 10.41 -5.57
N LEU A 100 -0.26 9.72 -4.97
CA LEU A 100 -0.94 10.20 -3.78
C LEU A 100 -0.17 9.76 -2.54
N ASN A 101 0.39 10.71 -1.82
CA ASN A 101 1.17 10.38 -0.62
C ASN A 101 0.35 10.49 0.66
N LEU A 102 -0.17 9.35 1.11
CA LEU A 102 -0.92 9.29 2.35
C LEU A 102 0.06 9.24 3.52
N GLU A 103 0.60 10.41 3.86
CA GLU A 103 1.61 10.51 4.92
C GLU A 103 1.02 10.52 6.31
N ASP A 104 1.84 10.95 7.27
CA ASP A 104 1.44 11.00 8.68
C ASP A 104 0.11 11.72 8.87
N GLU A 105 -0.12 12.78 8.10
CA GLU A 105 -1.36 13.54 8.19
C GLU A 105 -2.56 12.62 8.00
N ASP A 106 -2.29 11.42 7.49
CA ASP A 106 -3.33 10.43 7.25
C ASP A 106 -2.95 9.05 7.82
N ILE A 107 -1.67 8.89 8.18
CA ILE A 107 -1.18 7.62 8.72
C ILE A 107 -1.31 7.58 10.25
N GLU A 108 -1.16 8.74 10.89
CA GLU A 108 -1.27 8.83 12.34
C GLU A 108 -2.56 8.18 12.83
N SER A 109 -3.67 8.55 12.20
CA SER A 109 -4.97 8.00 12.57
C SER A 109 -5.57 7.23 11.39
N ILE A 110 -4.72 6.53 10.66
CA ILE A 110 -5.16 5.75 9.50
C ILE A 110 -6.11 4.63 9.90
N ASP A 111 -7.05 4.33 9.01
CA ASP A 111 -8.01 3.26 9.24
C ASP A 111 -8.26 2.52 7.95
N ALA A 112 -8.87 1.35 8.03
CA ALA A 112 -9.15 0.57 6.84
C ALA A 112 -10.09 1.34 5.94
N THR A 113 -11.00 2.07 6.55
CA THR A 113 -11.96 2.89 5.82
C THR A 113 -11.24 3.99 5.06
N LYS A 114 -10.33 4.67 5.76
CA LYS A 114 -9.57 5.76 5.18
C LYS A 114 -8.75 5.28 3.99
N LEU A 115 -7.87 4.32 4.23
CA LEU A 115 -7.03 3.78 3.16
C LEU A 115 -7.90 3.40 1.96
N SER A 116 -8.90 2.54 2.20
CA SER A 116 -9.80 2.10 1.17
C SER A 116 -10.52 3.28 0.52
N ARG A 117 -10.69 4.34 1.30
CA ARG A 117 -11.37 5.55 0.81
C ARG A 117 -10.46 6.28 -0.16
N PHE A 118 -9.35 6.80 0.37
CA PHE A 118 -8.38 7.53 -0.45
C PHE A 118 -8.16 6.80 -1.76
N ILE A 119 -8.02 5.48 -1.67
CA ILE A 119 -7.83 4.67 -2.86
C ILE A 119 -9.07 4.77 -3.75
N GLU A 120 -10.22 4.48 -3.17
CA GLU A 120 -11.48 4.54 -3.90
C GLU A 120 -11.65 5.92 -4.52
N ILE A 121 -10.90 6.88 -4.00
CA ILE A 121 -10.96 8.26 -4.46
C ILE A 121 -9.99 8.50 -5.62
N ASN A 122 -8.81 7.88 -5.56
CA ASN A 122 -7.82 8.07 -6.62
C ASN A 122 -7.42 6.75 -7.27
N SER A 123 -8.34 5.79 -7.29
CA SER A 123 -8.09 4.50 -7.92
C SER A 123 -8.28 4.58 -9.42
N LEU A 124 -7.74 5.65 -10.02
CA LEU A 124 -7.86 5.87 -11.45
C LEU A 124 -6.60 5.41 -12.18
N GLU A 9 -19.22 -5.58 7.00
CA GLU A 9 -19.52 -6.82 6.24
C GLU A 9 -18.39 -7.84 6.39
N VAL A 10 -17.20 -7.35 6.72
CA VAL A 10 -16.04 -8.21 6.90
C VAL A 10 -15.76 -8.48 8.37
N GLU A 11 -16.77 -8.24 9.20
CA GLU A 11 -16.63 -8.45 10.65
C GLU A 11 -17.23 -9.80 11.07
N LYS A 12 -16.42 -10.63 11.73
CA LYS A 12 -16.86 -11.94 12.19
C LYS A 12 -17.41 -12.76 11.02
N SER A 13 -16.71 -12.72 9.89
CA SER A 13 -17.11 -13.47 8.71
C SER A 13 -15.89 -13.88 7.89
N SER A 14 -14.77 -14.10 8.57
CA SER A 14 -13.54 -14.49 7.89
C SER A 14 -12.72 -15.41 8.79
N ASP A 15 -12.99 -16.72 8.70
CA ASP A 15 -12.26 -17.70 9.49
C ASP A 15 -11.58 -18.72 8.59
N GLY A 16 -11.01 -19.76 9.20
CA GLY A 16 -10.33 -20.79 8.43
C GLY A 16 -8.92 -20.37 8.06
N PRO A 17 -8.37 -20.91 6.96
CA PRO A 17 -7.01 -20.57 6.51
C PRO A 17 -6.83 -19.08 6.29
N GLY A 18 -6.14 -18.43 7.22
CA GLY A 18 -5.92 -17.00 7.12
C GLY A 18 -4.76 -16.66 6.20
N ALA A 19 -5.08 -16.08 5.05
CA ALA A 19 -4.05 -15.70 4.07
C ALA A 19 -4.64 -14.83 2.98
N ALA A 20 -5.40 -15.45 2.08
CA ALA A 20 -6.04 -14.73 0.98
C ALA A 20 -5.00 -14.08 0.06
N GLN A 21 -4.49 -12.93 0.47
CA GLN A 21 -3.50 -12.21 -0.32
C GLN A 21 -2.86 -11.09 0.52
N GLU A 22 -1.59 -10.81 0.24
CA GLU A 22 -0.87 -9.78 0.97
C GLU A 22 -0.12 -8.85 0.00
N PRO A 23 0.22 -7.62 0.44
CA PRO A 23 0.91 -6.64 -0.40
C PRO A 23 2.33 -7.08 -0.73
N THR A 24 2.77 -6.78 -1.96
CA THR A 24 4.10 -7.15 -2.42
C THR A 24 5.19 -6.48 -1.59
N TRP A 25 6.35 -7.13 -1.53
CA TRP A 25 7.49 -6.61 -0.78
C TRP A 25 8.44 -5.85 -1.68
N LEU A 26 8.27 -4.54 -1.74
CA LEU A 26 9.11 -3.69 -2.57
C LEU A 26 10.33 -3.20 -1.78
N THR A 27 11.24 -4.11 -1.50
CA THR A 27 12.45 -3.80 -0.73
C THR A 27 13.41 -2.93 -1.52
N ASP A 28 13.10 -2.67 -2.79
CA ASP A 28 13.96 -1.85 -3.63
C ASP A 28 13.16 -0.88 -4.48
N VAL A 29 13.74 0.30 -4.71
CA VAL A 29 13.10 1.32 -5.51
C VAL A 29 12.72 0.81 -6.90
N PRO A 30 13.64 0.15 -7.62
CA PRO A 30 13.35 -0.38 -8.95
C PRO A 30 12.18 -1.36 -8.93
N ALA A 31 12.21 -2.29 -7.97
CA ALA A 31 11.14 -3.28 -7.85
C ALA A 31 9.82 -2.60 -7.57
N ALA A 32 9.90 -1.52 -6.80
CA ALA A 32 8.70 -0.76 -6.45
C ALA A 32 8.08 -0.15 -7.70
N MET A 33 8.86 0.67 -8.39
CA MET A 33 8.41 1.33 -9.60
C MET A 33 8.03 0.31 -10.68
N GLU A 34 8.64 -0.88 -10.61
CA GLU A 34 8.34 -1.92 -11.58
C GLU A 34 6.95 -2.48 -11.35
N PHE A 35 6.66 -2.86 -10.11
CA PHE A 35 5.35 -3.39 -9.78
C PHE A 35 4.28 -2.34 -10.07
N ILE A 36 4.66 -1.07 -9.93
CA ILE A 36 3.74 0.03 -10.22
C ILE A 36 3.60 0.20 -11.73
N ALA A 37 4.70 0.01 -12.44
CA ALA A 37 4.72 0.14 -13.89
C ALA A 37 3.97 -1.02 -14.55
N ALA A 38 3.87 -2.13 -13.83
CA ALA A 38 3.18 -3.31 -14.35
C ALA A 38 1.72 -3.32 -13.92
N THR A 39 1.15 -2.13 -13.78
CA THR A 39 -0.24 -1.99 -13.37
C THR A 39 -0.72 -0.56 -13.51
N GLU A 40 -2.02 -0.39 -13.75
CA GLU A 40 -2.62 0.93 -13.90
C GLU A 40 -2.66 1.66 -12.57
N VAL A 41 -3.18 0.99 -11.54
CA VAL A 41 -3.25 1.57 -10.21
C VAL A 41 -2.46 0.73 -9.21
N ALA A 42 -1.70 1.39 -8.35
CA ALA A 42 -0.87 0.69 -7.37
C ALA A 42 -0.84 1.40 -6.03
N VAL A 43 -1.13 0.65 -4.97
CA VAL A 43 -1.12 1.19 -3.63
C VAL A 43 -0.03 0.51 -2.82
N ILE A 44 0.81 1.31 -2.18
CA ILE A 44 1.93 0.78 -1.42
C ILE A 44 2.08 1.44 -0.06
N GLY A 45 2.32 0.62 0.95
CA GLY A 45 2.50 1.12 2.30
C GLY A 45 3.96 1.23 2.69
N PHE A 46 4.52 2.43 2.57
CA PHE A 46 5.91 2.68 2.91
C PHE A 46 6.02 2.93 4.42
N PHE A 47 6.25 1.87 5.17
CA PHE A 47 6.33 1.97 6.62
C PHE A 47 7.74 1.72 7.14
N GLN A 48 8.11 2.48 8.17
CA GLN A 48 9.40 2.33 8.81
C GLN A 48 9.28 1.32 9.95
N ASP A 49 8.06 0.83 10.12
CA ASP A 49 7.74 -0.14 11.15
C ASP A 49 6.48 -0.91 10.77
N LEU A 50 6.59 -2.22 10.61
CA LEU A 50 5.43 -3.03 10.23
C LEU A 50 4.65 -3.50 11.45
N GLU A 51 4.43 -2.59 12.38
CA GLU A 51 3.67 -2.89 13.60
C GLU A 51 2.66 -1.79 13.87
N ILE A 52 2.45 -0.93 12.88
CA ILE A 52 1.51 0.17 12.98
C ILE A 52 0.16 -0.19 12.39
N PRO A 53 -0.91 0.53 12.80
CA PRO A 53 -2.27 0.28 12.30
C PRO A 53 -2.35 0.29 10.77
N ALA A 54 -1.45 1.04 10.15
CA ALA A 54 -1.42 1.17 8.70
C ALA A 54 -1.15 -0.17 8.00
N VAL A 55 -0.29 -0.98 8.58
CA VAL A 55 0.05 -2.28 7.99
C VAL A 55 -1.18 -3.18 7.85
N PRO A 56 -1.89 -3.50 8.97
CA PRO A 56 -3.08 -4.35 8.91
C PRO A 56 -4.15 -3.75 8.01
N ILE A 57 -4.30 -2.44 8.09
CA ILE A 57 -5.27 -1.72 7.29
C ILE A 57 -4.97 -1.86 5.81
N LEU A 58 -3.69 -1.89 5.47
CA LEU A 58 -3.29 -2.04 4.07
C LEU A 58 -3.49 -3.48 3.63
N HIS A 59 -2.92 -4.42 4.38
CA HIS A 59 -3.06 -5.83 4.07
C HIS A 59 -4.54 -6.19 3.96
N SER A 60 -5.38 -5.38 4.60
CA SER A 60 -6.83 -5.60 4.57
C SER A 60 -7.43 -4.97 3.31
N MET A 61 -7.02 -3.73 3.01
CA MET A 61 -7.53 -3.05 1.83
C MET A 61 -7.18 -3.87 0.58
N VAL A 62 -6.12 -4.66 0.70
CA VAL A 62 -5.67 -5.51 -0.39
C VAL A 62 -6.80 -6.36 -0.94
N GLN A 63 -7.53 -7.02 -0.05
CA GLN A 63 -8.64 -7.86 -0.44
C GLN A 63 -9.86 -7.02 -0.80
N LYS A 64 -9.77 -5.73 -0.53
CA LYS A 64 -10.86 -4.81 -0.82
C LYS A 64 -10.63 -4.14 -2.18
N PHE A 65 -9.38 -4.18 -2.63
CA PHE A 65 -9.02 -3.59 -3.91
C PHE A 65 -8.09 -4.51 -4.71
N PRO A 66 -8.58 -5.70 -5.09
CA PRO A 66 -7.79 -6.67 -5.87
C PRO A 66 -7.21 -6.02 -7.13
N GLY A 67 -8.04 -5.28 -7.85
CA GLY A 67 -7.58 -4.60 -9.05
C GLY A 67 -6.36 -3.75 -8.78
N VAL A 68 -6.40 -3.04 -7.65
CA VAL A 68 -5.29 -2.20 -7.24
C VAL A 68 -4.07 -3.06 -6.94
N SER A 69 -2.88 -2.55 -7.25
CA SER A 69 -1.66 -3.29 -7.01
C SER A 69 -1.20 -3.13 -5.56
N PHE A 70 -1.52 -4.13 -4.75
CA PHE A 70 -1.14 -4.12 -3.35
C PHE A 70 0.37 -4.19 -3.18
N GLY A 71 0.91 -3.25 -2.44
CA GLY A 71 2.35 -3.21 -2.21
C GLY A 71 2.69 -2.69 -0.83
N ILE A 72 3.92 -2.96 -0.39
CA ILE A 72 4.38 -2.50 0.90
C ILE A 72 5.90 -2.53 0.95
N SER A 73 6.49 -1.54 1.63
CA SER A 73 7.94 -1.46 1.72
C SER A 73 8.39 -0.90 3.06
N THR A 74 9.62 -1.22 3.43
CA THR A 74 10.21 -0.76 4.68
C THR A 74 11.66 -0.34 4.47
N ASP A 75 12.15 -0.55 3.27
CA ASP A 75 13.52 -0.20 2.93
C ASP A 75 13.71 1.31 2.96
N SER A 76 14.86 1.75 3.48
CA SER A 76 15.16 3.18 3.58
C SER A 76 15.27 3.83 2.21
N GLU A 77 16.03 3.20 1.31
CA GLU A 77 16.22 3.73 -0.04
C GLU A 77 14.89 4.07 -0.71
N VAL A 78 13.92 3.18 -0.57
CA VAL A 78 12.61 3.40 -1.16
C VAL A 78 11.86 4.49 -0.41
N LEU A 79 11.76 4.32 0.90
CA LEU A 79 11.09 5.30 1.75
C LEU A 79 11.74 6.67 1.60
N THR A 80 12.94 6.68 1.02
CA THR A 80 13.66 7.92 0.79
C THR A 80 13.36 8.47 -0.59
N HIS A 81 13.29 7.56 -1.56
CA HIS A 81 13.01 7.94 -2.94
C HIS A 81 11.63 8.58 -3.05
N TYR A 82 10.71 8.12 -2.21
CA TYR A 82 9.35 8.65 -2.20
C TYR A 82 9.18 9.69 -1.11
N ASN A 83 10.31 10.09 -0.51
CA ASN A 83 10.31 11.11 0.53
C ASN A 83 9.45 10.68 1.73
N ILE A 84 9.22 9.37 1.85
CA ILE A 84 8.43 8.83 2.95
C ILE A 84 9.04 9.21 4.30
N THR A 85 8.29 9.95 5.09
CA THR A 85 8.76 10.37 6.42
C THR A 85 7.64 10.27 7.46
N GLY A 86 7.09 9.08 7.60
CA GLY A 86 6.02 8.87 8.57
C GLY A 86 5.12 7.70 8.21
N ASN A 87 5.73 6.59 7.82
CA ASN A 87 4.98 5.39 7.45
C ASN A 87 3.91 5.74 6.41
N THR A 88 4.31 6.56 5.45
CA THR A 88 3.41 7.02 4.40
C THR A 88 2.99 5.90 3.44
N ILE A 89 1.80 6.04 2.87
CA ILE A 89 1.26 5.09 1.90
C ILE A 89 1.04 5.82 0.58
N CYS A 90 1.76 5.41 -0.46
CA CYS A 90 1.63 6.07 -1.75
C CYS A 90 0.85 5.26 -2.78
N LEU A 91 -0.12 5.93 -3.41
CA LEU A 91 -0.92 5.32 -4.45
C LEU A 91 -0.49 5.85 -5.81
N PHE A 92 0.32 5.06 -6.51
CA PHE A 92 0.80 5.46 -7.82
C PHE A 92 -0.12 4.93 -8.92
N ARG A 93 -0.66 5.84 -9.73
CA ARG A 93 -1.57 5.45 -10.81
C ARG A 93 -0.88 5.58 -12.16
N LEU A 94 -0.17 4.52 -12.55
CA LEU A 94 0.58 4.46 -13.81
C LEU A 94 -0.01 5.36 -14.91
N VAL A 95 -1.26 5.10 -15.27
CA VAL A 95 -1.94 5.88 -16.31
C VAL A 95 -1.56 7.36 -16.27
N ASP A 96 -2.04 8.05 -15.26
CA ASP A 96 -1.75 9.47 -15.13
C ASP A 96 -0.46 9.68 -14.33
N ASN A 97 0.22 8.57 -14.03
CA ASN A 97 1.47 8.59 -13.29
C ASN A 97 1.34 9.42 -12.01
N GLU A 98 0.15 9.39 -11.41
CA GLU A 98 -0.10 10.13 -10.18
C GLU A 98 0.54 9.42 -8.99
N GLN A 99 0.65 10.14 -7.87
CA GLN A 99 1.24 9.59 -6.66
C GLN A 99 0.62 10.20 -5.42
N LEU A 100 -0.46 9.60 -4.94
CA LEU A 100 -1.15 10.09 -3.75
C LEU A 100 -0.36 9.69 -2.50
N ASN A 101 0.21 10.68 -1.83
CA ASN A 101 1.01 10.39 -0.64
C ASN A 101 0.21 10.50 0.65
N LEU A 102 -0.24 9.35 1.14
CA LEU A 102 -0.98 9.29 2.39
C LEU A 102 0.03 9.25 3.53
N GLU A 103 0.59 10.42 3.84
CA GLU A 103 1.63 10.54 4.86
C GLU A 103 1.07 10.53 6.27
N ASP A 104 1.92 10.95 7.21
CA ASP A 104 1.57 11.00 8.63
C ASP A 104 0.26 11.75 8.86
N GLU A 105 0.02 12.79 8.07
CA GLU A 105 -1.20 13.57 8.19
C GLU A 105 -2.42 12.67 8.05
N ASP A 106 -2.19 11.47 7.54
CA ASP A 106 -3.25 10.49 7.33
C ASP A 106 -2.87 9.12 7.90
N ILE A 107 -1.60 8.94 8.24
CA ILE A 107 -1.10 7.67 8.79
C ILE A 107 -1.21 7.65 10.31
N GLU A 108 -1.10 8.82 10.94
CA GLU A 108 -1.16 8.93 12.38
C GLU A 108 -2.46 8.32 12.91
N SER A 109 -3.54 8.53 12.18
CA SER A 109 -4.84 8.00 12.57
C SER A 109 -5.48 7.26 11.39
N ILE A 110 -4.65 6.53 10.65
CA ILE A 110 -5.13 5.79 9.49
C ILE A 110 -6.09 4.67 9.91
N ASP A 111 -7.12 4.48 9.09
CA ASP A 111 -8.11 3.44 9.33
C ASP A 111 -8.43 2.73 8.03
N ALA A 112 -8.79 1.44 8.11
CA ALA A 112 -9.11 0.69 6.91
C ALA A 112 -10.06 1.48 6.02
N THR A 113 -10.99 2.18 6.66
CA THR A 113 -11.95 3.01 5.93
C THR A 113 -11.23 4.09 5.15
N LYS A 114 -10.32 4.79 5.83
CA LYS A 114 -9.56 5.87 5.21
C LYS A 114 -8.75 5.35 4.02
N LEU A 115 -7.84 4.42 4.26
CA LEU A 115 -7.02 3.86 3.19
C LEU A 115 -7.90 3.47 2.01
N SER A 116 -8.86 2.60 2.27
CA SER A 116 -9.78 2.14 1.23
C SER A 116 -10.51 3.31 0.58
N ARG A 117 -10.70 4.37 1.35
CA ARG A 117 -11.37 5.56 0.85
C ARG A 117 -10.46 6.30 -0.13
N PHE A 118 -9.36 6.81 0.39
CA PHE A 118 -8.38 7.53 -0.44
C PHE A 118 -8.16 6.80 -1.75
N ILE A 119 -8.09 5.47 -1.67
CA ILE A 119 -7.92 4.65 -2.86
C ILE A 119 -9.16 4.77 -3.74
N GLU A 120 -10.31 4.45 -3.15
CA GLU A 120 -11.58 4.54 -3.87
C GLU A 120 -11.76 5.92 -4.48
N ILE A 121 -10.98 6.87 -3.97
CA ILE A 121 -11.03 8.24 -4.44
C ILE A 121 -10.06 8.50 -5.60
N ASN A 122 -8.86 7.92 -5.51
CA ASN A 122 -7.86 8.10 -6.56
C ASN A 122 -7.48 6.79 -7.24
N SER A 123 -8.41 5.83 -7.27
CA SER A 123 -8.15 4.56 -7.90
C SER A 123 -8.36 4.65 -9.41
N LEU A 124 -7.74 5.66 -10.01
CA LEU A 124 -7.86 5.88 -11.45
C LEU A 124 -6.67 5.29 -12.20
N GLU A 9 -27.20 -7.37 9.31
CA GLU A 9 -26.26 -8.13 10.16
C GLU A 9 -26.12 -9.57 9.67
N VAL A 10 -25.24 -9.78 8.70
CA VAL A 10 -25.01 -11.11 8.15
C VAL A 10 -23.69 -11.70 8.65
N GLU A 11 -22.89 -10.86 9.30
CA GLU A 11 -21.61 -11.30 9.85
C GLU A 11 -21.55 -11.11 11.36
N LYS A 12 -20.84 -12.01 12.03
CA LYS A 12 -20.70 -11.95 13.48
C LYS A 12 -19.26 -12.18 13.90
N SER A 13 -18.34 -12.05 12.94
CA SER A 13 -16.93 -12.25 13.20
C SER A 13 -16.11 -11.05 12.74
N SER A 14 -15.44 -10.40 13.69
CA SER A 14 -14.62 -9.23 13.38
C SER A 14 -13.39 -9.63 12.58
N ASP A 15 -13.43 -9.34 11.28
CA ASP A 15 -12.32 -9.67 10.39
C ASP A 15 -11.07 -8.87 10.76
N GLY A 16 -9.90 -9.47 10.56
CA GLY A 16 -8.66 -8.78 10.88
C GLY A 16 -7.46 -9.41 10.18
N PRO A 17 -6.99 -10.58 10.64
CA PRO A 17 -5.84 -11.26 10.04
C PRO A 17 -6.10 -11.64 8.59
N GLY A 18 -5.14 -11.31 7.72
CA GLY A 18 -5.27 -11.62 6.31
C GLY A 18 -4.49 -12.85 5.92
N ALA A 19 -4.87 -13.48 4.81
CA ALA A 19 -4.19 -14.67 4.33
C ALA A 19 -4.50 -14.93 2.86
N ALA A 20 -5.70 -14.56 2.46
CA ALA A 20 -6.13 -14.74 1.07
C ALA A 20 -5.17 -14.05 0.10
N GLN A 21 -4.56 -12.96 0.56
CA GLN A 21 -3.62 -12.21 -0.25
C GLN A 21 -2.95 -11.12 0.58
N GLU A 22 -1.68 -10.83 0.27
CA GLU A 22 -0.93 -9.82 0.99
C GLU A 22 -0.20 -8.88 0.02
N PRO A 23 0.17 -7.68 0.48
CA PRO A 23 0.88 -6.69 -0.35
C PRO A 23 2.30 -7.13 -0.69
N THR A 24 2.74 -6.78 -1.90
CA THR A 24 4.08 -7.14 -2.37
C THR A 24 5.16 -6.48 -1.53
N TRP A 25 6.33 -7.12 -1.49
CA TRP A 25 7.46 -6.61 -0.72
C TRP A 25 8.43 -5.86 -1.62
N LEU A 26 8.27 -4.54 -1.68
CA LEU A 26 9.13 -3.69 -2.50
C LEU A 26 10.33 -3.21 -1.69
N THR A 27 11.25 -4.13 -1.41
CA THR A 27 12.44 -3.80 -0.63
C THR A 27 13.43 -2.93 -1.40
N ASP A 28 13.11 -2.64 -2.66
CA ASP A 28 13.99 -1.82 -3.48
C ASP A 28 13.21 -0.85 -4.35
N VAL A 29 13.79 0.32 -4.60
CA VAL A 29 13.14 1.34 -5.41
C VAL A 29 12.78 0.80 -6.80
N PRO A 30 13.72 0.13 -7.51
CA PRO A 30 13.44 -0.40 -8.85
C PRO A 30 12.28 -1.39 -8.84
N ALA A 31 12.28 -2.31 -7.86
CA ALA A 31 11.23 -3.30 -7.75
C ALA A 31 9.90 -2.62 -7.48
N ALA A 32 9.97 -1.54 -6.70
CA ALA A 32 8.78 -0.78 -6.37
C ALA A 32 8.17 -0.16 -7.62
N MET A 33 8.98 0.65 -8.31
CA MET A 33 8.55 1.32 -9.53
C MET A 33 8.16 0.30 -10.61
N GLU A 34 8.72 -0.90 -10.53
CA GLU A 34 8.40 -1.95 -11.49
C GLU A 34 7.01 -2.49 -11.27
N PHE A 35 6.71 -2.86 -10.02
CA PHE A 35 5.39 -3.39 -9.69
C PHE A 35 4.34 -2.32 -9.98
N ILE A 36 4.73 -1.06 -9.84
CA ILE A 36 3.82 0.05 -10.11
C ILE A 36 3.67 0.24 -11.61
N ALA A 37 4.76 0.05 -12.34
CA ALA A 37 4.77 0.20 -13.79
C ALA A 37 4.10 -0.99 -14.47
N ALA A 38 3.95 -2.08 -13.73
CA ALA A 38 3.32 -3.28 -14.27
C ALA A 38 1.84 -3.33 -13.92
N THR A 39 1.24 -2.15 -13.73
CA THR A 39 -0.18 -2.07 -13.39
C THR A 39 -0.69 -0.64 -13.51
N GLU A 40 -1.99 -0.50 -13.77
CA GLU A 40 -2.62 0.81 -13.91
C GLU A 40 -2.62 1.56 -12.59
N VAL A 41 -3.11 0.92 -11.54
CA VAL A 41 -3.15 1.52 -10.21
C VAL A 41 -2.35 0.70 -9.22
N ALA A 42 -1.58 1.37 -8.37
CA ALA A 42 -0.74 0.68 -7.39
C ALA A 42 -0.73 1.39 -6.05
N VAL A 43 -1.00 0.64 -4.99
CA VAL A 43 -0.98 1.20 -3.65
C VAL A 43 0.10 0.52 -2.83
N ILE A 44 0.90 1.31 -2.15
CA ILE A 44 2.00 0.78 -1.38
C ILE A 44 2.13 1.43 -0.01
N GLY A 45 2.36 0.60 1.01
CA GLY A 45 2.51 1.09 2.35
C GLY A 45 3.97 1.22 2.77
N PHE A 46 4.50 2.43 2.68
CA PHE A 46 5.89 2.70 3.05
C PHE A 46 5.98 2.93 4.55
N PHE A 47 6.24 1.86 5.30
CA PHE A 47 6.30 1.94 6.74
C PHE A 47 7.71 1.69 7.28
N GLN A 48 8.09 2.46 8.29
CA GLN A 48 9.39 2.30 8.93
C GLN A 48 9.26 1.27 10.05
N ASP A 49 8.04 0.77 10.20
CA ASP A 49 7.70 -0.22 11.22
C ASP A 49 6.46 -0.98 10.81
N LEU A 50 6.56 -2.29 10.67
CA LEU A 50 5.43 -3.11 10.27
C LEU A 50 4.65 -3.62 11.48
N GLU A 51 4.37 -2.70 12.40
CA GLU A 51 3.61 -3.02 13.60
C GLU A 51 2.60 -1.92 13.89
N ILE A 52 2.44 -1.00 12.94
CA ILE A 52 1.51 0.11 13.07
C ILE A 52 0.15 -0.23 12.46
N PRO A 53 -0.91 0.46 12.90
CA PRO A 53 -2.28 0.24 12.40
C PRO A 53 -2.36 0.28 10.87
N ALA A 54 -1.44 0.99 10.25
CA ALA A 54 -1.43 1.13 8.80
C ALA A 54 -1.16 -0.19 8.09
N VAL A 55 -0.28 -1.00 8.65
CA VAL A 55 0.06 -2.29 8.04
C VAL A 55 -1.17 -3.20 7.90
N PRO A 56 -1.90 -3.48 9.01
CA PRO A 56 -3.09 -4.33 8.94
C PRO A 56 -4.15 -3.73 8.03
N ILE A 57 -4.32 -2.42 8.12
CA ILE A 57 -5.28 -1.70 7.32
C ILE A 57 -4.97 -1.84 5.83
N LEU A 58 -3.68 -1.88 5.50
CA LEU A 58 -3.27 -2.03 4.11
C LEU A 58 -3.53 -3.47 3.66
N HIS A 59 -3.01 -4.44 4.43
CA HIS A 59 -3.22 -5.85 4.12
C HIS A 59 -4.71 -6.11 3.94
N SER A 60 -5.53 -5.30 4.61
CA SER A 60 -6.97 -5.45 4.54
C SER A 60 -7.51 -4.81 3.26
N MET A 61 -7.06 -3.61 2.95
CA MET A 61 -7.49 -2.92 1.75
C MET A 61 -7.13 -3.74 0.53
N VAL A 62 -6.10 -4.57 0.68
CA VAL A 62 -5.64 -5.43 -0.40
C VAL A 62 -6.79 -6.26 -0.94
N GLN A 63 -7.53 -6.90 -0.04
CA GLN A 63 -8.65 -7.74 -0.42
C GLN A 63 -9.85 -6.87 -0.80
N LYS A 64 -9.75 -5.57 -0.53
CA LYS A 64 -10.82 -4.64 -0.86
C LYS A 64 -10.57 -3.99 -2.21
N PHE A 65 -9.32 -4.09 -2.67
CA PHE A 65 -8.94 -3.52 -3.95
C PHE A 65 -8.01 -4.46 -4.73
N PRO A 66 -8.50 -5.66 -5.09
CA PRO A 66 -7.71 -6.64 -5.86
C PRO A 66 -7.12 -6.02 -7.11
N GLY A 67 -7.93 -5.25 -7.82
CA GLY A 67 -7.47 -4.60 -9.04
C GLY A 67 -6.25 -3.75 -8.76
N VAL A 68 -6.27 -3.04 -7.63
CA VAL A 68 -5.16 -2.20 -7.22
C VAL A 68 -3.94 -3.06 -6.90
N SER A 69 -2.76 -2.56 -7.26
CA SER A 69 -1.53 -3.32 -7.01
C SER A 69 -1.08 -3.16 -5.57
N PHE A 70 -1.45 -4.14 -4.74
CA PHE A 70 -1.07 -4.12 -3.33
C PHE A 70 0.43 -4.18 -3.17
N GLY A 71 0.97 -3.23 -2.40
CA GLY A 71 2.39 -3.18 -2.17
C GLY A 71 2.73 -2.68 -0.79
N ILE A 72 3.95 -2.94 -0.35
CA ILE A 72 4.41 -2.51 0.95
C ILE A 72 5.93 -2.52 1.01
N SER A 73 6.51 -1.54 1.69
CA SER A 73 7.96 -1.46 1.79
C SER A 73 8.40 -0.85 3.11
N THR A 74 9.61 -1.20 3.53
CA THR A 74 10.19 -0.71 4.77
C THR A 74 11.63 -0.29 4.56
N ASP A 75 12.12 -0.48 3.34
CA ASP A 75 13.49 -0.13 2.99
C ASP A 75 13.69 1.38 3.03
N SER A 76 14.86 1.81 3.50
CA SER A 76 15.17 3.23 3.61
C SER A 76 15.25 3.89 2.23
N GLU A 77 16.02 3.29 1.32
CA GLU A 77 16.18 3.83 -0.02
C GLU A 77 14.84 4.14 -0.67
N VAL A 78 13.88 3.24 -0.51
CA VAL A 78 12.56 3.45 -1.08
C VAL A 78 11.81 4.54 -0.32
N LEU A 79 11.73 4.37 1.00
CA LEU A 79 11.05 5.35 1.84
C LEU A 79 11.70 6.73 1.68
N THR A 80 12.88 6.74 1.08
CA THR A 80 13.60 7.99 0.84
C THR A 80 13.26 8.53 -0.54
N HIS A 81 13.18 7.63 -1.52
CA HIS A 81 12.85 8.00 -2.88
C HIS A 81 11.47 8.64 -2.95
N TYR A 82 10.56 8.15 -2.10
CA TYR A 82 9.20 8.68 -2.05
C TYR A 82 9.06 9.71 -0.94
N ASN A 83 10.20 10.14 -0.39
CA ASN A 83 10.23 11.15 0.66
C ASN A 83 9.38 10.72 1.86
N ILE A 84 9.16 9.42 1.99
CA ILE A 84 8.38 8.87 3.09
C ILE A 84 8.99 9.24 4.44
N THR A 85 8.22 9.95 5.26
CA THR A 85 8.69 10.38 6.58
C THR A 85 7.57 10.27 7.62
N GLY A 86 7.00 9.08 7.74
CA GLY A 86 5.93 8.86 8.70
C GLY A 86 5.04 7.69 8.34
N ASN A 87 5.67 6.57 7.97
CA ASN A 87 4.92 5.38 7.57
C ASN A 87 3.86 5.72 6.54
N THR A 88 4.24 6.55 5.57
CA THR A 88 3.34 7.01 4.52
C THR A 88 2.96 5.89 3.55
N ILE A 89 1.78 6.04 2.96
CA ILE A 89 1.25 5.10 1.97
C ILE A 89 1.05 5.83 0.65
N CYS A 90 1.75 5.41 -0.38
CA CYS A 90 1.65 6.09 -1.67
C CYS A 90 0.86 5.29 -2.71
N LEU A 91 -0.03 5.97 -3.41
CA LEU A 91 -0.83 5.38 -4.45
C LEU A 91 -0.41 5.92 -5.81
N PHE A 92 0.35 5.13 -6.56
CA PHE A 92 0.81 5.55 -7.88
C PHE A 92 -0.10 5.00 -8.96
N ARG A 93 -0.65 5.90 -9.77
CA ARG A 93 -1.54 5.50 -10.86
C ARG A 93 -0.83 5.63 -12.20
N LEU A 94 -0.29 4.51 -12.67
CA LEU A 94 0.45 4.44 -13.93
C LEU A 94 -0.22 5.25 -15.03
N VAL A 95 -1.52 5.05 -15.22
CA VAL A 95 -2.27 5.77 -16.25
C VAL A 95 -1.93 7.25 -16.28
N ASP A 96 -2.33 7.96 -15.23
CA ASP A 96 -2.09 9.39 -15.14
C ASP A 96 -0.80 9.68 -14.39
N ASN A 97 0.05 8.66 -14.27
CA ASN A 97 1.34 8.78 -13.59
C ASN A 97 1.23 9.57 -12.29
N GLU A 98 0.08 9.48 -11.63
CA GLU A 98 -0.14 10.19 -10.37
C GLU A 98 0.56 9.49 -9.22
N GLN A 99 0.75 10.22 -8.12
CA GLN A 99 1.40 9.68 -6.94
C GLN A 99 0.85 10.32 -5.68
N LEU A 100 -0.22 9.74 -5.15
CA LEU A 100 -0.84 10.24 -3.92
C LEU A 100 0.00 9.83 -2.72
N ASN A 101 0.08 10.70 -1.71
CA ASN A 101 0.88 10.39 -0.53
C ASN A 101 0.08 10.49 0.77
N LEU A 102 -0.36 9.34 1.26
CA LEU A 102 -1.09 9.26 2.51
C LEU A 102 -0.08 9.22 3.65
N GLU A 103 0.47 10.39 3.98
CA GLU A 103 1.51 10.51 5.00
C GLU A 103 0.96 10.50 6.41
N ASP A 104 1.82 10.90 7.35
CA ASP A 104 1.50 10.94 8.78
C ASP A 104 0.13 11.55 9.05
N GLU A 105 -0.10 12.74 8.51
CA GLU A 105 -1.39 13.43 8.69
C GLU A 105 -2.57 12.50 8.45
N ASP A 106 -2.31 11.37 7.80
CA ASP A 106 -3.34 10.39 7.51
C ASP A 106 -2.95 9.00 8.03
N ILE A 107 -1.68 8.83 8.38
CA ILE A 107 -1.17 7.54 8.87
C ILE A 107 -1.29 7.42 10.40
N GLU A 108 -1.10 8.53 11.10
CA GLU A 108 -1.19 8.55 12.55
C GLU A 108 -2.45 7.85 13.03
N SER A 109 -3.60 8.30 12.53
CA SER A 109 -4.88 7.71 12.89
C SER A 109 -5.52 7.04 11.68
N ILE A 110 -4.69 6.38 10.88
CA ILE A 110 -5.17 5.69 9.67
C ILE A 110 -6.17 4.60 10.02
N ASP A 111 -7.17 4.46 9.18
CA ASP A 111 -8.20 3.43 9.35
C ASP A 111 -8.47 2.75 8.03
N ALA A 112 -8.85 1.48 8.06
CA ALA A 112 -9.13 0.74 6.84
C ALA A 112 -10.05 1.56 5.94
N THR A 113 -10.94 2.32 6.57
CA THR A 113 -11.87 3.16 5.84
C THR A 113 -11.12 4.23 5.07
N LYS A 114 -10.21 4.92 5.76
CA LYS A 114 -9.42 5.98 5.16
C LYS A 114 -8.61 5.46 3.96
N LEU A 115 -7.75 4.48 4.22
CA LEU A 115 -6.92 3.91 3.16
C LEU A 115 -7.80 3.51 1.97
N SER A 116 -8.80 2.68 2.24
CA SER A 116 -9.73 2.23 1.21
C SER A 116 -10.42 3.41 0.55
N ARG A 117 -10.59 4.49 1.31
CA ARG A 117 -11.24 5.68 0.79
C ARG A 117 -10.32 6.38 -0.20
N PHE A 118 -9.20 6.90 0.30
CA PHE A 118 -8.24 7.59 -0.55
C PHE A 118 -8.04 6.82 -1.85
N ILE A 119 -7.93 5.50 -1.73
CA ILE A 119 -7.77 4.65 -2.90
C ILE A 119 -9.01 4.74 -3.77
N GLU A 120 -10.17 4.45 -3.17
CA GLU A 120 -11.44 4.52 -3.88
C GLU A 120 -11.59 5.87 -4.56
N ILE A 121 -10.87 6.85 -4.03
CA ILE A 121 -10.91 8.21 -4.54
C ILE A 121 -9.95 8.42 -5.69
N ASN A 122 -8.78 7.78 -5.63
CA ASN A 122 -7.78 7.95 -6.68
C ASN A 122 -7.34 6.60 -7.28
N SER A 123 -8.25 5.64 -7.32
CA SER A 123 -7.94 4.33 -7.89
C SER A 123 -8.11 4.37 -9.41
N LEU A 124 -7.74 5.50 -10.00
CA LEU A 124 -7.86 5.70 -11.44
C LEU A 124 -6.60 5.21 -12.16
N GLU A 9 -20.10 -24.13 10.21
CA GLU A 9 -19.22 -24.56 9.09
C GLU A 9 -18.02 -25.35 9.62
N VAL A 10 -17.36 -24.80 10.63
CA VAL A 10 -16.19 -25.45 11.23
C VAL A 10 -16.59 -26.35 12.38
N GLU A 11 -15.84 -27.43 12.57
CA GLU A 11 -16.11 -28.38 13.64
C GLU A 11 -14.83 -28.79 14.35
N LYS A 12 -13.79 -29.05 13.56
CA LYS A 12 -12.49 -29.46 14.12
C LYS A 12 -11.77 -28.26 14.72
N SER A 13 -11.33 -27.34 13.86
CA SER A 13 -10.63 -26.15 14.30
C SER A 13 -11.50 -24.91 14.14
N SER A 14 -11.13 -23.84 14.83
CA SER A 14 -11.88 -22.58 14.77
C SER A 14 -11.01 -21.43 14.30
N ASP A 15 -11.39 -20.83 13.18
CA ASP A 15 -10.65 -19.70 12.61
C ASP A 15 -9.19 -20.08 12.37
N GLY A 16 -8.93 -20.70 11.22
CA GLY A 16 -7.58 -21.10 10.88
C GLY A 16 -6.98 -20.24 9.78
N PRO A 17 -5.63 -20.21 9.68
CA PRO A 17 -4.95 -19.40 8.65
C PRO A 17 -5.40 -19.76 7.24
N GLY A 18 -6.34 -18.98 6.72
CA GLY A 18 -6.85 -19.23 5.37
C GLY A 18 -5.82 -18.90 4.30
N ALA A 19 -5.78 -17.64 3.88
CA ALA A 19 -4.84 -17.20 2.86
C ALA A 19 -4.79 -15.68 2.80
N ALA A 20 -5.76 -15.09 2.10
CA ALA A 20 -5.84 -13.65 1.96
C ALA A 20 -4.56 -13.07 1.38
N GLN A 21 -4.61 -12.70 0.10
CA GLN A 21 -3.46 -12.13 -0.59
C GLN A 21 -2.86 -10.96 0.20
N GLU A 22 -1.53 -10.90 0.25
CA GLU A 22 -0.84 -9.83 0.97
C GLU A 22 -0.12 -8.89 0.00
N PRO A 23 0.20 -7.66 0.44
CA PRO A 23 0.87 -6.67 -0.40
C PRO A 23 2.27 -7.11 -0.80
N THR A 24 2.74 -6.59 -1.94
CA THR A 24 4.08 -6.93 -2.45
C THR A 24 5.17 -6.37 -1.55
N TRP A 25 6.33 -7.03 -1.56
CA TRP A 25 7.46 -6.60 -0.76
C TRP A 25 8.48 -5.84 -1.62
N LEU A 26 8.24 -4.55 -1.80
CA LEU A 26 9.12 -3.70 -2.60
C LEU A 26 10.33 -3.25 -1.78
N THR A 27 11.23 -4.19 -1.52
CA THR A 27 12.42 -3.90 -0.72
C THR A 27 13.41 -3.02 -1.47
N ASP A 28 13.10 -2.69 -2.72
CA ASP A 28 13.99 -1.86 -3.52
C ASP A 28 13.22 -0.87 -4.40
N VAL A 29 13.81 0.29 -4.62
CA VAL A 29 13.20 1.33 -5.45
C VAL A 29 12.84 0.82 -6.84
N PRO A 30 13.78 0.16 -7.55
CA PRO A 30 13.51 -0.37 -8.90
C PRO A 30 12.35 -1.35 -8.90
N ALA A 31 12.33 -2.25 -7.93
CA ALA A 31 11.27 -3.24 -7.83
C ALA A 31 9.94 -2.56 -7.56
N ALA A 32 10.01 -1.48 -6.80
CA ALA A 32 8.82 -0.71 -6.46
C ALA A 32 8.20 -0.12 -7.74
N MET A 33 9.00 0.68 -8.44
CA MET A 33 8.57 1.33 -9.67
C MET A 33 8.18 0.30 -10.72
N GLU A 34 8.78 -0.89 -10.65
CA GLU A 34 8.49 -1.94 -11.60
C GLU A 34 7.09 -2.50 -11.38
N PHE A 35 6.79 -2.83 -10.12
CA PHE A 35 5.47 -3.35 -9.78
C PHE A 35 4.41 -2.32 -10.11
N ILE A 36 4.76 -1.04 -9.96
CA ILE A 36 3.83 0.04 -10.27
C ILE A 36 3.71 0.20 -11.79
N ALA A 37 4.82 0.02 -12.48
CA ALA A 37 4.86 0.15 -13.93
C ALA A 37 4.19 -1.05 -14.60
N ALA A 38 4.06 -2.13 -13.85
CA ALA A 38 3.45 -3.35 -14.38
C ALA A 38 1.96 -3.40 -14.03
N THR A 39 1.35 -2.23 -13.87
CA THR A 39 -0.07 -2.15 -13.52
C THR A 39 -0.56 -0.71 -13.52
N GLU A 40 -1.86 -0.54 -13.74
CA GLU A 40 -2.45 0.79 -13.75
C GLU A 40 -2.36 1.44 -12.38
N VAL A 41 -3.29 1.10 -11.50
CA VAL A 41 -3.33 1.64 -10.16
C VAL A 41 -2.50 0.78 -9.20
N ALA A 42 -1.68 1.44 -8.38
CA ALA A 42 -0.83 0.74 -7.42
C ALA A 42 -0.80 1.43 -6.08
N VAL A 43 -1.12 0.68 -5.03
CA VAL A 43 -1.10 1.21 -3.68
C VAL A 43 -0.03 0.52 -2.87
N ILE A 44 0.82 1.31 -2.25
CA ILE A 44 1.93 0.78 -1.49
C ILE A 44 2.08 1.44 -0.12
N GLY A 45 2.36 0.61 0.88
CA GLY A 45 2.52 1.10 2.23
C GLY A 45 3.99 1.23 2.63
N PHE A 46 4.53 2.42 2.49
CA PHE A 46 5.93 2.68 2.86
C PHE A 46 6.03 2.91 4.36
N PHE A 47 6.21 1.82 5.11
CA PHE A 47 6.27 1.89 6.55
C PHE A 47 7.67 1.68 7.09
N GLN A 48 8.02 2.45 8.12
CA GLN A 48 9.31 2.34 8.77
C GLN A 48 9.22 1.30 9.90
N ASP A 49 7.99 0.84 10.11
CA ASP A 49 7.70 -0.16 11.14
C ASP A 49 6.44 -0.94 10.75
N LEU A 50 6.56 -2.25 10.64
CA LEU A 50 5.42 -3.08 10.27
C LEU A 50 4.65 -3.55 11.50
N GLU A 51 4.41 -2.63 12.42
CA GLU A 51 3.67 -2.93 13.64
C GLU A 51 2.64 -1.84 13.90
N ILE A 52 2.43 -0.99 12.91
CA ILE A 52 1.48 0.11 13.00
C ILE A 52 0.12 -0.28 12.42
N PRO A 53 -0.95 0.44 12.82
CA PRO A 53 -2.31 0.18 12.33
C PRO A 53 -2.40 0.20 10.80
N ALA A 54 -1.49 0.93 10.18
CA ALA A 54 -1.48 1.06 8.72
C ALA A 54 -1.19 -0.27 8.01
N VAL A 55 -0.33 -1.09 8.60
CA VAL A 55 0.02 -2.36 7.98
C VAL A 55 -1.19 -3.29 7.86
N PRO A 56 -1.90 -3.61 8.98
CA PRO A 56 -3.07 -4.48 8.93
C PRO A 56 -4.17 -3.90 8.05
N ILE A 57 -4.28 -2.58 8.06
CA ILE A 57 -5.28 -1.89 7.27
C ILE A 57 -4.96 -2.00 5.78
N LEU A 58 -3.68 -1.98 5.44
CA LEU A 58 -3.26 -2.11 4.04
C LEU A 58 -3.46 -3.56 3.60
N HIS A 59 -2.94 -4.49 4.38
CA HIS A 59 -3.09 -5.90 4.07
C HIS A 59 -4.58 -6.23 3.92
N SER A 60 -5.42 -5.36 4.49
CA SER A 60 -6.86 -5.53 4.43
C SER A 60 -7.41 -4.94 3.14
N MET A 61 -7.02 -3.71 2.83
CA MET A 61 -7.48 -3.06 1.60
C MET A 61 -7.10 -3.89 0.40
N VAL A 62 -6.05 -4.68 0.57
CA VAL A 62 -5.58 -5.56 -0.49
C VAL A 62 -6.70 -6.43 -1.03
N GLN A 63 -7.46 -7.02 -0.13
CA GLN A 63 -8.57 -7.87 -0.50
C GLN A 63 -9.78 -7.03 -0.88
N LYS A 64 -9.70 -5.73 -0.61
CA LYS A 64 -10.79 -4.81 -0.92
C LYS A 64 -10.59 -4.18 -2.27
N PHE A 65 -9.35 -4.24 -2.75
CA PHE A 65 -9.00 -3.67 -4.04
C PHE A 65 -8.07 -4.59 -4.84
N PRO A 66 -8.56 -5.80 -5.19
CA PRO A 66 -7.78 -6.77 -5.97
C PRO A 66 -7.23 -6.13 -7.24
N GLY A 67 -8.03 -5.26 -7.84
CA GLY A 67 -7.60 -4.57 -9.04
C GLY A 67 -6.38 -3.71 -8.77
N VAL A 68 -6.40 -3.02 -7.65
CA VAL A 68 -5.29 -2.16 -7.23
C VAL A 68 -4.06 -3.02 -6.96
N SER A 69 -2.88 -2.50 -7.27
CA SER A 69 -1.64 -3.23 -7.05
C SER A 69 -1.17 -3.08 -5.61
N PHE A 70 -1.47 -4.08 -4.80
CA PHE A 70 -1.08 -4.07 -3.40
C PHE A 70 0.44 -4.11 -3.25
N GLY A 71 0.97 -3.19 -2.46
CA GLY A 71 2.40 -3.12 -2.25
C GLY A 71 2.74 -2.65 -0.85
N ILE A 72 3.97 -2.92 -0.44
CA ILE A 72 4.43 -2.51 0.89
C ILE A 72 5.95 -2.54 0.94
N SER A 73 6.54 -1.60 1.66
CA SER A 73 7.99 -1.54 1.76
C SER A 73 8.44 -0.95 3.10
N THR A 74 9.66 -1.30 3.49
CA THR A 74 10.23 -0.81 4.74
C THR A 74 11.68 -0.41 4.53
N ASP A 75 12.16 -0.57 3.29
CA ASP A 75 13.53 -0.22 2.94
C ASP A 75 13.72 1.29 2.98
N SER A 76 14.86 1.72 3.51
CA SER A 76 15.17 3.14 3.63
C SER A 76 15.27 3.79 2.26
N GLU A 77 16.02 3.17 1.34
CA GLU A 77 16.20 3.71 0.00
C GLU A 77 14.88 4.08 -0.65
N VAL A 78 13.90 3.17 -0.55
CA VAL A 78 12.59 3.42 -1.13
C VAL A 78 11.86 4.51 -0.36
N LEU A 79 11.74 4.34 0.95
CA LEU A 79 11.07 5.31 1.79
C LEU A 79 11.75 6.68 1.67
N THR A 80 12.95 6.67 1.11
CA THR A 80 13.71 7.90 0.91
C THR A 80 13.42 8.48 -0.46
N HIS A 81 13.30 7.60 -1.45
CA HIS A 81 13.02 8.01 -2.82
C HIS A 81 11.67 8.70 -2.90
N TYR A 82 10.69 8.18 -2.16
CA TYR A 82 9.34 8.75 -2.13
C TYR A 82 9.22 9.77 -1.00
N ASN A 83 10.36 10.15 -0.43
CA ASN A 83 10.40 11.12 0.65
C ASN A 83 9.51 10.70 1.82
N ILE A 84 9.28 9.39 1.94
CA ILE A 84 8.46 8.85 3.03
C ILE A 84 9.07 9.18 4.38
N THR A 85 8.28 9.86 5.23
CA THR A 85 8.75 10.23 6.56
C THR A 85 7.63 10.13 7.59
N GLY A 86 7.08 8.92 7.74
CA GLY A 86 6.01 8.71 8.69
C GLY A 86 5.11 7.55 8.31
N ASN A 87 5.72 6.45 7.87
CA ASN A 87 4.96 5.27 7.46
C ASN A 87 3.89 5.63 6.43
N THR A 88 4.29 6.47 5.47
CA THR A 88 3.39 6.94 4.43
C THR A 88 2.97 5.85 3.45
N ILE A 89 1.78 6.01 2.89
CA ILE A 89 1.25 5.07 1.89
C ILE A 89 1.06 5.80 0.57
N CYS A 90 1.78 5.38 -0.45
CA CYS A 90 1.69 6.05 -1.75
C CYS A 90 0.89 5.26 -2.78
N LEU A 91 0.03 5.98 -3.49
CA LEU A 91 -0.80 5.39 -4.53
C LEU A 91 -0.37 5.92 -5.89
N PHE A 92 0.36 5.10 -6.64
CA PHE A 92 0.80 5.49 -7.98
C PHE A 92 -0.14 4.95 -9.04
N ARG A 93 -0.74 5.86 -9.81
CA ARG A 93 -1.69 5.46 -10.85
C ARG A 93 -1.04 5.56 -12.24
N LEU A 94 -0.28 4.52 -12.58
CA LEU A 94 0.44 4.42 -13.86
C LEU A 94 -0.21 5.25 -14.97
N VAL A 95 -1.47 4.97 -15.27
CA VAL A 95 -2.20 5.68 -16.31
C VAL A 95 -1.89 7.17 -16.33
N ASP A 96 -2.40 7.87 -15.33
CA ASP A 96 -2.17 9.31 -15.22
C ASP A 96 -0.84 9.59 -14.54
N ASN A 97 -0.11 8.51 -14.25
CA ASN A 97 1.19 8.60 -13.60
C ASN A 97 1.13 9.45 -12.33
N GLU A 98 0.00 9.40 -11.65
CA GLU A 98 -0.18 10.16 -10.41
C GLU A 98 0.52 9.47 -9.24
N GLN A 99 0.75 10.21 -8.17
CA GLN A 99 1.41 9.67 -7.00
C GLN A 99 0.87 10.31 -5.72
N LEU A 100 -0.15 9.69 -5.14
CA LEU A 100 -0.75 10.19 -3.91
C LEU A 100 0.13 9.79 -2.73
N ASN A 101 0.19 10.64 -1.71
CA ASN A 101 1.01 10.35 -0.55
C ASN A 101 0.24 10.44 0.77
N LEU A 102 -0.29 9.31 1.21
CA LEU A 102 -1.02 9.24 2.47
C LEU A 102 0.00 9.18 3.61
N GLU A 103 0.57 10.35 3.92
CA GLU A 103 1.62 10.45 4.93
C GLU A 103 1.08 10.41 6.35
N ASP A 104 1.95 10.78 7.31
CA ASP A 104 1.60 10.79 8.72
C ASP A 104 0.31 11.54 8.99
N GLU A 105 0.08 12.62 8.25
CA GLU A 105 -1.14 13.42 8.42
C GLU A 105 -2.37 12.54 8.25
N ASP A 106 -2.16 11.35 7.69
CA ASP A 106 -3.23 10.39 7.47
C ASP A 106 -2.87 9.00 8.01
N ILE A 107 -1.59 8.79 8.33
CA ILE A 107 -1.12 7.50 8.84
C ILE A 107 -1.21 7.43 10.36
N GLU A 108 -1.08 8.58 11.03
CA GLU A 108 -1.15 8.63 12.49
C GLU A 108 -2.44 8.01 13.00
N SER A 109 -3.56 8.37 12.37
CA SER A 109 -4.86 7.84 12.75
C SER A 109 -5.52 7.13 11.57
N ILE A 110 -4.70 6.43 10.80
CA ILE A 110 -5.18 5.69 9.64
C ILE A 110 -6.17 4.60 10.04
N ASP A 111 -7.16 4.39 9.20
CA ASP A 111 -8.17 3.36 9.43
C ASP A 111 -8.50 2.65 8.13
N ALA A 112 -8.88 1.39 8.21
CA ALA A 112 -9.22 0.62 7.02
C ALA A 112 -10.14 1.42 6.10
N THR A 113 -11.08 2.13 6.72
CA THR A 113 -12.02 2.97 5.98
C THR A 113 -11.28 4.06 5.23
N LYS A 114 -10.37 4.74 5.93
CA LYS A 114 -9.59 5.81 5.34
C LYS A 114 -8.78 5.34 4.14
N LEU A 115 -7.94 4.33 4.35
CA LEU A 115 -7.12 3.79 3.26
C LEU A 115 -8.01 3.45 2.07
N SER A 116 -8.99 2.59 2.31
CA SER A 116 -9.91 2.17 1.25
C SER A 116 -10.61 3.37 0.63
N ARG A 117 -10.79 4.43 1.42
CA ARG A 117 -11.43 5.64 0.94
C ARG A 117 -10.51 6.37 -0.03
N PHE A 118 -9.38 6.85 0.49
CA PHE A 118 -8.40 7.55 -0.33
C PHE A 118 -8.22 6.83 -1.67
N ILE A 119 -8.13 5.51 -1.59
CA ILE A 119 -7.99 4.69 -2.79
C ILE A 119 -9.21 4.87 -3.67
N GLU A 120 -10.38 4.60 -3.09
CA GLU A 120 -11.64 4.73 -3.81
C GLU A 120 -11.76 6.13 -4.39
N ILE A 121 -10.97 7.06 -3.85
CA ILE A 121 -10.97 8.44 -4.29
C ILE A 121 -10.00 8.68 -5.43
N ASN A 122 -8.86 8.00 -5.42
CA ASN A 122 -7.86 8.17 -6.47
C ASN A 122 -7.45 6.84 -7.11
N SER A 123 -8.38 5.89 -7.17
CA SER A 123 -8.11 4.60 -7.78
C SER A 123 -8.33 4.69 -9.29
N LEU A 124 -7.79 5.74 -9.89
CA LEU A 124 -7.92 5.97 -11.31
C LEU A 124 -6.71 5.45 -12.09
N GLU A 9 -5.69 -28.96 -13.02
CA GLU A 9 -6.93 -28.22 -12.68
C GLU A 9 -7.18 -28.21 -11.18
N VAL A 10 -6.16 -28.60 -10.41
CA VAL A 10 -6.27 -28.63 -8.96
C VAL A 10 -6.52 -27.24 -8.40
N GLU A 11 -7.28 -27.17 -7.31
CA GLU A 11 -7.60 -25.90 -6.68
C GLU A 11 -7.88 -26.09 -5.19
N LYS A 12 -6.85 -25.94 -4.38
CA LYS A 12 -6.98 -26.09 -2.93
C LYS A 12 -7.18 -24.72 -2.27
N SER A 13 -7.60 -23.74 -3.06
CA SER A 13 -7.84 -22.38 -2.57
C SER A 13 -6.56 -21.77 -2.02
N SER A 14 -6.27 -22.01 -0.75
CA SER A 14 -5.07 -21.48 -0.11
C SER A 14 -4.53 -22.44 0.93
N ASP A 15 -3.21 -22.55 1.00
CA ASP A 15 -2.56 -23.44 1.96
C ASP A 15 -2.30 -22.73 3.28
N GLY A 16 -3.37 -22.32 3.94
CA GLY A 16 -3.26 -21.63 5.21
C GLY A 16 -4.28 -20.52 5.37
N PRO A 17 -5.42 -20.79 6.02
CA PRO A 17 -6.48 -19.79 6.23
C PRO A 17 -5.99 -18.61 7.07
N GLY A 18 -6.46 -17.42 6.72
CA GLY A 18 -6.08 -16.22 7.45
C GLY A 18 -4.94 -15.48 6.79
N ALA A 19 -5.09 -15.19 5.49
CA ALA A 19 -4.08 -14.48 4.74
C ALA A 19 -4.61 -14.07 3.38
N ALA A 20 -5.00 -15.08 2.58
CA ALA A 20 -5.54 -14.85 1.24
C ALA A 20 -4.52 -14.16 0.34
N GLN A 21 -4.41 -12.84 0.45
CA GLN A 21 -3.47 -12.09 -0.35
C GLN A 21 -2.84 -10.95 0.45
N GLU A 22 -1.54 -10.78 0.31
CA GLU A 22 -0.81 -9.73 1.03
C GLU A 22 -0.09 -8.80 0.05
N PRO A 23 0.24 -7.57 0.48
CA PRO A 23 0.93 -6.59 -0.37
C PRO A 23 2.35 -7.01 -0.70
N THR A 24 2.76 -6.73 -1.94
CA THR A 24 4.10 -7.07 -2.41
C THR A 24 5.17 -6.46 -1.52
N TRP A 25 6.34 -7.12 -1.48
CA TRP A 25 7.46 -6.66 -0.67
C TRP A 25 8.47 -5.90 -1.53
N LEU A 26 8.21 -4.62 -1.76
CA LEU A 26 9.09 -3.78 -2.57
C LEU A 26 10.27 -3.30 -1.73
N THR A 27 11.20 -4.21 -1.45
CA THR A 27 12.38 -3.88 -0.65
C THR A 27 13.37 -3.02 -1.41
N ASP A 28 13.09 -2.78 -2.70
CA ASP A 28 13.99 -1.98 -3.51
C ASP A 28 13.22 -0.98 -4.38
N VAL A 29 13.83 0.17 -4.62
CA VAL A 29 13.20 1.22 -5.43
C VAL A 29 12.84 0.71 -6.82
N PRO A 30 13.76 0.04 -7.53
CA PRO A 30 13.47 -0.49 -8.88
C PRO A 30 12.29 -1.45 -8.87
N ALA A 31 12.29 -2.37 -7.91
CA ALA A 31 11.22 -3.35 -7.80
C ALA A 31 9.90 -2.65 -7.52
N ALA A 32 9.98 -1.58 -6.75
CA ALA A 32 8.80 -0.80 -6.39
C ALA A 32 8.19 -0.17 -7.63
N MET A 33 9.00 0.63 -8.32
CA MET A 33 8.57 1.30 -9.55
C MET A 33 8.15 0.30 -10.60
N GLU A 34 8.72 -0.90 -10.55
CA GLU A 34 8.39 -1.95 -11.52
C GLU A 34 6.99 -2.48 -11.28
N PHE A 35 6.70 -2.85 -10.04
CA PHE A 35 5.39 -3.35 -9.70
C PHE A 35 4.33 -2.29 -9.98
N ILE A 36 4.71 -1.03 -9.83
CA ILE A 36 3.80 0.08 -10.10
C ILE A 36 3.63 0.24 -11.61
N ALA A 37 4.72 0.02 -12.33
CA ALA A 37 4.71 0.14 -13.79
C ALA A 37 3.98 -1.03 -14.43
N ALA A 38 3.85 -2.11 -13.67
CA ALA A 38 3.18 -3.31 -14.16
C ALA A 38 1.71 -3.32 -13.78
N THR A 39 1.13 -2.13 -13.66
CA THR A 39 -0.28 -1.99 -13.30
C THR A 39 -0.77 -0.56 -13.48
N GLU A 40 -2.06 -0.41 -13.73
CA GLU A 40 -2.68 0.89 -13.93
C GLU A 40 -2.74 1.66 -12.61
N VAL A 41 -3.08 0.95 -11.54
CA VAL A 41 -3.17 1.55 -10.22
C VAL A 41 -2.37 0.73 -9.21
N ALA A 42 -1.57 1.41 -8.39
CA ALA A 42 -0.75 0.71 -7.40
C ALA A 42 -0.74 1.43 -6.06
N VAL A 43 -1.02 0.66 -5.01
CA VAL A 43 -1.02 1.20 -3.65
C VAL A 43 0.05 0.52 -2.84
N ILE A 44 0.90 1.31 -2.22
CA ILE A 44 2.01 0.77 -1.44
C ILE A 44 2.16 1.43 -0.07
N GLY A 45 2.39 0.60 0.94
CA GLY A 45 2.54 1.08 2.29
C GLY A 45 4.00 1.20 2.71
N PHE A 46 4.54 2.41 2.59
CA PHE A 46 5.93 2.67 2.97
C PHE A 46 6.01 2.91 4.46
N PHE A 47 6.25 1.83 5.21
CA PHE A 47 6.31 1.93 6.67
C PHE A 47 7.71 1.68 7.21
N GLN A 48 8.11 2.48 8.19
CA GLN A 48 9.40 2.34 8.83
C GLN A 48 9.29 1.29 9.94
N ASP A 49 8.05 0.91 10.21
CA ASP A 49 7.73 -0.08 11.23
C ASP A 49 6.46 -0.84 10.86
N LEU A 50 6.57 -2.15 10.68
CA LEU A 50 5.42 -2.96 10.29
C LEU A 50 4.63 -3.43 11.52
N GLU A 51 4.42 -2.52 12.46
CA GLU A 51 3.66 -2.82 13.68
C GLU A 51 2.62 -1.73 13.92
N ILE A 52 2.42 -0.89 12.92
CA ILE A 52 1.46 0.20 13.00
C ILE A 52 0.10 -0.19 12.43
N PRO A 53 -0.96 0.55 12.77
CA PRO A 53 -2.31 0.29 12.28
C PRO A 53 -2.39 0.29 10.76
N ALA A 54 -1.47 1.01 10.12
CA ALA A 54 -1.44 1.11 8.67
C ALA A 54 -1.15 -0.22 7.98
N VAL A 55 -0.26 -1.01 8.57
CA VAL A 55 0.10 -2.30 7.98
C VAL A 55 -1.12 -3.23 7.85
N PRO A 56 -1.85 -3.50 8.94
CA PRO A 56 -3.04 -4.37 8.89
C PRO A 56 -4.11 -3.79 7.96
N ILE A 57 -4.29 -2.48 8.06
CA ILE A 57 -5.27 -1.77 7.24
C ILE A 57 -4.95 -1.90 5.76
N LEU A 58 -3.66 -1.95 5.43
CA LEU A 58 -3.25 -2.10 4.04
C LEU A 58 -3.46 -3.54 3.61
N HIS A 59 -2.94 -4.48 4.39
CA HIS A 59 -3.10 -5.90 4.09
C HIS A 59 -4.58 -6.22 3.92
N SER A 60 -5.43 -5.41 4.56
CA SER A 60 -6.87 -5.58 4.48
C SER A 60 -7.42 -4.95 3.21
N MET A 61 -6.98 -3.72 2.92
CA MET A 61 -7.43 -3.02 1.72
C MET A 61 -7.08 -3.84 0.49
N VAL A 62 -6.03 -4.67 0.64
CA VAL A 62 -5.57 -5.52 -0.43
C VAL A 62 -6.72 -6.36 -0.99
N GLN A 63 -7.51 -6.94 -0.10
CA GLN A 63 -8.64 -7.76 -0.50
C GLN A 63 -9.83 -6.90 -0.87
N LYS A 64 -9.73 -5.60 -0.56
CA LYS A 64 -10.80 -4.66 -0.86
C LYS A 64 -10.56 -4.00 -2.21
N PHE A 65 -9.33 -4.10 -2.69
CA PHE A 65 -8.95 -3.52 -3.97
C PHE A 65 -8.03 -4.44 -4.77
N PRO A 66 -8.53 -5.64 -5.16
CA PRO A 66 -7.75 -6.60 -5.95
C PRO A 66 -7.16 -5.97 -7.19
N GLY A 67 -7.99 -5.19 -7.90
CA GLY A 67 -7.52 -4.52 -9.10
C GLY A 67 -6.29 -3.68 -8.82
N VAL A 68 -6.31 -3.00 -7.68
CA VAL A 68 -5.20 -2.16 -7.27
C VAL A 68 -3.99 -3.03 -6.95
N SER A 69 -2.79 -2.53 -7.27
CA SER A 69 -1.57 -3.29 -7.02
C SER A 69 -1.12 -3.14 -5.58
N PHE A 70 -1.46 -4.12 -4.76
CA PHE A 70 -1.09 -4.11 -3.35
C PHE A 70 0.42 -4.18 -3.20
N GLY A 71 0.98 -3.24 -2.44
CA GLY A 71 2.40 -3.21 -2.22
C GLY A 71 2.75 -2.70 -0.84
N ILE A 72 3.98 -2.96 -0.42
CA ILE A 72 4.44 -2.52 0.88
C ILE A 72 5.97 -2.53 0.93
N SER A 73 6.55 -1.57 1.65
CA SER A 73 8.00 -1.47 1.74
C SER A 73 8.44 -0.88 3.07
N THR A 74 9.64 -1.24 3.50
CA THR A 74 10.20 -0.75 4.75
C THR A 74 11.66 -0.35 4.56
N ASP A 75 12.16 -0.53 3.35
CA ASP A 75 13.54 -0.19 3.03
C ASP A 75 13.75 1.31 3.07
N SER A 76 14.92 1.73 3.54
CA SER A 76 15.25 3.14 3.65
C SER A 76 15.34 3.79 2.26
N GLU A 77 16.09 3.16 1.36
CA GLU A 77 16.26 3.69 0.01
C GLU A 77 14.92 4.02 -0.64
N VAL A 78 13.96 3.11 -0.52
CA VAL A 78 12.65 3.33 -1.11
C VAL A 78 11.90 4.43 -0.35
N LEU A 79 11.80 4.28 0.96
CA LEU A 79 11.14 5.27 1.79
C LEU A 79 11.79 6.63 1.63
N THR A 80 12.99 6.64 1.06
CA THR A 80 13.72 7.87 0.82
C THR A 80 13.38 8.42 -0.56
N HIS A 81 13.29 7.53 -1.54
CA HIS A 81 12.96 7.90 -2.90
C HIS A 81 11.60 8.57 -2.96
N TYR A 82 10.65 8.03 -2.20
CA TYR A 82 9.30 8.58 -2.15
C TYR A 82 9.17 9.63 -1.06
N ASN A 83 10.32 10.03 -0.51
CA ASN A 83 10.35 11.04 0.56
C ASN A 83 9.48 10.64 1.74
N ILE A 84 9.27 9.33 1.89
CA ILE A 84 8.46 8.80 2.99
C ILE A 84 9.06 9.17 4.34
N THR A 85 8.29 9.90 5.15
CA THR A 85 8.75 10.32 6.47
C THR A 85 7.62 10.23 7.49
N GLY A 86 7.06 9.04 7.65
CA GLY A 86 5.98 8.85 8.60
C GLY A 86 5.10 7.66 8.25
N ASN A 87 5.71 6.56 7.85
CA ASN A 87 4.97 5.36 7.48
C ASN A 87 3.91 5.70 6.44
N THR A 88 4.29 6.53 5.48
CA THR A 88 3.40 6.99 4.42
C THR A 88 3.01 5.87 3.45
N ILE A 89 1.84 6.02 2.84
CA ILE A 89 1.32 5.08 1.86
C ILE A 89 1.11 5.81 0.54
N CYS A 90 1.84 5.40 -0.51
CA CYS A 90 1.71 6.07 -1.79
C CYS A 90 0.93 5.27 -2.82
N LEU A 91 -0.02 5.95 -3.45
CA LEU A 91 -0.84 5.35 -4.49
C LEU A 91 -0.42 5.91 -5.85
N PHE A 92 0.35 5.13 -6.59
CA PHE A 92 0.81 5.55 -7.91
C PHE A 92 -0.09 5.01 -9.00
N ARG A 93 -0.68 5.91 -9.77
CA ARG A 93 -1.58 5.51 -10.87
C ARG A 93 -0.86 5.65 -12.20
N LEU A 94 -0.35 4.53 -12.69
CA LEU A 94 0.39 4.46 -13.95
C LEU A 94 -0.26 5.29 -15.05
N VAL A 95 -1.56 5.08 -15.28
CA VAL A 95 -2.29 5.82 -16.30
C VAL A 95 -1.97 7.31 -16.30
N ASP A 96 -2.33 7.98 -15.22
CA ASP A 96 -2.10 9.42 -15.11
C ASP A 96 -0.81 9.71 -14.35
N ASN A 97 0.04 8.70 -14.23
CA ASN A 97 1.32 8.83 -13.55
C ASN A 97 1.20 9.63 -12.24
N GLU A 98 0.05 9.50 -11.58
CA GLU A 98 -0.18 10.22 -10.32
C GLU A 98 0.49 9.53 -9.16
N GLN A 99 0.66 10.26 -8.07
CA GLN A 99 1.29 9.73 -6.87
C GLN A 99 0.69 10.37 -5.61
N LEU A 100 -0.29 9.69 -5.02
CA LEU A 100 -0.94 10.17 -3.82
C LEU A 100 -0.16 9.75 -2.58
N ASN A 101 0.30 10.72 -1.80
CA ASN A 101 1.08 10.42 -0.62
C ASN A 101 0.26 10.49 0.67
N LEU A 102 -0.19 9.34 1.13
CA LEU A 102 -0.95 9.24 2.38
C LEU A 102 0.05 9.20 3.53
N GLU A 103 0.58 10.38 3.88
CA GLU A 103 1.60 10.48 4.92
C GLU A 103 1.02 10.45 6.33
N ASP A 104 1.85 10.87 7.29
CA ASP A 104 1.48 10.88 8.70
C ASP A 104 0.15 11.60 8.94
N GLU A 105 -0.11 12.65 8.18
CA GLU A 105 -1.35 13.40 8.32
C GLU A 105 -2.55 12.48 8.12
N ASP A 106 -2.28 11.30 7.57
CA ASP A 106 -3.31 10.30 7.31
C ASP A 106 -2.90 8.93 7.87
N ILE A 107 -1.63 8.77 8.23
CA ILE A 107 -1.13 7.51 8.77
C ILE A 107 -1.23 7.47 10.29
N GLU A 108 -1.16 8.64 10.94
CA GLU A 108 -1.24 8.73 12.38
C GLU A 108 -2.47 8.00 12.91
N SER A 109 -3.63 8.33 12.34
CA SER A 109 -4.88 7.70 12.74
C SER A 109 -5.54 7.02 11.55
N ILE A 110 -4.72 6.36 10.72
CA ILE A 110 -5.20 5.67 9.55
C ILE A 110 -6.19 4.56 9.91
N ASP A 111 -7.21 4.40 9.09
CA ASP A 111 -8.22 3.37 9.29
C ASP A 111 -8.50 2.66 7.97
N ALA A 112 -8.87 1.39 8.02
CA ALA A 112 -9.16 0.64 6.81
C ALA A 112 -10.11 1.43 5.91
N THR A 113 -11.03 2.14 6.53
CA THR A 113 -11.98 2.96 5.80
C THR A 113 -11.26 4.05 5.03
N LYS A 114 -10.33 4.71 5.71
CA LYS A 114 -9.54 5.78 5.10
C LYS A 114 -8.75 5.27 3.91
N LEU A 115 -7.84 4.33 4.15
CA LEU A 115 -7.03 3.76 3.07
C LEU A 115 -7.91 3.39 1.89
N SER A 116 -8.92 2.56 2.16
CA SER A 116 -9.85 2.12 1.12
C SER A 116 -10.54 3.32 0.47
N ARG A 117 -10.73 4.38 1.25
CA ARG A 117 -11.38 5.58 0.76
C ARG A 117 -10.46 6.31 -0.21
N PHE A 118 -9.34 6.81 0.31
CA PHE A 118 -8.36 7.52 -0.51
C PHE A 118 -8.15 6.79 -1.82
N ILE A 119 -8.04 5.47 -1.74
CA ILE A 119 -7.88 4.65 -2.93
C ILE A 119 -9.10 4.79 -3.82
N GLU A 120 -10.26 4.50 -3.24
CA GLU A 120 -11.53 4.60 -3.97
C GLU A 120 -11.68 5.99 -4.56
N ILE A 121 -10.90 6.93 -4.04
CA ILE A 121 -10.93 8.31 -4.48
C ILE A 121 -9.96 8.55 -5.64
N ASN A 122 -8.80 7.90 -5.60
CA ASN A 122 -7.79 8.07 -6.65
C ASN A 122 -7.36 6.74 -7.25
N SER A 123 -8.27 5.78 -7.34
CA SER A 123 -7.97 4.49 -7.93
C SER A 123 -8.14 4.54 -9.44
N LEU A 124 -7.73 5.66 -10.02
CA LEU A 124 -7.84 5.87 -11.45
C LEU A 124 -6.60 5.35 -12.19
N GLU A 9 -14.85 -29.54 1.47
CA GLU A 9 -14.04 -30.03 0.33
C GLU A 9 -12.66 -29.40 0.32
N VAL A 10 -12.26 -28.86 1.47
CA VAL A 10 -10.96 -28.21 1.60
C VAL A 10 -10.00 -29.07 2.42
N GLU A 11 -8.73 -29.07 2.03
CA GLU A 11 -7.72 -29.84 2.74
C GLU A 11 -6.33 -29.24 2.53
N LYS A 12 -6.11 -28.64 1.36
CA LYS A 12 -4.83 -28.03 1.05
C LYS A 12 -4.45 -26.97 2.07
N SER A 13 -3.22 -27.04 2.58
CA SER A 13 -2.72 -26.11 3.57
C SER A 13 -3.72 -25.90 4.70
N SER A 14 -3.69 -26.81 5.67
CA SER A 14 -4.59 -26.73 6.82
C SER A 14 -3.96 -25.94 7.96
N ASP A 15 -3.50 -24.73 7.64
CA ASP A 15 -2.87 -23.86 8.64
C ASP A 15 -3.39 -22.43 8.52
N GLY A 16 -4.68 -22.30 8.26
CA GLY A 16 -5.29 -20.98 8.13
C GLY A 16 -6.51 -21.00 7.23
N PRO A 17 -7.71 -20.73 7.78
CA PRO A 17 -8.96 -20.72 6.99
C PRO A 17 -8.89 -19.76 5.81
N GLY A 18 -8.67 -20.30 4.62
CA GLY A 18 -8.59 -19.47 3.43
C GLY A 18 -7.17 -19.17 3.02
N ALA A 19 -6.90 -17.91 2.71
CA ALA A 19 -5.57 -17.49 2.30
C ALA A 19 -5.42 -15.98 2.43
N ALA A 20 -6.27 -15.25 1.73
CA ALA A 20 -6.25 -13.79 1.77
C ALA A 20 -4.92 -13.23 1.28
N GLN A 21 -4.93 -12.69 0.07
CA GLN A 21 -3.73 -12.11 -0.54
C GLN A 21 -3.09 -11.05 0.36
N GLU A 22 -1.85 -10.71 0.07
CA GLU A 22 -1.11 -9.72 0.85
C GLU A 22 -0.30 -8.80 -0.08
N PRO A 23 0.07 -7.59 0.39
CA PRO A 23 0.83 -6.63 -0.42
C PRO A 23 2.25 -7.12 -0.74
N THR A 24 2.76 -6.74 -1.90
CA THR A 24 4.10 -7.14 -2.33
C THR A 24 5.18 -6.47 -1.49
N TRP A 25 6.34 -7.11 -1.41
CA TRP A 25 7.46 -6.59 -0.64
C TRP A 25 8.45 -5.85 -1.55
N LEU A 26 8.20 -4.55 -1.75
CA LEU A 26 9.08 -3.73 -2.58
C LEU A 26 10.29 -3.27 -1.77
N THR A 27 11.17 -4.21 -1.47
CA THR A 27 12.37 -3.94 -0.68
C THR A 27 13.37 -3.06 -1.41
N ASP A 28 13.05 -2.66 -2.64
CA ASP A 28 13.95 -1.82 -3.42
C ASP A 28 13.19 -0.85 -4.31
N VAL A 29 13.77 0.33 -4.52
CA VAL A 29 13.15 1.35 -5.36
C VAL A 29 12.80 0.82 -6.75
N PRO A 30 13.77 0.15 -7.44
CA PRO A 30 13.51 -0.41 -8.77
C PRO A 30 12.34 -1.37 -8.78
N ALA A 31 12.31 -2.28 -7.82
CA ALA A 31 11.24 -3.27 -7.74
C ALA A 31 9.91 -2.58 -7.47
N ALA A 32 9.96 -1.51 -6.72
CA ALA A 32 8.77 -0.73 -6.39
C ALA A 32 8.20 -0.11 -7.66
N MET A 33 9.01 0.69 -8.33
CA MET A 33 8.61 1.37 -9.55
C MET A 33 8.24 0.36 -10.64
N GLU A 34 8.83 -0.83 -10.57
CA GLU A 34 8.55 -1.88 -11.54
C GLU A 34 7.16 -2.43 -11.36
N PHE A 35 6.84 -2.81 -10.11
CA PHE A 35 5.52 -3.34 -9.80
C PHE A 35 4.45 -2.31 -10.15
N ILE A 36 4.78 -1.04 -9.95
CA ILE A 36 3.85 0.03 -10.26
C ILE A 36 3.75 0.19 -11.78
N ALA A 37 4.88 0.02 -12.46
CA ALA A 37 4.93 0.15 -13.91
C ALA A 37 4.29 -1.05 -14.58
N ALA A 38 4.13 -2.14 -13.83
CA ALA A 38 3.53 -3.35 -14.35
C ALA A 38 2.05 -3.45 -13.99
N THR A 39 1.43 -2.29 -13.78
CA THR A 39 0.02 -2.25 -13.42
C THR A 39 -0.53 -0.83 -13.48
N GLU A 40 -1.82 -0.70 -13.75
CA GLU A 40 -2.48 0.59 -13.82
C GLU A 40 -2.41 1.32 -12.49
N VAL A 41 -3.25 0.89 -11.54
CA VAL A 41 -3.28 1.49 -10.22
C VAL A 41 -2.45 0.67 -9.25
N ALA A 42 -1.69 1.34 -8.39
CA ALA A 42 -0.83 0.67 -7.42
C ALA A 42 -0.80 1.38 -6.09
N VAL A 43 -1.15 0.65 -5.03
CA VAL A 43 -1.14 1.20 -3.69
C VAL A 43 -0.05 0.53 -2.88
N ILE A 44 0.78 1.34 -2.23
CA ILE A 44 1.90 0.82 -1.48
C ILE A 44 2.05 1.47 -0.11
N GLY A 45 2.32 0.65 0.89
CA GLY A 45 2.49 1.14 2.24
C GLY A 45 3.96 1.27 2.62
N PHE A 46 4.51 2.48 2.49
CA PHE A 46 5.90 2.73 2.85
C PHE A 46 6.02 2.98 4.35
N PHE A 47 6.23 1.90 5.10
CA PHE A 47 6.32 1.98 6.56
C PHE A 47 7.73 1.73 7.06
N GLN A 48 8.09 2.43 8.14
CA GLN A 48 9.39 2.25 8.76
C GLN A 48 9.29 1.20 9.85
N ASP A 49 8.05 0.77 10.10
CA ASP A 49 7.75 -0.23 11.10
C ASP A 49 6.49 -0.99 10.70
N LEU A 50 6.59 -2.31 10.56
CA LEU A 50 5.45 -3.12 10.16
C LEU A 50 4.67 -3.61 11.38
N GLU A 51 4.42 -2.69 12.30
CA GLU A 51 3.67 -3.02 13.51
C GLU A 51 2.65 -1.92 13.79
N ILE A 52 2.53 -1.00 12.85
CA ILE A 52 1.60 0.12 12.96
C ILE A 52 0.23 -0.24 12.39
N PRO A 53 -0.83 0.46 12.81
CA PRO A 53 -2.20 0.22 12.33
C PRO A 53 -2.31 0.26 10.81
N ALA A 54 -1.40 0.98 10.18
CA ALA A 54 -1.41 1.12 8.73
C ALA A 54 -1.13 -0.20 8.01
N VAL A 55 -0.26 -1.02 8.59
CA VAL A 55 0.09 -2.30 7.97
C VAL A 55 -1.14 -3.21 7.85
N PRO A 56 -1.85 -3.53 8.95
CA PRO A 56 -3.03 -4.38 8.89
C PRO A 56 -4.10 -3.79 8.00
N ILE A 57 -4.28 -2.49 8.11
CA ILE A 57 -5.27 -1.76 7.32
C ILE A 57 -4.97 -1.88 5.83
N LEU A 58 -3.69 -1.91 5.48
CA LEU A 58 -3.29 -2.05 4.09
C LEU A 58 -3.53 -3.48 3.63
N HIS A 59 -2.99 -4.44 4.37
CA HIS A 59 -3.18 -5.84 4.04
C HIS A 59 -4.67 -6.15 3.91
N SER A 60 -5.48 -5.35 4.59
CA SER A 60 -6.93 -5.50 4.57
C SER A 60 -7.51 -4.87 3.32
N MET A 61 -7.07 -3.65 3.00
CA MET A 61 -7.56 -2.94 1.82
C MET A 61 -7.23 -3.75 0.57
N VAL A 62 -6.17 -4.56 0.67
CA VAL A 62 -5.74 -5.40 -0.43
C VAL A 62 -6.89 -6.24 -0.96
N GLN A 63 -7.58 -6.91 -0.04
CA GLN A 63 -8.71 -7.76 -0.41
C GLN A 63 -9.92 -6.91 -0.77
N LYS A 64 -9.82 -5.61 -0.51
CA LYS A 64 -10.91 -4.69 -0.80
C LYS A 64 -10.68 -4.04 -2.16
N PHE A 65 -9.44 -4.10 -2.62
CA PHE A 65 -9.06 -3.52 -3.91
C PHE A 65 -8.17 -4.47 -4.71
N PRO A 66 -8.69 -5.66 -5.08
CA PRO A 66 -7.94 -6.64 -5.86
C PRO A 66 -7.35 -6.03 -7.13
N GLY A 67 -8.17 -5.22 -7.79
CA GLY A 67 -7.72 -4.56 -9.01
C GLY A 67 -6.50 -3.71 -8.77
N VAL A 68 -6.46 -3.07 -7.60
CA VAL A 68 -5.34 -2.22 -7.22
C VAL A 68 -4.11 -3.08 -6.93
N SER A 69 -2.93 -2.56 -7.27
CA SER A 69 -1.69 -3.30 -7.04
C SER A 69 -1.22 -3.14 -5.60
N PHE A 70 -1.52 -4.13 -4.78
CA PHE A 70 -1.13 -4.12 -3.37
C PHE A 70 0.38 -4.16 -3.22
N GLY A 71 0.92 -3.21 -2.48
CA GLY A 71 2.35 -3.16 -2.25
C GLY A 71 2.70 -2.65 -0.88
N ILE A 72 3.91 -2.92 -0.44
CA ILE A 72 4.38 -2.49 0.88
C ILE A 72 5.90 -2.53 0.92
N SER A 73 6.50 -1.58 1.62
CA SER A 73 7.95 -1.51 1.72
C SER A 73 8.40 -0.92 3.05
N THR A 74 9.63 -1.23 3.42
CA THR A 74 10.22 -0.74 4.66
C THR A 74 11.67 -0.33 4.44
N ASP A 75 12.14 -0.49 3.20
CA ASP A 75 13.50 -0.14 2.84
C ASP A 75 13.70 1.37 2.89
N SER A 76 14.83 1.79 3.46
CA SER A 76 15.13 3.21 3.59
C SER A 76 15.22 3.89 2.23
N GLU A 77 16.01 3.31 1.32
CA GLU A 77 16.18 3.87 -0.01
C GLU A 77 14.84 4.19 -0.67
N VAL A 78 13.88 3.29 -0.50
CA VAL A 78 12.56 3.50 -1.09
C VAL A 78 11.81 4.61 -0.35
N LEU A 79 11.68 4.44 0.97
CA LEU A 79 11.01 5.43 1.79
C LEU A 79 11.68 6.78 1.67
N THR A 80 12.88 6.78 1.10
CA THR A 80 13.64 8.01 0.89
C THR A 80 13.33 8.58 -0.49
N HIS A 81 13.26 7.69 -1.48
CA HIS A 81 12.97 8.09 -2.85
C HIS A 81 11.62 8.79 -2.92
N TYR A 82 10.64 8.26 -2.18
CA TYR A 82 9.30 8.83 -2.17
C TYR A 82 9.19 9.87 -1.05
N ASN A 83 10.32 10.20 -0.43
CA ASN A 83 10.34 11.19 0.65
C ASN A 83 9.45 10.78 1.81
N ILE A 84 9.21 9.48 1.94
CA ILE A 84 8.39 8.95 3.01
C ILE A 84 8.98 9.28 4.38
N THR A 85 8.23 10.01 5.20
CA THR A 85 8.69 10.39 6.52
C THR A 85 7.57 10.27 7.56
N GLY A 86 6.99 9.08 7.65
CA GLY A 86 5.90 8.85 8.59
C GLY A 86 5.04 7.67 8.22
N ASN A 87 5.67 6.57 7.83
CA ASN A 87 4.94 5.37 7.44
C ASN A 87 3.86 5.71 6.42
N THR A 88 4.24 6.55 5.46
CA THR A 88 3.32 7.01 4.42
C THR A 88 2.93 5.89 3.45
N ILE A 89 1.73 6.04 2.87
CA ILE A 89 1.21 5.09 1.89
C ILE A 89 0.99 5.81 0.57
N CYS A 90 1.74 5.42 -0.47
CA CYS A 90 1.63 6.08 -1.76
C CYS A 90 0.85 5.28 -2.78
N LEU A 91 -0.07 5.96 -3.46
CA LEU A 91 -0.88 5.37 -4.50
C LEU A 91 -0.45 5.89 -5.88
N PHE A 92 0.26 5.06 -6.63
CA PHE A 92 0.73 5.46 -7.95
C PHE A 92 -0.20 4.89 -9.04
N ARG A 93 -0.77 5.78 -9.84
CA ARG A 93 -1.69 5.37 -10.91
C ARG A 93 -1.01 5.45 -12.27
N LEU A 94 -0.23 4.41 -12.59
CA LEU A 94 0.53 4.32 -13.85
C LEU A 94 -0.10 5.13 -14.98
N VAL A 95 -1.34 4.80 -15.32
CA VAL A 95 -2.05 5.50 -16.40
C VAL A 95 -1.77 6.99 -16.41
N ASP A 96 -2.07 7.65 -15.30
CA ASP A 96 -1.86 9.08 -15.18
C ASP A 96 -0.55 9.38 -14.45
N ASN A 97 0.19 8.31 -14.13
CA ASN A 97 1.47 8.41 -13.44
C ASN A 97 1.35 9.24 -12.16
N GLU A 98 0.14 9.36 -11.64
CA GLU A 98 -0.10 10.11 -10.41
C GLU A 98 0.56 9.43 -9.23
N GLN A 99 0.89 10.21 -8.20
CA GLN A 99 1.50 9.67 -7.00
C GLN A 99 0.91 10.32 -5.76
N LEU A 100 -0.16 9.72 -5.25
CA LEU A 100 -0.82 10.23 -4.06
C LEU A 100 -0.02 9.82 -2.83
N ASN A 101 0.06 10.71 -1.85
CA ASN A 101 0.82 10.42 -0.64
C ASN A 101 -0.02 10.51 0.62
N LEU A 102 -0.28 9.34 1.20
CA LEU A 102 -1.04 9.25 2.45
C LEU A 102 -0.05 9.22 3.61
N GLU A 103 0.51 10.38 3.93
CA GLU A 103 1.53 10.49 4.97
C GLU A 103 0.96 10.46 6.38
N ASP A 104 1.81 10.86 7.34
CA ASP A 104 1.46 10.89 8.76
C ASP A 104 0.09 11.50 9.01
N GLU A 105 -0.14 12.69 8.47
CA GLU A 105 -1.42 13.38 8.64
C GLU A 105 -2.59 12.45 8.35
N ASP A 106 -2.31 11.31 7.72
CA ASP A 106 -3.32 10.33 7.38
C ASP A 106 -2.93 8.94 7.90
N ILE A 107 -1.67 8.77 8.29
CA ILE A 107 -1.18 7.49 8.79
C ILE A 107 -1.30 7.38 10.31
N GLU A 108 -1.04 8.48 11.01
CA GLU A 108 -1.12 8.51 12.46
C GLU A 108 -2.46 7.95 12.94
N SER A 109 -3.53 8.41 12.31
CA SER A 109 -4.88 7.97 12.65
C SER A 109 -5.52 7.24 11.47
N ILE A 110 -4.72 6.45 10.77
CA ILE A 110 -5.20 5.71 9.61
C ILE A 110 -6.18 4.63 10.01
N ASP A 111 -7.17 4.41 9.15
CA ASP A 111 -8.18 3.38 9.37
C ASP A 111 -8.48 2.67 8.06
N ALA A 112 -8.83 1.39 8.13
CA ALA A 112 -9.12 0.63 6.92
C ALA A 112 -10.07 1.42 6.02
N THR A 113 -11.00 2.13 6.65
CA THR A 113 -11.96 2.95 5.91
C THR A 113 -11.24 4.05 5.15
N LYS A 114 -10.33 4.74 5.84
CA LYS A 114 -9.57 5.83 5.24
C LYS A 114 -8.75 5.34 4.04
N LEU A 115 -7.87 4.37 4.28
CA LEU A 115 -7.04 3.83 3.21
C LEU A 115 -7.90 3.45 2.02
N SER A 116 -8.89 2.61 2.27
CA SER A 116 -9.81 2.15 1.23
C SER A 116 -10.52 3.34 0.57
N ARG A 117 -10.71 4.40 1.35
CA ARG A 117 -11.36 5.61 0.85
C ARG A 117 -10.45 6.34 -0.11
N PHE A 118 -9.33 6.86 0.42
CA PHE A 118 -8.36 7.57 -0.41
C PHE A 118 -8.14 6.83 -1.72
N ILE A 119 -8.01 5.52 -1.64
CA ILE A 119 -7.83 4.71 -2.83
C ILE A 119 -9.06 4.83 -3.72
N GLU A 120 -10.22 4.52 -3.14
CA GLU A 120 -11.47 4.62 -3.86
C GLU A 120 -11.64 6.01 -4.47
N ILE A 121 -10.87 6.96 -3.94
CA ILE A 121 -10.92 8.33 -4.40
C ILE A 121 -9.95 8.59 -5.55
N ASN A 122 -8.78 7.96 -5.51
CA ASN A 122 -7.78 8.15 -6.57
C ASN A 122 -7.34 6.82 -7.20
N SER A 123 -8.24 5.85 -7.24
CA SER A 123 -7.93 4.55 -7.84
C SER A 123 -8.11 4.62 -9.35
N LEU A 124 -7.73 5.76 -9.93
CA LEU A 124 -7.85 5.97 -11.37
C LEU A 124 -6.60 5.51 -12.10
N GLU A 9 -8.65 -2.55 21.66
CA GLU A 9 -8.28 -2.49 20.22
C GLU A 9 -9.50 -2.65 19.34
N VAL A 10 -10.06 -3.86 19.31
CA VAL A 10 -11.23 -4.15 18.50
C VAL A 10 -11.80 -5.53 18.82
N GLU A 11 -10.92 -6.51 19.00
CA GLU A 11 -11.34 -7.87 19.32
C GLU A 11 -12.40 -8.35 18.32
N LYS A 12 -11.96 -8.61 17.09
CA LYS A 12 -12.86 -9.08 16.04
C LYS A 12 -12.09 -9.73 14.91
N SER A 13 -12.07 -11.06 14.88
CA SER A 13 -11.37 -11.80 13.84
C SER A 13 -12.27 -12.87 13.23
N SER A 14 -12.14 -13.08 11.92
CA SER A 14 -12.95 -14.07 11.23
C SER A 14 -12.10 -14.87 10.23
N ASP A 15 -11.55 -14.17 9.24
CA ASP A 15 -10.72 -14.80 8.23
C ASP A 15 -11.48 -15.92 7.52
N GLY A 16 -12.38 -15.54 6.61
CA GLY A 16 -13.15 -16.51 5.87
C GLY A 16 -12.30 -17.35 4.93
N PRO A 17 -11.80 -16.76 3.82
CA PRO A 17 -10.96 -17.48 2.86
C PRO A 17 -9.68 -18.02 3.50
N GLY A 18 -9.28 -19.22 3.10
CA GLY A 18 -8.08 -19.82 3.65
C GLY A 18 -6.83 -19.44 2.86
N ALA A 19 -6.67 -18.14 2.61
CA ALA A 19 -5.51 -17.65 1.87
C ALA A 19 -5.34 -16.15 2.06
N ALA A 20 -6.18 -15.38 1.37
CA ALA A 20 -6.14 -13.93 1.46
C ALA A 20 -4.79 -13.38 1.00
N GLN A 21 -4.78 -12.76 -0.16
CA GLN A 21 -3.56 -12.20 -0.73
C GLN A 21 -2.95 -11.15 0.20
N GLU A 22 -1.68 -10.81 -0.05
CA GLU A 22 -0.97 -9.82 0.75
C GLU A 22 -0.20 -8.85 -0.17
N PRO A 23 0.15 -7.65 0.33
CA PRO A 23 0.87 -6.65 -0.47
C PRO A 23 2.29 -7.10 -0.83
N THR A 24 2.73 -6.70 -2.02
CA THR A 24 4.05 -7.05 -2.51
C THR A 24 5.15 -6.47 -1.63
N TRP A 25 6.26 -7.19 -1.53
CA TRP A 25 7.39 -6.76 -0.71
C TRP A 25 8.39 -5.97 -1.56
N LEU A 26 8.14 -4.67 -1.72
CA LEU A 26 9.02 -3.82 -2.50
C LEU A 26 10.21 -3.37 -1.67
N THR A 27 11.17 -4.27 -1.48
CA THR A 27 12.35 -3.98 -0.69
C THR A 27 13.35 -3.11 -1.45
N ASP A 28 13.04 -2.82 -2.71
CA ASP A 28 13.93 -2.00 -3.53
C ASP A 28 13.14 -1.01 -4.38
N VAL A 29 13.74 0.16 -4.61
CA VAL A 29 13.12 1.20 -5.42
C VAL A 29 12.74 0.69 -6.81
N PRO A 30 13.67 0.03 -7.54
CA PRO A 30 13.38 -0.49 -8.88
C PRO A 30 12.20 -1.45 -8.88
N ALA A 31 12.20 -2.37 -7.90
CA ALA A 31 11.12 -3.35 -7.80
C ALA A 31 9.81 -2.66 -7.51
N ALA A 32 9.89 -1.60 -6.72
CA ALA A 32 8.70 -0.82 -6.36
C ALA A 32 8.10 -0.19 -7.61
N MET A 33 8.91 0.63 -8.28
CA MET A 33 8.48 1.32 -9.49
C MET A 33 8.08 0.33 -10.59
N GLU A 34 8.66 -0.87 -10.54
CA GLU A 34 8.34 -1.90 -11.53
C GLU A 34 6.94 -2.42 -11.31
N PHE A 35 6.65 -2.82 -10.08
CA PHE A 35 5.33 -3.33 -9.75
C PHE A 35 4.28 -2.27 -10.04
N ILE A 36 4.67 -1.01 -9.88
CA ILE A 36 3.77 0.11 -10.15
C ILE A 36 3.61 0.29 -11.65
N ALA A 37 4.71 0.11 -12.38
CA ALA A 37 4.70 0.25 -13.83
C ALA A 37 4.01 -0.93 -14.49
N ALA A 38 3.89 -2.03 -13.76
CA ALA A 38 3.25 -3.23 -14.27
C ALA A 38 1.77 -3.26 -13.91
N THR A 39 1.18 -2.08 -13.77
CA THR A 39 -0.23 -1.95 -13.41
C THR A 39 -0.72 -0.53 -13.58
N GLU A 40 -2.03 -0.38 -13.79
CA GLU A 40 -2.65 0.93 -13.96
C GLU A 40 -2.70 1.69 -12.64
N VAL A 41 -3.07 0.98 -11.58
CA VAL A 41 -3.14 1.57 -10.24
C VAL A 41 -2.35 0.74 -9.25
N ALA A 42 -1.60 1.40 -8.38
CA ALA A 42 -0.78 0.71 -7.40
C ALA A 42 -0.77 1.42 -6.05
N VAL A 43 -1.03 0.67 -5.00
CA VAL A 43 -1.03 1.21 -3.65
C VAL A 43 0.05 0.53 -2.83
N ILE A 44 0.88 1.34 -2.20
CA ILE A 44 1.99 0.80 -1.42
C ILE A 44 2.12 1.45 -0.06
N GLY A 45 2.36 0.62 0.96
CA GLY A 45 2.50 1.10 2.31
C GLY A 45 3.96 1.21 2.73
N PHE A 46 4.52 2.40 2.61
CA PHE A 46 5.92 2.65 2.99
C PHE A 46 6.00 2.89 4.49
N PHE A 47 6.18 1.82 5.24
CA PHE A 47 6.24 1.90 6.69
C PHE A 47 7.65 1.67 7.23
N GLN A 48 8.02 2.46 8.23
CA GLN A 48 9.32 2.31 8.87
C GLN A 48 9.21 1.26 9.97
N ASP A 49 7.98 0.78 10.17
CA ASP A 49 7.67 -0.22 11.17
C ASP A 49 6.43 -1.00 10.75
N LEU A 50 6.57 -2.32 10.62
CA LEU A 50 5.43 -3.14 10.21
C LEU A 50 4.65 -3.66 11.41
N GLU A 51 4.36 -2.74 12.33
CA GLU A 51 3.60 -3.08 13.53
C GLU A 51 2.60 -1.98 13.84
N ILE A 52 2.47 -1.05 12.89
CA ILE A 52 1.54 0.07 13.03
C ILE A 52 0.19 -0.25 12.40
N PRO A 53 -0.89 0.39 12.88
CA PRO A 53 -2.24 0.18 12.35
C PRO A 53 -2.32 0.22 10.84
N ALA A 54 -1.44 1.00 10.22
CA ALA A 54 -1.41 1.15 8.78
C ALA A 54 -1.13 -0.16 8.05
N VAL A 55 -0.26 -0.99 8.64
CA VAL A 55 0.10 -2.26 8.00
C VAL A 55 -1.11 -3.19 7.88
N PRO A 56 -1.80 -3.53 8.99
CA PRO A 56 -2.97 -4.41 8.94
C PRO A 56 -4.07 -3.83 8.06
N ILE A 57 -4.21 -2.51 8.12
CA ILE A 57 -5.20 -1.80 7.32
C ILE A 57 -4.91 -1.93 5.84
N LEU A 58 -3.63 -1.92 5.48
CA LEU A 58 -3.23 -2.07 4.09
C LEU A 58 -3.45 -3.51 3.64
N HIS A 59 -2.90 -4.46 4.39
CA HIS A 59 -3.06 -5.87 4.07
C HIS A 59 -4.55 -6.20 3.96
N SER A 60 -5.37 -5.37 4.58
CA SER A 60 -6.82 -5.55 4.55
C SER A 60 -7.41 -4.92 3.29
N MET A 61 -6.97 -3.70 2.98
CA MET A 61 -7.46 -3.00 1.80
C MET A 61 -7.12 -3.81 0.56
N VAL A 62 -6.07 -4.62 0.67
CA VAL A 62 -5.62 -5.47 -0.42
C VAL A 62 -6.76 -6.32 -0.94
N GLN A 63 -7.46 -6.98 -0.03
CA GLN A 63 -8.57 -7.83 -0.40
C GLN A 63 -9.79 -7.01 -0.78
N LYS A 64 -9.70 -5.70 -0.53
CA LYS A 64 -10.79 -4.78 -0.84
C LYS A 64 -10.56 -4.13 -2.20
N PHE A 65 -9.31 -4.16 -2.64
CA PHE A 65 -8.94 -3.58 -3.92
C PHE A 65 -8.02 -4.51 -4.73
N PRO A 66 -8.52 -5.72 -5.07
CA PRO A 66 -7.74 -6.69 -5.85
C PRO A 66 -7.20 -6.06 -7.13
N GLY A 67 -8.02 -5.25 -7.77
CA GLY A 67 -7.60 -4.58 -8.99
C GLY A 67 -6.38 -3.72 -8.76
N VAL A 68 -6.37 -3.03 -7.62
CA VAL A 68 -5.25 -2.17 -7.25
C VAL A 68 -4.02 -3.03 -6.96
N SER A 69 -2.84 -2.52 -7.30
CA SER A 69 -1.61 -3.26 -7.07
C SER A 69 -1.13 -3.12 -5.63
N PHE A 70 -1.48 -4.09 -4.81
CA PHE A 70 -1.09 -4.09 -3.40
C PHE A 70 0.42 -4.13 -3.25
N GLY A 71 0.94 -3.21 -2.46
CA GLY A 71 2.38 -3.16 -2.24
C GLY A 71 2.73 -2.66 -0.85
N ILE A 72 3.94 -2.93 -0.41
CA ILE A 72 4.40 -2.50 0.90
C ILE A 72 5.92 -2.50 0.95
N SER A 73 6.49 -1.53 1.65
CA SER A 73 7.94 -1.41 1.75
C SER A 73 8.37 -0.87 3.10
N THR A 74 9.61 -1.14 3.48
CA THR A 74 10.16 -0.68 4.73
C THR A 74 11.61 -0.25 4.57
N ASP A 75 12.16 -0.54 3.40
CA ASP A 75 13.55 -0.19 3.10
C ASP A 75 13.73 1.32 3.10
N SER A 76 14.89 1.77 3.60
CA SER A 76 15.19 3.19 3.66
C SER A 76 15.28 3.81 2.27
N GLU A 77 16.02 3.15 1.37
CA GLU A 77 16.20 3.65 0.02
C GLU A 77 14.86 3.99 -0.64
N VAL A 78 13.89 3.08 -0.51
CA VAL A 78 12.58 3.30 -1.09
C VAL A 78 11.84 4.40 -0.34
N LEU A 79 11.77 4.27 0.98
CA LEU A 79 11.10 5.26 1.82
C LEU A 79 11.75 6.63 1.64
N THR A 80 12.95 6.63 1.04
CA THR A 80 13.67 7.86 0.79
C THR A 80 13.33 8.40 -0.60
N HIS A 81 13.24 7.48 -1.56
CA HIS A 81 12.92 7.85 -2.94
C HIS A 81 11.55 8.52 -3.01
N TYR A 82 10.60 7.97 -2.27
CA TYR A 82 9.25 8.53 -2.24
C TYR A 82 9.12 9.59 -1.16
N ASN A 83 10.25 9.99 -0.60
CA ASN A 83 10.29 11.02 0.45
C ASN A 83 9.40 10.62 1.63
N ILE A 84 9.24 9.32 1.84
CA ILE A 84 8.43 8.82 2.95
C ILE A 84 9.03 9.23 4.29
N THR A 85 8.22 9.89 5.12
CA THR A 85 8.67 10.33 6.42
C THR A 85 7.56 10.22 7.47
N GLY A 86 7.07 9.00 7.67
CA GLY A 86 6.02 8.77 8.64
C GLY A 86 5.11 7.62 8.27
N ASN A 87 5.71 6.50 7.86
CA ASN A 87 4.95 5.32 7.47
C ASN A 87 3.90 5.68 6.44
N THR A 88 4.29 6.51 5.48
CA THR A 88 3.39 6.99 4.43
C THR A 88 2.98 5.87 3.46
N ILE A 89 1.79 6.03 2.88
CA ILE A 89 1.26 5.10 1.90
C ILE A 89 1.04 5.83 0.58
N CYS A 90 1.77 5.42 -0.45
CA CYS A 90 1.66 6.11 -1.74
C CYS A 90 0.90 5.29 -2.77
N LEU A 91 -0.03 5.97 -3.44
CA LEU A 91 -0.84 5.37 -4.49
C LEU A 91 -0.42 5.92 -5.85
N PHE A 92 0.33 5.12 -6.60
CA PHE A 92 0.80 5.55 -7.92
C PHE A 92 -0.11 4.99 -9.01
N ARG A 93 -0.64 5.88 -9.84
CA ARG A 93 -1.53 5.49 -10.93
C ARG A 93 -0.80 5.65 -12.26
N LEU A 94 -0.33 4.53 -12.80
CA LEU A 94 0.41 4.48 -14.06
C LEU A 94 -0.24 5.33 -15.15
N VAL A 95 -1.53 5.11 -15.39
CA VAL A 95 -2.27 5.84 -16.42
C VAL A 95 -1.94 7.33 -16.42
N ASP A 96 -2.29 8.01 -15.34
CA ASP A 96 -2.06 9.44 -15.23
C ASP A 96 -0.77 9.74 -14.46
N ASN A 97 0.08 8.72 -14.34
CA ASN A 97 1.36 8.84 -13.65
C ASN A 97 1.24 9.64 -12.35
N GLU A 98 0.09 9.55 -11.69
CA GLU A 98 -0.13 10.27 -10.44
C GLU A 98 0.54 9.56 -9.28
N GLN A 99 0.76 10.29 -8.20
CA GLN A 99 1.39 9.73 -7.01
C GLN A 99 0.83 10.36 -5.74
N LEU A 100 -0.20 9.73 -5.19
CA LEU A 100 -0.83 10.21 -3.98
C LEU A 100 0.03 9.82 -2.78
N ASN A 101 0.16 10.71 -1.80
CA ASN A 101 0.96 10.42 -0.62
C ASN A 101 0.16 10.53 0.67
N LEU A 102 -0.24 9.38 1.19
CA LEU A 102 -0.98 9.31 2.44
C LEU A 102 0.03 9.24 3.58
N GLU A 103 0.61 10.40 3.90
CA GLU A 103 1.64 10.49 4.92
C GLU A 103 1.09 10.48 6.34
N ASP A 104 1.95 10.89 7.28
CA ASP A 104 1.61 10.94 8.71
C ASP A 104 0.26 11.59 8.96
N GLU A 105 0.05 12.77 8.36
CA GLU A 105 -1.21 13.49 8.53
C GLU A 105 -2.41 12.57 8.31
N ASP A 106 -2.16 11.44 7.66
CA ASP A 106 -3.21 10.46 7.40
C ASP A 106 -2.85 9.07 7.93
N ILE A 107 -1.58 8.88 8.29
CA ILE A 107 -1.10 7.60 8.81
C ILE A 107 -1.21 7.53 10.34
N GLU A 108 -1.13 8.69 10.98
CA GLU A 108 -1.22 8.76 12.44
C GLU A 108 -2.50 8.09 12.93
N SER A 109 -3.62 8.44 12.32
CA SER A 109 -4.90 7.87 12.68
C SER A 109 -5.52 7.12 11.50
N ILE A 110 -4.68 6.47 10.72
CA ILE A 110 -5.13 5.73 9.55
C ILE A 110 -6.09 4.62 9.94
N ASP A 111 -7.10 4.41 9.09
CA ASP A 111 -8.09 3.36 9.33
C ASP A 111 -8.41 2.66 8.02
N ALA A 112 -8.77 1.38 8.09
CA ALA A 112 -9.08 0.63 6.88
C ALA A 112 -10.03 1.41 5.99
N THR A 113 -10.96 2.12 6.63
CA THR A 113 -11.92 2.94 5.91
C THR A 113 -11.21 4.04 5.13
N LYS A 114 -10.29 4.72 5.81
CA LYS A 114 -9.53 5.80 5.20
C LYS A 114 -8.72 5.30 4.01
N LEU A 115 -7.81 4.37 4.26
CA LEU A 115 -6.97 3.82 3.20
C LEU A 115 -7.82 3.43 2.00
N SER A 116 -8.82 2.58 2.25
CA SER A 116 -9.72 2.12 1.21
C SER A 116 -10.44 3.30 0.54
N ARG A 117 -10.68 4.34 1.33
CA ARG A 117 -11.35 5.54 0.82
C ARG A 117 -10.44 6.29 -0.14
N PHE A 118 -9.34 6.82 0.40
CA PHE A 118 -8.37 7.56 -0.39
C PHE A 118 -8.12 6.83 -1.71
N ILE A 119 -7.98 5.51 -1.63
CA ILE A 119 -7.77 4.71 -2.82
C ILE A 119 -9.00 4.81 -3.72
N GLU A 120 -10.15 4.47 -3.15
CA GLU A 120 -11.40 4.54 -3.89
C GLU A 120 -11.58 5.92 -4.51
N ILE A 121 -10.85 6.88 -3.98
CA ILE A 121 -10.91 8.26 -4.44
C ILE A 121 -9.94 8.51 -5.60
N ASN A 122 -8.76 7.91 -5.53
CA ASN A 122 -7.76 8.10 -6.59
C ASN A 122 -7.32 6.77 -7.21
N SER A 123 -8.22 5.79 -7.24
CA SER A 123 -7.90 4.49 -7.83
C SER A 123 -8.12 4.53 -9.34
N LEU A 124 -7.73 5.65 -9.95
CA LEU A 124 -7.87 5.83 -11.39
C LEU A 124 -6.74 5.17 -12.14
N GLU A 9 -15.16 -11.92 -13.41
CA GLU A 9 -15.71 -12.37 -12.10
C GLU A 9 -17.15 -11.90 -11.92
N VAL A 10 -17.80 -11.57 -13.03
CA VAL A 10 -19.19 -11.10 -13.00
C VAL A 10 -20.16 -12.26 -13.18
N GLU A 11 -19.65 -13.48 -13.22
CA GLU A 11 -20.48 -14.66 -13.37
C GLU A 11 -20.20 -15.68 -12.27
N LYS A 12 -21.23 -16.45 -11.91
CA LYS A 12 -21.11 -17.45 -10.86
C LYS A 12 -20.67 -16.81 -9.54
N SER A 13 -21.14 -15.59 -9.30
CA SER A 13 -20.81 -14.86 -8.08
C SER A 13 -22.02 -14.12 -7.54
N SER A 14 -22.85 -14.83 -6.79
CA SER A 14 -24.05 -14.25 -6.19
C SER A 14 -23.96 -14.24 -4.68
N ASP A 15 -22.89 -14.82 -4.15
CA ASP A 15 -22.67 -14.88 -2.71
C ASP A 15 -21.97 -13.63 -2.20
N GLY A 16 -20.83 -13.31 -2.83
CA GLY A 16 -20.07 -12.14 -2.43
C GLY A 16 -18.67 -12.14 -3.01
N PRO A 17 -17.98 -10.98 -3.00
CA PRO A 17 -16.61 -10.87 -3.54
C PRO A 17 -15.64 -11.78 -2.83
N GLY A 18 -14.42 -11.86 -3.35
CA GLY A 18 -13.40 -12.71 -2.75
C GLY A 18 -12.04 -12.56 -3.41
N ALA A 19 -10.98 -12.72 -2.64
CA ALA A 19 -9.62 -12.61 -3.15
C ALA A 19 -8.61 -13.15 -2.15
N ALA A 20 -8.48 -12.47 -1.01
CA ALA A 20 -7.56 -12.87 0.04
C ALA A 20 -6.13 -12.91 -0.45
N GLN A 21 -5.34 -11.91 -0.05
CA GLN A 21 -3.94 -11.83 -0.45
C GLN A 21 -3.21 -10.76 0.35
N GLU A 22 -1.89 -10.68 0.17
CA GLU A 22 -1.09 -9.70 0.89
C GLU A 22 -0.32 -8.79 -0.09
N PRO A 23 0.11 -7.59 0.38
CA PRO A 23 0.83 -6.63 -0.45
C PRO A 23 2.24 -7.10 -0.78
N THR A 24 2.69 -6.78 -2.01
CA THR A 24 4.01 -7.18 -2.47
C THR A 24 5.11 -6.54 -1.63
N TRP A 25 6.25 -7.22 -1.55
CA TRP A 25 7.39 -6.73 -0.79
C TRP A 25 8.37 -5.98 -1.68
N LEU A 26 8.22 -4.66 -1.74
CA LEU A 26 9.08 -3.82 -2.54
C LEU A 26 10.30 -3.38 -1.74
N THR A 27 11.23 -4.32 -1.54
CA THR A 27 12.44 -4.08 -0.77
C THR A 27 13.43 -3.19 -1.52
N ASP A 28 13.07 -2.78 -2.74
CA ASP A 28 13.95 -1.92 -3.53
C ASP A 28 13.17 -0.92 -4.37
N VAL A 29 13.79 0.23 -4.60
CA VAL A 29 13.16 1.29 -5.39
C VAL A 29 12.77 0.79 -6.78
N PRO A 30 13.70 0.13 -7.52
CA PRO A 30 13.41 -0.38 -8.86
C PRO A 30 12.24 -1.35 -8.85
N ALA A 31 12.24 -2.27 -7.90
CA ALA A 31 11.19 -3.26 -7.79
C ALA A 31 9.85 -2.58 -7.50
N ALA A 32 9.93 -1.52 -6.71
CA ALA A 32 8.74 -0.76 -6.35
C ALA A 32 8.13 -0.12 -7.61
N MET A 33 8.93 0.72 -8.26
CA MET A 33 8.50 1.40 -9.47
C MET A 33 8.14 0.42 -10.57
N GLU A 34 8.71 -0.78 -10.52
CA GLU A 34 8.42 -1.80 -11.52
C GLU A 34 7.01 -2.35 -11.32
N PHE A 35 6.71 -2.73 -10.09
CA PHE A 35 5.39 -3.25 -9.78
C PHE A 35 4.34 -2.21 -10.09
N ILE A 36 4.70 -0.94 -9.89
CA ILE A 36 3.82 0.17 -10.18
C ILE A 36 3.66 0.34 -11.69
N ALA A 37 4.76 0.17 -12.41
CA ALA A 37 4.77 0.31 -13.85
C ALA A 37 4.07 -0.88 -14.51
N ALA A 38 3.98 -1.99 -13.79
CA ALA A 38 3.33 -3.19 -14.31
C ALA A 38 1.87 -3.24 -13.90
N THR A 39 1.26 -2.07 -13.77
CA THR A 39 -0.14 -1.98 -13.38
C THR A 39 -0.67 -0.56 -13.53
N GLU A 40 -1.97 -0.44 -13.78
CA GLU A 40 -2.61 0.86 -13.94
C GLU A 40 -2.63 1.61 -12.61
N VAL A 41 -3.14 0.96 -11.57
CA VAL A 41 -3.20 1.57 -10.23
C VAL A 41 -2.38 0.75 -9.25
N ALA A 42 -1.63 1.43 -8.40
CA ALA A 42 -0.78 0.75 -7.41
C ALA A 42 -0.78 1.46 -6.08
N VAL A 43 -1.09 0.70 -5.02
CA VAL A 43 -1.10 1.23 -3.68
C VAL A 43 -0.02 0.55 -2.86
N ILE A 44 0.82 1.35 -2.23
CA ILE A 44 1.93 0.82 -1.46
C ILE A 44 2.07 1.48 -0.10
N GLY A 45 2.35 0.64 0.90
CA GLY A 45 2.51 1.13 2.25
C GLY A 45 3.97 1.25 2.66
N PHE A 46 4.52 2.46 2.55
CA PHE A 46 5.92 2.70 2.92
C PHE A 46 6.01 2.94 4.42
N PHE A 47 6.25 1.86 5.16
CA PHE A 47 6.33 1.95 6.62
C PHE A 47 7.73 1.68 7.15
N GLN A 48 8.13 2.46 8.14
CA GLN A 48 9.43 2.28 8.77
C GLN A 48 9.30 1.26 9.90
N ASP A 49 8.05 0.82 10.10
CA ASP A 49 7.72 -0.16 11.12
C ASP A 49 6.46 -0.91 10.70
N LEU A 50 6.55 -2.24 10.65
CA LEU A 50 5.40 -3.05 10.25
C LEU A 50 4.61 -3.54 11.47
N GLU A 51 4.34 -2.63 12.39
CA GLU A 51 3.57 -2.94 13.59
C GLU A 51 2.55 -1.84 13.85
N ILE A 52 2.46 -0.91 12.91
CA ILE A 52 1.53 0.20 13.00
C ILE A 52 0.18 -0.15 12.41
N PRO A 53 -0.90 0.54 12.84
CA PRO A 53 -2.26 0.30 12.33
C PRO A 53 -2.35 0.30 10.81
N ALA A 54 -1.44 1.05 10.18
CA ALA A 54 -1.43 1.17 8.72
C ALA A 54 -1.16 -0.16 8.03
N VAL A 55 -0.28 -0.97 8.59
CA VAL A 55 0.06 -2.25 7.98
C VAL A 55 -1.15 -3.18 7.88
N PRO A 56 -1.84 -3.48 9.00
CA PRO A 56 -3.02 -4.36 8.98
C PRO A 56 -4.12 -3.79 8.09
N ILE A 57 -4.23 -2.47 8.12
CA ILE A 57 -5.23 -1.77 7.32
C ILE A 57 -4.94 -1.91 5.83
N LEU A 58 -3.66 -1.93 5.48
CA LEU A 58 -3.26 -2.08 4.08
C LEU A 58 -3.47 -3.52 3.65
N HIS A 59 -2.95 -4.46 4.43
CA HIS A 59 -3.10 -5.87 4.13
C HIS A 59 -4.58 -6.21 3.98
N SER A 60 -5.42 -5.38 4.60
CA SER A 60 -6.87 -5.57 4.54
C SER A 60 -7.44 -4.95 3.27
N MET A 61 -7.01 -3.72 2.97
CA MET A 61 -7.46 -3.03 1.76
C MET A 61 -7.11 -3.85 0.54
N VAL A 62 -6.07 -4.65 0.68
CA VAL A 62 -5.60 -5.52 -0.40
C VAL A 62 -6.74 -6.37 -0.95
N GLN A 63 -7.50 -6.99 -0.06
CA GLN A 63 -8.61 -7.84 -0.45
C GLN A 63 -9.82 -6.99 -0.83
N LYS A 64 -9.73 -5.69 -0.56
CA LYS A 64 -10.80 -4.75 -0.87
C LYS A 64 -10.57 -4.11 -2.22
N PHE A 65 -9.32 -4.17 -2.68
CA PHE A 65 -8.94 -3.58 -3.96
C PHE A 65 -8.04 -4.53 -4.76
N PRO A 66 -8.54 -5.72 -5.14
CA PRO A 66 -7.77 -6.69 -5.91
C PRO A 66 -7.19 -6.06 -7.18
N GLY A 67 -8.00 -5.25 -7.85
CA GLY A 67 -7.55 -4.58 -9.07
C GLY A 67 -6.32 -3.73 -8.80
N VAL A 68 -6.36 -3.03 -7.67
CA VAL A 68 -5.24 -2.17 -7.27
C VAL A 68 -4.02 -3.02 -6.97
N SER A 69 -2.84 -2.50 -7.30
CA SER A 69 -1.60 -3.24 -7.06
C SER A 69 -1.14 -3.08 -5.63
N PHE A 70 -1.48 -4.07 -4.80
CA PHE A 70 -1.11 -4.06 -3.39
C PHE A 70 0.40 -4.12 -3.24
N GLY A 71 0.94 -3.18 -2.48
CA GLY A 71 2.38 -3.15 -2.25
C GLY A 71 2.72 -2.66 -0.86
N ILE A 72 3.93 -2.95 -0.43
CA ILE A 72 4.38 -2.54 0.89
C ILE A 72 5.91 -2.59 0.95
N SER A 73 6.50 -1.62 1.65
CA SER A 73 7.96 -1.56 1.76
C SER A 73 8.39 -0.98 3.10
N THR A 74 9.62 -1.28 3.47
CA THR A 74 10.20 -0.79 4.72
C THR A 74 11.64 -0.38 4.52
N ASP A 75 12.14 -0.58 3.30
CA ASP A 75 13.52 -0.23 2.97
C ASP A 75 13.72 1.27 3.02
N SER A 76 14.87 1.70 3.53
CA SER A 76 15.19 3.11 3.65
C SER A 76 15.29 3.77 2.28
N GLU A 77 16.05 3.16 1.37
CA GLU A 77 16.24 3.71 0.03
C GLU A 77 14.90 4.04 -0.63
N VAL A 78 13.92 3.15 -0.48
CA VAL A 78 12.62 3.37 -1.06
C VAL A 78 11.87 4.48 -0.32
N LEU A 79 11.76 4.31 1.00
CA LEU A 79 11.07 5.30 1.83
C LEU A 79 11.75 6.66 1.69
N THR A 80 12.95 6.66 1.12
CA THR A 80 13.70 7.89 0.90
C THR A 80 13.39 8.45 -0.49
N HIS A 81 13.33 7.56 -1.48
CA HIS A 81 13.04 7.95 -2.85
C HIS A 81 11.67 8.62 -2.94
N TYR A 82 10.71 8.09 -2.19
CA TYR A 82 9.36 8.64 -2.17
C TYR A 82 9.22 9.69 -1.09
N ASN A 83 10.35 10.07 -0.50
CA ASN A 83 10.38 11.09 0.54
C ASN A 83 9.49 10.70 1.72
N ILE A 84 9.27 9.41 1.90
CA ILE A 84 8.46 8.89 2.99
C ILE A 84 9.04 9.26 4.35
N THR A 85 8.28 9.97 5.16
CA THR A 85 8.73 10.39 6.49
C THR A 85 7.61 10.28 7.52
N GLY A 86 7.06 9.07 7.67
CA GLY A 86 5.99 8.87 8.62
C GLY A 86 5.10 7.70 8.25
N ASN A 87 5.71 6.58 7.86
CA ASN A 87 4.96 5.39 7.47
C ASN A 87 3.89 5.75 6.45
N THR A 88 4.28 6.56 5.47
CA THR A 88 3.38 7.02 4.42
C THR A 88 2.97 5.90 3.46
N ILE A 89 1.79 6.05 2.87
CA ILE A 89 1.26 5.10 1.90
C ILE A 89 1.06 5.81 0.57
N CYS A 90 1.79 5.40 -0.45
CA CYS A 90 1.70 6.06 -1.75
C CYS A 90 0.90 5.27 -2.78
N LEU A 91 -0.01 5.97 -3.45
CA LEU A 91 -0.83 5.37 -4.49
C LEU A 91 -0.43 5.95 -5.86
N PHE A 92 0.31 5.16 -6.63
CA PHE A 92 0.74 5.59 -7.95
C PHE A 92 -0.19 5.06 -9.02
N ARG A 93 -0.74 5.96 -9.84
CA ARG A 93 -1.66 5.55 -10.90
C ARG A 93 -1.00 5.66 -12.28
N LEU A 94 -0.29 4.60 -12.66
CA LEU A 94 0.43 4.51 -13.94
C LEU A 94 -0.19 5.39 -15.04
N VAL A 95 -1.43 5.09 -15.40
CA VAL A 95 -2.13 5.83 -16.45
C VAL A 95 -1.88 7.34 -16.37
N ASP A 96 -2.33 7.95 -15.28
CA ASP A 96 -2.16 9.39 -15.11
C ASP A 96 -0.87 9.71 -14.37
N ASN A 97 0.00 8.70 -14.28
CA ASN A 97 1.31 8.85 -13.63
C ASN A 97 1.21 9.62 -12.31
N GLU A 98 0.05 9.52 -11.66
CA GLU A 98 -0.16 10.21 -10.39
C GLU A 98 0.57 9.49 -9.26
N GLN A 99 0.78 10.21 -8.16
CA GLN A 99 1.46 9.63 -7.01
C GLN A 99 0.93 10.24 -5.71
N LEU A 100 -0.17 9.69 -5.21
CA LEU A 100 -0.78 10.15 -3.98
C LEU A 100 0.09 9.78 -2.80
N ASN A 101 0.15 10.64 -1.79
CA ASN A 101 0.97 10.35 -0.61
C ASN A 101 0.19 10.46 0.69
N LEU A 102 -0.33 9.32 1.14
CA LEU A 102 -1.05 9.27 2.41
C LEU A 102 -0.03 9.24 3.54
N GLU A 103 0.51 10.41 3.86
CA GLU A 103 1.55 10.54 4.87
C GLU A 103 1.01 10.54 6.30
N ASP A 104 1.85 10.97 7.23
CA ASP A 104 1.50 11.02 8.66
C ASP A 104 0.17 11.74 8.89
N GLU A 105 -0.08 12.81 8.13
CA GLU A 105 -1.32 13.56 8.28
C GLU A 105 -2.53 12.63 8.11
N ASP A 106 -2.26 11.44 7.59
CA ASP A 106 -3.29 10.44 7.36
C ASP A 106 -2.90 9.07 7.93
N ILE A 107 -1.62 8.91 8.26
CA ILE A 107 -1.12 7.65 8.82
C ILE A 107 -1.21 7.62 10.34
N GLU A 108 -1.10 8.80 10.95
CA GLU A 108 -1.17 8.92 12.40
C GLU A 108 -2.49 8.35 12.94
N SER A 109 -3.55 8.51 12.14
CA SER A 109 -4.87 8.01 12.52
C SER A 109 -5.51 7.26 11.35
N ILE A 110 -4.71 6.50 10.64
CA ILE A 110 -5.18 5.73 9.49
C ILE A 110 -6.15 4.64 9.90
N ASP A 111 -7.17 4.42 9.07
CA ASP A 111 -8.15 3.38 9.33
C ASP A 111 -8.47 2.66 8.03
N ALA A 112 -8.81 1.38 8.10
CA ALA A 112 -9.12 0.61 6.89
C ALA A 112 -10.09 1.38 6.01
N THR A 113 -11.02 2.08 6.65
CA THR A 113 -11.99 2.89 5.93
C THR A 113 -11.29 3.98 5.13
N LYS A 114 -10.36 4.67 5.79
CA LYS A 114 -9.61 5.75 5.16
C LYS A 114 -8.79 5.24 3.98
N LEU A 115 -7.90 4.29 4.22
CA LEU A 115 -7.07 3.74 3.15
C LEU A 115 -7.95 3.35 1.97
N SER A 116 -8.96 2.51 2.25
CA SER A 116 -9.89 2.06 1.21
C SER A 116 -10.58 3.25 0.55
N ARG A 117 -10.79 4.31 1.33
CA ARG A 117 -11.44 5.50 0.82
C ARG A 117 -10.53 6.23 -0.15
N PHE A 118 -9.41 6.75 0.38
CA PHE A 118 -8.43 7.46 -0.44
C PHE A 118 -8.21 6.73 -1.75
N ILE A 119 -8.08 5.41 -1.67
CA ILE A 119 -7.90 4.59 -2.85
C ILE A 119 -9.13 4.71 -3.74
N GLU A 120 -10.28 4.42 -3.16
CA GLU A 120 -11.55 4.51 -3.90
C GLU A 120 -11.70 5.90 -4.51
N ILE A 121 -10.94 6.84 -3.97
CA ILE A 121 -10.98 8.22 -4.43
C ILE A 121 -9.99 8.47 -5.57
N ASN A 122 -8.83 7.81 -5.53
CA ASN A 122 -7.82 8.00 -6.57
C ASN A 122 -7.37 6.68 -7.18
N SER A 123 -8.27 5.70 -7.25
CA SER A 123 -7.96 4.41 -7.84
C SER A 123 -8.15 4.46 -9.35
N LEU A 124 -7.81 5.60 -9.93
CA LEU A 124 -7.94 5.79 -11.37
C LEU A 124 -6.76 5.20 -12.12
N GLU A 9 6.43 -17.53 17.21
CA GLU A 9 5.59 -18.66 16.76
C GLU A 9 5.78 -18.92 15.27
N VAL A 10 5.92 -20.18 14.90
CA VAL A 10 6.12 -20.55 13.50
C VAL A 10 5.22 -21.73 13.12
N GLU A 11 4.72 -22.45 14.13
CA GLU A 11 3.85 -23.59 13.90
C GLU A 11 2.86 -23.76 15.05
N LYS A 12 1.64 -23.29 14.84
CA LYS A 12 0.60 -23.39 15.86
C LYS A 12 -0.78 -23.12 15.25
N SER A 13 -0.85 -22.12 14.39
CA SER A 13 -2.10 -21.75 13.72
C SER A 13 -3.22 -21.56 14.74
N SER A 14 -4.46 -21.49 14.24
CA SER A 14 -5.63 -21.31 15.09
C SER A 14 -5.51 -20.03 15.90
N ASP A 15 -4.91 -19.01 15.30
CA ASP A 15 -4.74 -17.71 15.95
C ASP A 15 -5.66 -16.67 15.33
N GLY A 16 -5.74 -16.67 14.00
CA GLY A 16 -6.59 -15.72 13.31
C GLY A 16 -7.02 -16.23 11.94
N PRO A 17 -7.53 -15.35 11.06
CA PRO A 17 -7.98 -15.74 9.73
C PRO A 17 -6.84 -16.28 8.87
N GLY A 18 -7.16 -16.66 7.64
CA GLY A 18 -6.15 -17.19 6.74
C GLY A 18 -5.15 -16.14 6.31
N ALA A 19 -5.27 -15.69 5.06
CA ALA A 19 -4.39 -14.68 4.51
C ALA A 19 -4.85 -14.26 3.13
N ALA A 20 -5.19 -15.25 2.32
CA ALA A 20 -5.67 -15.03 0.96
C ALA A 20 -4.62 -14.33 0.10
N GLN A 21 -4.52 -13.01 0.24
CA GLN A 21 -3.56 -12.23 -0.52
C GLN A 21 -2.94 -11.14 0.34
N GLU A 22 -1.63 -10.90 0.15
CA GLU A 22 -0.91 -9.89 0.90
C GLU A 22 -0.17 -8.94 -0.05
N PRO A 23 0.18 -7.73 0.43
CA PRO A 23 0.89 -6.73 -0.39
C PRO A 23 2.29 -7.18 -0.80
N THR A 24 2.69 -6.80 -2.00
CA THR A 24 4.00 -7.15 -2.54
C THR A 24 5.12 -6.54 -1.70
N TRP A 25 6.27 -7.22 -1.68
CA TRP A 25 7.43 -6.76 -0.94
C TRP A 25 8.37 -5.97 -1.84
N LEU A 26 8.27 -4.64 -1.77
CA LEU A 26 9.11 -3.76 -2.58
C LEU A 26 10.32 -3.30 -1.77
N THR A 27 11.24 -4.21 -1.53
CA THR A 27 12.44 -3.93 -0.76
C THR A 27 13.38 -2.99 -1.49
N ASP A 28 13.10 -2.71 -2.76
CA ASP A 28 13.95 -1.83 -3.56
C ASP A 28 13.14 -0.85 -4.39
N VAL A 29 13.73 0.32 -4.64
CA VAL A 29 13.07 1.36 -5.43
C VAL A 29 12.71 0.86 -6.83
N PRO A 30 13.66 0.24 -7.57
CA PRO A 30 13.40 -0.26 -8.91
C PRO A 30 12.25 -1.26 -8.92
N ALA A 31 12.25 -2.16 -7.95
CA ALA A 31 11.20 -3.18 -7.85
C ALA A 31 9.87 -2.53 -7.56
N ALA A 32 9.91 -1.49 -6.76
CA ALA A 32 8.71 -0.74 -6.40
C ALA A 32 8.09 -0.11 -7.65
N MET A 33 8.90 0.70 -8.33
CA MET A 33 8.46 1.38 -9.54
C MET A 33 8.10 0.38 -10.64
N GLU A 34 8.72 -0.80 -10.59
CA GLU A 34 8.43 -1.83 -11.59
C GLU A 34 7.04 -2.39 -11.40
N PHE A 35 6.73 -2.79 -10.16
CA PHE A 35 5.42 -3.33 -9.87
C PHE A 35 4.36 -2.28 -10.16
N ILE A 36 4.71 -1.02 -9.96
CA ILE A 36 3.80 0.08 -10.24
C ILE A 36 3.65 0.25 -11.74
N ALA A 37 4.75 0.07 -12.46
CA ALA A 37 4.76 0.20 -13.91
C ALA A 37 4.06 -0.98 -14.56
N ALA A 38 3.92 -2.06 -13.81
CA ALA A 38 3.28 -3.27 -14.32
C ALA A 38 1.80 -3.32 -13.91
N THR A 39 1.20 -2.15 -13.75
CA THR A 39 -0.19 -2.06 -13.35
C THR A 39 -0.72 -0.63 -13.49
N GLU A 40 -2.02 -0.51 -13.75
CA GLU A 40 -2.65 0.81 -13.91
C GLU A 40 -2.69 1.57 -12.59
N VAL A 41 -3.15 0.91 -11.54
CA VAL A 41 -3.21 1.51 -10.21
C VAL A 41 -2.42 0.69 -9.20
N ALA A 42 -1.63 1.36 -8.38
CA ALA A 42 -0.80 0.68 -7.41
C ALA A 42 -0.80 1.39 -6.06
N VAL A 43 -1.13 0.65 -5.02
CA VAL A 43 -1.14 1.20 -3.66
C VAL A 43 -0.07 0.51 -2.84
N ILE A 44 0.77 1.32 -2.22
CA ILE A 44 1.88 0.80 -1.45
C ILE A 44 2.01 1.46 -0.08
N GLY A 45 2.31 0.64 0.92
CA GLY A 45 2.47 1.14 2.27
C GLY A 45 3.93 1.26 2.66
N PHE A 46 4.47 2.47 2.59
CA PHE A 46 5.85 2.72 2.96
C PHE A 46 5.95 2.96 4.46
N PHE A 47 6.23 1.91 5.21
CA PHE A 47 6.31 2.01 6.66
C PHE A 47 7.72 1.76 7.19
N GLN A 48 8.09 2.51 8.22
CA GLN A 48 9.39 2.34 8.86
C GLN A 48 9.27 1.30 9.95
N ASP A 49 8.03 0.87 10.17
CA ASP A 49 7.71 -0.14 11.17
C ASP A 49 6.46 -0.91 10.73
N LEU A 50 6.57 -2.23 10.68
CA LEU A 50 5.43 -3.05 10.27
C LEU A 50 4.65 -3.57 11.47
N GLU A 51 4.35 -2.66 12.39
CA GLU A 51 3.57 -3.00 13.59
C GLU A 51 2.56 -1.90 13.87
N ILE A 52 2.45 -0.97 12.93
CA ILE A 52 1.52 0.14 13.04
C ILE A 52 0.16 -0.20 12.42
N PRO A 53 -0.91 0.47 12.87
CA PRO A 53 -2.27 0.23 12.35
C PRO A 53 -2.36 0.27 10.83
N ALA A 54 -1.45 1.01 10.22
CA ALA A 54 -1.44 1.15 8.76
C ALA A 54 -1.14 -0.17 8.06
N VAL A 55 -0.25 -0.98 8.63
CA VAL A 55 0.12 -2.25 8.01
C VAL A 55 -1.09 -3.19 7.89
N PRO A 56 -1.79 -3.50 9.01
CA PRO A 56 -2.96 -4.39 8.96
C PRO A 56 -4.05 -3.83 8.06
N ILE A 57 -4.23 -2.51 8.13
CA ILE A 57 -5.23 -1.83 7.34
C ILE A 57 -4.94 -1.96 5.84
N LEU A 58 -3.66 -1.93 5.49
CA LEU A 58 -3.26 -2.08 4.10
C LEU A 58 -3.47 -3.53 3.65
N HIS A 59 -2.91 -4.46 4.41
CA HIS A 59 -3.05 -5.88 4.10
C HIS A 59 -4.53 -6.24 4.00
N SER A 60 -5.37 -5.42 4.62
CA SER A 60 -6.81 -5.63 4.59
C SER A 60 -7.42 -5.00 3.34
N MET A 61 -6.99 -3.78 3.02
CA MET A 61 -7.48 -3.09 1.84
C MET A 61 -7.14 -3.89 0.59
N VAL A 62 -6.08 -4.68 0.72
CA VAL A 62 -5.62 -5.54 -0.38
C VAL A 62 -6.76 -6.36 -0.94
N GLN A 63 -7.52 -6.99 -0.05
CA GLN A 63 -8.64 -7.82 -0.44
C GLN A 63 -9.83 -6.97 -0.83
N LYS A 64 -9.77 -5.69 -0.50
CA LYS A 64 -10.85 -4.75 -0.82
C LYS A 64 -10.59 -4.10 -2.16
N PHE A 65 -9.35 -4.17 -2.60
CA PHE A 65 -8.95 -3.59 -3.88
C PHE A 65 -8.02 -4.52 -4.66
N PRO A 66 -8.52 -5.72 -5.04
CA PRO A 66 -7.73 -6.69 -5.81
C PRO A 66 -7.14 -6.07 -7.07
N GLY A 67 -7.97 -5.33 -7.79
CA GLY A 67 -7.51 -4.67 -9.00
C GLY A 67 -6.30 -3.81 -8.75
N VAL A 68 -6.35 -3.07 -7.64
CA VAL A 68 -5.24 -2.21 -7.25
C VAL A 68 -4.01 -3.06 -6.94
N SER A 69 -2.83 -2.55 -7.26
CA SER A 69 -1.61 -3.28 -7.01
C SER A 69 -1.15 -3.11 -5.57
N PHE A 70 -1.48 -4.09 -4.74
CA PHE A 70 -1.11 -4.07 -3.34
C PHE A 70 0.41 -4.14 -3.19
N GLY A 71 0.96 -3.21 -2.43
CA GLY A 71 2.39 -3.18 -2.22
C GLY A 71 2.75 -2.68 -0.83
N ILE A 72 3.96 -2.98 -0.39
CA ILE A 72 4.42 -2.55 0.92
C ILE A 72 5.94 -2.58 0.97
N SER A 73 6.52 -1.61 1.66
CA SER A 73 7.98 -1.53 1.77
C SER A 73 8.41 -0.90 3.10
N THR A 74 9.63 -1.19 3.49
CA THR A 74 10.19 -0.67 4.73
C THR A 74 11.64 -0.23 4.53
N ASP A 75 12.15 -0.47 3.32
CA ASP A 75 13.53 -0.12 2.98
C ASP A 75 13.72 1.40 3.01
N SER A 76 14.84 1.84 3.53
CA SER A 76 15.15 3.27 3.62
C SER A 76 15.20 3.90 2.24
N GLU A 77 15.97 3.29 1.34
CA GLU A 77 16.13 3.80 -0.02
C GLU A 77 14.78 4.12 -0.66
N VAL A 78 13.84 3.21 -0.55
CA VAL A 78 12.51 3.41 -1.12
C VAL A 78 11.77 4.52 -0.37
N LEU A 79 11.65 4.36 0.95
CA LEU A 79 10.98 5.34 1.78
C LEU A 79 11.64 6.71 1.62
N THR A 80 12.83 6.72 1.02
CA THR A 80 13.55 7.96 0.78
C THR A 80 13.20 8.50 -0.60
N HIS A 81 13.13 7.61 -1.58
CA HIS A 81 12.80 7.98 -2.94
C HIS A 81 11.42 8.62 -3.01
N TYR A 82 10.50 8.13 -2.18
CA TYR A 82 9.15 8.68 -2.14
C TYR A 82 9.00 9.71 -1.03
N ASN A 83 10.14 10.15 -0.50
CA ASN A 83 10.17 11.15 0.56
C ASN A 83 9.34 10.72 1.77
N ILE A 84 9.16 9.42 1.93
CA ILE A 84 8.39 8.88 3.04
C ILE A 84 9.02 9.23 4.39
N THR A 85 8.26 9.91 5.23
CA THR A 85 8.74 10.32 6.55
C THR A 85 7.64 10.21 7.59
N GLY A 86 7.10 9.01 7.77
CA GLY A 86 6.04 8.80 8.74
C GLY A 86 5.13 7.65 8.36
N ASN A 87 5.71 6.53 7.94
CA ASN A 87 4.94 5.36 7.55
C ASN A 87 3.87 5.74 6.54
N THR A 88 4.27 6.56 5.57
CA THR A 88 3.36 7.03 4.53
C THR A 88 2.94 5.93 3.57
N ILE A 89 1.74 6.09 3.00
CA ILE A 89 1.20 5.15 2.03
C ILE A 89 0.99 5.87 0.70
N CYS A 90 1.70 5.43 -0.33
CA CYS A 90 1.61 6.09 -1.63
C CYS A 90 0.86 5.28 -2.67
N LEU A 91 -0.07 5.95 -3.36
CA LEU A 91 -0.85 5.34 -4.42
C LEU A 91 -0.39 5.88 -5.78
N PHE A 92 0.35 5.06 -6.52
CA PHE A 92 0.82 5.46 -7.84
C PHE A 92 -0.07 4.90 -8.94
N ARG A 93 -0.64 5.80 -9.74
CA ARG A 93 -1.52 5.40 -10.84
C ARG A 93 -0.78 5.55 -12.18
N LEU A 94 -0.30 4.41 -12.68
CA LEU A 94 0.44 4.36 -13.95
C LEU A 94 -0.20 5.21 -15.06
N VAL A 95 -1.48 4.96 -15.33
CA VAL A 95 -2.19 5.68 -16.38
C VAL A 95 -1.82 7.16 -16.43
N ASP A 96 -2.09 7.86 -15.34
CA ASP A 96 -1.79 9.28 -15.27
C ASP A 96 -0.48 9.53 -14.52
N ASN A 97 0.22 8.44 -14.22
CA ASN A 97 1.50 8.50 -13.51
C ASN A 97 1.39 9.38 -12.26
N GLU A 98 0.24 9.29 -11.58
CA GLU A 98 0.01 10.06 -10.37
C GLU A 98 0.63 9.38 -9.17
N GLN A 99 0.84 10.15 -8.10
CA GLN A 99 1.42 9.62 -6.88
C GLN A 99 0.82 10.30 -5.66
N LEU A 100 -0.21 9.68 -5.09
CA LEU A 100 -0.87 10.20 -3.91
C LEU A 100 -0.08 9.80 -2.67
N ASN A 101 0.06 10.72 -1.72
CA ASN A 101 0.81 10.43 -0.51
C ASN A 101 -0.03 10.55 0.75
N LEU A 102 -0.23 9.42 1.40
CA LEU A 102 -0.97 9.36 2.65
C LEU A 102 0.04 9.31 3.79
N GLU A 103 0.63 10.46 4.08
CA GLU A 103 1.68 10.56 5.09
C GLU A 103 1.13 10.56 6.51
N ASP A 104 1.99 10.93 7.44
CA ASP A 104 1.67 10.99 8.87
C ASP A 104 0.33 11.65 9.14
N GLU A 105 0.14 12.84 8.58
CA GLU A 105 -1.11 13.59 8.75
C GLU A 105 -2.32 12.69 8.52
N ASP A 106 -2.10 11.55 7.88
CA ASP A 106 -3.16 10.59 7.59
C ASP A 106 -2.83 9.18 8.11
N ILE A 107 -1.55 8.97 8.47
CA ILE A 107 -1.09 7.68 8.98
C ILE A 107 -1.19 7.60 10.50
N GLU A 108 -1.13 8.75 11.16
CA GLU A 108 -1.22 8.82 12.62
C GLU A 108 -2.52 8.19 13.11
N SER A 109 -3.59 8.37 12.35
CA SER A 109 -4.88 7.83 12.71
C SER A 109 -5.52 7.12 11.51
N ILE A 110 -4.70 6.41 10.75
CA ILE A 110 -5.17 5.69 9.58
C ILE A 110 -6.15 4.58 9.95
N ASP A 111 -7.17 4.41 9.12
CA ASP A 111 -8.17 3.38 9.33
C ASP A 111 -8.47 2.68 8.02
N ALA A 112 -8.81 1.40 8.08
CA ALA A 112 -9.12 0.65 6.86
C ALA A 112 -10.07 1.44 5.97
N THR A 113 -10.98 2.18 6.61
CA THR A 113 -11.92 3.01 5.89
C THR A 113 -11.19 4.11 5.12
N LYS A 114 -10.29 4.80 5.81
CA LYS A 114 -9.52 5.88 5.19
C LYS A 114 -8.71 5.38 4.01
N LEU A 115 -7.84 4.40 4.25
CA LEU A 115 -7.01 3.84 3.19
C LEU A 115 -7.88 3.47 2.00
N SER A 116 -8.88 2.63 2.25
CA SER A 116 -9.80 2.19 1.22
C SER A 116 -10.50 3.38 0.57
N ARG A 117 -10.68 4.45 1.34
CA ARG A 117 -11.33 5.65 0.85
C ARG A 117 -10.42 6.37 -0.13
N PHE A 118 -9.29 6.88 0.39
CA PHE A 118 -8.32 7.58 -0.44
C PHE A 118 -8.12 6.84 -1.76
N ILE A 119 -8.02 5.51 -1.66
CA ILE A 119 -7.87 4.68 -2.85
C ILE A 119 -9.10 4.81 -3.72
N GLU A 120 -10.26 4.53 -3.14
CA GLU A 120 -11.52 4.62 -3.86
C GLU A 120 -11.68 6.01 -4.47
N ILE A 121 -10.90 6.95 -3.96
CA ILE A 121 -10.95 8.32 -4.42
C ILE A 121 -9.98 8.58 -5.58
N ASN A 122 -8.81 7.93 -5.53
CA ASN A 122 -7.81 8.12 -6.60
C ASN A 122 -7.43 6.80 -7.25
N SER A 123 -8.34 5.83 -7.26
CA SER A 123 -8.09 4.54 -7.88
C SER A 123 -8.32 4.63 -9.39
N LEU A 124 -7.67 5.60 -10.02
CA LEU A 124 -7.80 5.81 -11.45
C LEU A 124 -6.58 5.27 -12.20
N GLU A 9 -16.63 -0.24 15.72
CA GLU A 9 -17.71 -0.32 16.74
C GLU A 9 -18.93 -1.04 16.16
N VAL A 10 -19.02 -1.09 14.84
CA VAL A 10 -20.14 -1.74 14.17
C VAL A 10 -19.65 -2.59 12.99
N GLU A 11 -18.49 -2.25 12.46
CA GLU A 11 -17.92 -2.96 11.33
C GLU A 11 -16.51 -3.46 11.64
N LYS A 12 -16.24 -3.68 12.93
CA LYS A 12 -14.93 -4.16 13.37
C LYS A 12 -15.07 -5.34 14.31
N SER A 13 -15.79 -6.37 13.86
CA SER A 13 -16.00 -7.57 14.66
C SER A 13 -16.01 -8.82 13.79
N SER A 14 -15.43 -8.71 12.60
CA SER A 14 -15.38 -9.83 11.66
C SER A 14 -14.11 -9.77 10.82
N ASP A 15 -13.93 -8.65 10.12
CA ASP A 15 -12.76 -8.47 9.27
C ASP A 15 -11.48 -8.43 10.10
N GLY A 16 -10.46 -9.14 9.63
CA GLY A 16 -9.20 -9.18 10.34
C GLY A 16 -8.06 -9.68 9.47
N PRO A 17 -6.93 -10.11 10.07
CA PRO A 17 -5.78 -10.62 9.33
C PRO A 17 -6.17 -11.72 8.34
N GLY A 18 -6.06 -11.41 7.05
CA GLY A 18 -6.41 -12.38 6.03
C GLY A 18 -5.22 -13.24 5.62
N ALA A 19 -5.33 -13.85 4.44
CA ALA A 19 -4.27 -14.71 3.93
C ALA A 19 -4.43 -14.90 2.43
N ALA A 20 -5.66 -14.74 1.95
CA ALA A 20 -5.96 -14.88 0.54
C ALA A 20 -5.00 -14.10 -0.33
N GLN A 21 -4.50 -12.99 0.21
CA GLN A 21 -3.56 -12.14 -0.53
C GLN A 21 -2.92 -11.11 0.39
N GLU A 22 -1.71 -10.67 0.02
CA GLU A 22 -0.98 -9.69 0.80
C GLU A 22 -0.19 -8.75 -0.12
N PRO A 23 0.17 -7.55 0.36
CA PRO A 23 0.90 -6.56 -0.44
C PRO A 23 2.33 -7.01 -0.76
N THR A 24 2.76 -6.75 -1.98
CA THR A 24 4.10 -7.13 -2.44
C THR A 24 5.19 -6.50 -1.58
N TRP A 25 6.35 -7.15 -1.55
CA TRP A 25 7.49 -6.67 -0.76
C TRP A 25 8.46 -5.88 -1.64
N LEU A 26 8.25 -4.57 -1.73
CA LEU A 26 9.11 -3.70 -2.52
C LEU A 26 10.28 -3.21 -1.69
N THR A 27 11.24 -4.11 -1.46
CA THR A 27 12.43 -3.79 -0.66
C THR A 27 13.43 -2.94 -1.43
N ASP A 28 13.09 -2.56 -2.66
CA ASP A 28 13.98 -1.75 -3.47
C ASP A 28 13.20 -0.77 -4.35
N VAL A 29 13.81 0.38 -4.60
CA VAL A 29 13.19 1.41 -5.42
C VAL A 29 12.83 0.88 -6.81
N PRO A 30 13.77 0.20 -7.51
CA PRO A 30 13.50 -0.34 -8.84
C PRO A 30 12.35 -1.34 -8.83
N ALA A 31 12.34 -2.21 -7.85
CA ALA A 31 11.29 -3.22 -7.74
C ALA A 31 9.95 -2.55 -7.48
N ALA A 32 9.99 -1.46 -6.72
CA ALA A 32 8.79 -0.71 -6.39
C ALA A 32 8.19 -0.11 -7.67
N MET A 33 8.99 0.71 -8.35
CA MET A 33 8.55 1.35 -9.59
C MET A 33 8.21 0.32 -10.66
N GLU A 34 8.84 -0.85 -10.58
CA GLU A 34 8.59 -1.90 -11.55
C GLU A 34 7.19 -2.48 -11.36
N PHE A 35 6.86 -2.83 -10.12
CA PHE A 35 5.56 -3.37 -9.82
C PHE A 35 4.48 -2.36 -10.15
N ILE A 36 4.80 -1.08 -9.93
CA ILE A 36 3.86 -0.01 -10.26
C ILE A 36 3.74 0.14 -11.76
N ALA A 37 4.87 -0.06 -12.45
CA ALA A 37 4.91 0.05 -13.90
C ALA A 37 4.25 -1.16 -14.56
N ALA A 38 4.12 -2.23 -13.80
CA ALA A 38 3.51 -3.46 -14.30
C ALA A 38 2.03 -3.52 -13.96
N THR A 39 1.42 -2.36 -13.76
CA THR A 39 0.00 -2.29 -13.42
C THR A 39 -0.52 -0.86 -13.46
N GLU A 40 -1.81 -0.71 -13.72
CA GLU A 40 -2.44 0.60 -13.79
C GLU A 40 -2.38 1.31 -12.43
N VAL A 41 -3.28 0.95 -11.53
CA VAL A 41 -3.32 1.55 -10.20
C VAL A 41 -2.50 0.72 -9.23
N ALA A 42 -1.69 1.39 -8.40
CA ALA A 42 -0.84 0.71 -7.44
C ALA A 42 -0.81 1.43 -6.10
N VAL A 43 -1.11 0.68 -5.05
CA VAL A 43 -1.09 1.23 -3.70
C VAL A 43 -0.02 0.55 -2.89
N ILE A 44 0.80 1.35 -2.23
CA ILE A 44 1.92 0.82 -1.45
C ILE A 44 2.05 1.48 -0.09
N GLY A 45 2.31 0.65 0.91
CA GLY A 45 2.47 1.14 2.27
C GLY A 45 3.92 1.27 2.67
N PHE A 46 4.46 2.49 2.58
CA PHE A 46 5.85 2.75 2.94
C PHE A 46 5.95 2.96 4.45
N PHE A 47 6.18 1.88 5.18
CA PHE A 47 6.27 1.94 6.63
C PHE A 47 7.67 1.71 7.15
N GLN A 48 8.07 2.49 8.15
CA GLN A 48 9.37 2.35 8.77
C GLN A 48 9.27 1.28 9.85
N ASP A 49 8.04 0.85 10.11
CA ASP A 49 7.75 -0.18 11.10
C ASP A 49 6.49 -0.95 10.69
N LEU A 50 6.59 -2.26 10.61
CA LEU A 50 5.46 -3.09 10.22
C LEU A 50 4.68 -3.58 11.43
N GLU A 51 4.41 -2.67 12.36
CA GLU A 51 3.66 -2.99 13.57
C GLU A 51 2.65 -1.88 13.85
N ILE A 52 2.47 -1.00 12.88
CA ILE A 52 1.55 0.12 13.00
C ILE A 52 0.18 -0.23 12.41
N PRO A 53 -0.89 0.47 12.83
CA PRO A 53 -2.24 0.22 12.33
C PRO A 53 -2.34 0.25 10.81
N ALA A 54 -1.42 0.97 10.17
CA ALA A 54 -1.40 1.10 8.73
C ALA A 54 -1.13 -0.23 8.02
N VAL A 55 -0.26 -1.04 8.59
CA VAL A 55 0.10 -2.32 7.98
C VAL A 55 -1.13 -3.24 7.86
N PRO A 56 -1.84 -3.53 8.97
CA PRO A 56 -3.03 -4.40 8.92
C PRO A 56 -4.11 -3.81 8.03
N ILE A 57 -4.28 -2.50 8.12
CA ILE A 57 -5.26 -1.78 7.34
C ILE A 57 -4.96 -1.90 5.84
N LEU A 58 -3.68 -1.94 5.51
CA LEU A 58 -3.27 -2.09 4.10
C LEU A 58 -3.50 -3.52 3.66
N HIS A 59 -2.97 -4.47 4.42
CA HIS A 59 -3.15 -5.88 4.10
C HIS A 59 -4.63 -6.19 3.94
N SER A 60 -5.47 -5.39 4.59
CA SER A 60 -6.91 -5.57 4.53
C SER A 60 -7.47 -4.93 3.26
N MET A 61 -7.06 -3.69 2.99
CA MET A 61 -7.52 -2.99 1.79
C MET A 61 -7.16 -3.80 0.56
N VAL A 62 -6.11 -4.59 0.68
CA VAL A 62 -5.65 -5.45 -0.40
C VAL A 62 -6.80 -6.28 -0.97
N GLN A 63 -7.56 -6.91 -0.07
CA GLN A 63 -8.68 -7.74 -0.48
C GLN A 63 -9.88 -6.88 -0.84
N LYS A 64 -9.79 -5.59 -0.50
CA LYS A 64 -10.87 -4.65 -0.79
C LYS A 64 -10.64 -3.98 -2.14
N PHE A 65 -9.40 -4.09 -2.62
CA PHE A 65 -9.02 -3.49 -3.89
C PHE A 65 -8.12 -4.43 -4.70
N PRO A 66 -8.64 -5.61 -5.09
CA PRO A 66 -7.88 -6.58 -5.88
C PRO A 66 -7.30 -5.95 -7.14
N GLY A 67 -8.11 -5.14 -7.83
CA GLY A 67 -7.65 -4.48 -9.03
C GLY A 67 -6.42 -3.63 -8.76
N VAL A 68 -6.42 -2.99 -7.60
CA VAL A 68 -5.30 -2.14 -7.20
C VAL A 68 -4.07 -3.01 -6.91
N SER A 69 -2.89 -2.50 -7.24
CA SER A 69 -1.67 -3.25 -7.01
C SER A 69 -1.20 -3.09 -5.57
N PHE A 70 -1.55 -4.07 -4.75
CA PHE A 70 -1.17 -4.06 -3.34
C PHE A 70 0.34 -4.15 -3.18
N GLY A 71 0.90 -3.20 -2.45
CA GLY A 71 2.33 -3.19 -2.23
C GLY A 71 2.69 -2.67 -0.86
N ILE A 72 3.92 -2.95 -0.42
CA ILE A 72 4.38 -2.50 0.89
C ILE A 72 5.90 -2.47 0.91
N SER A 73 6.46 -1.47 1.58
CA SER A 73 7.90 -1.34 1.66
C SER A 73 8.35 -0.82 3.03
N THR A 74 9.59 -1.15 3.39
CA THR A 74 10.17 -0.74 4.65
C THR A 74 11.63 -0.34 4.48
N ASP A 75 12.09 -0.40 3.24
CA ASP A 75 13.47 -0.05 2.91
C ASP A 75 13.67 1.45 2.96
N SER A 76 14.80 1.88 3.50
CA SER A 76 15.11 3.29 3.61
C SER A 76 15.20 3.95 2.24
N GLU A 77 15.98 3.35 1.34
CA GLU A 77 16.16 3.89 -0.01
C GLU A 77 14.83 4.20 -0.67
N VAL A 78 13.87 3.29 -0.54
CA VAL A 78 12.54 3.49 -1.12
C VAL A 78 11.79 4.59 -0.39
N LEU A 79 11.69 4.45 0.93
CA LEU A 79 11.01 5.44 1.75
C LEU A 79 11.65 6.80 1.59
N THR A 80 12.86 6.81 1.02
CA THR A 80 13.59 8.05 0.78
C THR A 80 13.24 8.61 -0.59
N HIS A 81 13.17 7.71 -1.57
CA HIS A 81 12.84 8.08 -2.94
C HIS A 81 11.47 8.73 -2.99
N TYR A 82 10.55 8.23 -2.18
CA TYR A 82 9.20 8.76 -2.13
C TYR A 82 9.05 9.79 -1.02
N ASN A 83 10.18 10.22 -0.46
CA ASN A 83 10.19 11.21 0.60
C ASN A 83 9.36 10.77 1.80
N ILE A 84 9.12 9.48 1.91
CA ILE A 84 8.34 8.92 3.01
C ILE A 84 8.96 9.28 4.36
N THR A 85 8.19 9.98 5.20
CA THR A 85 8.67 10.39 6.51
C THR A 85 7.58 10.27 7.57
N GLY A 86 6.99 9.07 7.67
CA GLY A 86 5.94 8.83 8.64
C GLY A 86 5.05 7.67 8.27
N ASN A 87 5.66 6.56 7.87
CA ASN A 87 4.91 5.37 7.47
C ASN A 87 3.84 5.74 6.44
N THR A 88 4.22 6.58 5.50
CA THR A 88 3.31 7.05 4.47
C THR A 88 2.91 5.94 3.48
N ILE A 89 1.73 6.10 2.89
CA ILE A 89 1.20 5.17 1.90
C ILE A 89 0.98 5.90 0.60
N CYS A 90 1.67 5.47 -0.46
CA CYS A 90 1.56 6.15 -1.74
C CYS A 90 0.78 5.34 -2.77
N LEU A 91 -0.08 6.03 -3.50
CA LEU A 91 -0.88 5.42 -4.55
C LEU A 91 -0.43 5.93 -5.92
N PHE A 92 0.31 5.09 -6.64
CA PHE A 92 0.79 5.46 -7.96
C PHE A 92 -0.13 4.90 -9.04
N ARG A 93 -0.73 5.79 -9.82
CA ARG A 93 -1.64 5.38 -10.89
C ARG A 93 -0.95 5.46 -12.25
N LEU A 94 -0.17 4.42 -12.56
CA LEU A 94 0.59 4.33 -13.82
C LEU A 94 -0.03 5.14 -14.95
N VAL A 95 -1.27 4.82 -15.32
CA VAL A 95 -1.96 5.51 -16.40
C VAL A 95 -1.70 7.01 -16.41
N ASP A 96 -2.09 7.68 -15.34
CA ASP A 96 -1.89 9.12 -15.23
C ASP A 96 -0.59 9.45 -14.50
N ASN A 97 0.13 8.40 -14.10
CA ASN A 97 1.40 8.53 -13.40
C ASN A 97 1.26 9.46 -12.19
N GLU A 98 0.12 9.36 -11.49
CA GLU A 98 -0.12 10.19 -10.31
C GLU A 98 0.44 9.52 -9.07
N GLN A 99 0.71 10.32 -8.04
CA GLN A 99 1.24 9.81 -6.79
C GLN A 99 0.54 10.44 -5.59
N LEU A 100 -0.40 9.71 -5.00
CA LEU A 100 -1.13 10.20 -3.83
C LEU A 100 -0.40 9.79 -2.57
N ASN A 101 0.09 10.77 -1.81
CA ASN A 101 0.82 10.49 -0.59
C ASN A 101 -0.05 10.59 0.66
N LEU A 102 -0.29 9.44 1.28
CA LEU A 102 -1.06 9.35 2.51
C LEU A 102 -0.06 9.29 3.67
N GLU A 103 0.49 10.45 4.01
CA GLU A 103 1.51 10.54 5.05
C GLU A 103 0.93 10.52 6.47
N ASP A 104 1.77 10.92 7.42
CA ASP A 104 1.41 10.95 8.84
C ASP A 104 0.03 11.56 9.08
N GLU A 105 -0.19 12.74 8.52
CA GLU A 105 -1.47 13.44 8.68
C GLU A 105 -2.64 12.49 8.43
N ASP A 106 -2.35 11.36 7.80
CA ASP A 106 -3.37 10.36 7.49
C ASP A 106 -2.96 8.97 8.00
N ILE A 107 -1.68 8.82 8.37
CA ILE A 107 -1.16 7.54 8.86
C ILE A 107 -1.26 7.44 10.39
N GLU A 108 -0.93 8.52 11.07
CA GLU A 108 -0.99 8.55 12.53
C GLU A 108 -2.35 8.08 13.05
N SER A 109 -3.38 8.34 12.25
CA SER A 109 -4.74 7.93 12.60
C SER A 109 -5.40 7.20 11.43
N ILE A 110 -4.60 6.44 10.70
CA ILE A 110 -5.10 5.69 9.55
C ILE A 110 -6.09 4.61 9.96
N ASP A 111 -7.10 4.41 9.12
CA ASP A 111 -8.11 3.41 9.36
C ASP A 111 -8.45 2.70 8.05
N ALA A 112 -8.79 1.42 8.13
CA ALA A 112 -9.12 0.67 6.92
C ALA A 112 -10.08 1.46 6.05
N THR A 113 -10.99 2.18 6.69
CA THR A 113 -11.95 3.01 5.98
C THR A 113 -11.23 4.09 5.20
N LYS A 114 -10.31 4.78 5.87
CA LYS A 114 -9.54 5.85 5.24
C LYS A 114 -8.74 5.34 4.05
N LEU A 115 -7.83 4.40 4.29
CA LEU A 115 -7.02 3.83 3.22
C LEU A 115 -7.90 3.45 2.02
N SER A 116 -8.89 2.61 2.28
CA SER A 116 -9.81 2.16 1.25
C SER A 116 -10.52 3.34 0.60
N ARG A 117 -10.75 4.39 1.38
CA ARG A 117 -11.42 5.59 0.89
C ARG A 117 -10.51 6.33 -0.07
N PHE A 118 -9.40 6.84 0.45
CA PHE A 118 -8.44 7.58 -0.36
C PHE A 118 -8.20 6.85 -1.68
N ILE A 119 -8.05 5.53 -1.60
CA ILE A 119 -7.86 4.73 -2.79
C ILE A 119 -9.09 4.85 -3.68
N GLU A 120 -10.25 4.54 -3.11
CA GLU A 120 -11.51 4.63 -3.84
C GLU A 120 -11.68 6.02 -4.44
N ILE A 121 -10.94 6.97 -3.90
CA ILE A 121 -11.00 8.36 -4.35
C ILE A 121 -10.05 8.62 -5.52
N ASN A 122 -8.87 7.97 -5.51
CA ASN A 122 -7.90 8.17 -6.58
C ASN A 122 -7.48 6.85 -7.22
N SER A 123 -8.37 5.86 -7.22
CA SER A 123 -8.08 4.57 -7.82
C SER A 123 -8.32 4.62 -9.33
N LEU A 124 -7.79 5.67 -9.95
CA LEU A 124 -7.93 5.86 -11.39
C LEU A 124 -6.74 5.30 -12.15
N GLU A 9 -6.36 -16.23 25.66
CA GLU A 9 -5.58 -17.38 26.17
C GLU A 9 -4.54 -17.85 25.15
N VAL A 10 -4.97 -17.94 23.89
CA VAL A 10 -4.08 -18.37 22.81
C VAL A 10 -3.19 -17.23 22.34
N GLU A 11 -2.12 -17.57 21.64
CA GLU A 11 -1.17 -16.58 21.13
C GLU A 11 -0.88 -16.82 19.66
N LYS A 12 -1.37 -15.93 18.81
CA LYS A 12 -1.15 -16.04 17.37
C LYS A 12 -1.68 -17.38 16.85
N SER A 13 -3.00 -17.54 16.87
CA SER A 13 -3.63 -18.77 16.42
C SER A 13 -4.55 -18.49 15.24
N SER A 14 -4.11 -17.62 14.33
CA SER A 14 -4.89 -17.26 13.15
C SER A 14 -6.26 -16.73 13.54
N ASP A 15 -6.28 -15.61 14.26
CA ASP A 15 -7.53 -15.01 14.70
C ASP A 15 -8.05 -14.04 13.65
N GLY A 16 -7.17 -13.58 12.78
CA GLY A 16 -7.56 -12.65 11.74
C GLY A 16 -6.90 -12.97 10.40
N PRO A 17 -7.35 -12.32 9.31
CA PRO A 17 -6.78 -12.55 7.97
C PRO A 17 -5.27 -12.37 7.95
N GLY A 18 -4.57 -13.43 7.54
CA GLY A 18 -3.12 -13.37 7.48
C GLY A 18 -2.55 -14.22 6.36
N ALA A 19 -3.33 -14.39 5.30
CA ALA A 19 -2.90 -15.18 4.15
C ALA A 19 -3.66 -14.77 2.90
N ALA A 20 -4.85 -14.21 3.12
CA ALA A 20 -5.71 -13.76 2.03
C ALA A 20 -5.04 -12.64 1.24
N GLN A 21 -4.19 -13.03 0.28
CA GLN A 21 -3.45 -12.09 -0.57
C GLN A 21 -2.83 -10.93 0.21
N GLU A 22 -1.50 -10.91 0.23
CA GLU A 22 -0.78 -9.86 0.95
C GLU A 22 -0.08 -8.92 -0.03
N PRO A 23 0.24 -7.69 0.40
CA PRO A 23 0.91 -6.69 -0.44
C PRO A 23 2.34 -7.08 -0.79
N THR A 24 2.73 -6.81 -2.03
CA THR A 24 4.07 -7.14 -2.52
C THR A 24 5.15 -6.53 -1.64
N TRP A 25 6.33 -7.16 -1.67
CA TRP A 25 7.47 -6.70 -0.89
C TRP A 25 8.45 -5.91 -1.76
N LEU A 26 8.27 -4.60 -1.79
CA LEU A 26 9.13 -3.73 -2.59
C LEU A 26 10.32 -3.25 -1.76
N THR A 27 11.26 -4.15 -1.51
CA THR A 27 12.44 -3.85 -0.72
C THR A 27 13.44 -2.98 -1.48
N ASP A 28 13.11 -2.61 -2.71
CA ASP A 28 14.00 -1.79 -3.51
C ASP A 28 13.24 -0.79 -4.38
N VAL A 29 13.84 0.37 -4.60
CA VAL A 29 13.23 1.41 -5.41
C VAL A 29 12.85 0.90 -6.80
N PRO A 30 13.79 0.25 -7.52
CA PRO A 30 13.51 -0.28 -8.86
C PRO A 30 12.36 -1.28 -8.85
N ALA A 31 12.37 -2.17 -7.86
CA ALA A 31 11.32 -3.18 -7.75
C ALA A 31 9.98 -2.52 -7.48
N ALA A 32 10.02 -1.44 -6.72
CA ALA A 32 8.83 -0.68 -6.39
C ALA A 32 8.23 -0.06 -7.65
N MET A 33 9.02 0.75 -8.32
CA MET A 33 8.60 1.41 -9.54
C MET A 33 8.26 0.40 -10.62
N GLU A 34 8.84 -0.80 -10.53
CA GLU A 34 8.58 -1.85 -11.49
C GLU A 34 7.17 -2.40 -11.31
N PHE A 35 6.84 -2.78 -10.07
CA PHE A 35 5.52 -3.31 -9.77
C PHE A 35 4.46 -2.27 -10.11
N ILE A 36 4.81 -1.00 -9.91
CA ILE A 36 3.90 0.09 -10.23
C ILE A 36 3.79 0.27 -11.74
N ALA A 37 4.91 0.10 -12.41
CA ALA A 37 4.97 0.24 -13.87
C ALA A 37 4.33 -0.96 -14.55
N ALA A 38 4.18 -2.05 -13.80
CA ALA A 38 3.59 -3.27 -14.33
C ALA A 38 2.11 -3.35 -14.00
N THR A 39 1.49 -2.19 -13.79
CA THR A 39 0.07 -2.14 -13.46
C THR A 39 -0.46 -0.72 -13.50
N GLU A 40 -1.76 -0.58 -13.77
CA GLU A 40 -2.41 0.73 -13.84
C GLU A 40 -2.36 1.41 -12.48
N VAL A 41 -3.24 0.99 -11.56
CA VAL A 41 -3.29 1.56 -10.23
C VAL A 41 -2.48 0.72 -9.25
N ALA A 42 -1.67 1.39 -8.44
CA ALA A 42 -0.82 0.69 -7.48
C ALA A 42 -0.81 1.38 -6.13
N VAL A 43 -1.16 0.64 -5.08
CA VAL A 43 -1.15 1.17 -3.74
C VAL A 43 -0.08 0.48 -2.91
N ILE A 44 0.76 1.28 -2.28
CA ILE A 44 1.86 0.74 -1.50
C ILE A 44 2.00 1.42 -0.14
N GLY A 45 2.27 0.60 0.88
CA GLY A 45 2.44 1.11 2.21
C GLY A 45 3.91 1.24 2.60
N PHE A 46 4.45 2.45 2.50
CA PHE A 46 5.83 2.71 2.86
C PHE A 46 5.95 2.95 4.36
N PHE A 47 6.17 1.87 5.10
CA PHE A 47 6.26 1.95 6.56
C PHE A 47 7.66 1.71 7.08
N GLN A 48 8.02 2.45 8.12
CA GLN A 48 9.33 2.29 8.75
C GLN A 48 9.24 1.20 9.80
N ASP A 49 8.01 0.75 10.03
CA ASP A 49 7.72 -0.30 11.01
C ASP A 49 6.46 -1.05 10.58
N LEU A 50 6.53 -2.38 10.58
CA LEU A 50 5.38 -3.18 10.17
C LEU A 50 4.60 -3.69 11.38
N GLU A 51 4.32 -2.77 12.31
CA GLU A 51 3.55 -3.09 13.51
C GLU A 51 2.55 -1.99 13.79
N ILE A 52 2.48 -1.03 12.86
CA ILE A 52 1.57 0.09 12.97
C ILE A 52 0.21 -0.24 12.36
N PRO A 53 -0.86 0.45 12.79
CA PRO A 53 -2.22 0.23 12.28
C PRO A 53 -2.30 0.26 10.76
N ALA A 54 -1.42 1.02 10.15
CA ALA A 54 -1.40 1.16 8.69
C ALA A 54 -1.13 -0.17 7.98
N VAL A 55 -0.27 -0.99 8.56
CA VAL A 55 0.07 -2.28 7.94
C VAL A 55 -1.16 -3.18 7.82
N PRO A 56 -1.86 -3.51 8.94
CA PRO A 56 -3.05 -4.36 8.88
C PRO A 56 -4.12 -3.78 8.00
N ILE A 57 -4.26 -2.46 8.06
CA ILE A 57 -5.24 -1.73 7.27
C ILE A 57 -4.95 -1.88 5.78
N LEU A 58 -3.68 -1.90 5.42
CA LEU A 58 -3.29 -2.07 4.02
C LEU A 58 -3.50 -3.50 3.60
N HIS A 59 -2.93 -4.44 4.35
CA HIS A 59 -3.09 -5.86 4.05
C HIS A 59 -4.58 -6.21 3.95
N SER A 60 -5.40 -5.38 4.58
CA SER A 60 -6.85 -5.57 4.56
C SER A 60 -7.46 -4.94 3.32
N MET A 61 -7.01 -3.73 2.98
CA MET A 61 -7.50 -3.04 1.80
C MET A 61 -7.17 -3.86 0.56
N VAL A 62 -6.12 -4.68 0.68
CA VAL A 62 -5.69 -5.54 -0.41
C VAL A 62 -6.85 -6.37 -0.95
N GLN A 63 -7.61 -6.96 -0.04
CA GLN A 63 -8.75 -7.77 -0.43
C GLN A 63 -9.93 -6.90 -0.83
N LYS A 64 -9.85 -5.61 -0.51
CA LYS A 64 -10.91 -4.67 -0.84
C LYS A 64 -10.65 -4.03 -2.20
N PHE A 65 -9.41 -4.12 -2.66
CA PHE A 65 -9.02 -3.56 -3.93
C PHE A 65 -8.11 -4.50 -4.72
N PRO A 66 -8.63 -5.69 -5.11
CA PRO A 66 -7.87 -6.67 -5.88
C PRO A 66 -7.27 -6.05 -7.14
N GLY A 67 -8.09 -5.30 -7.86
CA GLY A 67 -7.62 -4.65 -9.07
C GLY A 67 -6.39 -3.80 -8.81
N VAL A 68 -6.42 -3.07 -7.70
CA VAL A 68 -5.31 -2.22 -7.30
C VAL A 68 -4.07 -3.07 -7.01
N SER A 69 -2.89 -2.54 -7.30
CA SER A 69 -1.65 -3.28 -7.07
C SER A 69 -1.20 -3.13 -5.62
N PHE A 70 -1.55 -4.13 -4.81
CA PHE A 70 -1.17 -4.13 -3.41
C PHE A 70 0.34 -4.22 -3.24
N GLY A 71 0.90 -3.28 -2.50
CA GLY A 71 2.33 -3.28 -2.26
C GLY A 71 2.68 -2.75 -0.89
N ILE A 72 3.90 -3.04 -0.45
CA ILE A 72 4.36 -2.60 0.86
C ILE A 72 5.88 -2.61 0.92
N SER A 73 6.45 -1.64 1.62
CA SER A 73 7.91 -1.56 1.72
C SER A 73 8.34 -0.95 3.05
N THR A 74 9.57 -1.28 3.46
CA THR A 74 10.13 -0.76 4.69
C THR A 74 11.58 -0.34 4.49
N ASP A 75 12.07 -0.51 3.27
CA ASP A 75 13.44 -0.15 2.93
C ASP A 75 13.62 1.36 2.98
N SER A 76 14.72 1.80 3.57
CA SER A 76 15.02 3.22 3.68
C SER A 76 15.15 3.89 2.32
N GLU A 77 15.93 3.27 1.43
CA GLU A 77 16.14 3.82 0.09
C GLU A 77 14.83 4.13 -0.60
N VAL A 78 13.85 3.24 -0.45
CA VAL A 78 12.55 3.45 -1.07
C VAL A 78 11.79 4.54 -0.34
N LEU A 79 11.65 4.40 0.97
CA LEU A 79 10.97 5.38 1.79
C LEU A 79 11.63 6.74 1.65
N THR A 80 12.83 6.74 1.10
CA THR A 80 13.58 7.98 0.89
C THR A 80 13.29 8.54 -0.51
N HIS A 81 13.25 7.65 -1.48
CA HIS A 81 12.98 8.03 -2.86
C HIS A 81 11.61 8.69 -2.98
N TYR A 82 10.64 8.15 -2.25
CA TYR A 82 9.29 8.69 -2.26
C TYR A 82 9.12 9.75 -1.17
N ASN A 83 10.24 10.16 -0.59
CA ASN A 83 10.24 11.19 0.45
C ASN A 83 9.37 10.78 1.64
N ILE A 84 9.18 9.47 1.81
CA ILE A 84 8.37 8.95 2.92
C ILE A 84 8.99 9.31 4.26
N THR A 85 8.21 9.97 5.10
CA THR A 85 8.69 10.37 6.42
C THR A 85 7.59 10.24 7.48
N GLY A 86 7.08 9.01 7.65
CA GLY A 86 6.03 8.79 8.63
C GLY A 86 5.13 7.63 8.25
N ASN A 87 5.72 6.52 7.83
CA ASN A 87 4.96 5.34 7.43
C ASN A 87 3.89 5.71 6.42
N THR A 88 4.26 6.53 5.46
CA THR A 88 3.35 7.00 4.43
C THR A 88 2.92 5.89 3.47
N ILE A 89 1.74 6.06 2.87
CA ILE A 89 1.20 5.13 1.90
C ILE A 89 0.99 5.84 0.57
N CYS A 90 1.69 5.40 -0.46
CA CYS A 90 1.59 6.06 -1.76
C CYS A 90 0.80 5.26 -2.79
N LEU A 91 -0.09 5.95 -3.49
CA LEU A 91 -0.90 5.35 -4.53
C LEU A 91 -0.46 5.89 -5.90
N PHE A 92 0.27 5.08 -6.65
CA PHE A 92 0.75 5.49 -7.96
C PHE A 92 -0.17 4.94 -9.06
N ARG A 93 -0.79 5.85 -9.82
CA ARG A 93 -1.68 5.44 -10.90
C ARG A 93 -0.98 5.55 -12.25
N LEU A 94 -0.17 4.54 -12.56
CA LEU A 94 0.61 4.47 -13.80
C LEU A 94 0.01 5.30 -14.93
N VAL A 95 -1.22 4.97 -15.32
CA VAL A 95 -1.90 5.66 -16.41
C VAL A 95 -1.67 7.17 -16.39
N ASP A 96 -2.07 7.83 -15.30
CA ASP A 96 -1.91 9.26 -15.17
C ASP A 96 -0.64 9.60 -14.40
N ASN A 97 0.11 8.56 -14.04
CA ASN A 97 1.36 8.72 -13.30
C ASN A 97 1.17 9.55 -12.03
N GLU A 98 -0.03 9.49 -11.46
CA GLU A 98 -0.31 10.23 -10.24
C GLU A 98 0.34 9.56 -9.04
N GLN A 99 0.64 10.35 -8.01
CA GLN A 99 1.24 9.84 -6.80
C GLN A 99 0.59 10.44 -5.56
N LEU A 100 -0.37 9.72 -5.00
CA LEU A 100 -1.08 10.17 -3.81
C LEU A 100 -0.32 9.73 -2.55
N ASN A 101 0.18 10.70 -1.80
CA ASN A 101 0.94 10.39 -0.60
C ASN A 101 0.11 10.53 0.67
N LEU A 102 -0.18 9.39 1.29
CA LEU A 102 -0.93 9.34 2.54
C LEU A 102 0.06 9.27 3.68
N GLU A 103 0.63 10.42 4.02
CA GLU A 103 1.67 10.50 5.05
C GLU A 103 1.11 10.46 6.46
N ASP A 104 1.98 10.85 7.42
CA ASP A 104 1.62 10.86 8.83
C ASP A 104 0.32 11.62 9.10
N GLU A 105 0.09 12.68 8.33
CA GLU A 105 -1.13 13.47 8.48
C GLU A 105 -2.37 12.58 8.32
N ASP A 106 -2.13 11.39 7.77
CA ASP A 106 -3.20 10.42 7.55
C ASP A 106 -2.83 9.04 8.09
N ILE A 107 -1.55 8.84 8.39
CA ILE A 107 -1.06 7.56 8.91
C ILE A 107 -1.13 7.51 10.44
N GLU A 108 -1.04 8.68 11.06
CA GLU A 108 -1.09 8.78 12.52
C GLU A 108 -2.38 8.16 13.06
N SER A 109 -3.47 8.36 12.33
CA SER A 109 -4.77 7.83 12.72
C SER A 109 -5.44 7.12 11.54
N ILE A 110 -4.63 6.43 10.74
CA ILE A 110 -5.14 5.71 9.58
C ILE A 110 -6.10 4.60 9.98
N ASP A 111 -7.12 4.41 9.14
CA ASP A 111 -8.11 3.37 9.37
C ASP A 111 -8.42 2.68 8.04
N ALA A 112 -8.78 1.39 8.09
CA ALA A 112 -9.09 0.66 6.88
C ALA A 112 -10.05 1.45 6.00
N THR A 113 -10.95 2.19 6.64
CA THR A 113 -11.91 3.02 5.94
C THR A 113 -11.19 4.11 5.15
N LYS A 114 -10.28 4.79 5.82
CA LYS A 114 -9.50 5.86 5.20
C LYS A 114 -8.72 5.35 4.00
N LEU A 115 -7.83 4.38 4.23
CA LEU A 115 -7.02 3.83 3.15
C LEU A 115 -7.91 3.45 1.97
N SER A 116 -8.91 2.61 2.24
CA SER A 116 -9.84 2.17 1.21
C SER A 116 -10.55 3.35 0.58
N ARG A 117 -10.71 4.41 1.35
CA ARG A 117 -11.38 5.61 0.86
C ARG A 117 -10.47 6.33 -0.13
N PHE A 118 -9.35 6.84 0.37
CA PHE A 118 -8.39 7.55 -0.47
C PHE A 118 -8.20 6.80 -1.79
N ILE A 119 -8.06 5.48 -1.69
CA ILE A 119 -7.91 4.66 -2.89
C ILE A 119 -9.16 4.77 -3.74
N GLU A 120 -10.30 4.48 -3.14
CA GLU A 120 -11.57 4.56 -3.84
C GLU A 120 -11.76 5.94 -4.46
N ILE A 121 -10.98 6.90 -3.96
CA ILE A 121 -11.03 8.27 -4.43
C ILE A 121 -10.07 8.51 -5.59
N ASN A 122 -8.91 7.86 -5.58
CA ASN A 122 -7.93 8.04 -6.65
C ASN A 122 -7.51 6.70 -7.28
N SER A 123 -8.41 5.74 -7.29
CA SER A 123 -8.12 4.44 -7.89
C SER A 123 -8.36 4.49 -9.40
N LEU A 124 -7.81 5.52 -10.03
CA LEU A 124 -7.96 5.72 -11.47
C LEU A 124 -6.74 5.22 -12.23
N GLU A 9 -9.56 -10.84 -17.81
CA GLU A 9 -10.26 -9.75 -18.51
C GLU A 9 -10.32 -8.49 -17.66
N VAL A 10 -10.41 -7.34 -18.32
CA VAL A 10 -10.45 -6.06 -17.60
C VAL A 10 -11.76 -5.33 -17.90
N GLU A 11 -12.42 -4.85 -16.85
CA GLU A 11 -13.68 -4.14 -16.98
C GLU A 11 -14.11 -3.53 -15.64
N LYS A 12 -15.06 -2.60 -15.71
CA LYS A 12 -15.56 -1.94 -14.51
C LYS A 12 -16.72 -2.72 -13.90
N SER A 13 -16.52 -4.02 -13.70
CA SER A 13 -17.56 -4.88 -13.13
C SER A 13 -16.95 -6.12 -12.50
N SER A 14 -17.34 -6.40 -11.26
CA SER A 14 -16.83 -7.56 -10.53
C SER A 14 -17.94 -8.25 -9.75
N ASP A 15 -18.11 -9.54 -9.99
CA ASP A 15 -19.15 -10.31 -9.31
C ASP A 15 -18.64 -11.71 -8.98
N GLY A 16 -17.33 -11.85 -8.83
CA GLY A 16 -16.75 -13.15 -8.51
C GLY A 16 -16.45 -13.31 -7.03
N PRO A 17 -15.65 -14.34 -6.67
CA PRO A 17 -15.29 -14.59 -5.27
C PRO A 17 -14.52 -13.42 -4.64
N GLY A 18 -14.05 -13.62 -3.42
CA GLY A 18 -13.30 -12.58 -2.73
C GLY A 18 -11.92 -12.36 -3.32
N ALA A 19 -10.90 -12.50 -2.49
CA ALA A 19 -9.53 -12.31 -2.93
C ALA A 19 -8.54 -12.93 -1.94
N ALA A 20 -8.45 -12.34 -0.76
CA ALA A 20 -7.57 -12.84 0.28
C ALA A 20 -6.12 -12.90 -0.20
N GLN A 21 -5.34 -11.89 0.16
CA GLN A 21 -3.94 -11.81 -0.24
C GLN A 21 -3.21 -10.74 0.55
N GLU A 22 -1.92 -10.58 0.27
CA GLU A 22 -1.11 -9.59 0.97
C GLU A 22 -0.35 -8.69 -0.02
N PRO A 23 0.04 -7.47 0.42
CA PRO A 23 0.77 -6.52 -0.43
C PRO A 23 2.18 -7.00 -0.80
N THR A 24 2.58 -6.70 -2.03
CA THR A 24 3.89 -7.09 -2.53
C THR A 24 5.02 -6.49 -1.68
N TRP A 25 6.16 -7.16 -1.68
CA TRP A 25 7.32 -6.72 -0.92
C TRP A 25 8.31 -5.96 -1.81
N LEU A 26 8.23 -4.64 -1.77
CA LEU A 26 9.11 -3.78 -2.57
C LEU A 26 10.31 -3.33 -1.73
N THR A 27 11.26 -4.24 -1.53
CA THR A 27 12.44 -3.96 -0.73
C THR A 27 13.44 -3.06 -1.47
N ASP A 28 13.13 -2.71 -2.71
CA ASP A 28 14.02 -1.87 -3.49
C ASP A 28 13.25 -0.89 -4.37
N VAL A 29 13.83 0.29 -4.57
CA VAL A 29 13.21 1.33 -5.38
C VAL A 29 12.84 0.81 -6.77
N PRO A 30 13.78 0.14 -7.48
CA PRO A 30 13.51 -0.38 -8.82
C PRO A 30 12.34 -1.35 -8.84
N ALA A 31 12.34 -2.29 -7.89
CA ALA A 31 11.27 -3.27 -7.80
C ALA A 31 9.95 -2.59 -7.52
N ALA A 32 10.01 -1.52 -6.74
CA ALA A 32 8.82 -0.76 -6.40
C ALA A 32 8.22 -0.13 -7.65
N MET A 33 9.01 0.70 -8.31
CA MET A 33 8.59 1.38 -9.53
C MET A 33 8.22 0.38 -10.62
N GLU A 34 8.81 -0.81 -10.57
CA GLU A 34 8.53 -1.84 -11.56
C GLU A 34 7.14 -2.43 -11.34
N PHE A 35 6.86 -2.86 -10.11
CA PHE A 35 5.55 -3.41 -9.80
C PHE A 35 4.47 -2.39 -10.10
N ILE A 36 4.80 -1.11 -9.91
CA ILE A 36 3.86 -0.04 -10.20
C ILE A 36 3.70 0.12 -11.71
N ALA A 37 4.83 0.00 -12.42
CA ALA A 37 4.84 0.13 -13.88
C ALA A 37 4.19 -1.08 -14.53
N ALA A 38 4.07 -2.16 -13.77
CA ALA A 38 3.46 -3.39 -14.29
C ALA A 38 1.98 -3.46 -13.95
N THR A 39 1.36 -2.29 -13.81
CA THR A 39 -0.06 -2.23 -13.47
C THR A 39 -0.58 -0.79 -13.54
N GLU A 40 -1.88 -0.65 -13.75
CA GLU A 40 -2.52 0.67 -13.83
C GLU A 40 -2.44 1.38 -12.48
N VAL A 41 -3.29 0.98 -11.55
CA VAL A 41 -3.31 1.58 -10.21
C VAL A 41 -2.47 0.75 -9.25
N ALA A 42 -1.70 1.43 -8.41
CA ALA A 42 -0.83 0.75 -7.45
C ALA A 42 -0.80 1.46 -6.11
N VAL A 43 -1.10 0.71 -5.05
CA VAL A 43 -1.08 1.25 -3.70
C VAL A 43 0.00 0.56 -2.89
N ILE A 44 0.83 1.36 -2.24
CA ILE A 44 1.95 0.81 -1.47
C ILE A 44 2.10 1.48 -0.11
N GLY A 45 2.32 0.64 0.91
CA GLY A 45 2.48 1.14 2.26
C GLY A 45 3.94 1.26 2.65
N PHE A 46 4.48 2.47 2.58
CA PHE A 46 5.87 2.72 2.94
C PHE A 46 5.99 2.93 4.44
N PHE A 47 6.26 1.85 5.16
CA PHE A 47 6.35 1.90 6.62
C PHE A 47 7.76 1.59 7.11
N GLN A 48 8.17 2.29 8.16
CA GLN A 48 9.47 2.06 8.76
C GLN A 48 9.33 1.01 9.86
N ASP A 49 8.07 0.67 10.14
CA ASP A 49 7.73 -0.32 11.14
C ASP A 49 6.45 -1.04 10.75
N LEU A 50 6.55 -2.35 10.55
CA LEU A 50 5.40 -3.14 10.14
C LEU A 50 4.60 -3.64 11.35
N GLU A 51 4.38 -2.73 12.30
CA GLU A 51 3.62 -3.05 13.50
C GLU A 51 2.60 -1.95 13.79
N ILE A 52 2.50 -1.01 12.85
CA ILE A 52 1.56 0.11 12.97
C ILE A 52 0.18 -0.25 12.41
N PRO A 53 -0.87 0.47 12.82
CA PRO A 53 -2.24 0.24 12.35
C PRO A 53 -2.35 0.27 10.82
N ALA A 54 -1.43 0.99 10.18
CA ALA A 54 -1.43 1.13 8.74
C ALA A 54 -1.17 -0.20 8.03
N VAL A 55 -0.28 -1.01 8.58
CA VAL A 55 0.05 -2.30 7.97
C VAL A 55 -1.18 -3.21 7.83
N PRO A 56 -1.90 -3.49 8.94
CA PRO A 56 -3.09 -4.34 8.89
C PRO A 56 -4.16 -3.75 7.98
N ILE A 57 -4.32 -2.43 8.07
CA ILE A 57 -5.29 -1.71 7.27
C ILE A 57 -4.98 -1.85 5.78
N LEU A 58 -3.70 -1.89 5.45
CA LEU A 58 -3.29 -2.03 4.05
C LEU A 58 -3.52 -3.47 3.60
N HIS A 59 -3.01 -4.41 4.39
CA HIS A 59 -3.20 -5.83 4.09
C HIS A 59 -4.69 -6.13 3.93
N SER A 60 -5.51 -5.32 4.59
CA SER A 60 -6.96 -5.48 4.55
C SER A 60 -7.52 -4.85 3.27
N MET A 61 -7.08 -3.64 2.96
CA MET A 61 -7.55 -2.94 1.77
C MET A 61 -7.19 -3.77 0.54
N VAL A 62 -6.15 -4.57 0.67
CA VAL A 62 -5.68 -5.43 -0.41
C VAL A 62 -6.81 -6.31 -0.93
N GLN A 63 -7.53 -6.94 -0.02
CA GLN A 63 -8.64 -7.82 -0.38
C GLN A 63 -9.85 -6.99 -0.76
N LYS A 64 -9.78 -5.69 -0.50
CA LYS A 64 -10.87 -4.78 -0.82
C LYS A 64 -10.65 -4.14 -2.19
N PHE A 65 -9.40 -4.18 -2.63
CA PHE A 65 -9.04 -3.60 -3.92
C PHE A 65 -8.13 -4.54 -4.73
N PRO A 66 -8.63 -5.74 -5.08
CA PRO A 66 -7.86 -6.71 -5.86
C PRO A 66 -7.30 -6.08 -7.14
N GLY A 67 -8.12 -5.25 -7.78
CA GLY A 67 -7.69 -4.57 -8.98
C GLY A 67 -6.47 -3.71 -8.73
N VAL A 68 -6.48 -3.01 -7.61
CA VAL A 68 -5.37 -2.15 -7.22
C VAL A 68 -4.13 -3.01 -6.95
N SER A 69 -2.96 -2.47 -7.28
CA SER A 69 -1.72 -3.21 -7.07
C SER A 69 -1.23 -3.05 -5.64
N PHE A 70 -1.57 -4.04 -4.81
CA PHE A 70 -1.17 -4.03 -3.41
C PHE A 70 0.34 -4.11 -3.27
N GLY A 71 0.90 -3.20 -2.48
CA GLY A 71 2.33 -3.17 -2.27
C GLY A 71 2.70 -2.66 -0.90
N ILE A 72 3.92 -2.94 -0.47
CA ILE A 72 4.38 -2.49 0.85
C ILE A 72 5.90 -2.52 0.89
N SER A 73 6.50 -1.55 1.57
CA SER A 73 7.95 -1.46 1.67
C SER A 73 8.40 -0.93 3.01
N THR A 74 9.62 -1.27 3.39
CA THR A 74 10.20 -0.82 4.64
C THR A 74 11.67 -0.44 4.45
N ASP A 75 12.11 -0.46 3.20
CA ASP A 75 13.49 -0.12 2.86
C ASP A 75 13.71 1.39 2.92
N SER A 76 14.89 1.80 3.36
CA SER A 76 15.22 3.21 3.47
C SER A 76 15.26 3.88 2.10
N GLU A 77 16.07 3.33 1.20
CA GLU A 77 16.21 3.88 -0.15
C GLU A 77 14.85 4.15 -0.79
N VAL A 78 13.90 3.25 -0.59
CA VAL A 78 12.57 3.42 -1.15
C VAL A 78 11.82 4.53 -0.42
N LEU A 79 11.72 4.38 0.90
CA LEU A 79 11.03 5.37 1.72
C LEU A 79 11.67 6.75 1.56
N THR A 80 12.87 6.76 0.99
CA THR A 80 13.60 8.00 0.75
C THR A 80 13.24 8.58 -0.61
N HIS A 81 13.27 7.73 -1.63
CA HIS A 81 12.94 8.14 -2.98
C HIS A 81 11.52 8.70 -3.05
N TYR A 82 10.64 8.15 -2.23
CA TYR A 82 9.25 8.59 -2.18
C TYR A 82 9.08 9.66 -1.10
N ASN A 83 10.19 10.11 -0.53
CA ASN A 83 10.19 11.13 0.51
C ASN A 83 9.34 10.71 1.71
N ILE A 84 9.15 9.40 1.88
CA ILE A 84 8.37 8.87 2.97
C ILE A 84 8.97 9.25 4.33
N THR A 85 8.21 9.95 5.15
CA THR A 85 8.67 10.37 6.46
C THR A 85 7.57 10.27 7.50
N GLY A 86 7.03 9.07 7.67
CA GLY A 86 5.97 8.85 8.64
C GLY A 86 5.08 7.67 8.28
N ASN A 87 5.71 6.57 7.85
CA ASN A 87 4.98 5.38 7.47
C ASN A 87 3.89 5.73 6.46
N THR A 88 4.26 6.57 5.51
CA THR A 88 3.35 7.04 4.47
C THR A 88 2.93 5.93 3.50
N ILE A 89 1.76 6.11 2.89
CA ILE A 89 1.23 5.16 1.91
C ILE A 89 1.02 5.88 0.58
N CYS A 90 1.74 5.47 -0.45
CA CYS A 90 1.63 6.14 -1.74
C CYS A 90 0.85 5.32 -2.77
N LEU A 91 -0.01 6.02 -3.50
CA LEU A 91 -0.81 5.41 -4.56
C LEU A 91 -0.39 5.95 -5.92
N PHE A 92 0.32 5.13 -6.68
CA PHE A 92 0.76 5.52 -8.02
C PHE A 92 -0.18 4.98 -9.08
N ARG A 93 -0.73 5.87 -9.90
CA ARG A 93 -1.66 5.47 -10.95
C ARG A 93 -0.99 5.54 -12.33
N LEU A 94 -0.25 4.50 -12.66
CA LEU A 94 0.49 4.39 -13.93
C LEU A 94 -0.13 5.21 -15.05
N VAL A 95 -1.40 4.91 -15.38
CA VAL A 95 -2.10 5.61 -16.44
C VAL A 95 -1.88 7.11 -16.42
N ASP A 96 -2.18 7.74 -15.28
CA ASP A 96 -2.01 9.18 -15.15
C ASP A 96 -0.73 9.53 -14.41
N ASN A 97 0.14 8.53 -14.26
CA ASN A 97 1.43 8.69 -13.59
C ASN A 97 1.30 9.48 -12.28
N GLU A 98 0.11 9.46 -11.69
CA GLU A 98 -0.12 10.17 -10.44
C GLU A 98 0.57 9.47 -9.28
N GLN A 99 0.83 10.21 -8.21
CA GLN A 99 1.48 9.65 -7.03
C GLN A 99 0.91 10.27 -5.76
N LEU A 100 -0.19 9.70 -5.29
CA LEU A 100 -0.84 10.19 -4.07
C LEU A 100 -0.01 9.83 -2.85
N ASN A 101 -0.05 10.67 -1.82
CA ASN A 101 0.73 10.42 -0.61
C ASN A 101 -0.13 10.52 0.65
N LEU A 102 -0.28 9.38 1.31
CA LEU A 102 -1.04 9.29 2.56
C LEU A 102 -0.02 9.25 3.70
N GLU A 103 0.54 10.41 4.01
CA GLU A 103 1.58 10.53 5.03
C GLU A 103 1.04 10.46 6.45
N ASP A 104 1.91 10.83 7.40
CA ASP A 104 1.57 10.80 8.81
C ASP A 104 0.26 11.52 9.11
N GLU A 105 0.01 12.63 8.42
CA GLU A 105 -1.22 13.39 8.61
C GLU A 105 -2.44 12.49 8.41
N ASP A 106 -2.20 11.34 7.81
CA ASP A 106 -3.27 10.38 7.54
C ASP A 106 -2.90 8.98 8.06
N ILE A 107 -1.62 8.78 8.39
CA ILE A 107 -1.13 7.49 8.89
C ILE A 107 -1.24 7.39 10.41
N GLU A 108 -1.27 8.53 11.09
CA GLU A 108 -1.39 8.55 12.55
C GLU A 108 -2.60 7.74 13.00
N SER A 109 -3.78 8.22 12.66
CA SER A 109 -5.02 7.55 13.03
C SER A 109 -5.64 6.87 11.81
N ILE A 110 -4.79 6.36 10.93
CA ILE A 110 -5.24 5.68 9.73
C ILE A 110 -6.20 4.55 10.06
N ASP A 111 -7.23 4.39 9.22
CA ASP A 111 -8.21 3.33 9.40
C ASP A 111 -8.48 2.65 8.07
N ALA A 112 -8.86 1.38 8.11
CA ALA A 112 -9.14 0.64 6.88
C ALA A 112 -10.09 1.43 5.99
N THR A 113 -11.01 2.15 6.63
CA THR A 113 -11.96 2.98 5.91
C THR A 113 -11.25 4.08 5.16
N LYS A 114 -10.34 4.76 5.85
CA LYS A 114 -9.57 5.85 5.25
C LYS A 114 -8.75 5.36 4.07
N LEU A 115 -7.85 4.42 4.30
CA LEU A 115 -7.02 3.87 3.24
C LEU A 115 -7.88 3.48 2.04
N SER A 116 -8.87 2.63 2.30
CA SER A 116 -9.77 2.17 1.25
C SER A 116 -10.49 3.35 0.59
N ARG A 117 -10.70 4.40 1.37
CA ARG A 117 -11.37 5.60 0.87
C ARG A 117 -10.47 6.33 -0.10
N PHE A 118 -9.36 6.86 0.42
CA PHE A 118 -8.38 7.58 -0.40
C PHE A 118 -8.15 6.83 -1.71
N ILE A 119 -8.00 5.51 -1.61
CA ILE A 119 -7.80 4.68 -2.79
C ILE A 119 -9.02 4.79 -3.68
N GLU A 120 -10.18 4.50 -3.11
CA GLU A 120 -11.44 4.56 -3.84
C GLU A 120 -11.62 5.94 -4.45
N ILE A 121 -10.89 6.91 -3.93
CA ILE A 121 -10.96 8.29 -4.40
C ILE A 121 -10.00 8.55 -5.57
N ASN A 122 -8.83 7.92 -5.53
CA ASN A 122 -7.85 8.12 -6.59
C ASN A 122 -7.45 6.80 -7.27
N SER A 123 -8.35 5.83 -7.25
CA SER A 123 -8.09 4.54 -7.88
C SER A 123 -8.34 4.63 -9.38
N LEU A 124 -7.73 5.63 -10.02
CA LEU A 124 -7.89 5.83 -11.44
C LEU A 124 -6.70 5.30 -12.23
N GLU A 9 18.03 -17.65 -0.60
CA GLU A 9 17.40 -18.29 -1.78
C GLU A 9 16.26 -19.21 -1.36
N VAL A 10 15.76 -19.01 -0.14
CA VAL A 10 14.66 -19.82 0.37
C VAL A 10 13.31 -19.18 0.06
N GLU A 11 12.24 -19.97 0.20
CA GLU A 11 10.89 -19.48 -0.07
C GLU A 11 9.88 -20.13 0.86
N LYS A 12 8.83 -19.39 1.19
CA LYS A 12 7.78 -19.89 2.08
C LYS A 12 6.51 -20.22 1.30
N SER A 13 6.02 -21.44 1.45
CA SER A 13 4.81 -21.87 0.76
C SER A 13 4.04 -22.89 1.61
N SER A 14 3.10 -22.40 2.40
CA SER A 14 2.28 -23.27 3.27
C SER A 14 0.85 -23.33 2.77
N ASP A 15 0.28 -24.53 2.78
CA ASP A 15 -1.10 -24.74 2.34
C ASP A 15 -2.00 -25.05 3.53
N GLY A 16 -3.24 -24.56 3.46
CA GLY A 16 -4.18 -24.79 4.54
C GLY A 16 -5.34 -23.81 4.53
N PRO A 17 -6.29 -23.93 5.47
CA PRO A 17 -7.45 -23.04 5.56
C PRO A 17 -7.04 -21.58 5.76
N GLY A 18 -7.69 -20.69 5.01
CA GLY A 18 -7.39 -19.27 5.14
C GLY A 18 -6.09 -18.90 4.42
N ALA A 19 -6.06 -17.69 3.88
CA ALA A 19 -4.89 -17.20 3.17
C ALA A 19 -4.88 -15.68 3.09
N ALA A 20 -5.80 -15.14 2.29
CA ALA A 20 -5.93 -13.71 2.11
C ALA A 20 -4.64 -13.11 1.56
N GLN A 21 -4.69 -12.73 0.29
CA GLN A 21 -3.53 -12.13 -0.39
C GLN A 21 -2.96 -10.98 0.42
N GLU A 22 -1.64 -10.80 0.31
CA GLU A 22 -0.96 -9.73 1.03
C GLU A 22 -0.21 -8.81 0.05
N PRO A 23 0.11 -7.57 0.49
CA PRO A 23 0.83 -6.61 -0.36
C PRO A 23 2.24 -7.07 -0.71
N THR A 24 2.66 -6.75 -1.93
CA THR A 24 3.98 -7.13 -2.43
C THR A 24 5.09 -6.49 -1.59
N TRP A 25 6.23 -7.16 -1.55
CA TRP A 25 7.38 -6.68 -0.79
C TRP A 25 8.37 -5.95 -1.69
N LEU A 26 8.20 -4.63 -1.79
CA LEU A 26 9.08 -3.80 -2.62
C LEU A 26 10.30 -3.36 -1.82
N THR A 27 11.20 -4.30 -1.57
CA THR A 27 12.41 -4.03 -0.80
C THR A 27 13.38 -3.12 -1.56
N ASP A 28 13.06 -2.79 -2.80
CA ASP A 28 13.92 -1.93 -3.59
C ASP A 28 13.14 -0.94 -4.44
N VAL A 29 13.74 0.22 -4.69
CA VAL A 29 13.11 1.26 -5.48
C VAL A 29 12.72 0.76 -6.87
N PRO A 30 13.65 0.10 -7.60
CA PRO A 30 13.36 -0.42 -8.94
C PRO A 30 12.19 -1.40 -8.93
N ALA A 31 12.19 -2.30 -7.94
CA ALA A 31 11.13 -3.29 -7.84
C ALA A 31 9.81 -2.60 -7.54
N ALA A 32 9.88 -1.53 -6.76
CA ALA A 32 8.70 -0.77 -6.41
C ALA A 32 8.08 -0.15 -7.66
N MET A 33 8.89 0.63 -8.37
CA MET A 33 8.45 1.29 -9.59
C MET A 33 8.06 0.28 -10.65
N GLU A 34 8.66 -0.91 -10.60
CA GLU A 34 8.34 -1.95 -11.58
C GLU A 34 6.94 -2.48 -11.34
N PHE A 35 6.64 -2.83 -10.09
CA PHE A 35 5.32 -3.34 -9.75
C PHE A 35 4.27 -2.27 -10.04
N ILE A 36 4.65 -1.02 -9.88
CA ILE A 36 3.76 0.10 -10.15
C ILE A 36 3.57 0.26 -11.66
N ALA A 37 4.66 0.03 -12.39
CA ALA A 37 4.64 0.13 -13.84
C ALA A 37 3.91 -1.04 -14.47
N ALA A 38 3.79 -2.13 -13.70
CA ALA A 38 3.11 -3.33 -14.17
C ALA A 38 1.63 -3.30 -13.79
N THR A 39 1.07 -2.09 -13.70
CA THR A 39 -0.33 -1.93 -13.34
C THR A 39 -0.79 -0.50 -13.56
N GLU A 40 -2.09 -0.33 -13.76
CA GLU A 40 -2.66 1.00 -13.97
C GLU A 40 -2.77 1.75 -12.64
N VAL A 41 -3.01 0.99 -11.57
CA VAL A 41 -3.12 1.57 -10.23
C VAL A 41 -2.32 0.74 -9.24
N ALA A 42 -1.56 1.41 -8.37
CA ALA A 42 -0.74 0.71 -7.39
C ALA A 42 -0.75 1.41 -6.03
N VAL A 43 -1.10 0.67 -5.00
CA VAL A 43 -1.10 1.20 -3.65
C VAL A 43 -0.03 0.51 -2.83
N ILE A 44 0.81 1.31 -2.21
CA ILE A 44 1.92 0.78 -1.45
C ILE A 44 2.07 1.43 -0.08
N GLY A 45 2.37 0.60 0.92
CA GLY A 45 2.53 1.10 2.27
C GLY A 45 4.00 1.21 2.67
N PHE A 46 4.55 2.41 2.58
CA PHE A 46 5.94 2.65 2.94
C PHE A 46 6.04 2.92 4.44
N PHE A 47 6.31 1.86 5.20
CA PHE A 47 6.40 1.97 6.65
C PHE A 47 7.80 1.71 7.18
N GLN A 48 8.15 2.41 8.26
CA GLN A 48 9.45 2.24 8.89
C GLN A 48 9.31 1.22 10.02
N ASP A 49 8.06 0.83 10.27
CA ASP A 49 7.73 -0.14 11.31
C ASP A 49 6.46 -0.89 10.91
N LEU A 50 6.59 -2.19 10.66
CA LEU A 50 5.44 -3.00 10.27
C LEU A 50 4.65 -3.48 11.47
N GLU A 51 4.44 -2.58 12.43
CA GLU A 51 3.68 -2.89 13.63
C GLU A 51 2.65 -1.80 13.89
N ILE A 52 2.46 -0.94 12.90
CA ILE A 52 1.50 0.16 12.99
C ILE A 52 0.14 -0.25 12.45
N PRO A 53 -0.92 0.51 12.80
CA PRO A 53 -2.28 0.24 12.34
C PRO A 53 -2.39 0.24 10.82
N ALA A 54 -1.46 0.93 10.17
CA ALA A 54 -1.46 1.04 8.71
C ALA A 54 -1.18 -0.30 8.02
N VAL A 55 -0.27 -1.08 8.59
CA VAL A 55 0.08 -2.37 8.00
C VAL A 55 -1.13 -3.29 7.86
N PRO A 56 -1.88 -3.57 8.95
CA PRO A 56 -3.06 -4.43 8.89
C PRO A 56 -4.13 -3.85 7.98
N ILE A 57 -4.33 -2.54 8.09
CA ILE A 57 -5.32 -1.82 7.29
C ILE A 57 -5.01 -1.95 5.80
N LEU A 58 -3.72 -1.99 5.47
CA LEU A 58 -3.31 -2.12 4.08
C LEU A 58 -3.55 -3.55 3.61
N HIS A 59 -3.03 -4.51 4.37
CA HIS A 59 -3.22 -5.92 4.05
C HIS A 59 -4.71 -6.21 3.86
N SER A 60 -5.53 -5.40 4.51
CA SER A 60 -6.98 -5.56 4.44
C SER A 60 -7.52 -4.93 3.16
N MET A 61 -7.11 -3.68 2.90
CA MET A 61 -7.55 -2.97 1.69
C MET A 61 -7.19 -3.79 0.47
N VAL A 62 -6.13 -4.59 0.60
CA VAL A 62 -5.66 -5.45 -0.48
C VAL A 62 -6.80 -6.31 -1.02
N GLN A 63 -7.50 -6.96 -0.11
CA GLN A 63 -8.60 -7.83 -0.47
C GLN A 63 -9.82 -7.00 -0.86
N LYS A 64 -9.74 -5.70 -0.62
CA LYS A 64 -10.82 -4.78 -0.94
C LYS A 64 -10.59 -4.14 -2.30
N PHE A 65 -9.34 -4.19 -2.75
CA PHE A 65 -8.97 -3.62 -4.03
C PHE A 65 -8.05 -4.55 -4.83
N PRO A 66 -8.56 -5.76 -5.20
CA PRO A 66 -7.79 -6.73 -5.97
C PRO A 66 -7.20 -6.11 -7.23
N GLY A 67 -8.00 -5.27 -7.89
CA GLY A 67 -7.53 -4.61 -9.10
C GLY A 67 -6.31 -3.75 -8.83
N VAL A 68 -6.34 -3.05 -7.70
CA VAL A 68 -5.23 -2.19 -7.29
C VAL A 68 -4.01 -3.05 -6.97
N SER A 69 -2.82 -2.54 -7.30
CA SER A 69 -1.59 -3.29 -7.04
C SER A 69 -1.15 -3.12 -5.60
N PHE A 70 -1.46 -4.12 -4.78
CA PHE A 70 -1.09 -4.09 -3.38
C PHE A 70 0.42 -4.15 -3.22
N GLY A 71 0.96 -3.21 -2.45
CA GLY A 71 2.39 -3.17 -2.23
C GLY A 71 2.74 -2.68 -0.84
N ILE A 72 3.96 -2.95 -0.41
CA ILE A 72 4.43 -2.53 0.90
C ILE A 72 5.95 -2.58 0.96
N SER A 73 6.55 -1.62 1.65
CA SER A 73 8.00 -1.56 1.75
C SER A 73 8.45 -0.94 3.07
N THR A 74 9.67 -1.25 3.47
CA THR A 74 10.24 -0.72 4.70
C THR A 74 11.69 -0.29 4.48
N ASP A 75 12.21 -0.60 3.30
CA ASP A 75 13.58 -0.25 2.95
C ASP A 75 13.77 1.26 2.99
N SER A 76 14.91 1.70 3.51
CA SER A 76 15.22 3.12 3.63
C SER A 76 15.31 3.79 2.27
N GLU A 77 16.03 3.16 1.34
CA GLU A 77 16.20 3.71 0.00
C GLU A 77 14.87 4.04 -0.65
N VAL A 78 13.89 3.15 -0.51
CA VAL A 78 12.58 3.38 -1.09
C VAL A 78 11.83 4.46 -0.32
N LEU A 79 11.77 4.31 1.00
CA LEU A 79 11.09 5.28 1.84
C LEU A 79 11.76 6.64 1.72
N THR A 80 12.96 6.65 1.15
CA THR A 80 13.70 7.88 0.92
C THR A 80 13.40 8.45 -0.45
N HIS A 81 13.29 7.56 -1.44
CA HIS A 81 13.00 7.95 -2.81
C HIS A 81 11.64 8.62 -2.89
N TYR A 82 10.67 8.07 -2.18
CA TYR A 82 9.32 8.60 -2.16
C TYR A 82 9.18 9.67 -1.07
N ASN A 83 10.32 10.03 -0.47
CA ASN A 83 10.35 11.05 0.58
C ASN A 83 9.46 10.66 1.77
N ILE A 84 9.27 9.36 1.95
CA ILE A 84 8.45 8.86 3.04
C ILE A 84 9.04 9.22 4.40
N THR A 85 8.27 9.92 5.21
CA THR A 85 8.72 10.34 6.54
C THR A 85 7.59 10.24 7.56
N GLY A 86 7.02 9.06 7.68
CA GLY A 86 5.94 8.86 8.64
C GLY A 86 5.04 7.68 8.29
N ASN A 87 5.68 6.57 7.91
CA ASN A 87 4.93 5.37 7.54
C ASN A 87 3.87 5.70 6.50
N THR A 88 4.26 6.50 5.52
CA THR A 88 3.37 6.96 4.46
C THR A 88 2.95 5.83 3.50
N ILE A 89 1.78 6.00 2.89
CA ILE A 89 1.24 5.06 1.92
C ILE A 89 1.06 5.78 0.59
N CYS A 90 1.78 5.36 -0.43
CA CYS A 90 1.70 6.02 -1.73
C CYS A 90 0.91 5.23 -2.77
N LEU A 91 -0.03 5.92 -3.40
CA LEU A 91 -0.85 5.34 -4.46
C LEU A 91 -0.43 5.89 -5.81
N PHE A 92 0.35 5.12 -6.55
CA PHE A 92 0.81 5.55 -7.86
C PHE A 92 -0.10 5.01 -8.95
N ARG A 93 -0.69 5.91 -9.75
CA ARG A 93 -1.59 5.51 -10.82
C ARG A 93 -0.90 5.64 -12.18
N LEU A 94 -0.21 4.59 -12.58
CA LEU A 94 0.53 4.54 -13.85
C LEU A 94 -0.05 5.46 -14.91
N VAL A 95 -1.31 5.23 -15.28
CA VAL A 95 -1.99 6.02 -16.30
C VAL A 95 -1.62 7.50 -16.21
N ASP A 96 -2.24 8.20 -15.27
CA ASP A 96 -1.99 9.62 -15.09
C ASP A 96 -0.67 9.84 -14.33
N ASN A 97 0.01 8.74 -14.04
CA ASN A 97 1.29 8.78 -13.33
C ASN A 97 1.17 9.54 -12.02
N GLU A 98 -0.01 9.53 -11.42
CA GLU A 98 -0.24 10.22 -10.16
C GLU A 98 0.46 9.51 -9.01
N GLN A 99 0.61 10.20 -7.89
CA GLN A 99 1.26 9.64 -6.72
C GLN A 99 0.69 10.26 -5.44
N LEU A 100 -0.38 9.66 -4.93
CA LEU A 100 -1.02 10.15 -3.71
C LEU A 100 -0.21 9.71 -2.49
N ASN A 101 0.31 10.67 -1.74
CA ASN A 101 1.11 10.35 -0.57
C ASN A 101 0.32 10.46 0.73
N LEU A 102 -0.24 9.33 1.17
CA LEU A 102 -0.98 9.27 2.41
C LEU A 102 0.02 9.22 3.57
N GLU A 103 0.59 10.37 3.90
CA GLU A 103 1.62 10.46 4.93
C GLU A 103 1.05 10.45 6.34
N ASP A 104 1.90 10.83 7.29
CA ASP A 104 1.56 10.88 8.72
C ASP A 104 0.19 11.51 8.97
N GLU A 105 0.00 12.70 8.41
CA GLU A 105 -1.27 13.42 8.57
C GLU A 105 -2.47 12.50 8.33
N ASP A 106 -2.22 11.37 7.69
CA ASP A 106 -3.27 10.40 7.39
C ASP A 106 -2.91 9.00 7.92
N ILE A 107 -1.64 8.81 8.29
CA ILE A 107 -1.17 7.52 8.80
C ILE A 107 -1.29 7.43 10.32
N GLU A 108 -1.07 8.54 11.01
CA GLU A 108 -1.15 8.59 12.46
C GLU A 108 -2.46 8.00 12.97
N SER A 109 -3.54 8.28 12.26
CA SER A 109 -4.86 7.79 12.64
C SER A 109 -5.52 7.05 11.47
N ILE A 110 -4.70 6.40 10.65
CA ILE A 110 -5.18 5.66 9.50
C ILE A 110 -6.17 4.57 9.90
N ASP A 111 -7.17 4.37 9.07
CA ASP A 111 -8.19 3.35 9.30
C ASP A 111 -8.51 2.64 7.99
N ALA A 112 -8.87 1.35 8.06
CA ALA A 112 -9.19 0.60 6.86
C ALA A 112 -10.14 1.40 5.97
N THR A 113 -11.07 2.10 6.62
CA THR A 113 -12.02 2.93 5.89
C THR A 113 -11.30 4.01 5.11
N LYS A 114 -10.38 4.70 5.78
CA LYS A 114 -9.61 5.77 5.16
C LYS A 114 -8.80 5.25 3.98
N LEU A 115 -7.88 4.33 4.23
CA LEU A 115 -7.05 3.77 3.16
C LEU A 115 -7.92 3.37 1.98
N SER A 116 -8.91 2.52 2.24
CA SER A 116 -9.82 2.05 1.20
C SER A 116 -10.54 3.22 0.54
N ARG A 117 -10.77 4.29 1.31
CA ARG A 117 -11.44 5.46 0.80
C ARG A 117 -10.52 6.20 -0.17
N PHE A 118 -9.43 6.74 0.35
CA PHE A 118 -8.45 7.46 -0.46
C PHE A 118 -8.21 6.73 -1.77
N ILE A 119 -8.07 5.42 -1.69
CA ILE A 119 -7.87 4.61 -2.87
C ILE A 119 -9.09 4.70 -3.77
N GLU A 120 -10.25 4.39 -3.19
CA GLU A 120 -11.51 4.45 -3.92
C GLU A 120 -11.69 5.83 -4.54
N ILE A 121 -10.95 6.79 -4.01
CA ILE A 121 -11.01 8.16 -4.47
C ILE A 121 -10.01 8.43 -5.61
N ASN A 122 -8.84 7.81 -5.55
CA ASN A 122 -7.82 8.01 -6.58
C ASN A 122 -7.37 6.69 -7.20
N SER A 123 -8.27 5.72 -7.29
CA SER A 123 -7.95 4.44 -7.89
C SER A 123 -8.09 4.51 -9.41
N LEU A 124 -7.73 5.66 -9.98
CA LEU A 124 -7.84 5.87 -11.41
C LEU A 124 -6.61 5.34 -12.14
N GLU A 9 7.25 -27.87 12.72
CA GLU A 9 8.14 -28.33 13.82
C GLU A 9 7.32 -28.87 14.99
N VAL A 10 6.56 -27.98 15.63
CA VAL A 10 5.73 -28.37 16.77
C VAL A 10 4.25 -28.26 16.44
N GLU A 11 3.93 -27.45 15.43
CA GLU A 11 2.54 -27.27 15.02
C GLU A 11 2.19 -28.21 13.86
N LYS A 12 0.92 -28.61 13.80
CA LYS A 12 0.46 -29.51 12.76
C LYS A 12 -0.76 -28.94 12.04
N SER A 13 -0.88 -27.61 12.06
CA SER A 13 -2.00 -26.94 11.41
C SER A 13 -1.79 -26.89 9.90
N SER A 14 -2.87 -27.17 9.17
CA SER A 14 -2.81 -27.18 7.70
C SER A 14 -4.00 -26.43 7.10
N ASP A 15 -5.21 -26.92 7.39
CA ASP A 15 -6.42 -26.31 6.87
C ASP A 15 -6.70 -24.99 7.57
N GLY A 16 -6.35 -23.88 6.91
CA GLY A 16 -6.59 -22.57 7.48
C GLY A 16 -7.93 -21.99 7.09
N PRO A 17 -8.28 -20.79 7.59
CA PRO A 17 -9.56 -20.14 7.26
C PRO A 17 -9.73 -19.92 5.77
N GLY A 18 -8.66 -19.50 5.12
CA GLY A 18 -8.69 -19.25 3.69
C GLY A 18 -7.32 -19.00 3.11
N ALA A 19 -6.97 -17.73 2.94
CA ALA A 19 -5.67 -17.34 2.40
C ALA A 19 -5.45 -15.84 2.53
N ALA A 20 -6.27 -15.07 1.82
CA ALA A 20 -6.17 -13.61 1.86
C ALA A 20 -4.81 -13.13 1.37
N GLN A 21 -4.80 -12.60 0.14
CA GLN A 21 -3.56 -12.10 -0.46
C GLN A 21 -2.93 -11.02 0.40
N GLU A 22 -1.66 -10.72 0.12
CA GLU A 22 -0.93 -9.71 0.87
C GLU A 22 -0.17 -8.78 -0.08
N PRO A 23 0.16 -7.56 0.38
CA PRO A 23 0.88 -6.57 -0.44
C PRO A 23 2.29 -7.03 -0.81
N THR A 24 2.75 -6.60 -1.98
CA THR A 24 4.07 -6.96 -2.49
C THR A 24 5.20 -6.44 -1.61
N TRP A 25 6.35 -7.12 -1.64
CA TRP A 25 7.50 -6.71 -0.86
C TRP A 25 8.49 -5.92 -1.71
N LEU A 26 8.29 -4.61 -1.76
CA LEU A 26 9.17 -3.72 -2.54
C LEU A 26 10.36 -3.28 -1.69
N THR A 27 11.32 -4.17 -1.53
CA THR A 27 12.52 -3.89 -0.73
C THR A 27 13.49 -2.97 -1.45
N ASP A 28 13.22 -2.67 -2.72
CA ASP A 28 14.10 -1.80 -3.50
C ASP A 28 13.32 -0.83 -4.36
N VAL A 29 13.88 0.36 -4.56
CA VAL A 29 13.25 1.39 -5.37
C VAL A 29 12.89 0.88 -6.76
N PRO A 30 13.86 0.24 -7.49
CA PRO A 30 13.60 -0.29 -8.83
C PRO A 30 12.45 -1.27 -8.84
N ALA A 31 12.43 -2.18 -7.87
CA ALA A 31 11.39 -3.19 -7.77
C ALA A 31 10.05 -2.52 -7.49
N ALA A 32 10.10 -1.44 -6.73
CA ALA A 32 8.90 -0.69 -6.39
C ALA A 32 8.28 -0.08 -7.65
N MET A 33 9.09 0.75 -8.32
CA MET A 33 8.66 1.42 -9.54
C MET A 33 8.31 0.41 -10.63
N GLU A 34 8.92 -0.78 -10.57
CA GLU A 34 8.66 -1.82 -11.55
C GLU A 34 7.26 -2.39 -11.33
N PHE A 35 6.96 -2.76 -10.10
CA PHE A 35 5.65 -3.31 -9.78
C PHE A 35 4.57 -2.30 -10.11
N ILE A 36 4.88 -1.01 -9.91
CA ILE A 36 3.94 0.06 -10.21
C ILE A 36 3.82 0.22 -11.73
N ALA A 37 4.94 0.07 -12.42
CA ALA A 37 4.98 0.21 -13.86
C ALA A 37 4.34 -1.00 -14.55
N ALA A 38 4.23 -2.09 -13.79
CA ALA A 38 3.65 -3.32 -14.33
C ALA A 38 2.16 -3.40 -13.98
N THR A 39 1.53 -2.25 -13.81
CA THR A 39 0.11 -2.20 -13.46
C THR A 39 -0.41 -0.76 -13.47
N GLU A 40 -1.71 -0.62 -13.72
CA GLU A 40 -2.35 0.69 -13.74
C GLU A 40 -2.27 1.36 -12.37
N VAL A 41 -3.22 1.03 -11.51
CA VAL A 41 -3.27 1.59 -10.17
C VAL A 41 -2.44 0.76 -9.20
N ALA A 42 -1.63 1.43 -8.38
CA ALA A 42 -0.78 0.73 -7.43
C ALA A 42 -0.75 1.44 -6.07
N VAL A 43 -1.06 0.68 -5.03
CA VAL A 43 -1.04 1.22 -3.68
C VAL A 43 0.03 0.53 -2.86
N ILE A 44 0.88 1.33 -2.24
CA ILE A 44 1.99 0.79 -1.46
C ILE A 44 2.12 1.45 -0.10
N GLY A 45 2.35 0.63 0.91
CA GLY A 45 2.50 1.12 2.27
C GLY A 45 3.95 1.22 2.69
N PHE A 46 4.50 2.44 2.60
CA PHE A 46 5.89 2.69 2.98
C PHE A 46 5.97 2.91 4.48
N PHE A 47 6.22 1.82 5.22
CA PHE A 47 6.29 1.88 6.66
C PHE A 47 7.69 1.60 7.19
N GLN A 48 8.07 2.34 8.24
CA GLN A 48 9.36 2.14 8.88
C GLN A 48 9.21 1.09 9.98
N ASP A 49 7.96 0.71 10.21
CA ASP A 49 7.62 -0.28 11.22
C ASP A 49 6.36 -1.04 10.80
N LEU A 50 6.48 -2.34 10.63
CA LEU A 50 5.34 -3.15 10.22
C LEU A 50 4.55 -3.63 11.43
N GLU A 51 4.30 -2.72 12.36
CA GLU A 51 3.54 -3.02 13.56
C GLU A 51 2.55 -1.90 13.85
N ILE A 52 2.38 -1.02 12.87
CA ILE A 52 1.46 0.11 12.99
C ILE A 52 0.11 -0.22 12.37
N PRO A 53 -0.96 0.46 12.80
CA PRO A 53 -2.31 0.24 12.26
C PRO A 53 -2.37 0.28 10.74
N ALA A 54 -1.48 1.07 10.14
CA ALA A 54 -1.43 1.21 8.70
C ALA A 54 -1.17 -0.11 7.98
N VAL A 55 -0.34 -0.97 8.58
CA VAL A 55 -0.01 -2.25 7.96
C VAL A 55 -1.24 -3.15 7.85
N PRO A 56 -1.94 -3.48 8.97
CA PRO A 56 -3.13 -4.33 8.91
C PRO A 56 -4.19 -3.72 8.01
N ILE A 57 -4.30 -2.41 8.08
CA ILE A 57 -5.27 -1.67 7.28
C ILE A 57 -4.97 -1.80 5.79
N LEU A 58 -3.68 -1.81 5.45
CA LEU A 58 -3.27 -1.96 4.06
C LEU A 58 -3.51 -3.40 3.61
N HIS A 59 -2.99 -4.35 4.37
CA HIS A 59 -3.16 -5.76 4.05
C HIS A 59 -4.64 -6.08 3.94
N SER A 60 -5.47 -5.27 4.61
CA SER A 60 -6.91 -5.46 4.58
C SER A 60 -7.50 -4.83 3.33
N MET A 61 -7.05 -3.62 2.99
CA MET A 61 -7.53 -2.93 1.81
C MET A 61 -7.19 -3.74 0.56
N VAL A 62 -6.13 -4.53 0.68
CA VAL A 62 -5.67 -5.37 -0.42
C VAL A 62 -6.81 -6.25 -0.95
N GLN A 63 -7.50 -6.91 -0.04
CA GLN A 63 -8.61 -7.78 -0.42
C GLN A 63 -9.83 -6.95 -0.79
N LYS A 64 -9.76 -5.65 -0.50
CA LYS A 64 -10.86 -4.74 -0.80
C LYS A 64 -10.62 -4.07 -2.15
N PHE A 65 -9.38 -4.12 -2.61
CA PHE A 65 -9.01 -3.52 -3.89
C PHE A 65 -8.09 -4.45 -4.69
N PRO A 66 -8.59 -5.65 -5.06
CA PRO A 66 -7.81 -6.61 -5.86
C PRO A 66 -7.26 -5.98 -7.12
N GLY A 67 -8.09 -5.19 -7.79
CA GLY A 67 -7.66 -4.52 -9.00
C GLY A 67 -6.43 -3.66 -8.76
N VAL A 68 -6.41 -3.00 -7.61
CA VAL A 68 -5.30 -2.15 -7.22
C VAL A 68 -4.06 -3.01 -6.95
N SER A 69 -2.88 -2.49 -7.28
CA SER A 69 -1.65 -3.22 -7.07
C SER A 69 -1.17 -3.08 -5.63
N PHE A 70 -1.50 -4.06 -4.81
CA PHE A 70 -1.11 -4.06 -3.40
C PHE A 70 0.40 -4.12 -3.27
N GLY A 71 0.95 -3.22 -2.46
CA GLY A 71 2.38 -3.19 -2.25
C GLY A 71 2.73 -2.68 -0.87
N ILE A 72 3.95 -2.96 -0.44
CA ILE A 72 4.41 -2.52 0.88
C ILE A 72 5.94 -2.53 0.93
N SER A 73 6.51 -1.57 1.63
CA SER A 73 7.95 -1.48 1.74
C SER A 73 8.39 -0.94 3.09
N THR A 74 9.62 -1.28 3.48
CA THR A 74 10.19 -0.83 4.75
C THR A 74 11.65 -0.44 4.57
N ASP A 75 12.13 -0.52 3.33
CA ASP A 75 13.52 -0.18 3.02
C ASP A 75 13.72 1.33 3.06
N SER A 76 14.89 1.75 3.53
CA SER A 76 15.21 3.16 3.63
C SER A 76 15.28 3.82 2.26
N GLU A 77 16.06 3.23 1.36
CA GLU A 77 16.22 3.76 0.00
C GLU A 77 14.87 4.07 -0.64
N VAL A 78 13.91 3.17 -0.47
CA VAL A 78 12.59 3.37 -1.05
C VAL A 78 11.84 4.48 -0.31
N LEU A 79 11.74 4.33 1.01
CA LEU A 79 11.06 5.32 1.84
C LEU A 79 11.72 6.68 1.69
N THR A 80 12.92 6.69 1.11
CA THR A 80 13.66 7.92 0.87
C THR A 80 13.35 8.46 -0.51
N HIS A 81 13.27 7.56 -1.49
CA HIS A 81 12.97 7.94 -2.85
C HIS A 81 11.61 8.62 -2.95
N TYR A 82 10.66 8.10 -2.18
CA TYR A 82 9.31 8.66 -2.15
C TYR A 82 9.18 9.71 -1.05
N ASN A 83 10.31 10.08 -0.47
CA ASN A 83 10.35 11.08 0.58
C ASN A 83 9.49 10.67 1.78
N ILE A 84 9.23 9.38 1.91
CA ILE A 84 8.41 8.86 3.00
C ILE A 84 9.00 9.24 4.35
N THR A 85 8.21 9.93 5.17
CA THR A 85 8.67 10.36 6.49
C THR A 85 7.54 10.27 7.51
N GLY A 86 7.01 9.06 7.69
CA GLY A 86 5.93 8.87 8.64
C GLY A 86 5.02 7.70 8.27
N ASN A 87 5.64 6.58 7.88
CA ASN A 87 4.88 5.39 7.50
C ASN A 87 3.82 5.75 6.45
N THR A 88 4.23 6.57 5.49
CA THR A 88 3.34 7.03 4.43
C THR A 88 2.95 5.91 3.46
N ILE A 89 1.78 6.08 2.83
CA ILE A 89 1.27 5.14 1.85
C ILE A 89 1.07 5.87 0.52
N CYS A 90 1.78 5.43 -0.51
CA CYS A 90 1.68 6.11 -1.80
C CYS A 90 0.90 5.30 -2.83
N LEU A 91 0.00 5.98 -3.53
CA LEU A 91 -0.82 5.39 -4.57
C LEU A 91 -0.42 5.94 -5.93
N PHE A 92 0.30 5.13 -6.71
CA PHE A 92 0.73 5.53 -8.04
C PHE A 92 -0.20 4.96 -9.11
N ARG A 93 -0.83 5.84 -9.87
CA ARG A 93 -1.75 5.42 -10.92
C ARG A 93 -1.09 5.50 -12.30
N LEU A 94 -0.27 4.49 -12.60
CA LEU A 94 0.46 4.39 -13.87
C LEU A 94 -0.19 5.19 -15.00
N VAL A 95 -1.44 4.86 -15.32
CA VAL A 95 -2.17 5.54 -16.40
C VAL A 95 -1.92 7.03 -16.40
N ASP A 96 -2.33 7.70 -15.34
CA ASP A 96 -2.16 9.14 -15.24
C ASP A 96 -0.85 9.49 -14.52
N ASN A 97 -0.09 8.46 -14.19
CA ASN A 97 1.20 8.62 -13.52
C ASN A 97 1.08 9.48 -12.27
N GLU A 98 -0.08 9.46 -11.63
CA GLU A 98 -0.30 10.25 -10.43
C GLU A 98 0.35 9.59 -9.22
N GLN A 99 0.71 10.39 -8.22
CA GLN A 99 1.34 9.86 -7.02
C GLN A 99 0.73 10.49 -5.77
N LEU A 100 -0.25 9.80 -5.19
CA LEU A 100 -0.90 10.26 -3.98
C LEU A 100 -0.08 9.85 -2.77
N ASN A 101 0.13 10.76 -1.83
CA ASN A 101 0.92 10.44 -0.64
C ASN A 101 0.11 10.54 0.65
N LEU A 102 -0.29 9.39 1.14
CA LEU A 102 -1.03 9.30 2.39
C LEU A 102 -0.02 9.25 3.54
N GLU A 103 0.52 10.42 3.87
CA GLU A 103 1.55 10.53 4.90
C GLU A 103 0.98 10.53 6.32
N ASP A 104 1.82 10.94 7.27
CA ASP A 104 1.44 10.98 8.68
C ASP A 104 0.13 11.72 8.90
N GLU A 105 -0.10 12.77 8.12
CA GLU A 105 -1.33 13.55 8.23
C GLU A 105 -2.54 12.64 8.06
N ASP A 106 -2.29 11.44 7.56
CA ASP A 106 -3.34 10.45 7.34
C ASP A 106 -2.95 9.07 7.91
N ILE A 107 -1.67 8.91 8.24
CA ILE A 107 -1.18 7.64 8.78
C ILE A 107 -1.26 7.60 10.31
N GLU A 108 -1.03 8.77 10.94
CA GLU A 108 -1.09 8.87 12.39
C GLU A 108 -2.37 8.26 12.93
N SER A 109 -3.49 8.56 12.28
CA SER A 109 -4.78 8.03 12.68
C SER A 109 -5.45 7.31 11.51
N ILE A 110 -4.65 6.56 10.76
CA ILE A 110 -5.14 5.82 9.60
C ILE A 110 -6.11 4.72 10.01
N ASP A 111 -7.12 4.51 9.17
CA ASP A 111 -8.11 3.47 9.41
C ASP A 111 -8.43 2.77 8.10
N ALA A 112 -8.79 1.49 8.16
CA ALA A 112 -9.11 0.74 6.96
C ALA A 112 -10.06 1.52 6.07
N THR A 113 -11.00 2.22 6.71
CA THR A 113 -11.95 3.04 5.98
C THR A 113 -11.24 4.13 5.20
N LYS A 114 -10.32 4.82 5.87
CA LYS A 114 -9.56 5.89 5.25
C LYS A 114 -8.76 5.39 4.05
N LEU A 115 -7.83 4.45 4.30
CA LEU A 115 -7.02 3.90 3.22
C LEU A 115 -7.89 3.49 2.05
N SER A 116 -8.87 2.63 2.32
CA SER A 116 -9.78 2.16 1.29
C SER A 116 -10.52 3.32 0.63
N ARG A 117 -10.73 4.39 1.40
CA ARG A 117 -11.40 5.58 0.89
C ARG A 117 -10.51 6.31 -0.10
N PHE A 118 -9.41 6.84 0.41
CA PHE A 118 -8.45 7.56 -0.42
C PHE A 118 -8.21 6.81 -1.72
N ILE A 119 -8.05 5.50 -1.62
CA ILE A 119 -7.86 4.67 -2.80
C ILE A 119 -9.09 4.75 -3.68
N GLU A 120 -10.24 4.44 -3.08
CA GLU A 120 -11.51 4.48 -3.80
C GLU A 120 -11.70 5.85 -4.44
N ILE A 121 -10.96 6.83 -3.94
CA ILE A 121 -11.04 8.19 -4.43
C ILE A 121 -10.07 8.44 -5.58
N ASN A 122 -8.90 7.82 -5.52
CA ASN A 122 -7.89 8.00 -6.57
C ASN A 122 -7.45 6.68 -7.19
N SER A 123 -8.35 5.71 -7.22
CA SER A 123 -8.04 4.41 -7.82
C SER A 123 -8.23 4.47 -9.33
N LEU A 124 -7.88 5.61 -9.90
CA LEU A 124 -8.03 5.83 -11.34
C LEU A 124 -6.80 5.34 -12.11
N GLU A 9 2.90 -10.81 22.02
CA GLU A 9 3.64 -9.96 21.04
C GLU A 9 2.69 -9.35 20.02
N VAL A 10 2.05 -10.21 19.22
CA VAL A 10 1.12 -9.76 18.20
C VAL A 10 -0.19 -10.53 18.28
N GLU A 11 -1.30 -9.80 18.17
CA GLU A 11 -2.63 -10.41 18.24
C GLU A 11 -3.00 -11.04 16.90
N LYS A 12 -4.19 -11.62 16.82
CA LYS A 12 -4.66 -12.26 15.61
C LYS A 12 -4.67 -11.27 14.44
N SER A 13 -5.64 -10.37 14.44
CA SER A 13 -5.75 -9.36 13.39
C SER A 13 -5.74 -10.01 12.01
N SER A 14 -6.41 -11.15 11.87
CA SER A 14 -6.47 -11.85 10.59
C SER A 14 -7.51 -12.96 10.63
N ASP A 15 -8.04 -13.31 9.46
CA ASP A 15 -9.05 -14.35 9.35
C ASP A 15 -9.04 -14.97 7.95
N GLY A 16 -9.00 -16.29 7.89
CA GLY A 16 -9.00 -16.98 6.62
C GLY A 16 -8.03 -18.15 6.59
N PRO A 17 -7.70 -18.68 5.40
CA PRO A 17 -6.78 -19.82 5.26
C PRO A 17 -5.45 -19.57 5.96
N GLY A 18 -4.97 -18.34 5.90
CA GLY A 18 -3.71 -17.99 6.54
C GLY A 18 -2.84 -17.12 5.67
N ALA A 19 -3.47 -16.41 4.73
CA ALA A 19 -2.77 -15.53 3.82
C ALA A 19 -3.70 -14.45 3.30
N ALA A 20 -4.70 -14.88 2.52
CA ALA A 20 -5.68 -13.96 1.96
C ALA A 20 -5.02 -12.80 1.23
N GLN A 21 -4.14 -13.12 0.28
CA GLN A 21 -3.41 -12.15 -0.54
C GLN A 21 -2.82 -11.01 0.30
N GLU A 22 -1.49 -10.91 0.28
CA GLU A 22 -0.80 -9.86 1.03
C GLU A 22 -0.05 -8.93 0.07
N PRO A 23 0.27 -7.70 0.50
CA PRO A 23 0.97 -6.72 -0.33
C PRO A 23 2.40 -7.14 -0.65
N THR A 24 2.85 -6.82 -1.85
CA THR A 24 4.20 -7.18 -2.30
C THR A 24 5.27 -6.50 -1.45
N TRP A 25 6.45 -7.12 -1.39
CA TRP A 25 7.56 -6.57 -0.62
C TRP A 25 8.53 -5.83 -1.52
N LEU A 26 8.32 -4.53 -1.67
CA LEU A 26 9.18 -3.69 -2.50
C LEU A 26 10.38 -3.19 -1.69
N THR A 27 11.32 -4.09 -1.44
CA THR A 27 12.52 -3.77 -0.67
C THR A 27 13.49 -2.89 -1.46
N ASP A 28 13.17 -2.64 -2.72
CA ASP A 28 14.05 -1.82 -3.57
C ASP A 28 13.25 -0.85 -4.41
N VAL A 29 13.83 0.32 -4.65
CA VAL A 29 13.18 1.35 -5.45
C VAL A 29 12.78 0.82 -6.84
N PRO A 30 13.71 0.17 -7.57
CA PRO A 30 13.41 -0.36 -8.90
C PRO A 30 12.24 -1.35 -8.87
N ALA A 31 12.27 -2.26 -7.91
CA ALA A 31 11.21 -3.26 -7.78
C ALA A 31 9.89 -2.59 -7.49
N ALA A 32 9.96 -1.52 -6.71
CA ALA A 32 8.78 -0.75 -6.35
C ALA A 32 8.16 -0.12 -7.60
N MET A 33 8.95 0.69 -8.28
CA MET A 33 8.51 1.35 -9.50
C MET A 33 8.10 0.35 -10.56
N GLU A 34 8.66 -0.86 -10.49
CA GLU A 34 8.34 -1.90 -11.45
C GLU A 34 6.93 -2.43 -11.21
N PHE A 35 6.65 -2.82 -9.98
CA PHE A 35 5.33 -3.33 -9.64
C PHE A 35 4.28 -2.27 -9.91
N ILE A 36 4.68 -1.01 -9.78
CA ILE A 36 3.78 0.11 -10.06
C ILE A 36 3.61 0.28 -11.56
N ALA A 37 4.70 0.10 -12.30
CA ALA A 37 4.69 0.24 -13.75
C ALA A 37 3.97 -0.95 -14.40
N ALA A 38 3.88 -2.04 -13.66
CA ALA A 38 3.22 -3.25 -14.17
C ALA A 38 1.75 -3.27 -13.78
N THR A 39 1.14 -2.09 -13.68
CA THR A 39 -0.26 -1.98 -13.30
C THR A 39 -0.77 -0.55 -13.49
N GLU A 40 -2.07 -0.42 -13.74
CA GLU A 40 -2.70 0.88 -13.94
C GLU A 40 -2.76 1.64 -12.62
N VAL A 41 -3.08 0.92 -11.54
CA VAL A 41 -3.15 1.52 -10.21
C VAL A 41 -2.34 0.70 -9.21
N ALA A 42 -1.59 1.38 -8.35
CA ALA A 42 -0.76 0.69 -7.37
C ALA A 42 -0.74 1.42 -6.02
N VAL A 43 -1.03 0.67 -4.97
CA VAL A 43 -1.02 1.21 -3.62
C VAL A 43 0.06 0.53 -2.82
N ILE A 44 0.88 1.34 -2.15
CA ILE A 44 1.99 0.80 -1.39
C ILE A 44 2.15 1.45 -0.03
N GLY A 45 2.37 0.61 0.99
CA GLY A 45 2.53 1.11 2.34
C GLY A 45 4.00 1.21 2.74
N PHE A 46 4.56 2.41 2.63
CA PHE A 46 5.94 2.66 3.00
C PHE A 46 6.04 2.87 4.50
N PHE A 47 6.25 1.79 5.23
CA PHE A 47 6.32 1.86 6.69
C PHE A 47 7.72 1.60 7.21
N GLN A 48 8.11 2.35 8.23
CA GLN A 48 9.41 2.17 8.87
C GLN A 48 9.28 1.11 9.94
N ASP A 49 8.03 0.70 10.17
CA ASP A 49 7.71 -0.30 11.17
C ASP A 49 6.44 -1.06 10.75
N LEU A 50 6.55 -2.37 10.62
CA LEU A 50 5.40 -3.18 10.21
C LEU A 50 4.62 -3.67 11.42
N GLU A 51 4.37 -2.76 12.35
CA GLU A 51 3.61 -3.08 13.56
C GLU A 51 2.61 -1.98 13.86
N ILE A 52 2.45 -1.07 12.90
CA ILE A 52 1.53 0.06 13.03
C ILE A 52 0.17 -0.27 12.43
N PRO A 53 -0.90 0.42 12.89
CA PRO A 53 -2.27 0.20 12.40
C PRO A 53 -2.36 0.25 10.87
N ALA A 54 -1.45 0.99 10.26
CA ALA A 54 -1.44 1.15 8.80
C ALA A 54 -1.19 -0.18 8.08
N VAL A 55 -0.30 -1.00 8.63
CA VAL A 55 0.03 -2.28 8.00
C VAL A 55 -1.20 -3.17 7.87
N PRO A 56 -1.91 -3.50 8.98
CA PRO A 56 -3.10 -4.35 8.92
C PRO A 56 -4.16 -3.75 8.01
N ILE A 57 -4.31 -2.43 8.09
CA ILE A 57 -5.28 -1.70 7.28
C ILE A 57 -4.96 -1.84 5.80
N LEU A 58 -3.67 -1.89 5.46
CA LEU A 58 -3.27 -2.03 4.08
C LEU A 58 -3.49 -3.48 3.63
N HIS A 59 -2.95 -4.41 4.40
CA HIS A 59 -3.12 -5.83 4.10
C HIS A 59 -4.60 -6.17 3.96
N SER A 60 -5.45 -5.34 4.58
CA SER A 60 -6.88 -5.52 4.51
C SER A 60 -7.45 -4.90 3.25
N MET A 61 -7.03 -3.67 2.95
CA MET A 61 -7.50 -2.97 1.76
C MET A 61 -7.14 -3.80 0.52
N VAL A 62 -6.09 -4.60 0.66
CA VAL A 62 -5.63 -5.47 -0.41
C VAL A 62 -6.77 -6.32 -0.97
N GLN A 63 -7.50 -6.98 -0.07
CA GLN A 63 -8.61 -7.82 -0.46
C GLN A 63 -9.82 -6.98 -0.84
N LYS A 64 -9.73 -5.68 -0.58
CA LYS A 64 -10.81 -4.75 -0.89
C LYS A 64 -10.57 -4.11 -2.25
N PHE A 65 -9.32 -4.16 -2.70
CA PHE A 65 -8.95 -3.58 -3.98
C PHE A 65 -8.04 -4.52 -4.77
N PRO A 66 -8.53 -5.71 -5.16
CA PRO A 66 -7.76 -6.68 -5.94
C PRO A 66 -7.16 -6.05 -7.19
N GLY A 67 -7.98 -5.26 -7.88
CA GLY A 67 -7.51 -4.59 -9.08
C GLY A 67 -6.28 -3.74 -8.80
N VAL A 68 -6.31 -3.05 -7.66
CA VAL A 68 -5.20 -2.21 -7.24
C VAL A 68 -3.98 -3.07 -6.92
N SER A 69 -2.79 -2.57 -7.24
CA SER A 69 -1.56 -3.32 -6.98
C SER A 69 -1.12 -3.15 -5.54
N PHE A 70 -1.45 -4.15 -4.71
CA PHE A 70 -1.08 -4.14 -3.30
C PHE A 70 0.43 -4.23 -3.13
N GLY A 71 0.99 -3.25 -2.43
CA GLY A 71 2.42 -3.23 -2.21
C GLY A 71 2.77 -2.69 -0.83
N ILE A 72 3.99 -2.96 -0.38
CA ILE A 72 4.45 -2.51 0.92
C ILE A 72 5.97 -2.50 0.96
N SER A 73 6.53 -1.50 1.63
CA SER A 73 7.99 -1.39 1.72
C SER A 73 8.43 -0.87 3.08
N THR A 74 9.65 -1.24 3.46
CA THR A 74 10.22 -0.81 4.73
C THR A 74 11.68 -0.42 4.55
N ASP A 75 12.17 -0.51 3.33
CA ASP A 75 13.55 -0.17 3.01
C ASP A 75 13.76 1.34 3.05
N SER A 76 14.95 1.75 3.48
CA SER A 76 15.27 3.18 3.58
C SER A 76 15.34 3.82 2.19
N GLU A 77 16.09 3.21 1.28
CA GLU A 77 16.25 3.74 -0.07
C GLU A 77 14.91 4.05 -0.70
N VAL A 78 13.94 3.15 -0.54
CA VAL A 78 12.62 3.36 -1.10
C VAL A 78 11.88 4.46 -0.35
N LEU A 79 11.80 4.31 0.97
CA LEU A 79 11.13 5.29 1.81
C LEU A 79 11.78 6.66 1.64
N THR A 80 12.97 6.67 1.05
CA THR A 80 13.70 7.91 0.82
C THR A 80 13.37 8.46 -0.57
N HIS A 81 13.32 7.57 -1.55
CA HIS A 81 13.00 7.96 -2.92
C HIS A 81 11.62 8.60 -2.99
N TYR A 82 10.68 8.05 -2.22
CA TYR A 82 9.32 8.58 -2.19
C TYR A 82 9.16 9.62 -1.10
N ASN A 83 10.31 10.04 -0.54
CA ASN A 83 10.32 11.06 0.52
C ASN A 83 9.44 10.65 1.71
N ILE A 84 9.24 9.34 1.87
CA ILE A 84 8.43 8.83 2.97
C ILE A 84 9.04 9.20 4.31
N THR A 85 8.25 9.89 5.14
CA THR A 85 8.72 10.32 6.46
C THR A 85 7.60 10.23 7.48
N GLY A 86 7.07 9.02 7.68
CA GLY A 86 6.00 8.83 8.63
C GLY A 86 5.11 7.66 8.27
N ASN A 87 5.72 6.54 7.90
CA ASN A 87 4.97 5.35 7.52
C ASN A 87 3.90 5.70 6.50
N THR A 88 4.29 6.51 5.52
CA THR A 88 3.38 6.97 4.47
C THR A 88 2.97 5.86 3.51
N ILE A 89 1.79 6.03 2.91
CA ILE A 89 1.26 5.09 1.93
C ILE A 89 1.03 5.82 0.61
N CYS A 90 1.75 5.42 -0.44
CA CYS A 90 1.62 6.10 -1.72
C CYS A 90 0.86 5.28 -2.75
N LEU A 91 -0.08 5.96 -3.40
CA LEU A 91 -0.89 5.35 -4.45
C LEU A 91 -0.46 5.91 -5.81
N PHE A 92 0.29 5.13 -6.56
CA PHE A 92 0.74 5.56 -7.89
C PHE A 92 -0.16 4.99 -8.97
N ARG A 93 -0.72 5.88 -9.78
CA ARG A 93 -1.60 5.47 -10.87
C ARG A 93 -0.88 5.62 -12.21
N LEU A 94 -0.37 4.50 -12.71
CA LEU A 94 0.36 4.45 -13.98
C LEU A 94 -0.31 5.29 -15.08
N VAL A 95 -1.60 5.07 -15.29
CA VAL A 95 -2.35 5.79 -16.32
C VAL A 95 -2.00 7.27 -16.35
N ASP A 96 -2.33 7.97 -15.27
CA ASP A 96 -2.06 9.40 -15.19
C ASP A 96 -0.78 9.69 -14.43
N ASN A 97 0.06 8.67 -14.29
CA ASN A 97 1.35 8.79 -13.60
C ASN A 97 1.23 9.59 -12.29
N GLU A 98 0.05 9.52 -11.67
CA GLU A 98 -0.19 10.25 -10.42
C GLU A 98 0.51 9.55 -9.24
N GLN A 99 0.79 10.32 -8.20
CA GLN A 99 1.44 9.79 -7.02
C GLN A 99 0.81 10.38 -5.75
N LEU A 100 -0.21 9.71 -5.23
CA LEU A 100 -0.88 10.16 -4.02
C LEU A 100 -0.05 9.78 -2.81
N ASN A 101 -0.02 10.65 -1.81
CA ASN A 101 0.76 10.40 -0.61
C ASN A 101 -0.07 10.48 0.66
N LEU A 102 -0.27 9.34 1.29
CA LEU A 102 -1.01 9.24 2.54
C LEU A 102 0.01 9.19 3.68
N GLU A 103 0.57 10.35 3.99
CA GLU A 103 1.61 10.47 5.01
C GLU A 103 1.07 10.43 6.43
N ASP A 104 1.94 10.81 7.37
CA ASP A 104 1.61 10.83 8.79
C ASP A 104 0.31 11.56 9.06
N GLU A 105 0.05 12.65 8.34
CA GLU A 105 -1.17 13.42 8.51
C GLU A 105 -2.41 12.52 8.32
N ASP A 106 -2.17 11.35 7.75
CA ASP A 106 -3.23 10.39 7.50
C ASP A 106 -2.87 9.00 8.05
N ILE A 107 -1.59 8.81 8.38
CA ILE A 107 -1.10 7.53 8.89
C ILE A 107 -1.22 7.45 10.42
N GLU A 108 -1.21 8.62 11.07
CA GLU A 108 -1.30 8.66 12.53
C GLU A 108 -2.50 7.86 13.02
N SER A 109 -3.69 8.28 12.59
CA SER A 109 -4.91 7.60 12.98
C SER A 109 -5.56 6.93 11.76
N ILE A 110 -4.71 6.36 10.90
CA ILE A 110 -5.20 5.70 9.70
C ILE A 110 -6.18 4.58 10.03
N ASP A 111 -7.19 4.43 9.18
CA ASP A 111 -8.20 3.40 9.35
C ASP A 111 -8.48 2.72 8.03
N ALA A 112 -8.84 1.45 8.06
CA ALA A 112 -9.14 0.71 6.83
C ALA A 112 -10.08 1.53 5.95
N THR A 113 -10.97 2.28 6.59
CA THR A 113 -11.91 3.13 5.87
C THR A 113 -11.16 4.20 5.09
N LYS A 114 -10.26 4.89 5.77
CA LYS A 114 -9.46 5.96 5.16
C LYS A 114 -8.66 5.43 3.98
N LEU A 115 -7.81 4.44 4.22
CA LEU A 115 -6.98 3.87 3.16
C LEU A 115 -7.86 3.49 1.97
N SER A 116 -8.84 2.64 2.22
CA SER A 116 -9.76 2.19 1.18
C SER A 116 -10.46 3.37 0.52
N ARG A 117 -10.65 4.44 1.30
CA ARG A 117 -11.30 5.64 0.80
C ARG A 117 -10.39 6.36 -0.18
N PHE A 118 -9.27 6.86 0.32
CA PHE A 118 -8.30 7.56 -0.50
C PHE A 118 -8.10 6.81 -1.82
N ILE A 119 -7.99 5.49 -1.73
CA ILE A 119 -7.85 4.66 -2.91
C ILE A 119 -9.09 4.79 -3.77
N GLU A 120 -10.24 4.48 -3.19
CA GLU A 120 -11.51 4.57 -3.90
C GLU A 120 -11.69 5.97 -4.50
N ILE A 121 -10.89 6.91 -4.00
CA ILE A 121 -10.94 8.28 -4.45
C ILE A 121 -9.96 8.54 -5.60
N ASN A 122 -8.81 7.88 -5.56
CA ASN A 122 -7.80 8.07 -6.60
C ASN A 122 -7.34 6.76 -7.22
N SER A 123 -8.24 5.78 -7.29
CA SER A 123 -7.92 4.49 -7.87
C SER A 123 -8.08 4.56 -9.39
N LEU A 124 -7.73 5.70 -9.96
CA LEU A 124 -7.83 5.91 -11.39
C LEU A 124 -6.56 5.46 -12.11
N GLU A 9 -15.58 -21.57 -4.66
CA GLU A 9 -14.83 -21.17 -5.86
C GLU A 9 -15.30 -19.80 -6.37
N VAL A 10 -14.46 -18.79 -6.13
CA VAL A 10 -14.79 -17.43 -6.55
C VAL A 10 -13.57 -16.73 -7.14
N GLU A 11 -12.39 -17.08 -6.65
CA GLU A 11 -11.14 -16.49 -7.13
C GLU A 11 -10.07 -17.55 -7.31
N LYS A 12 -9.59 -18.09 -6.19
CA LYS A 12 -8.55 -19.12 -6.21
C LYS A 12 -8.62 -19.99 -4.97
N SER A 13 -8.14 -21.23 -5.09
CA SER A 13 -8.13 -22.18 -3.99
C SER A 13 -9.56 -22.48 -3.51
N SER A 14 -9.68 -23.44 -2.59
CA SER A 14 -10.98 -23.82 -2.06
C SER A 14 -10.87 -24.19 -0.58
N ASP A 15 -11.06 -23.19 0.29
CA ASP A 15 -10.98 -23.40 1.73
C ASP A 15 -9.62 -23.95 2.13
N GLY A 16 -8.68 -23.06 2.41
CA GLY A 16 -7.35 -23.49 2.81
C GLY A 16 -6.73 -22.57 3.85
N PRO A 17 -5.73 -23.05 4.61
CA PRO A 17 -5.06 -22.24 5.63
C PRO A 17 -4.43 -20.98 5.06
N GLY A 18 -5.12 -19.86 5.23
CA GLY A 18 -4.61 -18.59 4.73
C GLY A 18 -4.77 -18.45 3.23
N ALA A 19 -5.29 -17.31 2.80
CA ALA A 19 -5.51 -17.04 1.38
C ALA A 19 -5.55 -15.55 1.11
N ALA A 20 -5.89 -14.79 2.15
CA ALA A 20 -5.97 -13.34 2.04
C ALA A 20 -4.69 -12.76 1.45
N GLN A 21 -4.72 -12.55 0.13
CA GLN A 21 -3.56 -12.01 -0.58
C GLN A 21 -2.96 -10.82 0.17
N GLU A 22 -1.64 -10.79 0.25
CA GLU A 22 -0.92 -9.72 0.96
C GLU A 22 -0.21 -8.80 -0.03
N PRO A 23 0.11 -7.56 0.41
CA PRO A 23 0.80 -6.58 -0.44
C PRO A 23 2.24 -6.98 -0.76
N THR A 24 2.65 -6.68 -2.00
CA THR A 24 4.01 -7.00 -2.44
C THR A 24 5.06 -6.43 -1.50
N TRP A 25 6.22 -7.06 -1.45
CA TRP A 25 7.31 -6.62 -0.59
C TRP A 25 8.38 -5.89 -1.40
N LEU A 26 8.13 -4.64 -1.71
CA LEU A 26 9.06 -3.82 -2.47
C LEU A 26 10.27 -3.46 -1.61
N THR A 27 11.34 -4.27 -1.73
CA THR A 27 12.55 -4.05 -0.96
C THR A 27 13.50 -3.06 -1.61
N ASP A 28 13.24 -2.72 -2.87
CA ASP A 28 14.10 -1.79 -3.59
C ASP A 28 13.29 -0.83 -4.46
N VAL A 29 13.83 0.36 -4.67
CA VAL A 29 13.17 1.37 -5.49
C VAL A 29 12.79 0.82 -6.86
N PRO A 30 13.73 0.18 -7.59
CA PRO A 30 13.44 -0.38 -8.91
C PRO A 30 12.29 -1.37 -8.88
N ALA A 31 12.31 -2.27 -7.89
CA ALA A 31 11.25 -3.27 -7.77
C ALA A 31 9.92 -2.60 -7.50
N ALA A 32 9.98 -1.52 -6.75
CA ALA A 32 8.79 -0.75 -6.42
C ALA A 32 8.17 -0.15 -7.68
N MET A 33 8.97 0.67 -8.36
CA MET A 33 8.53 1.33 -9.58
C MET A 33 8.17 0.30 -10.65
N GLU A 34 8.75 -0.89 -10.55
CA GLU A 34 8.46 -1.96 -11.52
C GLU A 34 7.07 -2.51 -11.29
N PHE A 35 6.78 -2.89 -10.05
CA PHE A 35 5.47 -3.43 -9.71
C PHE A 35 4.39 -2.39 -10.03
N ILE A 36 4.76 -1.12 -9.90
CA ILE A 36 3.83 -0.03 -10.21
C ILE A 36 3.68 0.12 -11.72
N ALA A 37 4.81 0.01 -12.42
CA ALA A 37 4.82 0.15 -13.88
C ALA A 37 4.17 -1.06 -14.54
N ALA A 38 4.06 -2.16 -13.80
CA ALA A 38 3.45 -3.38 -14.32
C ALA A 38 1.97 -3.44 -13.98
N THR A 39 1.35 -2.28 -13.82
CA THR A 39 -0.07 -2.22 -13.48
C THR A 39 -0.60 -0.78 -13.55
N GLU A 40 -1.89 -0.65 -13.79
CA GLU A 40 -2.54 0.65 -13.86
C GLU A 40 -2.46 1.38 -12.52
N VAL A 41 -3.25 0.92 -11.56
CA VAL A 41 -3.27 1.53 -10.23
C VAL A 41 -2.45 0.69 -9.26
N ALA A 42 -1.67 1.36 -8.41
CA ALA A 42 -0.83 0.68 -7.45
C ALA A 42 -0.79 1.41 -6.10
N VAL A 43 -1.11 0.68 -5.05
CA VAL A 43 -1.08 1.24 -3.70
C VAL A 43 0.00 0.55 -2.89
N ILE A 44 0.83 1.35 -2.24
CA ILE A 44 1.94 0.81 -1.47
C ILE A 44 2.08 1.45 -0.10
N GLY A 45 2.31 0.62 0.90
CA GLY A 45 2.47 1.10 2.26
C GLY A 45 3.93 1.23 2.67
N PHE A 46 4.47 2.44 2.56
CA PHE A 46 5.86 2.69 2.93
C PHE A 46 5.96 2.91 4.43
N PHE A 47 6.21 1.83 5.16
CA PHE A 47 6.29 1.89 6.62
C PHE A 47 7.70 1.61 7.13
N GLN A 48 8.11 2.38 8.14
CA GLN A 48 9.41 2.20 8.76
C GLN A 48 9.29 1.14 9.83
N ASP A 49 8.05 0.72 10.06
CA ASP A 49 7.72 -0.30 11.05
C ASP A 49 6.46 -1.04 10.63
N LEU A 50 6.53 -2.36 10.55
CA LEU A 50 5.38 -3.15 10.14
C LEU A 50 4.59 -3.64 11.36
N GLU A 51 4.38 -2.74 12.31
CA GLU A 51 3.63 -3.05 13.53
C GLU A 51 2.63 -1.94 13.80
N ILE A 52 2.48 -1.04 12.84
CA ILE A 52 1.55 0.09 12.97
C ILE A 52 0.19 -0.26 12.39
N PRO A 53 -0.87 0.45 12.83
CA PRO A 53 -2.24 0.23 12.35
C PRO A 53 -2.36 0.26 10.83
N ALA A 54 -1.44 0.97 10.18
CA ALA A 54 -1.44 1.11 8.73
C ALA A 54 -1.20 -0.22 8.02
N VAL A 55 -0.31 -1.04 8.56
CA VAL A 55 0.01 -2.32 7.94
C VAL A 55 -1.21 -3.23 7.83
N PRO A 56 -1.93 -3.52 8.95
CA PRO A 56 -3.12 -4.37 8.91
C PRO A 56 -4.20 -3.78 8.02
N ILE A 57 -4.34 -2.45 8.09
CA ILE A 57 -5.33 -1.74 7.30
C ILE A 57 -5.03 -1.87 5.81
N LEU A 58 -3.74 -1.92 5.46
CA LEU A 58 -3.35 -2.06 4.06
C LEU A 58 -3.60 -3.50 3.62
N HIS A 59 -3.07 -4.46 4.38
CA HIS A 59 -3.26 -5.86 4.07
C HIS A 59 -4.75 -6.15 3.92
N SER A 60 -5.57 -5.36 4.60
CA SER A 60 -7.02 -5.51 4.55
C SER A 60 -7.58 -4.89 3.29
N MET A 61 -7.14 -3.66 2.99
CA MET A 61 -7.60 -2.97 1.80
C MET A 61 -7.26 -3.79 0.56
N VAL A 62 -6.22 -4.60 0.69
CA VAL A 62 -5.78 -5.46 -0.40
C VAL A 62 -6.93 -6.32 -0.93
N GLN A 63 -7.63 -6.98 -0.01
CA GLN A 63 -8.74 -7.83 -0.39
C GLN A 63 -9.95 -6.97 -0.78
N LYS A 64 -9.87 -5.67 -0.49
CA LYS A 64 -10.95 -4.75 -0.81
C LYS A 64 -10.71 -4.11 -2.16
N PHE A 65 -9.46 -4.17 -2.62
CA PHE A 65 -9.09 -3.59 -3.90
C PHE A 65 -8.18 -4.53 -4.70
N PRO A 66 -8.69 -5.73 -5.05
CA PRO A 66 -7.92 -6.71 -5.84
C PRO A 66 -7.38 -6.10 -7.12
N GLY A 67 -8.19 -5.23 -7.74
CA GLY A 67 -7.78 -4.58 -8.96
C GLY A 67 -6.55 -3.72 -8.73
N VAL A 68 -6.53 -3.02 -7.60
CA VAL A 68 -5.40 -2.17 -7.23
C VAL A 68 -4.18 -3.03 -6.95
N SER A 69 -3.00 -2.52 -7.28
CA SER A 69 -1.77 -3.26 -7.06
C SER A 69 -1.29 -3.10 -5.63
N PHE A 70 -1.63 -4.09 -4.80
CA PHE A 70 -1.23 -4.07 -3.39
C PHE A 70 0.28 -4.15 -3.25
N GLY A 71 0.85 -3.22 -2.50
CA GLY A 71 2.28 -3.19 -2.29
C GLY A 71 2.64 -2.66 -0.91
N ILE A 72 3.87 -2.94 -0.49
CA ILE A 72 4.34 -2.49 0.81
C ILE A 72 5.87 -2.49 0.85
N SER A 73 6.44 -1.53 1.55
CA SER A 73 7.89 -1.42 1.64
C SER A 73 8.33 -0.93 3.01
N THR A 74 9.58 -1.24 3.35
CA THR A 74 10.16 -0.83 4.63
C THR A 74 11.63 -0.45 4.45
N ASP A 75 12.11 -0.51 3.21
CA ASP A 75 13.49 -0.17 2.90
C ASP A 75 13.70 1.33 2.96
N SER A 76 14.87 1.75 3.43
CA SER A 76 15.19 3.17 3.55
C SER A 76 15.25 3.85 2.18
N GLU A 77 16.03 3.26 1.27
CA GLU A 77 16.18 3.83 -0.07
C GLU A 77 14.84 4.15 -0.70
N VAL A 78 13.88 3.25 -0.56
CA VAL A 78 12.56 3.45 -1.12
C VAL A 78 11.80 4.53 -0.36
N LEU A 79 11.72 4.36 0.96
CA LEU A 79 11.04 5.32 1.81
C LEU A 79 11.68 6.70 1.67
N THR A 80 12.87 6.72 1.08
CA THR A 80 13.60 7.97 0.86
C THR A 80 13.26 8.53 -0.52
N HIS A 81 13.18 7.63 -1.50
CA HIS A 81 12.86 8.03 -2.87
C HIS A 81 11.49 8.68 -2.92
N TYR A 82 10.55 8.13 -2.17
CA TYR A 82 9.19 8.67 -2.12
C TYR A 82 9.06 9.71 -1.02
N ASN A 83 10.20 10.09 -0.44
CA ASN A 83 10.23 11.08 0.63
C ASN A 83 9.36 10.67 1.81
N ILE A 84 9.16 9.37 1.97
CA ILE A 84 8.35 8.84 3.06
C ILE A 84 8.94 9.21 4.41
N THR A 85 8.19 9.97 5.21
CA THR A 85 8.65 10.40 6.52
C THR A 85 7.55 10.25 7.57
N GLY A 86 7.01 9.04 7.70
CA GLY A 86 5.95 8.81 8.66
C GLY A 86 5.07 7.64 8.28
N ASN A 87 5.69 6.53 7.87
CA ASN A 87 4.94 5.34 7.47
C ASN A 87 3.86 5.70 6.45
N THR A 88 4.24 6.55 5.50
CA THR A 88 3.33 7.02 4.46
C THR A 88 2.94 5.91 3.48
N ILE A 89 1.75 6.06 2.89
CA ILE A 89 1.22 5.13 1.90
C ILE A 89 1.02 5.86 0.59
N CYS A 90 1.72 5.43 -0.45
CA CYS A 90 1.61 6.11 -1.75
C CYS A 90 0.84 5.31 -2.78
N LEU A 91 -0.04 6.01 -3.49
CA LEU A 91 -0.84 5.40 -4.55
C LEU A 91 -0.40 5.93 -5.91
N PHE A 92 0.32 5.10 -6.66
CA PHE A 92 0.78 5.48 -7.98
C PHE A 92 -0.13 4.93 -9.07
N ARG A 93 -0.66 5.83 -9.90
CA ARG A 93 -1.56 5.45 -10.98
C ARG A 93 -0.85 5.56 -12.33
N LEU A 94 -0.23 4.45 -12.75
CA LEU A 94 0.51 4.37 -14.00
C LEU A 94 -0.16 5.14 -15.14
N VAL A 95 -1.45 4.90 -15.33
CA VAL A 95 -2.19 5.57 -16.40
C VAL A 95 -1.91 7.07 -16.45
N ASP A 96 -2.19 7.76 -15.35
CA ASP A 96 -1.97 9.19 -15.27
C ASP A 96 -0.67 9.52 -14.53
N ASN A 97 0.18 8.51 -14.41
CA ASN A 97 1.48 8.65 -13.75
C ASN A 97 1.37 9.48 -12.46
N GLU A 98 0.24 9.36 -11.78
CA GLU A 98 0.02 10.10 -10.54
C GLU A 98 0.67 9.39 -9.36
N GLN A 99 0.89 10.14 -8.28
CA GLN A 99 1.49 9.59 -7.07
C GLN A 99 0.92 10.28 -5.84
N LEU A 100 -0.15 9.69 -5.29
CA LEU A 100 -0.79 10.24 -4.10
C LEU A 100 0.00 9.84 -2.87
N ASN A 101 -0.03 10.68 -1.84
CA ASN A 101 0.70 10.40 -0.61
C ASN A 101 -0.19 10.46 0.62
N LEU A 102 -0.20 9.37 1.37
CA LEU A 102 -0.96 9.26 2.60
C LEU A 102 0.03 9.21 3.75
N GLU A 103 0.59 10.38 4.07
CA GLU A 103 1.61 10.49 5.11
C GLU A 103 1.05 10.45 6.51
N ASP A 104 1.89 10.85 7.47
CA ASP A 104 1.51 10.87 8.89
C ASP A 104 0.19 11.60 9.13
N GLU A 105 -0.04 12.68 8.37
CA GLU A 105 -1.27 13.45 8.51
C GLU A 105 -2.49 12.54 8.30
N ASP A 106 -2.23 11.36 7.76
CA ASP A 106 -3.27 10.38 7.49
C ASP A 106 -2.90 9.00 8.03
N ILE A 107 -1.63 8.81 8.38
CA ILE A 107 -1.14 7.53 8.90
C ILE A 107 -1.24 7.47 10.42
N GLU A 108 -1.21 8.63 11.06
CA GLU A 108 -1.31 8.72 12.51
C GLU A 108 -2.54 7.99 13.02
N SER A 109 -3.70 8.32 12.45
CA SER A 109 -4.95 7.70 12.84
C SER A 109 -5.58 6.99 11.64
N ILE A 110 -4.75 6.40 10.80
CA ILE A 110 -5.22 5.69 9.62
C ILE A 110 -6.20 4.58 9.99
N ASP A 111 -7.21 4.42 9.16
CA ASP A 111 -8.22 3.38 9.36
C ASP A 111 -8.51 2.68 8.05
N ALA A 112 -8.88 1.40 8.10
CA ALA A 112 -9.18 0.65 6.89
C ALA A 112 -10.12 1.44 5.99
N THR A 113 -11.04 2.15 6.61
CA THR A 113 -11.99 2.97 5.88
C THR A 113 -11.26 4.07 5.11
N LYS A 114 -10.36 4.76 5.82
CA LYS A 114 -9.58 5.84 5.22
C LYS A 114 -8.77 5.35 4.04
N LEU A 115 -7.87 4.38 4.27
CA LEU A 115 -7.05 3.84 3.20
C LEU A 115 -7.92 3.48 2.00
N SER A 116 -8.91 2.63 2.25
CA SER A 116 -9.83 2.19 1.20
C SER A 116 -10.52 3.38 0.55
N ARG A 117 -10.72 4.44 1.34
CA ARG A 117 -11.36 5.65 0.85
C ARG A 117 -10.44 6.38 -0.12
N PHE A 118 -9.32 6.87 0.40
CA PHE A 118 -8.33 7.58 -0.41
C PHE A 118 -8.14 6.85 -1.73
N ILE A 119 -8.01 5.53 -1.66
CA ILE A 119 -7.86 4.72 -2.86
C ILE A 119 -9.09 4.85 -3.73
N GLU A 120 -10.25 4.56 -3.16
CA GLU A 120 -11.51 4.66 -3.87
C GLU A 120 -11.67 6.06 -4.47
N ILE A 121 -10.90 6.99 -3.95
CA ILE A 121 -10.94 8.38 -4.39
C ILE A 121 -9.99 8.63 -5.56
N ASN A 122 -8.81 8.02 -5.53
CA ASN A 122 -7.83 8.22 -6.60
C ASN A 122 -7.41 6.90 -7.25
N SER A 123 -8.31 5.93 -7.27
CA SER A 123 -8.01 4.64 -7.88
C SER A 123 -8.22 4.72 -9.39
N LEU A 124 -7.64 5.73 -10.01
CA LEU A 124 -7.77 5.95 -11.45
C LEU A 124 -6.53 5.46 -12.19
N GLU A 9 -17.15 0.95 -9.12
CA GLU A 9 -18.23 1.95 -9.30
C GLU A 9 -19.57 1.42 -8.78
N VAL A 10 -20.11 2.09 -7.76
CA VAL A 10 -21.37 1.69 -7.16
C VAL A 10 -21.29 0.29 -6.55
N GLU A 11 -21.48 -0.73 -7.40
CA GLU A 11 -21.43 -2.11 -6.96
C GLU A 11 -22.47 -2.38 -5.87
N LYS A 12 -23.64 -2.86 -6.28
CA LYS A 12 -24.73 -3.15 -5.35
C LYS A 12 -24.69 -4.60 -4.88
N SER A 13 -23.59 -5.28 -5.18
CA SER A 13 -23.44 -6.69 -4.79
C SER A 13 -23.29 -6.80 -3.28
N SER A 14 -24.09 -7.68 -2.69
CA SER A 14 -24.05 -7.90 -1.24
C SER A 14 -22.98 -8.91 -0.86
N ASP A 15 -22.56 -9.72 -1.82
CA ASP A 15 -21.53 -10.73 -1.60
C ASP A 15 -20.39 -10.59 -2.59
N GLY A 16 -19.27 -10.04 -2.14
CA GLY A 16 -18.13 -9.86 -3.01
C GLY A 16 -17.48 -11.18 -3.39
N PRO A 17 -16.88 -11.27 -4.59
CA PRO A 17 -16.22 -12.51 -5.05
C PRO A 17 -15.13 -12.98 -4.10
N GLY A 18 -14.37 -12.03 -3.57
CA GLY A 18 -13.30 -12.36 -2.64
C GLY A 18 -11.94 -11.99 -3.16
N ALA A 19 -10.90 -12.31 -2.38
CA ALA A 19 -9.52 -12.01 -2.77
C ALA A 19 -8.54 -12.73 -1.86
N ALA A 20 -8.42 -12.25 -0.63
CA ALA A 20 -7.52 -12.86 0.35
C ALA A 20 -6.08 -12.90 -0.17
N GLN A 21 -5.31 -11.88 0.18
CA GLN A 21 -3.91 -11.80 -0.26
C GLN A 21 -3.19 -10.67 0.47
N GLU A 22 -1.86 -10.73 0.47
CA GLU A 22 -1.05 -9.71 1.14
C GLU A 22 -0.35 -8.80 0.12
N PRO A 23 0.05 -7.59 0.55
CA PRO A 23 0.73 -6.63 -0.34
C PRO A 23 2.13 -7.08 -0.73
N THR A 24 2.55 -6.69 -1.93
CA THR A 24 3.86 -7.05 -2.46
C THR A 24 4.98 -6.46 -1.60
N TRP A 25 6.13 -7.13 -1.61
CA TRP A 25 7.29 -6.69 -0.85
C TRP A 25 8.27 -5.94 -1.74
N LEU A 26 8.18 -4.60 -1.72
CA LEU A 26 9.06 -3.75 -2.51
C LEU A 26 10.24 -3.29 -1.69
N THR A 27 11.16 -4.21 -1.39
CA THR A 27 12.34 -3.90 -0.60
C THR A 27 13.34 -3.03 -1.37
N ASP A 28 13.04 -2.75 -2.63
CA ASP A 28 13.93 -1.93 -3.45
C ASP A 28 13.15 -0.96 -4.33
N VAL A 29 13.74 0.21 -4.58
CA VAL A 29 13.12 1.23 -5.41
C VAL A 29 12.76 0.70 -6.80
N PRO A 30 13.70 0.03 -7.50
CA PRO A 30 13.43 -0.51 -8.84
C PRO A 30 12.25 -1.47 -8.83
N ALA A 31 12.24 -2.37 -7.85
CA ALA A 31 11.17 -3.36 -7.75
C ALA A 31 9.84 -2.65 -7.47
N ALA A 32 9.91 -1.59 -6.69
CA ALA A 32 8.73 -0.82 -6.36
C ALA A 32 8.14 -0.18 -7.62
N MET A 33 8.96 0.61 -8.30
CA MET A 33 8.55 1.29 -9.52
C MET A 33 8.18 0.29 -10.61
N GLU A 34 8.74 -0.91 -10.54
CA GLU A 34 8.45 -1.95 -11.52
C GLU A 34 7.03 -2.48 -11.33
N PHE A 35 6.72 -2.85 -10.09
CA PHE A 35 5.40 -3.36 -9.78
C PHE A 35 4.34 -2.30 -10.08
N ILE A 36 4.73 -1.04 -9.90
CA ILE A 36 3.85 0.08 -10.18
C ILE A 36 3.70 0.26 -11.69
N ALA A 37 4.82 0.08 -12.40
CA ALA A 37 4.83 0.23 -13.85
C ALA A 37 4.11 -0.94 -14.52
N ALA A 38 3.96 -2.04 -13.78
CA ALA A 38 3.29 -3.22 -14.30
C ALA A 38 1.83 -3.24 -13.91
N THR A 39 1.25 -2.04 -13.75
CA THR A 39 -0.15 -1.92 -13.38
C THR A 39 -0.62 -0.47 -13.51
N GLU A 40 -1.92 -0.31 -13.74
CA GLU A 40 -2.52 1.01 -13.90
C GLU A 40 -2.59 1.74 -12.56
N VAL A 41 -3.05 1.04 -11.53
CA VAL A 41 -3.15 1.62 -10.20
C VAL A 41 -2.35 0.78 -9.20
N ALA A 42 -1.56 1.45 -8.36
CA ALA A 42 -0.73 0.74 -7.39
C ALA A 42 -0.71 1.45 -6.04
N VAL A 43 -1.04 0.71 -4.99
CA VAL A 43 -1.03 1.24 -3.64
C VAL A 43 0.04 0.56 -2.83
N ILE A 44 0.89 1.35 -2.20
CA ILE A 44 2.00 0.81 -1.43
C ILE A 44 2.13 1.46 -0.06
N GLY A 45 2.37 0.62 0.94
CA GLY A 45 2.52 1.10 2.31
C GLY A 45 3.97 1.21 2.72
N PHE A 46 4.52 2.42 2.62
CA PHE A 46 5.91 2.68 2.99
C PHE A 46 6.00 2.91 4.50
N PHE A 47 6.22 1.83 5.24
CA PHE A 47 6.29 1.90 6.69
C PHE A 47 7.69 1.65 7.22
N GLN A 48 8.09 2.42 8.23
CA GLN A 48 9.39 2.24 8.85
C GLN A 48 9.27 1.18 9.94
N ASP A 49 8.02 0.77 10.18
CA ASP A 49 7.70 -0.25 11.17
C ASP A 49 6.45 -1.00 10.74
N LEU A 50 6.54 -2.33 10.67
CA LEU A 50 5.40 -3.14 10.26
C LEU A 50 4.60 -3.63 11.46
N GLU A 51 4.33 -2.70 12.38
CA GLU A 51 3.55 -3.01 13.58
C GLU A 51 2.57 -1.88 13.86
N ILE A 52 2.44 -0.99 12.91
CA ILE A 52 1.53 0.15 13.02
C ILE A 52 0.17 -0.17 12.41
N PRO A 53 -0.89 0.53 12.85
CA PRO A 53 -2.26 0.31 12.34
C PRO A 53 -2.34 0.34 10.81
N ALA A 54 -1.42 1.07 10.19
CA ALA A 54 -1.40 1.19 8.73
C ALA A 54 -1.14 -0.14 8.04
N VAL A 55 -0.25 -0.96 8.61
CA VAL A 55 0.09 -2.25 8.00
C VAL A 55 -1.14 -3.15 7.87
N PRO A 56 -1.86 -3.44 8.98
CA PRO A 56 -3.06 -4.30 8.93
C PRO A 56 -4.12 -3.71 8.01
N ILE A 57 -4.29 -2.40 8.10
CA ILE A 57 -5.26 -1.69 7.29
C ILE A 57 -4.95 -1.83 5.80
N LEU A 58 -3.67 -1.88 5.45
CA LEU A 58 -3.26 -2.04 4.07
C LEU A 58 -3.49 -3.48 3.63
N HIS A 59 -2.97 -4.42 4.41
CA HIS A 59 -3.15 -5.84 4.10
C HIS A 59 -4.64 -6.15 3.96
N SER A 60 -5.46 -5.33 4.60
CA SER A 60 -6.90 -5.49 4.55
C SER A 60 -7.47 -4.88 3.27
N MET A 61 -7.04 -3.66 2.95
CA MET A 61 -7.50 -2.97 1.75
C MET A 61 -7.15 -3.81 0.52
N VAL A 62 -6.10 -4.61 0.65
CA VAL A 62 -5.65 -5.47 -0.43
C VAL A 62 -6.79 -6.33 -0.97
N GLN A 63 -7.50 -6.99 -0.06
CA GLN A 63 -8.61 -7.84 -0.44
C GLN A 63 -9.82 -7.00 -0.80
N LYS A 64 -9.73 -5.70 -0.55
CA LYS A 64 -10.81 -4.78 -0.86
C LYS A 64 -10.58 -4.13 -2.22
N PHE A 65 -9.33 -4.18 -2.67
CA PHE A 65 -8.97 -3.59 -3.95
C PHE A 65 -8.05 -4.51 -4.75
N PRO A 66 -8.53 -5.72 -5.12
CA PRO A 66 -7.76 -6.68 -5.90
C PRO A 66 -7.20 -6.05 -7.17
N GLY A 67 -8.02 -5.24 -7.82
CA GLY A 67 -7.59 -4.57 -9.03
C GLY A 67 -6.37 -3.71 -8.78
N VAL A 68 -6.37 -3.01 -7.65
CA VAL A 68 -5.26 -2.16 -7.26
C VAL A 68 -4.03 -3.01 -6.97
N SER A 69 -2.85 -2.48 -7.29
CA SER A 69 -1.62 -3.23 -7.06
C SER A 69 -1.15 -3.08 -5.62
N PHE A 70 -1.49 -4.07 -4.81
CA PHE A 70 -1.10 -4.07 -3.41
C PHE A 70 0.41 -4.11 -3.26
N GLY A 71 0.93 -3.19 -2.45
CA GLY A 71 2.36 -3.13 -2.23
C GLY A 71 2.70 -2.65 -0.85
N ILE A 72 3.91 -2.94 -0.40
CA ILE A 72 4.36 -2.53 0.92
C ILE A 72 5.87 -2.59 1.00
N SER A 73 6.47 -1.60 1.66
CA SER A 73 7.91 -1.54 1.78
C SER A 73 8.35 -0.96 3.12
N THR A 74 9.59 -1.25 3.50
CA THR A 74 10.15 -0.77 4.75
C THR A 74 11.60 -0.36 4.56
N ASP A 75 12.10 -0.53 3.34
CA ASP A 75 13.48 -0.19 3.00
C ASP A 75 13.67 1.32 3.03
N SER A 76 14.83 1.75 3.53
CA SER A 76 15.15 3.16 3.62
C SER A 76 15.24 3.80 2.23
N GLU A 77 15.99 3.15 1.34
CA GLU A 77 16.16 3.67 -0.02
C GLU A 77 14.83 4.02 -0.66
N VAL A 78 13.86 3.12 -0.54
CA VAL A 78 12.54 3.35 -1.10
C VAL A 78 11.82 4.47 -0.35
N LEU A 79 11.73 4.32 0.97
CA LEU A 79 11.07 5.32 1.81
C LEU A 79 11.74 6.68 1.62
N THR A 80 12.93 6.66 1.03
CA THR A 80 13.67 7.89 0.77
C THR A 80 13.33 8.44 -0.61
N HIS A 81 13.23 7.53 -1.58
CA HIS A 81 12.90 7.90 -2.94
C HIS A 81 11.54 8.59 -3.00
N TYR A 82 10.59 8.06 -2.23
CA TYR A 82 9.24 8.63 -2.20
C TYR A 82 9.13 9.68 -1.10
N ASN A 83 10.27 10.06 -0.54
CA ASN A 83 10.33 11.08 0.51
C ASN A 83 9.45 10.68 1.71
N ILE A 84 9.25 9.38 1.88
CA ILE A 84 8.44 8.88 2.98
C ILE A 84 9.06 9.25 4.32
N THR A 85 8.29 9.94 5.16
CA THR A 85 8.77 10.36 6.48
C THR A 85 7.67 10.24 7.53
N GLY A 86 7.01 9.09 7.56
CA GLY A 86 5.96 8.87 8.53
C GLY A 86 5.06 7.69 8.18
N ASN A 87 5.68 6.56 7.84
CA ASN A 87 4.93 5.37 7.46
C ASN A 87 3.87 5.71 6.42
N THR A 88 4.26 6.55 5.47
CA THR A 88 3.37 7.01 4.41
C THR A 88 2.97 5.89 3.44
N ILE A 89 1.79 6.04 2.85
CA ILE A 89 1.26 5.09 1.88
C ILE A 89 1.06 5.82 0.56
N CYS A 90 1.80 5.42 -0.48
CA CYS A 90 1.70 6.10 -1.75
C CYS A 90 0.94 5.29 -2.80
N LEU A 91 -0.02 5.95 -3.44
CA LEU A 91 -0.81 5.35 -4.49
C LEU A 91 -0.41 5.91 -5.85
N PHE A 92 0.41 5.17 -6.59
CA PHE A 92 0.86 5.61 -7.89
C PHE A 92 -0.08 5.07 -8.97
N ARG A 93 -0.64 5.97 -9.76
CA ARG A 93 -1.55 5.59 -10.83
C ARG A 93 -0.87 5.71 -12.19
N LEU A 94 -0.16 4.64 -12.58
CA LEU A 94 0.58 4.57 -13.83
C LEU A 94 0.00 5.47 -14.92
N VAL A 95 -1.26 5.24 -15.28
CA VAL A 95 -1.93 6.02 -16.32
C VAL A 95 -1.61 7.51 -16.22
N ASP A 96 -2.17 8.16 -15.21
CA ASP A 96 -1.96 9.58 -15.01
C ASP A 96 -0.70 9.86 -14.21
N ASN A 97 0.13 8.83 -14.07
CA ASN A 97 1.39 8.92 -13.35
C ASN A 97 1.25 9.68 -12.03
N GLU A 98 0.07 9.61 -11.42
CA GLU A 98 -0.17 10.30 -10.16
C GLU A 98 0.47 9.55 -9.00
N GLN A 99 0.53 10.22 -7.85
CA GLN A 99 1.11 9.61 -6.66
C GLN A 99 0.53 10.23 -5.40
N LEU A 100 -0.49 9.59 -4.85
CA LEU A 100 -1.14 10.07 -3.64
C LEU A 100 -0.33 9.68 -2.41
N ASN A 101 0.28 10.66 -1.75
CA ASN A 101 1.10 10.38 -0.58
C ASN A 101 0.31 10.47 0.72
N LEU A 102 -0.24 9.35 1.14
CA LEU A 102 -0.98 9.26 2.39
C LEU A 102 0.02 9.23 3.54
N GLU A 103 0.57 10.39 3.87
CA GLU A 103 1.60 10.52 4.90
C GLU A 103 1.03 10.49 6.31
N ASP A 104 1.86 10.89 7.27
CA ASP A 104 1.49 10.92 8.68
C ASP A 104 0.17 11.63 8.91
N GLU A 105 -0.06 12.72 8.16
CA GLU A 105 -1.30 13.48 8.29
C GLU A 105 -2.51 12.56 8.11
N ASP A 106 -2.25 11.38 7.59
CA ASP A 106 -3.30 10.38 7.34
C ASP A 106 -2.91 9.01 7.90
N ILE A 107 -1.63 8.83 8.23
CA ILE A 107 -1.13 7.56 8.76
C ILE A 107 -1.23 7.50 10.29
N GLU A 108 -0.98 8.64 10.95
CA GLU A 108 -1.05 8.71 12.40
C GLU A 108 -2.36 8.14 12.92
N SER A 109 -3.45 8.43 12.22
CA SER A 109 -4.77 7.95 12.61
C SER A 109 -5.45 7.24 11.44
N ILE A 110 -4.64 6.51 10.66
CA ILE A 110 -5.14 5.78 9.51
C ILE A 110 -6.14 4.70 9.92
N ASP A 111 -7.15 4.50 9.09
CA ASP A 111 -8.16 3.48 9.32
C ASP A 111 -8.47 2.77 8.02
N ALA A 112 -8.81 1.48 8.10
CA ALA A 112 -9.11 0.71 6.91
C ALA A 112 -10.08 1.49 6.01
N THR A 113 -10.99 2.22 6.65
CA THR A 113 -11.95 3.03 5.93
C THR A 113 -11.23 4.11 5.12
N LYS A 114 -10.31 4.81 5.78
CA LYS A 114 -9.55 5.87 5.14
C LYS A 114 -8.75 5.35 3.97
N LEU A 115 -7.86 4.40 4.21
CA LEU A 115 -7.03 3.83 3.15
C LEU A 115 -7.91 3.40 1.98
N SER A 116 -8.90 2.56 2.26
CA SER A 116 -9.81 2.08 1.23
C SER A 116 -10.53 3.25 0.55
N ARG A 117 -10.73 4.32 1.31
CA ARG A 117 -11.39 5.51 0.80
C ARG A 117 -10.48 6.23 -0.19
N PHE A 118 -9.37 6.77 0.31
CA PHE A 118 -8.40 7.47 -0.53
C PHE A 118 -8.19 6.71 -1.83
N ILE A 119 -8.06 5.39 -1.72
CA ILE A 119 -7.89 4.54 -2.89
C ILE A 119 -9.13 4.63 -3.76
N GLU A 120 -10.28 4.34 -3.17
CA GLU A 120 -11.54 4.39 -3.89
C GLU A 120 -11.74 5.77 -4.51
N ILE A 121 -10.95 6.73 -4.03
CA ILE A 121 -11.02 8.10 -4.50
C ILE A 121 -10.04 8.35 -5.64
N ASN A 122 -8.86 7.71 -5.60
CA ASN A 122 -7.85 7.89 -6.64
C ASN A 122 -7.45 6.56 -7.29
N SER A 123 -8.36 5.61 -7.32
CA SER A 123 -8.09 4.32 -7.93
C SER A 123 -8.29 4.39 -9.44
N LEU A 124 -7.75 5.44 -10.05
CA LEU A 124 -7.87 5.65 -11.49
C LEU A 124 -6.66 5.07 -12.23
N GLU A 9 -29.27 -5.20 10.18
CA GLU A 9 -28.67 -4.76 8.89
C GLU A 9 -28.46 -5.95 7.96
N VAL A 10 -28.39 -5.66 6.66
CA VAL A 10 -28.19 -6.69 5.66
C VAL A 10 -26.87 -6.50 4.92
N GLU A 11 -25.97 -5.74 5.54
CA GLU A 11 -24.66 -5.47 4.96
C GLU A 11 -23.65 -6.55 5.37
N LYS A 12 -24.15 -7.63 5.97
CA LYS A 12 -23.29 -8.72 6.40
C LYS A 12 -23.91 -10.07 6.08
N SER A 13 -23.27 -11.14 6.57
CA SER A 13 -23.75 -12.49 6.34
C SER A 13 -23.93 -12.77 4.84
N SER A 14 -23.00 -12.27 4.03
CA SER A 14 -23.05 -12.47 2.60
C SER A 14 -21.69 -12.85 2.05
N ASP A 15 -20.73 -11.91 2.13
CA ASP A 15 -19.38 -12.14 1.64
C ASP A 15 -19.39 -12.53 0.16
N GLY A 16 -19.32 -11.51 -0.70
CA GLY A 16 -19.32 -11.75 -2.13
C GLY A 16 -17.94 -11.65 -2.74
N PRO A 17 -17.44 -10.42 -3.01
CA PRO A 17 -16.12 -10.21 -3.60
C PRO A 17 -15.01 -10.87 -2.79
N GLY A 18 -14.32 -11.82 -3.42
CA GLY A 18 -13.24 -12.52 -2.75
C GLY A 18 -11.88 -12.17 -3.31
N ALA A 19 -10.84 -12.32 -2.49
CA ALA A 19 -9.48 -12.00 -2.92
C ALA A 19 -8.47 -12.73 -2.04
N ALA A 20 -8.35 -12.27 -0.80
CA ALA A 20 -7.42 -12.87 0.16
C ALA A 20 -6.00 -12.90 -0.38
N GLN A 21 -5.22 -11.89 -0.02
CA GLN A 21 -3.83 -11.78 -0.46
C GLN A 21 -3.10 -10.68 0.31
N GLU A 22 -1.77 -10.72 0.27
CA GLU A 22 -0.96 -9.74 0.98
C GLU A 22 -0.24 -8.81 -0.01
N PRO A 23 0.16 -7.61 0.43
CA PRO A 23 0.85 -6.63 -0.41
C PRO A 23 2.26 -7.08 -0.78
N THR A 24 2.67 -6.76 -2.01
CA THR A 24 3.99 -7.12 -2.50
C THR A 24 5.10 -6.51 -1.62
N TRP A 25 6.23 -7.19 -1.57
CA TRP A 25 7.37 -6.73 -0.78
C TRP A 25 8.37 -5.97 -1.65
N LEU A 26 8.14 -4.67 -1.79
CA LEU A 26 9.02 -3.82 -2.59
C LEU A 26 10.22 -3.36 -1.77
N THR A 27 11.16 -4.29 -1.54
CA THR A 27 12.35 -3.99 -0.76
C THR A 27 13.35 -3.14 -1.52
N ASP A 28 13.00 -2.77 -2.76
CA ASP A 28 13.89 -1.95 -3.58
C ASP A 28 13.11 -0.96 -4.44
N VAL A 29 13.72 0.20 -4.68
CA VAL A 29 13.10 1.24 -5.49
C VAL A 29 12.72 0.71 -6.87
N PRO A 30 13.64 0.03 -7.58
CA PRO A 30 13.37 -0.51 -8.92
C PRO A 30 12.19 -1.48 -8.90
N ALA A 31 12.18 -2.40 -7.94
CA ALA A 31 11.12 -3.37 -7.82
C ALA A 31 9.80 -2.68 -7.54
N ALA A 32 9.89 -1.59 -6.78
CA ALA A 32 8.70 -0.81 -6.43
C ALA A 32 8.09 -0.20 -7.69
N MET A 33 8.90 0.59 -8.40
CA MET A 33 8.47 1.25 -9.61
C MET A 33 8.07 0.24 -10.68
N GLU A 34 8.65 -0.96 -10.61
CA GLU A 34 8.34 -2.01 -11.58
C GLU A 34 6.94 -2.55 -11.35
N PHE A 35 6.64 -2.91 -10.11
CA PHE A 35 5.33 -3.43 -9.77
C PHE A 35 4.28 -2.37 -10.07
N ILE A 36 4.67 -1.11 -9.93
CA ILE A 36 3.78 0.01 -10.21
C ILE A 36 3.63 0.19 -11.71
N ALA A 37 4.73 0.01 -12.43
CA ALA A 37 4.75 0.15 -13.89
C ALA A 37 4.06 -1.03 -14.55
N ALA A 38 3.92 -2.12 -13.81
CA ALA A 38 3.29 -3.33 -14.34
C ALA A 38 1.81 -3.34 -14.02
N THR A 39 1.22 -2.16 -13.85
CA THR A 39 -0.20 -2.05 -13.54
C THR A 39 -0.67 -0.59 -13.61
N GLU A 40 -1.97 -0.41 -13.83
CA GLU A 40 -2.56 0.92 -13.92
C GLU A 40 -2.53 1.61 -12.56
N VAL A 41 -3.16 0.99 -11.56
CA VAL A 41 -3.20 1.55 -10.22
C VAL A 41 -2.37 0.71 -9.25
N ALA A 42 -1.63 1.37 -8.38
CA ALA A 42 -0.79 0.69 -7.41
C ALA A 42 -0.76 1.40 -6.07
N VAL A 43 -1.05 0.65 -5.01
CA VAL A 43 -1.05 1.21 -3.67
C VAL A 43 0.04 0.53 -2.85
N ILE A 44 0.87 1.33 -2.22
CA ILE A 44 1.98 0.80 -1.44
C ILE A 44 2.12 1.46 -0.08
N GLY A 45 2.37 0.63 0.94
CA GLY A 45 2.52 1.13 2.28
C GLY A 45 3.98 1.24 2.69
N PHE A 46 4.54 2.45 2.58
CA PHE A 46 5.93 2.69 2.96
C PHE A 46 6.01 2.93 4.46
N PHE A 47 6.24 1.85 5.21
CA PHE A 47 6.31 1.93 6.66
C PHE A 47 7.71 1.68 7.20
N GLN A 48 8.07 2.42 8.24
CA GLN A 48 9.37 2.24 8.89
C GLN A 48 9.22 1.21 9.99
N ASP A 49 7.97 0.81 10.21
CA ASP A 49 7.63 -0.18 11.23
C ASP A 49 6.40 -0.95 10.78
N LEU A 50 6.51 -2.27 10.66
CA LEU A 50 5.38 -3.09 10.22
C LEU A 50 4.58 -3.60 11.41
N GLU A 51 4.28 -2.69 12.33
CA GLU A 51 3.49 -3.01 13.52
C GLU A 51 2.48 -1.90 13.79
N ILE A 52 2.39 -0.97 12.84
CA ILE A 52 1.46 0.16 12.95
C ILE A 52 0.12 -0.18 12.32
N PRO A 53 -0.97 0.49 12.76
CA PRO A 53 -2.32 0.25 12.22
C PRO A 53 -2.36 0.28 10.70
N ALA A 54 -1.48 1.04 10.10
CA ALA A 54 -1.43 1.18 8.65
C ALA A 54 -1.15 -0.15 7.96
N VAL A 55 -0.29 -0.96 8.54
CA VAL A 55 0.08 -2.25 7.94
C VAL A 55 -1.15 -3.17 7.82
N PRO A 56 -1.84 -3.49 8.93
CA PRO A 56 -3.03 -4.35 8.88
C PRO A 56 -4.10 -3.77 7.98
N ILE A 57 -4.25 -2.46 8.05
CA ILE A 57 -5.23 -1.75 7.24
C ILE A 57 -4.93 -1.88 5.75
N LEU A 58 -3.64 -1.93 5.41
CA LEU A 58 -3.23 -2.09 4.03
C LEU A 58 -3.44 -3.53 3.59
N HIS A 59 -2.89 -4.47 4.36
CA HIS A 59 -3.04 -5.89 4.05
C HIS A 59 -4.51 -6.24 3.91
N SER A 60 -5.36 -5.43 4.55
CA SER A 60 -6.80 -5.63 4.50
C SER A 60 -7.39 -5.00 3.24
N MET A 61 -6.99 -3.76 2.97
CA MET A 61 -7.49 -3.06 1.78
C MET A 61 -7.14 -3.86 0.54
N VAL A 62 -6.08 -4.65 0.66
CA VAL A 62 -5.62 -5.49 -0.43
C VAL A 62 -6.75 -6.36 -0.98
N GLN A 63 -7.47 -7.02 -0.09
CA GLN A 63 -8.57 -7.88 -0.48
C GLN A 63 -9.80 -7.05 -0.84
N LYS A 64 -9.72 -5.75 -0.55
CA LYS A 64 -10.81 -4.83 -0.84
C LYS A 64 -10.59 -4.17 -2.19
N PHE A 65 -9.35 -4.21 -2.66
CA PHE A 65 -8.98 -3.61 -3.94
C PHE A 65 -8.07 -4.54 -4.76
N PRO A 66 -8.58 -5.73 -5.14
CA PRO A 66 -7.82 -6.69 -5.94
C PRO A 66 -7.23 -6.05 -7.19
N GLY A 67 -8.05 -5.26 -7.89
CA GLY A 67 -7.60 -4.58 -9.08
C GLY A 67 -6.37 -3.73 -8.80
N VAL A 68 -6.40 -3.03 -7.66
CA VAL A 68 -5.28 -2.20 -7.25
C VAL A 68 -4.05 -3.05 -6.96
N SER A 69 -2.88 -2.55 -7.30
CA SER A 69 -1.64 -3.29 -7.07
C SER A 69 -1.17 -3.13 -5.63
N PHE A 70 -1.51 -4.11 -4.80
CA PHE A 70 -1.11 -4.10 -3.40
C PHE A 70 0.40 -4.15 -3.26
N GLY A 71 0.93 -3.23 -2.48
CA GLY A 71 2.37 -3.18 -2.28
C GLY A 71 2.73 -2.66 -0.91
N ILE A 72 3.94 -2.94 -0.46
CA ILE A 72 4.40 -2.49 0.84
C ILE A 72 5.93 -2.49 0.87
N SER A 73 6.49 -1.50 1.56
CA SER A 73 7.94 -1.39 1.65
C SER A 73 8.39 -0.82 2.99
N THR A 74 9.60 -1.19 3.39
CA THR A 74 10.16 -0.72 4.65
C THR A 74 11.62 -0.33 4.45
N ASP A 75 12.13 -0.56 3.25
CA ASP A 75 13.50 -0.24 2.91
C ASP A 75 13.74 1.27 2.97
N SER A 76 14.91 1.66 3.44
CA SER A 76 15.26 3.07 3.55
C SER A 76 15.34 3.74 2.18
N GLU A 77 16.08 3.13 1.27
CA GLU A 77 16.24 3.68 -0.08
C GLU A 77 14.89 4.03 -0.71
N VAL A 78 13.92 3.14 -0.57
CA VAL A 78 12.61 3.38 -1.14
C VAL A 78 11.87 4.47 -0.37
N LEU A 79 11.80 4.31 0.95
CA LEU A 79 11.14 5.29 1.80
C LEU A 79 11.81 6.65 1.66
N THR A 80 13.00 6.65 1.09
CA THR A 80 13.75 7.88 0.86
C THR A 80 13.43 8.44 -0.52
N HIS A 81 13.32 7.54 -1.50
CA HIS A 81 13.01 7.94 -2.87
C HIS A 81 11.66 8.64 -2.93
N TYR A 82 10.69 8.09 -2.22
CA TYR A 82 9.35 8.68 -2.18
C TYR A 82 9.24 9.72 -1.08
N ASN A 83 10.38 10.05 -0.48
CA ASN A 83 10.44 11.05 0.58
C ASN A 83 9.56 10.66 1.77
N ILE A 84 9.29 9.35 1.89
CA ILE A 84 8.47 8.84 2.98
C ILE A 84 9.05 9.24 4.34
N THR A 85 8.25 9.96 5.12
CA THR A 85 8.70 10.42 6.44
C THR A 85 7.57 10.31 7.46
N GLY A 86 7.05 9.11 7.65
CA GLY A 86 5.98 8.90 8.61
C GLY A 86 5.08 7.73 8.24
N ASN A 87 5.70 6.61 7.85
CA ASN A 87 4.94 5.43 7.47
C ASN A 87 3.89 5.78 6.43
N THR A 88 4.29 6.59 5.46
CA THR A 88 3.41 7.05 4.40
C THR A 88 3.01 5.93 3.43
N ILE A 89 1.82 6.09 2.83
CA ILE A 89 1.30 5.14 1.85
C ILE A 89 1.10 5.86 0.53
N CYS A 90 1.82 5.43 -0.51
CA CYS A 90 1.71 6.10 -1.80
C CYS A 90 0.92 5.30 -2.82
N LEU A 91 0.00 6.01 -3.49
CA LEU A 91 -0.82 5.40 -4.54
C LEU A 91 -0.39 5.93 -5.90
N PHE A 92 0.31 5.09 -6.67
CA PHE A 92 0.75 5.49 -7.99
C PHE A 92 -0.17 4.95 -9.07
N ARG A 93 -0.76 5.86 -9.84
CA ARG A 93 -1.69 5.48 -10.91
C ARG A 93 -1.01 5.60 -12.27
N LEU A 94 -0.22 4.58 -12.62
CA LEU A 94 0.52 4.53 -13.89
C LEU A 94 -0.10 5.42 -14.97
N VAL A 95 -1.36 5.17 -15.29
CA VAL A 95 -2.07 5.94 -16.32
C VAL A 95 -1.76 7.42 -16.26
N ASP A 96 -2.19 8.07 -15.19
CA ASP A 96 -1.98 9.50 -15.02
C ASP A 96 -0.71 9.78 -14.22
N ASN A 97 0.01 8.71 -13.87
CA ASN A 97 1.25 8.81 -13.11
C ASN A 97 1.08 9.67 -11.86
N GLU A 98 -0.08 9.55 -11.22
CA GLU A 98 -0.37 10.33 -10.01
C GLU A 98 0.16 9.60 -8.78
N GLN A 99 0.84 10.34 -7.90
CA GLN A 99 1.39 9.77 -6.68
C GLN A 99 0.74 10.38 -5.46
N LEU A 100 -0.29 9.71 -4.94
CA LEU A 100 -0.99 10.18 -3.75
C LEU A 100 -0.23 9.75 -2.51
N ASN A 101 0.37 10.72 -1.81
CA ASN A 101 1.15 10.40 -0.62
C ASN A 101 0.33 10.51 0.66
N LEU A 102 -0.20 9.39 1.10
CA LEU A 102 -0.96 9.31 2.35
C LEU A 102 0.04 9.28 3.49
N GLU A 103 0.59 10.45 3.82
CA GLU A 103 1.61 10.56 4.86
C GLU A 103 1.03 10.56 6.27
N ASP A 104 1.86 10.97 7.22
CA ASP A 104 1.50 11.01 8.64
C ASP A 104 0.17 11.74 8.86
N GLU A 105 -0.06 12.81 8.11
CA GLU A 105 -1.30 13.58 8.23
C GLU A 105 -2.51 12.66 8.04
N ASP A 106 -2.24 11.48 7.51
CA ASP A 106 -3.28 10.49 7.25
C ASP A 106 -2.90 9.11 7.82
N ILE A 107 -1.63 8.94 8.19
CA ILE A 107 -1.15 7.67 8.73
C ILE A 107 -1.25 7.64 10.25
N GLU A 108 -1.11 8.81 10.88
CA GLU A 108 -1.19 8.93 12.34
C GLU A 108 -2.48 8.30 12.85
N SER A 109 -3.58 8.57 12.17
CA SER A 109 -4.88 8.03 12.56
C SER A 109 -5.51 7.28 11.39
N ILE A 110 -4.68 6.56 10.64
CA ILE A 110 -5.16 5.79 9.50
C ILE A 110 -6.12 4.69 9.91
N ASP A 111 -7.12 4.47 9.09
CA ASP A 111 -8.11 3.42 9.33
C ASP A 111 -8.42 2.70 8.03
N ALA A 112 -8.79 1.42 8.11
CA ALA A 112 -9.11 0.65 6.91
C ALA A 112 -10.07 1.42 6.03
N THR A 113 -11.00 2.13 6.66
CA THR A 113 -11.97 2.94 5.93
C THR A 113 -11.25 4.03 5.15
N LYS A 114 -10.33 4.72 5.82
CA LYS A 114 -9.56 5.78 5.19
C LYS A 114 -8.75 5.28 4.01
N LEU A 115 -7.84 4.35 4.25
CA LEU A 115 -7.01 3.79 3.19
C LEU A 115 -7.89 3.39 2.00
N SER A 116 -8.88 2.54 2.27
CA SER A 116 -9.79 2.08 1.24
C SER A 116 -10.52 3.26 0.59
N ARG A 117 -10.74 4.31 1.35
CA ARG A 117 -11.42 5.50 0.85
C ARG A 117 -10.51 6.23 -0.12
N PHE A 118 -9.41 6.76 0.40
CA PHE A 118 -8.44 7.50 -0.42
C PHE A 118 -8.21 6.76 -1.73
N ILE A 119 -8.07 5.44 -1.64
CA ILE A 119 -7.89 4.61 -2.83
C ILE A 119 -9.13 4.71 -3.71
N GLU A 120 -10.27 4.39 -3.12
CA GLU A 120 -11.55 4.45 -3.84
C GLU A 120 -11.73 5.83 -4.46
N ILE A 121 -10.97 6.79 -3.96
CA ILE A 121 -11.05 8.17 -4.42
C ILE A 121 -10.09 8.44 -5.57
N ASN A 122 -8.88 7.85 -5.51
CA ASN A 122 -7.89 8.06 -6.56
C ASN A 122 -7.44 6.75 -7.20
N SER A 123 -8.32 5.76 -7.24
CA SER A 123 -8.00 4.47 -7.85
C SER A 123 -8.20 4.55 -9.37
N LEU A 124 -7.72 5.64 -9.96
CA LEU A 124 -7.86 5.86 -11.40
C LEU A 124 -6.61 5.40 -12.14
N GLU A 9 8.46 -14.45 2.76
CA GLU A 9 8.97 -15.28 3.87
C GLU A 9 8.09 -15.13 5.11
N VAL A 10 7.91 -16.22 5.85
CA VAL A 10 7.10 -16.22 7.05
C VAL A 10 5.69 -15.72 6.76
N GLU A 11 4.90 -16.54 6.08
CA GLU A 11 3.53 -16.19 5.74
C GLU A 11 2.62 -17.40 5.78
N LYS A 12 1.42 -17.22 6.33
CA LYS A 12 0.45 -18.31 6.44
C LYS A 12 1.05 -19.50 7.19
N SER A 13 1.68 -19.21 8.32
CA SER A 13 2.30 -20.26 9.13
C SER A 13 1.70 -20.28 10.54
N SER A 14 0.72 -19.42 10.77
CA SER A 14 0.06 -19.34 12.07
C SER A 14 -1.22 -20.17 12.09
N ASP A 15 -1.50 -20.85 10.98
CA ASP A 15 -2.68 -21.68 10.86
C ASP A 15 -3.96 -20.87 11.10
N GLY A 16 -4.48 -20.28 10.02
CA GLY A 16 -5.69 -19.49 10.13
C GLY A 16 -6.42 -19.36 8.81
N PRO A 17 -7.76 -19.51 8.80
CA PRO A 17 -8.55 -19.41 7.56
C PRO A 17 -8.45 -18.03 6.93
N GLY A 18 -8.07 -17.04 7.72
CA GLY A 18 -7.94 -15.68 7.23
C GLY A 18 -6.58 -15.42 6.60
N ALA A 19 -6.59 -15.09 5.31
CA ALA A 19 -5.36 -14.81 4.58
C ALA A 19 -5.66 -14.17 3.24
N ALA A 20 -6.21 -14.97 2.33
CA ALA A 20 -6.57 -14.51 0.99
C ALA A 20 -5.33 -14.04 0.21
N GLN A 21 -4.91 -12.81 0.46
CA GLN A 21 -3.75 -12.25 -0.21
C GLN A 21 -3.05 -11.21 0.65
N GLU A 22 -1.87 -10.77 0.22
CA GLU A 22 -1.10 -9.79 0.97
C GLU A 22 -0.30 -8.88 0.01
N PRO A 23 0.11 -7.69 0.48
CA PRO A 23 0.87 -6.73 -0.33
C PRO A 23 2.29 -7.21 -0.62
N THR A 24 2.83 -6.81 -1.77
CA THR A 24 4.17 -7.20 -2.19
C THR A 24 5.24 -6.48 -1.35
N TRP A 25 6.42 -7.09 -1.29
CA TRP A 25 7.53 -6.52 -0.53
C TRP A 25 8.51 -5.80 -1.44
N LEU A 26 8.27 -4.52 -1.69
CA LEU A 26 9.13 -3.71 -2.54
C LEU A 26 10.33 -3.21 -1.75
N THR A 27 11.25 -4.11 -1.44
CA THR A 27 12.44 -3.77 -0.67
C THR A 27 13.41 -2.92 -1.47
N ASP A 28 13.11 -2.70 -2.75
CA ASP A 28 13.98 -1.89 -3.60
C ASP A 28 13.18 -0.92 -4.45
N VAL A 29 13.78 0.23 -4.71
CA VAL A 29 13.13 1.27 -5.52
C VAL A 29 12.76 0.75 -6.91
N PRO A 30 13.69 0.09 -7.62
CA PRO A 30 13.41 -0.46 -8.96
C PRO A 30 12.25 -1.45 -8.93
N ALA A 31 12.25 -2.34 -7.93
CA ALA A 31 11.19 -3.32 -7.81
C ALA A 31 9.87 -2.64 -7.54
N ALA A 32 9.93 -1.58 -6.75
CA ALA A 32 8.74 -0.82 -6.40
C ALA A 32 8.12 -0.21 -7.67
N MET A 33 8.94 0.52 -8.42
CA MET A 33 8.50 1.16 -9.65
C MET A 33 8.07 0.13 -10.69
N GLU A 34 8.67 -1.05 -10.63
CA GLU A 34 8.33 -2.11 -11.58
C GLU A 34 6.93 -2.63 -11.31
N PHE A 35 6.65 -2.94 -10.05
CA PHE A 35 5.33 -3.44 -9.69
C PHE A 35 4.28 -2.39 -9.98
N ILE A 36 4.67 -1.11 -9.85
CA ILE A 36 3.76 -0.01 -10.15
C ILE A 36 3.59 0.13 -11.65
N ALA A 37 4.69 -0.12 -12.37
CA ALA A 37 4.69 -0.02 -13.82
C ALA A 37 3.96 -1.20 -14.45
N ALA A 38 3.80 -2.27 -13.67
CA ALA A 38 3.12 -3.47 -14.14
C ALA A 38 1.64 -3.43 -13.82
N THR A 39 1.09 -2.23 -13.72
CA THR A 39 -0.33 -2.05 -13.41
C THR A 39 -0.77 -0.60 -13.57
N GLU A 40 -2.06 -0.41 -13.79
CA GLU A 40 -2.64 0.92 -13.96
C GLU A 40 -2.66 1.67 -12.63
N VAL A 41 -3.12 0.98 -11.59
CA VAL A 41 -3.19 1.57 -10.24
C VAL A 41 -2.38 0.73 -9.26
N ALA A 42 -1.63 1.41 -8.39
CA ALA A 42 -0.80 0.72 -7.42
C ALA A 42 -0.79 1.43 -6.06
N VAL A 43 -1.07 0.68 -5.02
CA VAL A 43 -1.06 1.21 -3.67
C VAL A 43 0.03 0.53 -2.86
N ILE A 44 0.85 1.32 -2.20
CA ILE A 44 1.97 0.78 -1.45
C ILE A 44 2.13 1.45 -0.10
N GLY A 45 2.37 0.63 0.92
CA GLY A 45 2.55 1.14 2.27
C GLY A 45 4.01 1.26 2.65
N PHE A 46 4.56 2.46 2.50
CA PHE A 46 5.96 2.71 2.85
C PHE A 46 6.07 2.97 4.35
N PHE A 47 6.26 1.89 5.12
CA PHE A 47 6.34 1.99 6.57
C PHE A 47 7.76 1.77 7.09
N GLN A 48 8.08 2.46 8.18
CA GLN A 48 9.38 2.32 8.81
C GLN A 48 9.26 1.30 9.94
N ASP A 49 8.03 0.80 10.11
CA ASP A 49 7.73 -0.18 11.13
C ASP A 49 6.46 -0.95 10.74
N LEU A 50 6.60 -2.25 10.55
CA LEU A 50 5.46 -3.08 10.15
C LEU A 50 4.68 -3.57 11.36
N GLU A 51 4.45 -2.65 12.29
CA GLU A 51 3.69 -2.96 13.51
C GLU A 51 2.69 -1.84 13.80
N ILE A 52 2.50 -0.97 12.82
CA ILE A 52 1.57 0.15 12.96
C ILE A 52 0.21 -0.18 12.35
N PRO A 53 -0.85 0.51 12.80
CA PRO A 53 -2.22 0.28 12.30
C PRO A 53 -2.29 0.30 10.77
N ALA A 54 -1.41 1.10 10.16
CA ALA A 54 -1.38 1.23 8.71
C ALA A 54 -1.13 -0.11 8.01
N VAL A 55 -0.28 -0.95 8.60
CA VAL A 55 0.04 -2.23 8.00
C VAL A 55 -1.20 -3.12 7.88
N PRO A 56 -1.90 -3.45 8.98
CA PRO A 56 -3.10 -4.28 8.93
C PRO A 56 -4.16 -3.68 8.03
N ILE A 57 -4.30 -2.35 8.13
CA ILE A 57 -5.27 -1.62 7.33
C ILE A 57 -4.97 -1.76 5.85
N LEU A 58 -3.69 -1.80 5.50
CA LEU A 58 -3.29 -1.97 4.10
C LEU A 58 -3.54 -3.40 3.66
N HIS A 59 -3.02 -4.36 4.43
CA HIS A 59 -3.21 -5.77 4.12
C HIS A 59 -4.70 -6.07 3.98
N SER A 60 -5.52 -5.23 4.59
CA SER A 60 -6.97 -5.37 4.54
C SER A 60 -7.52 -4.76 3.25
N MET A 61 -7.08 -3.54 2.96
CA MET A 61 -7.51 -2.85 1.74
C MET A 61 -7.16 -3.70 0.52
N VAL A 62 -6.12 -4.52 0.67
CA VAL A 62 -5.67 -5.40 -0.40
C VAL A 62 -6.82 -6.22 -0.95
N GLN A 63 -7.55 -6.88 -0.07
CA GLN A 63 -8.68 -7.71 -0.48
C GLN A 63 -9.87 -6.84 -0.88
N LYS A 64 -9.78 -5.55 -0.56
CA LYS A 64 -10.84 -4.61 -0.89
C LYS A 64 -10.56 -3.96 -2.24
N PHE A 65 -9.32 -4.05 -2.68
CA PHE A 65 -8.91 -3.47 -3.95
C PHE A 65 -7.99 -4.42 -4.73
N PRO A 66 -8.50 -5.60 -5.12
CA PRO A 66 -7.72 -6.58 -5.88
C PRO A 66 -7.13 -5.97 -7.15
N GLY A 67 -7.95 -5.18 -7.85
CA GLY A 67 -7.49 -4.53 -9.06
C GLY A 67 -6.27 -3.68 -8.80
N VAL A 68 -6.26 -3.01 -7.65
CA VAL A 68 -5.14 -2.18 -7.24
C VAL A 68 -3.93 -3.04 -6.93
N SER A 69 -2.74 -2.53 -7.25
CA SER A 69 -1.52 -3.28 -6.99
C SER A 69 -1.09 -3.11 -5.53
N PHE A 70 -1.42 -4.10 -4.72
CA PHE A 70 -1.08 -4.10 -3.30
C PHE A 70 0.43 -4.20 -3.11
N GLY A 71 0.99 -3.21 -2.44
CA GLY A 71 2.43 -3.21 -2.19
C GLY A 71 2.76 -2.69 -0.81
N ILE A 72 3.98 -2.95 -0.37
CA ILE A 72 4.44 -2.51 0.93
C ILE A 72 5.96 -2.55 1.00
N SER A 73 6.55 -1.58 1.68
CA SER A 73 8.01 -1.51 1.78
C SER A 73 8.45 -0.92 3.10
N THR A 74 9.70 -1.21 3.47
CA THR A 74 10.27 -0.69 4.71
C THR A 74 11.71 -0.26 4.50
N ASP A 75 12.23 -0.52 3.30
CA ASP A 75 13.61 -0.16 2.96
C ASP A 75 13.79 1.35 2.98
N SER A 76 14.93 1.80 3.48
CA SER A 76 15.23 3.23 3.56
C SER A 76 15.32 3.86 2.19
N GLU A 77 16.07 3.24 1.29
CA GLU A 77 16.25 3.77 -0.06
C GLU A 77 14.92 4.09 -0.72
N VAL A 78 13.95 3.19 -0.58
CA VAL A 78 12.64 3.41 -1.18
C VAL A 78 11.89 4.51 -0.43
N LEU A 79 11.78 4.36 0.89
CA LEU A 79 11.10 5.34 1.72
C LEU A 79 11.77 6.70 1.58
N THR A 80 12.97 6.70 1.01
CA THR A 80 13.72 7.94 0.79
C THR A 80 13.41 8.49 -0.59
N HIS A 81 13.32 7.58 -1.57
CA HIS A 81 13.04 7.96 -2.95
C HIS A 81 11.69 8.65 -3.03
N TYR A 82 10.72 8.14 -2.28
CA TYR A 82 9.37 8.71 -2.27
C TYR A 82 9.23 9.75 -1.16
N ASN A 83 10.37 10.14 -0.57
CA ASN A 83 10.39 11.14 0.49
C ASN A 83 9.51 10.73 1.66
N ILE A 84 9.30 9.42 1.81
CA ILE A 84 8.49 8.89 2.91
C ILE A 84 9.09 9.24 4.26
N THR A 85 8.32 9.97 5.08
CA THR A 85 8.78 10.36 6.40
C THR A 85 7.65 10.28 7.43
N GLY A 86 7.08 9.09 7.57
CA GLY A 86 6.00 8.90 8.52
C GLY A 86 5.11 7.72 8.17
N ASN A 87 5.73 6.61 7.80
CA ASN A 87 4.99 5.40 7.43
C ASN A 87 3.91 5.75 6.40
N THR A 88 4.30 6.56 5.43
CA THR A 88 3.40 7.01 4.37
C THR A 88 3.00 5.89 3.42
N ILE A 89 1.81 6.03 2.84
CA ILE A 89 1.28 5.08 1.87
C ILE A 89 1.08 5.79 0.55
N CYS A 90 1.82 5.40 -0.47
CA CYS A 90 1.72 6.06 -1.78
C CYS A 90 0.94 5.26 -2.80
N LEU A 91 -0.01 5.93 -3.44
CA LEU A 91 -0.83 5.34 -4.48
C LEU A 91 -0.42 5.90 -5.84
N PHE A 92 0.35 5.10 -6.59
CA PHE A 92 0.81 5.53 -7.91
C PHE A 92 -0.12 4.98 -9.00
N ARG A 93 -0.68 5.87 -9.80
CA ARG A 93 -1.59 5.47 -10.87
C ARG A 93 -0.91 5.58 -12.22
N LEU A 94 -0.21 4.50 -12.61
CA LEU A 94 0.52 4.42 -13.88
C LEU A 94 -0.06 5.34 -14.96
N VAL A 95 -1.32 5.11 -15.33
CA VAL A 95 -2.00 5.89 -16.35
C VAL A 95 -1.62 7.37 -16.29
N ASP A 96 -2.23 8.09 -15.36
CA ASP A 96 -1.95 9.51 -15.20
C ASP A 96 -0.64 9.73 -14.44
N ASN A 97 0.04 8.63 -14.13
CA ASN A 97 1.31 8.68 -13.42
C ASN A 97 1.21 9.50 -12.14
N GLU A 98 0.05 9.48 -11.51
CA GLU A 98 -0.16 10.23 -10.27
C GLU A 98 0.49 9.52 -9.10
N GLN A 99 0.70 10.26 -8.02
CA GLN A 99 1.32 9.72 -6.82
C GLN A 99 0.73 10.35 -5.56
N LEU A 100 -0.27 9.68 -5.01
CA LEU A 100 -0.94 10.18 -3.80
C LEU A 100 -0.14 9.74 -2.58
N ASN A 101 0.34 10.71 -1.81
CA ASN A 101 1.14 10.40 -0.63
C ASN A 101 0.32 10.48 0.66
N LEU A 102 -0.20 9.34 1.10
CA LEU A 102 -0.95 9.26 2.34
C LEU A 102 0.04 9.23 3.49
N GLU A 103 0.58 10.40 3.83
CA GLU A 103 1.60 10.52 4.87
C GLU A 103 1.01 10.50 6.28
N ASP A 104 1.84 10.93 7.23
CA ASP A 104 1.45 10.97 8.65
C ASP A 104 0.12 11.69 8.85
N GLU A 105 -0.10 12.75 8.09
CA GLU A 105 -1.35 13.51 8.19
C GLU A 105 -2.55 12.59 8.02
N ASP A 106 -2.29 11.40 7.48
CA ASP A 106 -3.32 10.40 7.25
C ASP A 106 -2.93 9.03 7.82
N ILE A 107 -1.65 8.87 8.17
CA ILE A 107 -1.15 7.61 8.72
C ILE A 107 -1.27 7.59 10.25
N GLU A 108 -1.28 8.77 10.86
CA GLU A 108 -1.38 8.88 12.31
C GLU A 108 -2.61 8.13 12.82
N SER A 109 -3.78 8.50 12.32
CA SER A 109 -5.02 7.86 12.72
C SER A 109 -5.64 7.12 11.55
N ILE A 110 -4.78 6.54 10.71
CA ILE A 110 -5.23 5.79 9.54
C ILE A 110 -6.15 4.65 9.92
N ASP A 111 -7.11 4.36 9.04
CA ASP A 111 -8.05 3.28 9.26
C ASP A 111 -8.28 2.54 7.96
N ALA A 112 -8.86 1.35 8.04
CA ALA A 112 -9.12 0.57 6.85
C ALA A 112 -10.07 1.31 5.93
N THR A 113 -11.03 2.01 6.54
CA THR A 113 -12.00 2.79 5.79
C THR A 113 -11.31 3.93 5.06
N LYS A 114 -10.41 4.62 5.77
CA LYS A 114 -9.67 5.74 5.20
C LYS A 114 -8.84 5.29 4.01
N LEU A 115 -7.93 4.33 4.24
CA LEU A 115 -7.09 3.82 3.17
C LEU A 115 -7.94 3.43 1.97
N SER A 116 -8.92 2.56 2.22
CA SER A 116 -9.82 2.10 1.17
C SER A 116 -10.55 3.28 0.52
N ARG A 117 -10.77 4.32 1.30
CA ARG A 117 -11.45 5.51 0.81
C ARG A 117 -10.55 6.26 -0.15
N PHE A 118 -9.45 6.80 0.38
CA PHE A 118 -8.49 7.54 -0.43
C PHE A 118 -8.23 6.81 -1.73
N ILE A 119 -8.08 5.49 -1.67
CA ILE A 119 -7.86 4.70 -2.86
C ILE A 119 -9.09 4.80 -3.76
N GLU A 120 -10.24 4.49 -3.18
CA GLU A 120 -11.50 4.56 -3.92
C GLU A 120 -11.68 5.94 -4.53
N ILE A 121 -10.94 6.90 -3.98
CA ILE A 121 -11.00 8.28 -4.44
C ILE A 121 -10.00 8.56 -5.56
N ASN A 122 -8.85 7.92 -5.51
CA ASN A 122 -7.82 8.12 -6.53
C ASN A 122 -7.39 6.81 -7.19
N SER A 123 -8.29 5.85 -7.26
CA SER A 123 -7.99 4.56 -7.89
C SER A 123 -8.19 4.67 -9.40
N LEU A 124 -7.66 5.75 -9.98
CA LEU A 124 -7.78 5.99 -11.41
C LEU A 124 -6.56 5.47 -12.16
N GLU A 9 4.48 -9.59 20.76
CA GLU A 9 3.72 -9.80 19.50
C GLU A 9 3.31 -11.25 19.35
N VAL A 10 2.02 -11.53 19.56
CA VAL A 10 1.51 -12.89 19.44
C VAL A 10 0.00 -12.88 19.24
N GLU A 11 -0.67 -11.87 19.79
CA GLU A 11 -2.11 -11.75 19.67
C GLU A 11 -2.49 -10.62 18.72
N LYS A 12 -1.48 -10.07 18.04
CA LYS A 12 -1.70 -8.98 17.10
C LYS A 12 -1.42 -9.41 15.67
N SER A 13 -1.30 -10.72 15.47
CA SER A 13 -1.01 -11.27 14.14
C SER A 13 -2.32 -11.57 13.39
N SER A 14 -2.61 -10.74 12.40
CA SER A 14 -3.82 -10.90 11.60
C SER A 14 -3.60 -11.92 10.48
N ASP A 15 -3.77 -13.20 10.81
CA ASP A 15 -3.58 -14.28 9.85
C ASP A 15 -4.90 -14.63 9.18
N GLY A 16 -5.89 -15.03 9.97
CA GLY A 16 -7.19 -15.39 9.44
C GLY A 16 -7.17 -16.72 8.71
N PRO A 17 -7.91 -17.74 9.19
CA PRO A 17 -7.96 -19.06 8.56
C PRO A 17 -8.38 -18.98 7.09
N GLY A 18 -7.43 -19.22 6.19
CA GLY A 18 -7.73 -19.16 4.77
C GLY A 18 -6.50 -18.84 3.94
N ALA A 19 -6.33 -17.56 3.60
CA ALA A 19 -5.19 -17.13 2.80
C ALA A 19 -5.10 -15.61 2.79
N ALA A 20 -6.02 -14.97 2.07
CA ALA A 20 -6.04 -13.51 1.97
C ALA A 20 -4.74 -12.96 1.41
N GLN A 21 -4.76 -12.58 0.13
CA GLN A 21 -3.58 -12.03 -0.53
C GLN A 21 -2.99 -10.87 0.26
N GLU A 22 -1.66 -10.81 0.30
CA GLU A 22 -0.96 -9.75 1.03
C GLU A 22 -0.19 -8.84 0.07
N PRO A 23 0.16 -7.62 0.51
CA PRO A 23 0.90 -6.65 -0.32
C PRO A 23 2.34 -7.11 -0.61
N THR A 24 2.79 -6.84 -1.83
CA THR A 24 4.14 -7.21 -2.26
C THR A 24 5.21 -6.52 -1.43
N TRP A 25 6.38 -7.15 -1.34
CA TRP A 25 7.50 -6.60 -0.58
C TRP A 25 8.48 -5.85 -1.50
N LEU A 26 8.23 -4.56 -1.68
CA LEU A 26 9.09 -3.72 -2.52
C LEU A 26 10.28 -3.21 -1.72
N THR A 27 11.22 -4.12 -1.43
CA THR A 27 12.40 -3.78 -0.66
C THR A 27 13.39 -2.91 -1.45
N ASP A 28 13.05 -2.63 -2.71
CA ASP A 28 13.92 -1.82 -3.55
C ASP A 28 13.13 -0.84 -4.40
N VAL A 29 13.71 0.32 -4.66
CA VAL A 29 13.07 1.36 -5.46
C VAL A 29 12.69 0.83 -6.85
N PRO A 30 13.63 0.17 -7.57
CA PRO A 30 13.35 -0.37 -8.91
C PRO A 30 12.20 -1.36 -8.89
N ALA A 31 12.22 -2.27 -7.91
CA ALA A 31 11.17 -3.27 -7.78
C ALA A 31 9.84 -2.62 -7.51
N ALA A 32 9.90 -1.54 -6.73
CA ALA A 32 8.70 -0.78 -6.38
C ALA A 32 8.07 -0.19 -7.64
N MET A 33 8.86 0.60 -8.36
CA MET A 33 8.40 1.24 -9.58
C MET A 33 8.02 0.21 -10.64
N GLU A 34 8.62 -0.96 -10.56
CA GLU A 34 8.32 -2.03 -11.52
C GLU A 34 6.92 -2.58 -11.29
N PHE A 35 6.63 -2.93 -10.03
CA PHE A 35 5.32 -3.45 -9.68
C PHE A 35 4.26 -2.39 -9.98
N ILE A 36 4.64 -1.13 -9.84
CA ILE A 36 3.73 -0.02 -10.12
C ILE A 36 3.56 0.14 -11.63
N ALA A 37 4.66 -0.07 -12.36
CA ALA A 37 4.65 0.05 -13.82
C ALA A 37 3.93 -1.13 -14.45
N ALA A 38 3.77 -2.21 -13.69
CA ALA A 38 3.09 -3.40 -14.17
C ALA A 38 1.62 -3.39 -13.81
N THR A 39 1.05 -2.20 -13.69
CA THR A 39 -0.36 -2.05 -13.33
C THR A 39 -0.84 -0.61 -13.53
N GLU A 40 -2.13 -0.45 -13.76
CA GLU A 40 -2.73 0.87 -13.95
C GLU A 40 -2.77 1.64 -12.63
N VAL A 41 -3.13 0.94 -11.56
CA VAL A 41 -3.19 1.55 -10.24
C VAL A 41 -2.39 0.72 -9.24
N ALA A 42 -1.61 1.40 -8.39
CA ALA A 42 -0.79 0.71 -7.40
C ALA A 42 -0.79 1.43 -6.06
N VAL A 43 -1.06 0.68 -5.01
CA VAL A 43 -1.06 1.22 -3.66
C VAL A 43 0.02 0.53 -2.85
N ILE A 44 0.84 1.33 -2.18
CA ILE A 44 1.95 0.79 -1.41
C ILE A 44 2.09 1.44 -0.04
N GLY A 45 2.34 0.61 0.96
CA GLY A 45 2.51 1.09 2.32
C GLY A 45 3.97 1.22 2.71
N PHE A 46 4.50 2.44 2.64
CA PHE A 46 5.88 2.70 3.00
C PHE A 46 5.99 2.94 4.50
N PHE A 47 6.29 1.88 5.24
CA PHE A 47 6.37 1.96 6.69
C PHE A 47 7.79 1.71 7.20
N GLN A 48 8.16 2.44 8.25
CA GLN A 48 9.46 2.28 8.88
C GLN A 48 9.35 1.25 9.99
N ASP A 49 8.12 0.79 10.20
CA ASP A 49 7.80 -0.20 11.22
C ASP A 49 6.54 -0.96 10.81
N LEU A 50 6.65 -2.28 10.70
CA LEU A 50 5.51 -3.09 10.30
C LEU A 50 4.73 -3.58 11.52
N GLU A 51 4.46 -2.67 12.44
CA GLU A 51 3.71 -2.98 13.65
C GLU A 51 2.70 -1.87 13.92
N ILE A 52 2.51 -1.00 12.94
CA ILE A 52 1.58 0.11 13.04
C ILE A 52 0.21 -0.25 12.46
N PRO A 53 -0.84 0.48 12.86
CA PRO A 53 -2.21 0.24 12.37
C PRO A 53 -2.32 0.26 10.85
N ALA A 54 -1.37 0.94 10.21
CA ALA A 54 -1.37 1.06 8.75
C ALA A 54 -1.11 -0.28 8.06
N VAL A 55 -0.22 -1.08 8.62
CA VAL A 55 0.12 -2.37 8.02
C VAL A 55 -1.11 -3.28 7.89
N PRO A 56 -1.85 -3.53 9.00
CA PRO A 56 -3.05 -4.37 8.95
C PRO A 56 -4.12 -3.78 8.04
N ILE A 57 -4.30 -2.47 8.15
CA ILE A 57 -5.28 -1.75 7.35
C ILE A 57 -4.98 -1.89 5.86
N LEU A 58 -3.69 -1.95 5.52
CA LEU A 58 -3.28 -2.11 4.13
C LEU A 58 -3.52 -3.53 3.68
N HIS A 59 -3.00 -4.49 4.46
CA HIS A 59 -3.19 -5.90 4.15
C HIS A 59 -4.67 -6.22 3.98
N SER A 60 -5.51 -5.39 4.61
CA SER A 60 -6.96 -5.56 4.53
C SER A 60 -7.50 -4.93 3.26
N MET A 61 -7.08 -3.69 3.00
CA MET A 61 -7.53 -2.97 1.81
C MET A 61 -7.17 -3.79 0.57
N VAL A 62 -6.12 -4.60 0.70
CA VAL A 62 -5.65 -5.45 -0.37
C VAL A 62 -6.80 -6.28 -0.96
N GLN A 63 -7.54 -6.94 -0.07
CA GLN A 63 -8.65 -7.76 -0.50
C GLN A 63 -9.84 -6.90 -0.89
N LYS A 64 -9.76 -5.62 -0.54
CA LYS A 64 -10.83 -4.67 -0.86
C LYS A 64 -10.56 -4.00 -2.19
N PHE A 65 -9.32 -4.09 -2.65
CA PHE A 65 -8.92 -3.50 -3.91
C PHE A 65 -7.99 -4.42 -4.70
N PRO A 66 -8.48 -5.62 -5.10
CA PRO A 66 -7.69 -6.59 -5.87
C PRO A 66 -7.07 -5.95 -7.11
N GLY A 67 -7.90 -5.22 -7.86
CA GLY A 67 -7.43 -4.56 -9.07
C GLY A 67 -6.21 -3.72 -8.78
N VAL A 68 -6.25 -3.02 -7.65
CA VAL A 68 -5.14 -2.17 -7.23
C VAL A 68 -3.93 -3.03 -6.91
N SER A 69 -2.74 -2.53 -7.24
CA SER A 69 -1.52 -3.27 -6.97
C SER A 69 -1.08 -3.12 -5.53
N PHE A 70 -1.43 -4.09 -4.71
CA PHE A 70 -1.09 -4.08 -3.30
C PHE A 70 0.42 -4.19 -3.11
N GLY A 71 0.99 -3.22 -2.42
CA GLY A 71 2.42 -3.21 -2.18
C GLY A 71 2.77 -2.70 -0.80
N ILE A 72 3.99 -2.97 -0.37
CA ILE A 72 4.44 -2.52 0.94
C ILE A 72 5.96 -2.54 0.99
N SER A 73 6.55 -1.55 1.65
CA SER A 73 7.99 -1.45 1.74
C SER A 73 8.44 -0.89 3.09
N THR A 74 9.68 -1.22 3.47
CA THR A 74 10.24 -0.75 4.72
C THR A 74 11.69 -0.33 4.53
N ASP A 75 12.20 -0.52 3.32
CA ASP A 75 13.58 -0.17 3.00
C ASP A 75 13.75 1.35 3.01
N SER A 76 14.88 1.80 3.55
CA SER A 76 15.17 3.23 3.64
C SER A 76 15.26 3.87 2.27
N GLU A 77 16.00 3.24 1.35
CA GLU A 77 16.17 3.78 0.01
C GLU A 77 14.83 4.13 -0.63
N VAL A 78 13.87 3.22 -0.53
CA VAL A 78 12.55 3.45 -1.10
C VAL A 78 11.81 4.53 -0.32
N LEU A 79 11.73 4.37 0.99
CA LEU A 79 11.07 5.33 1.85
C LEU A 79 11.72 6.71 1.70
N THR A 80 12.91 6.72 1.12
CA THR A 80 13.64 7.96 0.89
C THR A 80 13.32 8.52 -0.49
N HIS A 81 13.24 7.63 -1.48
CA HIS A 81 12.95 8.04 -2.84
C HIS A 81 11.57 8.67 -2.93
N TYR A 82 10.64 8.15 -2.12
CA TYR A 82 9.27 8.67 -2.10
C TYR A 82 9.12 9.72 -1.00
N ASN A 83 10.24 10.12 -0.42
CA ASN A 83 10.25 11.13 0.65
C ASN A 83 9.38 10.70 1.83
N ILE A 84 9.17 9.40 1.98
CA ILE A 84 8.37 8.87 3.06
C ILE A 84 8.96 9.23 4.42
N THR A 85 8.21 9.95 5.24
CA THR A 85 8.67 10.36 6.56
C THR A 85 7.56 10.24 7.60
N GLY A 86 6.98 9.06 7.72
CA GLY A 86 5.92 8.84 8.68
C GLY A 86 5.03 7.67 8.31
N ASN A 87 5.64 6.57 7.91
CA ASN A 87 4.90 5.37 7.53
C ASN A 87 3.84 5.72 6.49
N THR A 88 4.22 6.56 5.55
CA THR A 88 3.32 7.02 4.49
C THR A 88 2.93 5.91 3.53
N ILE A 89 1.74 6.06 2.94
CA ILE A 89 1.23 5.11 1.94
C ILE A 89 1.01 5.85 0.63
N CYS A 90 1.72 5.42 -0.41
CA CYS A 90 1.60 6.10 -1.70
C CYS A 90 0.84 5.29 -2.74
N LEU A 91 -0.09 5.97 -3.42
CA LEU A 91 -0.88 5.36 -4.47
C LEU A 91 -0.45 5.91 -5.83
N PHE A 92 0.32 5.13 -6.57
CA PHE A 92 0.77 5.56 -7.89
C PHE A 92 -0.12 5.00 -8.98
N ARG A 93 -0.69 5.89 -9.80
CA ARG A 93 -1.56 5.48 -10.89
C ARG A 93 -0.83 5.61 -12.22
N LEU A 94 -0.34 4.48 -12.72
CA LEU A 94 0.40 4.41 -13.98
C LEU A 94 -0.22 5.25 -15.09
N VAL A 95 -1.52 5.05 -15.33
CA VAL A 95 -2.22 5.77 -16.39
C VAL A 95 -1.87 7.25 -16.42
N ASP A 96 -2.22 7.96 -15.35
CA ASP A 96 -1.94 9.38 -15.27
C ASP A 96 -0.67 9.66 -14.49
N ASN A 97 0.17 8.64 -14.36
CA ASN A 97 1.45 8.74 -13.67
C ASN A 97 1.32 9.53 -12.35
N GLU A 98 0.15 9.43 -11.72
CA GLU A 98 -0.10 10.14 -10.48
C GLU A 98 0.59 9.44 -9.32
N GLN A 99 0.80 10.18 -8.22
CA GLN A 99 1.45 9.63 -7.04
C GLN A 99 0.89 10.27 -5.77
N LEU A 100 -0.22 9.70 -5.29
CA LEU A 100 -0.87 10.21 -4.09
C LEU A 100 -0.08 9.81 -2.85
N ASN A 101 -0.04 10.69 -1.85
CA ASN A 101 0.69 10.41 -0.62
C ASN A 101 -0.20 10.46 0.60
N LEU A 102 -0.20 9.37 1.35
CA LEU A 102 -0.97 9.26 2.58
C LEU A 102 0.01 9.20 3.74
N GLU A 103 0.55 10.37 4.08
CA GLU A 103 1.56 10.48 5.13
C GLU A 103 0.98 10.45 6.53
N ASP A 104 1.81 10.85 7.49
CA ASP A 104 1.45 10.86 8.91
C ASP A 104 0.07 11.49 9.15
N GLU A 105 -0.15 12.67 8.61
CA GLU A 105 -1.43 13.36 8.77
C GLU A 105 -2.59 12.42 8.49
N ASP A 106 -2.30 11.31 7.82
CA ASP A 106 -3.31 10.32 7.49
C ASP A 106 -2.93 8.93 8.00
N ILE A 107 -1.65 8.77 8.40
CA ILE A 107 -1.16 7.49 8.89
C ILE A 107 -1.28 7.38 10.41
N GLU A 108 -0.94 8.45 11.11
CA GLU A 108 -1.02 8.49 12.57
C GLU A 108 -2.38 8.01 13.06
N SER A 109 -3.42 8.34 12.29
CA SER A 109 -4.79 7.95 12.63
C SER A 109 -5.44 7.24 11.46
N ILE A 110 -4.66 6.43 10.75
CA ILE A 110 -5.16 5.70 9.59
C ILE A 110 -6.16 4.63 9.99
N ASP A 111 -7.15 4.43 9.13
CA ASP A 111 -8.17 3.43 9.35
C ASP A 111 -8.48 2.71 8.04
N ALA A 112 -8.83 1.43 8.11
CA ALA A 112 -9.13 0.67 6.90
C ALA A 112 -10.06 1.46 5.99
N THR A 113 -10.99 2.18 6.61
CA THR A 113 -11.93 3.01 5.86
C THR A 113 -11.19 4.08 5.09
N LYS A 114 -10.29 4.78 5.79
CA LYS A 114 -9.52 5.86 5.18
C LYS A 114 -8.71 5.36 3.99
N LEU A 115 -7.84 4.37 4.23
CA LEU A 115 -7.02 3.82 3.16
C LEU A 115 -7.88 3.45 1.96
N SER A 116 -8.87 2.60 2.22
CA SER A 116 -9.78 2.15 1.16
C SER A 116 -10.49 3.34 0.52
N ARG A 117 -10.67 4.40 1.29
CA ARG A 117 -11.32 5.60 0.80
C ARG A 117 -10.41 6.34 -0.17
N PHE A 118 -9.29 6.83 0.35
CA PHE A 118 -8.32 7.54 -0.48
C PHE A 118 -8.11 6.81 -1.79
N ILE A 119 -8.02 5.49 -1.71
CA ILE A 119 -7.86 4.67 -2.91
C ILE A 119 -9.10 4.81 -3.79
N GLU A 120 -10.26 4.53 -3.20
CA GLU A 120 -11.52 4.63 -3.92
C GLU A 120 -11.68 6.03 -4.52
N ILE A 121 -10.89 6.96 -3.99
CA ILE A 121 -10.93 8.35 -4.44
C ILE A 121 -9.95 8.60 -5.60
N ASN A 122 -8.79 7.95 -5.56
CA ASN A 122 -7.80 8.12 -6.62
C ASN A 122 -7.40 6.81 -7.29
N SER A 123 -8.32 5.86 -7.32
CA SER A 123 -8.06 4.58 -7.95
C SER A 123 -8.26 4.68 -9.46
N LEU A 124 -7.62 5.68 -10.05
CA LEU A 124 -7.74 5.92 -11.49
C LEU A 124 -6.46 5.53 -12.22
N GLU A 9 2.73 -13.73 16.32
CA GLU A 9 2.71 -14.63 17.48
C GLU A 9 3.28 -16.00 17.13
N VAL A 10 4.60 -16.12 17.22
CA VAL A 10 5.28 -17.37 16.91
C VAL A 10 4.94 -17.85 15.49
N GLU A 11 5.56 -17.22 14.50
CA GLU A 11 5.32 -17.57 13.11
C GLU A 11 6.61 -18.00 12.42
N LYS A 12 7.09 -19.19 12.77
CA LYS A 12 8.32 -19.72 12.19
C LYS A 12 8.03 -20.49 10.91
N SER A 13 6.80 -21.01 10.81
CA SER A 13 6.39 -21.78 9.64
C SER A 13 4.88 -21.97 9.62
N SER A 14 4.14 -20.90 9.93
CA SER A 14 2.68 -20.95 9.95
C SER A 14 2.08 -19.64 9.43
N ASP A 15 1.37 -19.72 8.31
CA ASP A 15 0.75 -18.55 7.71
C ASP A 15 -0.58 -18.22 8.39
N GLY A 16 -1.14 -19.22 9.06
CA GLY A 16 -2.40 -19.03 9.74
C GLY A 16 -3.59 -19.58 8.96
N PRO A 17 -4.76 -19.74 9.60
CA PRO A 17 -5.95 -20.26 8.94
C PRO A 17 -6.41 -19.37 7.79
N GLY A 18 -6.43 -18.06 8.03
CA GLY A 18 -6.84 -17.13 7.00
C GLY A 18 -5.73 -16.18 6.59
N ALA A 19 -5.87 -15.58 5.41
CA ALA A 19 -4.88 -14.66 4.89
C ALA A 19 -5.43 -13.90 3.69
N ALA A 20 -5.73 -14.63 2.62
CA ALA A 20 -6.28 -14.05 1.41
C ALA A 20 -5.39 -12.94 0.86
N GLN A 21 -4.44 -13.33 0.01
CA GLN A 21 -3.48 -12.41 -0.63
C GLN A 21 -2.82 -11.45 0.36
N GLU A 22 -1.81 -10.74 -0.12
CA GLU A 22 -1.07 -9.78 0.70
C GLU A 22 -0.25 -8.84 -0.19
N PRO A 23 0.15 -7.66 0.33
CA PRO A 23 0.92 -6.69 -0.45
C PRO A 23 2.33 -7.16 -0.78
N THR A 24 2.82 -6.75 -1.94
CA THR A 24 4.16 -7.14 -2.40
C THR A 24 5.25 -6.50 -1.54
N TRP A 25 6.39 -7.18 -1.47
CA TRP A 25 7.52 -6.69 -0.68
C TRP A 25 8.50 -5.92 -1.55
N LEU A 26 8.23 -4.63 -1.73
CA LEU A 26 9.08 -3.77 -2.55
C LEU A 26 10.30 -3.30 -1.76
N THR A 27 11.22 -4.22 -1.48
CA THR A 27 12.42 -3.91 -0.72
C THR A 27 13.40 -3.06 -1.51
N ASP A 28 13.04 -2.71 -2.74
CA ASP A 28 13.92 -1.89 -3.58
C ASP A 28 13.12 -0.91 -4.42
N VAL A 29 13.73 0.25 -4.67
CA VAL A 29 13.10 1.30 -5.47
C VAL A 29 12.71 0.79 -6.85
N PRO A 30 13.64 0.13 -7.59
CA PRO A 30 13.35 -0.38 -8.93
C PRO A 30 12.19 -1.38 -8.92
N ALA A 31 12.21 -2.29 -7.94
CA ALA A 31 11.16 -3.29 -7.81
C ALA A 31 9.83 -2.61 -7.53
N ALA A 32 9.88 -1.56 -6.75
CA ALA A 32 8.70 -0.80 -6.40
C ALA A 32 8.08 -0.17 -7.65
N MET A 33 8.89 0.63 -8.34
CA MET A 33 8.46 1.30 -9.56
C MET A 33 8.07 0.29 -10.64
N GLU A 34 8.64 -0.91 -10.57
CA GLU A 34 8.34 -1.94 -11.54
C GLU A 34 6.94 -2.48 -11.31
N PHE A 35 6.65 -2.86 -10.07
CA PHE A 35 5.33 -3.37 -9.73
C PHE A 35 4.27 -2.32 -10.03
N ILE A 36 4.65 -1.05 -9.88
CA ILE A 36 3.77 0.05 -10.16
C ILE A 36 3.58 0.20 -11.67
N ALA A 37 4.67 -0.01 -12.41
CA ALA A 37 4.65 0.08 -13.85
C ALA A 37 3.90 -1.09 -14.48
N ALA A 38 3.76 -2.17 -13.70
CA ALA A 38 3.06 -3.35 -14.18
C ALA A 38 1.59 -3.33 -13.79
N THR A 39 1.02 -2.13 -13.71
CA THR A 39 -0.38 -1.97 -13.36
C THR A 39 -0.84 -0.53 -13.55
N GLU A 40 -2.14 -0.35 -13.79
CA GLU A 40 -2.73 0.97 -13.98
C GLU A 40 -2.78 1.73 -12.67
N VAL A 41 -3.06 1.01 -11.58
CA VAL A 41 -3.14 1.61 -10.26
C VAL A 41 -2.32 0.78 -9.26
N ALA A 42 -1.57 1.46 -8.41
CA ALA A 42 -0.74 0.76 -7.42
C ALA A 42 -0.73 1.47 -6.08
N VAL A 43 -1.04 0.73 -5.03
CA VAL A 43 -1.03 1.27 -3.68
C VAL A 43 0.05 0.58 -2.87
N ILE A 44 0.86 1.37 -2.21
CA ILE A 44 1.98 0.83 -1.44
C ILE A 44 2.11 1.49 -0.06
N GLY A 45 2.33 0.64 0.93
CA GLY A 45 2.50 1.13 2.29
C GLY A 45 3.95 1.24 2.69
N PHE A 46 4.49 2.46 2.62
CA PHE A 46 5.88 2.70 2.99
C PHE A 46 5.97 2.93 4.49
N PHE A 47 6.24 1.86 5.23
CA PHE A 47 6.32 1.93 6.68
C PHE A 47 7.73 1.70 7.20
N GLN A 48 8.09 2.45 8.24
CA GLN A 48 9.39 2.29 8.88
C GLN A 48 9.26 1.28 10.00
N ASP A 49 8.06 0.74 10.14
CA ASP A 49 7.73 -0.25 11.16
C ASP A 49 6.48 -1.02 10.75
N LEU A 50 6.60 -2.34 10.63
CA LEU A 50 5.46 -3.16 10.23
C LEU A 50 4.68 -3.67 11.44
N GLU A 51 4.39 -2.75 12.36
CA GLU A 51 3.63 -3.07 13.56
C GLU A 51 2.62 -1.97 13.85
N ILE A 52 2.51 -1.04 12.91
CA ILE A 52 1.58 0.08 13.04
C ILE A 52 0.23 -0.26 12.42
N PRO A 53 -0.84 0.42 12.87
CA PRO A 53 -2.21 0.20 12.36
C PRO A 53 -2.29 0.25 10.85
N ALA A 54 -1.38 0.99 10.22
CA ALA A 54 -1.38 1.14 8.78
C ALA A 54 -1.10 -0.17 8.05
N VAL A 55 -0.24 -1.01 8.63
CA VAL A 55 0.09 -2.29 8.00
C VAL A 55 -1.13 -3.20 7.87
N PRO A 56 -1.83 -3.51 8.99
CA PRO A 56 -3.02 -4.36 8.93
C PRO A 56 -4.09 -3.78 8.01
N ILE A 57 -4.24 -2.47 8.08
CA ILE A 57 -5.20 -1.74 7.27
C ILE A 57 -4.89 -1.88 5.78
N LEU A 58 -3.61 -1.87 5.45
CA LEU A 58 -3.20 -2.03 4.06
C LEU A 58 -3.43 -3.46 3.61
N HIS A 59 -2.91 -4.41 4.39
CA HIS A 59 -3.09 -5.82 4.09
C HIS A 59 -4.58 -6.14 3.97
N SER A 60 -5.40 -5.28 4.57
CA SER A 60 -6.85 -5.44 4.54
C SER A 60 -7.42 -4.82 3.28
N MET A 61 -6.94 -3.62 2.93
CA MET A 61 -7.42 -2.93 1.74
C MET A 61 -7.07 -3.75 0.51
N VAL A 62 -6.02 -4.57 0.65
CA VAL A 62 -5.56 -5.44 -0.42
C VAL A 62 -6.71 -6.28 -0.96
N GLN A 63 -7.46 -6.88 -0.06
CA GLN A 63 -8.59 -7.72 -0.42
C GLN A 63 -9.78 -6.87 -0.83
N LYS A 64 -9.69 -5.57 -0.55
CA LYS A 64 -10.77 -4.64 -0.87
C LYS A 64 -10.51 -4.00 -2.23
N PHE A 65 -9.27 -4.07 -2.68
CA PHE A 65 -8.89 -3.51 -3.97
C PHE A 65 -7.97 -4.44 -4.75
N PRO A 66 -8.46 -5.65 -5.10
CA PRO A 66 -7.69 -6.62 -5.88
C PRO A 66 -7.10 -6.01 -7.14
N GLY A 67 -7.91 -5.20 -7.82
CA GLY A 67 -7.46 -4.54 -9.04
C GLY A 67 -6.24 -3.68 -8.78
N VAL A 68 -6.26 -2.99 -7.65
CA VAL A 68 -5.14 -2.13 -7.26
C VAL A 68 -3.93 -2.98 -6.94
N SER A 69 -2.74 -2.48 -7.29
CA SER A 69 -1.52 -3.22 -7.03
C SER A 69 -1.07 -3.05 -5.59
N PHE A 70 -1.41 -4.04 -4.78
CA PHE A 70 -1.04 -4.03 -3.36
C PHE A 70 0.46 -4.13 -3.19
N GLY A 71 1.03 -3.17 -2.46
CA GLY A 71 2.45 -3.17 -2.23
C GLY A 71 2.80 -2.67 -0.85
N ILE A 72 4.01 -2.96 -0.40
CA ILE A 72 4.46 -2.53 0.91
C ILE A 72 5.98 -2.55 0.97
N SER A 73 6.56 -1.59 1.67
CA SER A 73 8.01 -1.50 1.78
C SER A 73 8.45 -0.89 3.10
N THR A 74 9.66 -1.24 3.52
CA THR A 74 10.23 -0.73 4.76
C THR A 74 11.68 -0.30 4.54
N ASP A 75 12.17 -0.51 3.32
CA ASP A 75 13.54 -0.15 2.98
C ASP A 75 13.72 1.37 2.99
N SER A 76 14.88 1.80 3.48
CA SER A 76 15.18 3.22 3.56
C SER A 76 15.26 3.86 2.18
N GLU A 77 16.02 3.25 1.28
CA GLU A 77 16.19 3.78 -0.07
C GLU A 77 14.85 4.10 -0.71
N VAL A 78 13.89 3.19 -0.58
CA VAL A 78 12.56 3.39 -1.15
C VAL A 78 11.82 4.49 -0.39
N LEU A 79 11.73 4.34 0.93
CA LEU A 79 11.05 5.32 1.77
C LEU A 79 11.70 6.69 1.60
N THR A 80 12.89 6.70 1.00
CA THR A 80 13.61 7.95 0.75
C THR A 80 13.26 8.48 -0.63
N HIS A 81 13.19 7.59 -1.61
CA HIS A 81 12.87 7.97 -2.97
C HIS A 81 11.48 8.59 -3.03
N TYR A 82 10.58 8.08 -2.20
CA TYR A 82 9.21 8.61 -2.15
C TYR A 82 9.07 9.66 -1.06
N ASN A 83 10.21 10.05 -0.49
CA ASN A 83 10.24 11.07 0.56
C ASN A 83 9.37 10.68 1.75
N ILE A 84 9.13 9.38 1.90
CA ILE A 84 8.33 8.87 3.01
C ILE A 84 8.91 9.27 4.36
N THR A 85 8.12 9.99 5.15
CA THR A 85 8.56 10.46 6.46
C THR A 85 7.45 10.32 7.50
N GLY A 86 6.95 9.11 7.67
CA GLY A 86 5.88 8.88 8.64
C GLY A 86 5.00 7.71 8.28
N ASN A 87 5.62 6.59 7.91
CA ASN A 87 4.88 5.39 7.53
C ASN A 87 3.81 5.74 6.50
N THR A 88 4.19 6.57 5.54
CA THR A 88 3.30 7.03 4.49
C THR A 88 2.90 5.91 3.51
N ILE A 89 1.71 6.06 2.93
CA ILE A 89 1.20 5.12 1.95
C ILE A 89 0.98 5.85 0.63
N CYS A 90 1.71 5.47 -0.40
CA CYS A 90 1.59 6.15 -1.69
C CYS A 90 0.82 5.34 -2.73
N LEU A 91 -0.08 6.04 -3.43
CA LEU A 91 -0.87 5.42 -4.48
C LEU A 91 -0.42 5.95 -5.85
N PHE A 92 0.40 5.17 -6.53
CA PHE A 92 0.89 5.58 -7.84
C PHE A 92 -0.01 5.02 -8.94
N ARG A 93 -0.60 5.91 -9.74
CA ARG A 93 -1.48 5.51 -10.83
C ARG A 93 -0.75 5.63 -12.17
N LEU A 94 -0.33 4.48 -12.70
CA LEU A 94 0.40 4.41 -13.96
C LEU A 94 -0.21 5.29 -15.06
N VAL A 95 -1.50 5.07 -15.34
CA VAL A 95 -2.20 5.83 -16.38
C VAL A 95 -1.77 7.29 -16.42
N ASP A 96 -2.26 8.07 -15.47
CA ASP A 96 -1.94 9.48 -15.39
C ASP A 96 -0.60 9.70 -14.69
N ASN A 97 0.08 8.59 -14.38
CA ASN A 97 1.37 8.63 -13.71
C ASN A 97 1.33 9.47 -12.44
N GLU A 98 0.20 9.40 -11.73
CA GLU A 98 0.03 10.15 -10.50
C GLU A 98 0.68 9.43 -9.33
N GLN A 99 0.82 10.13 -8.21
CA GLN A 99 1.43 9.57 -7.02
C GLN A 99 0.85 10.22 -5.77
N LEU A 100 -0.23 9.64 -5.25
CA LEU A 100 -0.88 10.17 -4.06
C LEU A 100 -0.04 9.81 -2.83
N ASN A 101 -0.07 10.68 -1.82
CA ASN A 101 0.70 10.45 -0.60
C ASN A 101 -0.17 10.52 0.65
N LEU A 102 -0.30 9.39 1.31
CA LEU A 102 -1.05 9.29 2.56
C LEU A 102 -0.06 9.23 3.70
N GLU A 103 0.48 10.40 4.05
CA GLU A 103 1.50 10.50 5.10
C GLU A 103 0.92 10.49 6.50
N ASP A 104 1.74 10.91 7.46
CA ASP A 104 1.35 10.94 8.88
C ASP A 104 0.03 11.67 9.08
N GLU A 105 -0.21 12.72 8.29
CA GLU A 105 -1.46 13.48 8.40
C GLU A 105 -2.65 12.55 8.23
N ASP A 106 -2.38 11.35 7.72
CA ASP A 106 -3.41 10.35 7.49
C ASP A 106 -3.01 8.97 8.04
N ILE A 107 -1.72 8.82 8.37
CA ILE A 107 -1.21 7.55 8.89
C ILE A 107 -1.31 7.49 10.41
N GLU A 108 -1.19 8.65 11.06
CA GLU A 108 -1.27 8.73 12.51
C GLU A 108 -2.56 8.10 13.02
N SER A 109 -3.66 8.38 12.33
CA SER A 109 -4.95 7.83 12.69
C SER A 109 -5.58 7.10 11.51
N ILE A 110 -4.75 6.40 10.74
CA ILE A 110 -5.21 5.67 9.58
C ILE A 110 -6.19 4.56 9.96
N ASP A 111 -7.18 4.36 9.11
CA ASP A 111 -8.17 3.33 9.32
C ASP A 111 -8.47 2.62 8.01
N ALA A 112 -8.79 1.34 8.06
CA ALA A 112 -9.08 0.59 6.84
C ALA A 112 -10.04 1.36 5.95
N THR A 113 -10.95 2.08 6.59
CA THR A 113 -11.92 2.89 5.88
C THR A 113 -11.22 4.00 5.11
N LYS A 114 -10.31 4.69 5.79
CA LYS A 114 -9.55 5.79 5.18
C LYS A 114 -8.74 5.29 3.99
N LEU A 115 -7.82 4.36 4.24
CA LEU A 115 -6.99 3.82 3.16
C LEU A 115 -7.85 3.42 1.98
N SER A 116 -8.84 2.56 2.24
CA SER A 116 -9.74 2.08 1.20
C SER A 116 -10.48 3.25 0.54
N ARG A 117 -10.71 4.30 1.32
CA ARG A 117 -11.40 5.48 0.82
C ARG A 117 -10.50 6.24 -0.15
N PHE A 118 -9.40 6.78 0.38
CA PHE A 118 -8.43 7.52 -0.43
C PHE A 118 -8.19 6.80 -1.74
N ILE A 119 -8.02 5.48 -1.66
CA ILE A 119 -7.82 4.68 -2.86
C ILE A 119 -9.04 4.77 -3.74
N GLU A 120 -10.20 4.44 -3.17
CA GLU A 120 -11.46 4.50 -3.90
C GLU A 120 -11.65 5.88 -4.51
N ILE A 121 -10.90 6.83 -3.99
CA ILE A 121 -10.98 8.22 -4.44
C ILE A 121 -9.99 8.51 -5.57
N ASN A 122 -8.81 7.87 -5.53
CA ASN A 122 -7.80 8.10 -6.56
C ASN A 122 -7.35 6.80 -7.21
N SER A 123 -8.22 5.81 -7.26
CA SER A 123 -7.90 4.53 -7.88
C SER A 123 -8.09 4.61 -9.39
N LEU A 124 -7.62 5.71 -9.97
CA LEU A 124 -7.73 5.94 -11.41
C LEU A 124 -6.48 5.48 -12.14
N GLU A 9 -18.95 -15.58 -14.45
CA GLU A 9 -17.85 -15.35 -13.48
C GLU A 9 -17.77 -16.49 -12.47
N VAL A 10 -16.55 -16.86 -12.09
CA VAL A 10 -16.33 -17.94 -11.14
C VAL A 10 -15.87 -17.39 -9.79
N GLU A 11 -16.07 -18.18 -8.74
CA GLU A 11 -15.67 -17.78 -7.40
C GLU A 11 -14.97 -18.93 -6.68
N LYS A 12 -15.73 -20.00 -6.41
CA LYS A 12 -15.20 -21.18 -5.73
C LYS A 12 -14.75 -20.84 -4.30
N SER A 13 -14.82 -21.84 -3.43
CA SER A 13 -14.43 -21.66 -2.04
C SER A 13 -12.91 -21.67 -1.89
N SER A 14 -12.31 -20.49 -1.87
CA SER A 14 -10.86 -20.37 -1.72
C SER A 14 -10.51 -19.25 -0.74
N ASP A 15 -11.01 -18.05 -1.01
CA ASP A 15 -10.75 -16.89 -0.17
C ASP A 15 -11.45 -17.04 1.18
N GLY A 16 -11.04 -16.24 2.15
CA GLY A 16 -11.63 -16.31 3.47
C GLY A 16 -10.63 -16.00 4.58
N PRO A 17 -10.94 -16.37 5.84
CA PRO A 17 -10.05 -16.13 6.98
C PRO A 17 -8.69 -16.80 6.80
N GLY A 18 -7.62 -16.04 7.02
CA GLY A 18 -6.28 -16.58 6.88
C GLY A 18 -5.28 -15.54 6.43
N ALA A 19 -5.30 -15.23 5.15
CA ALA A 19 -4.39 -14.25 4.56
C ALA A 19 -4.78 -13.94 3.14
N ALA A 20 -5.07 -14.99 2.37
CA ALA A 20 -5.48 -14.85 0.98
C ALA A 20 -4.41 -14.16 0.13
N GLN A 21 -4.40 -12.84 0.14
CA GLN A 21 -3.43 -12.06 -0.63
C GLN A 21 -2.81 -10.97 0.23
N GLU A 22 -1.50 -10.79 0.08
CA GLU A 22 -0.77 -9.76 0.84
C GLU A 22 -0.06 -8.80 -0.12
N PRO A 23 0.23 -7.57 0.35
CA PRO A 23 0.91 -6.56 -0.48
C PRO A 23 2.33 -6.97 -0.84
N THR A 24 2.70 -6.70 -2.10
CA THR A 24 4.03 -7.03 -2.60
C THR A 24 5.14 -6.44 -1.73
N TRP A 25 6.29 -7.10 -1.76
CA TRP A 25 7.44 -6.66 -0.97
C TRP A 25 8.41 -5.86 -1.84
N LEU A 26 8.23 -4.54 -1.85
CA LEU A 26 9.10 -3.65 -2.64
C LEU A 26 10.25 -3.15 -1.79
N THR A 27 11.19 -4.04 -1.50
CA THR A 27 12.36 -3.71 -0.69
C THR A 27 13.36 -2.85 -1.45
N ASP A 28 13.06 -2.55 -2.72
CA ASP A 28 13.95 -1.74 -3.53
C ASP A 28 13.17 -0.76 -4.41
N VAL A 29 13.76 0.40 -4.63
CA VAL A 29 13.13 1.43 -5.46
C VAL A 29 12.79 0.91 -6.86
N PRO A 30 13.76 0.26 -7.55
CA PRO A 30 13.51 -0.29 -8.89
C PRO A 30 12.35 -1.27 -8.90
N ALA A 31 12.34 -2.18 -7.93
CA ALA A 31 11.29 -3.18 -7.84
C ALA A 31 9.95 -2.51 -7.58
N ALA A 32 10.00 -1.42 -6.82
CA ALA A 32 8.80 -0.67 -6.50
C ALA A 32 8.21 -0.06 -7.76
N MET A 33 9.01 0.76 -8.44
CA MET A 33 8.59 1.42 -9.66
C MET A 33 8.24 0.40 -10.75
N GLU A 34 8.84 -0.79 -10.66
CA GLU A 34 8.56 -1.83 -11.64
C GLU A 34 7.17 -2.41 -11.44
N PHE A 35 6.88 -2.80 -10.21
CA PHE A 35 5.56 -3.36 -9.90
C PHE A 35 4.48 -2.34 -10.20
N ILE A 36 4.80 -1.06 -9.99
CA ILE A 36 3.85 0.01 -10.29
C ILE A 36 3.74 0.20 -11.80
N ALA A 37 4.87 0.07 -12.49
CA ALA A 37 4.91 0.22 -13.93
C ALA A 37 4.27 -0.97 -14.62
N ALA A 38 4.12 -2.07 -13.89
CA ALA A 38 3.52 -3.28 -14.43
C ALA A 38 2.04 -3.38 -14.07
N THR A 39 1.42 -2.23 -13.84
CA THR A 39 0.00 -2.20 -13.48
C THR A 39 -0.53 -0.77 -13.44
N GLU A 40 -1.83 -0.62 -13.70
CA GLU A 40 -2.47 0.69 -13.67
C GLU A 40 -2.33 1.34 -12.31
N VAL A 41 -3.31 1.08 -11.45
CA VAL A 41 -3.34 1.63 -10.11
C VAL A 41 -2.54 0.77 -9.16
N ALA A 42 -1.69 1.41 -8.35
CA ALA A 42 -0.84 0.70 -7.40
C ALA A 42 -0.79 1.40 -6.05
N VAL A 43 -1.14 0.66 -5.01
CA VAL A 43 -1.10 1.21 -3.65
C VAL A 43 -0.02 0.51 -2.85
N ILE A 44 0.82 1.32 -2.21
CA ILE A 44 1.93 0.79 -1.45
C ILE A 44 2.08 1.44 -0.08
N GLY A 45 2.31 0.59 0.93
CA GLY A 45 2.47 1.09 2.28
C GLY A 45 3.93 1.21 2.69
N PHE A 46 4.47 2.42 2.59
CA PHE A 46 5.86 2.68 2.96
C PHE A 46 5.97 2.88 4.46
N PHE A 47 6.19 1.80 5.17
CA PHE A 47 6.28 1.85 6.63
C PHE A 47 7.69 1.59 7.15
N GLN A 48 8.07 2.37 8.16
CA GLN A 48 9.38 2.21 8.79
C GLN A 48 9.26 1.15 9.89
N ASP A 49 8.03 0.72 10.11
CA ASP A 49 7.72 -0.29 11.11
C ASP A 49 6.46 -1.05 10.70
N LEU A 50 6.57 -2.36 10.55
CA LEU A 50 5.43 -3.18 10.14
C LEU A 50 4.64 -3.68 11.34
N GLU A 51 4.39 -2.77 12.28
CA GLU A 51 3.62 -3.10 13.47
C GLU A 51 2.62 -1.99 13.78
N ILE A 52 2.47 -1.08 12.81
CA ILE A 52 1.55 0.04 12.96
C ILE A 52 0.17 -0.30 12.38
N PRO A 53 -0.88 0.40 12.83
CA PRO A 53 -2.25 0.19 12.35
C PRO A 53 -2.36 0.22 10.82
N ALA A 54 -1.44 0.93 10.19
CA ALA A 54 -1.43 1.07 8.74
C ALA A 54 -1.18 -0.26 8.03
N VAL A 55 -0.30 -1.08 8.58
CA VAL A 55 0.04 -2.36 7.96
C VAL A 55 -1.19 -3.27 7.83
N PRO A 56 -1.91 -3.56 8.95
CA PRO A 56 -3.10 -4.41 8.90
C PRO A 56 -4.18 -3.82 8.01
N ILE A 57 -4.31 -2.50 8.09
CA ILE A 57 -5.30 -1.78 7.30
C ILE A 57 -5.00 -1.90 5.81
N LEU A 58 -3.72 -1.93 5.47
CA LEU A 58 -3.31 -2.06 4.07
C LEU A 58 -3.56 -3.49 3.61
N HIS A 59 -3.02 -4.44 4.36
CA HIS A 59 -3.21 -5.86 4.03
C HIS A 59 -4.69 -6.16 3.86
N SER A 60 -5.52 -5.35 4.53
CA SER A 60 -6.97 -5.52 4.47
C SER A 60 -7.53 -4.88 3.20
N MET A 61 -7.10 -3.64 2.93
CA MET A 61 -7.56 -2.94 1.74
C MET A 61 -7.20 -3.75 0.49
N VAL A 62 -6.14 -4.55 0.63
CA VAL A 62 -5.68 -5.39 -0.47
C VAL A 62 -6.82 -6.23 -1.03
N GLN A 63 -7.55 -6.89 -0.15
CA GLN A 63 -8.66 -7.73 -0.56
C GLN A 63 -9.88 -6.89 -0.89
N LYS A 64 -9.82 -5.60 -0.54
CA LYS A 64 -10.91 -4.68 -0.82
C LYS A 64 -10.71 -4.01 -2.16
N PHE A 65 -9.47 -4.06 -2.64
CA PHE A 65 -9.12 -3.46 -3.92
C PHE A 65 -8.23 -4.39 -4.74
N PRO A 66 -8.75 -5.58 -5.13
CA PRO A 66 -8.00 -6.54 -5.94
C PRO A 66 -7.42 -5.91 -7.18
N GLY A 67 -8.22 -5.09 -7.86
CA GLY A 67 -7.77 -4.42 -9.06
C GLY A 67 -6.53 -3.59 -8.78
N VAL A 68 -6.53 -2.92 -7.63
CA VAL A 68 -5.39 -2.10 -7.21
C VAL A 68 -4.19 -2.98 -6.94
N SER A 69 -2.99 -2.48 -7.26
CA SER A 69 -1.77 -3.24 -7.05
C SER A 69 -1.28 -3.10 -5.62
N PHE A 70 -1.60 -4.09 -4.80
CA PHE A 70 -1.19 -4.10 -3.40
C PHE A 70 0.32 -4.15 -3.27
N GLY A 71 0.87 -3.24 -2.48
CA GLY A 71 2.31 -3.19 -2.28
C GLY A 71 2.67 -2.68 -0.91
N ILE A 72 3.90 -2.95 -0.48
CA ILE A 72 4.37 -2.50 0.82
C ILE A 72 5.89 -2.48 0.84
N SER A 73 6.46 -1.49 1.50
CA SER A 73 7.91 -1.36 1.58
C SER A 73 8.35 -0.87 2.95
N THR A 74 9.59 -1.20 3.31
CA THR A 74 10.15 -0.80 4.59
C THR A 74 11.61 -0.39 4.44
N ASP A 75 12.13 -0.50 3.22
CA ASP A 75 13.51 -0.14 2.94
C ASP A 75 13.70 1.37 2.96
N SER A 76 14.84 1.81 3.48
CA SER A 76 15.14 3.23 3.57
C SER A 76 15.20 3.88 2.20
N GLU A 77 15.96 3.27 1.28
CA GLU A 77 16.12 3.82 -0.07
C GLU A 77 14.77 4.14 -0.71
N VAL A 78 13.82 3.23 -0.56
CA VAL A 78 12.50 3.44 -1.13
C VAL A 78 11.74 4.53 -0.37
N LEU A 79 11.68 4.39 0.94
CA LEU A 79 11.01 5.35 1.80
C LEU A 79 11.66 6.73 1.64
N THR A 80 12.84 6.74 1.04
CA THR A 80 13.58 7.97 0.81
C THR A 80 13.23 8.54 -0.57
N HIS A 81 13.16 7.65 -1.55
CA HIS A 81 12.82 8.03 -2.91
C HIS A 81 11.46 8.70 -2.96
N TYR A 82 10.52 8.17 -2.19
CA TYR A 82 9.17 8.71 -2.15
C TYR A 82 9.03 9.74 -1.02
N ASN A 83 10.17 10.17 -0.48
CA ASN A 83 10.20 11.16 0.59
C ASN A 83 9.35 10.71 1.78
N ILE A 84 9.15 9.40 1.91
CA ILE A 84 8.37 8.85 3.01
C ILE A 84 8.98 9.22 4.36
N THR A 85 8.21 9.94 5.17
CA THR A 85 8.68 10.36 6.49
C THR A 85 7.57 10.24 7.54
N GLY A 86 7.03 9.04 7.69
CA GLY A 86 5.98 8.80 8.66
C GLY A 86 5.10 7.62 8.28
N ASN A 87 5.72 6.52 7.87
CA ASN A 87 4.98 5.33 7.48
C ASN A 87 3.91 5.68 6.47
N THR A 88 4.27 6.53 5.52
CA THR A 88 3.36 6.99 4.49
C THR A 88 2.96 5.89 3.51
N ILE A 89 1.77 6.03 2.92
CA ILE A 89 1.25 5.09 1.93
C ILE A 89 1.02 5.82 0.62
N CYS A 90 1.74 5.42 -0.43
CA CYS A 90 1.62 6.09 -1.71
C CYS A 90 0.85 5.28 -2.74
N LEU A 91 -0.05 5.97 -3.45
CA LEU A 91 -0.85 5.36 -4.49
C LEU A 91 -0.42 5.89 -5.86
N PHE A 92 0.31 5.06 -6.61
CA PHE A 92 0.77 5.46 -7.94
C PHE A 92 -0.16 4.91 -9.01
N ARG A 93 -0.74 5.81 -9.80
CA ARG A 93 -1.67 5.42 -10.86
C ARG A 93 -0.98 5.52 -12.23
N LEU A 94 -0.33 4.42 -12.64
CA LEU A 94 0.39 4.33 -13.91
C LEU A 94 -0.33 5.05 -15.04
N VAL A 95 -1.62 4.77 -15.19
CA VAL A 95 -2.44 5.38 -16.25
C VAL A 95 -2.13 6.87 -16.38
N ASP A 96 -2.21 7.58 -15.26
CA ASP A 96 -1.94 9.01 -15.26
C ASP A 96 -0.62 9.30 -14.56
N ASN A 97 0.13 8.24 -14.28
CA ASN A 97 1.43 8.34 -13.61
C ASN A 97 1.36 9.24 -12.38
N GLU A 98 0.23 9.20 -11.68
CA GLU A 98 0.04 10.01 -10.48
C GLU A 98 0.66 9.32 -9.26
N GLN A 99 0.86 10.09 -8.20
CA GLN A 99 1.44 9.55 -6.98
C GLN A 99 0.87 10.24 -5.75
N LEU A 100 -0.17 9.65 -5.17
CA LEU A 100 -0.81 10.19 -3.99
C LEU A 100 0.01 9.80 -2.76
N ASN A 101 0.05 10.68 -1.76
CA ASN A 101 0.82 10.39 -0.55
C ASN A 101 -0.01 10.49 0.72
N LEU A 102 -0.31 9.33 1.28
CA LEU A 102 -1.07 9.24 2.53
C LEU A 102 -0.06 9.20 3.67
N GLU A 103 0.48 10.37 4.00
CA GLU A 103 1.51 10.48 5.03
C GLU A 103 0.95 10.47 6.45
N ASP A 104 1.80 10.88 7.39
CA ASP A 104 1.46 10.92 8.81
C ASP A 104 0.09 11.51 9.07
N GLU A 105 -0.16 12.69 8.51
CA GLU A 105 -1.45 13.37 8.67
C GLU A 105 -2.62 12.42 8.44
N ASP A 106 -2.33 11.29 7.79
CA ASP A 106 -3.34 10.29 7.49
C ASP A 106 -2.93 8.91 8.01
N ILE A 107 -1.65 8.76 8.37
CA ILE A 107 -1.13 7.49 8.88
C ILE A 107 -1.24 7.39 10.40
N GLU A 108 -0.94 8.48 11.09
CA GLU A 108 -1.01 8.51 12.54
C GLU A 108 -2.33 7.95 13.04
N SER A 109 -3.41 8.29 12.34
CA SER A 109 -4.74 7.82 12.70
C SER A 109 -5.42 7.14 11.51
N ILE A 110 -4.64 6.35 10.79
CA ILE A 110 -5.16 5.65 9.62
C ILE A 110 -6.15 4.55 10.00
N ASP A 111 -7.19 4.41 9.18
CA ASP A 111 -8.20 3.39 9.40
C ASP A 111 -8.51 2.70 8.08
N ALA A 112 -8.85 1.42 8.13
CA ALA A 112 -9.17 0.67 6.92
C ALA A 112 -10.10 1.48 6.02
N THR A 113 -11.02 2.21 6.65
CA THR A 113 -11.97 3.04 5.92
C THR A 113 -11.23 4.13 5.16
N LYS A 114 -10.31 4.80 5.84
CA LYS A 114 -9.54 5.89 5.24
C LYS A 114 -8.74 5.40 4.05
N LEU A 115 -7.86 4.41 4.28
CA LEU A 115 -7.05 3.87 3.19
C LEU A 115 -7.93 3.50 2.00
N SER A 116 -8.94 2.67 2.27
CA SER A 116 -9.87 2.25 1.23
C SER A 116 -10.57 3.44 0.59
N ARG A 117 -10.75 4.50 1.37
CA ARG A 117 -11.39 5.71 0.90
C ARG A 117 -10.48 6.44 -0.08
N PHE A 118 -9.35 6.93 0.43
CA PHE A 118 -8.38 7.63 -0.39
C PHE A 118 -8.18 6.90 -1.70
N ILE A 119 -8.06 5.57 -1.62
CA ILE A 119 -7.89 4.75 -2.81
C ILE A 119 -9.13 4.90 -3.69
N GLU A 120 -10.29 4.63 -3.10
CA GLU A 120 -11.55 4.74 -3.83
C GLU A 120 -11.70 6.12 -4.43
N ILE A 121 -10.91 7.06 -3.91
CA ILE A 121 -10.94 8.44 -4.37
C ILE A 121 -9.97 8.68 -5.52
N ASN A 122 -8.82 8.01 -5.49
CA ASN A 122 -7.82 8.18 -6.54
C ASN A 122 -7.42 6.86 -7.19
N SER A 123 -8.34 5.91 -7.22
CA SER A 123 -8.07 4.61 -7.83
C SER A 123 -8.26 4.68 -9.34
N LEU A 124 -7.84 5.80 -9.92
CA LEU A 124 -7.96 6.01 -11.36
C LEU A 124 -6.74 5.44 -12.10
N GLU A 9 -7.40 -10.11 10.55
CA GLU A 9 -6.11 -10.58 10.01
C GLU A 9 -5.01 -10.48 11.06
N VAL A 10 -5.41 -10.19 12.30
CA VAL A 10 -4.46 -10.08 13.40
C VAL A 10 -3.81 -11.42 13.72
N GLU A 11 -2.52 -11.39 14.02
CA GLU A 11 -1.78 -12.61 14.34
C GLU A 11 -2.14 -13.12 15.73
N LYS A 12 -3.17 -13.97 15.80
CA LYS A 12 -3.61 -14.52 17.07
C LYS A 12 -4.51 -15.74 16.83
N SER A 13 -4.22 -16.48 15.75
CA SER A 13 -4.99 -17.66 15.40
C SER A 13 -6.43 -17.31 15.06
N SER A 14 -6.89 -17.76 13.89
CA SER A 14 -8.25 -17.50 13.43
C SER A 14 -8.90 -18.76 12.88
N ASP A 15 -9.42 -19.60 13.77
CA ASP A 15 -10.07 -20.84 13.38
C ASP A 15 -9.11 -21.77 12.64
N GLY A 16 -8.96 -21.56 11.33
CA GLY A 16 -8.07 -22.39 10.55
C GLY A 16 -7.08 -21.58 9.73
N PRO A 17 -6.47 -22.19 8.68
CA PRO A 17 -5.51 -21.50 7.82
C PRO A 17 -6.10 -20.27 7.13
N GLY A 18 -5.26 -19.28 6.88
CA GLY A 18 -5.71 -18.06 6.22
C GLY A 18 -4.57 -17.27 5.61
N ALA A 19 -4.85 -16.58 4.52
CA ALA A 19 -3.83 -15.78 3.84
C ALA A 19 -4.46 -14.90 2.77
N ALA A 20 -5.20 -15.53 1.87
CA ALA A 20 -5.88 -14.82 0.78
C ALA A 20 -4.89 -14.10 -0.13
N GLN A 21 -4.49 -12.90 0.26
CA GLN A 21 -3.54 -12.11 -0.52
C GLN A 21 -2.91 -11.01 0.31
N GLU A 22 -1.59 -10.86 0.18
CA GLU A 22 -0.86 -9.83 0.91
C GLU A 22 -0.16 -8.87 -0.05
N PRO A 23 0.17 -7.65 0.40
CA PRO A 23 0.84 -6.64 -0.44
C PRO A 23 2.25 -7.05 -0.84
N THR A 24 2.64 -6.70 -2.06
CA THR A 24 3.96 -7.03 -2.58
C THR A 24 5.06 -6.43 -1.72
N TRP A 25 6.24 -7.05 -1.75
CA TRP A 25 7.38 -6.58 -0.99
C TRP A 25 8.38 -5.83 -1.87
N LEU A 26 8.28 -4.51 -1.88
CA LEU A 26 9.15 -3.67 -2.68
C LEU A 26 10.34 -3.18 -1.84
N THR A 27 11.30 -4.07 -1.63
CA THR A 27 12.48 -3.75 -0.83
C THR A 27 13.45 -2.84 -1.57
N ASP A 28 13.15 -2.55 -2.83
CA ASP A 28 14.01 -1.70 -3.64
C ASP A 28 13.21 -0.72 -4.49
N VAL A 29 13.77 0.46 -4.72
CA VAL A 29 13.11 1.49 -5.51
C VAL A 29 12.76 0.97 -6.90
N PRO A 30 13.71 0.35 -7.62
CA PRO A 30 13.45 -0.18 -8.97
C PRO A 30 12.32 -1.20 -8.97
N ALA A 31 12.35 -2.11 -7.99
CA ALA A 31 11.32 -3.13 -7.88
C ALA A 31 9.97 -2.48 -7.61
N ALA A 32 10.00 -1.40 -6.85
CA ALA A 32 8.79 -0.68 -6.51
C ALA A 32 8.17 -0.08 -7.77
N MET A 33 8.94 0.76 -8.45
CA MET A 33 8.49 1.40 -9.67
C MET A 33 8.16 0.37 -10.75
N GLU A 34 8.79 -0.80 -10.68
CA GLU A 34 8.55 -1.85 -11.65
C GLU A 34 7.17 -2.45 -11.45
N PHE A 35 6.87 -2.84 -10.22
CA PHE A 35 5.58 -3.42 -9.90
C PHE A 35 4.47 -2.42 -10.23
N ILE A 36 4.76 -1.14 -10.02
CA ILE A 36 3.79 -0.09 -10.33
C ILE A 36 3.66 0.06 -11.84
N ALA A 37 4.80 -0.03 -12.53
CA ALA A 37 4.82 0.09 -13.98
C ALA A 37 4.21 -1.13 -14.65
N ALA A 38 4.10 -2.21 -13.89
CA ALA A 38 3.53 -3.45 -14.41
C ALA A 38 2.05 -3.57 -14.05
N THR A 39 1.41 -2.43 -13.82
CA THR A 39 0.00 -2.40 -13.46
C THR A 39 -0.56 -0.99 -13.49
N GLU A 40 -1.87 -0.88 -13.75
CA GLU A 40 -2.53 0.42 -13.80
C GLU A 40 -2.40 1.15 -12.46
N VAL A 41 -3.29 0.81 -11.53
CA VAL A 41 -3.29 1.44 -10.21
C VAL A 41 -2.49 0.59 -9.23
N ALA A 42 -1.70 1.25 -8.38
CA ALA A 42 -0.87 0.55 -7.41
C ALA A 42 -0.84 1.27 -6.07
N VAL A 43 -1.15 0.55 -5.01
CA VAL A 43 -1.13 1.11 -3.67
C VAL A 43 -0.04 0.44 -2.86
N ILE A 44 0.81 1.26 -2.25
CA ILE A 44 1.94 0.75 -1.49
C ILE A 44 2.08 1.40 -0.13
N GLY A 45 2.30 0.58 0.88
CA GLY A 45 2.47 1.09 2.24
C GLY A 45 3.93 1.21 2.63
N PHE A 46 4.47 2.44 2.56
CA PHE A 46 5.86 2.68 2.92
C PHE A 46 5.98 2.89 4.42
N PHE A 47 6.26 1.81 5.14
CA PHE A 47 6.36 1.86 6.59
C PHE A 47 7.77 1.58 7.09
N GLN A 48 8.16 2.31 8.13
CA GLN A 48 9.47 2.12 8.75
C GLN A 48 9.34 1.07 9.85
N ASP A 49 8.09 0.69 10.10
CA ASP A 49 7.76 -0.32 11.11
C ASP A 49 6.48 -1.05 10.70
N LEU A 50 6.58 -2.37 10.54
CA LEU A 50 5.42 -3.16 10.14
C LEU A 50 4.63 -3.66 11.34
N GLU A 51 4.40 -2.76 12.29
CA GLU A 51 3.64 -3.08 13.50
C GLU A 51 2.64 -1.97 13.80
N ILE A 52 2.47 -1.08 12.83
CA ILE A 52 1.54 0.04 12.97
C ILE A 52 0.16 -0.31 12.40
N PRO A 53 -0.89 0.41 12.83
CA PRO A 53 -2.26 0.19 12.35
C PRO A 53 -2.37 0.23 10.83
N ALA A 54 -1.45 0.95 10.20
CA ALA A 54 -1.45 1.10 8.75
C ALA A 54 -1.19 -0.23 8.02
N VAL A 55 -0.30 -1.04 8.58
CA VAL A 55 0.03 -2.32 7.95
C VAL A 55 -1.20 -3.22 7.82
N PRO A 56 -1.90 -3.54 8.92
CA PRO A 56 -3.08 -4.39 8.87
C PRO A 56 -4.16 -3.80 7.97
N ILE A 57 -4.32 -2.49 8.09
CA ILE A 57 -5.31 -1.77 7.30
C ILE A 57 -5.01 -1.88 5.81
N LEU A 58 -3.72 -1.92 5.46
CA LEU A 58 -3.32 -2.06 4.06
C LEU A 58 -3.56 -3.49 3.60
N HIS A 59 -3.01 -4.44 4.35
CA HIS A 59 -3.20 -5.85 4.02
C HIS A 59 -4.68 -6.16 3.88
N SER A 60 -5.52 -5.35 4.54
CA SER A 60 -6.96 -5.53 4.48
C SER A 60 -7.53 -4.88 3.23
N MET A 61 -7.09 -3.65 2.94
CA MET A 61 -7.56 -2.94 1.76
C MET A 61 -7.22 -3.75 0.51
N VAL A 62 -6.17 -4.57 0.64
CA VAL A 62 -5.74 -5.43 -0.46
C VAL A 62 -6.90 -6.26 -0.99
N GLN A 63 -7.61 -6.92 -0.08
CA GLN A 63 -8.74 -7.75 -0.46
C GLN A 63 -9.95 -6.89 -0.82
N LYS A 64 -9.86 -5.60 -0.50
CA LYS A 64 -10.94 -4.67 -0.79
C LYS A 64 -10.73 -4.01 -2.13
N PHE A 65 -9.49 -4.08 -2.61
CA PHE A 65 -9.13 -3.49 -3.89
C PHE A 65 -8.27 -4.44 -4.72
N PRO A 66 -8.80 -5.63 -5.09
CA PRO A 66 -8.09 -6.61 -5.89
C PRO A 66 -7.51 -5.97 -7.16
N GLY A 67 -8.32 -5.14 -7.82
CA GLY A 67 -7.87 -4.47 -9.02
C GLY A 67 -6.62 -3.65 -8.78
N VAL A 68 -6.57 -3.02 -7.61
CA VAL A 68 -5.42 -2.22 -7.22
C VAL A 68 -4.22 -3.11 -6.94
N SER A 69 -3.03 -2.63 -7.29
CA SER A 69 -1.81 -3.40 -7.08
C SER A 69 -1.30 -3.23 -5.65
N PHE A 70 -1.61 -4.22 -4.81
CA PHE A 70 -1.18 -4.18 -3.41
C PHE A 70 0.34 -4.20 -3.30
N GLY A 71 0.88 -3.29 -2.49
CA GLY A 71 2.30 -3.22 -2.30
C GLY A 71 2.67 -2.71 -0.93
N ILE A 72 3.91 -2.95 -0.52
CA ILE A 72 4.37 -2.51 0.78
C ILE A 72 5.90 -2.53 0.83
N SER A 73 6.49 -1.55 1.50
CA SER A 73 7.94 -1.47 1.59
C SER A 73 8.39 -0.93 2.94
N THR A 74 9.63 -1.27 3.32
CA THR A 74 10.20 -0.84 4.58
C THR A 74 11.66 -0.44 4.41
N ASP A 75 12.13 -0.47 3.16
CA ASP A 75 13.51 -0.11 2.85
C ASP A 75 13.70 1.40 2.91
N SER A 76 14.85 1.83 3.39
CA SER A 76 15.16 3.25 3.51
C SER A 76 15.22 3.92 2.14
N GLU A 77 16.00 3.33 1.23
CA GLU A 77 16.15 3.88 -0.11
C GLU A 77 14.80 4.20 -0.74
N VAL A 78 13.84 3.30 -0.60
CA VAL A 78 12.51 3.51 -1.16
C VAL A 78 11.77 4.59 -0.38
N LEU A 79 11.69 4.42 0.94
CA LEU A 79 11.01 5.38 1.79
C LEU A 79 11.66 6.76 1.64
N THR A 80 12.84 6.79 1.04
CA THR A 80 13.57 8.03 0.81
C THR A 80 13.22 8.59 -0.56
N HIS A 81 13.13 7.71 -1.54
CA HIS A 81 12.80 8.09 -2.90
C HIS A 81 11.43 8.76 -2.95
N TYR A 82 10.49 8.21 -2.19
CA TYR A 82 9.13 8.75 -2.13
C TYR A 82 9.00 9.79 -1.02
N ASN A 83 10.15 10.18 -0.46
CA ASN A 83 10.18 11.17 0.61
C ASN A 83 9.32 10.74 1.80
N ILE A 84 9.14 9.42 1.94
CA ILE A 84 8.35 8.87 3.04
C ILE A 84 8.94 9.27 4.39
N THR A 85 8.15 9.98 5.19
CA THR A 85 8.61 10.43 6.50
C THR A 85 7.51 10.27 7.55
N GLY A 86 7.04 9.05 7.73
CA GLY A 86 6.00 8.78 8.70
C GLY A 86 5.11 7.62 8.31
N ASN A 87 5.73 6.51 7.92
CA ASN A 87 4.98 5.32 7.52
C ASN A 87 3.91 5.69 6.50
N THR A 88 4.28 6.53 5.55
CA THR A 88 3.36 7.00 4.51
C THR A 88 2.96 5.90 3.53
N ILE A 89 1.77 6.05 2.97
CA ILE A 89 1.24 5.12 1.98
C ILE A 89 1.03 5.85 0.65
N CYS A 90 1.72 5.42 -0.39
CA CYS A 90 1.60 6.08 -1.68
C CYS A 90 0.83 5.27 -2.70
N LEU A 91 -0.08 5.95 -3.40
CA LEU A 91 -0.88 5.33 -4.44
C LEU A 91 -0.39 5.80 -5.81
N PHE A 92 0.34 4.94 -6.51
CA PHE A 92 0.86 5.29 -7.83
C PHE A 92 -0.04 4.74 -8.94
N ARG A 93 -0.56 5.65 -9.75
CA ARG A 93 -1.45 5.26 -10.85
C ARG A 93 -0.71 5.38 -12.19
N LEU A 94 -0.17 4.24 -12.65
CA LEU A 94 0.59 4.17 -13.90
C LEU A 94 -0.08 4.94 -15.03
N VAL A 95 -1.34 4.64 -15.30
CA VAL A 95 -2.10 5.29 -16.38
C VAL A 95 -1.80 6.79 -16.47
N ASP A 96 -2.06 7.50 -15.39
CA ASP A 96 -1.83 8.94 -15.36
C ASP A 96 -0.49 9.28 -14.70
N ASN A 97 0.26 8.24 -14.32
CA ASN A 97 1.56 8.40 -13.68
C ASN A 97 1.44 9.34 -12.47
N GLU A 98 0.43 9.10 -11.64
CA GLU A 98 0.21 9.92 -10.46
C GLU A 98 0.80 9.25 -9.23
N GLN A 99 1.06 10.06 -8.20
CA GLN A 99 1.63 9.54 -6.96
C GLN A 99 0.99 10.23 -5.75
N LEU A 100 -0.06 9.63 -5.21
CA LEU A 100 -0.75 10.17 -4.05
C LEU A 100 0.01 9.79 -2.79
N ASN A 101 0.05 10.69 -1.82
CA ASN A 101 0.77 10.41 -0.57
C ASN A 101 -0.13 10.48 0.65
N LEU A 102 -0.16 9.39 1.39
CA LEU A 102 -0.93 9.29 2.61
C LEU A 102 0.05 9.22 3.78
N GLU A 103 0.61 10.37 4.12
CA GLU A 103 1.62 10.47 5.16
C GLU A 103 1.05 10.44 6.57
N ASP A 104 1.87 10.83 7.53
CA ASP A 104 1.48 10.85 8.95
C ASP A 104 0.16 11.56 9.16
N GLU A 105 -0.08 12.64 8.41
CA GLU A 105 -1.32 13.40 8.54
C GLU A 105 -2.52 12.47 8.35
N ASP A 106 -2.26 11.30 7.80
CA ASP A 106 -3.29 10.30 7.54
C ASP A 106 -2.89 8.93 8.08
N ILE A 107 -1.62 8.76 8.43
CA ILE A 107 -1.11 7.48 8.94
C ILE A 107 -1.21 7.43 10.47
N GLU A 108 -1.21 8.60 11.10
CA GLU A 108 -1.30 8.68 12.55
C GLU A 108 -2.56 7.98 13.05
N SER A 109 -3.70 8.35 12.47
CA SER A 109 -4.98 7.76 12.85
C SER A 109 -5.59 7.03 11.65
N ILE A 110 -4.73 6.41 10.83
CA ILE A 110 -5.19 5.69 9.66
C ILE A 110 -6.17 4.59 10.02
N ASP A 111 -7.19 4.43 9.19
CA ASP A 111 -8.19 3.39 9.39
C ASP A 111 -8.48 2.70 8.07
N ALA A 112 -8.85 1.43 8.12
CA ALA A 112 -9.15 0.69 6.89
C ALA A 112 -10.08 1.50 6.00
N THR A 113 -10.98 2.25 6.64
CA THR A 113 -11.92 3.09 5.91
C THR A 113 -11.19 4.20 5.16
N LYS A 114 -10.28 4.87 5.87
CA LYS A 114 -9.51 5.95 5.28
C LYS A 114 -8.68 5.46 4.09
N LEU A 115 -7.83 4.46 4.34
CA LEU A 115 -6.98 3.92 3.28
C LEU A 115 -7.85 3.54 2.06
N SER A 116 -8.85 2.71 2.32
CA SER A 116 -9.76 2.26 1.26
C SER A 116 -10.45 3.45 0.61
N ARG A 117 -10.65 4.50 1.39
CA ARG A 117 -11.29 5.70 0.89
C ARG A 117 -10.37 6.43 -0.08
N PHE A 118 -9.26 6.93 0.44
CA PHE A 118 -8.27 7.64 -0.38
C PHE A 118 -8.06 6.89 -1.69
N ILE A 119 -7.95 5.58 -1.61
CA ILE A 119 -7.78 4.76 -2.79
C ILE A 119 -9.01 4.92 -3.68
N GLU A 120 -10.17 4.63 -3.11
CA GLU A 120 -11.42 4.74 -3.83
C GLU A 120 -11.58 6.13 -4.44
N ILE A 121 -10.79 7.07 -3.91
CA ILE A 121 -10.83 8.46 -4.36
C ILE A 121 -9.86 8.72 -5.50
N ASN A 122 -8.70 8.07 -5.47
CA ASN A 122 -7.70 8.27 -6.53
C ASN A 122 -7.29 6.95 -7.18
N SER A 123 -8.19 5.98 -7.20
CA SER A 123 -7.91 4.69 -7.81
C SER A 123 -8.09 4.77 -9.33
N LEU A 124 -7.61 5.85 -9.92
CA LEU A 124 -7.73 6.07 -11.36
C LEU A 124 -6.53 5.47 -12.10
#